data_2BTV
#
_entry.id   2BTV
#
_cell.length_a   795.600
_cell.length_b   821.800
_cell.length_c   753.300
_cell.angle_alpha   90.00
_cell.angle_beta   90.00
_cell.angle_gamma   90.00
#
_symmetry.space_group_name_H-M   'P 21 21 2'
#
loop_
_entity.id
_entity.type
_entity.pdbx_description
1 polymer 'PROTEIN (VP3 CORE PROTEIN)'
2 polymer 'PROTEIN (VP7 CORE PROTEIN)'
#
loop_
_entity_poly.entity_id
_entity_poly.type
_entity_poly.pdbx_seq_one_letter_code
_entity_poly.pdbx_strand_id
1 'polypeptide(L)'
;MAAQNEQRPERIKTTPYLEGDVLSSDSGPLLSVFALQEIMQKVRQVQADYMTATREVDFTVPDVQQILDDIKALAAEQVY
KIVKVPSTSFRHIVTQSRDRVLRVDTYYEEMSQVGDVITEDEPEKFYSTIIKKVRFIRGKGSFILHDIPARDHRGMEVAE
PEVLGVEFKNVLPVLTAEHRAMIQNALDGSIIENGNVATRDVDVFIGACSEPIYRIYNRLQGYIEAVQLQELRNSIGWLE
RLGQRKRITYSQEVLTDFRRQDMIWVLALQLPVNPQVVWDVPRSSIANLIMNIATCLPTGEYIAPNPRISSITLTQRITT
TGPFAILTGSTPTAQQLNDVRKIYLALMFPGQIILDLKIDPGERMDPAVRMVAGVVGHLLFTAGGRFTNLTQNMARQLDI
ALNDYLLYMYNTRVQVNYGPTGEPLDFQIGRNQYDCNVFRADFATGTGYNGWATIDVEYRDPAPYVHAQRYIRYCGIDSR
ELINPTTYGIGMTYHCYNEMLRMLVAAGKDSEAAYFRSMLPFHMVRFARINQIINEDLHSVFSLPDDMFNALLPDLIAGA
HQNADPVVLDVSWISLWFAFNRSFEPTHRNEMLEIAPLIESVYASELSVMKVDMRHLSLMQRRFPDVLIQARPSHFWKAV
LNDSPEAVKAVMNLSHSHNFINIRDMMRWVLLPSLQPSLKLVLEEEAWAAANDFEDLMLTDQVYMHRDMLPEPRLDDIER
FRQEGFYYTNMLEAPPEIDRVVQYTYEIARLQANMGQFRAALRRIMDDDDWVRFGGVLRTVRVKFFDARPPDDILQGLPF
SYDTNEKGGLSYATIKYATETTIFYLIYNVEFSNTPDSLVLINPTYTMTKVFINKRIVERVRVGQILAVLNRRFVAYKGK
MRIMDITQSLKMGTKLAAPTV
;
A,B
2 'polypeptide(L)'
;MDTIAARALTVMRACATLQEARIVLEANVMEILGIAINRYNGLTLRGVTMRPTSLAQRNEMFFMCLDMMLSAAGINVGPI
SPDYTQHMATIGVLATPEIPFTTEAANEIARVTGETSTWGPARQPYGFFLETEETFQPGRWFMRAAQAATAVVCGPDMIQ
VSLNAGARGDVQQIFQGRNDPMMIYLVWRRIENFAMAQGNSQQTQAGVTVSVGGVDMRAGRIIAWDGQAALHVRNPTQQN
AMVQIQVVFYISMDKTLNQYPALTAEIFNVYSFRDHTWHGLRTAIRNRTTLPNMLPPIFPPNDRDSILTLLLLSTLADVY
TVLRPEFAMHGVNPMPGPLTAAIARAAYV
;
P,C,D,Q,E,F,R,G,H,S,I,J,T
#
# COMPACT_ATOMS: atom_id res chain seq x y z
N VAL A 57 -15.76 76.25 22.22
CA VAL A 57 -14.39 76.80 21.95
C VAL A 57 -13.42 76.49 23.09
N ASP A 58 -13.18 75.21 23.31
CA ASP A 58 -12.28 74.79 24.38
C ASP A 58 -11.99 73.28 24.43
N PHE A 59 -11.54 72.72 23.32
CA PHE A 59 -11.22 71.29 23.26
C PHE A 59 -9.73 70.97 23.30
N THR A 60 -9.38 69.97 24.13
CA THR A 60 -8.00 69.54 24.30
C THR A 60 -7.83 68.04 24.03
N VAL A 61 -6.71 67.47 24.46
CA VAL A 61 -6.42 66.04 24.25
C VAL A 61 -5.56 65.40 25.36
N PRO A 62 -6.20 65.01 26.49
CA PRO A 62 -5.54 64.38 27.64
C PRO A 62 -5.11 62.93 27.42
N ASP A 63 -4.37 62.39 28.40
CA ASP A 63 -3.82 61.02 28.41
C ASP A 63 -2.99 60.54 27.21
N VAL A 64 -3.17 61.20 26.07
CA VAL A 64 -2.44 60.88 24.85
C VAL A 64 -1.37 61.97 24.81
N GLN A 65 -1.58 62.96 25.66
CA GLN A 65 -0.67 64.08 25.72
C GLN A 65 0.29 64.13 26.90
N GLN A 66 -0.14 63.64 28.06
CA GLN A 66 0.76 63.66 29.22
C GLN A 66 2.06 62.94 28.85
N ILE A 67 2.01 62.27 27.71
CA ILE A 67 3.14 61.53 27.15
C ILE A 67 4.04 62.54 26.42
N LEU A 68 3.44 63.43 25.65
CA LEU A 68 4.18 64.45 24.92
C LEU A 68 5.08 65.21 25.88
N ASP A 69 4.63 65.32 27.13
CA ASP A 69 5.39 65.99 28.17
C ASP A 69 6.68 65.28 28.49
N ASP A 70 6.63 63.97 28.75
CA ASP A 70 7.87 63.25 29.05
C ASP A 70 8.73 62.98 27.83
N ILE A 71 8.18 63.18 26.64
CA ILE A 71 8.96 63.02 25.41
C ILE A 71 9.77 64.31 25.30
N LYS A 72 9.18 65.38 25.82
CA LYS A 72 9.82 66.70 25.85
C LYS A 72 10.97 66.60 26.87
N ALA A 73 10.76 65.77 27.90
CA ALA A 73 11.76 65.56 28.93
C ALA A 73 12.90 64.69 28.43
N LEU A 74 12.67 64.01 27.33
CA LEU A 74 13.67 63.14 26.74
C LEU A 74 14.80 63.97 26.14
N ALA A 75 14.46 65.16 25.65
CA ALA A 75 15.45 66.05 25.06
C ALA A 75 16.53 66.41 26.09
N ALA A 76 16.16 66.33 27.36
CA ALA A 76 17.08 66.64 28.46
C ALA A 76 18.11 65.55 28.76
N GLU A 77 17.83 64.31 28.36
CA GLU A 77 18.74 63.19 28.59
C GLU A 77 20.13 63.51 28.05
N GLN A 78 21.06 63.78 28.96
CA GLN A 78 22.43 64.10 28.56
C GLN A 78 23.17 62.77 28.51
N VAL A 79 23.52 62.38 27.29
CA VAL A 79 24.19 61.10 27.03
C VAL A 79 25.73 61.11 27.04
N TYR A 80 26.31 62.29 27.11
CA TYR A 80 27.76 62.42 27.15
C TYR A 80 28.18 63.00 28.48
N LYS A 81 29.46 62.95 28.77
CA LYS A 81 29.98 63.49 30.02
C LYS A 81 31.20 64.29 29.61
N ILE A 82 31.34 65.50 30.15
CA ILE A 82 32.51 66.29 29.80
C ILE A 82 33.49 66.24 30.95
N VAL A 83 34.70 65.76 30.67
CA VAL A 83 35.75 65.65 31.67
C VAL A 83 37.02 66.33 31.22
N LYS A 84 37.95 66.48 32.15
CA LYS A 84 39.24 67.08 31.85
C LYS A 84 40.33 66.01 31.89
N VAL A 85 39.91 64.79 32.23
CA VAL A 85 40.78 63.64 32.31
C VAL A 85 39.97 62.38 32.05
N PRO A 86 40.47 61.50 31.19
CA PRO A 86 39.79 60.24 30.87
C PRO A 86 39.95 59.24 32.00
N SER A 87 38.97 58.35 32.12
CA SER A 87 39.01 57.32 33.15
C SER A 87 40.18 56.40 32.91
N THR A 88 40.79 55.89 33.98
CA THR A 88 41.94 55.00 33.84
C THR A 88 41.52 53.71 33.17
N SER A 89 42.26 53.37 32.13
CA SER A 89 41.98 52.15 31.39
C SER A 89 43.05 51.12 31.70
N PHE A 90 44.13 51.55 32.37
CA PHE A 90 45.23 50.64 32.71
C PHE A 90 45.80 50.81 34.10
N ARG A 91 45.64 49.75 34.89
CA ARG A 91 46.12 49.74 36.27
C ARG A 91 47.34 48.87 36.36
N HIS A 92 48.23 49.21 37.29
CA HIS A 92 49.41 48.40 37.48
C HIS A 92 49.41 47.82 38.87
N ILE A 93 49.59 46.51 38.92
CA ILE A 93 49.61 45.75 40.16
C ILE A 93 51.05 45.40 40.49
N VAL A 94 51.47 45.70 41.72
CA VAL A 94 52.85 45.48 42.09
C VAL A 94 53.21 44.18 42.80
N THR A 95 53.96 43.34 42.08
CA THR A 95 54.46 42.07 42.64
C THR A 95 55.70 42.58 43.43
N GLN A 96 56.35 41.71 44.19
CA GLN A 96 57.54 42.12 44.91
C GLN A 96 58.77 42.01 43.98
N SER A 97 59.13 43.12 43.32
CA SER A 97 60.25 43.19 42.37
C SER A 97 60.26 44.57 41.72
N ARG A 98 61.45 45.13 41.50
CA ARG A 98 61.58 46.47 40.89
C ARG A 98 61.75 46.39 39.39
N ASP A 99 62.00 45.18 38.91
CA ASP A 99 62.23 44.96 37.51
C ASP A 99 60.93 44.91 36.73
N ARG A 100 60.11 43.94 37.09
CA ARG A 100 58.87 43.69 36.39
C ARG A 100 57.58 43.78 37.25
N VAL A 101 56.49 44.18 36.61
CA VAL A 101 55.15 44.29 37.24
C VAL A 101 54.10 43.84 36.23
N LEU A 102 52.84 43.82 36.64
CA LEU A 102 51.80 43.40 35.73
C LEU A 102 50.73 44.45 35.52
N ARG A 103 50.31 44.58 34.26
CA ARG A 103 49.28 45.55 33.90
C ARG A 103 47.94 44.85 33.81
N VAL A 104 46.89 45.61 34.08
CA VAL A 104 45.53 45.12 34.04
C VAL A 104 44.71 46.04 33.14
N ASP A 105 43.73 45.48 32.45
CA ASP A 105 42.90 46.26 31.53
C ASP A 105 41.70 46.96 32.12
N THR A 106 41.48 46.84 33.42
CA THR A 106 40.34 47.46 34.13
C THR A 106 39.01 47.16 33.43
N TYR A 107 38.82 47.70 32.23
CA TYR A 107 37.65 47.48 31.39
C TYR A 107 37.11 46.07 31.61
N TYR A 108 37.99 45.09 31.49
CA TYR A 108 37.59 43.70 31.67
C TYR A 108 37.09 43.39 33.06
N GLU A 109 37.72 43.99 34.06
CA GLU A 109 37.31 43.80 35.45
C GLU A 109 35.89 44.31 35.60
N GLU A 110 35.61 45.47 35.02
CA GLU A 110 34.28 46.08 35.09
C GLU A 110 33.28 45.27 34.28
N MET A 111 33.68 44.88 33.08
CA MET A 111 32.84 44.10 32.19
C MET A 111 32.54 42.75 32.82
N SER A 112 33.41 42.35 33.76
CA SER A 112 33.28 41.09 34.48
C SER A 112 31.86 41.06 35.06
N GLN A 113 31.58 41.99 35.99
CA GLN A 113 30.26 42.05 36.61
C GLN A 113 29.47 43.19 35.99
N VAL A 114 28.68 42.87 34.97
CA VAL A 114 27.86 43.89 34.36
C VAL A 114 26.43 43.36 34.40
N GLY A 115 26.16 42.31 33.64
CA GLY A 115 24.82 41.74 33.61
C GLY A 115 24.68 40.63 34.63
N ASP A 116 23.50 40.00 34.62
CA ASP A 116 23.20 38.89 35.51
C ASP A 116 23.92 37.66 35.02
N VAL A 117 23.89 36.59 35.82
CA VAL A 117 24.53 35.36 35.44
C VAL A 117 23.82 34.88 34.19
N ILE A 118 24.57 34.34 33.26
CA ILE A 118 24.01 33.89 31.99
C ILE A 118 23.49 32.47 32.11
N THR A 119 22.24 32.36 32.50
CA THR A 119 21.61 31.06 32.65
C THR A 119 20.86 30.67 31.40
N GLU A 120 20.96 29.39 31.05
CA GLU A 120 20.27 28.81 29.92
C GLU A 120 18.79 28.86 30.32
N ASP A 121 17.91 28.38 29.47
CA ASP A 121 16.47 28.38 29.78
C ASP A 121 15.84 29.69 30.33
N GLU A 122 16.51 30.81 30.09
CA GLU A 122 16.01 32.12 30.53
C GLU A 122 16.43 33.13 29.46
N PRO A 123 15.91 32.95 28.24
CA PRO A 123 16.22 33.82 27.10
C PRO A 123 16.02 35.30 27.36
N GLU A 124 14.88 35.64 27.95
CA GLU A 124 14.60 37.04 28.22
C GLU A 124 15.72 37.66 29.04
N LYS A 125 16.11 36.97 30.11
CA LYS A 125 17.19 37.42 30.99
C LYS A 125 18.43 37.66 30.14
N PHE A 126 18.86 36.61 29.45
CA PHE A 126 20.03 36.67 28.58
C PHE A 126 20.09 37.96 27.75
N TYR A 127 19.02 38.20 27.00
CA TYR A 127 18.97 39.38 26.15
C TYR A 127 19.26 40.64 26.91
N SER A 128 18.52 40.86 27.99
CA SER A 128 18.72 42.06 28.81
C SER A 128 20.14 42.15 29.34
N THR A 129 20.71 41.01 29.76
CA THR A 129 22.08 40.96 30.28
C THR A 129 23.01 41.54 29.22
N ILE A 130 22.78 41.18 27.96
CA ILE A 130 23.58 41.68 26.86
C ILE A 130 23.33 43.17 26.68
N ILE A 131 22.07 43.55 26.53
CA ILE A 131 21.67 44.95 26.36
C ILE A 131 22.38 45.83 27.38
N LYS A 132 22.35 45.43 28.65
CA LYS A 132 23.00 46.19 29.71
C LYS A 132 24.46 46.40 29.36
N LYS A 133 25.12 45.32 28.97
CA LYS A 133 26.53 45.34 28.62
C LYS A 133 26.85 46.26 27.45
N VAL A 134 26.02 46.22 26.41
CA VAL A 134 26.23 47.05 25.22
C VAL A 134 26.03 48.51 25.62
N ARG A 135 24.95 48.75 26.37
CA ARG A 135 24.60 50.07 26.88
C ARG A 135 25.76 50.57 27.74
N PHE A 136 26.34 49.65 28.50
CA PHE A 136 27.44 49.96 29.36
C PHE A 136 28.59 50.54 28.55
N ILE A 137 28.85 49.93 27.39
CA ILE A 137 29.93 50.38 26.53
C ILE A 137 29.79 51.85 26.14
N ARG A 138 28.76 52.18 25.36
CA ARG A 138 28.55 53.57 24.95
C ARG A 138 28.54 54.55 26.13
N GLY A 139 28.23 54.03 27.31
CA GLY A 139 28.23 54.85 28.50
C GLY A 139 29.66 55.22 28.87
N LYS A 140 30.43 54.20 29.23
CA LYS A 140 31.82 54.37 29.62
C LYS A 140 32.64 55.11 28.55
N GLY A 141 32.21 54.99 27.29
CA GLY A 141 32.93 55.59 26.19
C GLY A 141 32.57 56.99 25.73
N SER A 142 31.38 57.47 26.06
CA SER A 142 30.97 58.80 25.63
C SER A 142 31.36 59.91 26.60
N PHE A 143 32.43 60.61 26.25
CA PHE A 143 32.94 61.70 27.06
C PHE A 143 33.85 62.57 26.21
N ILE A 144 33.81 63.88 26.41
CA ILE A 144 34.70 64.74 25.64
C ILE A 144 35.64 65.43 26.60
N LEU A 145 36.87 65.62 26.14
CA LEU A 145 37.89 66.25 26.95
C LEU A 145 37.89 67.76 26.77
N HIS A 146 38.20 68.46 27.86
CA HIS A 146 38.23 69.91 27.86
C HIS A 146 39.07 70.40 29.02
N ASP A 147 39.88 71.42 28.77
CA ASP A 147 40.76 72.02 29.77
C ASP A 147 41.60 70.96 30.47
N ILE A 148 42.46 70.35 29.67
CA ILE A 148 43.34 69.29 30.14
C ILE A 148 44.52 69.86 30.93
N PRO A 149 45.14 69.04 31.78
CA PRO A 149 46.29 69.49 32.57
C PRO A 149 47.60 69.53 31.76
N ALA A 150 47.92 70.70 31.20
CA ALA A 150 49.14 70.86 30.43
C ALA A 150 50.26 71.18 31.40
N ARG A 151 51.49 71.00 30.92
CA ARG A 151 52.68 71.29 31.70
C ARG A 151 53.68 71.93 30.73
N ASP A 152 54.65 72.66 31.27
CA ASP A 152 55.63 73.28 30.40
C ASP A 152 57.03 72.71 30.59
N HIS A 153 57.63 72.32 29.47
CA HIS A 153 58.95 71.73 29.48
C HIS A 153 59.71 72.09 28.22
N ARG A 154 60.79 72.84 28.41
CA ARG A 154 61.64 73.30 27.33
C ARG A 154 60.84 73.91 26.19
N GLY A 155 59.91 74.80 26.55
CA GLY A 155 59.06 75.47 25.57
C GLY A 155 58.13 74.57 24.77
N MET A 156 57.65 73.51 25.42
CA MET A 156 56.72 72.58 24.77
C MET A 156 55.61 72.20 25.72
N GLU A 157 54.41 72.04 25.15
CA GLU A 157 53.25 71.68 25.95
C GLU A 157 53.23 70.16 26.14
N VAL A 158 53.44 69.75 27.38
CA VAL A 158 53.45 68.33 27.73
C VAL A 158 52.18 68.00 28.47
N ALA A 159 51.77 66.74 28.36
CA ALA A 159 50.57 66.29 29.01
C ALA A 159 50.91 65.86 30.44
N GLU A 160 50.02 66.18 31.38
CA GLU A 160 50.23 65.77 32.76
C GLU A 160 49.85 64.31 32.84
N PRO A 161 50.69 63.50 33.49
CA PRO A 161 50.48 62.06 33.66
C PRO A 161 49.05 61.59 33.92
N GLU A 162 48.29 62.38 34.66
CA GLU A 162 46.91 62.05 35.02
C GLU A 162 45.97 62.03 33.82
N VAL A 163 46.34 62.71 32.75
CA VAL A 163 45.49 62.79 31.57
C VAL A 163 45.55 61.59 30.62
N LEU A 164 46.55 60.73 30.79
CA LEU A 164 46.67 59.53 29.96
C LEU A 164 46.01 58.41 30.78
N GLY A 165 45.52 57.36 30.12
CA GLY A 165 44.90 56.28 30.87
C GLY A 165 46.06 55.45 31.39
N VAL A 166 46.21 55.33 32.70
CA VAL A 166 47.30 54.56 33.33
C VAL A 166 47.67 55.06 34.74
N GLU A 167 48.12 54.14 35.57
CA GLU A 167 48.53 54.47 36.91
C GLU A 167 49.92 53.96 37.16
N PHE A 168 50.82 54.84 37.57
CA PHE A 168 52.19 54.45 37.85
C PHE A 168 52.30 54.35 39.34
N LYS A 169 52.17 55.52 39.99
CA LYS A 169 52.24 55.69 41.45
C LYS A 169 52.77 54.48 42.17
N ASN A 170 51.96 53.42 42.18
CA ASN A 170 52.27 52.14 42.80
C ASN A 170 53.75 51.81 42.56
N VAL A 171 54.10 51.75 41.27
CA VAL A 171 55.43 51.45 40.77
C VAL A 171 56.55 52.41 41.20
N LEU A 172 56.30 53.71 41.02
CA LEU A 172 57.25 54.74 41.37
C LEU A 172 58.21 54.54 42.55
N PRO A 173 57.68 54.14 43.72
CA PRO A 173 58.51 53.93 44.90
C PRO A 173 59.54 52.81 44.79
N VAL A 174 59.25 51.83 43.93
CA VAL A 174 60.17 50.71 43.80
C VAL A 174 61.31 50.94 42.82
N LEU A 175 61.00 50.96 41.53
CA LEU A 175 61.99 51.14 40.47
C LEU A 175 63.31 51.84 40.82
N THR A 176 64.40 51.33 40.25
CA THR A 176 65.73 51.87 40.46
C THR A 176 65.86 53.26 39.93
N ALA A 177 66.88 53.96 40.40
CA ALA A 177 67.16 55.33 39.99
C ALA A 177 67.11 55.48 38.47
N GLU A 178 67.81 54.58 37.79
CA GLU A 178 67.88 54.58 36.34
C GLU A 178 66.49 54.43 35.72
N HIS A 179 65.76 53.39 36.13
CA HIS A 179 64.41 53.16 35.62
C HIS A 179 63.54 54.40 35.78
N ARG A 180 63.54 54.92 37.00
CA ARG A 180 62.77 56.10 37.33
C ARG A 180 63.01 57.19 36.30
N ALA A 181 64.28 57.60 36.19
CA ALA A 181 64.69 58.64 35.27
C ALA A 181 64.25 58.35 33.83
N MET A 182 64.45 57.12 33.41
CA MET A 182 64.06 56.70 32.07
C MET A 182 62.60 57.09 31.82
N ILE A 183 61.72 56.65 32.72
CA ILE A 183 60.29 56.93 32.65
C ILE A 183 60.00 58.42 32.65
N GLN A 184 60.76 59.15 33.45
CA GLN A 184 60.60 60.60 33.53
C GLN A 184 60.72 61.17 32.13
N ASN A 185 61.71 60.70 31.39
CA ASN A 185 61.95 61.14 30.02
C ASN A 185 60.78 60.85 29.11
N ALA A 186 60.23 59.66 29.22
CA ALA A 186 59.09 59.27 28.41
C ALA A 186 57.90 60.19 28.71
N LEU A 187 57.83 60.64 29.96
CA LEU A 187 56.75 61.51 30.41
C LEU A 187 56.84 62.90 29.84
N ASP A 188 58.01 63.53 29.97
CA ASP A 188 58.18 64.85 29.37
C ASP A 188 58.39 64.64 27.87
N GLY A 189 58.34 63.38 27.46
CA GLY A 189 58.46 63.05 26.06
C GLY A 189 57.08 63.13 25.41
N SER A 190 56.04 62.95 26.22
CA SER A 190 54.67 63.02 25.68
C SER A 190 54.23 64.47 25.51
N ILE A 191 54.40 64.94 24.28
CA ILE A 191 54.08 66.30 23.89
C ILE A 191 52.67 66.42 23.27
N ILE A 192 52.15 67.65 23.30
CA ILE A 192 50.85 68.00 22.78
C ILE A 192 50.91 68.76 21.44
N GLU A 193 50.29 68.17 20.43
CA GLU A 193 50.20 68.74 19.07
C GLU A 193 49.13 69.83 19.15
N ASN A 194 49.20 70.84 18.29
CA ASN A 194 48.22 71.93 18.34
C ASN A 194 47.32 72.23 17.13
N GLY A 195 46.46 73.23 17.32
CA GLY A 195 45.54 73.74 16.32
C GLY A 195 44.40 72.90 15.76
N ASN A 196 44.33 72.89 14.42
CA ASN A 196 43.34 72.14 13.61
C ASN A 196 41.84 72.07 13.94
N VAL A 197 41.22 70.99 13.45
CA VAL A 197 39.80 70.60 13.58
C VAL A 197 38.65 71.57 13.88
N ALA A 198 37.68 71.56 12.96
CA ALA A 198 36.47 72.36 13.03
C ALA A 198 36.74 73.87 13.12
N THR A 199 37.66 74.34 12.29
CA THR A 199 38.10 75.75 12.22
C THR A 199 38.70 76.33 13.52
N ARG A 200 38.26 75.81 14.67
CA ARG A 200 38.73 76.24 15.98
C ARG A 200 39.81 75.29 16.52
N ASP A 201 40.65 75.81 17.40
CA ASP A 201 41.78 75.07 17.98
C ASP A 201 41.54 74.02 19.07
N VAL A 202 42.15 72.86 18.84
CA VAL A 202 42.03 71.72 19.74
C VAL A 202 43.42 71.15 20.02
N ASP A 203 43.57 70.58 21.22
CA ASP A 203 44.82 69.98 21.65
C ASP A 203 44.77 68.47 21.42
N VAL A 204 45.84 67.96 20.83
CA VAL A 204 45.95 66.53 20.53
C VAL A 204 47.13 65.92 21.24
N PHE A 205 46.91 64.76 21.83
CA PHE A 205 47.96 64.06 22.55
C PHE A 205 47.72 62.56 22.42
N ILE A 206 48.73 61.78 22.72
CA ILE A 206 48.60 60.34 22.61
C ILE A 206 48.56 59.75 24.01
N GLY A 207 47.35 59.36 24.42
CA GLY A 207 47.14 58.75 25.72
C GLY A 207 46.61 57.34 25.49
N ALA A 208 46.68 56.49 26.51
CA ALA A 208 46.20 55.13 26.36
C ALA A 208 44.72 54.96 26.70
N CYS A 209 44.11 53.91 26.15
CA CYS A 209 42.70 53.60 26.38
C CYS A 209 42.32 52.21 25.88
N SER A 210 41.36 51.59 26.56
CA SER A 210 40.88 50.25 26.22
C SER A 210 40.15 50.19 24.89
N GLU A 211 40.56 49.27 24.02
CA GLU A 211 39.99 49.07 22.69
C GLU A 211 38.52 49.47 22.47
N PRO A 212 37.55 48.65 22.93
CA PRO A 212 36.14 48.97 22.74
C PRO A 212 35.74 50.39 23.13
N ILE A 213 36.15 50.82 24.31
CA ILE A 213 35.83 52.15 24.79
C ILE A 213 36.35 53.24 23.87
N TYR A 214 37.65 53.20 23.55
CA TYR A 214 38.25 54.22 22.70
C TYR A 214 37.45 54.42 21.41
N ARG A 215 36.91 53.33 20.88
CA ARG A 215 36.14 53.40 19.66
C ARG A 215 34.94 54.33 19.80
N ILE A 216 34.32 54.27 20.97
CA ILE A 216 33.17 55.12 21.24
C ILE A 216 33.61 56.57 21.34
N TYR A 217 34.66 56.85 22.10
CA TYR A 217 35.16 58.21 22.23
C TYR A 217 35.35 58.79 20.84
N ASN A 218 35.96 57.99 19.98
CA ASN A 218 36.24 58.40 18.62
C ASN A 218 34.98 58.79 17.86
N ARG A 219 34.03 57.87 17.79
CA ARG A 219 32.79 58.12 17.09
C ARG A 219 32.11 59.38 17.63
N LEU A 220 32.02 59.48 18.95
CA LEU A 220 31.41 60.62 19.62
C LEU A 220 32.01 61.89 19.07
N GLN A 221 33.34 61.98 19.19
CA GLN A 221 34.08 63.12 18.73
C GLN A 221 33.78 63.43 17.26
N GLY A 222 33.78 62.38 16.43
CA GLY A 222 33.48 62.56 15.02
C GLY A 222 32.14 63.23 14.80
N TYR A 223 31.16 62.85 15.61
CA TYR A 223 29.81 63.42 15.55
C TYR A 223 29.88 64.90 15.87
N ILE A 224 30.56 65.23 16.96
CA ILE A 224 30.73 66.61 17.40
C ILE A 224 31.33 67.42 16.28
N GLU A 225 32.27 66.81 15.57
CA GLU A 225 32.94 67.45 14.45
C GLU A 225 31.92 67.81 13.38
N ALA A 226 31.16 66.81 12.93
CA ALA A 226 30.12 66.98 11.91
C ALA A 226 29.20 68.13 12.28
N VAL A 227 28.72 68.10 13.53
CA VAL A 227 27.84 69.12 14.06
C VAL A 227 28.47 70.47 13.84
N GLN A 228 29.71 70.60 14.29
CA GLN A 228 30.48 71.83 14.20
C GLN A 228 30.50 72.50 12.84
N LEU A 229 30.40 71.71 11.78
CA LEU A 229 30.39 72.27 10.44
C LEU A 229 29.04 72.05 9.78
N GLN A 230 28.90 70.86 9.21
CA GLN A 230 27.70 70.47 8.50
C GLN A 230 26.38 70.48 9.31
N GLU A 231 26.17 69.44 10.11
CA GLU A 231 24.93 69.27 10.87
C GLU A 231 24.27 70.40 11.61
N LEU A 232 25.04 71.31 12.20
CA LEU A 232 24.43 72.42 12.92
C LEU A 232 23.69 73.29 11.93
N ARG A 233 24.45 73.77 10.95
CA ARG A 233 23.95 74.63 9.88
C ARG A 233 22.63 74.10 9.28
N ASN A 234 22.60 72.82 8.94
CA ASN A 234 21.43 72.17 8.35
C ASN A 234 20.20 72.36 9.21
N SER A 235 20.29 71.82 10.42
CA SER A 235 19.22 71.88 11.40
C SER A 235 18.65 73.28 11.59
N ILE A 236 19.51 74.29 11.72
CA ILE A 236 19.06 75.67 11.89
C ILE A 236 18.23 76.13 10.70
N GLY A 237 18.83 76.02 9.51
CA GLY A 237 18.19 76.43 8.27
C GLY A 237 16.85 75.78 8.03
N TRP A 238 16.77 74.48 8.33
CA TRP A 238 15.54 73.72 8.20
C TRP A 238 14.46 74.46 8.99
N LEU A 239 14.80 74.85 10.22
CA LEU A 239 13.87 75.57 11.07
C LEU A 239 13.40 76.86 10.45
N GLU A 240 14.34 77.61 9.89
CA GLU A 240 14.02 78.88 9.24
C GLU A 240 12.98 78.67 8.15
N ARG A 241 13.04 77.53 7.47
CA ARG A 241 12.10 77.18 6.41
C ARG A 241 10.75 76.90 7.05
N LEU A 242 10.78 76.05 8.07
CA LEU A 242 9.59 75.64 8.79
C LEU A 242 8.91 76.83 9.46
N GLY A 243 9.71 77.81 9.88
CA GLY A 243 9.18 79.00 10.51
C GLY A 243 8.58 79.93 9.48
N GLN A 244 9.00 79.75 8.23
CA GLN A 244 8.48 80.56 7.15
C GLN A 244 7.14 79.94 6.78
N ARG A 245 7.18 78.66 6.42
CA ARG A 245 6.00 77.87 6.04
C ARG A 245 4.93 77.86 7.12
N LYS A 246 5.32 77.67 8.36
CA LYS A 246 4.34 77.63 9.44
C LYS A 246 4.22 78.90 10.25
N ARG A 247 4.87 79.97 9.79
CA ARG A 247 4.83 81.26 10.47
C ARG A 247 5.21 81.15 11.95
N ILE A 248 6.49 80.88 12.17
CA ILE A 248 7.07 80.76 13.50
C ILE A 248 8.42 81.49 13.46
N THR A 249 8.61 82.41 14.41
CA THR A 249 9.84 83.17 14.50
C THR A 249 10.76 82.34 15.37
N TYR A 250 11.97 82.04 14.88
CA TYR A 250 12.92 81.24 15.64
C TYR A 250 14.11 81.98 16.24
N SER A 251 14.31 81.79 17.54
CA SER A 251 15.40 82.41 18.29
C SER A 251 16.78 81.99 17.78
N GLN A 252 17.55 82.99 17.37
CA GLN A 252 18.89 82.76 16.87
C GLN A 252 19.83 83.18 18.00
N GLU A 253 19.26 83.88 18.97
CA GLU A 253 19.94 84.40 20.16
C GLU A 253 21.08 83.56 20.75
N VAL A 254 20.92 82.25 20.76
CA VAL A 254 21.92 81.36 21.33
C VAL A 254 23.34 81.50 20.75
N LEU A 255 23.40 81.78 19.45
CA LEU A 255 24.68 81.92 18.76
C LEU A 255 25.07 83.38 18.56
N THR A 256 24.21 84.27 19.03
CA THR A 256 24.39 85.73 18.94
C THR A 256 25.38 86.18 20.04
N ASP A 257 25.67 85.24 20.94
CA ASP A 257 26.56 85.43 22.10
C ASP A 257 27.49 86.65 22.05
N PHE A 258 28.70 86.43 21.53
CA PHE A 258 29.78 87.42 21.38
C PHE A 258 31.04 86.59 21.54
N ARG A 259 31.00 85.69 22.52
CA ARG A 259 32.08 84.75 22.79
C ARG A 259 31.82 83.58 21.84
N ARG A 260 30.78 83.73 21.03
CA ARG A 260 30.40 82.75 20.03
C ARG A 260 31.61 82.24 19.23
N GLN A 261 32.44 83.19 18.79
CA GLN A 261 33.64 82.92 17.98
C GLN A 261 34.40 81.66 18.41
N ASP A 262 34.49 81.43 19.72
CA ASP A 262 35.18 80.25 20.23
C ASP A 262 34.32 79.33 21.09
N MET A 263 33.11 79.06 20.62
CA MET A 263 32.20 78.19 21.35
C MET A 263 31.84 76.98 20.51
N ILE A 264 32.12 75.81 21.07
CA ILE A 264 31.81 74.52 20.45
C ILE A 264 30.38 74.15 20.79
N TRP A 265 29.60 73.85 19.76
CA TRP A 265 28.20 73.51 19.92
C TRP A 265 27.96 72.02 19.99
N VAL A 266 27.04 71.62 20.87
CA VAL A 266 26.74 70.22 21.03
C VAL A 266 25.28 69.91 20.84
N LEU A 267 24.79 70.20 19.64
CA LEU A 267 23.42 69.90 19.28
C LEU A 267 23.46 68.35 19.18
N ALA A 268 22.63 67.68 19.97
CA ALA A 268 22.64 66.22 19.98
C ALA A 268 21.46 65.54 19.31
N LEU A 269 20.65 66.29 18.57
CA LEU A 269 19.47 65.72 17.92
C LEU A 269 19.32 65.72 16.40
N GLN A 270 19.81 66.76 15.71
CA GLN A 270 19.70 66.89 14.24
C GLN A 270 18.25 67.20 13.85
N LEU A 271 18.06 68.05 12.85
CA LEU A 271 16.69 68.44 12.55
C LEU A 271 15.87 68.00 11.38
N PRO A 272 16.47 67.82 10.21
CA PRO A 272 15.66 67.40 9.06
C PRO A 272 14.71 66.20 9.31
N VAL A 273 14.99 65.43 10.37
CA VAL A 273 14.23 64.23 10.77
C VAL A 273 14.31 63.22 9.62
N ASN A 274 13.15 62.71 9.18
CA ASN A 274 13.07 61.75 8.07
C ASN A 274 11.75 61.04 8.20
N PRO A 275 10.71 61.59 7.61
CA PRO A 275 9.34 61.12 7.54
C PRO A 275 9.18 59.60 7.58
N GLN A 276 10.12 58.92 6.90
CA GLN A 276 10.12 57.48 6.81
C GLN A 276 9.98 56.79 8.15
N VAL A 277 11.03 56.87 8.97
CA VAL A 277 11.04 56.23 10.29
C VAL A 277 9.72 56.33 11.04
N VAL A 278 9.05 57.48 10.91
CA VAL A 278 7.76 57.75 11.57
C VAL A 278 6.63 56.93 10.97
N TRP A 279 6.64 56.83 9.65
CA TRP A 279 5.65 56.05 8.94
C TRP A 279 6.06 54.59 8.68
N ASP A 280 7.31 54.26 8.95
CA ASP A 280 7.80 52.90 8.79
C ASP A 280 7.18 52.03 9.89
N VAL A 281 6.74 52.68 10.96
CA VAL A 281 6.08 52.01 12.09
C VAL A 281 4.84 51.32 11.55
N PRO A 282 4.70 50.02 11.82
CA PRO A 282 3.55 49.24 11.35
C PRO A 282 2.21 49.74 11.86
N ARG A 283 1.24 49.88 10.95
CA ARG A 283 -0.11 50.32 11.30
C ARG A 283 -0.19 51.71 11.93
N SER A 284 0.92 52.44 11.88
CA SER A 284 1.02 53.77 12.47
C SER A 284 -0.10 54.74 12.07
N SER A 285 -0.60 54.59 10.83
CA SER A 285 -1.66 55.44 10.26
C SER A 285 -2.42 56.28 11.28
N ILE A 286 -3.32 55.62 12.02
CA ILE A 286 -4.13 56.26 13.02
C ILE A 286 -3.34 56.95 14.14
N ALA A 287 -2.39 56.25 14.75
CA ALA A 287 -1.58 56.82 15.83
C ALA A 287 -0.87 58.10 15.39
N ASN A 288 -0.34 58.09 14.17
CA ASN A 288 0.35 59.25 13.61
C ASN A 288 -0.60 60.41 13.42
N LEU A 289 -1.84 60.11 13.03
CA LEU A 289 -2.87 61.12 12.83
C LEU A 289 -3.15 61.79 14.16
N ILE A 290 -3.46 60.97 15.15
CA ILE A 290 -3.73 61.43 16.51
C ILE A 290 -2.60 62.37 16.90
N MET A 291 -1.39 61.92 16.66
CA MET A 291 -0.19 62.70 16.92
C MET A 291 -0.23 64.05 16.23
N ASN A 292 -0.48 64.02 14.92
CA ASN A 292 -0.54 65.23 14.10
C ASN A 292 -1.45 66.26 14.74
N ILE A 293 -2.67 65.84 15.05
CA ILE A 293 -3.66 66.74 15.65
C ILE A 293 -3.31 67.11 17.08
N ALA A 294 -2.82 66.15 17.86
CA ALA A 294 -2.45 66.42 19.25
C ALA A 294 -1.35 67.49 19.28
N THR A 295 -0.50 67.47 18.27
CA THR A 295 0.60 68.41 18.11
C THR A 295 0.10 69.69 17.48
N CYS A 296 0.03 69.62 16.15
CA CYS A 296 -0.36 70.65 15.20
C CYS A 296 -1.76 71.28 15.17
N LEU A 297 -2.64 70.95 16.12
CA LEU A 297 -4.01 71.50 16.07
C LEU A 297 -4.34 72.71 16.92
N PRO A 298 -4.78 73.80 16.27
CA PRO A 298 -5.17 75.09 16.87
C PRO A 298 -6.54 75.14 17.56
N THR A 299 -6.67 76.05 18.52
CA THR A 299 -7.91 76.24 19.27
C THR A 299 -8.57 77.45 18.60
N GLY A 300 -9.82 77.30 18.18
CA GLY A 300 -10.48 78.41 17.54
C GLY A 300 -11.94 78.63 17.88
N GLU A 301 -12.56 79.55 17.14
CA GLU A 301 -13.96 79.88 17.34
C GLU A 301 -14.79 79.86 16.05
N TYR A 302 -16.06 79.51 16.21
CA TYR A 302 -17.00 79.44 15.10
C TYR A 302 -17.82 80.69 15.04
N ILE A 303 -17.55 81.48 14.01
CA ILE A 303 -18.22 82.75 13.77
C ILE A 303 -19.54 82.53 13.05
N ALA A 304 -20.49 83.42 13.30
CA ALA A 304 -21.81 83.36 12.67
C ALA A 304 -21.88 84.47 11.62
N PRO A 305 -22.75 84.33 10.61
CA PRO A 305 -22.85 85.37 9.58
C PRO A 305 -23.65 86.59 10.07
N ASN A 306 -24.14 87.39 9.11
CA ASN A 306 -24.94 88.56 9.42
C ASN A 306 -26.39 88.16 9.61
N PRO A 307 -26.99 88.52 10.75
CA PRO A 307 -28.38 88.16 10.95
C PRO A 307 -29.26 88.67 9.82
N ARG A 308 -28.83 89.78 9.24
CA ARG A 308 -29.53 90.44 8.14
C ARG A 308 -29.61 89.66 6.83
N ILE A 309 -28.55 88.89 6.51
CA ILE A 309 -28.50 88.10 5.25
C ILE A 309 -29.73 87.23 4.99
N SER A 310 -30.24 86.59 6.03
CA SER A 310 -31.41 85.74 5.90
C SER A 310 -32.66 86.62 5.87
N SER A 311 -32.71 87.57 6.80
CA SER A 311 -33.83 88.49 6.94
C SER A 311 -34.18 89.19 5.63
N ILE A 312 -33.17 89.52 4.84
CA ILE A 312 -33.37 90.20 3.56
C ILE A 312 -33.69 89.25 2.38
N THR A 313 -33.05 88.08 2.37
CA THR A 313 -33.25 87.10 1.31
C THR A 313 -34.36 86.07 1.56
N LEU A 314 -34.11 85.19 2.53
CA LEU A 314 -35.02 84.11 2.90
C LEU A 314 -36.28 84.57 3.62
N THR A 315 -36.06 85.12 4.82
CA THR A 315 -37.10 85.63 5.73
C THR A 315 -37.67 86.98 5.26
N GLN A 316 -37.61 87.20 3.96
CA GLN A 316 -38.08 88.42 3.32
C GLN A 316 -39.60 88.49 3.24
N ARG A 317 -40.23 87.65 2.41
CA ARG A 317 -41.69 87.64 2.31
C ARG A 317 -42.24 86.91 3.51
N ILE A 318 -42.87 87.65 4.42
CA ILE A 318 -43.46 87.05 5.63
C ILE A 318 -44.80 86.50 5.19
N THR A 319 -44.79 85.21 4.86
CA THR A 319 -45.92 84.41 4.38
C THR A 319 -45.36 83.66 3.19
N THR A 320 -44.53 82.68 3.52
CA THR A 320 -43.85 81.83 2.55
C THR A 320 -43.65 80.55 3.35
N THR A 321 -43.08 80.74 4.54
CA THR A 321 -42.81 79.68 5.48
C THR A 321 -41.78 78.63 5.03
N GLY A 322 -41.76 78.32 3.74
CA GLY A 322 -40.84 77.35 3.14
C GLY A 322 -40.04 76.34 3.96
N PRO A 323 -39.01 75.72 3.35
CA PRO A 323 -38.19 74.74 4.07
C PRO A 323 -37.28 75.44 5.06
N PHE A 324 -37.08 76.74 4.83
CA PHE A 324 -36.20 77.53 5.68
C PHE A 324 -36.85 78.24 6.88
N ALA A 325 -37.94 77.62 7.33
CA ALA A 325 -38.67 78.02 8.53
C ALA A 325 -37.73 77.51 9.63
N ILE A 326 -36.78 76.70 9.17
CA ILE A 326 -35.73 76.07 9.95
C ILE A 326 -34.76 77.12 10.52
N LEU A 327 -34.57 78.20 9.77
CA LEU A 327 -33.65 79.28 10.14
C LEU A 327 -33.68 79.71 11.59
N THR A 328 -34.88 79.79 12.16
CA THR A 328 -35.07 80.19 13.54
C THR A 328 -34.26 79.37 14.53
N GLY A 329 -34.14 78.07 14.26
CA GLY A 329 -33.43 77.16 15.13
C GLY A 329 -32.05 77.55 15.63
N SER A 330 -31.85 77.46 16.94
CA SER A 330 -30.58 77.75 17.59
C SER A 330 -29.84 76.42 17.74
N THR A 331 -28.73 76.37 18.45
CA THR A 331 -27.98 75.13 18.56
C THR A 331 -27.98 74.34 19.88
N PRO A 332 -28.39 73.04 19.84
CA PRO A 332 -28.48 72.09 20.95
C PRO A 332 -27.09 71.54 21.36
N THR A 333 -26.13 72.46 21.32
CA THR A 333 -24.73 72.28 21.69
C THR A 333 -24.21 70.87 21.88
N ALA A 334 -24.40 70.36 23.11
CA ALA A 334 -23.95 69.04 23.54
C ALA A 334 -23.74 68.09 22.38
N GLN A 335 -24.83 67.82 21.68
CA GLN A 335 -24.80 66.93 20.55
C GLN A 335 -24.33 67.67 19.30
N GLN A 336 -25.07 68.72 18.99
CA GLN A 336 -24.84 69.52 17.80
C GLN A 336 -23.47 70.11 17.54
N LEU A 337 -22.99 70.92 18.48
CA LEU A 337 -21.69 71.54 18.31
C LEU A 337 -20.52 70.59 18.21
N ASN A 338 -20.53 69.54 19.03
CA ASN A 338 -19.46 68.55 18.96
C ASN A 338 -19.53 67.93 17.58
N ASP A 339 -20.76 67.87 17.04
CA ASP A 339 -20.99 67.35 15.70
C ASP A 339 -20.45 68.34 14.66
N VAL A 340 -20.46 69.64 14.98
CA VAL A 340 -19.93 70.65 14.08
C VAL A 340 -18.42 70.62 14.13
N ARG A 341 -17.88 70.37 15.32
CA ARG A 341 -16.43 70.28 15.50
C ARG A 341 -15.95 69.10 14.67
N LYS A 342 -16.71 68.01 14.74
CA LYS A 342 -16.39 66.80 14.01
C LYS A 342 -16.32 67.15 12.54
N ILE A 343 -17.44 67.62 12.00
CA ILE A 343 -17.51 68.00 10.60
C ILE A 343 -16.37 68.91 10.16
N TYR A 344 -16.03 69.87 10.99
CA TYR A 344 -14.96 70.77 10.65
C TYR A 344 -13.65 70.01 10.59
N LEU A 345 -13.23 69.48 11.73
CA LEU A 345 -12.01 68.70 11.83
C LEU A 345 -11.87 67.71 10.69
N ALA A 346 -12.85 66.83 10.57
CA ALA A 346 -12.88 65.80 9.54
C ALA A 346 -12.65 66.37 8.15
N LEU A 347 -13.31 67.49 7.85
CA LEU A 347 -13.21 68.16 6.57
C LEU A 347 -11.88 68.87 6.38
N MET A 348 -11.25 69.19 7.50
CA MET A 348 -9.97 69.85 7.43
C MET A 348 -8.85 68.85 7.64
N PHE A 349 -9.08 67.62 7.18
CA PHE A 349 -8.05 66.61 7.33
C PHE A 349 -7.29 66.07 6.13
N PRO A 350 -7.98 65.67 5.07
CA PRO A 350 -9.44 65.79 4.87
C PRO A 350 -10.00 64.38 4.60
N GLY A 351 -9.31 63.66 3.72
CA GLY A 351 -9.72 62.33 3.35
C GLY A 351 -9.38 61.31 4.40
N GLN A 352 -8.63 61.73 5.42
CA GLN A 352 -8.22 60.84 6.52
C GLN A 352 -9.42 60.53 7.41
N ILE A 353 -10.07 61.60 7.85
CA ILE A 353 -11.27 61.45 8.66
C ILE A 353 -12.44 61.78 7.75
N ILE A 354 -13.31 60.82 7.55
CA ILE A 354 -14.48 61.02 6.70
C ILE A 354 -15.65 61.53 7.52
N LEU A 355 -16.61 62.15 6.83
CA LEU A 355 -17.83 62.63 7.47
C LEU A 355 -18.79 61.54 7.07
N ASP A 356 -18.67 60.50 7.87
CA ASP A 356 -19.40 59.28 7.68
C ASP A 356 -20.90 59.40 7.84
N LEU A 357 -21.56 58.25 7.74
CA LEU A 357 -23.00 58.12 7.93
C LEU A 357 -23.50 59.22 8.87
N LYS A 358 -24.75 59.60 8.73
CA LYS A 358 -25.28 60.68 9.54
C LYS A 358 -26.22 60.31 10.69
N ILE A 359 -25.81 59.38 11.56
CA ILE A 359 -26.64 58.97 12.71
C ILE A 359 -28.01 58.45 12.21
N ASP A 360 -28.89 58.04 13.13
CA ASP A 360 -30.19 57.49 12.71
C ASP A 360 -31.56 57.97 13.19
N PRO A 361 -31.68 58.55 14.41
CA PRO A 361 -32.97 59.04 14.96
C PRO A 361 -34.15 59.36 14.01
N GLY A 362 -35.38 59.20 14.53
CA GLY A 362 -36.58 59.46 13.74
C GLY A 362 -36.83 60.94 13.41
N GLU A 363 -35.87 61.79 13.75
CA GLU A 363 -35.94 63.23 13.47
C GLU A 363 -35.51 63.38 12.01
N ARG A 364 -35.04 62.25 11.47
CA ARG A 364 -34.57 62.11 10.10
C ARG A 364 -35.69 62.47 9.13
N MET A 365 -36.93 62.48 9.63
CA MET A 365 -38.09 62.84 8.81
C MET A 365 -37.96 64.33 8.54
N ASP A 366 -38.41 65.15 9.50
CA ASP A 366 -38.35 66.62 9.42
C ASP A 366 -37.82 67.16 8.10
N PRO A 367 -38.63 67.04 7.03
CA PRO A 367 -38.35 67.47 5.65
C PRO A 367 -37.62 68.79 5.48
N ALA A 368 -37.89 69.75 6.35
CA ALA A 368 -37.21 71.03 6.29
C ALA A 368 -35.73 70.76 6.58
N VAL A 369 -35.47 70.19 7.76
CA VAL A 369 -34.12 69.86 8.20
C VAL A 369 -33.37 69.04 7.16
N ARG A 370 -34.06 68.03 6.63
CA ARG A 370 -33.49 67.13 5.64
C ARG A 370 -33.13 67.78 4.31
N MET A 371 -34.10 68.47 3.71
CA MET A 371 -33.91 69.16 2.44
C MET A 371 -32.76 70.17 2.55
N VAL A 372 -32.84 71.01 3.58
CA VAL A 372 -31.86 72.05 3.89
C VAL A 372 -30.45 71.50 3.89
N ALA A 373 -30.25 70.42 4.65
CA ALA A 373 -28.96 69.76 4.75
C ALA A 373 -28.53 69.22 3.39
N GLY A 374 -29.50 68.83 2.56
CA GLY A 374 -29.22 68.32 1.23
C GLY A 374 -28.48 69.33 0.36
N VAL A 375 -28.90 70.59 0.44
CA VAL A 375 -28.28 71.68 -0.32
C VAL A 375 -26.93 72.05 0.31
N VAL A 376 -26.99 72.38 1.60
CA VAL A 376 -25.82 72.75 2.40
C VAL A 376 -24.64 71.82 2.11
N GLY A 377 -24.91 70.52 2.19
CA GLY A 377 -23.91 69.50 1.97
C GLY A 377 -23.21 69.46 0.63
N HIS A 378 -23.92 69.85 -0.44
CA HIS A 378 -23.33 69.87 -1.77
C HIS A 378 -22.30 70.98 -1.94
N LEU A 379 -22.19 71.85 -0.93
CA LEU A 379 -21.26 72.98 -0.95
C LEU A 379 -20.31 72.94 0.23
N LEU A 380 -20.66 72.16 1.24
CA LEU A 380 -19.84 72.04 2.42
C LEU A 380 -18.78 70.95 2.27
N PHE A 381 -19.12 69.88 1.56
CA PHE A 381 -18.21 68.75 1.42
C PHE A 381 -17.82 68.34 0.03
N THR A 382 -16.65 67.70 -0.02
CA THR A 382 -16.06 67.24 -1.28
C THR A 382 -16.20 65.76 -1.63
N ALA A 383 -16.95 65.48 -2.70
CA ALA A 383 -17.09 64.12 -3.21
C ALA A 383 -16.02 64.07 -4.31
N GLY A 384 -15.28 65.18 -4.40
CA GLY A 384 -14.22 65.42 -5.36
C GLY A 384 -13.41 64.24 -5.86
N GLY A 385 -13.16 64.27 -7.16
CA GLY A 385 -12.38 63.23 -7.82
C GLY A 385 -10.93 63.18 -7.44
N ARG A 386 -10.51 64.14 -6.63
CA ARG A 386 -9.13 64.22 -6.17
C ARG A 386 -9.04 63.53 -4.80
N PHE A 387 -10.05 63.75 -3.96
CA PHE A 387 -10.11 63.16 -2.62
C PHE A 387 -11.55 63.25 -2.08
N THR A 388 -11.87 62.42 -1.09
CA THR A 388 -13.21 62.43 -0.51
C THR A 388 -13.34 63.07 0.85
N ASN A 389 -14.57 63.46 1.16
CA ASN A 389 -14.88 64.09 2.41
C ASN A 389 -15.88 63.20 3.14
N LEU A 390 -16.84 62.66 2.39
CA LEU A 390 -17.94 61.84 2.95
C LEU A 390 -18.07 60.38 2.53
N THR A 391 -18.98 59.68 3.22
CA THR A 391 -19.29 58.27 2.95
C THR A 391 -20.13 58.22 1.70
N GLN A 392 -20.15 57.06 1.07
CA GLN A 392 -20.97 56.88 -0.13
C GLN A 392 -22.42 56.98 0.35
N ASN A 393 -22.67 56.34 1.50
CA ASN A 393 -23.98 56.33 2.14
C ASN A 393 -24.41 57.74 2.50
N MET A 394 -23.55 58.45 3.19
CA MET A 394 -23.83 59.82 3.60
C MET A 394 -24.24 60.72 2.43
N ALA A 395 -23.57 60.51 1.30
CA ALA A 395 -23.83 61.27 0.08
C ALA A 395 -25.18 60.92 -0.55
N ARG A 396 -25.42 59.63 -0.74
CA ARG A 396 -26.68 59.16 -1.31
C ARG A 396 -27.87 59.81 -0.61
N GLN A 397 -27.86 59.78 0.72
CA GLN A 397 -28.92 60.39 1.54
C GLN A 397 -29.01 61.89 1.33
N LEU A 398 -27.86 62.49 1.06
CA LEU A 398 -27.79 63.92 0.81
C LEU A 398 -28.45 64.25 -0.52
N ASP A 399 -28.11 63.48 -1.55
CA ASP A 399 -28.66 63.65 -2.90
C ASP A 399 -30.17 63.52 -2.90
N ILE A 400 -30.65 62.60 -2.07
CA ILE A 400 -32.07 62.34 -1.94
C ILE A 400 -32.77 63.51 -1.23
N ALA A 401 -32.19 63.97 -0.12
CA ALA A 401 -32.73 65.09 0.64
C ALA A 401 -32.80 66.31 -0.28
N LEU A 402 -31.82 66.39 -1.18
CA LEU A 402 -31.69 67.46 -2.17
C LEU A 402 -32.75 67.25 -3.27
N ASN A 403 -32.85 66.01 -3.74
CA ASN A 403 -33.80 65.62 -4.77
C ASN A 403 -35.22 66.02 -4.39
N ASP A 404 -35.57 65.80 -3.12
CA ASP A 404 -36.90 66.12 -2.60
C ASP A 404 -37.10 67.62 -2.47
N TYR A 405 -36.06 68.31 -2.02
CA TYR A 405 -36.13 69.76 -1.88
C TYR A 405 -36.47 70.38 -3.23
N LEU A 406 -35.85 69.83 -4.28
CA LEU A 406 -36.06 70.29 -5.65
C LEU A 406 -37.49 70.07 -6.12
N LEU A 407 -37.89 68.81 -6.25
CA LEU A 407 -39.25 68.50 -6.68
C LEU A 407 -40.27 68.55 -5.51
N TYR A 408 -40.03 69.49 -4.61
CA TYR A 408 -40.86 69.76 -3.45
C TYR A 408 -41.98 70.62 -4.07
N MET A 409 -41.57 71.76 -4.64
CA MET A 409 -42.46 72.68 -5.36
C MET A 409 -43.72 73.06 -4.60
N TYR A 410 -43.58 73.85 -3.53
CA TYR A 410 -44.74 74.29 -2.78
C TYR A 410 -45.53 75.40 -3.51
N ASN A 411 -44.85 76.06 -4.45
CA ASN A 411 -45.44 77.16 -5.22
C ASN A 411 -45.65 76.83 -6.71
N THR A 412 -45.75 77.88 -7.54
CA THR A 412 -45.97 77.73 -8.98
C THR A 412 -44.94 76.85 -9.65
N ARG A 413 -45.47 75.84 -10.34
CA ARG A 413 -44.66 74.86 -11.05
C ARG A 413 -43.71 75.42 -12.11
N VAL A 414 -42.76 74.58 -12.50
CA VAL A 414 -41.80 74.91 -13.53
C VAL A 414 -42.05 73.83 -14.57
N GLN A 415 -40.98 73.17 -15.00
CA GLN A 415 -41.08 72.08 -15.97
C GLN A 415 -40.18 71.02 -15.38
N VAL A 416 -40.71 69.83 -15.16
CA VAL A 416 -39.91 68.78 -14.58
C VAL A 416 -39.79 67.60 -15.53
N ASN A 417 -38.69 67.57 -16.28
CA ASN A 417 -38.45 66.51 -17.26
C ASN A 417 -37.73 65.31 -16.67
N TYR A 418 -38.50 64.39 -16.11
CA TYR A 418 -37.96 63.18 -15.49
C TYR A 418 -37.16 62.35 -16.47
N GLY A 419 -36.08 61.76 -15.95
CA GLY A 419 -35.22 60.94 -16.78
C GLY A 419 -35.56 59.48 -16.79
N PRO A 420 -34.97 58.71 -17.72
CA PRO A 420 -35.13 57.27 -17.93
C PRO A 420 -34.84 56.44 -16.69
N THR A 421 -33.82 56.84 -15.93
CA THR A 421 -33.46 56.14 -14.68
C THR A 421 -34.23 56.83 -13.57
N GLY A 422 -34.97 56.05 -12.80
CA GLY A 422 -35.75 56.59 -11.70
C GLY A 422 -34.87 57.21 -10.64
N GLU A 423 -33.55 56.99 -10.80
CA GLU A 423 -32.52 57.47 -9.90
C GLU A 423 -32.73 58.94 -9.56
N PRO A 424 -32.70 59.28 -8.27
CA PRO A 424 -32.88 60.65 -7.80
C PRO A 424 -31.92 61.60 -8.53
N LEU A 425 -32.49 62.69 -9.03
CA LEU A 425 -31.78 63.73 -9.76
C LEU A 425 -31.59 63.38 -11.23
N ASP A 426 -32.57 62.70 -11.83
CA ASP A 426 -32.48 62.36 -13.25
C ASP A 426 -33.46 63.25 -13.99
N PHE A 427 -33.81 64.34 -13.33
CA PHE A 427 -34.76 65.29 -13.88
C PHE A 427 -34.12 66.64 -14.18
N GLN A 428 -34.43 67.16 -15.37
CA GLN A 428 -33.94 68.47 -15.80
C GLN A 428 -35.04 69.46 -15.48
N ILE A 429 -34.76 70.47 -14.67
CA ILE A 429 -35.81 71.44 -14.36
C ILE A 429 -35.90 72.59 -15.36
N GLY A 430 -36.99 72.53 -16.11
CA GLY A 430 -37.36 73.48 -17.15
C GLY A 430 -36.91 74.92 -17.23
N ARG A 431 -37.33 75.52 -18.35
CA ARG A 431 -37.04 76.88 -18.78
C ARG A 431 -35.79 76.71 -19.61
N ASN A 432 -34.70 76.37 -18.93
CA ASN A 432 -33.42 76.11 -19.58
C ASN A 432 -33.03 74.64 -19.39
N GLN A 433 -33.79 73.96 -18.54
CA GLN A 433 -33.59 72.54 -18.21
C GLN A 433 -32.22 72.17 -17.67
N TYR A 434 -31.94 72.57 -16.44
CA TYR A 434 -30.67 72.21 -15.85
C TYR A 434 -30.84 70.85 -15.23
N ASP A 435 -30.52 69.82 -16.00
CA ASP A 435 -30.62 68.44 -15.53
C ASP A 435 -29.74 68.23 -14.32
N CYS A 436 -30.41 67.88 -13.24
CA CYS A 436 -29.77 67.69 -11.96
C CYS A 436 -29.01 66.38 -11.81
N ASN A 437 -28.71 65.76 -12.95
CA ASN A 437 -27.94 64.52 -13.00
C ASN A 437 -26.50 64.88 -12.63
N VAL A 438 -26.16 66.15 -12.89
CA VAL A 438 -24.83 66.67 -12.60
C VAL A 438 -24.68 66.92 -11.10
N PHE A 439 -25.78 66.80 -10.36
CA PHE A 439 -25.74 66.96 -8.91
C PHE A 439 -25.96 65.65 -8.19
N ARG A 440 -25.48 64.58 -8.82
CA ARG A 440 -25.56 63.24 -8.28
C ARG A 440 -24.23 63.00 -7.59
N ALA A 441 -24.10 61.83 -6.98
CA ALA A 441 -22.86 61.51 -6.29
C ALA A 441 -21.95 60.59 -7.08
N ASP A 442 -20.97 61.18 -7.74
CA ASP A 442 -20.00 60.36 -8.45
C ASP A 442 -18.70 60.78 -7.81
N PHE A 443 -18.21 59.91 -6.92
CA PHE A 443 -16.96 60.17 -6.20
C PHE A 443 -15.77 60.28 -7.10
N ALA A 444 -15.63 59.28 -7.98
CA ALA A 444 -14.52 59.25 -8.92
C ALA A 444 -14.48 60.50 -9.81
N THR A 445 -15.59 61.24 -9.84
CA THR A 445 -15.69 62.45 -10.65
C THR A 445 -15.73 63.77 -9.86
N GLY A 446 -16.49 63.79 -8.76
CA GLY A 446 -16.66 64.97 -7.94
C GLY A 446 -17.99 65.62 -8.30
N THR A 447 -18.39 65.39 -9.54
CA THR A 447 -19.62 65.85 -10.21
C THR A 447 -20.65 66.77 -9.54
N GLY A 448 -21.22 66.37 -8.42
CA GLY A 448 -22.21 67.23 -7.80
C GLY A 448 -21.60 68.08 -6.73
N TYR A 449 -21.22 67.40 -5.66
CA TYR A 449 -20.61 68.01 -4.49
C TYR A 449 -19.33 68.79 -4.72
N ASN A 450 -19.16 69.78 -3.84
CA ASN A 450 -18.03 70.70 -3.70
C ASN A 450 -16.75 70.30 -4.46
N GLY A 451 -16.03 71.31 -4.96
CA GLY A 451 -14.85 71.03 -5.72
C GLY A 451 -15.40 70.77 -7.11
N TRP A 452 -15.52 69.49 -7.47
CA TRP A 452 -16.08 69.10 -8.77
C TRP A 452 -15.16 69.47 -9.94
N ALA A 453 -15.39 70.64 -10.55
CA ALA A 453 -14.59 71.09 -11.69
C ALA A 453 -13.50 72.06 -11.23
N THR A 454 -12.97 71.79 -10.05
CA THR A 454 -11.93 72.60 -9.45
C THR A 454 -10.66 71.76 -9.19
N ILE A 455 -9.55 72.44 -8.92
CA ILE A 455 -8.28 71.78 -8.60
C ILE A 455 -8.01 72.11 -7.14
N ASP A 456 -7.76 71.08 -6.33
CA ASP A 456 -7.49 71.26 -4.92
C ASP A 456 -6.20 70.60 -4.50
N VAL A 457 -5.84 69.58 -5.25
CA VAL A 457 -4.60 68.86 -4.99
C VAL A 457 -3.58 69.42 -5.96
N GLU A 458 -2.79 70.36 -5.47
CA GLU A 458 -1.74 70.99 -6.26
C GLU A 458 -0.42 70.75 -5.54
N TYR A 459 0.70 71.04 -6.19
CA TYR A 459 2.01 70.80 -5.57
C TYR A 459 3.06 71.93 -5.67
N ARG A 460 3.21 72.74 -4.61
CA ARG A 460 4.25 73.79 -4.57
C ARG A 460 5.42 72.93 -4.13
N ASP A 461 6.23 72.51 -5.09
CA ASP A 461 7.36 71.61 -4.84
C ASP A 461 8.20 71.77 -3.58
N PRO A 462 9.04 72.80 -3.47
CA PRO A 462 9.80 72.86 -2.22
C PRO A 462 8.94 73.30 -1.01
N ALA A 463 8.97 72.45 0.01
CA ALA A 463 8.25 72.69 1.25
C ALA A 463 8.90 71.76 2.27
N PRO A 464 8.83 72.10 3.57
CA PRO A 464 9.44 71.23 4.56
C PRO A 464 8.86 69.81 4.51
N TYR A 465 9.57 68.89 5.15
CA TYR A 465 9.16 67.49 5.25
C TYR A 465 9.42 66.53 4.11
N VAL A 466 8.96 66.88 2.91
CA VAL A 466 9.10 66.01 1.73
C VAL A 466 8.04 64.91 1.85
N HIS A 467 7.19 65.09 2.87
CA HIS A 467 6.04 64.26 3.16
C HIS A 467 5.20 64.81 2.03
N ALA A 468 5.49 64.33 0.82
CA ALA A 468 4.90 64.83 -0.42
C ALA A 468 4.12 66.17 -0.25
N GLN A 469 4.94 67.21 -0.34
CA GLN A 469 4.58 68.60 -0.20
C GLN A 469 3.42 69.05 -1.11
N ARG A 470 2.23 68.54 -0.85
CA ARG A 470 1.09 68.91 -1.68
C ARG A 470 0.32 70.00 -0.96
N TYR A 471 -0.64 70.62 -1.66
CA TYR A 471 -1.45 71.65 -1.05
C TYR A 471 -2.91 71.73 -1.48
N ILE A 472 -3.76 71.57 -0.48
CA ILE A 472 -5.21 71.60 -0.63
C ILE A 472 -5.72 73.03 -0.48
N ARG A 473 -6.12 73.59 -1.62
CA ARG A 473 -6.65 74.95 -1.66
C ARG A 473 -8.13 74.84 -2.03
N TYR A 474 -8.95 74.59 -1.01
CA TYR A 474 -10.41 74.45 -1.16
C TYR A 474 -11.08 75.41 -2.13
N CYS A 475 -11.64 74.84 -3.19
CA CYS A 475 -12.32 75.60 -4.26
C CYS A 475 -11.40 76.62 -4.99
N GLY A 476 -10.14 76.23 -5.18
CA GLY A 476 -9.18 77.08 -5.86
C GLY A 476 -8.62 78.24 -5.05
N ILE A 477 -8.98 78.29 -3.78
CA ILE A 477 -8.51 79.37 -2.89
C ILE A 477 -7.04 79.19 -2.55
N ASP A 478 -6.16 79.70 -3.41
CA ASP A 478 -4.72 79.60 -3.18
C ASP A 478 -4.38 80.59 -2.08
N SER A 479 -4.84 80.25 -0.87
CA SER A 479 -4.65 81.05 0.31
C SER A 479 -3.24 80.97 0.86
N ARG A 480 -2.43 81.95 0.49
CA ARG A 480 -1.03 82.05 0.90
C ARG A 480 -0.84 83.29 1.76
N GLU A 481 -1.89 84.11 1.86
CA GLU A 481 -1.80 85.35 2.62
C GLU A 481 -2.77 85.51 3.78
N LEU A 482 -2.52 86.57 4.55
CA LEU A 482 -3.32 86.94 5.71
C LEU A 482 -4.71 87.33 5.20
N ILE A 483 -5.73 86.67 5.74
CA ILE A 483 -7.12 86.90 5.35
C ILE A 483 -7.74 88.08 6.14
N ASN A 484 -8.88 88.56 5.68
CA ASN A 484 -9.55 89.70 6.30
C ASN A 484 -10.53 89.49 7.46
N PRO A 485 -11.77 88.93 7.18
CA PRO A 485 -12.38 88.41 5.99
C PRO A 485 -13.34 89.41 5.31
N THR A 486 -13.34 90.65 5.82
CA THR A 486 -14.17 91.72 5.32
C THR A 486 -13.93 91.88 3.81
N THR A 487 -12.74 91.47 3.37
CA THR A 487 -12.31 91.46 1.98
C THR A 487 -11.71 90.07 1.77
N TYR A 488 -11.74 89.61 0.52
CA TYR A 488 -11.24 88.30 0.08
C TYR A 488 -12.42 87.44 -0.35
N GLY A 489 -13.54 87.56 0.36
CA GLY A 489 -14.73 86.80 0.02
C GLY A 489 -15.56 87.51 -1.03
N ILE A 490 -14.87 88.23 -1.92
CA ILE A 490 -15.51 89.00 -2.99
C ILE A 490 -15.87 88.16 -4.22
N GLY A 491 -15.36 88.54 -5.39
CA GLY A 491 -15.66 87.82 -6.62
C GLY A 491 -14.98 86.47 -6.62
N MET A 492 -15.59 85.51 -5.93
CA MET A 492 -15.03 84.18 -5.81
C MET A 492 -15.98 83.08 -6.22
N THR A 493 -15.67 82.45 -7.35
CA THR A 493 -16.49 81.36 -7.81
C THR A 493 -15.95 80.06 -7.28
N TYR A 494 -16.80 79.05 -7.40
CA TYR A 494 -16.54 77.74 -6.86
C TYR A 494 -16.94 76.75 -7.93
N HIS A 495 -17.66 77.25 -8.94
CA HIS A 495 -18.21 76.50 -10.06
C HIS A 495 -19.37 75.67 -9.55
N CYS A 496 -19.07 74.71 -8.69
CA CYS A 496 -20.08 73.86 -8.10
C CYS A 496 -21.12 74.75 -7.41
N TYR A 497 -20.64 75.76 -6.70
CA TYR A 497 -21.48 76.72 -5.98
C TYR A 497 -22.21 77.57 -7.00
N ASN A 498 -21.50 77.98 -8.03
CA ASN A 498 -22.03 78.81 -9.10
C ASN A 498 -23.17 78.11 -9.87
N GLU A 499 -22.92 76.86 -10.28
CA GLU A 499 -23.90 76.05 -11.00
C GLU A 499 -25.06 75.69 -10.09
N MET A 500 -24.79 75.69 -8.78
CA MET A 500 -25.79 75.40 -7.76
C MET A 500 -26.83 76.50 -7.80
N LEU A 501 -26.34 77.73 -7.90
CA LEU A 501 -27.19 78.92 -7.94
C LEU A 501 -28.04 79.00 -9.20
N ARG A 502 -27.53 78.48 -10.31
CA ARG A 502 -28.28 78.48 -11.57
C ARG A 502 -29.41 77.48 -11.42
N MET A 503 -29.04 76.24 -11.11
CA MET A 503 -30.01 75.17 -10.92
C MET A 503 -31.04 75.58 -9.86
N LEU A 504 -30.59 76.34 -8.86
CA LEU A 504 -31.43 76.83 -7.75
C LEU A 504 -32.59 77.72 -8.18
N VAL A 505 -32.40 78.42 -9.30
CA VAL A 505 -33.42 79.32 -9.83
C VAL A 505 -34.16 78.71 -11.02
N ALA A 506 -33.42 78.03 -11.90
CA ALA A 506 -34.00 77.37 -13.08
C ALA A 506 -35.07 76.41 -12.61
N ALA A 507 -34.83 75.86 -11.41
CA ALA A 507 -35.76 74.94 -10.77
C ALA A 507 -36.77 75.74 -9.96
N GLY A 508 -36.37 76.27 -8.81
CA GLY A 508 -37.32 77.02 -8.04
C GLY A 508 -36.97 78.37 -7.46
N LYS A 509 -36.96 78.35 -6.15
CA LYS A 509 -36.76 79.50 -5.29
C LYS A 509 -35.62 80.44 -5.54
N ASP A 510 -35.99 81.72 -5.64
CA ASP A 510 -35.06 82.81 -5.85
C ASP A 510 -34.70 83.26 -4.42
N SER A 511 -35.73 83.43 -3.60
CA SER A 511 -35.59 83.85 -2.20
C SER A 511 -34.59 82.98 -1.45
N GLU A 512 -34.55 81.71 -1.85
CA GLU A 512 -33.66 80.75 -1.23
C GLU A 512 -32.29 80.76 -1.88
N ALA A 513 -32.25 80.94 -3.20
CA ALA A 513 -30.99 81.02 -3.94
C ALA A 513 -30.30 82.38 -3.76
N ALA A 514 -31.08 83.38 -3.32
CA ALA A 514 -30.57 84.74 -3.09
C ALA A 514 -29.80 84.75 -1.78
N TYR A 515 -30.25 83.94 -0.83
CA TYR A 515 -29.59 83.79 0.46
C TYR A 515 -28.22 83.15 0.22
N PHE A 516 -28.12 82.37 -0.85
CA PHE A 516 -26.89 81.71 -1.23
C PHE A 516 -25.92 82.63 -1.93
N ARG A 517 -26.44 83.65 -2.61
CA ARG A 517 -25.57 84.61 -3.28
C ARG A 517 -24.92 85.49 -2.21
N SER A 518 -25.75 85.91 -1.25
CA SER A 518 -25.31 86.75 -0.14
C SER A 518 -24.38 86.00 0.82
N MET A 519 -24.41 84.67 0.75
CA MET A 519 -23.59 83.84 1.63
C MET A 519 -22.15 83.62 1.14
N LEU A 520 -21.96 83.65 -0.18
CA LEU A 520 -20.65 83.46 -0.83
C LEU A 520 -19.42 83.93 -0.05
N PRO A 521 -19.39 85.22 0.39
CA PRO A 521 -18.24 85.71 1.14
C PRO A 521 -17.91 84.87 2.38
N PHE A 522 -18.86 84.82 3.31
CA PHE A 522 -18.74 84.07 4.55
C PHE A 522 -18.34 82.60 4.32
N HIS A 523 -18.80 82.05 3.21
CA HIS A 523 -18.51 80.66 2.82
C HIS A 523 -17.10 80.55 2.28
N MET A 524 -16.66 81.58 1.55
CA MET A 524 -15.33 81.57 0.97
C MET A 524 -14.27 81.74 2.06
N VAL A 525 -14.63 82.45 3.12
CA VAL A 525 -13.71 82.68 4.23
C VAL A 525 -13.57 81.46 5.14
N ARG A 526 -14.65 80.70 5.32
CA ARG A 526 -14.59 79.49 6.15
C ARG A 526 -13.53 78.59 5.55
N PHE A 527 -13.55 78.51 4.20
CA PHE A 527 -12.65 77.69 3.40
C PHE A 527 -11.23 78.19 3.27
N ALA A 528 -11.10 79.50 3.01
CA ALA A 528 -9.78 80.11 2.90
C ALA A 528 -9.06 79.83 4.24
N ARG A 529 -9.82 80.01 5.33
CA ARG A 529 -9.33 79.78 6.70
C ARG A 529 -8.83 78.35 6.86
N ILE A 530 -9.68 77.41 6.45
CA ILE A 530 -9.38 75.98 6.51
C ILE A 530 -8.04 75.70 5.83
N ASN A 531 -7.90 76.13 4.58
CA ASN A 531 -6.66 75.93 3.81
C ASN A 531 -5.40 76.30 4.57
N GLN A 532 -5.39 77.50 5.14
CA GLN A 532 -4.26 77.97 5.92
C GLN A 532 -4.00 76.98 7.07
N ILE A 533 -5.06 76.55 7.74
CA ILE A 533 -4.92 75.61 8.85
C ILE A 533 -4.38 74.28 8.37
N ILE A 534 -5.10 73.60 7.47
CA ILE A 534 -4.66 72.30 6.92
C ILE A 534 -3.25 72.44 6.39
N ASN A 535 -3.18 73.10 5.24
CA ASN A 535 -2.00 73.37 4.46
C ASN A 535 -0.79 73.96 5.19
N GLU A 536 -1.00 75.12 5.80
CA GLU A 536 0.06 75.84 6.50
C GLU A 536 0.33 75.34 7.92
N ASP A 537 -0.69 75.30 8.76
CA ASP A 537 -0.57 74.87 10.14
C ASP A 537 -0.21 73.40 10.41
N LEU A 538 -1.10 72.46 10.06
CA LEU A 538 -0.87 71.02 10.30
C LEU A 538 -0.03 70.31 9.24
N HIS A 539 1.18 70.82 9.05
CA HIS A 539 2.12 70.28 8.09
C HIS A 539 3.25 69.73 8.94
N SER A 540 3.09 68.50 9.45
CA SER A 540 4.14 67.87 10.26
C SER A 540 4.43 66.42 9.86
N VAL A 541 5.47 65.83 10.45
CA VAL A 541 5.80 64.44 10.15
C VAL A 541 4.67 63.52 10.60
N PHE A 542 3.61 64.10 11.14
CA PHE A 542 2.49 63.30 11.58
C PHE A 542 1.30 63.35 10.65
N SER A 543 1.30 64.32 9.73
CA SER A 543 0.24 64.42 8.73
C SER A 543 0.66 63.40 7.67
N LEU A 544 -0.30 62.67 7.13
CA LEU A 544 -0.04 61.60 6.16
C LEU A 544 0.70 61.91 4.86
N PRO A 545 1.53 60.94 4.40
CA PRO A 545 2.35 60.97 3.19
C PRO A 545 1.41 60.97 1.98
N ASP A 546 1.88 61.47 0.85
CA ASP A 546 1.00 61.55 -0.29
C ASP A 546 0.59 60.34 -1.08
N ASP A 547 1.52 59.43 -1.37
CA ASP A 547 1.14 58.25 -2.14
C ASP A 547 -0.06 57.55 -1.49
N MET A 548 -0.20 57.76 -0.18
CA MET A 548 -1.30 57.20 0.60
C MET A 548 -2.49 58.13 0.51
N PHE A 549 -2.21 59.43 0.53
CA PHE A 549 -3.25 60.44 0.43
C PHE A 549 -4.07 60.18 -0.82
N ASN A 550 -3.35 59.95 -1.91
CA ASN A 550 -3.93 59.68 -3.22
C ASN A 550 -4.62 58.33 -3.28
N ALA A 551 -4.21 57.41 -2.42
CA ALA A 551 -4.79 56.08 -2.37
C ALA A 551 -6.05 55.96 -1.54
N LEU A 552 -6.35 56.97 -0.72
CA LEU A 552 -7.54 56.95 0.12
C LEU A 552 -8.82 56.85 -0.70
N LEU A 553 -9.05 57.87 -1.52
CA LEU A 553 -10.21 57.91 -2.37
C LEU A 553 -10.44 56.65 -3.21
N PRO A 554 -9.46 56.24 -4.04
CA PRO A 554 -9.63 55.04 -4.88
C PRO A 554 -9.80 53.72 -4.13
N ASP A 555 -9.19 53.61 -2.96
CA ASP A 555 -9.31 52.40 -2.14
C ASP A 555 -10.69 52.37 -1.51
N LEU A 556 -11.23 53.56 -1.26
CA LEU A 556 -12.56 53.71 -0.68
C LEU A 556 -13.58 53.27 -1.74
N ILE A 557 -13.35 53.68 -2.99
CA ILE A 557 -14.19 53.34 -4.12
C ILE A 557 -14.15 51.83 -4.30
N ALA A 558 -12.93 51.31 -4.43
CA ALA A 558 -12.70 49.88 -4.62
C ALA A 558 -13.34 49.02 -3.54
N GLY A 559 -13.46 49.58 -2.33
CA GLY A 559 -14.05 48.85 -1.22
C GLY A 559 -12.99 48.00 -0.54
N ALA A 560 -12.03 47.54 -1.33
CA ALA A 560 -10.92 46.72 -0.87
C ALA A 560 -10.17 47.47 0.21
N HIS A 561 -9.70 46.76 1.22
CA HIS A 561 -9.02 47.42 2.31
C HIS A 561 -7.57 47.13 2.64
N GLN A 562 -6.89 48.23 2.95
CA GLN A 562 -5.48 48.26 3.31
C GLN A 562 -5.26 49.16 4.53
N ASN A 563 -4.07 49.10 5.10
CA ASN A 563 -3.75 49.95 6.24
C ASN A 563 -3.67 51.35 5.66
N ALA A 564 -4.58 52.18 6.17
CA ALA A 564 -4.80 53.57 5.79
C ALA A 564 -6.29 53.55 6.01
N ASP A 565 -6.67 53.72 7.28
CA ASP A 565 -8.07 53.64 7.60
C ASP A 565 -8.79 54.91 7.96
N PRO A 566 -9.88 55.17 7.22
CA PRO A 566 -10.76 56.33 7.39
C PRO A 566 -11.42 56.30 8.77
N VAL A 567 -11.54 57.47 9.39
CA VAL A 567 -12.16 57.54 10.69
C VAL A 567 -13.66 57.78 10.54
N VAL A 568 -14.43 57.07 11.36
CA VAL A 568 -15.89 57.16 11.32
C VAL A 568 -16.55 58.16 12.26
N LEU A 569 -16.76 59.36 11.76
CA LEU A 569 -17.43 60.41 12.52
C LEU A 569 -18.90 60.56 12.11
N ASP A 570 -19.78 59.96 12.91
CA ASP A 570 -21.21 60.02 12.68
C ASP A 570 -21.72 61.41 13.00
N VAL A 571 -22.51 61.97 12.08
CA VAL A 571 -23.01 63.34 12.22
C VAL A 571 -24.51 63.58 12.34
N SER A 572 -24.89 64.68 12.99
CA SER A 572 -26.30 65.08 13.18
C SER A 572 -26.82 65.65 11.87
N TRP A 573 -28.05 65.28 11.51
CA TRP A 573 -28.63 65.74 10.25
C TRP A 573 -28.73 67.26 10.22
N ILE A 574 -29.12 67.80 11.36
CA ILE A 574 -29.30 69.23 11.56
C ILE A 574 -28.00 70.04 11.69
N SER A 575 -26.94 69.38 12.17
CA SER A 575 -25.65 70.04 12.35
C SER A 575 -25.08 70.59 11.05
N LEU A 576 -25.53 70.02 9.94
CA LEU A 576 -25.12 70.42 8.59
C LEU A 576 -25.40 71.89 8.32
N TRP A 577 -26.62 72.30 8.68
CA TRP A 577 -27.08 73.66 8.52
C TRP A 577 -26.24 74.59 9.41
N PHE A 578 -26.12 74.21 10.68
CA PHE A 578 -25.37 74.97 11.67
C PHE A 578 -23.92 75.18 11.28
N ALA A 579 -23.36 74.19 10.60
CA ALA A 579 -21.98 74.26 10.13
C ALA A 579 -21.89 75.25 8.98
N PHE A 580 -22.93 75.29 8.14
CA PHE A 580 -22.96 76.22 7.02
C PHE A 580 -23.13 77.64 7.53
N ASN A 581 -23.64 77.79 8.75
CA ASN A 581 -23.81 79.10 9.32
C ASN A 581 -22.86 79.29 10.49
N ARG A 582 -21.63 78.83 10.26
CA ARG A 582 -20.52 78.91 11.20
C ARG A 582 -19.21 78.77 10.46
N SER A 583 -18.48 79.87 10.31
CA SER A 583 -17.16 79.88 9.65
C SER A 583 -16.17 79.61 10.77
N PHE A 584 -14.90 79.46 10.43
CA PHE A 584 -13.94 79.18 11.47
C PHE A 584 -12.74 80.10 11.53
N GLU A 585 -12.65 80.89 12.60
CA GLU A 585 -11.52 81.78 12.81
C GLU A 585 -10.79 81.30 14.06
N PRO A 586 -9.66 80.62 13.87
CA PRO A 586 -8.83 80.09 14.95
C PRO A 586 -8.29 81.17 15.90
N THR A 587 -8.77 81.16 17.14
CA THR A 587 -8.34 82.15 18.12
C THR A 587 -6.86 82.07 18.50
N HIS A 588 -6.34 80.87 18.75
CA HIS A 588 -4.92 80.68 19.10
C HIS A 588 -4.38 79.24 18.98
N ARG A 589 -3.23 79.13 18.34
CA ARG A 589 -2.58 77.84 18.09
C ARG A 589 -2.15 77.06 19.33
N ASN A 590 -2.04 75.74 19.14
CA ASN A 590 -1.62 74.80 20.18
C ASN A 590 -0.22 75.15 20.63
N GLU A 591 0.03 75.03 21.92
CA GLU A 591 1.34 75.38 22.45
C GLU A 591 2.48 74.44 22.09
N MET A 592 2.14 73.30 21.49
CA MET A 592 3.17 72.34 21.13
C MET A 592 3.89 72.63 19.83
N LEU A 593 3.29 73.44 18.97
CA LEU A 593 3.86 73.75 17.65
C LEU A 593 5.34 74.07 17.52
N GLU A 594 5.81 75.09 18.23
CA GLU A 594 7.22 75.49 18.18
C GLU A 594 8.18 74.40 18.68
N ILE A 595 7.74 73.65 19.69
CA ILE A 595 8.53 72.58 20.29
C ILE A 595 8.44 71.29 19.48
N ALA A 596 7.28 71.09 18.86
CA ALA A 596 6.95 69.92 18.03
C ALA A 596 8.06 69.25 17.26
N PRO A 597 8.70 69.97 16.32
CA PRO A 597 9.79 69.43 15.50
C PRO A 597 10.88 68.74 16.30
N LEU A 598 11.21 69.32 17.46
CA LEU A 598 12.21 68.75 18.35
C LEU A 598 11.67 67.40 18.81
N ILE A 599 10.47 67.43 19.35
CA ILE A 599 9.79 66.24 19.83
C ILE A 599 9.72 65.18 18.74
N GLU A 600 9.46 65.62 17.52
CA GLU A 600 9.38 64.73 16.37
C GLU A 600 10.69 63.96 16.27
N SER A 601 11.79 64.71 16.20
CA SER A 601 13.12 64.12 16.11
C SER A 601 13.45 63.17 17.27
N VAL A 602 12.99 63.52 18.48
CA VAL A 602 13.22 62.69 19.66
C VAL A 602 12.65 61.32 19.42
N TYR A 603 11.37 61.29 19.07
CA TYR A 603 10.65 60.05 18.80
C TYR A 603 11.37 59.24 17.73
N ALA A 604 11.61 59.89 16.59
CA ALA A 604 12.27 59.30 15.44
C ALA A 604 13.55 58.55 15.77
N SER A 605 14.48 59.24 16.40
CA SER A 605 15.76 58.66 16.79
C SER A 605 15.57 57.47 17.73
N GLU A 606 14.72 57.65 18.73
CA GLU A 606 14.44 56.61 19.70
C GLU A 606 14.01 55.32 19.02
N LEU A 607 13.18 55.47 17.98
CA LEU A 607 12.68 54.33 17.22
C LEU A 607 13.82 53.56 16.58
N SER A 608 14.63 54.27 15.81
CA SER A 608 15.76 53.66 15.12
C SER A 608 16.69 52.94 16.09
N VAL A 609 16.91 53.52 17.26
CA VAL A 609 17.77 52.89 18.26
C VAL A 609 17.23 51.50 18.56
N MET A 610 15.92 51.41 18.71
CA MET A 610 15.27 50.13 18.97
C MET A 610 15.52 49.15 17.83
N LYS A 611 15.25 49.60 16.61
CA LYS A 611 15.45 48.79 15.41
C LYS A 611 16.82 48.13 15.50
N VAL A 612 17.84 49.00 15.55
CA VAL A 612 19.23 48.60 15.63
C VAL A 612 19.46 47.49 16.63
N ASP A 613 19.04 47.73 17.86
CA ASP A 613 19.17 46.76 18.93
C ASP A 613 18.65 45.42 18.48
N MET A 614 17.41 45.42 18.00
CA MET A 614 16.79 44.20 17.53
C MET A 614 17.51 43.53 16.39
N ARG A 615 18.06 44.32 15.47
CA ARG A 615 18.79 43.75 14.35
C ARG A 615 19.89 42.83 14.86
N HIS A 616 20.59 43.27 15.90
CA HIS A 616 21.65 42.46 16.48
C HIS A 616 21.13 41.33 17.34
N LEU A 617 20.12 41.61 18.14
CA LEU A 617 19.57 40.57 19.00
C LEU A 617 19.02 39.40 18.21
N SER A 618 18.40 39.69 17.06
CA SER A 618 17.81 38.66 16.23
C SER A 618 18.76 37.52 15.89
N LEU A 619 19.89 37.88 15.30
CA LEU A 619 20.91 36.91 14.91
C LEU A 619 21.59 36.19 16.08
N MET A 620 21.32 36.64 17.31
CA MET A 620 21.91 36.02 18.50
C MET A 620 21.63 34.53 18.62
N GLN A 621 20.51 34.09 18.06
CA GLN A 621 20.13 32.68 18.14
C GLN A 621 20.97 31.75 17.27
N ARG A 622 21.14 32.10 16.00
CA ARG A 622 21.94 31.30 15.08
C ARG A 622 23.39 31.42 15.51
N ARG A 623 23.66 32.51 16.22
CA ARG A 623 24.98 32.82 16.74
C ARG A 623 25.34 31.88 17.90
N PHE A 624 24.56 31.93 18.97
CA PHE A 624 24.81 31.08 20.12
C PHE A 624 23.56 30.24 20.35
N PRO A 625 23.50 29.09 19.68
CA PRO A 625 22.36 28.18 19.79
C PRO A 625 22.27 27.46 21.14
N ASP A 626 23.39 26.94 21.62
CA ASP A 626 23.44 26.23 22.90
C ASP A 626 22.89 27.03 24.08
N VAL A 627 22.81 28.35 23.93
CA VAL A 627 22.33 29.22 24.99
C VAL A 627 20.84 29.53 24.82
N LEU A 628 20.45 29.88 23.61
CA LEU A 628 19.06 30.21 23.32
C LEU A 628 18.41 29.18 22.41
N ILE A 629 18.17 28.00 22.97
CA ILE A 629 17.53 26.93 22.22
C ILE A 629 16.03 27.17 22.35
N GLN A 630 15.62 27.53 23.56
CA GLN A 630 14.23 27.81 23.87
C GLN A 630 13.82 29.19 23.38
N ALA A 631 14.76 29.91 22.80
CA ALA A 631 14.49 31.24 22.30
C ALA A 631 13.48 31.26 21.19
N ARG A 632 12.56 32.22 21.29
CA ARG A 632 11.53 32.43 20.29
C ARG A 632 11.54 33.94 20.14
N PRO A 633 11.33 34.45 18.92
CA PRO A 633 11.31 35.89 18.61
C PRO A 633 10.68 36.82 19.66
N SER A 634 9.47 36.49 20.09
CA SER A 634 8.76 37.28 21.11
C SER A 634 9.72 37.71 22.25
N HIS A 635 10.54 36.75 22.69
CA HIS A 635 11.51 36.95 23.76
C HIS A 635 12.39 38.17 23.60
N PHE A 636 13.18 38.16 22.53
CA PHE A 636 14.14 39.22 22.29
C PHE A 636 13.65 40.65 22.21
N TRP A 637 12.45 40.90 21.67
CA TRP A 637 12.03 42.28 21.64
C TRP A 637 11.28 42.66 22.90
N LYS A 638 10.72 41.66 23.61
CA LYS A 638 10.03 41.98 24.85
C LYS A 638 11.10 42.58 25.77
N ALA A 639 12.35 42.14 25.55
CA ALA A 639 13.50 42.61 26.30
C ALA A 639 13.91 43.99 25.80
N VAL A 640 13.76 44.21 24.50
CA VAL A 640 14.09 45.51 23.89
C VAL A 640 13.10 46.53 24.43
N LEU A 641 11.80 46.24 24.24
CA LEU A 641 10.72 47.10 24.70
C LEU A 641 10.97 47.42 26.16
N ASN A 642 11.35 46.39 26.90
CA ASN A 642 11.66 46.52 28.30
C ASN A 642 12.72 47.59 28.61
N ASP A 643 13.89 47.47 27.97
CA ASP A 643 14.99 48.42 28.20
C ASP A 643 14.91 49.75 27.45
N SER A 644 13.86 49.94 26.66
CA SER A 644 13.67 51.17 25.90
C SER A 644 12.59 52.07 26.52
N PRO A 645 12.65 53.40 26.26
CA PRO A 645 11.73 54.44 26.75
C PRO A 645 10.25 54.12 26.63
N GLU A 646 9.53 54.31 27.73
CA GLU A 646 8.10 54.05 27.77
C GLU A 646 7.21 54.99 26.99
N ALA A 647 7.64 56.25 26.91
CA ALA A 647 6.88 57.24 26.17
C ALA A 647 6.71 56.85 24.71
N VAL A 648 7.79 56.33 24.12
CA VAL A 648 7.78 55.93 22.72
C VAL A 648 6.75 54.82 22.48
N LYS A 649 6.79 53.80 23.33
CA LYS A 649 5.88 52.68 23.22
C LYS A 649 4.46 53.24 23.20
N ALA A 650 4.16 54.09 24.18
CA ALA A 650 2.85 54.72 24.32
C ALA A 650 2.31 55.22 22.99
N VAL A 651 3.15 55.94 22.25
CA VAL A 651 2.81 56.52 20.95
C VAL A 651 2.38 55.42 19.98
N MET A 652 3.12 54.33 19.97
CA MET A 652 2.82 53.22 19.09
C MET A 652 1.53 52.53 19.49
N ASN A 653 1.44 52.21 20.78
CA ASN A 653 0.28 51.54 21.34
C ASN A 653 -1.05 52.17 20.96
N LEU A 654 -1.00 53.44 20.53
CA LEU A 654 -2.20 54.14 20.11
C LEU A 654 -2.91 53.35 19.01
N SER A 655 -2.12 52.82 18.09
CA SER A 655 -2.66 52.04 16.99
C SER A 655 -2.35 50.54 17.12
N HIS A 656 -1.55 50.17 18.12
CA HIS A 656 -1.20 48.77 18.31
C HIS A 656 -2.18 48.04 19.19
N SER A 657 -2.78 48.80 20.12
CA SER A 657 -3.78 48.26 21.03
C SER A 657 -5.11 48.27 20.28
N HIS A 658 -5.05 48.74 19.04
CA HIS A 658 -6.20 48.85 18.19
C HIS A 658 -6.10 47.97 16.96
N ASN A 659 -4.93 47.98 16.32
CA ASN A 659 -4.69 47.24 15.09
C ASN A 659 -4.05 45.86 15.12
N PHE A 660 -3.22 45.60 16.12
CA PHE A 660 -2.53 44.30 16.25
C PHE A 660 -1.34 44.13 15.29
N ILE A 661 -0.18 43.92 15.89
CA ILE A 661 1.06 43.72 15.13
C ILE A 661 1.59 42.32 15.37
N ASN A 662 2.00 41.66 14.29
CA ASN A 662 2.54 40.32 14.39
C ASN A 662 4.05 40.40 14.39
N ILE A 663 4.70 39.40 14.97
CA ILE A 663 6.16 39.34 15.03
C ILE A 663 6.72 39.64 13.64
N ARG A 664 6.01 39.16 12.62
CA ARG A 664 6.39 39.36 11.22
C ARG A 664 6.37 40.83 10.85
N ASP A 665 5.34 41.54 11.29
CA ASP A 665 5.21 42.96 11.02
C ASP A 665 6.38 43.67 11.68
N MET A 666 6.82 43.12 12.81
CA MET A 666 7.92 43.70 13.54
C MET A 666 9.24 43.51 12.86
N MET A 667 9.48 42.31 12.38
CA MET A 667 10.70 42.03 11.66
C MET A 667 10.86 42.94 10.46
N ARG A 668 9.78 43.07 9.69
CA ARG A 668 9.77 43.93 8.52
C ARG A 668 10.23 45.33 8.93
N TRP A 669 9.58 45.85 9.96
CA TRP A 669 9.90 47.18 10.49
C TRP A 669 11.36 47.28 10.91
N VAL A 670 11.88 46.25 11.54
CA VAL A 670 13.27 46.25 11.99
C VAL A 670 14.18 46.37 10.78
N LEU A 671 13.94 45.48 9.81
CA LEU A 671 14.70 45.42 8.57
C LEU A 671 14.58 46.62 7.65
N LEU A 672 13.61 47.49 7.91
CA LEU A 672 13.44 48.68 7.10
C LEU A 672 14.57 49.66 7.33
N PRO A 673 15.29 49.99 6.26
CA PRO A 673 16.43 50.91 6.22
C PRO A 673 15.94 52.34 6.12
N SER A 674 15.90 53.00 7.27
CA SER A 674 15.44 54.38 7.38
C SER A 674 15.63 54.63 8.85
N LEU A 675 16.65 55.40 9.19
CA LEU A 675 16.93 55.69 10.59
C LEU A 675 17.27 57.16 10.71
N GLN A 676 16.68 57.83 11.70
CA GLN A 676 17.00 59.23 11.90
C GLN A 676 18.11 59.23 12.93
N PRO A 677 19.33 59.63 12.51
CA PRO A 677 20.50 59.68 13.38
C PRO A 677 20.50 60.80 14.43
N SER A 678 20.94 60.45 15.62
CA SER A 678 21.06 61.38 16.74
C SER A 678 22.41 61.04 17.37
N LEU A 679 22.73 61.63 18.50
CA LEU A 679 23.99 61.27 19.15
C LEU A 679 23.81 59.85 19.66
N LYS A 680 22.70 59.63 20.36
CA LYS A 680 22.35 58.33 20.92
C LYS A 680 22.51 57.24 19.88
N LEU A 681 21.90 57.47 18.72
CA LEU A 681 21.90 56.53 17.60
C LEU A 681 23.29 56.04 17.22
N VAL A 682 24.13 56.93 16.70
CA VAL A 682 25.47 56.57 16.29
C VAL A 682 26.27 55.85 17.34
N LEU A 683 26.16 56.30 18.59
CA LEU A 683 26.88 55.68 19.69
C LEU A 683 26.46 54.24 19.94
N GLU A 684 25.16 54.01 20.05
CA GLU A 684 24.61 52.68 20.26
C GLU A 684 25.06 51.78 19.11
N GLU A 685 24.92 52.28 17.89
CA GLU A 685 25.29 51.56 16.68
C GLU A 685 26.74 51.10 16.75
N GLU A 686 27.62 52.00 17.20
CA GLU A 686 29.04 51.70 17.33
C GLU A 686 29.33 50.80 18.52
N ALA A 687 28.53 50.93 19.58
CA ALA A 687 28.71 50.11 20.78
C ALA A 687 28.51 48.67 20.34
N TRP A 688 27.38 48.44 19.67
CA TRP A 688 27.03 47.12 19.15
C TRP A 688 28.15 46.51 18.35
N ALA A 689 28.86 47.34 17.59
CA ALA A 689 29.98 46.90 16.77
C ALA A 689 31.06 46.30 17.65
N ALA A 690 31.65 47.13 18.50
CA ALA A 690 32.70 46.69 19.42
C ALA A 690 32.26 45.48 20.22
N ALA A 691 30.97 45.46 20.54
CA ALA A 691 30.35 44.41 21.31
C ALA A 691 30.04 43.11 20.56
N ASN A 692 30.69 42.90 19.42
CA ASN A 692 30.44 41.68 18.68
C ASN A 692 31.45 40.59 19.08
N ASP A 693 32.59 40.98 19.67
CA ASP A 693 33.59 39.98 20.04
C ASP A 693 33.12 38.96 21.07
N PHE A 694 32.33 39.40 22.05
CA PHE A 694 31.82 38.53 23.11
C PHE A 694 32.84 38.12 24.14
N GLU A 695 34.10 38.06 23.74
CA GLU A 695 35.15 37.80 24.70
C GLU A 695 35.20 39.17 25.36
N ASP A 696 34.90 40.19 24.55
CA ASP A 696 34.86 41.56 25.02
C ASP A 696 33.67 41.82 25.93
N LEU A 697 32.77 40.86 26.02
CA LEU A 697 31.62 41.00 26.91
C LEU A 697 31.89 40.25 28.21
N MET A 698 32.93 39.41 28.20
CA MET A 698 33.35 38.63 29.35
C MET A 698 32.52 37.39 29.62
N LEU A 699 32.30 36.62 28.56
CA LEU A 699 31.56 35.37 28.63
C LEU A 699 32.07 34.49 27.48
N THR A 700 32.80 33.44 27.84
CA THR A 700 33.38 32.54 26.84
C THR A 700 33.01 31.07 26.94
N ASP A 701 32.94 30.48 25.77
CA ASP A 701 32.61 29.09 25.54
C ASP A 701 33.67 28.14 26.12
N GLN A 702 34.92 28.62 26.13
CA GLN A 702 36.11 27.87 26.57
C GLN A 702 36.41 27.66 28.04
N VAL A 703 35.76 26.66 28.65
CA VAL A 703 36.01 26.36 30.05
C VAL A 703 36.18 24.85 30.16
N TYR A 704 37.37 24.43 30.59
CA TYR A 704 37.70 23.02 30.71
C TYR A 704 38.16 22.68 32.12
N MET A 705 38.25 21.38 32.40
CA MET A 705 38.74 20.92 33.69
C MET A 705 39.87 19.95 33.35
N HIS A 706 40.95 20.04 34.13
CA HIS A 706 42.12 19.22 33.90
C HIS A 706 43.03 19.22 35.12
N ARG A 707 43.36 18.02 35.58
CA ARG A 707 44.23 17.78 36.76
C ARG A 707 45.52 18.60 36.65
N ASP A 708 45.55 19.77 37.30
CA ASP A 708 46.74 20.62 37.22
C ASP A 708 47.44 21.02 38.50
N MET A 709 48.74 20.78 38.52
CA MET A 709 49.58 21.10 39.67
C MET A 709 49.77 22.58 39.86
N LEU A 710 49.83 22.97 41.12
CA LEU A 710 50.06 24.35 41.50
C LEU A 710 51.58 24.47 41.53
N PRO A 711 52.13 25.39 40.73
CA PRO A 711 53.56 25.63 40.63
C PRO A 711 54.26 25.84 41.96
N GLU A 712 55.10 24.87 42.32
CA GLU A 712 55.86 24.96 43.56
C GLU A 712 57.34 25.11 43.20
N PRO A 713 57.79 26.37 42.98
CA PRO A 713 59.15 26.77 42.61
C PRO A 713 60.23 26.67 43.69
N ARG A 714 61.47 26.53 43.21
CA ARG A 714 62.64 26.44 44.09
C ARG A 714 63.03 27.86 44.48
N LEU A 715 63.65 27.99 45.64
CA LEU A 715 64.05 29.30 46.14
C LEU A 715 65.50 29.37 46.57
N ASP A 716 66.42 29.29 45.63
CA ASP A 716 67.84 29.34 45.96
C ASP A 716 68.30 30.78 46.01
N ASP A 717 68.09 31.50 44.92
CA ASP A 717 68.47 32.91 44.85
C ASP A 717 67.17 33.67 45.10
N ILE A 718 66.90 33.97 46.36
CA ILE A 718 65.68 34.70 46.74
C ILE A 718 65.60 36.00 45.97
N GLU A 719 66.77 36.59 45.73
CA GLU A 719 66.82 37.83 44.99
C GLU A 719 66.32 37.67 43.58
N ARG A 720 66.50 36.48 43.02
CA ARG A 720 66.03 36.24 41.67
C ARG A 720 64.51 36.29 41.62
N PHE A 721 63.86 36.28 42.79
CA PHE A 721 62.42 36.39 42.77
C PHE A 721 61.90 37.80 42.55
N ARG A 722 62.78 38.60 41.92
CA ARG A 722 62.51 39.95 41.47
C ARG A 722 61.89 39.69 40.08
N GLN A 723 61.64 38.40 39.85
CA GLN A 723 61.02 37.85 38.67
C GLN A 723 59.58 38.26 38.82
N GLU A 724 58.73 37.78 37.93
CA GLU A 724 57.31 38.09 38.02
C GLU A 724 56.56 37.35 39.12
N GLY A 725 57.32 37.01 40.17
CA GLY A 725 56.76 36.29 41.30
C GLY A 725 55.81 35.21 40.84
N PHE A 726 56.26 34.38 39.89
CA PHE A 726 55.50 33.26 39.33
C PHE A 726 53.98 33.40 39.49
N TYR A 727 53.40 34.39 38.81
CA TYR A 727 51.96 34.62 38.97
C TYR A 727 50.95 33.47 38.78
N TYR A 728 51.15 32.57 37.82
CA TYR A 728 50.21 31.45 37.57
C TYR A 728 48.73 31.86 37.35
N THR A 729 48.07 31.19 36.41
CA THR A 729 46.67 31.51 36.11
C THR A 729 45.95 30.36 35.44
N ASN A 730 44.62 30.46 35.38
CA ASN A 730 43.80 29.46 34.70
C ASN A 730 43.91 29.80 33.23
N MET A 731 43.96 31.11 32.97
CA MET A 731 44.07 31.66 31.62
C MET A 731 45.07 30.90 30.78
N LEU A 732 44.53 30.12 29.85
CA LEU A 732 45.30 29.33 28.92
C LEU A 732 45.78 30.26 27.84
N GLU A 733 47.04 30.15 27.47
CA GLU A 733 47.60 30.99 26.41
C GLU A 733 46.87 30.65 25.12
N ALA A 734 46.45 29.38 25.04
CA ALA A 734 45.71 28.83 23.91
C ALA A 734 45.00 27.55 24.37
N PRO A 735 43.85 27.21 23.76
CA PRO A 735 43.04 26.03 24.06
C PRO A 735 43.76 24.71 23.77
N PRO A 736 43.19 23.58 24.22
CA PRO A 736 43.78 22.25 24.02
C PRO A 736 43.63 21.69 22.61
N GLU A 737 44.38 20.61 22.34
CA GLU A 737 44.29 19.92 21.06
C GLU A 737 42.96 19.20 21.14
N ILE A 738 42.11 19.42 20.14
CA ILE A 738 40.77 18.83 20.15
C ILE A 738 40.72 17.31 20.36
N ASP A 739 41.70 16.60 19.81
CA ASP A 739 41.75 15.14 19.95
C ASP A 739 42.09 14.71 21.39
N ARG A 740 42.41 15.68 22.23
CA ARG A 740 42.74 15.42 23.62
C ARG A 740 41.57 15.80 24.55
N VAL A 741 40.58 16.51 24.00
CA VAL A 741 39.42 16.93 24.76
C VAL A 741 38.23 15.97 24.65
N VAL A 742 37.41 15.93 25.69
CA VAL A 742 36.23 15.08 25.74
C VAL A 742 34.99 15.92 25.92
N GLN A 743 34.24 16.09 24.83
CA GLN A 743 33.02 16.88 24.85
C GLN A 743 31.85 16.20 25.53
N TYR A 744 31.34 16.83 26.58
CA TYR A 744 30.22 16.28 27.34
C TYR A 744 28.91 17.01 27.13
N THR A 745 27.85 16.23 26.94
CA THR A 745 26.50 16.76 26.79
C THR A 745 25.86 16.21 28.05
N TYR A 746 24.80 16.87 28.50
CA TYR A 746 24.07 16.39 29.67
C TYR A 746 23.71 14.95 29.33
N GLU A 747 23.18 14.78 28.13
CA GLU A 747 22.72 13.50 27.60
C GLU A 747 23.64 12.33 27.87
N ILE A 748 24.93 12.52 27.64
CA ILE A 748 25.90 11.44 27.86
C ILE A 748 26.13 11.22 29.35
N ALA A 749 26.36 12.31 30.06
CA ALA A 749 26.57 12.26 31.50
C ALA A 749 25.42 11.50 32.18
N ARG A 750 24.21 11.68 31.66
CA ARG A 750 23.02 11.00 32.18
C ARG A 750 23.32 9.52 32.12
N LEU A 751 23.48 9.03 30.89
CA LEU A 751 23.76 7.63 30.62
C LEU A 751 24.83 7.02 31.49
N GLN A 752 25.96 7.71 31.59
CA GLN A 752 27.08 7.25 32.40
C GLN A 752 26.71 7.11 33.85
N ALA A 753 26.00 8.11 34.37
CA ALA A 753 25.57 8.08 35.74
C ALA A 753 24.49 7.02 35.91
N ASN A 754 23.78 6.70 34.83
CA ASN A 754 22.73 5.70 34.85
C ASN A 754 23.33 4.31 35.03
N MET A 755 24.60 4.18 34.69
CA MET A 755 25.30 2.92 34.84
C MET A 755 26.27 2.99 36.00
N GLY A 756 26.21 4.07 36.79
CA GLY A 756 27.12 4.25 37.90
C GLY A 756 28.55 4.21 37.37
N GLN A 757 28.73 4.90 36.26
CA GLN A 757 30.01 4.97 35.57
C GLN A 757 30.49 6.41 35.47
N PHE A 758 29.60 7.35 35.77
CA PHE A 758 29.95 8.75 35.64
C PHE A 758 31.25 9.16 36.31
N ARG A 759 31.31 9.03 37.63
CA ARG A 759 32.50 9.40 38.40
C ARG A 759 33.73 8.71 37.83
N ALA A 760 33.63 7.38 37.69
CA ALA A 760 34.70 6.57 37.15
C ALA A 760 35.27 7.12 35.86
N ALA A 761 34.39 7.42 34.90
CA ALA A 761 34.77 7.94 33.60
C ALA A 761 35.62 9.19 33.75
N LEU A 762 35.09 10.16 34.48
CA LEU A 762 35.78 11.42 34.72
C LEU A 762 37.18 11.18 35.28
N ARG A 763 37.26 10.34 36.32
CA ARG A 763 38.52 10.01 36.97
C ARG A 763 39.55 9.55 35.95
N ARG A 764 39.17 8.57 35.16
CA ARG A 764 40.06 8.02 34.14
C ARG A 764 40.55 9.09 33.17
N ILE A 765 39.63 9.94 32.69
CA ILE A 765 39.99 11.01 31.75
C ILE A 765 41.00 11.95 32.36
N MET A 766 40.77 12.29 33.63
CA MET A 766 41.67 13.18 34.35
C MET A 766 43.03 12.52 34.51
N ASP A 767 43.02 11.24 34.89
CA ASP A 767 44.23 10.44 35.10
C ASP A 767 45.01 10.33 33.79
N ASP A 768 44.30 10.47 32.67
CA ASP A 768 44.91 10.40 31.36
C ASP A 768 45.49 11.74 30.92
N ASP A 769 45.40 12.75 31.79
CA ASP A 769 45.90 14.09 31.50
C ASP A 769 44.94 14.82 30.55
N ASP A 770 44.20 14.04 29.76
CA ASP A 770 43.22 14.57 28.82
C ASP A 770 42.25 15.55 29.50
N TRP A 771 41.74 16.49 28.73
CA TRP A 771 40.82 17.51 29.23
C TRP A 771 39.39 17.20 28.90
N VAL A 772 38.47 17.68 29.74
CA VAL A 772 37.05 17.50 29.48
C VAL A 772 36.41 18.88 29.52
N ARG A 773 35.34 19.03 28.76
CA ARG A 773 34.65 20.29 28.69
C ARG A 773 33.16 20.04 28.54
N PHE A 774 32.46 20.38 29.62
CA PHE A 774 31.03 20.23 29.69
C PHE A 774 30.33 21.33 28.92
N GLY A 775 29.13 21.00 28.46
CA GLY A 775 28.28 21.93 27.73
C GLY A 775 28.72 22.53 26.42
N GLY A 776 28.51 23.84 26.34
CA GLY A 776 28.81 24.65 25.18
C GLY A 776 28.01 25.91 25.39
N VAL A 777 27.68 26.14 26.65
CA VAL A 777 26.92 27.30 27.10
C VAL A 777 27.94 28.40 27.33
N LEU A 778 27.49 29.65 27.33
CA LEU A 778 28.41 30.77 27.51
C LEU A 778 29.16 30.92 28.84
N ARG A 779 28.42 31.01 29.95
CA ARG A 779 29.03 31.15 31.28
C ARG A 779 29.73 32.50 31.51
N THR A 780 29.34 33.17 32.60
CA THR A 780 29.91 34.46 32.95
C THR A 780 31.29 34.24 33.53
N VAL A 781 32.19 35.16 33.21
CA VAL A 781 33.55 35.06 33.69
C VAL A 781 33.82 36.04 34.81
N ARG A 782 34.44 35.54 35.87
CA ARG A 782 34.78 36.34 37.05
C ARG A 782 36.30 36.42 37.11
N VAL A 783 36.81 37.50 37.68
CA VAL A 783 38.26 37.66 37.77
C VAL A 783 38.71 38.08 39.16
N LYS A 784 39.54 37.24 39.78
CA LYS A 784 40.04 37.52 41.12
C LYS A 784 41.55 37.40 41.21
N PHE A 785 42.12 38.16 42.16
CA PHE A 785 43.54 38.15 42.40
C PHE A 785 43.80 37.63 43.80
N PHE A 786 44.91 36.91 43.98
CA PHE A 786 45.24 36.35 45.28
C PHE A 786 46.66 36.63 45.72
N ASP A 787 46.83 36.78 47.03
CA ASP A 787 48.13 37.04 47.60
C ASP A 787 48.76 35.74 48.06
N ALA A 788 47.90 34.76 48.29
CA ALA A 788 48.34 33.44 48.74
C ALA A 788 47.26 32.40 48.45
N ARG A 789 47.65 31.14 48.65
CA ARG A 789 46.80 29.96 48.45
C ARG A 789 45.30 30.25 48.57
N PRO A 790 44.60 30.31 47.43
CA PRO A 790 43.16 30.58 47.34
C PRO A 790 42.30 29.50 48.00
N PRO A 791 40.98 29.77 48.11
CA PRO A 791 40.03 28.84 48.71
C PRO A 791 39.87 27.59 47.85
N ASP A 792 39.62 26.46 48.50
CA ASP A 792 39.43 25.20 47.79
C ASP A 792 38.28 25.29 46.79
N ASP A 793 37.39 26.25 47.03
CA ASP A 793 36.24 26.48 46.15
C ASP A 793 36.71 26.91 44.78
N ILE A 794 37.78 27.70 44.76
CA ILE A 794 38.33 28.21 43.53
C ILE A 794 39.26 27.20 42.85
N LEU A 795 40.13 26.58 43.64
CA LEU A 795 41.09 25.61 43.15
C LEU A 795 40.40 24.35 42.63
N GLN A 796 39.72 23.66 43.53
CA GLN A 796 39.04 22.41 43.21
C GLN A 796 37.55 22.56 42.94
N GLY A 797 37.13 23.75 42.54
CA GLY A 797 35.74 23.97 42.23
C GLY A 797 35.43 23.32 40.90
N LEU A 798 34.51 22.36 40.93
CA LEU A 798 34.12 21.62 39.72
C LEU A 798 33.01 22.34 38.98
N PRO A 799 33.11 22.43 37.64
CA PRO A 799 32.11 23.11 36.80
C PRO A 799 30.80 22.32 36.58
N PHE A 800 30.45 21.49 37.56
CA PHE A 800 29.24 20.69 37.47
C PHE A 800 28.80 20.17 38.84
N SER A 801 27.57 19.66 38.88
CA SER A 801 26.98 19.14 40.09
C SER A 801 26.38 17.77 39.78
N TYR A 802 26.59 16.81 40.68
CA TYR A 802 26.05 15.47 40.50
C TYR A 802 25.59 14.92 41.84
N ASP A 803 24.27 14.70 41.94
CA ASP A 803 23.66 14.17 43.15
C ASP A 803 22.77 12.96 42.90
N THR A 804 22.66 12.11 43.91
CA THR A 804 21.86 10.91 43.84
C THR A 804 20.90 10.86 45.02
N ASN A 805 19.61 10.75 44.72
CA ASN A 805 18.57 10.70 45.73
C ASN A 805 17.71 9.48 45.62
N GLU A 806 17.57 8.72 46.70
CA GLU A 806 16.72 7.55 46.62
C GLU A 806 15.30 7.90 47.07
N LYS A 807 14.35 7.65 46.18
CA LYS A 807 12.93 7.90 46.47
C LYS A 807 12.25 6.59 46.13
N GLY A 808 11.20 6.26 46.90
CA GLY A 808 10.50 5.00 46.68
C GLY A 808 11.57 3.93 46.74
N GLY A 809 11.86 3.32 45.60
CA GLY A 809 12.91 2.33 45.52
C GLY A 809 13.86 2.89 44.48
N LEU A 810 13.24 3.34 43.40
CA LEU A 810 13.85 3.93 42.21
C LEU A 810 15.24 4.57 42.20
N SER A 811 15.44 5.63 42.99
CA SER A 811 16.74 6.34 43.01
C SER A 811 16.90 7.20 41.75
N TYR A 812 16.87 8.51 41.93
CA TYR A 812 16.99 9.44 40.83
C TYR A 812 18.31 10.18 40.96
N ALA A 813 18.68 10.90 39.92
CA ALA A 813 19.93 11.66 39.94
C ALA A 813 19.74 13.02 39.29
N THR A 814 20.62 13.94 39.64
CA THR A 814 20.54 15.30 39.13
C THR A 814 21.92 15.81 38.74
N ILE A 815 22.03 16.28 37.49
CA ILE A 815 23.30 16.79 36.98
C ILE A 815 23.15 18.20 36.43
N LYS A 816 23.89 19.14 37.01
CA LYS A 816 23.87 20.53 36.59
C LYS A 816 25.24 21.02 36.19
N TYR A 817 25.27 21.87 35.16
CA TYR A 817 26.53 22.44 34.69
C TYR A 817 26.62 23.88 35.18
N ALA A 818 27.80 24.28 35.65
CA ALA A 818 28.03 25.62 36.17
C ALA A 818 27.84 26.74 35.13
N THR A 819 27.60 27.94 35.62
CA THR A 819 27.40 29.11 34.76
C THR A 819 28.48 30.15 35.06
N GLU A 820 29.00 30.09 36.28
CA GLU A 820 30.03 31.03 36.68
C GLU A 820 31.40 30.37 36.56
N THR A 821 32.38 31.14 36.12
CA THR A 821 33.73 30.62 35.98
C THR A 821 34.70 31.68 36.43
N THR A 822 35.62 31.29 37.30
CA THR A 822 36.58 32.26 37.80
C THR A 822 37.99 32.10 37.27
N ILE A 823 38.53 33.19 36.75
CA ILE A 823 39.90 33.23 36.25
C ILE A 823 40.60 33.92 37.40
N PHE A 824 41.78 33.45 37.75
CA PHE A 824 42.47 34.08 38.84
C PHE A 824 43.96 34.19 38.59
N TYR A 825 44.59 35.04 39.36
CA TYR A 825 46.00 35.27 39.25
C TYR A 825 46.55 35.15 40.66
N LEU A 826 47.29 34.09 40.91
CA LEU A 826 47.87 33.86 42.22
C LEU A 826 49.30 34.33 42.32
N ILE A 827 49.50 35.54 42.81
CA ILE A 827 50.84 36.09 42.95
C ILE A 827 51.58 35.44 44.09
N TYR A 828 52.81 34.98 43.80
CA TYR A 828 53.64 34.35 44.81
C TYR A 828 54.46 35.36 45.60
N ASN A 829 54.16 35.43 46.89
CA ASN A 829 54.87 36.33 47.79
C ASN A 829 55.76 35.52 48.73
N VAL A 830 57.04 35.89 48.77
CA VAL A 830 58.02 35.19 49.59
C VAL A 830 58.87 36.10 50.46
N GLU A 831 59.61 35.49 51.39
CA GLU A 831 60.49 36.22 52.29
C GLU A 831 61.86 35.59 52.48
N PHE A 832 62.75 36.32 53.14
CA PHE A 832 64.12 35.88 53.36
C PHE A 832 64.34 34.67 54.26
N SER A 833 63.41 34.46 55.18
CA SER A 833 63.49 33.33 56.09
C SER A 833 63.15 32.03 55.37
N ASN A 834 62.73 32.14 54.11
CA ASN A 834 62.34 30.99 53.31
C ASN A 834 63.50 30.12 52.80
N THR A 835 63.24 28.82 52.78
CA THR A 835 64.20 27.83 52.33
C THR A 835 63.86 27.45 50.90
N PRO A 836 64.87 27.08 50.09
CA PRO A 836 64.57 26.68 48.71
C PRO A 836 63.46 25.61 48.72
N ASP A 837 63.52 24.78 49.76
CA ASP A 837 62.59 23.71 50.03
C ASP A 837 61.17 24.17 50.29
N SER A 838 61.03 25.10 51.25
CA SER A 838 59.75 25.66 51.70
C SER A 838 58.54 25.63 50.75
N LEU A 839 58.74 25.95 49.49
CA LEU A 839 57.62 25.95 48.56
C LEU A 839 57.21 24.61 47.94
N VAL A 840 58.00 23.57 48.19
CA VAL A 840 57.72 22.25 47.65
C VAL A 840 57.08 21.37 48.71
N LEU A 841 56.09 20.60 48.27
CA LEU A 841 55.39 19.70 49.15
C LEU A 841 55.32 18.31 48.51
N ILE A 842 55.53 17.29 49.35
CA ILE A 842 55.50 15.88 48.98
C ILE A 842 54.45 15.59 47.91
N ASN A 843 53.25 16.09 48.14
CA ASN A 843 52.17 15.91 47.19
C ASN A 843 51.73 17.24 46.66
N PRO A 844 51.40 17.28 45.36
CA PRO A 844 50.96 18.50 44.68
C PRO A 844 49.62 19.03 45.16
N THR A 845 49.32 20.25 44.74
CA THR A 845 48.06 20.90 45.07
C THR A 845 47.40 21.04 43.68
N TYR A 846 46.17 20.57 43.54
CA TYR A 846 45.51 20.61 42.24
C TYR A 846 44.53 21.74 41.93
N THR A 847 44.52 22.13 40.65
CA THR A 847 43.63 23.16 40.11
C THR A 847 42.97 22.58 38.89
N MET A 848 41.66 22.57 38.90
CA MET A 848 40.91 22.00 37.81
C MET A 848 40.39 22.89 36.72
N THR A 849 39.92 24.07 37.08
CA THR A 849 39.36 24.94 36.08
C THR A 849 40.41 25.76 35.34
N LYS A 850 40.28 25.76 34.01
CA LYS A 850 41.18 26.49 33.12
C LYS A 850 40.26 27.12 32.06
N VAL A 851 40.49 28.40 31.79
CA VAL A 851 39.70 29.16 30.83
C VAL A 851 40.57 29.75 29.73
N PHE A 852 39.94 30.12 28.63
CA PHE A 852 40.68 30.70 27.52
C PHE A 852 39.96 31.87 26.86
N ILE A 853 40.70 32.97 26.71
CA ILE A 853 40.22 34.20 26.07
C ILE A 853 41.40 34.87 25.36
N ASN A 854 41.32 34.98 24.03
CA ASN A 854 42.39 35.63 23.29
C ASN A 854 42.22 37.15 23.37
N LYS A 855 42.22 37.64 24.60
CA LYS A 855 42.09 39.06 24.86
C LYS A 855 43.03 39.28 26.03
N ARG A 856 44.11 40.00 25.75
CA ARG A 856 45.13 40.30 26.77
C ARG A 856 44.63 41.20 27.90
N ILE A 857 44.27 40.58 29.02
CA ILE A 857 43.77 41.31 30.17
C ILE A 857 44.94 41.67 31.08
N VAL A 858 45.43 40.66 31.78
CA VAL A 858 46.55 40.83 32.68
C VAL A 858 47.78 40.30 31.97
N GLU A 859 48.89 41.03 32.03
CA GLU A 859 50.12 40.58 31.37
C GLU A 859 51.42 41.04 32.04
N ARG A 860 52.45 40.20 31.89
CA ARG A 860 53.79 40.50 32.43
C ARG A 860 54.29 41.73 31.70
N VAL A 861 54.69 42.74 32.47
CA VAL A 861 55.20 43.97 31.89
C VAL A 861 56.58 44.26 32.45
N ARG A 862 57.37 45.03 31.71
CA ARG A 862 58.69 45.37 32.17
C ARG A 862 58.58 46.47 33.21
N VAL A 863 58.81 47.71 32.77
CA VAL A 863 58.74 48.90 33.63
C VAL A 863 58.74 49.98 32.61
N GLY A 864 59.77 49.95 31.77
CA GLY A 864 59.89 50.92 30.70
C GLY A 864 58.81 50.56 29.69
N GLN A 865 58.27 49.37 29.87
CA GLN A 865 57.23 48.82 29.03
C GLN A 865 55.84 49.35 29.43
N ILE A 866 55.76 50.08 30.54
CA ILE A 866 54.50 50.63 31.03
C ILE A 866 53.87 51.62 30.07
N LEU A 867 54.60 52.69 29.79
CA LEU A 867 54.13 53.73 28.89
C LEU A 867 53.72 53.24 27.51
N ALA A 868 54.19 52.04 27.16
CA ALA A 868 53.87 51.42 25.88
C ALA A 868 52.43 51.70 25.41
N VAL A 869 51.47 51.32 26.23
CA VAL A 869 50.04 51.49 25.96
C VAL A 869 49.50 52.82 25.39
N LEU A 870 50.32 53.88 25.40
CA LEU A 870 49.93 55.20 24.89
C LEU A 870 49.33 55.27 23.49
N ASN A 871 49.39 54.16 22.78
CA ASN A 871 48.89 54.06 21.41
C ASN A 871 47.40 54.32 21.19
N ARG A 872 47.00 55.59 21.27
CA ARG A 872 45.61 56.07 21.08
C ARG A 872 45.66 57.60 20.96
N ARG A 873 45.11 58.16 19.90
CA ARG A 873 45.11 59.62 19.72
C ARG A 873 43.98 60.22 20.55
N PHE A 874 44.18 61.46 21.00
CA PHE A 874 43.16 62.11 21.81
C PHE A 874 42.97 63.57 21.46
N VAL A 875 41.71 63.98 21.46
CA VAL A 875 41.36 65.37 21.14
C VAL A 875 40.74 66.03 22.37
N ALA A 876 41.28 67.19 22.73
CA ALA A 876 40.81 67.90 23.90
C ALA A 876 40.69 69.37 23.60
N TYR A 877 39.52 69.93 23.89
CA TYR A 877 39.26 71.32 23.63
C TYR A 877 39.96 72.23 24.63
N LYS A 878 40.38 73.38 24.13
CA LYS A 878 41.08 74.37 24.95
C LYS A 878 40.18 74.83 26.10
N GLY A 879 40.75 74.96 27.30
CA GLY A 879 39.98 75.39 28.45
C GLY A 879 39.37 76.77 28.32
N LYS A 880 40.03 77.61 27.52
CA LYS A 880 39.59 78.97 27.30
C LYS A 880 38.41 79.06 26.32
N MET A 881 38.13 77.97 25.62
CA MET A 881 37.03 77.94 24.66
C MET A 881 35.83 77.34 25.36
N ARG A 882 34.62 77.74 24.95
CA ARG A 882 33.41 77.24 25.58
C ARG A 882 32.68 76.17 24.80
N ILE A 883 32.07 75.24 25.51
CA ILE A 883 31.31 74.16 24.91
C ILE A 883 29.90 74.20 25.46
N MET A 884 28.91 73.98 24.60
CA MET A 884 27.52 73.98 25.06
C MET A 884 26.51 73.34 24.10
N ASP A 885 25.70 72.43 24.64
CA ASP A 885 24.68 71.79 23.83
C ASP A 885 23.53 72.77 23.69
N ILE A 886 23.15 73.01 22.44
CA ILE A 886 22.06 73.93 22.14
C ILE A 886 20.93 73.08 21.56
N THR A 887 20.91 71.82 21.97
CA THR A 887 19.91 70.86 21.54
C THR A 887 18.54 71.40 21.96
N GLN A 888 18.55 72.10 23.08
CA GLN A 888 17.34 72.68 23.65
C GLN A 888 16.90 73.95 22.93
N SER A 889 17.78 74.47 22.08
CA SER A 889 17.51 75.69 21.35
C SER A 889 16.44 75.53 20.29
N LEU A 890 16.24 74.30 19.86
CA LEU A 890 15.28 73.98 18.82
C LEU A 890 13.79 74.18 19.17
N LYS A 891 13.53 74.45 20.45
CA LYS A 891 12.15 74.68 20.91
C LYS A 891 11.92 76.18 21.11
N MET A 892 12.97 76.98 20.92
CA MET A 892 12.89 78.43 21.08
C MET A 892 12.41 79.13 19.82
N GLY A 893 11.17 79.59 19.87
CA GLY A 893 10.56 80.29 18.77
C GLY A 893 9.26 80.90 19.24
N THR A 894 8.41 81.31 18.29
CA THR A 894 7.10 81.89 18.64
C THR A 894 6.07 81.74 17.55
N LYS A 895 4.88 81.34 17.98
CA LYS A 895 3.76 81.13 17.09
C LYS A 895 3.35 82.51 16.61
N LEU A 896 3.44 82.72 15.29
CA LEU A 896 3.06 84.01 14.74
C LEU A 896 1.54 84.14 14.63
N ALA A 897 1.01 85.12 15.36
CA ALA A 897 -0.42 85.40 15.45
C ALA A 897 -1.15 85.68 14.13
N ALA A 898 -2.48 85.73 14.24
CA ALA A 898 -3.35 85.99 13.09
C ALA A 898 -3.78 87.46 13.21
N PRO A 899 -4.11 88.11 12.08
CA PRO A 899 -4.54 89.51 12.11
C PRO A 899 -5.87 89.78 12.83
N THR A 900 -6.71 88.75 12.97
CA THR A 900 -8.03 88.86 13.61
C THR A 900 -8.85 89.81 12.74
N VAL A 901 -10.13 90.01 13.06
CA VAL A 901 -10.93 90.95 12.28
C VAL A 901 -10.74 92.36 12.84
N GLN B 7 8.84 30.74 31.28
CA GLN B 7 7.78 30.68 32.33
C GLN B 7 6.43 30.69 31.63
N ARG B 8 6.25 31.68 30.77
CA ARG B 8 5.02 31.85 29.99
C ARG B 8 5.43 31.70 28.52
N PRO B 9 5.45 30.46 27.99
CA PRO B 9 5.83 30.11 26.61
C PRO B 9 5.23 30.91 25.43
N GLU B 10 3.92 30.81 25.28
CA GLU B 10 3.18 31.49 24.21
C GLU B 10 2.30 32.58 24.82
N ARG B 11 2.15 32.54 26.14
CA ARG B 11 1.35 33.53 26.88
C ARG B 11 1.95 34.94 26.74
N ILE B 12 3.18 34.99 26.24
CA ILE B 12 3.91 36.24 26.03
C ILE B 12 3.08 37.24 25.23
N LYS B 13 2.62 38.30 25.89
CA LYS B 13 1.84 39.32 25.19
C LYS B 13 2.70 40.50 24.74
N THR B 14 3.01 40.42 23.46
CA THR B 14 3.82 41.34 22.69
C THR B 14 3.27 42.77 22.57
N THR B 15 2.00 42.84 22.20
CA THR B 15 1.29 44.09 21.96
C THR B 15 0.08 44.19 22.88
N PRO B 16 -0.33 45.43 23.23
CA PRO B 16 -1.48 45.63 24.12
C PRO B 16 -2.80 45.06 23.57
N TYR B 17 -2.91 44.95 22.25
CA TYR B 17 -4.11 44.43 21.55
C TYR B 17 -4.73 43.17 22.16
N LEU B 18 -3.90 42.33 22.77
CA LEU B 18 -4.38 41.08 23.36
C LEU B 18 -4.70 41.25 24.84
N GLU B 19 -4.02 42.21 25.47
CA GLU B 19 -4.20 42.51 26.89
C GLU B 19 -5.53 43.20 27.17
N GLY B 20 -6.56 42.42 27.45
CA GLY B 20 -7.85 42.98 27.76
C GLY B 20 -8.16 42.76 29.23
N ASP B 21 -9.43 42.97 29.60
CA ASP B 21 -9.83 42.78 30.97
C ASP B 21 -10.12 41.31 31.28
N VAL B 22 -10.36 41.05 32.56
CA VAL B 22 -10.68 39.71 33.03
C VAL B 22 -12.18 39.63 33.25
N LEU B 23 -12.81 38.59 32.74
CA LEU B 23 -14.24 38.42 32.91
C LEU B 23 -14.46 37.43 34.03
N SER B 24 -14.36 36.14 33.72
CA SER B 24 -14.51 35.10 34.72
C SER B 24 -13.36 34.13 34.53
N SER B 25 -13.48 32.96 35.13
CA SER B 25 -12.45 31.93 35.05
C SER B 25 -13.05 30.56 35.37
N ASP B 26 -12.56 29.52 34.69
CA ASP B 26 -13.03 28.15 34.92
C ASP B 26 -11.90 27.16 35.11
N SER B 27 -12.25 25.97 35.60
CA SER B 27 -11.27 24.92 35.84
C SER B 27 -11.85 23.56 35.48
N GLY B 28 -11.01 22.54 35.59
CA GLY B 28 -11.46 21.20 35.29
C GLY B 28 -12.66 20.79 36.13
N PRO B 29 -12.47 20.65 37.46
CA PRO B 29 -13.54 20.26 38.40
C PRO B 29 -14.73 21.21 38.37
N LEU B 30 -14.49 22.43 37.93
CA LEU B 30 -15.53 23.44 37.84
C LEU B 30 -16.55 23.07 36.78
N LEU B 31 -16.03 22.92 35.56
CA LEU B 31 -16.84 22.61 34.41
C LEU B 31 -17.42 21.21 34.43
N SER B 32 -16.61 20.24 34.84
CA SER B 32 -17.04 18.85 34.92
C SER B 32 -18.34 18.72 35.70
N VAL B 33 -18.46 19.46 36.80
CA VAL B 33 -19.65 19.45 37.62
C VAL B 33 -20.77 20.15 36.89
N PHE B 34 -20.49 21.39 36.50
CA PHE B 34 -21.43 22.23 35.76
C PHE B 34 -22.10 21.43 34.63
N ALA B 35 -21.28 20.71 33.86
CA ALA B 35 -21.73 19.89 32.75
C ALA B 35 -22.86 18.98 33.21
N LEU B 36 -22.52 18.08 34.14
CA LEU B 36 -23.50 17.15 34.68
C LEU B 36 -24.75 17.86 35.10
N GLN B 37 -24.59 18.85 35.98
CA GLN B 37 -25.68 19.67 36.49
C GLN B 37 -26.66 20.02 35.40
N GLU B 38 -26.14 20.70 34.38
CA GLU B 38 -26.94 21.15 33.26
C GLU B 38 -27.72 20.02 32.60
N ILE B 39 -27.08 18.88 32.41
CA ILE B 39 -27.72 17.72 31.80
C ILE B 39 -28.83 17.15 32.67
N MET B 40 -28.63 17.21 33.98
CA MET B 40 -29.62 16.69 34.93
C MET B 40 -30.82 17.61 35.04
N GLN B 41 -30.58 18.93 35.00
CA GLN B 41 -31.68 19.88 35.08
C GLN B 41 -32.53 19.61 33.86
N LYS B 42 -31.86 19.53 32.71
CA LYS B 42 -32.50 19.26 31.43
C LYS B 42 -33.61 18.24 31.60
N VAL B 43 -33.25 17.02 32.00
CA VAL B 43 -34.22 15.96 32.18
C VAL B 43 -35.34 16.20 33.18
N ARG B 44 -35.01 16.61 34.41
CA ARG B 44 -36.06 16.87 35.38
C ARG B 44 -37.04 17.85 34.76
N GLN B 45 -36.51 18.99 34.34
CA GLN B 45 -37.30 20.04 33.72
C GLN B 45 -38.21 19.58 32.60
N VAL B 46 -37.90 18.46 31.93
CA VAL B 46 -38.78 17.97 30.87
C VAL B 46 -39.73 16.95 31.43
N GLN B 47 -39.20 15.91 32.06
CA GLN B 47 -40.00 14.85 32.64
C GLN B 47 -40.99 15.36 33.67
N ALA B 48 -40.48 16.18 34.59
CA ALA B 48 -41.31 16.79 35.61
C ALA B 48 -42.31 17.75 34.95
N ASP B 49 -41.92 18.29 33.80
CA ASP B 49 -42.74 19.24 33.05
C ASP B 49 -43.89 18.63 32.23
N TYR B 50 -43.61 17.53 31.54
CA TYR B 50 -44.61 16.86 30.70
C TYR B 50 -45.09 15.53 31.27
N MET B 51 -46.00 14.91 30.54
CA MET B 51 -46.52 13.62 30.95
C MET B 51 -45.40 12.62 30.78
N THR B 52 -44.89 12.09 31.89
CA THR B 52 -43.80 11.13 31.81
C THR B 52 -44.13 9.78 32.42
N ALA B 53 -43.58 8.74 31.79
CA ALA B 53 -43.82 7.36 32.23
C ALA B 53 -42.58 6.48 32.20
N THR B 54 -41.89 6.39 33.33
CA THR B 54 -40.71 5.54 33.47
C THR B 54 -40.28 5.35 34.91
N ARG B 55 -39.52 4.29 35.14
CA ARG B 55 -38.98 3.97 36.46
C ARG B 55 -38.30 5.22 37.02
N GLU B 56 -38.48 5.46 38.31
CA GLU B 56 -37.91 6.65 38.93
C GLU B 56 -36.40 6.60 39.15
N VAL B 57 -35.73 7.66 38.71
CA VAL B 57 -34.29 7.78 38.84
C VAL B 57 -33.98 9.12 39.50
N ASP B 58 -32.99 9.14 40.36
CA ASP B 58 -32.61 10.36 41.05
C ASP B 58 -31.38 10.97 40.43
N PHE B 59 -31.59 11.84 39.45
CA PHE B 59 -30.51 12.50 38.72
C PHE B 59 -29.71 13.43 39.61
N THR B 60 -28.78 12.82 40.34
CA THR B 60 -27.93 13.53 41.27
C THR B 60 -26.59 13.85 40.64
N VAL B 61 -26.02 14.98 41.05
CA VAL B 61 -24.72 15.38 40.55
C VAL B 61 -23.76 14.96 41.66
N PRO B 62 -22.99 13.90 41.44
CA PRO B 62 -22.03 13.36 42.40
C PRO B 62 -20.77 14.22 42.53
N ASP B 63 -19.95 13.95 43.54
CA ASP B 63 -18.72 14.74 43.72
C ASP B 63 -17.60 14.16 42.87
N VAL B 64 -17.22 14.92 41.85
CA VAL B 64 -16.18 14.51 40.91
C VAL B 64 -14.82 14.44 41.58
N GLN B 65 -14.49 15.45 42.36
CA GLN B 65 -13.20 15.43 43.03
C GLN B 65 -13.06 14.22 43.93
N GLN B 66 -13.94 14.11 44.90
CA GLN B 66 -13.89 13.00 45.84
C GLN B 66 -13.92 11.64 45.20
N ILE B 67 -14.56 11.51 44.04
CA ILE B 67 -14.59 10.21 43.38
C ILE B 67 -13.21 9.96 42.79
N LEU B 68 -12.67 10.98 42.15
CA LEU B 68 -11.35 10.92 41.55
C LEU B 68 -10.31 10.58 42.62
N ASP B 69 -10.31 11.38 43.69
CA ASP B 69 -9.39 11.20 44.82
C ASP B 69 -9.47 9.80 45.41
N ASP B 70 -10.63 9.17 45.31
CA ASP B 70 -10.82 7.82 45.83
C ASP B 70 -10.14 6.80 44.93
N ILE B 71 -10.14 7.07 43.63
CA ILE B 71 -9.51 6.19 42.66
C ILE B 71 -8.01 6.28 42.78
N LYS B 72 -7.50 7.48 43.01
CA LYS B 72 -6.07 7.69 43.18
C LYS B 72 -5.62 6.94 44.42
N ALA B 73 -6.58 6.72 45.31
CA ALA B 73 -6.33 6.02 46.56
C ALA B 73 -6.20 4.52 46.34
N LEU B 74 -6.64 4.05 45.18
CA LEU B 74 -6.58 2.63 44.89
C LEU B 74 -5.18 2.11 44.60
N ALA B 75 -4.36 2.94 43.96
CA ALA B 75 -2.99 2.57 43.64
C ALA B 75 -2.28 2.00 44.86
N ALA B 76 -2.67 2.52 46.03
CA ALA B 76 -2.10 2.08 47.30
C ALA B 76 -2.45 0.63 47.66
N GLU B 77 -3.75 0.32 47.67
CA GLU B 77 -4.23 -1.02 48.03
C GLU B 77 -3.49 -2.12 47.26
N GLN B 78 -2.69 -2.90 47.98
CA GLN B 78 -1.91 -3.99 47.38
C GLN B 78 -2.62 -5.31 47.61
N VAL B 79 -2.45 -6.22 46.65
CA VAL B 79 -3.06 -7.54 46.70
C VAL B 79 -2.23 -8.58 47.45
N TYR B 80 -0.92 -8.49 47.28
CA TYR B 80 0.01 -9.39 47.94
C TYR B 80 0.10 -9.10 49.42
N LYS B 81 0.30 -10.17 50.19
CA LYS B 81 0.40 -10.08 51.64
C LYS B 81 1.68 -10.78 52.08
N ILE B 82 2.53 -10.03 52.79
CA ILE B 82 3.80 -10.56 53.24
C ILE B 82 3.72 -11.25 54.59
N VAL B 83 4.08 -12.53 54.62
CA VAL B 83 4.04 -13.30 55.87
C VAL B 83 5.42 -13.82 56.19
N LYS B 84 5.57 -14.38 57.38
CA LYS B 84 6.83 -14.97 57.80
C LYS B 84 6.66 -16.47 57.89
N VAL B 85 5.40 -16.89 57.88
CA VAL B 85 5.02 -18.29 57.94
C VAL B 85 3.75 -18.50 57.12
N PRO B 86 3.70 -19.62 56.39
CA PRO B 86 2.56 -19.98 55.55
C PRO B 86 1.40 -20.45 56.41
N SER B 87 0.17 -20.37 55.90
CA SER B 87 -0.99 -20.84 56.63
C SER B 87 -0.82 -22.35 56.86
N THR B 88 -1.46 -22.89 57.90
CA THR B 88 -1.34 -24.31 58.25
C THR B 88 -1.38 -25.31 57.11
N SER B 89 -2.52 -25.37 56.40
CA SER B 89 -2.72 -26.29 55.27
C SER B 89 -3.16 -27.70 55.65
N PHE B 90 -2.54 -28.27 56.70
CA PHE B 90 -2.90 -29.63 57.12
C PHE B 90 -2.97 -29.81 58.61
N ARG B 91 -3.91 -30.65 59.03
CA ARG B 91 -4.13 -30.93 60.43
C ARG B 91 -4.29 -32.41 60.66
N HIS B 92 -3.99 -32.83 61.88
CA HIS B 92 -4.10 -34.23 62.22
C HIS B 92 -5.06 -34.41 63.38
N ILE B 93 -6.01 -35.32 63.19
CA ILE B 93 -7.03 -35.65 64.18
C ILE B 93 -6.78 -37.07 64.70
N VAL B 94 -6.59 -37.19 66.00
CA VAL B 94 -6.26 -38.47 66.63
C VAL B 94 -7.41 -39.41 66.97
N THR B 95 -7.25 -40.67 66.57
CA THR B 95 -8.24 -41.72 66.83
C THR B 95 -7.77 -42.43 68.12
N GLN B 96 -8.57 -43.40 68.59
CA GLN B 96 -8.22 -44.18 69.79
C GLN B 96 -6.87 -44.86 69.51
N SER B 97 -6.68 -45.24 68.24
CA SER B 97 -5.46 -45.89 67.75
C SER B 97 -4.18 -45.13 68.08
N ARG B 98 -3.10 -45.89 68.18
CA ARG B 98 -1.80 -45.33 68.52
C ARG B 98 -0.81 -45.51 67.37
N ASP B 99 -1.28 -46.13 66.30
CA ASP B 99 -0.44 -46.39 65.14
C ASP B 99 -0.93 -45.67 63.89
N ARG B 100 -2.18 -45.22 63.92
CA ARG B 100 -2.76 -44.54 62.77
C ARG B 100 -3.53 -43.25 63.15
N VAL B 101 -3.47 -42.27 62.27
CA VAL B 101 -4.13 -40.97 62.44
C VAL B 101 -4.78 -40.61 61.12
N LEU B 102 -5.50 -39.49 61.09
CA LEU B 102 -6.13 -39.03 59.87
C LEU B 102 -5.81 -37.57 59.63
N ARG B 103 -5.29 -37.28 58.45
CA ARG B 103 -4.95 -35.92 58.09
C ARG B 103 -6.13 -35.27 57.41
N VAL B 104 -6.17 -33.95 57.48
CA VAL B 104 -7.23 -33.18 56.87
C VAL B 104 -6.60 -32.01 56.12
N ASP B 105 -7.11 -31.74 54.93
CA ASP B 105 -6.61 -30.63 54.14
C ASP B 105 -7.46 -29.44 54.58
N THR B 106 -6.90 -28.64 55.49
CA THR B 106 -7.58 -27.46 56.04
C THR B 106 -8.37 -26.70 54.98
N TYR B 107 -7.70 -26.45 53.84
CA TYR B 107 -8.28 -25.74 52.71
C TYR B 107 -9.74 -26.10 52.50
N TYR B 108 -9.97 -27.39 52.29
CA TYR B 108 -11.30 -27.90 52.05
C TYR B 108 -12.31 -27.53 53.11
N GLU B 109 -11.89 -27.50 54.37
CA GLU B 109 -12.79 -27.13 55.45
C GLU B 109 -13.19 -25.67 55.32
N GLU B 110 -12.19 -24.79 55.24
CA GLU B 110 -12.41 -23.37 55.12
C GLU B 110 -13.34 -23.11 53.94
N MET B 111 -12.97 -23.69 52.80
CA MET B 111 -13.72 -23.57 51.56
C MET B 111 -15.16 -24.03 51.76
N SER B 112 -15.32 -25.07 52.57
CA SER B 112 -16.62 -25.65 52.89
C SER B 112 -17.57 -24.54 53.31
N GLN B 113 -17.09 -23.69 54.20
CA GLN B 113 -17.90 -22.59 54.74
C GLN B 113 -17.50 -21.23 54.20
N VAL B 114 -17.56 -21.02 52.90
CA VAL B 114 -17.23 -19.71 52.38
C VAL B 114 -18.50 -18.95 52.06
N GLY B 115 -19.15 -19.28 50.95
CA GLY B 115 -20.37 -18.60 50.60
C GLY B 115 -21.60 -19.19 51.25
N ASP B 116 -22.76 -18.64 50.94
CA ASP B 116 -24.03 -19.12 51.48
C ASP B 116 -24.38 -20.45 50.84
N VAL B 117 -25.32 -21.17 51.46
CA VAL B 117 -25.76 -22.46 50.92
C VAL B 117 -26.35 -22.20 49.54
N ILE B 118 -26.26 -23.19 48.67
CA ILE B 118 -26.76 -23.02 47.32
C ILE B 118 -28.18 -23.55 47.16
N THR B 119 -29.02 -22.73 46.53
CA THR B 119 -30.41 -23.09 46.27
C THR B 119 -30.81 -22.63 44.87
N GLU B 120 -31.66 -23.45 44.26
CA GLU B 120 -32.19 -23.19 42.92
C GLU B 120 -33.10 -21.97 42.89
N ASP B 121 -33.44 -21.48 44.07
CA ASP B 121 -34.31 -20.33 44.24
C ASP B 121 -33.59 -19.03 44.04
N GLU B 122 -32.52 -18.79 44.80
CA GLU B 122 -31.78 -17.55 44.65
C GLU B 122 -30.53 -17.75 43.81
N PRO B 123 -30.60 -17.30 42.55
CA PRO B 123 -29.50 -17.41 41.61
C PRO B 123 -28.47 -16.31 41.91
N GLU B 124 -28.97 -15.16 42.36
CA GLU B 124 -28.09 -14.06 42.69
C GLU B 124 -27.21 -14.51 43.84
N LYS B 125 -27.85 -15.12 44.84
CA LYS B 125 -27.15 -15.64 46.01
C LYS B 125 -26.03 -16.54 45.51
N PHE B 126 -26.39 -17.43 44.61
CA PHE B 126 -25.45 -18.37 44.02
C PHE B 126 -24.22 -17.67 43.45
N TYR B 127 -24.45 -16.73 42.55
CA TYR B 127 -23.36 -16.01 41.91
C TYR B 127 -22.34 -15.46 42.88
N SER B 128 -22.77 -14.57 43.76
CA SER B 128 -21.88 -13.98 44.75
C SER B 128 -21.15 -15.08 45.51
N THR B 129 -21.90 -16.11 45.94
CA THR B 129 -21.36 -17.25 46.67
C THR B 129 -20.10 -17.76 45.97
N ILE B 130 -20.16 -17.89 44.66
CA ILE B 130 -19.03 -18.33 43.85
C ILE B 130 -17.90 -17.32 43.94
N ILE B 131 -18.19 -16.07 43.58
CA ILE B 131 -17.22 -14.99 43.61
C ILE B 131 -16.44 -14.97 44.91
N LYS B 132 -17.17 -14.97 46.02
CA LYS B 132 -16.57 -14.96 47.35
C LYS B 132 -15.56 -16.09 47.47
N LYS B 133 -15.98 -17.27 47.00
CA LYS B 133 -15.14 -18.45 47.03
C LYS B 133 -13.88 -18.28 46.21
N VAL B 134 -14.01 -17.73 45.01
CA VAL B 134 -12.86 -17.53 44.14
C VAL B 134 -11.93 -16.55 44.79
N ARG B 135 -12.50 -15.41 45.18
CA ARG B 135 -11.80 -14.33 45.85
C ARG B 135 -11.00 -14.90 47.01
N PHE B 136 -11.68 -15.75 47.79
CA PHE B 136 -11.07 -16.41 48.94
C PHE B 136 -9.75 -17.06 48.56
N ILE B 137 -9.79 -17.86 47.50
CA ILE B 137 -8.63 -18.55 46.99
C ILE B 137 -7.51 -17.57 46.66
N ARG B 138 -7.83 -16.56 45.87
CA ARG B 138 -6.87 -15.54 45.49
C ARG B 138 -6.20 -14.88 46.70
N GLY B 139 -6.99 -14.66 47.75
CA GLY B 139 -6.47 -14.04 48.96
C GLY B 139 -5.58 -15.00 49.72
N LYS B 140 -6.05 -16.24 49.88
CA LYS B 140 -5.29 -17.26 50.58
C LYS B 140 -4.01 -17.59 49.83
N GLY B 141 -3.86 -17.09 48.62
CA GLY B 141 -2.68 -17.39 47.84
C GLY B 141 -1.63 -16.32 47.66
N SER B 142 -1.98 -15.07 47.93
CA SER B 142 -1.03 -13.96 47.78
C SER B 142 0.01 -13.91 48.90
N PHE B 143 0.94 -14.87 48.90
CA PHE B 143 2.02 -14.96 49.90
C PHE B 143 3.27 -14.26 49.46
N ILE B 144 4.20 -14.08 50.39
CA ILE B 144 5.48 -13.49 50.04
C ILE B 144 6.60 -14.20 50.79
N LEU B 145 6.34 -14.60 52.03
CA LEU B 145 7.33 -15.31 52.84
C LEU B 145 8.66 -14.55 52.95
N HIS B 146 8.66 -13.56 53.84
CA HIS B 146 9.83 -12.73 54.06
C HIS B 146 10.32 -13.05 55.47
N ASP B 147 11.60 -13.40 55.59
CA ASP B 147 12.20 -13.72 56.88
C ASP B 147 11.54 -14.97 57.44
N ILE B 148 12.30 -16.04 57.45
CA ILE B 148 11.80 -17.31 57.95
C ILE B 148 12.60 -17.74 59.17
N PRO B 149 11.99 -18.54 60.06
CA PRO B 149 12.64 -19.05 61.27
C PRO B 149 13.69 -20.14 60.94
N ALA B 150 14.87 -19.67 60.54
CA ALA B 150 15.98 -20.55 60.19
C ALA B 150 16.77 -20.95 61.43
N ARG B 151 16.66 -22.22 61.81
CA ARG B 151 17.39 -22.75 62.97
C ARG B 151 18.68 -23.47 62.54
N ASP B 152 19.70 -23.45 63.41
CA ASP B 152 20.99 -24.12 63.12
C ASP B 152 21.00 -25.52 63.70
N HIS B 153 21.47 -26.47 62.90
CA HIS B 153 21.53 -27.87 63.30
C HIS B 153 22.55 -28.69 62.50
N ARG B 154 23.62 -29.13 63.18
CA ARG B 154 24.67 -29.95 62.56
C ARG B 154 25.20 -29.36 61.26
N GLY B 155 25.76 -28.16 61.33
CA GLY B 155 26.32 -27.54 60.14
C GLY B 155 25.35 -27.14 59.04
N MET B 156 24.06 -27.40 59.27
CA MET B 156 23.04 -27.06 58.30
C MET B 156 22.02 -26.11 58.90
N GLU B 157 21.42 -25.28 58.07
CA GLU B 157 20.41 -24.35 58.52
C GLU B 157 19.11 -24.97 58.03
N VAL B 158 18.23 -25.28 58.98
CA VAL B 158 16.94 -25.90 58.68
C VAL B 158 15.77 -25.01 59.04
N ALA B 159 14.62 -25.33 58.46
CA ALA B 159 13.41 -24.57 58.71
C ALA B 159 12.78 -25.02 60.01
N GLU B 160 12.25 -24.06 60.77
CA GLU B 160 11.57 -24.34 62.02
C GLU B 160 10.21 -24.91 61.65
N PRO B 161 9.77 -25.96 62.36
CA PRO B 161 8.49 -26.61 62.11
C PRO B 161 7.30 -25.66 61.89
N GLU B 162 7.45 -24.42 62.33
CA GLU B 162 6.40 -23.42 62.17
C GLU B 162 6.20 -23.01 60.70
N VAL B 163 7.29 -22.94 59.94
CA VAL B 163 7.17 -22.56 58.54
C VAL B 163 6.75 -23.66 57.61
N LEU B 164 6.56 -24.87 58.14
CA LEU B 164 6.11 -25.98 57.31
C LEU B 164 4.59 -25.91 57.28
N GLY B 165 3.92 -26.93 56.74
CA GLY B 165 2.48 -26.84 56.70
C GLY B 165 1.73 -27.83 57.54
N VAL B 166 2.12 -28.04 58.80
CA VAL B 166 1.42 -29.03 59.58
C VAL B 166 1.18 -28.87 61.06
N GLU B 167 0.05 -29.44 61.46
CA GLU B 167 -0.38 -29.46 62.83
C GLU B 167 -0.23 -30.93 63.18
N PHE B 168 0.77 -31.21 63.99
CA PHE B 168 1.06 -32.57 64.41
C PHE B 168 1.30 -32.66 65.91
N LYS B 169 1.36 -31.50 66.57
CA LYS B 169 1.58 -31.43 68.00
C LYS B 169 0.62 -32.36 68.74
N ASN B 170 -0.58 -32.51 68.18
CA ASN B 170 -1.64 -33.35 68.75
C ASN B 170 -1.16 -34.77 68.89
N VAL B 171 -0.54 -35.24 67.82
CA VAL B 171 -0.04 -36.60 67.69
C VAL B 171 1.13 -36.99 68.58
N LEU B 172 2.14 -36.12 68.63
CA LEU B 172 3.35 -36.32 69.40
C LEU B 172 3.28 -37.17 70.69
N PRO B 173 2.37 -36.83 71.62
CA PRO B 173 2.22 -37.56 72.88
C PRO B 173 1.87 -39.06 72.78
N VAL B 174 1.23 -39.47 71.70
CA VAL B 174 0.86 -40.88 71.54
C VAL B 174 1.89 -41.67 70.75
N LEU B 175 3.00 -41.02 70.42
CA LEU B 175 4.01 -41.69 69.63
C LEU B 175 4.98 -42.64 70.28
N THR B 176 5.26 -43.71 69.54
CA THR B 176 6.18 -44.77 69.93
C THR B 176 7.55 -44.15 69.79
N ALA B 177 8.46 -44.43 70.73
CA ALA B 177 9.82 -43.89 70.69
C ALA B 177 10.37 -43.87 69.26
N GLU B 178 10.02 -44.93 68.52
CA GLU B 178 10.42 -45.11 67.13
C GLU B 178 9.82 -44.03 66.24
N HIS B 179 8.49 -43.98 66.22
CA HIS B 179 7.77 -43.01 65.40
C HIS B 179 8.22 -41.59 65.70
N ARG B 180 8.32 -41.27 66.99
CA ARG B 180 8.78 -39.96 67.43
C ARG B 180 10.06 -39.60 66.71
N ALA B 181 11.04 -40.48 66.87
CA ALA B 181 12.34 -40.31 66.26
C ALA B 181 12.26 -40.06 64.76
N MET B 182 11.58 -40.96 64.05
CA MET B 182 11.41 -40.83 62.61
C MET B 182 11.03 -39.41 62.22
N ILE B 183 9.94 -38.96 62.82
CA ILE B 183 9.38 -37.64 62.56
C ILE B 183 10.37 -36.52 62.85
N GLN B 184 11.09 -36.66 63.95
CA GLN B 184 12.09 -35.66 64.35
C GLN B 184 13.10 -35.45 63.22
N ASN B 185 13.52 -36.56 62.62
CA ASN B 185 14.49 -36.54 61.52
C ASN B 185 13.90 -35.85 60.32
N ALA B 186 12.62 -36.12 60.07
CA ALA B 186 11.93 -35.51 58.96
C ALA B 186 11.89 -34.00 59.18
N LEU B 187 11.69 -33.57 60.42
CA LEU B 187 11.64 -32.16 60.78
C LEU B 187 12.98 -31.50 60.54
N ASP B 188 14.01 -31.98 61.22
CA ASP B 188 15.34 -31.43 60.97
C ASP B 188 15.87 -32.01 59.65
N GLY B 189 14.98 -32.60 58.89
CA GLY B 189 15.33 -33.15 57.60
C GLY B 189 15.27 -32.02 56.60
N SER B 190 14.10 -31.40 56.49
CA SER B 190 13.92 -30.28 55.57
C SER B 190 14.88 -29.14 55.92
N ILE B 191 15.86 -28.94 55.04
CA ILE B 191 16.89 -27.94 55.21
C ILE B 191 16.59 -26.71 54.36
N ILE B 192 17.50 -25.74 54.39
CA ILE B 192 17.33 -24.51 53.62
C ILE B 192 18.14 -24.52 52.31
N GLU B 193 18.11 -25.69 51.67
CA GLU B 193 18.79 -25.93 50.38
C GLU B 193 20.18 -25.29 50.26
N ASN B 194 20.20 -23.99 49.94
CA ASN B 194 21.43 -23.24 49.77
C ASN B 194 22.18 -23.15 51.07
N GLY B 195 21.42 -22.99 52.15
CA GLY B 195 21.96 -22.92 53.50
C GLY B 195 23.23 -22.11 53.67
N ASN B 196 24.34 -22.82 53.79
CA ASN B 196 25.65 -22.20 53.97
C ASN B 196 26.16 -21.50 52.73
N VAL B 197 25.82 -20.21 52.63
CA VAL B 197 26.22 -19.39 51.50
C VAL B 197 26.35 -17.92 51.85
N ALA B 198 25.55 -17.47 52.83
CA ALA B 198 25.49 -16.06 53.22
C ALA B 198 24.91 -15.43 51.96
N THR B 199 25.14 -14.14 51.71
CA THR B 199 24.60 -13.47 50.51
C THR B 199 23.14 -13.90 50.20
N ARG B 200 23.00 -15.11 49.64
CA ARG B 200 21.72 -15.75 49.32
C ARG B 200 20.62 -14.92 48.68
N ASP B 201 19.91 -14.16 49.51
CA ASP B 201 18.77 -13.31 49.09
C ASP B 201 17.49 -14.11 49.28
N VAL B 202 17.57 -15.43 49.12
CA VAL B 202 16.38 -16.26 49.25
C VAL B 202 16.69 -17.58 49.95
N ASP B 203 15.67 -18.09 50.63
CA ASP B 203 15.75 -19.34 51.36
C ASP B 203 14.80 -20.33 50.71
N VAL B 204 15.32 -21.50 50.37
CA VAL B 204 14.50 -22.53 49.73
C VAL B 204 14.33 -23.71 50.67
N PHE B 205 13.08 -24.03 51.01
CA PHE B 205 12.79 -25.15 51.92
C PHE B 205 11.79 -26.11 51.31
N ILE B 206 11.19 -26.98 52.12
CA ILE B 206 10.26 -27.98 51.59
C ILE B 206 8.80 -27.96 52.03
N GLY B 207 8.49 -27.33 53.16
CA GLY B 207 7.13 -27.24 53.69
C GLY B 207 5.88 -27.61 52.86
N ALA B 208 4.88 -28.16 53.54
CA ALA B 208 3.63 -28.59 52.88
C ALA B 208 2.61 -27.49 52.59
N CYS B 209 1.78 -27.73 51.57
CA CYS B 209 0.77 -26.75 51.17
C CYS B 209 -0.34 -27.31 50.27
N SER B 210 -1.56 -26.85 50.52
CA SER B 210 -2.76 -27.24 49.77
C SER B 210 -2.58 -26.81 48.33
N GLU B 211 -2.88 -27.71 47.40
CA GLU B 211 -2.67 -27.43 45.99
C GLU B 211 -3.19 -26.10 45.43
N PRO B 212 -4.53 -25.90 45.41
CA PRO B 212 -5.07 -24.64 44.87
C PRO B 212 -4.33 -23.39 45.34
N ILE B 213 -4.08 -23.30 46.64
CA ILE B 213 -3.36 -22.16 47.22
C ILE B 213 -1.98 -22.05 46.57
N TYR B 214 -1.26 -23.18 46.55
CA TYR B 214 0.08 -23.21 45.98
C TYR B 214 0.10 -22.57 44.63
N ARG B 215 -0.84 -22.99 43.79
CA ARG B 215 -0.98 -22.47 42.44
C ARG B 215 -0.83 -20.97 42.38
N ILE B 216 -1.59 -20.27 43.22
CA ILE B 216 -1.56 -18.82 43.27
C ILE B 216 -0.18 -18.34 43.71
N TYR B 217 0.32 -18.89 44.81
CA TYR B 217 1.62 -18.50 45.34
C TYR B 217 2.63 -18.49 44.21
N ASN B 218 2.66 -19.57 43.45
CA ASN B 218 3.59 -19.68 42.34
C ASN B 218 3.41 -18.63 41.26
N ARG B 219 2.21 -18.53 40.70
CA ARG B 219 1.94 -17.56 39.64
C ARG B 219 2.38 -16.18 40.07
N LEU B 220 2.10 -15.85 41.33
CA LEU B 220 2.48 -14.56 41.90
C LEU B 220 3.99 -14.41 41.86
N GLN B 221 4.65 -15.34 42.55
CA GLN B 221 6.10 -15.39 42.64
C GLN B 221 6.73 -15.13 41.27
N GLY B 222 6.19 -15.77 40.24
CA GLY B 222 6.69 -15.59 38.89
C GLY B 222 6.60 -14.15 38.43
N TYR B 223 5.41 -13.58 38.61
CA TYR B 223 5.13 -12.19 38.24
C TYR B 223 6.17 -11.25 38.81
N ILE B 224 6.30 -11.23 40.14
CA ILE B 224 7.25 -10.34 40.79
C ILE B 224 8.69 -10.45 40.29
N GLU B 225 9.02 -11.60 39.70
CA GLU B 225 10.36 -11.81 39.20
C GLU B 225 10.47 -11.57 37.71
N ALA B 226 9.33 -11.61 37.02
CA ALA B 226 9.29 -11.39 35.58
C ALA B 226 9.14 -9.90 35.29
N VAL B 227 8.24 -9.27 36.04
CA VAL B 227 7.92 -7.86 35.94
C VAL B 227 8.87 -6.99 36.76
N GLN B 228 9.94 -6.52 36.11
CA GLN B 228 10.96 -5.68 36.72
C GLN B 228 11.30 -4.49 35.83
N LEU B 229 12.45 -3.88 36.12
CA LEU B 229 12.96 -2.71 35.41
C LEU B 229 12.40 -2.41 34.05
N GLN B 230 12.58 -3.32 33.11
CA GLN B 230 12.11 -3.10 31.75
C GLN B 230 10.66 -2.69 31.65
N GLU B 231 9.77 -3.47 32.26
CA GLU B 231 8.34 -3.15 32.22
C GLU B 231 8.15 -1.71 32.67
N LEU B 232 8.74 -1.42 33.83
CA LEU B 232 8.68 -0.09 34.43
C LEU B 232 9.23 0.94 33.45
N ARG B 233 10.37 0.59 32.87
CA ARG B 233 11.06 1.46 31.95
C ARG B 233 10.12 1.91 30.83
N ASN B 234 9.48 0.95 30.18
CA ASN B 234 8.57 1.19 29.07
C ASN B 234 7.48 2.16 29.45
N SER B 235 6.66 1.71 30.39
CA SER B 235 5.56 2.50 30.90
C SER B 235 5.94 3.95 31.19
N ILE B 236 7.07 4.17 31.86
CA ILE B 236 7.52 5.54 32.17
C ILE B 236 7.83 6.27 30.88
N GLY B 237 8.52 5.59 29.97
CA GLY B 237 8.88 6.20 28.70
C GLY B 237 7.63 6.69 27.98
N TRP B 238 6.53 5.95 28.11
CA TRP B 238 5.24 6.30 27.50
C TRP B 238 4.81 7.67 27.99
N LEU B 239 4.87 7.86 29.31
CA LEU B 239 4.49 9.12 29.92
C LEU B 239 5.44 10.16 29.40
N GLU B 240 6.74 9.82 29.42
CA GLU B 240 7.80 10.69 28.96
C GLU B 240 7.48 11.17 27.55
N ARG B 241 6.79 10.31 26.79
CA ARG B 241 6.40 10.64 25.43
C ARG B 241 5.18 11.54 25.40
N LEU B 242 4.18 11.18 26.21
CA LEU B 242 2.96 11.95 26.31
C LEU B 242 3.34 13.32 26.88
N GLY B 243 4.44 13.35 27.62
CA GLY B 243 4.92 14.58 28.21
C GLY B 243 5.21 15.58 27.13
N GLN B 244 5.89 15.15 26.07
CA GLN B 244 6.20 16.02 24.95
C GLN B 244 4.96 16.50 24.23
N ARG B 245 3.97 15.63 24.06
CA ARG B 245 2.73 16.00 23.39
C ARG B 245 2.02 17.08 24.18
N LYS B 246 2.07 16.98 25.50
CA LYS B 246 1.42 17.97 26.36
C LYS B 246 2.34 19.12 26.79
N ARG B 247 3.54 19.17 26.19
CA ARG B 247 4.53 20.21 26.47
C ARG B 247 4.88 20.41 27.95
N ILE B 248 5.00 19.32 28.69
CA ILE B 248 5.33 19.40 30.12
C ILE B 248 6.66 20.05 30.49
N THR B 249 6.62 20.88 31.53
CA THR B 249 7.81 21.55 32.07
C THR B 249 8.50 20.41 32.82
N TYR B 250 9.75 20.14 32.47
CA TYR B 250 10.47 19.05 33.10
C TYR B 250 11.39 19.36 34.27
N SER B 251 11.61 18.34 35.09
CA SER B 251 12.47 18.43 36.26
C SER B 251 13.94 18.32 35.85
N GLN B 252 14.84 18.49 36.80
CA GLN B 252 16.27 18.39 36.53
C GLN B 252 16.75 16.98 36.86
N GLU B 253 15.84 16.19 37.42
CA GLU B 253 16.11 14.81 37.79
C GLU B 253 15.91 13.81 36.67
N VAL B 254 16.48 12.63 36.87
CA VAL B 254 16.39 11.53 35.93
C VAL B 254 16.26 10.21 36.68
N LEU B 255 15.69 9.22 36.01
CA LEU B 255 15.51 7.93 36.62
C LEU B 255 16.68 7.01 36.31
N THR B 256 17.41 6.71 37.37
CA THR B 256 18.56 5.82 37.27
C THR B 256 17.89 4.46 37.41
N ASP B 257 18.14 3.57 36.47
CA ASP B 257 17.56 2.25 36.62
C ASP B 257 18.45 1.41 37.54
N PHE B 258 18.91 2.06 38.61
CA PHE B 258 19.74 1.44 39.63
C PHE B 258 18.80 0.74 40.59
N ARG B 259 18.99 -0.56 40.74
CA ARG B 259 18.19 -1.33 41.65
C ARG B 259 19.10 -1.77 42.79
N ARG B 260 18.74 -1.36 44.00
CA ARG B 260 19.49 -1.68 45.21
C ARG B 260 19.37 -3.19 45.43
N GLN B 261 20.40 -3.81 46.01
CA GLN B 261 20.35 -5.25 46.24
C GLN B 261 19.31 -5.64 47.30
N ASP B 262 18.73 -4.64 47.96
CA ASP B 262 17.71 -4.86 48.99
C ASP B 262 16.35 -4.83 48.41
N MET B 263 16.19 -4.05 47.37
CA MET B 263 14.87 -3.86 46.82
C MET B 263 14.39 -4.67 45.66
N ILE B 264 13.32 -5.40 45.93
CA ILE B 264 12.63 -6.21 44.94
C ILE B 264 11.41 -5.36 44.67
N TRP B 265 11.25 -4.97 43.41
CA TRP B 265 10.14 -4.12 43.02
C TRP B 265 8.86 -4.88 42.70
N VAL B 266 7.75 -4.22 42.96
CA VAL B 266 6.46 -4.81 42.71
C VAL B 266 5.64 -3.79 41.96
N LEU B 267 5.58 -3.95 40.65
CA LEU B 267 4.78 -3.04 39.85
C LEU B 267 3.44 -3.76 39.65
N ALA B 268 2.34 -3.03 39.80
CA ALA B 268 1.02 -3.65 39.67
C ALA B 268 0.23 -3.29 38.44
N LEU B 269 0.56 -2.15 37.81
CA LEU B 269 -0.14 -1.71 36.58
C LEU B 269 0.86 -1.16 35.55
N GLN B 270 0.71 -1.59 34.30
CA GLN B 270 1.60 -1.11 33.22
C GLN B 270 0.96 0.12 32.62
N LEU B 271 1.78 1.00 32.03
CA LEU B 271 1.23 2.24 31.52
C LEU B 271 0.51 2.38 30.20
N PRO B 272 1.08 1.87 29.11
CA PRO B 272 0.30 2.04 27.87
C PRO B 272 -1.09 1.37 28.06
N VAL B 273 -2.10 2.18 28.37
CA VAL B 273 -3.45 1.68 28.67
C VAL B 273 -4.26 1.42 27.42
N ASN B 274 -4.96 0.29 27.41
CA ASN B 274 -5.78 -0.08 26.26
C ASN B 274 -7.04 0.74 26.15
N PRO B 275 -7.04 1.67 25.20
CA PRO B 275 -8.09 2.63 24.86
C PRO B 275 -9.49 2.03 24.95
N GLN B 276 -9.63 0.85 24.37
CA GLN B 276 -10.91 0.20 24.30
C GLN B 276 -11.59 -0.14 25.61
N VAL B 277 -10.87 -0.74 26.55
CA VAL B 277 -11.48 -1.12 27.83
C VAL B 277 -12.34 0.01 28.42
N VAL B 278 -11.89 1.25 28.23
CA VAL B 278 -12.57 2.46 28.71
C VAL B 278 -13.82 2.75 27.90
N TRP B 279 -13.65 2.67 26.57
CA TRP B 279 -14.72 2.93 25.64
C TRP B 279 -15.65 1.75 25.35
N ASP B 280 -15.35 0.60 25.93
CA ASP B 280 -16.16 -0.61 25.77
C ASP B 280 -17.34 -0.56 26.74
N VAL B 281 -17.12 0.08 27.89
CA VAL B 281 -18.15 0.24 28.92
C VAL B 281 -19.38 0.83 28.27
N PRO B 282 -20.51 0.10 28.33
CA PRO B 282 -21.76 0.58 27.73
C PRO B 282 -22.30 1.86 28.41
N ARG B 283 -22.77 2.79 27.57
CA ARG B 283 -23.35 4.07 28.00
C ARG B 283 -22.34 4.98 28.71
N SER B 284 -21.05 4.70 28.46
CA SER B 284 -19.97 5.46 29.08
C SER B 284 -19.86 6.88 28.57
N SER B 285 -19.95 7.05 27.24
CA SER B 285 -19.84 8.34 26.55
C SER B 285 -19.80 9.60 27.43
N ILE B 286 -20.91 9.89 28.11
CA ILE B 286 -21.03 11.05 28.99
C ILE B 286 -19.98 11.01 30.09
N ALA B 287 -20.05 9.96 30.91
CA ALA B 287 -19.12 9.77 32.01
C ALA B 287 -17.68 9.97 31.56
N ASN B 288 -17.33 9.31 30.46
CA ASN B 288 -15.99 9.41 29.88
C ASN B 288 -15.67 10.86 29.64
N LEU B 289 -16.52 11.52 28.86
CA LEU B 289 -16.37 12.93 28.51
C LEU B 289 -16.06 13.78 29.74
N ILE B 290 -16.93 13.69 30.74
CA ILE B 290 -16.77 14.44 31.97
C ILE B 290 -15.42 14.16 32.58
N MET B 291 -15.05 12.89 32.61
CA MET B 291 -13.77 12.49 33.13
C MET B 291 -12.69 13.27 32.38
N ASN B 292 -12.79 13.25 31.06
CA ASN B 292 -11.87 13.95 30.17
C ASN B 292 -11.71 15.40 30.60
N ILE B 293 -12.82 16.04 30.97
CA ILE B 293 -12.83 17.43 31.44
C ILE B 293 -12.15 17.54 32.79
N ALA B 294 -12.75 16.89 33.78
CA ALA B 294 -12.27 16.88 35.15
C ALA B 294 -10.80 16.53 35.32
N THR B 295 -10.22 15.84 34.35
CA THR B 295 -8.83 15.44 34.46
C THR B 295 -7.88 16.31 33.66
N CYS B 296 -8.20 16.51 32.40
CA CYS B 296 -7.32 17.25 31.52
C CYS B 296 -7.59 18.72 31.33
N LEU B 297 -8.85 19.13 31.41
CA LEU B 297 -9.21 20.53 31.22
C LEU B 297 -8.50 21.43 32.25
N PRO B 298 -7.60 22.30 31.77
CA PRO B 298 -6.85 23.22 32.61
C PRO B 298 -7.70 24.34 33.20
N THR B 299 -7.03 25.24 33.91
CA THR B 299 -7.67 26.38 34.52
C THR B 299 -7.28 27.61 33.71
N GLY B 300 -8.24 28.49 33.47
CA GLY B 300 -7.99 29.69 32.69
C GLY B 300 -9.02 30.79 32.92
N GLU B 301 -8.79 31.95 32.32
CA GLU B 301 -9.67 33.10 32.49
C GLU B 301 -10.14 33.61 31.15
N TYR B 302 -11.34 34.19 31.09
CA TYR B 302 -11.83 34.74 29.83
C TYR B 302 -11.34 36.17 29.76
N ILE B 303 -10.83 36.52 28.58
CA ILE B 303 -10.31 37.85 28.38
C ILE B 303 -11.30 38.63 27.52
N ALA B 304 -11.34 39.94 27.75
CA ALA B 304 -12.20 40.83 26.98
C ALA B 304 -11.28 41.48 25.96
N PRO B 305 -11.83 41.98 24.85
CA PRO B 305 -10.95 42.61 23.88
C PRO B 305 -10.53 44.00 24.39
N ASN B 306 -9.81 44.74 23.55
CA ASN B 306 -9.39 46.08 23.95
C ASN B 306 -10.49 47.06 23.70
N PRO B 307 -10.75 47.93 24.66
CA PRO B 307 -11.81 48.92 24.48
C PRO B 307 -11.49 49.77 23.25
N ARG B 308 -10.19 49.91 22.97
CA ARG B 308 -9.73 50.69 21.84
C ARG B 308 -10.03 50.05 20.49
N ILE B 309 -10.43 48.78 20.50
CA ILE B 309 -10.76 48.08 19.25
C ILE B 309 -12.01 48.69 18.61
N SER B 310 -12.91 49.21 19.44
CA SER B 310 -14.14 49.82 18.94
C SER B 310 -14.04 51.34 18.85
N SER B 311 -14.21 52.02 19.99
CA SER B 311 -14.15 53.47 20.06
C SER B 311 -12.75 53.99 20.38
N ILE B 312 -12.37 55.07 19.71
CA ILE B 312 -11.07 55.69 19.92
C ILE B 312 -11.26 57.19 20.08
N THR B 313 -10.48 57.76 20.97
CA THR B 313 -10.55 59.18 21.23
C THR B 313 -9.61 59.96 20.34
N LEU B 314 -10.14 60.99 19.69
CA LEU B 314 -9.36 61.88 18.82
C LEU B 314 -9.16 63.20 19.55
N THR B 315 -10.22 63.63 20.24
CA THR B 315 -10.22 64.87 21.01
C THR B 315 -11.04 64.58 22.25
N GLN B 316 -10.82 65.37 23.29
CA GLN B 316 -11.57 65.20 24.53
C GLN B 316 -13.07 65.17 24.23
N ARG B 317 -13.45 65.84 23.14
CA ARG B 317 -14.83 65.93 22.72
C ARG B 317 -15.23 64.93 21.63
N ILE B 318 -14.29 64.55 20.78
CA ILE B 318 -14.56 63.63 19.67
C ILE B 318 -14.08 62.18 19.87
N THR B 319 -15.01 61.24 19.82
CA THR B 319 -14.74 59.81 19.98
C THR B 319 -15.61 59.01 19.01
N THR B 320 -15.09 57.89 18.52
CA THR B 320 -15.84 57.04 17.61
C THR B 320 -16.77 56.16 18.43
N THR B 321 -17.83 55.69 17.78
CA THR B 321 -18.79 54.81 18.43
C THR B 321 -18.95 53.55 17.61
N GLY B 322 -18.86 52.41 18.31
CA GLY B 322 -19.00 51.11 17.68
C GLY B 322 -20.46 50.92 17.31
N PRO B 323 -20.77 50.34 16.14
CA PRO B 323 -22.15 50.12 15.70
C PRO B 323 -22.98 49.32 16.70
N PHE B 324 -22.29 48.66 17.63
CA PHE B 324 -22.96 47.87 18.66
C PHE B 324 -22.72 48.51 20.03
N ALA B 325 -23.58 49.49 20.33
CA ALA B 325 -23.54 50.21 21.60
C ALA B 325 -24.22 49.32 22.63
N ILE B 326 -24.98 48.36 22.12
CA ILE B 326 -25.68 47.38 22.92
C ILE B 326 -24.64 46.54 23.68
N LEU B 327 -23.42 46.53 23.14
CA LEU B 327 -22.30 45.82 23.76
C LEU B 327 -21.79 46.69 24.87
N THR B 328 -22.51 46.59 25.97
CA THR B 328 -22.28 47.29 27.22
C THR B 328 -23.30 46.63 28.15
N GLY B 329 -23.92 45.57 27.66
CA GLY B 329 -24.90 44.85 28.42
C GLY B 329 -24.14 44.06 29.45
N SER B 330 -24.58 44.15 30.70
CA SER B 330 -23.92 43.44 31.78
C SER B 330 -24.52 42.04 31.79
N THR B 331 -23.65 41.06 31.62
CA THR B 331 -23.98 39.63 31.58
C THR B 331 -25.28 39.17 32.28
N PRO B 332 -26.31 38.73 31.48
CA PRO B 332 -27.63 38.24 31.91
C PRO B 332 -27.51 37.16 32.97
N THR B 333 -27.03 37.60 34.14
CA THR B 333 -26.80 36.75 35.30
C THR B 333 -25.94 35.57 34.90
N ALA B 334 -25.76 34.64 35.84
CA ALA B 334 -25.02 33.42 35.56
C ALA B 334 -26.02 32.63 34.71
N GLN B 335 -27.30 33.00 34.85
CA GLN B 335 -28.44 32.42 34.11
C GLN B 335 -28.03 32.23 32.66
N GLN B 336 -27.22 33.18 32.17
CA GLN B 336 -26.72 33.17 30.82
C GLN B 336 -25.17 33.15 30.77
N LEU B 337 -24.50 33.57 31.84
CA LEU B 337 -23.04 33.53 31.86
C LEU B 337 -22.63 32.07 31.73
N ASN B 338 -23.30 31.22 32.51
CA ASN B 338 -23.09 29.77 32.50
C ASN B 338 -23.44 29.30 31.11
N ASP B 339 -24.49 29.91 30.59
CA ASP B 339 -25.01 29.65 29.26
C ASP B 339 -23.89 29.88 28.20
N VAL B 340 -22.92 30.73 28.51
CA VAL B 340 -21.78 31.01 27.62
C VAL B 340 -20.77 29.89 27.83
N ARG B 341 -20.55 29.56 29.09
CA ARG B 341 -19.64 28.48 29.47
C ARG B 341 -20.02 27.23 28.68
N LYS B 342 -21.31 27.06 28.44
CA LYS B 342 -21.81 25.92 27.68
C LYS B 342 -21.16 25.97 26.31
N ILE B 343 -21.30 27.13 25.66
CA ILE B 343 -20.77 27.37 24.33
C ILE B 343 -19.31 27.01 24.19
N TYR B 344 -18.48 27.61 25.03
CA TYR B 344 -17.05 27.34 25.02
C TYR B 344 -16.77 25.87 25.13
N LEU B 345 -17.27 25.31 26.23
CA LEU B 345 -17.14 23.90 26.53
C LEU B 345 -17.63 23.03 25.37
N ALA B 346 -18.65 23.51 24.67
CA ALA B 346 -19.23 22.78 23.55
C ALA B 346 -18.28 22.65 22.38
N LEU B 347 -17.65 23.76 21.99
CA LEU B 347 -16.71 23.73 20.87
C LEU B 347 -15.37 23.12 21.27
N MET B 348 -15.09 23.14 22.57
CA MET B 348 -13.87 22.56 23.11
C MET B 348 -13.97 21.04 23.09
N PHE B 349 -15.15 20.55 22.78
CA PHE B 349 -15.41 19.13 22.67
C PHE B 349 -16.17 18.90 21.39
N PRO B 350 -15.45 19.00 20.26
CA PRO B 350 -15.88 18.86 18.86
C PRO B 350 -17.38 18.67 18.69
N GLY B 351 -17.79 17.51 18.21
CA GLY B 351 -19.20 17.25 18.02
C GLY B 351 -19.80 16.49 19.21
N GLN B 352 -19.02 16.39 20.29
CA GLN B 352 -19.43 15.69 21.51
C GLN B 352 -20.59 16.40 22.21
N ILE B 353 -20.63 17.73 22.11
CA ILE B 353 -21.70 18.53 22.69
C ILE B 353 -22.24 19.46 21.61
N ILE B 354 -23.55 19.40 21.40
CA ILE B 354 -24.22 20.21 20.40
C ILE B 354 -24.97 21.36 21.08
N LEU B 355 -25.24 22.41 20.32
CA LEU B 355 -25.94 23.56 20.86
C LEU B 355 -27.33 23.78 20.27
N ASP B 356 -28.22 24.30 21.11
CA ASP B 356 -29.61 24.57 20.72
C ASP B 356 -30.20 25.76 21.47
N LEU B 357 -31.02 26.52 20.76
CA LEU B 357 -31.69 27.72 21.25
C LEU B 357 -32.03 27.96 22.71
N LYS B 358 -33.09 27.29 23.17
CA LYS B 358 -33.65 27.43 24.52
C LYS B 358 -34.42 28.73 24.51
N ILE B 359 -35.67 28.66 24.95
CA ILE B 359 -36.51 29.83 24.97
C ILE B 359 -37.31 29.99 26.24
N ASP B 360 -37.09 31.09 26.95
CA ASP B 360 -37.90 31.38 28.11
C ASP B 360 -38.87 32.36 27.45
N PRO B 361 -40.18 32.08 27.47
CA PRO B 361 -41.13 33.00 26.83
C PRO B 361 -41.15 34.37 27.53
N GLY B 362 -40.47 34.45 28.67
CA GLY B 362 -40.41 35.68 29.45
C GLY B 362 -39.50 36.73 28.83
N GLU B 363 -38.43 37.06 29.57
CA GLU B 363 -37.43 38.06 29.18
C GLU B 363 -37.45 38.56 27.74
N ARG B 364 -37.96 39.78 27.57
CA ARG B 364 -38.09 40.43 26.28
C ARG B 364 -36.76 41.06 25.90
N MET B 365 -36.14 40.56 24.85
CA MET B 365 -34.87 41.08 24.38
C MET B 365 -35.12 41.92 23.13
N ASP B 366 -34.20 42.82 22.83
CA ASP B 366 -34.35 43.62 21.62
C ASP B 366 -34.01 42.67 20.49
N PRO B 367 -34.85 42.65 19.44
CA PRO B 367 -34.63 41.76 18.29
C PRO B 367 -33.25 41.88 17.65
N ALA B 368 -32.62 43.04 17.80
CA ALA B 368 -31.28 43.27 17.24
C ALA B 368 -30.34 42.17 17.68
N VAL B 369 -30.50 41.72 18.93
CA VAL B 369 -29.72 40.63 19.50
C VAL B 369 -29.65 39.49 18.49
N ARG B 370 -30.80 39.17 17.90
CA ARG B 370 -30.88 38.12 16.88
C ARG B 370 -29.95 38.37 15.69
N MET B 371 -29.92 39.60 15.18
CA MET B 371 -29.06 39.94 14.04
C MET B 371 -27.65 39.54 14.37
N VAL B 372 -27.08 40.30 15.30
CA VAL B 372 -25.71 40.11 15.76
C VAL B 372 -25.44 38.62 15.92
N ALA B 373 -26.28 37.97 16.72
CA ALA B 373 -26.14 36.55 16.98
C ALA B 373 -26.20 35.71 15.69
N GLY B 374 -26.96 36.20 14.72
CA GLY B 374 -27.07 35.51 13.44
C GLY B 374 -25.73 35.50 12.75
N VAL B 375 -25.06 36.65 12.75
CA VAL B 375 -23.75 36.82 12.15
C VAL B 375 -22.74 36.05 13.01
N VAL B 376 -22.60 36.50 14.25
CA VAL B 376 -21.70 35.90 15.23
C VAL B 376 -21.69 34.38 15.14
N GLY B 377 -22.88 33.79 15.30
CA GLY B 377 -23.03 32.35 15.22
C GLY B 377 -22.37 31.76 13.99
N HIS B 378 -22.57 32.41 12.86
CA HIS B 378 -22.00 31.97 11.60
C HIS B 378 -20.47 31.92 11.56
N LEU B 379 -19.81 32.88 12.21
CA LEU B 379 -18.35 32.86 12.20
C LEU B 379 -17.65 32.38 13.47
N LEU B 380 -18.40 31.79 14.39
CA LEU B 380 -17.78 31.27 15.59
C LEU B 380 -18.12 29.79 15.83
N PHE B 381 -19.11 29.30 15.09
CA PHE B 381 -19.51 27.90 15.19
C PHE B 381 -19.20 27.16 13.92
N THR B 382 -18.81 25.91 14.08
CA THR B 382 -18.47 25.10 12.91
C THR B 382 -19.53 24.08 12.56
N ALA B 383 -20.24 24.35 11.47
CA ALA B 383 -21.25 23.43 10.96
C ALA B 383 -20.59 22.77 9.76
N GLY B 384 -19.27 22.89 9.71
CA GLY B 384 -18.46 22.31 8.65
C GLY B 384 -18.72 20.84 8.49
N GLY B 385 -18.74 20.40 7.23
CA GLY B 385 -18.99 19.02 6.89
C GLY B 385 -18.00 17.99 7.40
N ARG B 386 -17.20 18.41 8.38
CA ARG B 386 -16.21 17.56 8.99
C ARG B 386 -16.73 16.98 10.31
N PHE B 387 -17.43 17.81 11.09
CA PHE B 387 -17.93 17.37 12.39
C PHE B 387 -19.19 18.03 12.99
N THR B 388 -19.31 19.35 12.88
CA THR B 388 -20.48 20.12 13.42
C THR B 388 -20.63 20.39 14.93
N ASN B 389 -21.01 21.62 15.25
CA ASN B 389 -21.19 22.08 16.61
C ASN B 389 -22.67 22.23 17.00
N LEU B 390 -23.48 22.60 16.01
CA LEU B 390 -24.90 22.89 16.23
C LEU B 390 -25.92 21.88 15.78
N THR B 391 -27.14 22.04 16.31
CA THR B 391 -28.28 21.21 15.98
C THR B 391 -28.79 21.66 14.63
N GLN B 392 -29.48 20.75 13.95
CA GLN B 392 -30.03 21.03 12.64
C GLN B 392 -30.95 22.25 12.66
N ASN B 393 -31.86 22.29 13.63
CA ASN B 393 -32.81 23.40 13.76
C ASN B 393 -32.12 24.64 14.30
N MET B 394 -31.07 24.42 15.10
CA MET B 394 -30.29 25.49 15.69
C MET B 394 -29.78 26.35 14.54
N ALA B 395 -29.12 25.69 13.59
CA ALA B 395 -28.58 26.35 12.42
C ALA B 395 -29.64 27.15 11.67
N ARG B 396 -30.76 26.53 11.32
CA ARG B 396 -31.83 27.24 10.62
C ARG B 396 -32.11 28.59 11.28
N GLN B 397 -32.35 28.57 12.57
CA GLN B 397 -32.66 29.78 13.33
C GLN B 397 -31.61 30.88 13.18
N LEU B 398 -30.37 30.47 12.95
CA LEU B 398 -29.26 31.41 12.78
C LEU B 398 -29.27 31.98 11.37
N ASP B 399 -29.67 31.14 10.43
CA ASP B 399 -29.78 31.54 9.03
C ASP B 399 -30.95 32.52 8.90
N ILE B 400 -32.01 32.24 9.65
CA ILE B 400 -33.19 33.09 9.65
C ILE B 400 -32.82 34.40 10.34
N ALA B 401 -31.98 34.31 11.37
CA ALA B 401 -31.52 35.50 12.09
C ALA B 401 -30.68 36.34 11.15
N LEU B 402 -29.80 35.67 10.42
CA LEU B 402 -28.92 36.30 9.46
C LEU B 402 -29.78 36.94 8.38
N ASN B 403 -30.56 36.09 7.70
CA ASN B 403 -31.49 36.47 6.64
C ASN B 403 -32.30 37.68 7.06
N ASP B 404 -33.13 37.50 8.09
CA ASP B 404 -33.98 38.56 8.63
C ASP B 404 -33.22 39.87 8.76
N TYR B 405 -31.94 39.76 9.06
CA TYR B 405 -31.15 40.94 9.28
C TYR B 405 -30.31 41.50 8.19
N LEU B 406 -30.06 40.67 7.18
CA LEU B 406 -29.34 41.14 6.02
C LEU B 406 -30.42 42.06 5.42
N LEU B 407 -31.68 41.61 5.56
CA LEU B 407 -32.90 42.27 5.08
C LEU B 407 -33.38 43.47 5.90
N TYR B 408 -32.81 43.67 7.08
CA TYR B 408 -33.17 44.82 7.89
C TYR B 408 -32.18 45.95 7.53
N MET B 409 -32.67 46.92 6.77
CA MET B 409 -31.89 48.07 6.32
C MET B 409 -32.15 49.38 7.05
N TYR B 410 -31.33 49.69 8.04
CA TYR B 410 -31.54 50.94 8.76
C TYR B 410 -31.01 52.17 8.00
N ASN B 411 -30.37 51.91 6.86
CA ASN B 411 -29.84 52.97 6.00
C ASN B 411 -30.50 52.79 4.65
N THR B 412 -29.99 53.48 3.63
CA THR B 412 -30.53 53.36 2.27
C THR B 412 -30.52 51.90 1.82
N ARG B 413 -31.61 51.47 1.21
CA ARG B 413 -31.74 50.09 0.76
C ARG B 413 -30.97 49.73 -0.52
N VAL B 414 -30.48 48.49 -0.57
CA VAL B 414 -29.76 47.97 -1.73
C VAL B 414 -30.62 46.97 -2.50
N GLN B 415 -30.24 46.73 -3.75
CA GLN B 415 -30.95 45.82 -4.64
C GLN B 415 -30.97 44.38 -4.12
N VAL B 416 -32.14 43.94 -3.67
CA VAL B 416 -32.30 42.58 -3.18
C VAL B 416 -33.00 41.74 -4.26
N ASN B 417 -32.23 40.93 -4.96
CA ASN B 417 -32.82 40.10 -6.00
C ASN B 417 -33.05 38.70 -5.51
N TYR B 418 -34.26 38.49 -4.98
CA TYR B 418 -34.70 37.22 -4.41
C TYR B 418 -34.60 36.02 -5.32
N GLY B 419 -34.61 34.86 -4.67
CA GLY B 419 -34.55 33.60 -5.39
C GLY B 419 -35.92 32.97 -5.42
N PRO B 420 -36.15 32.02 -6.34
CA PRO B 420 -37.42 31.29 -6.52
C PRO B 420 -37.86 30.56 -5.25
N THR B 421 -36.90 30.09 -4.47
CA THR B 421 -37.19 29.37 -3.24
C THR B 421 -37.52 30.34 -2.12
N GLY B 422 -38.52 29.96 -1.33
CA GLY B 422 -38.92 30.78 -0.20
C GLY B 422 -37.92 30.62 0.94
N GLU B 423 -37.05 29.62 0.80
CA GLU B 423 -36.04 29.33 1.80
C GLU B 423 -35.15 30.55 2.04
N PRO B 424 -34.89 30.87 3.33
CA PRO B 424 -34.06 32.02 3.71
C PRO B 424 -32.66 31.99 3.12
N LEU B 425 -32.23 33.16 2.68
CA LEU B 425 -30.93 33.42 2.08
C LEU B 425 -30.92 33.04 0.61
N ASP B 426 -31.99 33.34 -0.11
CA ASP B 426 -32.01 33.00 -1.53
C ASP B 426 -31.59 34.20 -2.33
N PHE B 427 -31.97 35.37 -1.83
CA PHE B 427 -31.66 36.66 -2.43
C PHE B 427 -30.18 36.91 -2.72
N GLN B 428 -29.92 38.02 -3.42
CA GLN B 428 -28.57 38.43 -3.77
C GLN B 428 -28.45 39.94 -3.59
N ILE B 429 -28.24 40.37 -2.35
CA ILE B 429 -28.10 41.78 -2.05
C ILE B 429 -26.71 42.24 -2.37
N GLY B 430 -26.65 43.43 -2.96
CA GLY B 430 -25.38 44.02 -3.31
C GLY B 430 -25.53 44.63 -4.67
N ARG B 431 -24.84 45.73 -4.89
CA ARG B 431 -24.88 46.43 -6.17
C ARG B 431 -24.05 45.61 -7.18
N ASN B 432 -23.48 44.53 -6.67
CA ASN B 432 -22.65 43.58 -7.43
C ASN B 432 -23.25 42.19 -7.23
N GLN B 433 -24.49 42.16 -6.76
CA GLN B 433 -25.26 40.94 -6.50
C GLN B 433 -24.79 40.19 -5.26
N TYR B 434 -24.04 39.11 -5.48
CA TYR B 434 -23.52 38.27 -4.39
C TYR B 434 -24.60 37.45 -3.71
N ASP B 435 -24.46 36.14 -3.83
CA ASP B 435 -25.39 35.19 -3.23
C ASP B 435 -25.29 35.23 -1.73
N CYS B 436 -26.43 35.00 -1.11
CA CYS B 436 -26.50 34.93 0.32
C CYS B 436 -26.91 33.49 0.54
N ASN B 437 -27.10 32.79 -0.59
CA ASN B 437 -27.44 31.37 -0.66
C ASN B 437 -26.24 30.57 -0.17
N VAL B 438 -25.06 31.18 -0.26
CA VAL B 438 -23.83 30.53 0.17
C VAL B 438 -23.88 30.31 1.68
N PHE B 439 -24.37 31.33 2.39
CA PHE B 439 -24.49 31.26 3.84
C PHE B 439 -25.79 30.58 4.23
N ARG B 440 -26.09 29.48 3.57
CA ARG B 440 -27.31 28.72 3.84
C ARG B 440 -26.98 27.87 5.04
N ALA B 441 -26.91 26.55 4.86
CA ALA B 441 -26.59 25.66 5.97
C ALA B 441 -26.61 24.22 5.51
N ASP B 442 -25.53 23.78 4.88
CA ASP B 442 -25.46 22.39 4.47
C ASP B 442 -24.51 21.75 5.45
N PHE B 443 -24.93 20.65 6.06
CA PHE B 443 -24.09 19.95 7.03
C PHE B 443 -23.01 19.11 6.37
N ALA B 444 -23.27 18.66 5.15
CA ALA B 444 -22.31 17.86 4.42
C ALA B 444 -21.23 18.74 3.77
N THR B 445 -21.50 20.04 3.73
CA THR B 445 -20.55 20.98 3.15
C THR B 445 -20.05 21.97 4.20
N GLY B 446 -20.99 22.52 4.96
CA GLY B 446 -20.68 23.49 6.01
C GLY B 446 -20.51 24.87 5.41
N THR B 447 -21.07 25.03 4.21
CA THR B 447 -21.01 26.25 3.40
C THR B 447 -21.30 27.58 4.07
N GLY B 448 -22.05 27.57 5.17
CA GLY B 448 -22.34 28.85 5.81
C GLY B 448 -21.35 29.19 6.89
N TYR B 449 -21.40 28.38 7.94
CA TYR B 449 -20.57 28.53 9.13
C TYR B 449 -19.14 28.01 8.97
N ASN B 450 -18.28 28.46 9.88
CA ASN B 450 -16.85 28.11 9.98
C ASN B 450 -16.28 26.99 9.15
N GLY B 451 -14.99 27.14 8.86
CA GLY B 451 -14.27 26.14 8.07
C GLY B 451 -15.13 25.57 6.97
N TRP B 452 -15.65 26.48 6.15
CA TRP B 452 -16.49 26.09 5.04
C TRP B 452 -15.58 25.72 3.88
N ALA B 453 -14.40 26.32 3.86
CA ALA B 453 -13.42 26.07 2.83
C ALA B 453 -12.14 25.64 3.51
N THR B 454 -12.26 25.19 4.76
CA THR B 454 -11.09 24.81 5.54
C THR B 454 -11.01 23.35 5.99
N ILE B 455 -9.78 22.97 6.35
CA ILE B 455 -9.46 21.64 6.86
C ILE B 455 -9.28 21.89 8.36
N ASP B 456 -10.12 21.25 9.16
CA ASP B 456 -10.09 21.42 10.61
C ASP B 456 -9.79 20.12 11.32
N VAL B 457 -9.80 19.02 10.58
CA VAL B 457 -9.48 17.71 11.11
C VAL B 457 -8.19 17.34 10.42
N GLU B 458 -7.09 17.48 11.14
CA GLU B 458 -5.81 17.16 10.56
C GLU B 458 -5.15 15.98 11.25
N TYR B 459 -5.23 14.80 10.62
CA TYR B 459 -4.59 13.60 11.15
C TYR B 459 -3.16 13.88 10.80
N ARG B 460 -2.25 13.55 11.70
CA ARG B 460 -0.86 13.87 11.46
C ARG B 460 -0.08 13.44 12.67
N ASP B 461 1.12 12.91 12.44
CA ASP B 461 1.98 12.47 13.53
C ASP B 461 1.34 11.28 14.27
N PRO B 462 2.16 10.38 14.82
CA PRO B 462 1.55 9.26 15.55
C PRO B 462 1.15 9.83 16.92
N ALA B 463 -0.06 9.53 17.37
CA ALA B 463 -0.53 10.06 18.64
C ALA B 463 -0.11 9.19 19.82
N PRO B 464 0.24 9.82 20.95
CA PRO B 464 0.66 9.07 22.15
C PRO B 464 -0.51 8.28 22.71
N TYR B 465 -1.73 8.69 22.35
CA TYR B 465 -2.90 7.98 22.82
C TYR B 465 -3.38 6.83 21.97
N VAL B 466 -3.68 7.09 20.69
CA VAL B 466 -4.13 6.05 19.75
C VAL B 466 -5.63 5.92 19.52
N HIS B 467 -6.49 6.43 20.42
CA HIS B 467 -7.93 6.34 20.17
C HIS B 467 -8.05 7.36 19.06
N ALA B 468 -7.59 8.56 19.41
CA ALA B 468 -7.59 9.71 18.54
C ALA B 468 -6.17 10.10 18.14
N GLN B 469 -5.99 10.09 16.83
CA GLN B 469 -4.73 10.42 16.18
C GLN B 469 -4.94 11.78 15.52
N ARG B 470 -6.21 12.14 15.43
CA ARG B 470 -6.65 13.40 14.85
C ARG B 470 -6.19 14.51 15.76
N TYR B 471 -6.15 15.72 15.19
CA TYR B 471 -5.84 16.88 15.96
C TYR B 471 -6.37 18.11 15.24
N ILE B 472 -7.41 18.66 15.87
CA ILE B 472 -8.21 19.78 15.42
C ILE B 472 -7.63 21.17 15.20
N ARG B 473 -7.91 21.70 14.01
CA ARG B 473 -7.49 23.02 13.59
C ARG B 473 -8.70 23.87 13.24
N TYR B 474 -9.29 24.56 14.22
CA TYR B 474 -10.42 25.45 13.95
C TYR B 474 -9.91 26.59 13.07
N CYS B 475 -10.55 26.79 11.92
CA CYS B 475 -10.15 27.85 10.98
C CYS B 475 -8.73 27.64 10.46
N GLY B 476 -8.24 26.39 10.50
CA GLY B 476 -6.90 26.08 10.04
C GLY B 476 -5.80 26.91 10.65
N ILE B 477 -5.92 27.17 11.95
CA ILE B 477 -4.92 27.97 12.65
C ILE B 477 -4.20 27.06 13.63
N ASP B 478 -2.96 26.69 13.33
CA ASP B 478 -2.24 25.85 14.26
C ASP B 478 -1.70 26.76 15.37
N SER B 479 -1.79 26.27 16.61
CA SER B 479 -1.32 27.03 17.76
C SER B 479 0.04 27.68 17.50
N ARG B 480 0.81 27.06 16.60
CA ARG B 480 2.14 27.55 16.23
C ARG B 480 2.16 29.01 15.81
N GLU B 481 1.13 29.43 15.07
CA GLU B 481 1.04 30.81 14.59
C GLU B 481 1.16 31.84 15.72
N LEU B 482 0.94 31.37 16.95
CA LEU B 482 1.06 32.19 18.15
C LEU B 482 2.56 32.27 18.48
N ILE B 483 3.19 31.11 18.67
CA ILE B 483 4.63 30.95 18.96
C ILE B 483 5.45 31.81 17.99
N ASN B 484 5.21 31.56 16.70
CA ASN B 484 5.87 32.28 15.63
C ASN B 484 4.74 32.42 14.61
N PRO B 485 4.57 33.63 14.06
CA PRO B 485 3.52 33.90 13.07
C PRO B 485 3.65 33.04 11.85
N THR B 486 2.64 33.08 10.99
CA THR B 486 2.72 32.31 9.77
C THR B 486 2.70 33.33 8.65
N THR B 487 1.67 34.16 8.65
CA THR B 487 1.55 35.16 7.61
C THR B 487 0.95 36.46 8.12
N TYR B 488 1.84 37.40 8.40
CA TYR B 488 1.52 38.74 8.87
C TYR B 488 0.42 38.90 9.88
N GLY B 489 0.16 40.16 10.22
CA GLY B 489 -0.87 40.48 11.18
C GLY B 489 -2.03 41.14 10.47
N ILE B 490 -1.74 41.76 9.33
CA ILE B 490 -2.76 42.44 8.53
C ILE B 490 -3.80 41.37 8.18
N GLY B 491 -3.37 40.45 7.34
CA GLY B 491 -4.22 39.38 6.90
C GLY B 491 -4.04 38.12 7.73
N MET B 492 -5.10 37.76 8.41
CA MET B 492 -5.13 36.54 9.21
C MET B 492 -6.34 35.78 8.69
N THR B 493 -7.31 36.55 8.20
CA THR B 493 -8.58 36.11 7.65
C THR B 493 -8.67 34.69 7.09
N TYR B 494 -9.64 33.94 7.58
CA TYR B 494 -9.89 32.61 7.09
C TYR B 494 -11.16 32.75 6.23
N HIS B 495 -11.33 31.83 5.30
CA HIS B 495 -12.47 31.89 4.41
C HIS B 495 -13.75 31.51 5.14
N CYS B 496 -14.68 32.48 5.13
CA CYS B 496 -16.00 32.42 5.76
C CYS B 496 -16.11 33.76 6.39
N TYR B 497 -15.19 34.02 7.32
CA TYR B 497 -15.13 35.30 8.01
C TYR B 497 -14.88 36.34 6.94
N ASN B 498 -14.10 35.95 5.93
CA ASN B 498 -13.80 36.85 4.84
C ASN B 498 -15.04 37.08 4.01
N GLU B 499 -15.67 35.99 3.60
CA GLU B 499 -16.89 36.09 2.82
C GLU B 499 -17.99 36.82 3.58
N MET B 500 -17.97 36.66 4.90
CA MET B 500 -18.93 37.27 5.80
C MET B 500 -18.81 38.76 5.65
N LEU B 501 -17.58 39.24 5.66
CA LEU B 501 -17.29 40.66 5.51
C LEU B 501 -17.84 41.17 4.19
N ARG B 502 -17.43 40.52 3.11
CA ARG B 502 -17.88 40.88 1.77
C ARG B 502 -19.39 41.06 1.69
N MET B 503 -20.13 40.13 2.29
CA MET B 503 -21.58 40.18 2.31
C MET B 503 -22.07 41.39 3.11
N LEU B 504 -21.64 41.49 4.35
CA LEU B 504 -21.99 42.62 5.23
C LEU B 504 -21.85 43.95 4.52
N VAL B 505 -20.84 44.04 3.65
CA VAL B 505 -20.56 45.24 2.88
C VAL B 505 -21.60 45.39 1.79
N ALA B 506 -21.52 44.51 0.79
CA ALA B 506 -22.42 44.48 -0.36
C ALA B 506 -23.86 44.76 0.02
N ALA B 507 -24.31 44.09 1.08
CA ALA B 507 -25.66 44.27 1.58
C ALA B 507 -25.67 45.45 2.56
N GLY B 508 -26.08 45.21 3.81
CA GLY B 508 -26.15 46.23 4.84
C GLY B 508 -25.04 47.26 4.85
N LYS B 509 -24.17 47.21 5.86
CA LYS B 509 -23.13 48.20 5.88
C LYS B 509 -21.78 47.81 6.45
N ASP B 510 -20.83 48.64 6.06
CA ASP B 510 -19.42 48.56 6.42
C ASP B 510 -19.20 48.88 7.88
N SER B 511 -19.91 49.87 8.39
CA SER B 511 -19.83 50.30 9.78
C SER B 511 -19.71 49.11 10.73
N GLU B 512 -20.50 48.07 10.49
CA GLU B 512 -20.45 46.87 11.32
C GLU B 512 -19.34 45.94 10.85
N ALA B 513 -19.20 45.80 9.53
CA ALA B 513 -18.16 44.94 8.95
C ALA B 513 -16.78 45.38 9.41
N ALA B 514 -16.67 46.64 9.81
CA ALA B 514 -15.41 47.22 10.28
C ALA B 514 -15.11 46.64 11.66
N TYR B 515 -16.16 46.53 12.47
CA TYR B 515 -16.05 45.97 13.81
C TYR B 515 -15.44 44.57 13.69
N PHE B 516 -16.07 43.74 12.87
CA PHE B 516 -15.61 42.37 12.66
C PHE B 516 -14.25 42.30 12.00
N ARG B 517 -13.95 43.31 11.19
CA ARG B 517 -12.67 43.37 10.51
C ARG B 517 -11.56 43.48 11.56
N SER B 518 -11.73 44.45 12.46
CA SER B 518 -10.76 44.69 13.52
C SER B 518 -10.79 43.61 14.59
N MET B 519 -11.95 43.00 14.78
CA MET B 519 -12.11 41.95 15.78
C MET B 519 -11.38 40.68 15.37
N LEU B 520 -11.42 40.41 14.07
CA LEU B 520 -10.82 39.23 13.44
C LEU B 520 -9.62 38.59 14.16
N PRO B 521 -8.50 39.33 14.35
CA PRO B 521 -7.34 38.75 15.04
C PRO B 521 -7.73 38.17 16.39
N PHE B 522 -8.35 38.98 17.24
CA PHE B 522 -8.79 38.57 18.58
C PHE B 522 -9.54 37.25 18.50
N HIS B 523 -10.39 37.16 17.49
CA HIS B 523 -11.19 35.98 17.21
C HIS B 523 -10.31 34.77 16.97
N MET B 524 -9.47 34.85 15.96
CA MET B 524 -8.58 33.76 15.61
C MET B 524 -7.64 33.36 16.75
N VAL B 525 -7.15 34.34 17.50
CA VAL B 525 -6.27 34.05 18.63
C VAL B 525 -7.03 33.13 19.56
N ARG B 526 -8.23 33.55 19.95
CA ARG B 526 -9.07 32.77 20.84
C ARG B 526 -9.19 31.34 20.34
N PHE B 527 -9.36 31.21 19.02
CA PHE B 527 -9.47 29.90 18.39
C PHE B 527 -8.18 29.11 18.37
N ALA B 528 -7.06 29.80 18.18
CA ALA B 528 -5.78 29.14 18.15
C ALA B 528 -5.53 28.49 19.51
N ARG B 529 -5.83 29.25 20.57
CA ARG B 529 -5.66 28.79 21.94
C ARG B 529 -6.57 27.58 22.15
N ILE B 530 -7.81 27.70 21.68
CA ILE B 530 -8.80 26.63 21.80
C ILE B 530 -8.27 25.34 21.22
N ASN B 531 -7.69 25.42 20.03
CA ASN B 531 -7.12 24.26 19.35
C ASN B 531 -6.06 23.64 20.23
N GLN B 532 -5.10 24.47 20.63
CA GLN B 532 -4.00 24.08 21.49
C GLN B 532 -4.58 23.24 22.64
N ILE B 533 -5.47 23.85 23.41
CA ILE B 533 -6.14 23.20 24.53
C ILE B 533 -6.72 21.84 24.18
N ILE B 534 -7.45 21.77 23.07
CA ILE B 534 -8.09 20.53 22.63
C ILE B 534 -7.13 19.40 22.37
N ASN B 535 -6.55 19.40 21.18
CA ASN B 535 -5.64 18.36 20.74
C ASN B 535 -4.27 18.30 21.39
N GLU B 536 -4.06 19.11 22.42
CA GLU B 536 -2.77 19.08 23.10
C GLU B 536 -2.99 18.91 24.59
N ASP B 537 -3.50 19.96 25.21
CA ASP B 537 -3.74 20.01 26.64
C ASP B 537 -4.70 18.95 27.21
N LEU B 538 -5.61 18.44 26.39
CA LEU B 538 -6.58 17.49 26.94
C LEU B 538 -6.92 16.20 26.22
N HIS B 539 -6.05 15.67 25.38
CA HIS B 539 -6.42 14.40 24.79
C HIS B 539 -5.94 13.31 25.76
N SER B 540 -6.92 12.65 26.41
CA SER B 540 -6.70 11.59 27.39
C SER B 540 -7.31 10.30 26.89
N VAL B 541 -7.52 9.32 27.76
CA VAL B 541 -8.16 8.09 27.28
C VAL B 541 -9.62 8.39 26.97
N PHE B 542 -10.23 9.21 27.83
CA PHE B 542 -11.62 9.59 27.69
C PHE B 542 -11.86 10.51 26.51
N SER B 543 -10.77 10.91 25.88
CA SER B 543 -10.78 11.78 24.70
C SER B 543 -11.88 11.46 23.69
N LEU B 544 -11.92 10.21 23.22
CA LEU B 544 -12.87 9.66 22.23
C LEU B 544 -12.23 9.37 20.88
N PRO B 545 -12.31 8.09 20.47
CA PRO B 545 -11.76 7.58 19.21
C PRO B 545 -12.25 8.34 17.98
N ASP B 546 -11.35 8.46 17.01
CA ASP B 546 -11.66 9.13 15.76
C ASP B 546 -12.85 8.46 15.09
N ASP B 547 -12.97 7.14 15.30
CA ASP B 547 -14.06 6.35 14.72
C ASP B 547 -15.36 7.04 14.98
N MET B 548 -15.71 7.07 16.26
CA MET B 548 -16.94 7.67 16.73
C MET B 548 -17.05 9.14 16.34
N PHE B 549 -15.92 9.82 16.34
CA PHE B 549 -15.88 11.22 15.97
C PHE B 549 -16.45 11.41 14.56
N ASN B 550 -15.80 10.73 13.62
CA ASN B 550 -16.18 10.79 12.21
C ASN B 550 -17.62 10.33 12.01
N ALA B 551 -18.02 9.35 12.82
CA ALA B 551 -19.38 8.80 12.77
C ALA B 551 -20.44 9.83 13.16
N LEU B 552 -20.11 10.70 14.10
CA LEU B 552 -21.05 11.70 14.59
C LEU B 552 -21.83 12.45 13.55
N LEU B 553 -21.14 13.20 12.70
CA LEU B 553 -21.83 13.99 11.70
C LEU B 553 -22.86 13.23 10.85
N PRO B 554 -22.43 12.25 10.04
CA PRO B 554 -23.39 11.51 9.20
C PRO B 554 -24.51 10.82 9.98
N ASP B 555 -24.16 10.22 11.11
CA ASP B 555 -25.12 9.53 11.95
C ASP B 555 -26.16 10.52 12.47
N LEU B 556 -25.73 11.77 12.67
CA LEU B 556 -26.62 12.81 13.17
C LEU B 556 -27.65 13.14 12.11
N ILE B 557 -27.18 13.24 10.87
CA ILE B 557 -28.03 13.54 9.73
C ILE B 557 -29.09 12.47 9.49
N ALA B 558 -28.66 11.21 9.52
CA ALA B 558 -29.58 10.10 9.31
C ALA B 558 -30.38 9.75 10.57
N GLY B 559 -29.85 10.16 11.72
CA GLY B 559 -30.51 9.85 12.98
C GLY B 559 -30.38 8.37 13.22
N ALA B 560 -29.14 7.90 13.30
CA ALA B 560 -28.86 6.48 13.50
C ALA B 560 -29.24 5.99 14.88
N HIS B 561 -28.27 5.93 15.78
CA HIS B 561 -28.49 5.49 17.15
C HIS B 561 -27.14 5.56 17.82
N GLN B 562 -26.34 6.53 17.38
CA GLN B 562 -25.00 6.75 17.90
C GLN B 562 -24.94 6.55 19.40
N ASN B 563 -24.26 5.47 19.80
CA ASN B 563 -24.08 5.07 21.19
C ASN B 563 -23.58 6.27 21.98
N ALA B 564 -22.78 7.06 21.29
CA ALA B 564 -22.22 8.27 21.86
C ALA B 564 -23.12 9.40 21.37
N ASP B 565 -24.36 9.40 21.82
CA ASP B 565 -25.31 10.45 21.44
C ASP B 565 -24.74 11.73 22.00
N PRO B 566 -24.58 12.75 21.13
CA PRO B 566 -24.04 14.02 21.61
C PRO B 566 -24.99 14.67 22.61
N VAL B 567 -24.43 15.37 23.58
CA VAL B 567 -25.24 16.04 24.57
C VAL B 567 -25.70 17.34 23.98
N VAL B 568 -27.02 17.56 23.98
CA VAL B 568 -27.52 18.80 23.43
C VAL B 568 -27.75 19.77 24.56
N LEU B 569 -27.03 20.88 24.48
CA LEU B 569 -27.12 21.93 25.47
C LEU B 569 -27.89 23.08 24.86
N ASP B 570 -28.65 23.75 25.72
CA ASP B 570 -29.46 24.86 25.27
C ASP B 570 -28.85 26.16 25.74
N VAL B 571 -28.71 27.09 24.80
CA VAL B 571 -28.10 28.39 25.05
C VAL B 571 -29.07 29.59 25.17
N SER B 572 -28.60 30.77 24.78
CA SER B 572 -29.36 32.00 24.86
C SER B 572 -28.84 32.92 23.77
N TRP B 573 -29.75 33.50 22.99
CA TRP B 573 -29.37 34.40 21.91
C TRP B 573 -28.25 35.37 22.30
N ILE B 574 -28.45 36.01 23.45
CA ILE B 574 -27.51 36.98 24.02
C ILE B 574 -26.10 36.40 24.12
N SER B 575 -26.00 35.25 24.79
CA SER B 575 -24.73 34.57 25.03
C SER B 575 -23.73 34.55 23.89
N LEU B 576 -24.22 34.46 22.66
CA LEU B 576 -23.35 34.44 21.48
C LEU B 576 -22.48 35.69 21.41
N TRP B 577 -23.10 36.83 21.65
CA TRP B 577 -22.41 38.11 21.66
C TRP B 577 -21.30 38.05 22.70
N PHE B 578 -21.68 37.67 23.92
CA PHE B 578 -20.79 37.55 25.05
C PHE B 578 -19.66 36.56 24.84
N ALA B 579 -19.99 35.44 24.24
CA ALA B 579 -19.02 34.38 23.95
C ALA B 579 -18.03 34.92 22.92
N PHE B 580 -18.57 35.65 21.96
CA PHE B 580 -17.76 36.23 20.91
C PHE B 580 -16.77 37.25 21.47
N ASN B 581 -17.20 38.00 22.49
CA ASN B 581 -16.36 39.02 23.09
C ASN B 581 -15.49 38.61 24.27
N ARG B 582 -15.40 37.31 24.50
CA ARG B 582 -14.58 36.75 25.57
C ARG B 582 -13.68 35.79 24.81
N SER B 583 -12.47 35.55 25.30
CA SER B 583 -11.56 34.66 24.56
C SER B 583 -10.95 33.48 25.29
N PHE B 584 -10.94 33.50 26.62
CA PHE B 584 -10.34 32.43 27.41
C PHE B 584 -8.86 32.22 27.07
N GLU B 585 -8.05 32.39 28.11
CA GLU B 585 -6.62 32.23 28.01
C GLU B 585 -6.24 31.36 29.20
N PRO B 586 -5.72 30.16 28.93
CA PRO B 586 -5.33 29.25 30.01
C PRO B 586 -4.26 29.80 30.97
N THR B 587 -4.44 29.48 32.25
CA THR B 587 -3.53 29.90 33.31
C THR B 587 -2.64 28.72 33.73
N HIS B 588 -3.18 27.84 34.57
CA HIS B 588 -2.44 26.68 35.06
C HIS B 588 -3.13 25.37 34.66
N ARG B 589 -2.36 24.34 34.33
CA ARG B 589 -2.90 23.03 33.92
C ARG B 589 -3.37 22.32 35.19
N ASN B 590 -4.61 21.82 35.24
CA ASN B 590 -5.09 21.20 36.48
C ASN B 590 -4.21 20.09 37.03
N GLU B 591 -3.96 20.18 38.33
CA GLU B 591 -3.07 19.26 39.06
C GLU B 591 -3.35 17.79 38.79
N MET B 592 -4.57 17.49 38.40
CA MET B 592 -4.95 16.11 38.14
C MET B 592 -4.16 15.51 36.96
N LEU B 593 -3.84 16.37 36.01
CA LEU B 593 -3.13 16.04 34.78
C LEU B 593 -1.91 15.12 34.82
N GLU B 594 -0.97 15.42 35.70
CA GLU B 594 0.27 14.66 35.78
C GLU B 594 0.12 13.23 36.30
N ILE B 595 -0.99 12.98 36.97
CA ILE B 595 -1.28 11.68 37.54
C ILE B 595 -2.39 11.00 36.75
N ALA B 596 -3.00 11.78 35.87
CA ALA B 596 -4.10 11.29 35.03
C ALA B 596 -3.93 9.86 34.52
N PRO B 597 -2.88 9.59 33.73
CA PRO B 597 -2.64 8.26 33.19
C PRO B 597 -2.77 7.13 34.21
N LEU B 598 -2.21 7.36 35.40
CA LEU B 598 -2.24 6.38 36.46
C LEU B 598 -3.67 6.05 36.84
N ILE B 599 -4.47 7.10 37.06
CA ILE B 599 -5.87 6.93 37.42
C ILE B 599 -6.52 6.08 36.34
N GLU B 600 -6.24 6.44 35.10
CA GLU B 600 -6.76 5.73 33.95
C GLU B 600 -6.46 4.24 34.04
N SER B 601 -5.20 3.89 34.28
CA SER B 601 -4.79 2.50 34.40
C SER B 601 -5.59 1.78 35.45
N VAL B 602 -5.77 2.43 36.60
CA VAL B 602 -6.50 1.88 37.71
C VAL B 602 -7.93 1.55 37.29
N TYR B 603 -8.58 2.53 36.69
CA TYR B 603 -9.94 2.37 36.23
C TYR B 603 -10.02 1.18 35.29
N ALA B 604 -9.34 1.29 34.15
CA ALA B 604 -9.32 0.28 33.12
C ALA B 604 -9.04 -1.13 33.61
N SER B 605 -8.00 -1.28 34.41
CA SER B 605 -7.63 -2.60 34.91
C SER B 605 -8.68 -3.19 35.86
N GLU B 606 -9.25 -2.35 36.72
CA GLU B 606 -10.26 -2.81 37.65
C GLU B 606 -11.50 -3.21 36.87
N LEU B 607 -11.74 -2.45 35.82
CA LEU B 607 -12.85 -2.63 34.91
C LEU B 607 -12.81 -4.05 34.36
N SER B 608 -11.75 -4.32 33.60
CA SER B 608 -11.53 -5.61 32.97
C SER B 608 -11.71 -6.78 33.93
N VAL B 609 -11.14 -6.66 35.13
CA VAL B 609 -11.25 -7.72 36.14
C VAL B 609 -12.70 -8.11 36.35
N MET B 610 -13.57 -7.11 36.39
CA MET B 610 -14.99 -7.37 36.56
C MET B 610 -15.47 -8.17 35.37
N LYS B 611 -15.21 -7.65 34.16
CA LYS B 611 -15.60 -8.31 32.92
C LYS B 611 -15.27 -9.80 32.99
N VAL B 612 -14.03 -10.10 33.39
CA VAL B 612 -13.56 -11.47 33.52
C VAL B 612 -14.50 -12.27 34.41
N ASP B 613 -14.71 -11.80 35.62
CA ASP B 613 -15.59 -12.48 36.55
C ASP B 613 -16.95 -12.76 35.92
N MET B 614 -17.59 -11.71 35.44
CA MET B 614 -18.88 -11.80 34.78
C MET B 614 -18.88 -12.84 33.68
N ARG B 615 -17.82 -12.83 32.88
CA ARG B 615 -17.66 -13.75 31.77
C ARG B 615 -17.99 -15.14 32.23
N HIS B 616 -17.09 -15.69 33.03
CA HIS B 616 -17.22 -17.03 33.54
C HIS B 616 -18.55 -17.31 34.21
N LEU B 617 -19.16 -16.30 34.79
CA LEU B 617 -20.43 -16.49 35.45
C LEU B 617 -21.57 -16.72 34.46
N SER B 618 -21.49 -16.09 33.29
CA SER B 618 -22.52 -16.27 32.29
C SER B 618 -22.58 -17.74 31.86
N LEU B 619 -21.40 -18.35 31.74
CA LEU B 619 -21.23 -19.74 31.35
C LEU B 619 -21.86 -20.67 32.36
N MET B 620 -21.88 -20.23 33.61
CA MET B 620 -22.45 -20.97 34.73
C MET B 620 -23.82 -21.54 34.43
N GLN B 621 -24.67 -20.70 33.86
CA GLN B 621 -26.02 -21.10 33.53
C GLN B 621 -26.02 -22.32 32.60
N ARG B 622 -25.15 -22.27 31.60
CA ARG B 622 -25.02 -23.36 30.63
C ARG B 622 -24.30 -24.57 31.22
N ARG B 623 -23.42 -24.33 32.18
CA ARG B 623 -22.66 -25.38 32.85
C ARG B 623 -23.57 -26.30 33.65
N PHE B 624 -24.50 -25.69 34.38
CA PHE B 624 -25.48 -26.43 35.21
C PHE B 624 -26.83 -25.71 35.15
N PRO B 625 -27.53 -25.85 34.04
CA PRO B 625 -28.84 -25.26 33.75
C PRO B 625 -29.93 -25.58 34.78
N ASP B 626 -29.73 -26.69 35.48
CA ASP B 626 -30.69 -27.10 36.49
C ASP B 626 -30.58 -26.28 37.77
N VAL B 627 -29.36 -25.89 38.15
CA VAL B 627 -29.14 -25.09 39.35
C VAL B 627 -29.77 -23.72 39.27
N LEU B 628 -29.54 -23.02 38.18
CA LEU B 628 -30.11 -21.69 38.02
C LEU B 628 -31.03 -21.61 36.81
N ILE B 629 -32.28 -21.99 37.06
CA ILE B 629 -33.33 -21.98 36.07
C ILE B 629 -33.71 -20.52 35.87
N GLN B 630 -34.08 -19.88 36.97
CA GLN B 630 -34.44 -18.47 36.98
C GLN B 630 -33.07 -17.79 37.01
N ALA B 631 -32.58 -17.34 35.86
CA ALA B 631 -31.25 -16.75 35.82
C ALA B 631 -31.17 -15.24 35.59
N ARG B 632 -30.95 -14.84 34.32
CA ARG B 632 -30.81 -13.44 33.88
C ARG B 632 -29.43 -12.91 34.22
N PRO B 633 -28.68 -12.45 33.20
CA PRO B 633 -27.33 -11.90 33.31
C PRO B 633 -27.18 -10.77 34.32
N SER B 634 -28.20 -9.93 34.38
CA SER B 634 -28.21 -8.81 35.33
C SER B 634 -27.78 -9.34 36.70
N HIS B 635 -28.28 -10.53 37.04
CA HIS B 635 -27.97 -11.18 38.31
C HIS B 635 -26.50 -11.30 38.66
N PHE B 636 -25.71 -11.87 37.77
CA PHE B 636 -24.29 -12.00 38.08
C PHE B 636 -23.57 -10.68 38.00
N TRP B 637 -23.84 -9.93 36.94
CA TRP B 637 -23.21 -8.62 36.74
C TRP B 637 -23.56 -7.68 37.90
N LYS B 638 -24.62 -8.01 38.61
CA LYS B 638 -25.07 -7.22 39.76
C LYS B 638 -24.21 -7.64 40.95
N ALA B 639 -24.04 -8.95 41.08
CA ALA B 639 -23.26 -9.55 42.16
C ALA B 639 -21.78 -9.26 42.00
N VAL B 640 -21.35 -9.03 40.76
CA VAL B 640 -19.96 -8.73 40.48
C VAL B 640 -19.73 -7.28 40.87
N LEU B 641 -20.61 -6.41 40.37
CA LEU B 641 -20.59 -4.97 40.65
C LEU B 641 -20.58 -4.78 42.15
N ASN B 642 -21.26 -5.68 42.82
CA ASN B 642 -21.38 -5.68 44.26
C ASN B 642 -20.02 -5.82 44.93
N ASP B 643 -19.32 -6.93 44.66
CA ASP B 643 -18.02 -7.18 45.26
C ASP B 643 -16.82 -6.41 44.74
N SER B 644 -17.07 -5.46 43.84
CA SER B 644 -15.98 -4.66 43.28
C SER B 644 -16.05 -3.21 43.78
N PRO B 645 -14.88 -2.53 43.86
CA PRO B 645 -14.64 -1.15 44.31
C PRO B 645 -15.61 -0.05 43.88
N GLU B 646 -16.06 0.70 44.87
CA GLU B 646 -17.02 1.78 44.70
C GLU B 646 -16.67 2.83 43.65
N ALA B 647 -15.47 3.40 43.82
CA ALA B 647 -14.96 4.44 42.93
C ALA B 647 -15.25 4.15 41.47
N VAL B 648 -14.79 2.98 41.03
CA VAL B 648 -14.97 2.54 39.65
C VAL B 648 -16.44 2.56 39.24
N LYS B 649 -17.27 1.95 40.07
CA LYS B 649 -18.70 1.87 39.85
C LYS B 649 -19.30 3.25 39.65
N ALA B 650 -18.83 4.20 40.45
CA ALA B 650 -19.32 5.57 40.39
C ALA B 650 -18.95 6.25 39.09
N VAL B 651 -17.76 5.92 38.58
CA VAL B 651 -17.29 6.50 37.33
C VAL B 651 -18.25 6.07 36.24
N MET B 652 -18.69 4.82 36.31
CA MET B 652 -19.62 4.30 35.34
C MET B 652 -21.00 4.93 35.50
N ASN B 653 -21.42 5.13 36.75
CA ASN B 653 -22.73 5.71 37.02
C ASN B 653 -22.80 7.23 37.01
N LEU B 654 -21.77 7.90 36.53
CA LEU B 654 -21.81 9.37 36.47
C LEU B 654 -23.04 9.79 35.67
N SER B 655 -23.24 9.10 34.55
CA SER B 655 -24.35 9.35 33.65
C SER B 655 -25.64 8.69 34.12
N HIS B 656 -25.54 7.89 35.20
CA HIS B 656 -26.66 7.16 35.78
C HIS B 656 -27.10 6.00 34.91
N SER B 657 -26.17 5.61 34.03
CA SER B 657 -26.37 4.53 33.08
C SER B 657 -26.95 3.24 33.69
N HIS B 658 -26.46 2.86 34.86
CA HIS B 658 -26.90 1.63 35.54
C HIS B 658 -28.39 1.32 35.56
N ASN B 659 -29.19 2.36 35.38
CA ASN B 659 -30.66 2.23 35.38
C ASN B 659 -31.20 2.21 33.95
N PHE B 660 -30.33 1.84 33.00
CA PHE B 660 -30.69 1.84 31.58
C PHE B 660 -30.09 0.69 30.81
N ILE B 661 -28.90 0.27 31.22
CA ILE B 661 -28.15 -0.81 30.59
C ILE B 661 -29.01 -2.08 30.49
N ASN B 662 -29.50 -2.38 29.28
CA ASN B 662 -30.35 -3.56 29.10
C ASN B 662 -29.53 -4.84 29.03
N ILE B 663 -30.14 -5.91 29.53
CA ILE B 663 -29.59 -7.26 29.57
C ILE B 663 -28.64 -7.51 28.41
N ARG B 664 -29.11 -7.20 27.21
CA ARG B 664 -28.34 -7.37 25.99
C ARG B 664 -27.06 -6.52 26.03
N ASP B 665 -27.22 -5.24 26.33
CA ASP B 665 -26.11 -4.29 26.42
C ASP B 665 -24.96 -4.85 27.23
N MET B 666 -25.30 -5.33 28.42
CA MET B 666 -24.30 -5.89 29.32
C MET B 666 -23.69 -7.18 28.78
N MET B 667 -24.51 -8.00 28.14
CA MET B 667 -24.01 -9.23 27.58
C MET B 667 -22.91 -8.94 26.58
N ARG B 668 -23.15 -7.95 25.73
CA ARG B 668 -22.18 -7.55 24.73
C ARG B 668 -20.85 -7.15 25.36
N TRP B 669 -20.91 -6.41 26.46
CA TRP B 669 -19.71 -5.96 27.15
C TRP B 669 -18.92 -7.12 27.75
N VAL B 670 -19.62 -8.16 28.18
CA VAL B 670 -18.96 -9.32 28.77
C VAL B 670 -18.21 -10.03 27.65
N LEU B 671 -18.91 -10.19 26.53
CA LEU B 671 -18.38 -10.84 25.34
C LEU B 671 -17.32 -10.04 24.61
N LEU B 672 -17.27 -8.74 24.87
CA LEU B 672 -16.26 -7.88 24.27
C LEU B 672 -14.92 -8.43 24.75
N PRO B 673 -13.86 -8.32 23.94
CA PRO B 673 -12.59 -8.89 24.38
C PRO B 673 -11.38 -8.00 24.53
N SER B 674 -11.56 -6.81 25.07
CA SER B 674 -10.43 -5.89 25.23
C SER B 674 -10.14 -5.81 26.73
N LEU B 675 -8.95 -6.22 27.15
CA LEU B 675 -8.61 -6.21 28.56
C LEU B 675 -7.34 -5.44 28.90
N GLN B 676 -7.27 -4.94 30.13
CA GLN B 676 -6.08 -4.24 30.60
C GLN B 676 -5.44 -5.09 31.67
N PRO B 677 -4.22 -5.59 31.40
CA PRO B 677 -3.50 -6.43 32.36
C PRO B 677 -3.08 -5.66 33.61
N SER B 678 -3.07 -6.39 34.72
CA SER B 678 -2.72 -5.85 36.02
C SER B 678 -2.38 -7.02 36.91
N LEU B 679 -1.67 -6.76 38.00
CA LEU B 679 -1.32 -7.84 38.91
C LEU B 679 -2.60 -8.51 39.39
N LYS B 680 -3.57 -7.69 39.78
CA LYS B 680 -4.85 -8.17 40.28
C LYS B 680 -5.46 -9.09 39.25
N LEU B 681 -5.45 -8.62 38.01
CA LEU B 681 -6.02 -9.35 36.89
C LEU B 681 -5.49 -10.77 36.77
N VAL B 682 -4.17 -10.91 36.64
CA VAL B 682 -3.56 -12.22 36.52
C VAL B 682 -3.84 -13.15 37.68
N LEU B 683 -3.87 -12.60 38.88
CA LEU B 683 -4.15 -13.40 40.07
C LEU B 683 -5.57 -13.90 40.02
N GLU B 684 -6.49 -12.97 39.83
CA GLU B 684 -7.90 -13.30 39.76
C GLU B 684 -8.13 -14.37 38.73
N GLU B 685 -7.61 -14.18 37.53
CA GLU B 685 -7.77 -15.14 36.44
C GLU B 685 -7.20 -16.51 36.75
N GLU B 686 -6.02 -16.52 37.35
CA GLU B 686 -5.37 -17.78 37.70
C GLU B 686 -6.10 -18.51 38.81
N ALA B 687 -6.45 -17.80 39.88
CA ALA B 687 -7.18 -18.39 40.99
C ALA B 687 -8.50 -18.85 40.41
N TRP B 688 -9.05 -17.98 39.58
CA TRP B 688 -10.30 -18.23 38.89
C TRP B 688 -10.24 -19.56 38.14
N ALA B 689 -9.15 -19.80 37.42
CA ALA B 689 -8.97 -21.02 36.65
C ALA B 689 -9.09 -22.26 37.51
N ALA B 690 -8.35 -22.28 38.61
CA ALA B 690 -8.38 -23.41 39.54
C ALA B 690 -9.78 -23.66 40.05
N ALA B 691 -10.57 -22.58 40.08
CA ALA B 691 -11.95 -22.62 40.53
C ALA B 691 -12.82 -23.51 39.66
N ASN B 692 -12.47 -23.57 38.38
CA ASN B 692 -13.17 -24.40 37.42
C ASN B 692 -13.42 -25.84 37.87
N ASP B 693 -12.68 -26.32 38.87
CA ASP B 693 -12.83 -27.69 39.36
C ASP B 693 -14.16 -27.98 40.06
N PHE B 694 -14.65 -27.02 40.85
CA PHE B 694 -15.92 -27.13 41.58
C PHE B 694 -15.82 -27.91 42.85
N GLU B 695 -15.05 -28.99 42.81
CA GLU B 695 -14.84 -29.79 43.99
C GLU B 695 -13.91 -28.93 44.82
N ASP B 696 -13.05 -28.17 44.14
CA ASP B 696 -12.14 -27.28 44.83
C ASP B 696 -12.93 -26.09 45.37
N LEU B 697 -14.22 -26.04 45.08
CA LEU B 697 -15.07 -24.97 45.59
C LEU B 697 -15.94 -25.53 46.70
N MET B 698 -16.02 -26.86 46.74
CA MET B 698 -16.80 -27.59 47.73
C MET B 698 -18.29 -27.67 47.46
N LEU B 699 -18.62 -28.17 46.27
CA LEU B 699 -19.99 -28.37 45.83
C LEU B 699 -19.98 -29.36 44.66
N THR B 700 -20.57 -30.54 44.88
CA THR B 700 -20.58 -31.62 43.86
C THR B 700 -21.93 -32.10 43.37
N ASP B 701 -21.89 -32.76 42.22
CA ASP B 701 -23.06 -33.34 41.59
C ASP B 701 -23.16 -34.77 42.12
N GLN B 702 -22.02 -35.30 42.54
CA GLN B 702 -21.88 -36.65 43.06
C GLN B 702 -22.53 -36.91 44.42
N VAL B 703 -23.86 -36.95 44.44
CA VAL B 703 -24.58 -37.19 45.67
C VAL B 703 -25.51 -38.36 45.44
N TYR B 704 -25.32 -39.41 46.21
CA TYR B 704 -26.13 -40.61 46.09
C TYR B 704 -26.87 -41.02 47.36
N MET B 705 -27.75 -42.00 47.17
CA MET B 705 -28.51 -42.59 48.24
C MET B 705 -28.43 -44.08 48.03
N HIS B 706 -28.26 -44.79 49.12
CA HIS B 706 -28.15 -46.23 49.10
C HIS B 706 -28.23 -46.74 50.52
N ARG B 707 -29.32 -47.45 50.82
CA ARG B 707 -29.55 -48.00 52.15
C ARG B 707 -28.33 -48.78 52.62
N ASP B 708 -27.71 -48.29 53.69
CA ASP B 708 -26.51 -48.95 54.22
C ASP B 708 -26.49 -49.15 55.73
N MET B 709 -25.95 -50.27 56.15
CA MET B 709 -25.86 -50.62 57.55
C MET B 709 -24.72 -49.90 58.26
N LEU B 710 -24.90 -49.69 59.56
CA LEU B 710 -23.86 -49.05 60.35
C LEU B 710 -22.97 -50.20 60.82
N PRO B 711 -21.71 -50.17 60.38
CA PRO B 711 -20.67 -51.15 60.67
C PRO B 711 -20.43 -51.51 62.14
N GLU B 712 -21.20 -52.48 62.64
CA GLU B 712 -21.05 -52.95 64.02
C GLU B 712 -20.14 -54.18 64.01
N PRO B 713 -18.84 -53.99 64.35
CA PRO B 713 -17.80 -55.01 64.40
C PRO B 713 -17.75 -55.91 65.63
N ARG B 714 -16.99 -56.99 65.51
CA ARG B 714 -16.80 -57.93 66.61
C ARG B 714 -15.52 -57.50 67.29
N LEU B 715 -15.57 -57.38 68.62
CA LEU B 715 -14.42 -56.94 69.40
C LEU B 715 -13.74 -58.10 70.13
N ASP B 716 -12.85 -58.80 69.42
CA ASP B 716 -12.16 -59.93 70.01
C ASP B 716 -10.81 -59.55 70.60
N ASP B 717 -10.15 -58.59 69.98
CA ASP B 717 -8.88 -58.09 70.48
C ASP B 717 -9.03 -56.57 70.49
N ILE B 718 -9.37 -56.06 71.67
CA ILE B 718 -9.58 -54.63 71.84
C ILE B 718 -8.31 -53.85 71.49
N GLU B 719 -7.17 -54.40 71.90
CA GLU B 719 -5.89 -53.76 71.61
C GLU B 719 -5.65 -53.69 70.11
N ARG B 720 -6.38 -54.51 69.36
CA ARG B 720 -6.27 -54.52 67.90
C ARG B 720 -7.15 -53.46 67.28
N PHE B 721 -7.68 -52.57 68.11
CA PHE B 721 -8.45 -51.49 67.58
C PHE B 721 -7.61 -50.24 67.46
N ARG B 722 -6.31 -50.53 67.37
CA ARG B 722 -5.24 -49.57 67.12
C ARG B 722 -5.30 -49.58 65.58
N GLN B 723 -6.33 -50.26 65.07
CA GLN B 723 -6.68 -50.36 63.67
C GLN B 723 -7.01 -48.90 63.36
N GLU B 724 -7.69 -48.66 62.25
CA GLU B 724 -8.02 -47.29 61.92
C GLU B 724 -9.16 -46.72 62.76
N GLY B 725 -9.25 -47.21 64.00
CA GLY B 725 -10.29 -46.77 64.92
C GLY B 725 -11.62 -46.90 64.22
N PHE B 726 -11.62 -47.73 63.16
CA PHE B 726 -12.78 -48.03 62.35
C PHE B 726 -13.68 -46.84 62.03
N TYR B 727 -13.16 -45.80 61.40
CA TYR B 727 -14.01 -44.66 61.07
C TYR B 727 -15.03 -45.08 60.00
N TYR B 728 -16.20 -44.44 59.96
CA TYR B 728 -17.19 -44.81 58.95
C TYR B 728 -17.21 -43.94 57.68
N THR B 729 -17.82 -42.75 57.75
CA THR B 729 -17.88 -41.84 56.59
C THR B 729 -18.76 -42.20 55.40
N ASN B 730 -19.54 -41.23 54.96
CA ASN B 730 -20.41 -41.43 53.81
C ASN B 730 -19.71 -41.00 52.55
N MET B 731 -18.52 -40.41 52.69
CA MET B 731 -17.76 -40.03 51.50
C MET B 731 -17.17 -41.30 50.92
N LEU B 732 -17.56 -41.56 49.68
CA LEU B 732 -17.17 -42.72 48.91
C LEU B 732 -15.74 -42.74 48.44
N GLU B 733 -15.13 -43.91 48.61
CA GLU B 733 -13.76 -44.18 48.20
C GLU B 733 -13.67 -43.97 46.69
N ALA B 734 -14.74 -44.39 46.00
CA ALA B 734 -14.89 -44.27 44.55
C ALA B 734 -16.39 -44.47 44.29
N PRO B 735 -16.92 -43.85 43.21
CA PRO B 735 -18.35 -43.96 42.86
C PRO B 735 -18.75 -45.38 42.52
N PRO B 736 -20.06 -45.69 42.61
CA PRO B 736 -20.53 -47.03 42.28
C PRO B 736 -20.53 -47.28 40.78
N GLU B 737 -20.65 -48.55 40.39
CA GLU B 737 -20.66 -48.92 38.97
C GLU B 737 -21.82 -48.19 38.29
N ILE B 738 -21.49 -47.35 37.32
CA ILE B 738 -22.46 -46.54 36.58
C ILE B 738 -23.73 -47.23 36.08
N ASP B 739 -23.68 -48.54 35.88
CA ASP B 739 -24.84 -49.29 35.40
C ASP B 739 -25.85 -49.55 36.52
N ARG B 740 -25.35 -49.60 37.76
CA ARG B 740 -26.19 -49.83 38.93
C ARG B 740 -26.79 -48.56 39.53
N VAL B 741 -26.64 -47.43 38.83
CA VAL B 741 -27.17 -46.16 39.31
C VAL B 741 -28.37 -45.62 38.54
N VAL B 742 -29.42 -45.26 39.26
CA VAL B 742 -30.61 -44.69 38.65
C VAL B 742 -30.36 -43.20 38.68
N GLN B 743 -30.27 -42.61 37.51
CA GLN B 743 -30.01 -41.19 37.42
C GLN B 743 -31.32 -40.42 37.58
N TYR B 744 -31.24 -39.33 38.34
CA TYR B 744 -32.39 -38.47 38.58
C TYR B 744 -32.12 -37.02 38.21
N THR B 745 -33.15 -36.38 37.66
CA THR B 745 -33.07 -34.98 37.23
C THR B 745 -33.94 -34.16 38.12
N TYR B 746 -33.71 -32.85 38.10
CA TYR B 746 -34.52 -31.93 38.85
C TYR B 746 -35.97 -32.20 38.43
N GLU B 747 -36.20 -32.11 37.12
CA GLU B 747 -37.51 -32.32 36.55
C GLU B 747 -38.15 -33.66 36.88
N ILE B 748 -37.38 -34.73 36.76
CA ILE B 748 -37.89 -36.07 37.02
C ILE B 748 -38.35 -36.20 38.46
N ALA B 749 -37.47 -35.82 39.38
CA ALA B 749 -37.78 -35.88 40.80
C ALA B 749 -39.01 -35.02 41.06
N ARG B 750 -38.97 -33.79 40.55
CA ARG B 750 -40.05 -32.82 40.70
C ARG B 750 -41.41 -33.45 40.37
N LEU B 751 -41.55 -33.95 39.15
CA LEU B 751 -42.79 -34.57 38.70
C LEU B 751 -43.26 -35.70 39.61
N GLN B 752 -42.39 -36.69 39.82
CA GLN B 752 -42.69 -37.84 40.66
C GLN B 752 -43.17 -37.43 42.05
N ALA B 753 -42.58 -36.36 42.55
CA ALA B 753 -42.93 -35.85 43.86
C ALA B 753 -44.27 -35.15 43.86
N ASN B 754 -44.51 -34.30 42.85
CA ASN B 754 -45.78 -33.57 42.73
C ASN B 754 -46.92 -34.54 42.61
N MET B 755 -46.65 -35.67 41.97
CA MET B 755 -47.63 -36.71 41.78
C MET B 755 -47.75 -37.56 43.04
N GLY B 756 -46.78 -37.41 43.94
CA GLY B 756 -46.78 -38.18 45.16
C GLY B 756 -46.46 -39.63 44.91
N GLN B 757 -45.34 -39.84 44.21
CA GLN B 757 -44.87 -41.17 43.84
C GLN B 757 -43.38 -41.26 44.15
N PHE B 758 -42.76 -40.11 44.37
CA PHE B 758 -41.34 -40.04 44.64
C PHE B 758 -40.85 -40.97 45.75
N ARG B 759 -41.47 -40.89 46.92
CA ARG B 759 -41.08 -41.76 48.04
C ARG B 759 -41.10 -43.21 47.60
N ALA B 760 -42.27 -43.67 47.16
CA ALA B 760 -42.45 -45.03 46.70
C ALA B 760 -41.29 -45.49 45.84
N ALA B 761 -41.10 -44.81 44.70
CA ALA B 761 -40.03 -45.12 43.75
C ALA B 761 -38.67 -45.18 44.44
N LEU B 762 -38.38 -44.15 45.24
CA LEU B 762 -37.13 -44.05 45.98
C LEU B 762 -36.92 -45.24 46.89
N ARG B 763 -37.99 -45.66 47.54
CA ARG B 763 -37.98 -46.78 48.47
C ARG B 763 -37.63 -48.04 47.71
N ARG B 764 -38.36 -48.29 46.63
CA ARG B 764 -38.15 -49.44 45.77
C ARG B 764 -36.68 -49.59 45.40
N ILE B 765 -36.10 -48.49 44.93
CA ILE B 765 -34.69 -48.44 44.54
C ILE B 765 -33.80 -48.83 45.72
N MET B 766 -34.13 -48.28 46.88
CA MET B 766 -33.39 -48.56 48.10
C MET B 766 -33.45 -50.04 48.46
N ASP B 767 -34.65 -50.60 48.37
CA ASP B 767 -34.91 -52.01 48.68
C ASP B 767 -34.15 -52.93 47.74
N ASP B 768 -34.08 -52.53 46.47
CA ASP B 768 -33.39 -53.32 45.45
C ASP B 768 -31.87 -53.23 45.56
N ASP B 769 -31.39 -52.58 46.62
CA ASP B 769 -29.97 -52.43 46.88
C ASP B 769 -29.31 -51.64 45.75
N ASP B 770 -30.10 -50.83 45.07
CA ASP B 770 -29.57 -50.04 43.97
C ASP B 770 -29.21 -48.64 44.45
N TRP B 771 -28.52 -47.92 43.57
CA TRP B 771 -28.07 -46.56 43.84
C TRP B 771 -28.89 -45.55 43.07
N VAL B 772 -28.89 -44.32 43.55
CA VAL B 772 -29.62 -43.26 42.89
C VAL B 772 -28.82 -41.98 43.07
N ARG B 773 -28.52 -41.34 41.96
CA ARG B 773 -27.77 -40.10 41.96
C ARG B 773 -28.70 -38.94 41.64
N PHE B 774 -28.41 -37.81 42.28
CA PHE B 774 -29.19 -36.60 42.10
C PHE B 774 -28.35 -35.56 41.37
N GLY B 775 -28.29 -35.70 40.05
CA GLY B 775 -27.52 -34.80 39.22
C GLY B 775 -28.25 -33.52 38.82
N GLY B 776 -27.48 -32.59 38.28
CA GLY B 776 -28.02 -31.31 37.82
C GLY B 776 -27.75 -30.16 38.78
N VAL B 777 -27.98 -30.41 40.07
CA VAL B 777 -27.78 -29.41 41.13
C VAL B 777 -26.43 -29.57 41.87
N LEU B 778 -25.93 -28.47 42.41
CA LEU B 778 -24.64 -28.49 43.09
C LEU B 778 -24.54 -28.83 44.57
N ARG B 779 -25.25 -28.09 45.43
CA ARG B 779 -25.22 -28.34 46.89
C ARG B 779 -23.93 -27.98 47.60
N THR B 780 -24.05 -27.22 48.68
CA THR B 780 -22.87 -26.89 49.45
C THR B 780 -22.61 -28.16 50.27
N VAL B 781 -21.35 -28.52 50.40
CA VAL B 781 -20.97 -29.71 51.12
C VAL B 781 -20.18 -29.36 52.38
N ARG B 782 -20.57 -29.96 53.50
CA ARG B 782 -19.92 -29.71 54.78
C ARG B 782 -19.36 -30.99 55.38
N VAL B 783 -18.27 -30.87 56.12
CA VAL B 783 -17.63 -32.03 56.73
C VAL B 783 -17.60 -31.94 58.24
N LYS B 784 -18.25 -32.91 58.89
CA LYS B 784 -18.29 -32.96 60.35
C LYS B 784 -17.73 -34.30 60.81
N PHE B 785 -17.18 -34.32 62.02
CA PHE B 785 -16.60 -35.52 62.59
C PHE B 785 -17.32 -35.87 63.89
N PHE B 786 -17.49 -37.15 64.16
CA PHE B 786 -18.18 -37.56 65.39
C PHE B 786 -17.47 -38.60 66.23
N ASP B 787 -17.72 -38.51 67.54
CA ASP B 787 -17.14 -39.43 68.50
C ASP B 787 -18.05 -40.61 68.71
N ALA B 788 -19.34 -40.39 68.47
CA ALA B 788 -20.34 -41.43 68.62
C ALA B 788 -21.62 -41.09 67.88
N ARG B 789 -22.47 -42.11 67.81
CA ARG B 789 -23.81 -42.09 67.19
C ARG B 789 -24.36 -40.68 66.91
N PRO B 790 -24.04 -40.10 65.75
CA PRO B 790 -24.52 -38.76 65.41
C PRO B 790 -26.04 -38.68 65.26
N PRO B 791 -26.57 -37.46 65.14
CA PRO B 791 -28.00 -37.18 65.00
C PRO B 791 -28.63 -37.89 63.82
N ASP B 792 -29.84 -38.39 64.03
CA ASP B 792 -30.59 -39.10 63.00
C ASP B 792 -30.75 -38.26 61.76
N ASP B 793 -30.95 -36.96 61.97
CA ASP B 793 -31.10 -36.02 60.85
C ASP B 793 -29.82 -35.91 60.03
N ILE B 794 -28.79 -36.64 60.45
CA ILE B 794 -27.52 -36.65 59.75
C ILE B 794 -27.30 -38.03 59.14
N LEU B 795 -27.50 -39.08 59.94
CA LEU B 795 -27.35 -40.46 59.48
C LEU B 795 -28.34 -40.72 58.36
N GLN B 796 -29.60 -40.54 58.72
CA GLN B 796 -30.71 -40.75 57.80
C GLN B 796 -31.12 -39.43 57.14
N GLY B 797 -30.16 -38.51 57.03
CA GLY B 797 -30.44 -37.23 56.41
C GLY B 797 -30.58 -37.43 54.92
N LEU B 798 -31.52 -36.70 54.30
CA LEU B 798 -31.75 -36.82 52.87
C LEU B 798 -31.34 -35.56 52.12
N PRO B 799 -31.05 -35.71 50.82
CA PRO B 799 -30.63 -34.59 49.98
C PRO B 799 -31.76 -33.73 49.35
N PHE B 800 -32.82 -33.47 50.13
CA PHE B 800 -34.00 -32.69 49.68
C PHE B 800 -35.10 -32.48 50.75
N SER B 801 -35.90 -31.42 50.63
CA SER B 801 -36.95 -31.19 51.61
C SER B 801 -38.30 -31.76 51.18
N TYR B 802 -39.09 -32.19 52.15
CA TYR B 802 -40.40 -32.76 51.88
C TYR B 802 -41.44 -32.09 52.79
N ASP B 803 -41.94 -30.95 52.35
CA ASP B 803 -42.94 -30.22 53.10
C ASP B 803 -44.23 -30.17 52.28
N THR B 814 -44.61 -31.08 46.48
CA THR B 814 -43.40 -30.32 46.03
C THR B 814 -42.13 -30.91 46.61
N ILE B 815 -41.17 -31.22 45.72
CA ILE B 815 -39.89 -31.75 46.16
C ILE B 815 -38.83 -30.69 45.93
N LYS B 816 -38.25 -30.27 47.05
CA LYS B 816 -37.21 -29.24 47.05
C LYS B 816 -35.84 -29.89 47.06
N TYR B 817 -35.13 -29.77 45.93
CA TYR B 817 -33.79 -30.32 45.68
C TYR B 817 -32.68 -29.57 46.44
N ALA B 818 -31.44 -29.94 46.14
CA ALA B 818 -30.24 -29.31 46.73
C ALA B 818 -29.98 -29.60 48.21
N THR B 819 -30.08 -28.55 49.04
CA THR B 819 -29.85 -28.63 50.48
C THR B 819 -28.36 -28.72 50.78
N GLU B 820 -28.03 -28.78 52.07
CA GLU B 820 -26.66 -28.96 52.47
C GLU B 820 -26.55 -30.47 52.44
N THR B 821 -25.32 -30.95 52.33
CA THR B 821 -25.10 -32.36 52.32
C THR B 821 -23.91 -32.53 53.21
N THR B 822 -24.13 -33.20 54.32
CA THR B 822 -23.07 -33.39 55.30
C THR B 822 -22.29 -34.68 55.13
N ILE B 823 -20.98 -34.54 55.01
CA ILE B 823 -20.09 -35.66 54.89
C ILE B 823 -19.54 -35.83 56.28
N PHE B 824 -19.94 -36.90 56.94
CA PHE B 824 -19.44 -37.11 58.28
C PHE B 824 -18.37 -38.17 58.31
N TYR B 825 -17.68 -38.23 59.44
CA TYR B 825 -16.62 -39.19 59.66
C TYR B 825 -16.87 -39.68 61.07
N LEU B 826 -17.44 -40.87 61.19
CA LEU B 826 -17.74 -41.40 62.50
C LEU B 826 -16.61 -42.27 63.05
N ILE B 827 -16.01 -41.84 64.15
CA ILE B 827 -14.93 -42.62 64.75
C ILE B 827 -15.42 -43.55 65.83
N TYR B 828 -15.06 -44.82 65.69
CA TYR B 828 -15.44 -45.84 66.66
C TYR B 828 -14.41 -45.93 67.80
N ASN B 829 -14.90 -45.76 69.03
CA ASN B 829 -14.04 -45.82 70.21
C ASN B 829 -14.56 -46.87 71.17
N VAL B 830 -13.65 -47.65 71.76
CA VAL B 830 -14.05 -48.71 72.68
C VAL B 830 -13.15 -48.97 73.89
N GLU B 831 -13.80 -49.26 75.01
CA GLU B 831 -13.11 -49.56 76.26
C GLU B 831 -13.00 -51.07 76.46
N PHE B 832 -12.15 -51.46 77.40
CA PHE B 832 -11.91 -52.87 77.70
C PHE B 832 -13.08 -53.63 78.25
N SER B 833 -14.11 -52.89 78.65
CA SER B 833 -15.32 -53.46 79.21
C SER B 833 -16.28 -53.88 78.09
N ASN B 834 -15.81 -53.85 76.85
CA ASN B 834 -16.64 -54.21 75.72
C ASN B 834 -16.59 -55.68 75.31
N THR B 835 -17.74 -56.32 75.36
CA THR B 835 -17.89 -57.72 74.99
C THR B 835 -17.81 -57.77 73.46
N PRO B 836 -17.23 -58.83 72.88
CA PRO B 836 -17.10 -58.97 71.42
C PRO B 836 -18.35 -58.61 70.61
N ASP B 837 -19.50 -59.17 71.03
CA ASP B 837 -20.76 -58.92 70.34
C ASP B 837 -21.52 -57.72 70.88
N SER B 838 -21.03 -57.12 71.96
CA SER B 838 -21.66 -55.96 72.60
C SER B 838 -22.03 -54.85 71.62
N LEU B 839 -21.27 -54.77 70.53
CA LEU B 839 -21.51 -53.76 69.53
C LEU B 839 -22.69 -54.04 68.57
N VAL B 840 -23.15 -55.29 68.57
CA VAL B 840 -24.25 -55.73 67.71
C VAL B 840 -25.63 -55.36 68.25
N LEU B 841 -26.55 -55.11 67.34
CA LEU B 841 -27.92 -54.77 67.70
C LEU B 841 -28.83 -55.70 66.91
N ILE B 842 -29.93 -56.11 67.52
CA ILE B 842 -30.91 -57.01 66.92
C ILE B 842 -31.36 -56.48 65.57
N ASN B 843 -31.34 -55.16 65.44
CA ASN B 843 -31.73 -54.51 64.21
C ASN B 843 -30.71 -53.46 63.79
N PRO B 844 -30.36 -53.46 62.51
CA PRO B 844 -29.40 -52.53 61.90
C PRO B 844 -29.78 -51.07 61.95
N THR B 845 -28.76 -50.22 61.88
CA THR B 845 -28.94 -48.78 61.87
C THR B 845 -28.56 -48.37 60.44
N TYR B 846 -29.46 -47.66 59.76
CA TYR B 846 -29.21 -47.28 58.37
C TYR B 846 -28.69 -45.87 58.09
N THR B 847 -27.95 -45.76 56.99
CA THR B 847 -27.37 -44.50 56.51
C THR B 847 -27.64 -44.43 55.02
N MET B 848 -28.34 -43.37 54.62
CA MET B 848 -28.69 -43.23 53.23
C MET B 848 -27.78 -42.46 52.33
N THR B 849 -27.64 -41.17 52.61
CA THR B 849 -26.81 -40.32 51.76
C THR B 849 -25.32 -40.61 51.82
N LYS B 850 -24.71 -40.55 50.64
CA LYS B 850 -23.28 -40.78 50.43
C LYS B 850 -22.82 -39.76 49.37
N VAL B 851 -21.57 -39.31 49.47
CA VAL B 851 -21.03 -38.32 48.54
C VAL B 851 -19.67 -38.74 47.98
N PHE B 852 -19.28 -38.16 46.85
CA PHE B 852 -18.00 -38.48 46.22
C PHE B 852 -17.32 -37.22 45.70
N ILE B 853 -16.05 -37.05 46.04
CA ILE B 853 -15.32 -35.86 45.62
C ILE B 853 -14.04 -36.02 44.82
N ASN B 854 -13.42 -37.19 44.85
CA ASN B 854 -12.17 -37.40 44.09
C ASN B 854 -11.10 -36.33 44.43
N LYS B 855 -11.07 -35.98 45.71
CA LYS B 855 -10.11 -35.02 46.25
C LYS B 855 -9.85 -35.57 47.64
N ARG B 856 -8.57 -35.77 47.97
CA ARG B 856 -8.20 -36.32 49.27
C ARG B 856 -8.35 -35.32 50.39
N ILE B 857 -9.58 -35.22 50.90
CA ILE B 857 -9.90 -34.30 51.98
C ILE B 857 -9.42 -34.88 53.30
N VAL B 858 -10.09 -35.93 53.75
CA VAL B 858 -9.69 -36.57 54.99
C VAL B 858 -9.11 -37.88 54.55
N GLU B 859 -7.90 -38.17 55.03
CA GLU B 859 -7.24 -39.40 54.65
C GLU B 859 -6.65 -40.18 55.82
N ARG B 860 -6.77 -41.51 55.75
CA ARG B 860 -6.22 -42.38 56.79
C ARG B 860 -4.71 -42.46 56.53
N VAL B 861 -3.91 -42.20 57.56
CA VAL B 861 -2.45 -42.21 57.42
C VAL B 861 -1.82 -43.11 58.48
N ARG B 862 -0.53 -43.44 58.33
CA ARG B 862 0.13 -44.27 59.31
C ARG B 862 0.43 -43.37 60.50
N VAL B 863 1.68 -42.95 60.64
CA VAL B 863 2.09 -42.06 61.73
C VAL B 863 3.39 -41.50 61.24
N GLY B 864 4.30 -42.40 60.88
CA GLY B 864 5.58 -41.99 60.36
C GLY B 864 5.37 -41.34 59.01
N GLN B 865 4.20 -41.61 58.45
CA GLN B 865 3.82 -41.05 57.17
C GLN B 865 3.32 -39.63 57.28
N ILE B 866 2.93 -39.23 58.49
CA ILE B 866 2.43 -37.87 58.75
C ILE B 866 3.19 -36.79 58.00
N LEU B 867 4.50 -36.74 58.20
CA LEU B 867 5.33 -35.74 57.57
C LEU B 867 5.50 -35.78 56.05
N ALA B 868 4.99 -36.84 55.42
CA ALA B 868 5.07 -36.99 53.99
C ALA B 868 4.49 -35.77 53.24
N VAL B 869 3.54 -35.09 53.89
CA VAL B 869 2.90 -33.91 53.32
C VAL B 869 3.86 -32.92 52.68
N LEU B 870 5.02 -32.71 53.33
CA LEU B 870 6.07 -31.77 52.87
C LEU B 870 5.93 -31.50 51.39
N ASN B 871 6.59 -32.28 50.55
CA ASN B 871 6.36 -32.12 49.13
C ASN B 871 6.70 -30.75 48.48
N ARG B 872 5.79 -29.78 48.60
CA ARG B 872 5.91 -28.44 48.00
C ARG B 872 7.23 -27.65 48.07
N ARG B 873 7.52 -26.93 46.97
CA ARG B 873 8.75 -26.13 46.81
C ARG B 873 9.02 -25.06 47.87
N PHE B 874 8.62 -23.81 47.63
CA PHE B 874 8.83 -22.67 48.53
C PHE B 874 10.13 -21.88 48.48
N VAL B 875 9.98 -20.60 48.13
CA VAL B 875 11.09 -19.64 48.02
C VAL B 875 10.74 -18.44 48.90
N ALA B 876 11.58 -18.17 49.89
CA ALA B 876 11.32 -17.08 50.80
C ALA B 876 12.40 -16.03 50.85
N TYR B 877 12.00 -14.80 50.55
CA TYR B 877 12.93 -13.68 50.57
C TYR B 877 13.59 -13.57 51.93
N LYS B 878 14.91 -13.52 51.90
CA LYS B 878 15.74 -13.41 53.10
C LYS B 878 15.40 -12.15 53.88
N GLY B 879 15.50 -12.23 55.20
CA GLY B 879 15.21 -11.10 56.07
C GLY B 879 15.85 -9.79 55.70
N LYS B 880 17.02 -9.87 55.08
CA LYS B 880 17.78 -8.69 54.68
C LYS B 880 17.06 -7.75 53.73
N MET B 881 16.29 -8.35 52.82
CA MET B 881 15.61 -7.59 51.79
C MET B 881 14.28 -6.91 52.05
N ARG B 882 14.09 -5.83 51.30
CA ARG B 882 12.91 -4.97 51.39
C ARG B 882 12.06 -4.98 50.11
N ILE B 883 10.83 -5.48 50.23
CA ILE B 883 9.90 -5.52 49.10
C ILE B 883 9.09 -4.22 49.02
N MET B 884 9.25 -3.48 47.92
CA MET B 884 8.53 -2.22 47.75
C MET B 884 7.79 -2.16 46.43
N ASP B 885 6.53 -1.74 46.48
CA ASP B 885 5.73 -1.62 45.28
C ASP B 885 5.93 -0.26 44.63
N ILE B 886 6.57 -0.29 43.48
CA ILE B 886 6.84 0.90 42.71
C ILE B 886 5.62 1.08 41.83
N THR B 887 4.46 1.32 42.40
CA THR B 887 3.33 1.47 41.52
C THR B 887 2.84 2.88 41.43
N GLN B 888 3.16 3.68 42.44
CA GLN B 888 2.67 5.04 42.46
C GLN B 888 3.68 6.02 41.92
N SER B 889 4.71 5.50 41.29
CA SER B 889 5.76 6.33 40.75
C SER B 889 5.54 6.57 39.27
N LEU B 890 4.28 6.48 38.88
CA LEU B 890 3.88 6.67 37.49
C LEU B 890 3.30 8.06 37.20
N LYS B 891 4.02 9.07 37.70
CA LYS B 891 3.68 10.48 37.51
C LYS B 891 4.23 10.84 36.12
N MET B 892 3.68 11.88 35.50
CA MET B 892 4.14 12.22 34.16
C MET B 892 5.49 12.94 34.07
N GLY B 893 5.72 13.90 34.95
CA GLY B 893 6.96 14.67 34.94
C GLY B 893 8.27 14.00 35.34
N THR B 894 8.38 12.71 35.10
CA THR B 894 9.60 11.98 35.45
C THR B 894 10.30 11.53 34.16
N LYS B 895 11.56 11.91 34.02
CA LYS B 895 12.37 11.56 32.84
C LYS B 895 13.44 10.56 33.25
N LEU B 896 13.80 9.64 32.36
CA LEU B 896 14.84 8.67 32.68
C LEU B 896 16.15 8.96 31.95
N ALA B 897 17.25 8.52 32.56
CA ALA B 897 18.58 8.70 32.00
C ALA B 897 18.82 7.78 30.82
N ALA B 898 18.08 6.67 30.76
CA ALA B 898 18.18 5.68 29.68
C ALA B 898 16.93 5.77 28.78
N PRO B 899 16.88 6.76 27.88
CA PRO B 899 15.86 7.12 26.88
C PRO B 899 14.84 6.12 26.34
N THR B 900 15.25 4.86 26.15
CA THR B 900 14.37 3.79 25.61
C THR B 900 13.78 4.20 24.24
N VAL B 901 13.18 3.23 23.57
CA VAL B 901 12.56 3.47 22.27
C VAL B 901 11.21 4.17 22.45
N MET C 1 0.69 72.31 -26.08
CA MET C 1 0.19 72.31 -27.48
C MET C 1 -0.48 70.98 -27.83
N ASP C 2 0.20 69.88 -27.52
CA ASP C 2 -0.36 68.55 -27.77
C ASP C 2 -1.62 68.41 -26.92
N THR C 3 -1.56 68.98 -25.72
CA THR C 3 -2.67 68.98 -24.78
C THR C 3 -3.90 69.62 -25.39
N ILE C 4 -3.68 70.72 -26.10
CA ILE C 4 -4.74 71.47 -26.77
C ILE C 4 -5.42 70.59 -27.81
N ALA C 5 -4.59 69.89 -28.57
CA ALA C 5 -5.05 68.98 -29.62
C ALA C 5 -5.86 67.81 -29.05
N ALA C 6 -5.30 67.15 -28.04
CA ALA C 6 -5.93 66.01 -27.39
C ALA C 6 -7.28 66.39 -26.76
N ARG C 7 -7.38 67.61 -26.25
CA ARG C 7 -8.61 68.11 -25.66
C ARG C 7 -9.67 68.24 -26.74
N ALA C 8 -9.31 68.88 -27.84
CA ALA C 8 -10.20 69.07 -28.98
C ALA C 8 -10.76 67.73 -29.43
N LEU C 9 -9.85 66.78 -29.64
CA LEU C 9 -10.19 65.42 -30.05
C LEU C 9 -11.19 64.78 -29.09
N THR C 10 -10.92 64.90 -27.80
CA THR C 10 -11.75 64.35 -26.74
C THR C 10 -13.16 64.90 -26.82
N VAL C 11 -13.27 66.21 -26.97
CA VAL C 11 -14.56 66.89 -27.07
C VAL C 11 -15.37 66.41 -28.26
N MET C 12 -14.71 66.25 -29.41
CA MET C 12 -15.38 65.79 -30.63
C MET C 12 -15.93 64.37 -30.43
N ARG C 13 -15.07 63.48 -29.94
CA ARG C 13 -15.44 62.09 -29.68
C ARG C 13 -16.52 62.03 -28.60
N ALA C 14 -16.53 63.03 -27.72
CA ALA C 14 -17.51 63.12 -26.64
C ALA C 14 -18.87 63.51 -27.22
N CYS C 15 -18.85 64.41 -28.19
CA CYS C 15 -20.06 64.87 -28.86
C CYS C 15 -20.60 63.75 -29.72
N ALA C 16 -19.70 62.91 -30.21
CA ALA C 16 -20.06 61.78 -31.05
C ALA C 16 -20.92 60.75 -30.31
N THR C 17 -20.97 60.87 -28.98
CA THR C 17 -21.76 59.96 -28.15
C THR C 17 -23.25 60.29 -28.24
N LEU C 18 -23.58 61.53 -28.57
CA LEU C 18 -24.97 61.96 -28.68
C LEU C 18 -25.67 61.49 -29.95
N GLN C 19 -26.23 60.27 -29.91
CA GLN C 19 -26.95 59.69 -31.05
C GLN C 19 -28.46 59.90 -30.92
N GLU C 20 -28.92 60.13 -29.70
CA GLU C 20 -30.35 60.31 -29.43
C GLU C 20 -30.59 61.41 -28.39
N ALA C 21 -31.86 61.65 -28.07
CA ALA C 21 -32.25 62.69 -27.12
C ALA C 21 -32.26 62.27 -25.65
N ARG C 22 -33.12 61.31 -25.30
CA ARG C 22 -33.26 60.86 -23.91
C ARG C 22 -32.15 59.98 -23.32
N ILE C 23 -31.40 59.29 -24.18
CA ILE C 23 -30.32 58.39 -23.74
C ILE C 23 -29.45 58.88 -22.59
N VAL C 24 -29.13 57.99 -21.65
CA VAL C 24 -28.29 58.34 -20.51
C VAL C 24 -26.82 58.30 -20.90
N LEU C 25 -26.07 59.25 -20.38
CA LEU C 25 -24.66 59.34 -20.69
C LEU C 25 -23.76 58.76 -19.62
N GLU C 26 -22.61 58.28 -20.08
CA GLU C 26 -21.59 57.71 -19.23
C GLU C 26 -21.16 58.90 -18.37
N ALA C 27 -21.28 58.78 -17.05
CA ALA C 27 -20.93 59.86 -16.12
C ALA C 27 -19.63 60.57 -16.47
N ASN C 28 -18.73 59.84 -17.12
CA ASN C 28 -17.45 60.37 -17.56
C ASN C 28 -17.69 61.49 -18.57
N VAL C 29 -18.57 61.23 -19.53
CA VAL C 29 -18.92 62.20 -20.57
C VAL C 29 -19.56 63.44 -19.98
N MET C 30 -20.56 63.25 -19.11
CA MET C 30 -21.27 64.37 -18.47
C MET C 30 -20.32 65.36 -17.80
N GLU C 31 -19.21 64.86 -17.30
CA GLU C 31 -18.22 65.71 -16.66
C GLU C 31 -17.54 66.54 -17.75
N ILE C 32 -17.02 65.84 -18.76
CA ILE C 32 -16.32 66.47 -19.88
C ILE C 32 -17.11 67.58 -20.55
N LEU C 33 -18.26 67.23 -21.14
CA LEU C 33 -19.08 68.21 -21.83
C LEU C 33 -19.68 69.28 -20.92
N GLY C 34 -19.86 68.96 -19.64
CA GLY C 34 -20.39 69.94 -18.70
C GLY C 34 -19.42 71.10 -18.58
N ILE C 35 -18.14 70.77 -18.44
CA ILE C 35 -17.05 71.76 -18.33
C ILE C 35 -16.85 72.45 -19.67
N ALA C 36 -16.45 71.66 -20.67
CA ALA C 36 -16.19 72.13 -22.02
C ALA C 36 -17.19 73.17 -22.52
N ILE C 37 -18.48 72.80 -22.53
CA ILE C 37 -19.53 73.69 -22.98
C ILE C 37 -19.63 74.97 -22.16
N ASN C 38 -19.55 74.84 -20.84
CA ASN C 38 -19.64 76.02 -19.97
C ASN C 38 -18.56 77.05 -20.31
N ARG C 39 -17.33 76.59 -20.49
CA ARG C 39 -16.21 77.46 -20.83
C ARG C 39 -16.23 77.91 -22.30
N TYR C 40 -17.02 77.24 -23.13
CA TYR C 40 -17.13 77.60 -24.54
C TYR C 40 -18.16 78.71 -24.69
N ASN C 41 -19.33 78.50 -24.13
CA ASN C 41 -20.40 79.49 -24.20
C ASN C 41 -20.01 80.75 -23.45
N GLY C 42 -18.98 80.64 -22.61
CA GLY C 42 -18.50 81.78 -21.87
C GLY C 42 -17.53 82.62 -22.69
N LEU C 43 -16.67 81.96 -23.46
CA LEU C 43 -15.68 82.65 -24.29
C LEU C 43 -16.11 82.84 -25.75
N THR C 44 -17.31 82.39 -26.09
CA THR C 44 -17.83 82.51 -27.46
C THR C 44 -19.24 83.10 -27.47
N LEU C 45 -19.91 82.99 -26.33
CA LEU C 45 -21.27 83.51 -26.14
C LEU C 45 -22.33 82.80 -26.99
N ARG C 46 -21.99 81.62 -27.51
CA ARG C 46 -22.94 80.86 -28.31
C ARG C 46 -23.79 79.97 -27.41
N GLY C 47 -24.96 79.56 -27.88
CA GLY C 47 -25.84 78.75 -27.07
C GLY C 47 -25.84 77.25 -27.36
N VAL C 48 -24.75 76.58 -27.00
CA VAL C 48 -24.65 75.13 -27.21
C VAL C 48 -25.24 74.41 -26.00
N THR C 49 -26.15 73.47 -26.24
CA THR C 49 -26.75 72.71 -25.15
C THR C 49 -26.16 71.31 -25.17
N MET C 50 -26.01 70.72 -23.98
CA MET C 50 -25.45 69.37 -23.86
C MET C 50 -26.41 68.35 -24.46
N ARG C 51 -27.70 68.60 -24.30
CA ARG C 51 -28.74 67.71 -24.81
C ARG C 51 -29.53 68.39 -25.95
N PRO C 52 -28.96 68.41 -27.18
CA PRO C 52 -29.60 69.04 -28.34
C PRO C 52 -30.81 68.24 -28.84
N THR C 53 -31.79 68.96 -29.38
CA THR C 53 -33.02 68.34 -29.88
C THR C 53 -33.49 68.97 -31.19
N SER C 54 -33.55 70.30 -31.21
CA SER C 54 -34.00 71.04 -32.39
C SER C 54 -33.23 70.72 -33.67
N LEU C 55 -32.22 71.52 -33.97
CA LEU C 55 -31.40 71.35 -35.17
C LEU C 55 -30.35 72.42 -35.03
N ALA C 56 -30.80 73.63 -34.73
CA ALA C 56 -29.91 74.77 -34.54
C ALA C 56 -29.00 74.47 -33.36
N GLN C 57 -29.51 73.67 -32.43
CA GLN C 57 -28.75 73.28 -31.25
C GLN C 57 -27.68 72.30 -31.70
N ARG C 58 -28.05 71.44 -32.65
CA ARG C 58 -27.14 70.44 -33.21
C ARG C 58 -26.04 71.09 -34.04
N ASN C 59 -26.43 72.08 -34.85
CA ASN C 59 -25.49 72.82 -35.69
C ASN C 59 -24.49 73.50 -34.79
N GLU C 60 -25.01 74.26 -33.82
CA GLU C 60 -24.20 75.00 -32.86
C GLU C 60 -23.12 74.12 -32.25
N MET C 61 -23.49 72.90 -31.91
CA MET C 61 -22.54 71.97 -31.33
C MET C 61 -21.48 71.59 -32.36
N PHE C 62 -21.91 71.35 -33.60
CA PHE C 62 -20.98 70.99 -34.66
C PHE C 62 -19.99 72.11 -34.95
N PHE C 63 -20.49 73.35 -35.00
CA PHE C 63 -19.66 74.51 -35.27
C PHE C 63 -18.59 74.59 -34.20
N MET C 64 -18.96 74.18 -32.99
CA MET C 64 -18.03 74.18 -31.87
C MET C 64 -16.93 73.17 -32.19
N CYS C 65 -17.31 71.94 -32.55
CA CYS C 65 -16.37 70.87 -32.89
C CYS C 65 -15.44 71.32 -34.01
N LEU C 66 -16.01 72.03 -34.97
CA LEU C 66 -15.29 72.55 -36.11
C LEU C 66 -14.30 73.61 -35.65
N ASP C 67 -14.78 74.54 -34.83
CA ASP C 67 -13.97 75.61 -34.27
C ASP C 67 -12.76 75.05 -33.56
N MET C 68 -12.99 74.02 -32.75
CA MET C 68 -11.94 73.36 -32.00
C MET C 68 -11.04 72.59 -32.95
N MET C 69 -11.66 71.88 -33.87
CA MET C 69 -10.94 71.08 -34.85
C MET C 69 -9.95 71.97 -35.59
N LEU C 70 -10.41 73.14 -35.99
CA LEU C 70 -9.59 74.10 -36.73
C LEU C 70 -8.52 74.69 -35.81
N SER C 71 -8.94 75.20 -34.66
CA SER C 71 -8.01 75.79 -33.69
C SER C 71 -6.88 74.82 -33.34
N ALA C 72 -7.23 73.55 -33.20
CA ALA C 72 -6.28 72.49 -32.86
C ALA C 72 -5.31 72.18 -34.00
N ALA C 73 -5.79 72.31 -35.23
CA ALA C 73 -4.95 72.06 -36.41
C ALA C 73 -4.17 73.31 -36.81
N GLY C 74 -4.59 74.46 -36.25
CA GLY C 74 -3.94 75.73 -36.54
C GLY C 74 -4.38 76.26 -37.89
N ILE C 75 -5.66 76.11 -38.20
CA ILE C 75 -6.21 76.53 -39.49
C ILE C 75 -7.22 77.67 -39.41
N ASN C 76 -7.16 78.54 -40.41
CA ASN C 76 -8.07 79.68 -40.52
C ASN C 76 -8.70 79.65 -41.91
N VAL C 77 -9.83 78.93 -42.03
CA VAL C 77 -10.54 78.78 -43.31
C VAL C 77 -11.08 80.08 -43.89
N GLY C 78 -11.34 81.05 -43.03
CA GLY C 78 -11.86 82.32 -43.48
C GLY C 78 -13.37 82.30 -43.67
N PRO C 79 -13.93 83.21 -44.50
CA PRO C 79 -15.37 83.29 -44.76
C PRO C 79 -15.84 82.24 -45.76
N ILE C 80 -16.16 81.04 -45.26
CA ILE C 80 -16.62 79.98 -46.13
C ILE C 80 -18.11 79.67 -45.96
N SER C 81 -18.76 80.39 -45.05
CA SER C 81 -20.19 80.20 -44.80
C SER C 81 -20.87 81.44 -44.24
N PRO C 82 -22.13 81.67 -44.64
CA PRO C 82 -22.94 82.81 -44.20
C PRO C 82 -23.58 82.54 -42.83
N ASP C 83 -23.59 81.26 -42.43
CA ASP C 83 -24.17 80.83 -41.17
C ASP C 83 -23.10 80.61 -40.10
N TYR C 84 -21.91 80.23 -40.54
CA TYR C 84 -20.80 79.96 -39.63
C TYR C 84 -19.69 81.01 -39.68
N THR C 85 -19.35 81.51 -38.50
CA THR C 85 -18.28 82.48 -38.35
C THR C 85 -17.28 81.86 -37.37
N GLN C 86 -16.16 81.40 -37.91
CA GLN C 86 -15.12 80.76 -37.10
C GLN C 86 -14.57 81.69 -36.02
N HIS C 87 -14.97 81.46 -34.77
CA HIS C 87 -14.47 82.29 -33.69
C HIS C 87 -13.14 81.73 -33.22
N MET C 88 -12.07 82.47 -33.52
CA MET C 88 -10.70 82.07 -33.18
C MET C 88 -10.38 81.87 -31.70
N ALA C 89 -11.17 82.45 -30.82
CA ALA C 89 -10.95 82.32 -29.37
C ALA C 89 -11.11 80.90 -28.82
N THR C 90 -11.49 79.96 -29.70
CA THR C 90 -11.69 78.56 -29.33
C THR C 90 -10.41 77.97 -28.75
N ILE C 91 -9.27 78.41 -29.27
CA ILE C 91 -7.97 77.95 -28.80
C ILE C 91 -7.87 78.22 -27.29
N GLY C 92 -8.38 79.37 -26.87
CA GLY C 92 -8.35 79.74 -25.46
C GLY C 92 -9.14 78.77 -24.60
N VAL C 93 -10.18 78.19 -25.18
CA VAL C 93 -11.02 77.23 -24.47
C VAL C 93 -10.25 75.90 -24.38
N LEU C 94 -9.61 75.53 -25.48
CA LEU C 94 -8.84 74.29 -25.56
C LEU C 94 -7.55 74.33 -24.75
N ALA C 95 -7.27 75.48 -24.14
CA ALA C 95 -6.08 75.65 -23.33
C ALA C 95 -6.41 75.64 -21.85
N THR C 96 -7.71 75.64 -21.53
CA THR C 96 -8.17 75.62 -20.14
C THR C 96 -7.81 74.28 -19.51
N PRO C 97 -6.88 74.29 -18.53
CA PRO C 97 -6.43 73.07 -17.84
C PRO C 97 -7.52 72.36 -17.06
N GLU C 98 -8.59 73.09 -16.72
CA GLU C 98 -9.72 72.51 -16.00
C GLU C 98 -10.46 71.49 -16.89
N ILE C 99 -10.16 71.54 -18.19
CA ILE C 99 -10.76 70.63 -19.17
C ILE C 99 -9.90 69.38 -19.33
N PRO C 100 -10.45 68.22 -18.97
CA PRO C 100 -9.76 66.93 -19.05
C PRO C 100 -9.84 66.29 -20.43
N PHE C 101 -8.89 65.41 -20.71
CA PHE C 101 -8.85 64.70 -21.98
C PHE C 101 -8.72 63.20 -21.71
N THR C 102 -9.27 62.38 -22.61
CA THR C 102 -9.23 60.93 -22.43
C THR C 102 -7.86 60.30 -22.59
N THR C 103 -7.68 59.16 -21.95
CA THR C 103 -6.43 58.41 -22.00
C THR C 103 -6.16 58.06 -23.47
N GLU C 104 -7.23 57.69 -24.18
CA GLU C 104 -7.16 57.34 -25.59
C GLU C 104 -6.65 58.53 -26.40
N ALA C 105 -7.21 59.70 -26.12
CA ALA C 105 -6.84 60.92 -26.82
C ALA C 105 -5.38 61.27 -26.57
N ALA C 106 -4.92 61.01 -25.35
CA ALA C 106 -3.54 61.29 -24.97
C ALA C 106 -2.58 60.42 -25.78
N ASN C 107 -2.77 59.11 -25.68
CA ASN C 107 -1.95 58.13 -26.40
C ASN C 107 -1.98 58.30 -27.91
N GLU C 108 -3.07 58.89 -28.39
CA GLU C 108 -3.25 59.13 -29.82
C GLU C 108 -2.31 60.24 -30.29
N ILE C 109 -2.42 61.40 -29.65
CA ILE C 109 -1.59 62.56 -29.98
C ILE C 109 -0.11 62.26 -29.72
N ALA C 110 0.15 61.47 -28.67
CA ALA C 110 1.52 61.10 -28.31
C ALA C 110 2.18 60.27 -29.40
N ARG C 111 1.35 59.50 -30.10
CA ARG C 111 1.83 58.66 -31.18
C ARG C 111 2.17 59.53 -32.39
N VAL C 112 1.22 60.39 -32.80
CA VAL C 112 1.39 61.29 -33.93
C VAL C 112 2.66 62.12 -33.77
N THR C 113 2.75 62.86 -32.66
CA THR C 113 3.91 63.70 -32.37
C THR C 113 5.13 62.82 -32.17
N GLY C 114 4.90 61.59 -31.69
CA GLY C 114 5.98 60.64 -31.46
C GLY C 114 6.76 60.27 -32.69
N GLU C 115 6.10 59.60 -33.64
CA GLU C 115 6.74 59.16 -34.89
C GLU C 115 7.00 60.28 -35.89
N THR C 116 6.19 61.33 -35.82
CA THR C 116 6.33 62.47 -36.72
C THR C 116 7.67 63.17 -36.52
N SER C 117 8.17 63.17 -35.29
CA SER C 117 9.43 63.82 -34.95
C SER C 117 10.68 62.97 -35.22
N THR C 118 10.51 61.66 -35.42
CA THR C 118 11.65 60.79 -35.69
C THR C 118 11.42 59.87 -36.90
N TRP C 119 12.47 59.15 -37.27
CA TRP C 119 12.43 58.23 -38.41
C TRP C 119 12.39 56.77 -37.98
N GLY C 120 12.22 55.88 -38.95
CA GLY C 120 12.19 54.46 -38.67
C GLY C 120 12.05 53.62 -39.93
N PRO C 121 12.53 52.37 -39.94
CA PRO C 121 12.46 51.45 -41.08
C PRO C 121 11.05 51.01 -41.48
N ALA C 122 10.71 51.18 -42.75
CA ALA C 122 9.39 50.82 -43.29
C ALA C 122 9.50 49.88 -44.49
N ARG C 123 8.48 49.04 -44.68
CA ARG C 123 8.45 48.06 -45.77
C ARG C 123 8.38 48.58 -47.21
N GLN C 124 8.03 49.85 -47.38
CA GLN C 124 7.90 50.48 -48.71
C GLN C 124 6.89 49.78 -49.62
N PRO C 125 5.83 50.51 -49.99
CA PRO C 125 4.70 50.08 -50.84
C PRO C 125 4.93 49.70 -52.31
N TYR C 126 5.76 50.44 -53.03
CA TYR C 126 5.99 50.16 -54.45
C TYR C 126 7.25 49.34 -54.75
N GLY C 127 7.51 49.12 -56.03
CA GLY C 127 8.69 48.36 -56.44
C GLY C 127 9.96 49.18 -56.34
N PHE C 128 11.10 48.51 -56.29
CA PHE C 128 12.40 49.19 -56.18
C PHE C 128 12.70 50.01 -57.44
N PHE C 129 12.61 49.35 -58.59
CA PHE C 129 12.86 50.00 -59.88
C PHE C 129 11.60 50.60 -60.50
N LEU C 130 10.86 51.37 -59.70
CA LEU C 130 9.64 52.01 -60.18
C LEU C 130 9.96 53.30 -60.93
N GLU C 131 10.97 54.02 -60.44
CA GLU C 131 11.36 55.29 -61.06
C GLU C 131 12.50 55.19 -62.09
N THR C 132 12.43 54.18 -62.95
CA THR C 132 13.44 53.97 -63.99
C THR C 132 12.92 54.41 -65.36
N GLU C 133 13.78 55.07 -66.13
CA GLU C 133 13.41 55.57 -67.47
C GLU C 133 13.38 54.47 -68.51
N GLU C 134 14.31 53.53 -68.42
CA GLU C 134 14.42 52.43 -69.38
C GLU C 134 14.11 51.06 -68.77
N THR C 135 13.70 50.14 -69.63
CA THR C 135 13.34 48.77 -69.24
C THR C 135 13.63 47.82 -70.40
N PHE C 136 13.99 46.57 -70.07
CA PHE C 136 14.30 45.57 -71.09
C PHE C 136 13.32 44.42 -71.09
N GLN C 137 13.30 43.63 -72.17
CA GLN C 137 12.39 42.49 -72.26
C GLN C 137 12.82 41.40 -71.29
N PRO C 138 11.90 40.99 -70.41
CA PRO C 138 12.15 39.94 -69.42
C PRO C 138 12.41 38.59 -70.07
N GLY C 139 13.61 38.08 -69.87
CA GLY C 139 13.99 36.79 -70.44
C GLY C 139 14.78 36.90 -71.72
N ARG C 140 15.09 38.12 -72.15
CA ARG C 140 15.86 38.31 -73.38
C ARG C 140 17.31 38.67 -73.11
N TRP C 141 18.20 38.01 -73.83
CA TRP C 141 19.63 38.21 -73.72
C TRP C 141 20.05 39.59 -74.23
N PHE C 142 21.01 40.18 -73.55
CA PHE C 142 21.55 41.48 -73.91
C PHE C 142 22.96 41.58 -73.35
N MET C 143 23.90 41.95 -74.20
CA MET C 143 25.29 42.07 -73.78
C MET C 143 25.88 43.40 -74.24
N ARG C 144 26.03 44.33 -73.29
CA ARG C 144 26.59 45.64 -73.59
C ARG C 144 28.02 45.42 -74.09
N ALA C 145 28.37 46.10 -75.18
CA ALA C 145 29.68 45.97 -75.81
C ALA C 145 30.88 45.97 -74.86
N ALA C 146 31.79 45.03 -75.10
CA ALA C 146 33.04 44.85 -74.33
C ALA C 146 32.92 44.19 -72.97
N GLN C 147 31.69 43.90 -72.52
CA GLN C 147 31.47 43.27 -71.23
C GLN C 147 31.21 41.77 -71.33
N ALA C 148 31.44 41.07 -70.22
CA ALA C 148 31.23 39.61 -70.14
C ALA C 148 30.04 39.27 -69.25
N ALA C 149 29.54 40.27 -68.52
CA ALA C 149 28.41 40.14 -67.63
C ALA C 149 27.68 41.49 -67.65
N THR C 150 26.38 41.47 -67.99
CA THR C 150 25.61 42.70 -68.05
C THR C 150 24.28 42.67 -67.32
N ALA C 151 24.19 43.47 -66.26
CA ALA C 151 22.99 43.58 -65.46
C ALA C 151 22.05 44.53 -66.19
N VAL C 152 20.75 44.21 -66.18
CA VAL C 152 19.78 45.04 -66.86
C VAL C 152 18.38 44.90 -66.26
N VAL C 153 17.73 46.05 -66.02
CA VAL C 153 16.38 46.07 -65.44
C VAL C 153 15.39 45.48 -66.44
N CYS C 154 14.33 44.84 -65.93
CA CYS C 154 13.33 44.22 -66.80
C CYS C 154 11.92 44.31 -66.20
N GLY C 155 11.79 45.08 -65.12
CA GLY C 155 10.51 45.24 -64.46
C GLY C 155 10.57 46.21 -63.29
N PRO C 156 9.42 46.52 -62.67
CA PRO C 156 9.32 47.44 -61.53
C PRO C 156 10.06 46.89 -60.31
N ASP C 157 10.24 45.56 -60.30
CA ASP C 157 10.89 44.85 -59.21
C ASP C 157 11.69 43.70 -59.79
N MET C 158 12.33 43.94 -60.92
CA MET C 158 13.07 42.86 -61.57
C MET C 158 14.28 43.30 -62.37
N ILE C 159 15.32 42.48 -62.34
CA ILE C 159 16.54 42.70 -63.10
C ILE C 159 17.00 41.33 -63.58
N GLN C 160 17.86 41.31 -64.59
CA GLN C 160 18.39 40.07 -65.14
C GLN C 160 19.79 40.30 -65.68
N VAL C 161 20.71 39.41 -65.28
CA VAL C 161 22.10 39.49 -65.70
C VAL C 161 22.42 38.50 -66.80
N SER C 162 23.10 38.99 -67.85
CA SER C 162 23.50 38.15 -68.97
C SER C 162 24.98 37.79 -68.79
N LEU C 163 25.24 36.52 -68.53
CA LEU C 163 26.59 36.02 -68.34
C LEU C 163 27.10 35.18 -69.50
N ASN C 164 28.35 35.40 -69.87
CA ASN C 164 28.98 34.62 -70.93
C ASN C 164 29.55 33.36 -70.29
N ALA C 165 29.87 32.37 -71.11
CA ALA C 165 30.42 31.11 -70.60
C ALA C 165 31.73 31.35 -69.84
N GLY C 166 31.71 31.13 -68.53
CA GLY C 166 32.90 31.33 -67.72
C GLY C 166 33.11 32.75 -67.19
N ALA C 167 32.09 33.59 -67.32
CA ALA C 167 32.17 34.98 -66.87
C ALA C 167 31.85 35.18 -65.40
N ARG C 168 32.21 36.35 -64.88
CA ARG C 168 31.98 36.70 -63.48
C ARG C 168 32.08 38.21 -63.30
N GLY C 169 31.29 38.76 -62.38
CA GLY C 169 31.31 40.19 -62.13
C GLY C 169 30.32 40.70 -61.11
N ASP C 170 30.60 41.87 -60.56
CA ASP C 170 29.74 42.51 -59.56
C ASP C 170 28.49 43.09 -60.24
N VAL C 171 27.40 43.19 -59.48
CA VAL C 171 26.14 43.70 -60.02
C VAL C 171 25.53 44.86 -59.22
N GLN C 172 25.91 44.97 -57.95
CA GLN C 172 25.42 45.99 -57.03
C GLN C 172 25.14 47.41 -57.55
N GLN C 173 26.03 47.93 -58.40
CA GLN C 173 25.87 49.29 -58.92
C GLN C 173 24.54 49.60 -59.62
N ILE C 174 23.84 48.58 -60.08
CA ILE C 174 22.55 48.78 -60.74
C ILE C 174 21.46 49.20 -59.75
N PHE C 175 21.66 48.83 -58.48
CA PHE C 175 20.74 49.15 -57.39
C PHE C 175 21.02 50.50 -56.76
N GLN C 176 22.31 50.81 -56.61
CA GLN C 176 22.78 52.05 -55.98
C GLN C 176 22.36 53.35 -56.64
N GLY C 177 22.36 54.42 -55.85
CA GLY C 177 21.99 55.74 -56.34
C GLY C 177 20.50 55.99 -56.28
N ARG C 178 19.73 54.90 -56.24
CA ARG C 178 18.28 54.98 -56.20
C ARG C 178 17.77 54.92 -54.76
N ASN C 179 16.88 55.85 -54.41
CA ASN C 179 16.30 55.93 -53.06
C ASN C 179 17.37 56.04 -51.96
N ASP C 180 17.13 55.37 -50.84
CA ASP C 180 18.04 55.35 -49.70
C ASP C 180 17.68 54.10 -48.89
N PRO C 181 17.96 52.91 -49.45
CA PRO C 181 17.67 51.63 -48.80
C PRO C 181 18.61 51.27 -47.66
N MET C 182 18.07 50.59 -46.65
CA MET C 182 18.84 50.16 -45.49
C MET C 182 19.07 48.65 -45.63
N MET C 183 18.04 47.97 -46.12
CA MET C 183 18.09 46.53 -46.32
C MET C 183 17.16 46.13 -47.48
N ILE C 184 17.75 45.52 -48.49
CA ILE C 184 17.03 45.07 -49.67
C ILE C 184 16.93 43.54 -49.62
N TYR C 185 15.71 43.03 -49.65
CA TYR C 185 15.48 41.59 -49.60
C TYR C 185 15.40 41.00 -51.00
N LEU C 186 16.39 40.16 -51.31
CA LEU C 186 16.48 39.54 -52.62
C LEU C 186 16.08 38.06 -52.67
N VAL C 187 15.98 37.54 -53.88
CA VAL C 187 15.62 36.14 -54.16
C VAL C 187 15.89 35.87 -55.65
N TRP C 188 17.05 35.26 -55.93
CA TRP C 188 17.45 34.97 -57.31
C TRP C 188 17.05 33.59 -57.81
N ARG C 189 16.76 33.53 -59.12
CA ARG C 189 16.37 32.30 -59.79
C ARG C 189 17.16 32.18 -61.09
N ARG C 190 17.16 30.99 -61.67
CA ARG C 190 17.85 30.74 -62.94
C ARG C 190 16.87 30.74 -64.09
N ILE C 191 17.06 31.65 -65.06
CA ILE C 191 16.18 31.71 -66.23
C ILE C 191 16.55 30.52 -67.12
N GLU C 192 15.91 29.39 -66.85
CA GLU C 192 16.13 28.12 -67.55
C GLU C 192 15.92 28.14 -69.07
N ASN C 193 15.10 29.05 -69.57
CA ASN C 193 14.83 29.16 -71.00
C ASN C 193 14.67 30.61 -71.41
N PHE C 194 15.68 31.13 -72.11
CA PHE C 194 15.65 32.52 -72.54
C PHE C 194 15.88 32.69 -74.04
N ALA C 195 15.59 33.90 -74.53
CA ALA C 195 15.74 34.23 -75.95
C ALA C 195 17.11 34.86 -76.23
N MET C 196 17.75 34.42 -77.30
CA MET C 196 19.06 34.94 -77.70
C MET C 196 18.89 36.22 -78.52
N ALA C 197 20.01 36.84 -78.89
CA ALA C 197 20.01 38.07 -79.68
C ALA C 197 19.30 37.87 -81.02
N GLN C 198 19.19 36.61 -81.44
CA GLN C 198 18.54 36.25 -82.70
C GLN C 198 17.13 35.71 -82.55
N GLY C 199 16.82 35.12 -81.39
CA GLY C 199 15.48 34.59 -81.18
C GLY C 199 15.40 33.13 -80.76
N ASN C 200 16.47 32.38 -81.02
CA ASN C 200 16.52 30.96 -80.67
C ASN C 200 16.57 30.70 -79.16
N SER C 201 15.97 29.59 -78.73
CA SER C 201 15.93 29.22 -77.31
C SER C 201 17.26 28.67 -76.79
N GLN C 202 17.68 29.18 -75.64
CA GLN C 202 18.93 28.78 -74.99
C GLN C 202 18.65 28.34 -73.55
N GLN C 203 19.47 27.41 -73.06
CA GLN C 203 19.32 26.89 -71.70
C GLN C 203 20.41 27.37 -70.74
N THR C 204 20.02 27.61 -69.49
CA THR C 204 20.95 28.03 -68.45
C THR C 204 21.25 26.78 -67.62
N GLN C 205 22.52 26.37 -67.64
CA GLN C 205 22.94 25.17 -66.90
C GLN C 205 23.10 25.35 -65.40
N ALA C 206 22.84 24.29 -64.65
CA ALA C 206 22.95 24.28 -63.20
C ALA C 206 24.42 24.33 -62.77
N GLY C 207 24.78 25.37 -62.03
CA GLY C 207 26.15 25.54 -61.57
C GLY C 207 26.45 27.00 -61.30
N VAL C 208 25.58 27.88 -61.82
CA VAL C 208 25.72 29.32 -61.64
C VAL C 208 25.57 29.64 -60.15
N THR C 209 26.38 30.57 -59.66
CA THR C 209 26.34 30.96 -58.25
C THR C 209 26.28 32.46 -58.02
N VAL C 210 25.46 32.87 -57.06
CA VAL C 210 25.32 34.28 -56.69
C VAL C 210 25.76 34.39 -55.24
N SER C 211 26.80 35.17 -54.99
CA SER C 211 27.32 35.35 -53.65
C SER C 211 27.20 36.78 -53.15
N VAL C 212 26.80 36.94 -51.89
CA VAL C 212 26.66 38.25 -51.28
C VAL C 212 27.84 38.47 -50.34
N GLY C 213 28.59 39.54 -50.58
CA GLY C 213 29.74 39.87 -49.76
C GLY C 213 30.76 38.77 -49.58
N GLY C 214 30.76 37.78 -50.47
CA GLY C 214 31.71 36.69 -50.35
C GLY C 214 31.09 35.34 -50.07
N VAL C 215 30.02 35.33 -49.29
CA VAL C 215 29.34 34.08 -48.96
C VAL C 215 28.40 33.68 -50.09
N ASP C 216 28.41 32.39 -50.43
CA ASP C 216 27.57 31.89 -51.50
C ASP C 216 26.13 31.67 -51.06
N MET C 217 25.20 32.20 -51.86
CA MET C 217 23.77 32.08 -51.56
C MET C 217 23.05 31.10 -52.48
N ARG C 218 21.96 30.53 -51.96
CA ARG C 218 21.14 29.59 -52.72
C ARG C 218 20.09 30.32 -53.55
N ALA C 219 19.55 29.62 -54.55
CA ALA C 219 18.53 30.20 -55.41
C ALA C 219 17.15 29.92 -54.82
N GLY C 220 16.24 30.89 -54.95
CA GLY C 220 14.90 30.71 -54.45
C GLY C 220 14.76 30.94 -52.95
N ARG C 221 15.74 31.62 -52.36
CA ARG C 221 15.72 31.92 -50.93
C ARG C 221 15.88 33.41 -50.72
N ILE C 222 15.10 33.97 -49.81
CA ILE C 222 15.18 35.40 -49.52
C ILE C 222 16.51 35.70 -48.85
N ILE C 223 17.12 36.82 -49.25
CA ILE C 223 18.42 37.21 -48.71
C ILE C 223 18.45 38.65 -48.23
N ALA C 224 18.94 38.83 -47.01
CA ALA C 224 19.05 40.17 -46.44
C ALA C 224 20.34 40.79 -46.95
N TRP C 225 20.19 41.78 -47.82
CA TRP C 225 21.34 42.47 -48.41
C TRP C 225 21.33 43.94 -48.01
N ASP C 226 22.42 44.37 -47.39
CA ASP C 226 22.58 45.75 -46.93
C ASP C 226 22.66 46.80 -48.05
N GLY C 227 22.94 46.35 -49.27
CA GLY C 227 23.04 47.26 -50.39
C GLY C 227 24.45 47.76 -50.65
N GLN C 228 25.37 47.44 -49.73
CA GLN C 228 26.76 47.87 -49.85
C GLN C 228 27.68 46.68 -50.11
N ALA C 229 27.28 45.49 -49.66
CA ALA C 229 28.08 44.28 -49.84
C ALA C 229 28.14 43.90 -51.33
N ALA C 230 29.17 43.14 -51.69
CA ALA C 230 29.38 42.72 -53.08
C ALA C 230 28.40 41.67 -53.60
N LEU C 231 27.57 42.08 -54.56
CA LEU C 231 26.60 41.18 -55.19
C LEU C 231 27.28 40.61 -56.43
N HIS C 232 28.14 39.63 -56.21
CA HIS C 232 28.93 38.99 -57.26
C HIS C 232 28.33 37.71 -57.85
N VAL C 233 28.13 37.71 -59.17
CA VAL C 233 27.57 36.55 -59.88
C VAL C 233 28.68 35.85 -60.66
N ARG C 234 28.66 34.52 -60.66
CA ARG C 234 29.65 33.72 -61.37
C ARG C 234 29.00 32.66 -62.24
N ASN C 235 29.61 32.41 -63.40
CA ASN C 235 29.10 31.42 -64.34
C ASN C 235 30.19 30.43 -64.72
N PRO C 236 30.40 29.40 -63.88
CA PRO C 236 31.42 28.38 -64.14
C PRO C 236 31.02 27.40 -65.25
N THR C 237 29.83 27.62 -65.82
CA THR C 237 29.30 26.77 -66.89
C THR C 237 29.84 27.15 -68.27
N GLN C 238 29.95 26.14 -69.13
CA GLN C 238 30.46 26.32 -70.49
C GLN C 238 29.35 26.66 -71.50
N GLN C 239 28.50 27.59 -71.11
CA GLN C 239 27.40 28.07 -71.93
C GLN C 239 26.94 29.42 -71.42
N ASN C 240 26.11 30.09 -72.20
CA ASN C 240 25.58 31.38 -71.81
C ASN C 240 24.54 31.13 -70.72
N ALA C 241 24.55 31.97 -69.70
CA ALA C 241 23.61 31.84 -68.60
C ALA C 241 22.96 33.17 -68.25
N MET C 242 21.67 33.12 -67.95
CA MET C 242 20.92 34.31 -67.57
C MET C 242 20.16 34.04 -66.28
N VAL C 243 20.31 34.95 -65.31
CA VAL C 243 19.65 34.81 -64.03
C VAL C 243 18.82 36.05 -63.70
N GLN C 244 17.70 35.83 -63.03
CA GLN C 244 16.83 36.94 -62.63
C GLN C 244 16.92 37.13 -61.13
N ILE C 245 17.13 38.38 -60.71
CA ILE C 245 17.22 38.70 -59.29
C ILE C 245 16.02 39.57 -58.95
N GLN C 246 15.29 39.19 -57.90
CA GLN C 246 14.10 39.93 -57.50
C GLN C 246 14.16 40.63 -56.16
N VAL C 247 13.72 41.90 -56.15
CA VAL C 247 13.66 42.69 -54.94
C VAL C 247 12.24 42.50 -54.44
N VAL C 248 12.03 41.47 -53.62
CA VAL C 248 10.71 41.18 -53.08
C VAL C 248 10.16 42.39 -52.31
N PHE C 249 11.05 43.06 -51.56
CA PHE C 249 10.72 44.27 -50.81
C PHE C 249 11.97 44.83 -50.13
N TYR C 250 11.98 46.14 -49.93
CA TYR C 250 13.11 46.79 -49.28
C TYR C 250 12.62 47.72 -48.19
N ILE C 251 13.54 48.18 -47.35
CA ILE C 251 13.20 49.09 -46.26
C ILE C 251 14.02 50.37 -46.26
N SER C 252 13.33 51.49 -46.01
CA SER C 252 13.96 52.80 -45.97
C SER C 252 13.27 53.64 -44.91
N MET C 253 13.92 54.72 -44.48
CA MET C 253 13.36 55.58 -43.44
C MET C 253 12.31 56.57 -43.95
N ASP C 254 11.72 56.27 -45.10
CA ASP C 254 10.69 57.12 -45.68
C ASP C 254 9.33 56.69 -45.15
N LYS C 255 8.60 57.66 -44.60
CA LYS C 255 7.29 57.40 -44.03
C LYS C 255 6.34 56.73 -45.02
N THR C 256 5.67 55.69 -44.56
CA THR C 256 4.71 54.95 -45.37
C THR C 256 3.32 55.14 -44.78
N LEU C 257 2.34 54.39 -45.27
CA LEU C 257 0.98 54.50 -44.77
C LEU C 257 0.76 53.77 -43.44
N ASN C 258 1.83 53.17 -42.91
CA ASN C 258 1.78 52.44 -41.64
C ASN C 258 2.50 53.14 -40.49
N GLN C 259 2.63 54.46 -40.58
CA GLN C 259 3.30 55.22 -39.54
C GLN C 259 2.41 55.30 -38.29
N TYR C 260 1.12 55.49 -38.53
CA TYR C 260 0.13 55.57 -37.47
C TYR C 260 -0.92 54.47 -37.74
N PRO C 261 -1.36 53.76 -36.70
CA PRO C 261 -2.35 52.68 -36.78
C PRO C 261 -3.61 52.95 -37.61
N ALA C 262 -3.77 52.15 -38.67
CA ALA C 262 -4.89 52.24 -39.59
C ALA C 262 -5.04 53.65 -40.17
N LEU C 263 -3.91 54.25 -40.52
CA LEU C 263 -3.88 55.60 -41.09
C LEU C 263 -4.76 55.63 -42.33
N THR C 264 -4.66 54.58 -43.14
CA THR C 264 -5.42 54.42 -44.37
C THR C 264 -6.93 54.54 -44.14
N ALA C 265 -7.45 53.72 -43.25
CA ALA C 265 -8.88 53.71 -42.94
C ALA C 265 -9.40 55.08 -42.49
N GLU C 266 -8.54 55.84 -41.83
CA GLU C 266 -8.86 57.19 -41.35
C GLU C 266 -8.94 58.11 -42.55
N ILE C 267 -7.93 58.03 -43.42
CA ILE C 267 -7.84 58.83 -44.63
C ILE C 267 -9.11 58.68 -45.47
N PHE C 268 -9.47 57.43 -45.76
CA PHE C 268 -10.66 57.12 -46.53
C PHE C 268 -11.88 57.82 -45.95
N ASN C 269 -12.05 57.74 -44.63
CA ASN C 269 -13.17 58.36 -43.93
C ASN C 269 -13.24 59.88 -44.15
N VAL C 270 -12.09 60.50 -44.38
CA VAL C 270 -12.02 61.93 -44.61
C VAL C 270 -12.32 62.29 -46.08
N TYR C 271 -11.75 61.52 -46.99
CA TYR C 271 -11.95 61.72 -48.43
C TYR C 271 -13.29 61.23 -48.96
N SER C 272 -14.16 60.76 -48.06
CA SER C 272 -15.48 60.28 -48.44
C SER C 272 -16.41 61.46 -48.70
N PHE C 273 -17.52 61.19 -49.37
CA PHE C 273 -18.46 62.24 -49.74
C PHE C 273 -19.53 62.64 -48.72
N ARG C 274 -20.30 61.66 -48.24
CA ARG C 274 -21.41 61.89 -47.30
C ARG C 274 -22.49 62.69 -48.04
N ASP C 275 -22.26 64.00 -48.17
CA ASP C 275 -23.14 64.90 -48.93
C ASP C 275 -22.36 66.15 -49.32
N HIS C 276 -22.90 66.95 -50.23
CA HIS C 276 -22.24 68.17 -50.72
C HIS C 276 -21.77 69.11 -49.63
N THR C 277 -22.60 69.32 -48.61
CA THR C 277 -22.28 70.20 -47.50
C THR C 277 -20.95 69.75 -46.89
N TRP C 278 -20.83 68.45 -46.62
CA TRP C 278 -19.61 67.89 -46.06
C TRP C 278 -18.46 68.04 -47.04
N HIS C 279 -18.67 67.52 -48.25
CA HIS C 279 -17.68 67.55 -49.31
C HIS C 279 -16.96 68.89 -49.40
N GLY C 280 -17.73 69.95 -49.65
CA GLY C 280 -17.16 71.28 -49.77
C GLY C 280 -16.47 71.77 -48.50
N LEU C 281 -17.08 71.49 -47.35
CA LEU C 281 -16.52 71.90 -46.08
C LEU C 281 -15.12 71.32 -45.95
N ARG C 282 -15.02 70.02 -46.22
CA ARG C 282 -13.77 69.30 -46.15
C ARG C 282 -12.74 69.84 -47.14
N THR C 283 -13.19 70.15 -48.35
CA THR C 283 -12.32 70.69 -49.38
C THR C 283 -11.76 72.04 -48.92
N ALA C 284 -12.66 72.96 -48.57
CA ALA C 284 -12.32 74.30 -48.10
C ALA C 284 -11.33 74.27 -46.95
N ILE C 285 -11.40 73.23 -46.13
CA ILE C 285 -10.50 73.07 -44.99
C ILE C 285 -9.11 72.70 -45.49
N ARG C 286 -9.04 71.73 -46.39
CA ARG C 286 -7.76 71.28 -46.94
C ARG C 286 -7.07 72.28 -47.86
N ASN C 287 -7.83 73.27 -48.31
CA ASN C 287 -7.28 74.31 -49.17
C ASN C 287 -6.28 75.13 -48.36
N ARG C 288 -6.43 75.08 -47.05
CA ARG C 288 -5.55 75.78 -46.13
C ARG C 288 -4.32 74.91 -45.84
N THR C 289 -4.43 73.62 -46.13
CA THR C 289 -3.34 72.67 -45.89
C THR C 289 -2.55 72.30 -47.15
N THR C 290 -1.43 71.60 -46.91
CA THR C 290 -0.55 71.14 -47.98
C THR C 290 -1.04 69.79 -48.53
N LEU C 291 -2.18 69.34 -48.00
CA LEU C 291 -2.77 68.07 -48.41
C LEU C 291 -3.79 68.27 -49.54
N PRO C 292 -3.87 67.29 -50.47
CA PRO C 292 -4.82 67.35 -51.59
C PRO C 292 -6.25 67.43 -51.08
N ASN C 293 -6.98 68.46 -51.50
CA ASN C 293 -8.34 68.72 -51.04
C ASN C 293 -9.47 67.70 -51.29
N MET C 294 -9.30 66.76 -52.22
CA MET C 294 -10.33 65.76 -52.47
C MET C 294 -9.87 64.42 -53.04
N LEU C 295 -8.56 64.23 -53.15
CA LEU C 295 -7.98 62.99 -53.65
C LEU C 295 -6.81 62.52 -52.78
N PRO C 296 -6.84 61.25 -52.33
CA PRO C 296 -5.80 60.67 -51.48
C PRO C 296 -4.40 61.04 -51.93
N PRO C 297 -3.54 61.47 -51.00
CA PRO C 297 -2.17 61.84 -51.38
C PRO C 297 -1.48 60.63 -51.97
N ILE C 298 -0.76 60.87 -53.06
CA ILE C 298 -0.02 59.81 -53.75
C ILE C 298 1.00 59.28 -52.77
N PHE C 299 1.67 60.21 -52.10
CA PHE C 299 2.68 59.90 -51.10
C PHE C 299 2.14 60.26 -49.72
N PRO C 300 2.29 59.35 -48.75
CA PRO C 300 1.82 59.57 -47.38
C PRO C 300 2.53 60.77 -46.74
N PRO C 301 1.74 61.67 -46.10
CA PRO C 301 2.31 62.86 -45.44
C PRO C 301 3.38 62.45 -44.42
N ASN C 302 4.12 63.40 -43.89
CA ASN C 302 5.15 63.06 -42.92
C ASN C 302 5.36 64.07 -41.79
N ASP C 303 4.51 65.11 -41.74
CA ASP C 303 4.62 66.11 -40.70
C ASP C 303 3.46 66.07 -39.71
N ARG C 304 3.74 66.53 -38.49
CA ARG C 304 2.75 66.55 -37.41
C ARG C 304 1.46 67.21 -37.87
N ASP C 305 1.55 68.47 -38.27
CA ASP C 305 0.40 69.25 -38.73
C ASP C 305 -0.50 68.52 -39.73
N SER C 306 0.11 67.78 -40.64
CA SER C 306 -0.64 67.02 -41.65
C SER C 306 -1.46 65.92 -41.00
N ILE C 307 -0.75 64.92 -40.45
CA ILE C 307 -1.38 63.78 -39.79
C ILE C 307 -2.44 64.25 -38.79
N LEU C 308 -2.05 65.18 -37.93
CA LEU C 308 -2.92 65.77 -36.91
C LEU C 308 -4.22 66.21 -37.58
N THR C 309 -4.08 67.05 -38.61
CA THR C 309 -5.22 67.60 -39.36
C THR C 309 -6.16 66.50 -39.84
N LEU C 310 -5.61 65.50 -40.52
CA LEU C 310 -6.36 64.39 -41.03
C LEU C 310 -7.25 63.75 -39.97
N LEU C 311 -6.64 63.39 -38.84
CA LEU C 311 -7.35 62.78 -37.73
C LEU C 311 -8.48 63.65 -37.21
N LEU C 312 -8.17 64.93 -36.96
CA LEU C 312 -9.15 65.88 -36.47
C LEU C 312 -10.35 65.95 -37.41
N LEU C 313 -10.07 65.80 -38.70
CA LEU C 313 -11.12 65.83 -39.73
C LEU C 313 -11.89 64.52 -39.76
N SER C 314 -11.17 63.41 -39.63
CA SER C 314 -11.76 62.08 -39.63
C SER C 314 -12.80 62.02 -38.51
N THR C 315 -12.41 62.53 -37.34
CA THR C 315 -13.29 62.58 -36.18
C THR C 315 -14.41 63.56 -36.45
N LEU C 316 -14.05 64.76 -36.90
CA LEU C 316 -15.02 65.79 -37.21
C LEU C 316 -16.04 65.24 -38.20
N ALA C 317 -15.58 64.26 -39.01
CA ALA C 317 -16.42 63.61 -40.01
C ALA C 317 -17.49 62.76 -39.34
N ASP C 318 -17.08 61.94 -38.38
CA ASP C 318 -18.02 61.10 -37.66
C ASP C 318 -18.97 61.99 -36.87
N VAL C 319 -18.44 63.09 -36.35
CA VAL C 319 -19.21 64.07 -35.59
C VAL C 319 -20.31 64.58 -36.53
N TYR C 320 -19.94 64.77 -37.78
CA TYR C 320 -20.86 65.23 -38.82
C TYR C 320 -22.00 64.22 -38.95
N THR C 321 -21.63 62.96 -39.15
CA THR C 321 -22.58 61.86 -39.32
C THR C 321 -23.64 61.79 -38.22
N VAL C 322 -23.19 61.77 -36.97
CA VAL C 322 -24.10 61.68 -35.84
C VAL C 322 -25.01 62.87 -35.64
N LEU C 323 -24.45 64.07 -35.75
CA LEU C 323 -25.21 65.30 -35.55
C LEU C 323 -26.23 65.65 -36.64
N ARG C 324 -25.95 65.23 -37.87
CA ARG C 324 -26.83 65.50 -39.01
C ARG C 324 -26.98 67.02 -39.25
N PRO C 325 -25.87 67.77 -39.34
CA PRO C 325 -25.95 69.22 -39.54
C PRO C 325 -26.42 69.68 -40.92
N GLU C 326 -27.14 70.79 -40.94
CA GLU C 326 -27.67 71.38 -42.18
C GLU C 326 -27.38 72.88 -42.22
N PHE C 327 -26.49 73.27 -43.12
CA PHE C 327 -26.13 74.69 -43.27
C PHE C 327 -25.65 75.08 -44.67
N ALA C 328 -25.69 76.39 -44.92
CA ALA C 328 -25.28 76.95 -46.21
C ALA C 328 -23.77 77.09 -46.28
N MET C 329 -23.24 76.93 -47.49
CA MET C 329 -21.81 77.02 -47.71
C MET C 329 -21.56 77.73 -49.05
N HIS C 330 -20.75 78.78 -49.02
CA HIS C 330 -20.42 79.57 -50.20
C HIS C 330 -19.92 78.74 -51.38
N GLY C 331 -20.63 78.85 -52.51
CA GLY C 331 -20.26 78.13 -53.71
C GLY C 331 -20.74 76.69 -53.77
N VAL C 332 -21.58 76.30 -52.83
CA VAL C 332 -22.11 74.93 -52.79
C VAL C 332 -23.63 74.93 -52.87
N ASN C 333 -24.15 74.09 -53.75
CA ASN C 333 -25.60 73.98 -53.93
C ASN C 333 -26.07 72.54 -53.72
N PRO C 334 -26.79 72.29 -52.61
CA PRO C 334 -27.33 70.98 -52.22
C PRO C 334 -28.39 70.40 -53.15
N MET C 335 -28.20 69.13 -53.52
CA MET C 335 -29.14 68.40 -54.37
C MET C 335 -29.80 67.37 -53.43
N PRO C 336 -31.04 67.64 -52.99
CA PRO C 336 -31.83 66.81 -52.07
C PRO C 336 -32.29 65.41 -52.51
N GLY C 337 -32.27 65.13 -53.81
CA GLY C 337 -32.69 63.82 -54.29
C GLY C 337 -31.74 62.73 -53.82
N PRO C 338 -32.20 61.78 -52.96
CA PRO C 338 -31.60 60.62 -52.31
C PRO C 338 -30.09 60.28 -52.33
N LEU C 339 -29.33 60.86 -53.25
CA LEU C 339 -27.88 60.64 -53.36
C LEU C 339 -27.51 59.25 -53.84
N THR C 340 -26.85 59.21 -54.99
CA THR C 340 -26.44 57.95 -55.59
C THR C 340 -24.95 57.99 -55.92
N ALA C 341 -24.37 56.81 -56.18
CA ALA C 341 -22.95 56.69 -56.52
C ALA C 341 -22.56 57.60 -57.68
N ALA C 342 -23.56 58.00 -58.46
CA ALA C 342 -23.34 58.88 -59.61
C ALA C 342 -23.19 60.34 -59.16
N ILE C 343 -24.15 60.81 -58.36
CA ILE C 343 -24.15 62.19 -57.86
C ILE C 343 -22.83 62.53 -57.16
N ALA C 344 -22.31 61.56 -56.40
CA ALA C 344 -21.05 61.71 -55.68
C ALA C 344 -19.87 61.76 -56.65
N ARG C 345 -19.90 60.88 -57.64
CA ARG C 345 -18.86 60.80 -58.66
C ARG C 345 -18.64 62.17 -59.31
N ALA C 346 -19.75 62.86 -59.56
CA ALA C 346 -19.74 64.18 -60.19
C ALA C 346 -19.16 65.30 -59.31
N ALA C 347 -19.42 65.23 -58.01
CA ALA C 347 -18.94 66.25 -57.08
C ALA C 347 -17.42 66.39 -56.97
N TYR C 348 -16.69 65.31 -57.27
CA TYR C 348 -15.23 65.31 -57.20
C TYR C 348 -14.57 65.96 -58.42
N VAL C 349 -14.87 67.23 -58.65
CA VAL C 349 -14.35 68.02 -59.77
C VAL C 349 -14.36 67.25 -61.10
N MET D 1 -2.43 35.90 -15.50
CA MET D 1 -1.24 36.22 -16.35
C MET D 1 -1.56 37.27 -17.41
N ASP D 2 -2.68 37.07 -18.11
CA ASP D 2 -3.11 38.03 -19.12
C ASP D 2 -3.48 39.30 -18.38
N THR D 3 -4.23 39.12 -17.29
CA THR D 3 -4.66 40.20 -16.41
C THR D 3 -3.46 41.07 -16.05
N ILE D 4 -2.36 40.40 -15.73
CA ILE D 4 -1.10 41.05 -15.37
C ILE D 4 -0.67 42.00 -16.47
N ALA D 5 -0.51 41.46 -17.67
CA ALA D 5 -0.12 42.23 -18.84
C ALA D 5 -1.09 43.38 -19.10
N ALA D 6 -2.38 43.10 -18.95
CA ALA D 6 -3.43 44.10 -19.16
C ALA D 6 -3.22 45.28 -18.20
N ARG D 7 -2.89 44.97 -16.95
CA ARG D 7 -2.65 45.99 -15.93
C ARG D 7 -1.46 46.84 -16.31
N ALA D 8 -0.33 46.18 -16.59
CA ALA D 8 0.91 46.84 -16.99
C ALA D 8 0.63 47.82 -18.11
N LEU D 9 -0.11 47.34 -19.11
CA LEU D 9 -0.49 48.14 -20.26
C LEU D 9 -1.28 49.36 -19.80
N THR D 10 -2.36 49.11 -19.06
CA THR D 10 -3.25 50.14 -18.51
C THR D 10 -2.51 51.26 -17.82
N VAL D 11 -1.48 50.88 -17.07
CA VAL D 11 -0.65 51.82 -16.32
C VAL D 11 0.19 52.69 -17.26
N MET D 12 0.93 52.06 -18.17
CA MET D 12 1.76 52.79 -19.14
C MET D 12 0.90 53.75 -19.97
N ARG D 13 -0.27 53.27 -20.40
CA ARG D 13 -1.21 54.06 -21.17
C ARG D 13 -1.70 55.22 -20.31
N ALA D 14 -1.81 54.99 -19.01
CA ALA D 14 -2.24 56.00 -18.07
C ALA D 14 -1.13 57.02 -17.81
N CYS D 15 0.12 56.57 -17.85
CA CYS D 15 1.27 57.43 -17.63
C CYS D 15 1.47 58.38 -18.79
N ALA D 16 1.06 57.93 -19.97
CA ALA D 16 1.18 58.77 -21.16
C ALA D 16 0.23 59.96 -21.08
N THR D 17 -0.73 59.89 -20.15
CA THR D 17 -1.70 60.94 -19.94
C THR D 17 -1.05 62.21 -19.36
N LEU D 18 0.11 62.04 -18.74
CA LEU D 18 0.83 63.15 -18.12
C LEU D 18 1.60 63.98 -19.16
N GLN D 19 0.94 64.99 -19.71
CA GLN D 19 1.52 65.86 -20.72
C GLN D 19 2.04 67.19 -20.14
N GLU D 20 1.32 67.71 -19.15
CA GLU D 20 1.67 68.99 -18.53
C GLU D 20 1.73 68.92 -17.00
N ALA D 21 2.13 70.02 -16.38
CA ALA D 21 2.27 70.10 -14.93
C ALA D 21 1.02 70.39 -14.11
N ARG D 22 0.20 71.36 -14.54
CA ARG D 22 -1.00 71.71 -13.78
C ARG D 22 -2.36 71.23 -14.31
N ILE D 23 -2.35 70.52 -15.44
CA ILE D 23 -3.60 70.01 -16.03
C ILE D 23 -4.34 69.04 -15.11
N VAL D 24 -5.65 68.94 -15.26
CA VAL D 24 -6.43 68.01 -14.44
C VAL D 24 -6.54 66.70 -15.20
N LEU D 25 -6.58 65.59 -14.48
CA LEU D 25 -6.67 64.27 -15.10
C LEU D 25 -8.08 63.75 -15.22
N GLU D 26 -8.23 62.76 -16.10
CA GLU D 26 -9.51 62.10 -16.32
C GLU D 26 -9.74 61.27 -15.07
N ALA D 27 -10.96 61.32 -14.53
CA ALA D 27 -11.32 60.58 -13.32
C ALA D 27 -10.67 59.21 -13.29
N ASN D 28 -10.75 58.53 -14.44
CA ASN D 28 -10.20 57.20 -14.64
C ASN D 28 -8.72 57.08 -14.23
N VAL D 29 -7.89 58.02 -14.66
CA VAL D 29 -6.46 58.01 -14.37
C VAL D 29 -6.12 58.15 -12.88
N MET D 30 -6.62 59.22 -12.24
CA MET D 30 -6.35 59.45 -10.82
C MET D 30 -6.80 58.28 -9.94
N GLU D 31 -7.61 57.40 -10.49
CA GLU D 31 -8.08 56.23 -9.77
C GLU D 31 -7.04 55.11 -9.96
N ILE D 32 -6.48 55.02 -11.15
CA ILE D 32 -5.48 53.99 -11.47
C ILE D 32 -4.12 54.30 -10.86
N LEU D 33 -3.51 55.39 -11.27
CA LEU D 33 -2.18 55.77 -10.78
C LEU D 33 -2.11 55.88 -9.26
N GLY D 34 -3.12 56.48 -8.65
CA GLY D 34 -3.14 56.63 -7.19
C GLY D 34 -2.84 55.32 -6.48
N ILE D 35 -3.50 54.26 -6.92
CA ILE D 35 -3.34 52.92 -6.37
C ILE D 35 -1.99 52.36 -6.80
N ALA D 36 -1.82 52.18 -8.11
CA ALA D 36 -0.59 51.63 -8.68
C ALA D 36 0.68 52.18 -8.05
N ILE D 37 0.90 53.48 -8.18
CA ILE D 37 2.07 54.16 -7.64
C ILE D 37 2.31 53.82 -6.17
N ASN D 38 1.25 53.83 -5.37
CA ASN D 38 1.37 53.51 -3.94
C ASN D 38 1.85 52.07 -3.74
N ARG D 39 1.22 51.13 -4.44
CA ARG D 39 1.56 49.72 -4.34
C ARG D 39 2.95 49.45 -4.89
N TYR D 40 3.35 50.23 -5.88
CA TYR D 40 4.66 50.09 -6.51
C TYR D 40 5.72 50.52 -5.51
N ASN D 41 5.64 51.75 -5.04
CA ASN D 41 6.58 52.28 -4.06
C ASN D 41 6.56 51.43 -2.80
N GLY D 42 5.47 50.70 -2.61
CA GLY D 42 5.31 49.85 -1.45
C GLY D 42 6.23 48.64 -1.44
N LEU D 43 6.54 48.12 -2.63
CA LEU D 43 7.43 46.96 -2.74
C LEU D 43 8.74 47.32 -3.43
N THR D 44 8.79 48.52 -4.00
CA THR D 44 9.98 48.98 -4.72
C THR D 44 10.79 49.96 -3.89
N LEU D 45 10.09 50.73 -3.08
CA LEU D 45 10.72 51.73 -2.21
C LEU D 45 11.21 52.95 -2.99
N ARG D 46 10.85 53.02 -4.27
CA ARG D 46 11.26 54.15 -5.09
C ARG D 46 10.33 55.35 -4.93
N GLY D 47 10.82 56.52 -5.30
CA GLY D 47 10.02 57.72 -5.15
C GLY D 47 9.26 58.15 -6.39
N VAL D 48 8.15 57.48 -6.68
CA VAL D 48 7.35 57.83 -7.84
C VAL D 48 6.29 58.83 -7.41
N THR D 49 6.19 59.94 -8.16
CA THR D 49 5.21 60.99 -7.86
C THR D 49 4.06 60.94 -8.85
N MET D 50 2.85 61.29 -8.38
CA MET D 50 1.68 61.31 -9.24
C MET D 50 1.80 62.40 -10.30
N ARG D 51 2.39 63.54 -9.91
CA ARG D 51 2.58 64.63 -10.84
C ARG D 51 4.07 65.01 -10.89
N PRO D 52 4.86 64.24 -11.66
CA PRO D 52 6.31 64.50 -11.80
C PRO D 52 6.52 65.82 -12.53
N THR D 53 7.47 66.61 -12.02
CA THR D 53 7.75 67.92 -12.61
C THR D 53 9.23 68.14 -12.89
N SER D 54 10.09 67.58 -12.04
CA SER D 54 11.53 67.74 -12.19
C SER D 54 12.11 67.06 -13.43
N LEU D 55 12.69 65.89 -13.24
CA LEU D 55 13.30 65.11 -14.29
C LEU D 55 13.58 63.79 -13.63
N ALA D 56 14.12 63.87 -12.41
CA ALA D 56 14.42 62.67 -11.63
C ALA D 56 13.10 61.96 -11.29
N GLN D 57 12.03 62.76 -11.16
CA GLN D 57 10.70 62.23 -10.85
C GLN D 57 10.12 61.56 -12.11
N ARG D 58 10.45 62.15 -13.25
CA ARG D 58 10.01 61.65 -14.55
C ARG D 58 10.74 60.37 -14.91
N ASN D 59 12.06 60.35 -14.67
CA ASN D 59 12.89 59.18 -14.95
C ASN D 59 12.38 58.03 -14.13
N GLU D 60 12.11 58.32 -12.85
CA GLU D 60 11.62 57.34 -11.89
C GLU D 60 10.34 56.68 -12.37
N MET D 61 9.40 57.50 -12.85
CA MET D 61 8.14 56.98 -13.35
C MET D 61 8.35 56.12 -14.58
N PHE D 62 9.25 56.56 -15.46
CA PHE D 62 9.55 55.82 -16.67
C PHE D 62 10.14 54.46 -16.30
N PHE D 63 11.06 54.46 -15.33
CA PHE D 63 11.70 53.24 -14.86
C PHE D 63 10.63 52.29 -14.37
N MET D 64 9.55 52.86 -13.84
CA MET D 64 8.43 52.09 -13.32
C MET D 64 7.73 51.38 -14.47
N CYS D 65 7.33 52.14 -15.50
CA CYS D 65 6.65 51.58 -16.66
C CYS D 65 7.55 50.51 -17.27
N LEU D 66 8.83 50.83 -17.34
CA LEU D 66 9.84 49.92 -17.87
C LEU D 66 9.82 48.62 -17.09
N ASP D 67 9.84 48.72 -15.77
CA ASP D 67 9.81 47.55 -14.89
C ASP D 67 8.57 46.70 -15.16
N MET D 68 7.42 47.37 -15.24
CA MET D 68 6.13 46.71 -15.46
C MET D 68 6.05 46.13 -16.87
N MET D 69 6.67 46.83 -17.81
CA MET D 69 6.69 46.41 -19.20
C MET D 69 7.50 45.13 -19.29
N LEU D 70 8.73 45.17 -18.78
CA LEU D 70 9.63 44.01 -18.78
C LEU D 70 8.99 42.83 -18.07
N SER D 71 8.43 43.10 -16.89
CA SER D 71 7.78 42.08 -16.08
C SER D 71 6.63 41.44 -16.82
N ALA D 72 5.72 42.26 -17.32
CA ALA D 72 4.55 41.79 -18.06
C ALA D 72 4.94 40.90 -19.23
N ALA D 73 6.17 41.07 -19.71
CA ALA D 73 6.69 40.28 -20.83
C ALA D 73 7.46 39.06 -20.34
N GLY D 74 8.13 39.19 -19.20
CA GLY D 74 8.92 38.10 -18.64
C GLY D 74 10.37 38.23 -19.06
N ILE D 75 10.83 39.48 -19.15
CA ILE D 75 12.18 39.80 -19.58
C ILE D 75 13.10 40.23 -18.44
N ASN D 76 14.32 39.69 -18.46
CA ASN D 76 15.33 40.04 -17.47
C ASN D 76 16.47 40.67 -18.26
N VAL D 77 16.35 41.97 -18.52
CA VAL D 77 17.33 42.73 -19.29
C VAL D 77 18.78 42.65 -18.85
N GLY D 78 19.02 42.50 -17.55
CA GLY D 78 20.38 42.43 -17.06
C GLY D 78 21.00 43.82 -16.92
N PRO D 79 22.30 43.92 -16.60
CA PRO D 79 23.00 45.20 -16.43
C PRO D 79 23.08 46.03 -17.72
N ILE D 80 22.09 46.89 -17.93
CA ILE D 80 22.06 47.71 -19.15
C ILE D 80 22.26 49.21 -18.90
N SER D 81 22.13 49.63 -17.65
CA SER D 81 22.30 51.03 -17.29
C SER D 81 22.74 51.20 -15.84
N PRO D 82 23.57 52.23 -15.56
CA PRO D 82 24.07 52.50 -14.21
C PRO D 82 23.02 53.27 -13.39
N ASP D 83 22.12 53.96 -14.08
CA ASP D 83 21.06 54.76 -13.46
C ASP D 83 19.82 53.92 -13.19
N TYR D 84 19.63 52.86 -13.96
CA TYR D 84 18.47 52.00 -13.79
C TYR D 84 18.83 50.56 -13.38
N THR D 85 18.00 50.02 -12.49
CA THR D 85 18.15 48.66 -11.99
C THR D 85 16.74 48.07 -12.04
N GLN D 86 16.62 46.85 -12.53
CA GLN D 86 15.33 46.19 -12.62
C GLN D 86 14.90 45.47 -11.34
N HIS D 87 13.69 45.76 -10.88
CA HIS D 87 13.15 45.14 -9.68
C HIS D 87 12.19 44.05 -10.10
N MET D 88 12.58 42.82 -9.85
CA MET D 88 11.77 41.66 -10.20
C MET D 88 10.42 41.70 -9.48
N ALA D 89 10.39 42.39 -8.35
CA ALA D 89 9.18 42.51 -7.54
C ALA D 89 8.00 43.18 -8.24
N THR D 90 8.28 43.94 -9.30
CA THR D 90 7.26 44.64 -10.08
C THR D 90 6.15 43.69 -10.51
N ILE D 91 6.52 42.42 -10.69
CA ILE D 91 5.59 41.37 -11.09
C ILE D 91 4.52 41.20 -10.00
N GLY D 92 4.96 41.22 -8.74
CA GLY D 92 4.06 41.08 -7.61
C GLY D 92 3.07 42.23 -7.55
N VAL D 93 3.53 43.42 -7.96
CA VAL D 93 2.68 44.60 -7.95
C VAL D 93 1.59 44.45 -9.00
N LEU D 94 1.97 43.90 -10.15
CA LEU D 94 1.05 43.68 -11.27
C LEU D 94 0.08 42.52 -11.05
N ALA D 95 0.39 41.67 -10.07
CA ALA D 95 -0.45 40.54 -9.74
C ALA D 95 -1.49 40.91 -8.68
N THR D 96 -1.30 42.09 -8.09
CA THR D 96 -2.20 42.63 -7.06
C THR D 96 -3.57 42.84 -7.71
N PRO D 97 -4.58 42.05 -7.30
CA PRO D 97 -5.95 42.13 -7.82
C PRO D 97 -6.59 43.49 -7.60
N GLU D 98 -6.01 44.25 -6.66
CA GLU D 98 -6.49 45.58 -6.29
C GLU D 98 -6.25 46.64 -7.35
N ILE D 99 -5.19 46.47 -8.16
CA ILE D 99 -4.87 47.41 -9.24
C ILE D 99 -5.80 47.11 -10.41
N PRO D 100 -6.64 48.08 -10.80
CA PRO D 100 -7.57 47.89 -11.92
C PRO D 100 -6.94 48.09 -13.28
N PHE D 101 -7.62 47.59 -14.31
CA PHE D 101 -7.19 47.74 -15.70
C PHE D 101 -8.40 48.19 -16.53
N THR D 102 -8.13 48.74 -17.70
CA THR D 102 -9.17 49.24 -18.59
C THR D 102 -9.84 48.16 -19.42
N THR D 103 -11.08 48.42 -19.82
CA THR D 103 -11.86 47.49 -20.63
C THR D 103 -11.11 47.35 -21.96
N GLU D 104 -10.59 48.48 -22.45
CA GLU D 104 -9.83 48.54 -23.69
C GLU D 104 -8.68 47.53 -23.64
N ALA D 105 -7.88 47.61 -22.58
CA ALA D 105 -6.73 46.72 -22.40
C ALA D 105 -7.15 45.28 -22.20
N ALA D 106 -8.31 45.08 -21.58
CA ALA D 106 -8.83 43.73 -21.34
C ALA D 106 -9.04 43.01 -22.66
N ASN D 107 -9.86 43.62 -23.52
CA ASN D 107 -10.17 43.07 -24.84
C ASN D 107 -8.93 42.97 -25.71
N GLU D 108 -8.04 43.96 -25.57
CA GLU D 108 -6.80 44.00 -26.33
C GLU D 108 -5.99 42.72 -26.12
N ILE D 109 -5.84 42.30 -24.87
CA ILE D 109 -5.10 41.08 -24.54
C ILE D 109 -5.90 39.86 -25.01
N ALA D 110 -7.19 39.84 -24.69
CA ALA D 110 -8.09 38.76 -25.06
C ALA D 110 -7.97 38.39 -26.53
N ARG D 111 -7.79 39.39 -27.36
CA ARG D 111 -7.63 39.21 -28.79
C ARG D 111 -6.32 38.49 -29.08
N VAL D 112 -5.22 39.02 -28.54
CA VAL D 112 -3.89 38.44 -28.72
C VAL D 112 -3.87 36.98 -28.31
N THR D 113 -4.20 36.72 -27.05
CA THR D 113 -4.22 35.36 -26.52
C THR D 113 -5.20 34.50 -27.31
N GLY D 114 -6.33 35.07 -27.70
CA GLY D 114 -7.34 34.34 -28.45
C GLY D 114 -6.89 33.81 -29.81
N GLU D 115 -6.33 34.70 -30.63
CA GLU D 115 -5.86 34.33 -31.97
C GLU D 115 -4.53 33.62 -31.94
N THR D 116 -3.62 34.10 -31.09
CA THR D 116 -2.29 33.52 -30.96
C THR D 116 -2.34 32.07 -30.48
N SER D 117 -3.47 31.67 -29.92
CA SER D 117 -3.67 30.32 -29.41
C SER D 117 -4.25 29.37 -30.45
N THR D 118 -4.91 29.92 -31.47
CA THR D 118 -5.50 29.09 -32.53
C THR D 118 -5.07 29.56 -33.92
N TRP D 119 -5.54 28.88 -34.97
CA TRP D 119 -5.18 29.22 -36.34
C TRP D 119 -6.37 29.78 -37.13
N GLY D 120 -6.10 30.19 -38.36
CA GLY D 120 -7.13 30.73 -39.23
C GLY D 120 -6.63 31.07 -40.61
N PRO D 121 -7.53 31.16 -41.61
CA PRO D 121 -7.21 31.47 -43.01
C PRO D 121 -6.88 32.94 -43.21
N ALA D 122 -5.86 33.23 -44.02
CA ALA D 122 -5.45 34.60 -44.27
C ALA D 122 -4.67 34.79 -45.57
N ARG D 123 -4.89 35.94 -46.21
CA ARG D 123 -4.23 36.29 -47.47
C ARG D 123 -2.73 36.37 -47.28
N GLN D 124 -1.98 35.53 -47.99
CA GLN D 124 -0.53 35.56 -47.89
C GLN D 124 0.01 36.78 -48.63
N PRO D 125 1.03 37.43 -48.07
CA PRO D 125 1.68 38.64 -48.59
C PRO D 125 2.56 38.50 -49.83
N TYR D 126 3.18 37.33 -50.01
CA TYR D 126 4.08 37.13 -51.14
C TYR D 126 3.54 36.23 -52.25
N GLY D 127 4.25 36.21 -53.39
CA GLY D 127 3.85 35.40 -54.52
C GLY D 127 3.88 33.92 -54.20
N PHE D 128 3.02 33.15 -54.86
CA PHE D 128 2.95 31.71 -54.62
C PHE D 128 4.26 30.97 -54.91
N PHE D 129 4.84 31.25 -56.07
CA PHE D 129 6.09 30.62 -56.49
C PHE D 129 7.32 31.49 -56.18
N LEU D 130 7.30 32.15 -55.03
CA LEU D 130 8.42 33.00 -54.65
C LEU D 130 9.65 32.18 -54.31
N GLU D 131 9.44 31.00 -53.74
CA GLU D 131 10.54 30.11 -53.36
C GLU D 131 10.96 29.10 -54.43
N THR D 132 10.96 29.54 -55.69
CA THR D 132 11.35 28.69 -56.82
C THR D 132 12.78 28.98 -57.26
N GLU D 133 13.52 27.93 -57.59
CA GLU D 133 14.90 28.05 -58.04
C GLU D 133 15.05 28.33 -59.53
N GLU D 134 14.09 27.84 -60.31
CA GLU D 134 14.12 28.01 -61.77
C GLU D 134 12.88 28.73 -62.30
N THR D 135 13.10 29.64 -63.25
CA THR D 135 12.03 30.42 -63.86
C THR D 135 12.28 30.48 -65.38
N PHE D 136 11.20 30.50 -66.17
CA PHE D 136 11.33 30.54 -67.63
C PHE D 136 10.86 31.87 -68.21
N GLN D 137 11.30 32.20 -69.43
CA GLN D 137 10.90 33.46 -70.05
C GLN D 137 9.40 33.48 -70.32
N PRO D 138 8.72 34.56 -69.88
CA PRO D 138 7.27 34.77 -70.04
C PRO D 138 6.85 35.01 -71.48
N GLY D 139 6.00 34.13 -71.99
CA GLY D 139 5.52 34.26 -73.36
C GLY D 139 6.34 33.46 -74.37
N ARG D 140 7.22 32.59 -73.87
CA ARG D 140 8.05 31.77 -74.74
C ARG D 140 7.69 30.30 -74.66
N TRP D 141 7.64 29.67 -75.84
CA TRP D 141 7.31 28.25 -75.97
C TRP D 141 8.37 27.34 -75.35
N PHE D 142 7.90 26.27 -74.72
CA PHE D 142 8.76 25.28 -74.12
C PHE D 142 7.99 23.98 -73.91
N MET D 143 8.45 22.94 -74.60
CA MET D 143 7.82 21.63 -74.53
C MET D 143 8.84 20.60 -74.09
N ARG D 144 8.68 20.09 -72.88
CA ARG D 144 9.57 19.08 -72.33
C ARG D 144 9.41 17.83 -73.20
N ALA D 145 10.53 17.18 -73.50
CA ALA D 145 10.55 15.99 -74.34
C ALA D 145 9.52 14.91 -73.96
N ALA D 146 8.81 14.42 -74.97
CA ALA D 146 7.78 13.39 -74.84
C ALA D 146 6.43 13.82 -74.27
N GLN D 147 6.30 15.10 -73.92
CA GLN D 147 5.05 15.61 -73.36
C GLN D 147 4.25 16.43 -74.39
N ALA D 148 2.93 16.36 -74.28
CA ALA D 148 2.02 17.08 -75.17
C ALA D 148 1.60 18.40 -74.51
N ALA D 149 1.62 18.41 -73.18
CA ALA D 149 1.26 19.57 -72.38
C ALA D 149 2.41 19.80 -71.40
N THR D 150 2.93 21.03 -71.35
CA THR D 150 4.04 21.35 -70.45
C THR D 150 3.83 22.62 -69.63
N ALA D 151 3.52 22.43 -68.35
CA ALA D 151 3.31 23.55 -67.43
C ALA D 151 4.66 23.97 -66.85
N VAL D 152 4.86 25.27 -66.70
CA VAL D 152 6.12 25.78 -66.18
C VAL D 152 5.96 27.17 -65.56
N VAL D 153 6.83 27.50 -64.61
CA VAL D 153 6.78 28.80 -63.95
C VAL D 153 7.41 29.86 -64.84
N CYS D 154 7.06 31.13 -64.59
CA CYS D 154 7.59 32.24 -65.37
C CYS D 154 7.67 33.50 -64.52
N GLY D 155 7.33 33.37 -63.25
CA GLY D 155 7.36 34.48 -62.32
C GLY D 155 7.02 34.09 -60.90
N PRO D 156 6.97 35.05 -59.97
CA PRO D 156 6.65 34.81 -58.56
C PRO D 156 5.19 34.36 -58.37
N ASP D 157 4.32 34.74 -59.29
CA ASP D 157 2.90 34.40 -59.21
C ASP D 157 2.38 34.11 -60.62
N MET D 158 3.22 33.49 -61.44
CA MET D 158 2.84 33.23 -62.82
C MET D 158 3.38 31.92 -63.40
N ILE D 159 2.50 31.18 -64.09
CA ILE D 159 2.89 29.94 -64.76
C ILE D 159 2.23 29.95 -66.13
N GLN D 160 2.84 29.26 -67.08
CA GLN D 160 2.33 29.18 -68.45
C GLN D 160 2.42 27.75 -68.95
N VAL D 161 1.34 27.28 -69.57
CA VAL D 161 1.27 25.92 -70.09
C VAL D 161 1.38 25.89 -71.62
N SER D 162 2.31 25.09 -72.11
CA SER D 162 2.54 24.93 -73.56
C SER D 162 1.79 23.69 -74.05
N LEU D 163 0.73 23.92 -74.82
CA LEU D 163 -0.08 22.83 -75.37
C LEU D 163 0.12 22.70 -76.87
N ASN D 164 0.23 21.46 -77.34
CA ASN D 164 0.38 21.18 -78.77
C ASN D 164 -1.02 21.20 -79.36
N ALA D 165 -1.11 21.17 -80.68
CA ALA D 165 -2.41 21.16 -81.34
C ALA D 165 -3.17 19.89 -80.96
N GLY D 166 -4.37 20.06 -80.41
CA GLY D 166 -5.19 18.93 -80.02
C GLY D 166 -4.77 18.23 -78.74
N ALA D 167 -3.85 18.83 -77.99
CA ALA D 167 -3.35 18.25 -76.73
C ALA D 167 -4.18 18.60 -75.49
N ARG D 168 -4.03 17.79 -74.45
CA ARG D 168 -4.75 17.98 -73.19
C ARG D 168 -3.99 17.33 -72.03
N GLY D 169 -4.27 17.78 -70.81
CA GLY D 169 -3.62 17.22 -69.63
C GLY D 169 -3.82 17.98 -68.33
N ASP D 170 -3.44 17.35 -67.22
CA ASP D 170 -3.56 17.96 -65.90
C ASP D 170 -2.35 18.85 -65.59
N VAL D 171 -2.55 19.88 -64.78
CA VAL D 171 -1.47 20.82 -64.44
C VAL D 171 -1.26 20.98 -62.92
N GLN D 172 -2.25 20.60 -62.13
CA GLN D 172 -2.19 20.74 -60.67
C GLN D 172 -0.89 20.43 -59.93
N GLN D 173 -0.15 19.43 -60.38
CA GLN D 173 1.11 19.04 -59.72
C GLN D 173 2.23 20.09 -59.67
N ILE D 174 2.12 21.15 -60.47
CA ILE D 174 3.15 22.20 -60.47
C ILE D 174 2.87 23.14 -59.27
N PHE D 175 1.64 23.13 -58.79
CA PHE D 175 1.21 23.96 -57.66
C PHE D 175 1.44 23.29 -56.31
N GLN D 176 1.19 21.99 -56.24
CA GLN D 176 1.32 21.20 -55.01
C GLN D 176 2.75 21.00 -54.51
N GLY D 177 2.87 20.68 -53.21
CA GLY D 177 4.16 20.46 -52.60
C GLY D 177 4.72 21.71 -51.95
N ARG D 178 4.30 22.87 -52.45
CA ARG D 178 4.74 24.16 -51.93
C ARG D 178 3.71 24.70 -50.94
N ASN D 179 4.19 25.26 -49.83
CA ASN D 179 3.32 25.80 -48.77
C ASN D 179 2.31 24.74 -48.30
N ASP D 180 1.11 25.20 -47.95
CA ASP D 180 0.01 24.35 -47.52
C ASP D 180 -1.24 25.21 -47.64
N PRO D 181 -1.62 25.55 -48.88
CA PRO D 181 -2.78 26.39 -49.18
C PRO D 181 -4.12 25.74 -48.84
N MET D 182 -5.10 26.60 -48.57
CA MET D 182 -6.46 26.18 -48.23
C MET D 182 -7.35 26.44 -49.46
N MET D 183 -7.08 27.54 -50.13
CA MET D 183 -7.83 27.95 -51.32
C MET D 183 -6.95 28.87 -52.16
N ILE D 184 -6.72 28.49 -53.42
CA ILE D 184 -5.90 29.29 -54.32
C ILE D 184 -6.81 29.97 -55.33
N TYR D 185 -6.66 31.29 -55.46
CA TYR D 185 -7.47 32.06 -56.38
C TYR D 185 -6.76 32.29 -57.72
N LEU D 186 -7.29 31.64 -58.74
CA LEU D 186 -6.74 31.69 -60.09
C LEU D 186 -7.49 32.61 -61.05
N VAL D 187 -6.81 32.96 -62.13
CA VAL D 187 -7.33 33.81 -63.19
C VAL D 187 -6.46 33.55 -64.41
N TRP D 188 -6.97 32.74 -65.33
CA TRP D 188 -6.23 32.38 -66.53
C TRP D 188 -6.55 33.23 -67.75
N ARG D 189 -5.56 33.36 -68.64
CA ARG D 189 -5.69 34.13 -69.86
C ARG D 189 -5.02 33.38 -71.01
N ARG D 190 -5.20 33.90 -72.22
CA ARG D 190 -4.62 33.31 -73.42
C ARG D 190 -3.43 34.15 -73.88
N ILE D 191 -2.30 33.51 -74.16
CA ILE D 191 -1.13 34.23 -74.64
C ILE D 191 -1.27 34.34 -76.15
N GLU D 192 -2.02 35.37 -76.58
CA GLU D 192 -2.32 35.63 -77.99
C GLU D 192 -1.11 35.70 -78.92
N ASN D 193 0.00 36.26 -78.42
CA ASN D 193 1.21 36.39 -79.23
C ASN D 193 2.44 35.95 -78.43
N PHE D 194 2.93 34.75 -78.73
CA PHE D 194 4.09 34.20 -78.06
C PHE D 194 5.21 33.81 -79.03
N ALA D 195 6.42 33.68 -78.50
CA ALA D 195 7.59 33.31 -79.29
C ALA D 195 7.73 31.80 -79.40
N MET D 196 8.12 31.33 -80.57
CA MET D 196 8.31 29.90 -80.81
C MET D 196 9.72 29.47 -80.46
N ALA D 197 9.99 28.16 -80.57
CA ALA D 197 11.30 27.60 -80.26
C ALA D 197 12.43 28.29 -81.02
N GLN D 198 12.09 28.92 -82.14
CA GLN D 198 13.06 29.62 -82.97
C GLN D 198 13.04 31.14 -82.84
N GLY D 199 11.91 31.70 -82.42
CA GLY D 199 11.81 33.14 -82.26
C GLY D 199 10.68 33.81 -83.01
N ASN D 200 10.05 33.05 -83.91
CA ASN D 200 8.94 33.56 -84.71
C ASN D 200 7.65 33.70 -83.90
N SER D 201 6.88 34.74 -84.21
CA SER D 201 5.62 35.00 -83.52
C SER D 201 4.55 33.96 -83.88
N GLN D 202 3.76 33.57 -82.89
CA GLN D 202 2.70 32.57 -83.07
C GLN D 202 1.42 33.05 -82.41
N GLN D 203 0.27 32.55 -82.90
CA GLN D 203 -1.03 32.93 -82.36
C GLN D 203 -1.77 31.77 -81.68
N THR D 204 -2.43 32.08 -80.57
CA THR D 204 -3.22 31.09 -79.83
C THR D 204 -4.67 31.28 -80.28
N GLN D 205 -5.21 30.28 -80.97
CA GLN D 205 -6.57 30.36 -81.47
C GLN D 205 -7.61 30.17 -80.35
N ALA D 206 -8.66 30.97 -80.41
CA ALA D 206 -9.75 30.91 -79.44
C ALA D 206 -10.43 29.54 -79.52
N GLY D 207 -10.66 28.94 -78.35
CA GLY D 207 -11.28 27.63 -78.30
C GLY D 207 -10.70 26.77 -77.19
N VAL D 208 -9.53 27.17 -76.70
CA VAL D 208 -8.84 26.46 -75.62
C VAL D 208 -9.72 26.59 -74.36
N THR D 209 -9.85 25.49 -73.61
CA THR D 209 -10.68 25.49 -72.41
C THR D 209 -9.97 24.96 -71.16
N VAL D 210 -10.14 25.68 -70.05
CA VAL D 210 -9.55 25.28 -68.77
C VAL D 210 -10.69 24.95 -67.82
N SER D 211 -10.71 23.70 -67.35
CA SER D 211 -11.74 23.22 -66.44
C SER D 211 -11.16 22.80 -65.10
N VAL D 212 -11.86 23.13 -64.02
CA VAL D 212 -11.43 22.77 -62.68
C VAL D 212 -12.37 21.73 -62.11
N GLY D 213 -11.82 20.57 -61.76
CA GLY D 213 -12.62 19.49 -61.21
C GLY D 213 -13.72 19.04 -62.14
N GLY D 214 -13.60 19.38 -63.43
CA GLY D 214 -14.61 19.00 -64.40
C GLY D 214 -15.33 20.17 -65.05
N VAL D 215 -15.92 21.04 -64.23
CA VAL D 215 -16.65 22.19 -64.73
C VAL D 215 -15.74 23.15 -65.49
N ASP D 216 -16.21 23.64 -66.62
CA ASP D 216 -15.44 24.55 -67.46
C ASP D 216 -15.43 25.98 -66.91
N MET D 217 -14.27 26.61 -66.97
CA MET D 217 -14.11 27.97 -66.46
C MET D 217 -13.74 29.01 -67.51
N ARG D 218 -14.27 30.21 -67.34
CA ARG D 218 -14.03 31.33 -68.23
C ARG D 218 -12.63 31.91 -68.02
N ALA D 219 -12.17 32.70 -69.00
CA ALA D 219 -10.86 33.34 -68.90
C ALA D 219 -11.05 34.76 -68.40
N GLY D 220 -10.11 35.23 -67.58
CA GLY D 220 -10.20 36.58 -67.05
C GLY D 220 -11.11 36.74 -65.85
N ARG D 221 -11.51 35.61 -65.25
CA ARG D 221 -12.36 35.61 -64.07
C ARG D 221 -11.65 34.89 -62.93
N ILE D 222 -11.80 35.39 -61.71
CA ILE D 222 -11.17 34.79 -60.55
C ILE D 222 -11.84 33.44 -60.28
N ILE D 223 -11.04 32.45 -59.87
CA ILE D 223 -11.54 31.11 -59.63
C ILE D 223 -11.13 30.52 -58.28
N ALA D 224 -12.12 30.04 -57.53
CA ALA D 224 -11.91 29.45 -56.23
C ALA D 224 -11.47 27.99 -56.37
N TRP D 225 -10.17 27.77 -56.49
CA TRP D 225 -9.61 26.42 -56.62
C TRP D 225 -9.22 25.89 -55.24
N ASP D 226 -9.64 24.65 -54.96
CA ASP D 226 -9.34 24.02 -53.68
C ASP D 226 -7.94 23.39 -53.62
N GLY D 227 -7.16 23.55 -54.69
CA GLY D 227 -5.81 23.00 -54.73
C GLY D 227 -5.70 21.50 -54.90
N GLN D 228 -6.80 20.78 -54.68
CA GLN D 228 -6.83 19.34 -54.81
C GLN D 228 -7.57 18.86 -56.06
N ALA D 229 -8.50 19.67 -56.54
CA ALA D 229 -9.27 19.34 -57.74
C ALA D 229 -8.38 19.28 -58.97
N ALA D 230 -8.85 18.59 -60.01
CA ALA D 230 -8.09 18.44 -61.25
C ALA D 230 -8.08 19.68 -62.13
N LEU D 231 -6.91 20.28 -62.29
CA LEU D 231 -6.75 21.47 -63.13
C LEU D 231 -6.43 20.97 -64.53
N HIS D 232 -7.47 20.82 -65.34
CA HIS D 232 -7.35 20.30 -66.71
C HIS D 232 -7.44 21.33 -67.84
N VAL D 233 -6.41 21.37 -68.68
CA VAL D 233 -6.35 22.29 -69.83
C VAL D 233 -6.47 21.50 -71.13
N ARG D 234 -7.38 21.95 -72.01
CA ARG D 234 -7.61 21.29 -73.30
C ARG D 234 -7.39 22.24 -74.46
N ASN D 235 -6.78 21.74 -75.52
CA ASN D 235 -6.51 22.53 -76.72
C ASN D 235 -7.10 21.87 -77.97
N PRO D 236 -8.39 22.08 -78.22
CA PRO D 236 -9.04 21.49 -79.41
C PRO D 236 -8.65 22.21 -80.70
N THR D 237 -7.87 23.28 -80.57
CA THR D 237 -7.42 24.07 -81.71
C THR D 237 -6.28 23.39 -82.50
N GLN D 238 -6.31 23.58 -83.82
CA GLN D 238 -5.32 22.99 -84.72
C GLN D 238 -4.00 23.75 -84.83
N GLN D 239 -3.57 24.35 -83.73
CA GLN D 239 -2.33 25.10 -83.66
C GLN D 239 -1.74 24.99 -82.27
N ASN D 240 -0.54 25.52 -82.10
CA ASN D 240 0.12 25.52 -80.81
C ASN D 240 -0.54 26.62 -79.99
N ALA D 241 -0.77 26.34 -78.72
CA ALA D 241 -1.41 27.31 -77.83
C ALA D 241 -0.68 27.39 -76.51
N MET D 242 -0.67 28.58 -75.93
CA MET D 242 -0.04 28.83 -74.64
C MET D 242 -0.95 29.71 -73.79
N VAL D 243 -1.27 29.21 -72.60
CA VAL D 243 -2.14 29.93 -71.68
C VAL D 243 -1.46 30.13 -70.33
N GLN D 244 -1.55 31.35 -69.80
CA GLN D 244 -0.95 31.65 -68.51
C GLN D 244 -2.00 31.59 -67.40
N ILE D 245 -1.60 31.03 -66.26
CA ILE D 245 -2.49 30.92 -65.11
C ILE D 245 -1.86 31.74 -63.99
N GLN D 246 -2.63 32.69 -63.46
CA GLN D 246 -2.11 33.55 -62.40
C GLN D 246 -2.69 33.29 -61.01
N VAL D 247 -1.80 33.23 -60.03
CA VAL D 247 -2.19 33.03 -58.64
C VAL D 247 -2.31 34.45 -58.10
N VAL D 248 -3.49 35.05 -58.29
CA VAL D 248 -3.74 36.42 -57.83
C VAL D 248 -3.43 36.56 -56.34
N PHE D 249 -3.83 35.54 -55.56
CA PHE D 249 -3.58 35.49 -54.12
C PHE D 249 -4.10 34.17 -53.56
N TYR D 250 -3.50 33.70 -52.48
CA TYR D 250 -3.91 32.45 -51.85
C TYR D 250 -4.00 32.60 -50.34
N ILE D 251 -4.78 31.74 -49.71
CA ILE D 251 -4.95 31.79 -48.26
C ILE D 251 -4.45 30.54 -47.55
N SER D 252 -3.76 30.74 -46.43
CA SER D 252 -3.22 29.65 -45.62
C SER D 252 -3.38 29.98 -44.14
N MET D 253 -2.91 29.08 -43.27
CA MET D 253 -3.04 29.30 -41.82
C MET D 253 -1.89 30.06 -41.19
N ASP D 254 -0.80 30.24 -41.93
CA ASP D 254 0.35 30.96 -41.42
C ASP D 254 -0.05 32.38 -41.06
N LYS D 255 0.36 32.83 -39.87
CA LYS D 255 0.03 34.17 -39.41
C LYS D 255 0.61 35.25 -40.31
N THR D 256 -0.13 36.34 -40.45
CA THR D 256 0.28 37.47 -41.27
C THR D 256 0.36 38.71 -40.39
N LEU D 257 0.61 39.86 -41.01
CA LEU D 257 0.69 41.12 -40.27
C LEU D 257 -0.72 41.67 -39.97
N ASN D 258 -1.74 40.89 -40.30
CA ASN D 258 -3.13 41.29 -40.06
C ASN D 258 -3.82 40.38 -39.05
N GLN D 259 -3.01 39.68 -38.26
CA GLN D 259 -3.53 38.77 -37.24
C GLN D 259 -4.12 39.60 -36.09
N TYR D 260 -3.56 40.80 -35.89
CA TYR D 260 -3.99 41.71 -34.84
C TYR D 260 -4.06 43.13 -35.41
N PRO D 261 -5.17 43.85 -35.16
CA PRO D 261 -5.40 45.22 -35.64
C PRO D 261 -4.21 46.18 -35.59
N ALA D 262 -3.81 46.65 -36.77
CA ALA D 262 -2.71 47.60 -36.95
C ALA D 262 -1.40 47.17 -36.30
N LEU D 263 -1.13 45.88 -36.34
CA LEU D 263 0.09 45.33 -35.75
C LEU D 263 1.30 46.03 -36.37
N THR D 264 1.24 46.25 -37.67
CA THR D 264 2.32 46.90 -38.41
C THR D 264 2.67 48.26 -37.84
N ALA D 265 1.66 49.11 -37.71
CA ALA D 265 1.83 50.47 -37.17
C ALA D 265 2.61 50.47 -35.86
N GLU D 266 2.33 49.48 -35.03
CA GLU D 266 2.99 49.32 -33.74
C GLU D 266 4.45 48.96 -33.97
N ILE D 267 4.68 47.90 -34.75
CA ILE D 267 6.02 47.42 -35.07
C ILE D 267 6.92 48.56 -35.53
N PHE D 268 6.37 49.45 -36.35
CA PHE D 268 7.10 50.61 -36.85
C PHE D 268 7.45 51.50 -35.66
N ASN D 269 6.44 51.80 -34.84
CA ASN D 269 6.58 52.64 -33.65
C ASN D 269 7.66 52.12 -32.70
N VAL D 270 7.86 50.81 -32.70
CA VAL D 270 8.85 50.17 -31.84
C VAL D 270 10.25 50.25 -32.47
N TYR D 271 10.34 49.87 -33.74
CA TYR D 271 11.61 49.89 -34.45
C TYR D 271 12.12 51.29 -34.74
N SER D 272 11.28 52.29 -34.49
CA SER D 272 11.66 53.69 -34.71
C SER D 272 12.81 54.10 -33.81
N PHE D 273 13.57 55.09 -34.28
CA PHE D 273 14.74 55.59 -33.58
C PHE D 273 14.53 56.49 -32.37
N ARG D 274 13.86 57.62 -32.57
CA ARG D 274 13.61 58.63 -31.52
C ARG D 274 14.93 59.31 -31.19
N ASP D 275 15.77 58.63 -30.41
CA ASP D 275 17.10 59.09 -30.04
C ASP D 275 17.93 57.89 -29.59
N HIS D 276 19.24 58.07 -29.47
CA HIS D 276 20.15 56.99 -29.09
C HIS D 276 19.78 56.26 -27.80
N THR D 277 19.29 57.00 -26.82
CA THR D 277 18.89 56.41 -25.54
C THR D 277 17.77 55.39 -25.77
N TRP D 278 16.72 55.78 -26.50
CA TRP D 278 15.61 54.87 -26.80
C TRP D 278 16.08 53.73 -27.67
N HIS D 279 16.81 54.07 -28.72
CA HIS D 279 17.33 53.11 -29.66
C HIS D 279 17.98 51.95 -28.92
N GLY D 280 19.05 52.27 -28.18
CA GLY D 280 19.77 51.25 -27.42
C GLY D 280 18.89 50.49 -26.45
N LEU D 281 17.94 51.19 -25.82
CA LEU D 281 17.03 50.57 -24.86
C LEU D 281 16.24 49.48 -25.55
N ARG D 282 15.44 49.89 -26.53
CA ARG D 282 14.60 49.00 -27.31
C ARG D 282 15.39 47.80 -27.83
N THR D 283 16.63 48.07 -28.25
CA THR D 283 17.52 47.04 -28.76
C THR D 283 17.85 46.02 -27.67
N ALA D 284 18.48 46.50 -26.60
CA ALA D 284 18.87 45.66 -25.48
C ALA D 284 17.71 44.82 -24.95
N ILE D 285 16.51 45.41 -24.99
CA ILE D 285 15.29 44.75 -24.55
C ILE D 285 14.98 43.54 -25.44
N ARG D 286 15.00 43.74 -26.75
CA ARG D 286 14.72 42.65 -27.68
C ARG D 286 15.82 41.63 -27.77
N ASN D 287 17.02 41.95 -27.26
CA ASN D 287 18.12 41.01 -27.28
C ASN D 287 17.75 39.76 -26.51
N ARG D 288 16.91 39.93 -25.49
CA ARG D 288 16.45 38.84 -24.66
C ARG D 288 15.35 38.03 -25.37
N THR D 289 14.72 38.65 -26.37
CA THR D 289 13.64 38.01 -27.12
C THR D 289 14.11 37.36 -28.42
N THR D 290 13.17 36.73 -29.12
CA THR D 290 13.44 36.07 -30.39
C THR D 290 13.30 37.05 -31.54
N LEU D 291 12.76 38.22 -31.27
CA LEU D 291 12.57 39.27 -32.27
C LEU D 291 13.88 39.97 -32.60
N PRO D 292 14.05 40.39 -33.87
CA PRO D 292 15.27 41.09 -34.28
C PRO D 292 15.38 42.42 -33.53
N ASN D 293 16.54 42.67 -32.94
CA ASN D 293 16.76 43.87 -32.14
C ASN D 293 16.59 45.25 -32.77
N MET D 294 16.80 45.41 -34.08
CA MET D 294 16.64 46.73 -34.69
C MET D 294 16.10 46.80 -36.12
N LEU D 295 15.80 45.64 -36.71
CA LEU D 295 15.26 45.58 -38.07
C LEU D 295 14.03 44.67 -38.07
N PRO D 296 12.86 45.19 -38.51
CA PRO D 296 11.60 44.44 -38.56
C PRO D 296 11.76 42.98 -38.98
N PRO D 297 10.95 42.08 -38.38
CA PRO D 297 11.03 40.65 -38.72
C PRO D 297 10.54 40.40 -40.15
N ILE D 298 11.31 39.58 -40.86
CA ILE D 298 10.98 39.23 -42.24
C ILE D 298 9.61 38.59 -42.21
N PHE D 299 9.50 37.55 -41.38
CA PHE D 299 8.26 36.81 -41.22
C PHE D 299 7.56 37.24 -39.95
N PRO D 300 6.26 37.54 -40.06
CA PRO D 300 5.44 37.96 -38.90
C PRO D 300 5.41 36.86 -37.83
N PRO D 301 5.67 37.23 -36.56
CA PRO D 301 5.67 36.30 -35.43
C PRO D 301 4.34 35.58 -35.26
N ASN D 302 4.30 34.58 -34.39
CA ASN D 302 3.08 33.81 -34.19
C ASN D 302 2.79 33.40 -32.75
N ASP D 303 3.66 33.77 -31.81
CA ASP D 303 3.46 33.42 -30.42
C ASP D 303 3.03 34.61 -29.55
N ARG D 304 2.17 34.31 -28.57
CA ARG D 304 1.65 35.31 -27.65
C ARG D 304 2.75 36.22 -27.13
N ASP D 305 3.78 35.59 -26.55
CA ASP D 305 4.92 36.30 -25.98
C ASP D 305 5.47 37.39 -26.90
N SER D 306 5.77 37.02 -28.15
CA SER D 306 6.31 37.97 -29.12
C SER D 306 5.35 39.12 -29.40
N ILE D 307 4.11 38.79 -29.77
CA ILE D 307 3.08 39.79 -30.08
C ILE D 307 2.91 40.76 -28.91
N LEU D 308 2.73 40.18 -27.73
CA LEU D 308 2.56 40.93 -26.50
C LEU D 308 3.70 41.92 -26.35
N THR D 309 4.91 41.39 -26.28
CA THR D 309 6.15 42.16 -26.14
C THR D 309 6.15 43.41 -27.01
N LEU D 310 5.76 43.23 -28.26
CA LEU D 310 5.70 44.30 -29.24
C LEU D 310 4.70 45.38 -28.84
N LEU D 311 3.50 44.95 -28.47
CA LEU D 311 2.45 45.87 -28.05
C LEU D 311 2.91 46.67 -26.84
N LEU D 312 3.50 45.97 -25.87
CA LEU D 312 4.03 46.57 -24.65
C LEU D 312 5.12 47.59 -24.93
N LEU D 313 6.07 47.18 -25.76
CA LEU D 313 7.19 48.04 -26.14
C LEU D 313 6.68 49.27 -26.88
N SER D 314 5.70 49.05 -27.76
CA SER D 314 5.11 50.14 -28.53
C SER D 314 4.52 51.18 -27.57
N THR D 315 3.78 50.70 -26.58
CA THR D 315 3.15 51.55 -25.58
C THR D 315 4.25 52.25 -24.76
N LEU D 316 5.28 51.49 -24.39
CA LEU D 316 6.40 52.01 -23.61
C LEU D 316 7.14 53.08 -24.43
N ALA D 317 7.04 52.97 -25.74
CA ALA D 317 7.67 53.93 -26.63
C ALA D 317 6.96 55.26 -26.51
N ASP D 318 5.63 55.24 -26.53
CA ASP D 318 4.82 56.44 -26.41
C ASP D 318 5.08 57.09 -25.04
N VAL D 319 5.20 56.25 -24.02
CA VAL D 319 5.48 56.71 -22.65
C VAL D 319 6.81 57.45 -22.69
N TYR D 320 7.79 56.86 -23.38
CA TYR D 320 9.11 57.46 -23.53
C TYR D 320 9.00 58.86 -24.10
N THR D 321 8.18 59.01 -25.14
CA THR D 321 7.96 60.28 -25.82
C THR D 321 7.43 61.37 -24.89
N VAL D 322 6.35 61.07 -24.18
CA VAL D 322 5.74 62.03 -23.28
C VAL D 322 6.55 62.42 -22.05
N LEU D 323 7.23 61.44 -21.46
CA LEU D 323 8.03 61.68 -20.26
C LEU D 323 9.34 62.43 -20.48
N ARG D 324 9.92 62.29 -21.67
CA ARG D 324 11.19 62.94 -22.01
C ARG D 324 12.31 62.52 -21.03
N PRO D 325 12.44 61.21 -20.74
CA PRO D 325 13.47 60.75 -19.81
C PRO D 325 14.90 60.82 -20.35
N GLU D 326 15.81 61.23 -19.49
CA GLU D 326 17.22 61.33 -19.84
C GLU D 326 18.03 60.50 -18.87
N PHE D 327 18.81 59.55 -19.40
CA PHE D 327 19.66 58.71 -18.55
C PHE D 327 20.69 57.91 -19.34
N ALA D 328 21.69 57.44 -18.62
CA ALA D 328 22.78 56.65 -19.19
C ALA D 328 22.38 55.26 -19.62
N MET D 329 23.28 54.63 -20.38
CA MET D 329 23.08 53.29 -20.90
C MET D 329 24.39 52.78 -21.46
N HIS D 330 24.74 51.56 -21.11
CA HIS D 330 25.99 50.95 -21.56
C HIS D 330 26.13 50.84 -23.07
N GLY D 331 27.14 51.54 -23.60
CA GLY D 331 27.41 51.52 -25.02
C GLY D 331 26.68 52.59 -25.81
N VAL D 332 25.95 53.46 -25.12
CA VAL D 332 25.21 54.52 -25.78
C VAL D 332 25.85 55.88 -25.52
N ASN D 333 26.36 56.49 -26.58
CA ASN D 333 26.99 57.80 -26.47
C ASN D 333 26.16 58.82 -27.25
N PRO D 334 25.30 59.58 -26.55
CA PRO D 334 24.40 60.60 -27.09
C PRO D 334 25.07 61.79 -27.78
N MET D 335 24.56 62.12 -28.97
CA MET D 335 25.03 63.25 -29.77
C MET D 335 23.88 64.27 -29.72
N PRO D 336 24.07 65.38 -29.00
CA PRO D 336 23.09 66.46 -28.83
C PRO D 336 22.71 67.34 -30.04
N GLY D 337 23.53 67.33 -31.08
CA GLY D 337 23.25 68.13 -32.28
C GLY D 337 21.95 67.78 -32.98
N PRO D 338 20.86 68.54 -32.73
CA PRO D 338 19.48 68.51 -33.24
C PRO D 338 18.88 67.28 -33.98
N LEU D 339 19.58 66.15 -33.95
CA LEU D 339 19.14 64.90 -34.61
C LEU D 339 18.51 65.01 -36.00
N THR D 340 19.13 64.34 -36.97
CA THR D 340 18.64 64.34 -38.35
C THR D 340 18.49 62.93 -38.90
N ALA D 341 17.87 62.82 -40.08
CA ALA D 341 17.67 61.52 -40.73
C ALA D 341 19.00 60.84 -40.95
N ALA D 342 20.03 61.64 -41.22
CA ALA D 342 21.38 61.14 -41.46
C ALA D 342 21.95 60.43 -40.23
N ILE D 343 21.88 61.10 -39.08
CA ILE D 343 22.39 60.56 -37.82
C ILE D 343 21.68 59.26 -37.47
N ALA D 344 20.34 59.28 -37.60
CA ALA D 344 19.48 58.12 -37.30
C ALA D 344 19.86 56.93 -38.17
N ARG D 345 20.08 57.20 -39.45
CA ARG D 345 20.47 56.18 -40.42
C ARG D 345 21.67 55.39 -39.92
N ALA D 346 22.70 56.12 -39.50
CA ALA D 346 23.95 55.53 -39.01
C ALA D 346 23.81 54.60 -37.82
N ALA D 347 22.95 54.97 -36.88
CA ALA D 347 22.73 54.18 -35.66
C ALA D 347 22.32 52.72 -35.87
N TYR D 348 21.66 52.41 -36.99
CA TYR D 348 21.21 51.05 -37.27
C TYR D 348 22.29 50.07 -37.76
N VAL D 349 23.31 49.88 -36.94
CA VAL D 349 24.44 48.98 -37.24
C VAL D 349 25.25 49.44 -38.45
N MET E 1 -31.52 52.91 -33.64
CA MET E 1 -30.95 51.67 -34.25
C MET E 1 -29.44 51.58 -34.03
N ASP E 2 -28.74 52.69 -34.24
CA ASP E 2 -27.30 52.73 -34.02
C ASP E 2 -27.06 52.66 -32.52
N THR E 3 -27.92 53.33 -31.76
CA THR E 3 -27.86 53.36 -30.30
C THR E 3 -27.95 51.94 -29.75
N ILE E 4 -28.77 51.14 -30.41
CA ILE E 4 -28.99 49.74 -30.04
C ILE E 4 -27.72 48.91 -30.24
N ALA E 5 -27.10 49.05 -31.41
CA ALA E 5 -25.89 48.33 -31.75
C ALA E 5 -24.72 48.64 -30.82
N ALA E 6 -24.59 49.91 -30.44
CA ALA E 6 -23.51 50.34 -29.55
C ALA E 6 -23.66 49.74 -28.16
N ARG E 7 -24.89 49.69 -27.66
CA ARG E 7 -25.18 49.12 -26.35
C ARG E 7 -24.75 47.66 -26.32
N ALA E 8 -25.12 46.93 -27.36
CA ALA E 8 -24.79 45.51 -27.49
C ALA E 8 -23.27 45.31 -27.49
N LEU E 9 -22.55 46.18 -28.17
CA LEU E 9 -21.10 46.11 -28.23
C LEU E 9 -20.51 46.43 -26.86
N THR E 10 -21.06 47.44 -26.20
CA THR E 10 -20.61 47.88 -24.88
C THR E 10 -20.70 46.74 -23.89
N VAL E 11 -21.86 46.08 -23.86
CA VAL E 11 -22.12 44.95 -22.98
C VAL E 11 -21.14 43.81 -23.24
N MET E 12 -20.97 43.44 -24.51
CA MET E 12 -20.05 42.37 -24.88
C MET E 12 -18.62 42.66 -24.42
N ARG E 13 -18.14 43.86 -24.76
CA ARG E 13 -16.79 44.28 -24.38
C ARG E 13 -16.64 44.30 -22.86
N ALA E 14 -17.76 44.52 -22.17
CA ALA E 14 -17.77 44.55 -20.71
C ALA E 14 -17.65 43.15 -20.12
N CYS E 15 -18.33 42.20 -20.74
CA CYS E 15 -18.30 40.80 -20.32
C CYS E 15 -16.92 40.22 -20.51
N ALA E 16 -16.15 40.82 -21.42
CA ALA E 16 -14.80 40.38 -21.70
C ALA E 16 -13.87 40.71 -20.53
N THR E 17 -14.22 41.77 -19.80
CA THR E 17 -13.44 42.23 -18.65
C THR E 17 -13.34 41.18 -17.53
N LEU E 18 -14.29 40.24 -17.48
CA LEU E 18 -14.27 39.21 -16.44
C LEU E 18 -13.30 38.06 -16.74
N GLN E 19 -12.02 38.33 -16.50
CA GLN E 19 -10.94 37.37 -16.72
C GLN E 19 -10.75 36.45 -15.52
N GLU E 20 -11.04 36.96 -14.33
CA GLU E 20 -10.86 36.21 -13.09
C GLU E 20 -12.09 36.37 -12.18
N ALA E 21 -12.11 35.60 -11.08
CA ALA E 21 -13.22 35.63 -10.13
C ALA E 21 -13.19 36.78 -9.11
N ARG E 22 -12.10 36.90 -8.37
CA ARG E 22 -11.99 37.94 -7.33
C ARG E 22 -11.37 39.29 -7.73
N ILE E 23 -11.06 39.49 -9.01
CA ILE E 23 -10.47 40.74 -9.47
C ILE E 23 -11.38 41.96 -9.28
N VAL E 24 -10.78 43.12 -8.95
CA VAL E 24 -11.54 44.34 -8.75
C VAL E 24 -11.86 45.00 -10.09
N LEU E 25 -13.14 45.23 -10.32
CA LEU E 25 -13.60 45.84 -11.55
C LEU E 25 -13.62 47.35 -11.51
N GLU E 26 -13.58 47.94 -12.70
CA GLU E 26 -13.63 49.39 -12.88
C GLU E 26 -15.06 49.76 -12.47
N ALA E 27 -15.21 50.76 -11.62
CA ALA E 27 -16.53 51.21 -11.15
C ALA E 27 -17.49 51.38 -12.32
N ASN E 28 -16.93 51.80 -13.45
CA ASN E 28 -17.67 52.01 -14.68
C ASN E 28 -18.33 50.70 -15.14
N VAL E 29 -17.55 49.63 -15.19
CA VAL E 29 -18.04 48.32 -15.63
C VAL E 29 -19.19 47.78 -14.77
N MET E 30 -19.02 47.83 -13.45
CA MET E 30 -20.05 47.34 -12.55
C MET E 30 -21.35 48.10 -12.73
N GLU E 31 -21.24 49.42 -12.86
CA GLU E 31 -22.40 50.27 -13.05
C GLU E 31 -23.21 49.84 -14.28
N ILE E 32 -22.50 49.56 -15.37
CA ILE E 32 -23.13 49.13 -16.62
C ILE E 32 -23.80 47.77 -16.54
N LEU E 33 -23.00 46.72 -16.35
CA LEU E 33 -23.54 45.36 -16.26
C LEU E 33 -24.61 45.23 -15.19
N GLY E 34 -24.51 46.06 -14.14
CA GLY E 34 -25.50 46.04 -13.08
C GLY E 34 -26.89 46.31 -13.59
N ILE E 35 -26.98 47.25 -14.54
CA ILE E 35 -28.25 47.64 -15.15
C ILE E 35 -28.60 46.65 -16.26
N ALA E 36 -27.63 46.37 -17.13
CA ALA E 36 -27.81 45.46 -18.26
C ALA E 36 -28.36 44.08 -17.90
N ILE E 37 -27.70 43.40 -16.97
CA ILE E 37 -28.11 42.07 -16.55
C ILE E 37 -29.44 42.11 -15.79
N ASN E 38 -29.66 43.19 -15.05
CA ASN E 38 -30.89 43.35 -14.28
C ASN E 38 -32.11 43.46 -15.19
N ARG E 39 -31.94 44.14 -16.33
CA ARG E 39 -33.02 44.34 -17.29
C ARG E 39 -33.16 43.18 -18.27
N TYR E 40 -32.05 42.51 -18.58
CA TYR E 40 -32.05 41.38 -19.49
C TYR E 40 -32.81 40.22 -18.84
N ASN E 41 -32.43 39.88 -17.62
CA ASN E 41 -33.07 38.80 -16.86
C ASN E 41 -34.55 39.10 -16.62
N GLY E 42 -34.94 40.36 -16.79
CA GLY E 42 -36.33 40.73 -16.60
C GLY E 42 -37.20 40.40 -17.79
N LEU E 43 -36.67 40.58 -18.99
CA LEU E 43 -37.40 40.31 -20.23
C LEU E 43 -37.08 38.95 -20.85
N THR E 44 -36.08 38.26 -20.28
CA THR E 44 -35.65 36.95 -20.79
C THR E 44 -35.93 35.84 -19.79
N LEU E 45 -35.85 36.17 -18.51
CA LEU E 45 -36.07 35.22 -17.42
C LEU E 45 -34.97 34.18 -17.26
N ARG E 46 -33.73 34.59 -17.50
CA ARG E 46 -32.59 33.71 -17.32
C ARG E 46 -31.76 34.16 -16.11
N GLY E 47 -30.85 33.32 -15.66
CA GLY E 47 -30.05 33.68 -14.50
C GLY E 47 -28.60 33.99 -14.78
N VAL E 48 -28.32 35.23 -15.20
CA VAL E 48 -26.95 35.64 -15.48
C VAL E 48 -26.40 36.35 -14.24
N THR E 49 -25.19 35.98 -13.84
CA THR E 49 -24.55 36.59 -12.67
C THR E 49 -23.47 37.55 -13.12
N MET E 50 -23.25 38.61 -12.35
CA MET E 50 -22.21 39.58 -12.66
C MET E 50 -20.84 38.93 -12.49
N ARG E 51 -20.73 38.10 -11.46
CA ARG E 51 -19.48 37.41 -11.17
C ARG E 51 -19.68 35.89 -11.34
N PRO E 52 -19.78 35.40 -12.59
CA PRO E 52 -19.96 33.97 -12.86
C PRO E 52 -18.74 33.19 -12.42
N THR E 53 -18.98 31.97 -11.93
CA THR E 53 -17.89 31.13 -11.45
C THR E 53 -18.00 29.70 -11.94
N SER E 54 -19.20 29.13 -11.84
CA SER E 54 -19.45 27.74 -12.24
C SER E 54 -19.08 27.44 -13.69
N LEU E 55 -20.09 27.39 -14.56
CA LEU E 55 -19.91 27.12 -15.97
C LEU E 55 -21.23 27.47 -16.58
N ALA E 56 -22.29 27.03 -15.93
CA ALA E 56 -23.66 27.32 -16.37
C ALA E 56 -23.87 28.82 -16.26
N GLN E 57 -23.21 29.44 -15.30
CA GLN E 57 -23.31 30.88 -15.08
C GLN E 57 -22.54 31.56 -16.21
N ARG E 58 -21.48 30.90 -16.67
CA ARG E 58 -20.64 31.40 -17.74
C ARG E 58 -21.35 31.28 -19.09
N ASN E 59 -22.01 30.14 -19.31
CA ASN E 59 -22.74 29.88 -20.54
C ASN E 59 -23.87 30.90 -20.63
N GLU E 60 -24.66 30.98 -19.55
CA GLU E 60 -25.79 31.88 -19.45
C GLU E 60 -25.44 33.29 -19.91
N MET E 61 -24.27 33.76 -19.50
CA MET E 61 -23.81 35.08 -19.88
C MET E 61 -23.44 35.11 -21.35
N PHE E 62 -22.67 34.13 -21.80
CA PHE E 62 -22.27 34.07 -23.21
C PHE E 62 -23.51 34.04 -24.10
N PHE E 63 -24.52 33.29 -23.69
CA PHE E 63 -25.77 33.18 -24.42
C PHE E 63 -26.41 34.54 -24.55
N MET E 64 -26.30 35.32 -23.48
CA MET E 64 -26.85 36.66 -23.46
C MET E 64 -26.14 37.51 -24.51
N CYS E 65 -24.80 37.41 -24.56
CA CYS E 65 -23.99 38.15 -25.53
C CYS E 65 -24.41 37.76 -26.94
N LEU E 66 -24.69 36.48 -27.13
CA LEU E 66 -25.11 35.94 -28.42
C LEU E 66 -26.48 36.49 -28.80
N ASP E 67 -27.41 36.47 -27.85
CA ASP E 67 -28.76 36.99 -28.05
C ASP E 67 -28.73 38.45 -28.49
N MET E 68 -27.85 39.22 -27.87
CA MET E 68 -27.70 40.64 -28.17
C MET E 68 -26.96 40.86 -29.48
N MET E 69 -25.89 40.10 -29.66
CA MET E 69 -25.07 40.17 -30.87
C MET E 69 -25.97 39.95 -32.09
N LEU E 70 -26.88 38.99 -31.97
CA LEU E 70 -27.81 38.68 -33.06
C LEU E 70 -28.89 39.75 -33.22
N SER E 71 -29.52 40.14 -32.12
CA SER E 71 -30.56 41.18 -32.15
C SER E 71 -30.06 42.43 -32.84
N ALA E 72 -28.81 42.80 -32.56
CA ALA E 72 -28.18 43.98 -33.14
C ALA E 72 -27.92 43.86 -34.64
N ALA E 73 -27.40 42.71 -35.08
CA ALA E 73 -27.13 42.49 -36.48
C ALA E 73 -28.42 42.11 -37.24
N GLY E 74 -29.50 41.93 -36.48
CA GLY E 74 -30.79 41.57 -37.04
C GLY E 74 -30.83 40.19 -37.66
N ILE E 75 -30.32 39.20 -36.94
CA ILE E 75 -30.26 37.82 -37.43
C ILE E 75 -31.12 36.87 -36.60
N ASN E 76 -31.66 35.86 -37.28
CA ASN E 76 -32.47 34.84 -36.64
C ASN E 76 -31.92 33.49 -37.06
N VAL E 77 -31.02 32.94 -36.23
CA VAL E 77 -30.38 31.65 -36.51
C VAL E 77 -31.31 30.46 -36.42
N GLY E 78 -32.33 30.56 -35.58
CA GLY E 78 -33.29 29.49 -35.41
C GLY E 78 -32.78 28.39 -34.48
N PRO E 79 -33.26 27.14 -34.65
CA PRO E 79 -32.86 26.00 -33.82
C PRO E 79 -31.50 25.42 -34.23
N ILE E 80 -30.44 25.84 -33.54
CA ILE E 80 -29.10 25.35 -33.84
C ILE E 80 -28.45 24.64 -32.66
N SER E 81 -29.08 24.72 -31.49
CA SER E 81 -28.57 24.08 -30.29
C SER E 81 -29.69 23.63 -29.35
N PRO E 82 -29.47 22.51 -28.63
CA PRO E 82 -30.45 21.97 -27.68
C PRO E 82 -30.39 22.73 -26.36
N ASP E 83 -29.24 23.35 -26.10
CA ASP E 83 -29.00 24.11 -24.88
C ASP E 83 -29.49 25.55 -25.04
N TYR E 84 -29.25 26.10 -26.22
CA TYR E 84 -29.62 27.48 -26.53
C TYR E 84 -30.91 27.66 -27.35
N THR E 85 -31.62 28.72 -27.01
CA THR E 85 -32.86 29.13 -27.66
C THR E 85 -32.82 30.64 -27.70
N GLN E 86 -32.89 31.21 -28.90
CA GLN E 86 -32.83 32.65 -29.09
C GLN E 86 -34.10 33.39 -28.67
N HIS E 87 -33.95 34.38 -27.79
CA HIS E 87 -35.08 35.18 -27.32
C HIS E 87 -35.11 36.44 -28.16
N MET E 88 -36.26 36.69 -28.78
CA MET E 88 -36.43 37.85 -29.62
C MET E 88 -36.65 39.11 -28.78
N ALA E 89 -36.89 38.93 -27.49
CA ALA E 89 -37.09 40.04 -26.58
C ALA E 89 -35.79 40.80 -26.32
N THR E 90 -34.66 40.22 -26.72
CA THR E 90 -33.34 40.81 -26.54
C THR E 90 -33.20 42.18 -27.19
N ILE E 91 -33.92 42.39 -28.28
CA ILE E 91 -33.89 43.65 -29.00
C ILE E 91 -34.51 44.77 -28.14
N GLY E 92 -35.50 44.40 -27.32
CA GLY E 92 -36.15 45.35 -26.45
C GLY E 92 -35.23 45.86 -25.35
N VAL E 93 -34.29 45.01 -24.95
CA VAL E 93 -33.32 45.36 -23.92
C VAL E 93 -32.31 46.37 -24.47
N LEU E 94 -31.83 46.12 -25.68
CA LEU E 94 -30.85 47.00 -26.35
C LEU E 94 -31.42 48.37 -26.73
N ALA E 95 -32.73 48.54 -26.57
CA ALA E 95 -33.38 49.81 -26.89
C ALA E 95 -33.70 50.60 -25.62
N THR E 96 -33.68 49.93 -24.46
CA THR E 96 -33.97 50.59 -23.18
C THR E 96 -32.92 51.68 -22.95
N PRO E 97 -33.34 52.95 -23.03
CA PRO E 97 -32.50 54.15 -22.87
C PRO E 97 -31.61 54.20 -21.63
N GLU E 98 -32.09 53.66 -20.51
CA GLU E 98 -31.34 53.65 -19.26
C GLU E 98 -30.06 52.83 -19.28
N ILE E 99 -29.81 52.15 -20.40
CA ILE E 99 -28.60 51.35 -20.56
C ILE E 99 -27.62 52.19 -21.38
N PRO E 100 -26.59 52.74 -20.74
CA PRO E 100 -25.62 53.57 -21.45
C PRO E 100 -24.66 52.74 -22.31
N PHE E 101 -23.86 53.46 -23.09
CA PHE E 101 -22.87 52.84 -23.95
C PHE E 101 -21.62 53.71 -23.91
N THR E 102 -20.48 53.09 -24.19
CA THR E 102 -19.21 53.81 -24.16
C THR E 102 -19.04 54.79 -25.29
N THR E 103 -18.08 55.69 -25.11
CA THR E 103 -17.75 56.69 -26.11
C THR E 103 -17.12 55.92 -27.27
N GLU E 104 -16.29 54.94 -26.91
CA GLU E 104 -15.59 54.09 -27.87
C GLU E 104 -16.55 53.36 -28.80
N ALA E 105 -17.64 52.83 -28.23
CA ALA E 105 -18.63 52.10 -29.00
C ALA E 105 -19.44 53.02 -29.91
N ALA E 106 -19.79 54.20 -29.40
CA ALA E 106 -20.54 55.19 -30.18
C ALA E 106 -19.75 55.60 -31.41
N ASN E 107 -18.48 55.94 -31.20
CA ASN E 107 -17.56 56.35 -32.27
C ASN E 107 -17.21 55.20 -33.21
N GLU E 108 -17.52 53.98 -32.77
CA GLU E 108 -17.23 52.79 -33.55
C GLU E 108 -18.38 52.56 -34.54
N ILE E 109 -19.61 52.72 -34.07
CA ILE E 109 -20.81 52.54 -34.89
C ILE E 109 -20.98 53.70 -35.87
N ALA E 110 -20.73 54.92 -35.39
CA ALA E 110 -20.85 56.12 -36.23
C ALA E 110 -19.90 56.03 -37.43
N ARG E 111 -18.82 55.29 -37.26
CA ARG E 111 -17.84 55.10 -38.31
C ARG E 111 -18.36 54.11 -39.34
N VAL E 112 -19.03 53.04 -38.87
CA VAL E 112 -19.59 52.03 -39.77
C VAL E 112 -20.75 52.61 -40.57
N THR E 113 -21.74 53.17 -39.89
CA THR E 113 -22.91 53.78 -40.54
C THR E 113 -22.44 54.93 -41.43
N GLY E 114 -21.39 55.62 -40.99
CA GLY E 114 -20.83 56.73 -41.74
C GLY E 114 -20.36 56.41 -43.14
N GLU E 115 -19.27 55.63 -43.24
CA GLU E 115 -18.69 55.26 -44.55
C GLU E 115 -19.56 54.28 -45.33
N THR E 116 -20.41 53.53 -44.64
CA THR E 116 -21.27 52.56 -45.28
C THR E 116 -22.44 53.19 -46.06
N SER E 117 -22.89 54.37 -45.63
CA SER E 117 -24.00 55.05 -46.29
C SER E 117 -23.57 56.00 -47.42
N THR E 118 -22.26 56.09 -47.67
CA THR E 118 -21.74 56.94 -48.74
C THR E 118 -20.49 56.30 -49.38
N TRP E 119 -19.90 56.99 -50.35
CA TRP E 119 -18.72 56.48 -51.06
C TRP E 119 -17.47 57.32 -50.85
N GLY E 120 -16.35 56.84 -51.40
CA GLY E 120 -15.09 57.55 -51.29
C GLY E 120 -14.00 56.92 -52.12
N PRO E 121 -13.00 57.69 -52.59
CA PRO E 121 -11.89 57.22 -53.40
C PRO E 121 -10.91 56.39 -52.58
N ALA E 122 -10.60 55.19 -53.08
CA ALA E 122 -9.68 54.30 -52.37
C ALA E 122 -8.80 53.49 -53.31
N ARG E 123 -7.54 53.31 -52.92
CA ARG E 123 -6.58 52.53 -53.70
C ARG E 123 -7.14 51.13 -53.90
N GLN E 124 -7.40 50.74 -55.14
CA GLN E 124 -7.92 49.41 -55.40
C GLN E 124 -6.84 48.35 -55.20
N PRO E 125 -7.23 47.18 -54.68
CA PRO E 125 -6.38 46.03 -54.37
C PRO E 125 -5.63 45.32 -55.49
N TYR E 126 -6.33 44.93 -56.54
CA TYR E 126 -5.72 44.19 -57.64
C TYR E 126 -5.31 45.03 -58.86
N GLY E 127 -4.56 44.40 -59.77
CA GLY E 127 -4.10 45.07 -60.97
C GLY E 127 -5.24 45.59 -61.83
N PHE E 128 -4.96 46.65 -62.59
CA PHE E 128 -5.96 47.24 -63.47
C PHE E 128 -6.48 46.25 -64.50
N PHE E 129 -5.56 45.70 -65.29
CA PHE E 129 -5.89 44.73 -66.33
C PHE E 129 -5.93 43.30 -65.76
N LEU E 130 -6.67 43.10 -64.68
CA LEU E 130 -6.78 41.78 -64.08
C LEU E 130 -7.87 40.96 -64.75
N GLU E 131 -9.01 41.61 -65.04
CA GLU E 131 -10.13 40.93 -65.67
C GLU E 131 -10.05 40.87 -67.19
N THR E 132 -8.84 40.64 -67.71
CA THR E 132 -8.61 40.53 -69.15
C THR E 132 -8.53 39.08 -69.59
N GLU E 133 -8.96 38.81 -70.83
CA GLU E 133 -8.96 37.45 -71.38
C GLU E 133 -7.70 37.13 -72.17
N GLU E 134 -7.18 38.14 -72.87
CA GLU E 134 -5.99 37.95 -73.70
C GLU E 134 -4.80 38.76 -73.20
N THR E 135 -3.62 38.16 -73.28
CA THR E 135 -2.38 38.80 -72.86
C THR E 135 -1.27 38.44 -73.85
N PHE E 136 -0.37 39.37 -74.09
CA PHE E 136 0.72 39.16 -75.04
C PHE E 136 2.07 39.08 -74.32
N GLN E 137 3.06 38.48 -74.98
CA GLN E 137 4.38 38.36 -74.38
C GLN E 137 5.00 39.73 -74.17
N PRO E 138 5.45 40.02 -72.94
CA PRO E 138 6.07 41.30 -72.60
C PRO E 138 7.42 41.51 -73.29
N GLY E 139 7.50 42.58 -74.07
CA GLY E 139 8.72 42.90 -74.80
C GLY E 139 8.75 42.40 -76.22
N ARG E 140 7.61 41.94 -76.74
CA ARG E 140 7.53 41.44 -78.11
C ARG E 140 6.82 42.41 -79.05
N TRP E 141 7.40 42.59 -80.23
CA TRP E 141 6.83 43.47 -81.25
C TRP E 141 5.53 42.91 -81.82
N PHE E 142 4.51 43.76 -81.84
CA PHE E 142 3.21 43.38 -82.36
C PHE E 142 2.52 44.59 -82.93
N MET E 143 2.35 44.59 -84.25
CA MET E 143 1.70 45.68 -84.96
C MET E 143 0.45 45.17 -85.67
N ARG E 144 -0.71 45.64 -85.22
CA ARG E 144 -1.99 45.27 -85.78
C ARG E 144 -2.07 45.84 -87.19
N ALA E 145 -2.52 45.02 -88.14
CA ALA E 145 -2.62 45.42 -89.55
C ALA E 145 -3.25 46.79 -89.80
N ALA E 146 -2.53 47.62 -90.56
CA ALA E 146 -2.93 48.96 -90.95
C ALA E 146 -2.69 50.09 -89.94
N GLN E 147 -2.16 49.75 -88.76
CA GLN E 147 -1.89 50.75 -87.72
C GLN E 147 -0.40 51.07 -87.60
N ALA E 148 -0.11 52.33 -87.24
CA ALA E 148 1.26 52.80 -87.06
C ALA E 148 1.66 52.73 -85.59
N ALA E 149 0.66 52.60 -84.73
CA ALA E 149 0.84 52.49 -83.28
C ALA E 149 -0.13 51.41 -82.79
N THR E 150 0.38 50.48 -81.99
CA THR E 150 -0.46 49.39 -81.48
C THR E 150 -0.23 49.06 -80.00
N ALA E 151 -1.15 49.55 -79.16
CA ALA E 151 -1.10 49.32 -77.72
C ALA E 151 -1.72 47.96 -77.40
N VAL E 152 -1.08 47.20 -76.51
CA VAL E 152 -1.58 45.88 -76.15
C VAL E 152 -1.17 45.46 -74.74
N VAL E 153 -2.08 44.80 -74.04
CA VAL E 153 -1.84 44.32 -72.68
C VAL E 153 -0.81 43.19 -72.64
N CYS E 154 -0.02 43.16 -71.59
CA CYS E 154 1.02 42.12 -71.43
C CYS E 154 1.17 41.74 -69.96
N GLY E 155 0.29 42.28 -69.12
CA GLY E 155 0.33 41.98 -67.70
C GLY E 155 -0.92 42.48 -66.98
N PRO E 156 -1.07 42.19 -65.68
CA PRO E 156 -2.23 42.61 -64.89
C PRO E 156 -2.23 44.11 -64.60
N ASP E 157 -1.05 44.73 -64.76
CA ASP E 157 -0.88 46.16 -64.51
C ASP E 157 0.07 46.71 -65.57
N MET E 158 0.09 46.07 -66.73
CA MET E 158 1.01 46.46 -67.79
C MET E 158 0.44 46.45 -69.21
N ILE E 159 0.91 47.39 -70.02
CA ILE E 159 0.55 47.49 -71.43
C ILE E 159 1.83 47.94 -72.14
N GLN E 160 1.92 47.63 -73.44
CA GLN E 160 3.09 47.99 -74.22
C GLN E 160 2.71 48.42 -75.63
N VAL E 161 3.11 49.64 -75.98
CA VAL E 161 2.81 50.21 -77.29
C VAL E 161 3.95 49.98 -78.27
N SER E 162 3.60 49.57 -79.48
CA SER E 162 4.56 49.30 -80.55
C SER E 162 4.45 50.41 -81.60
N LEU E 163 5.44 51.29 -81.65
CA LEU E 163 5.46 52.40 -82.60
C LEU E 163 6.40 52.17 -83.78
N ASN E 164 5.99 52.67 -84.94
CA ASN E 164 6.80 52.58 -86.16
C ASN E 164 7.65 53.85 -86.22
N ALA E 165 8.70 53.83 -87.04
CA ALA E 165 9.55 54.99 -87.19
C ALA E 165 8.72 56.19 -87.67
N GLY E 166 8.69 57.24 -86.86
CA GLY E 166 7.94 58.43 -87.20
C GLY E 166 6.43 58.36 -86.94
N ALA E 167 5.99 57.31 -86.25
CA ALA E 167 4.57 57.13 -85.95
C ALA E 167 4.12 57.78 -84.64
N ARG E 168 2.85 58.15 -84.61
CA ARG E 168 2.25 58.79 -83.44
C ARG E 168 0.77 58.38 -83.37
N GLY E 169 0.19 58.48 -82.18
CA GLY E 169 -1.21 58.12 -82.01
C GLY E 169 -1.71 58.04 -80.58
N ASP E 170 -3.02 58.18 -80.42
CA ASP E 170 -3.67 58.12 -79.12
C ASP E 170 -3.73 56.67 -78.63
N VAL E 171 -3.72 56.49 -77.32
CA VAL E 171 -3.76 55.14 -76.73
C VAL E 171 -4.86 54.95 -75.68
N GLN E 172 -5.35 56.07 -75.13
CA GLN E 172 -6.38 56.06 -74.07
C GLN E 172 -7.56 55.07 -74.13
N GLN E 173 -7.88 54.57 -75.32
CA GLN E 173 -8.99 53.64 -75.47
C GLN E 173 -8.80 52.22 -74.92
N ILE E 174 -7.56 51.76 -74.82
CA ILE E 174 -7.27 50.42 -74.30
C ILE E 174 -7.61 50.34 -72.80
N PHE E 175 -7.48 51.47 -72.10
CA PHE E 175 -7.77 51.57 -70.68
C PHE E 175 -9.27 51.71 -70.43
N GLN E 176 -9.90 52.64 -71.14
CA GLN E 176 -11.32 52.95 -71.00
C GLN E 176 -12.27 51.75 -71.16
N GLY E 177 -13.43 51.85 -70.51
CA GLY E 177 -14.42 50.78 -70.57
C GLY E 177 -14.33 49.78 -69.44
N ARG E 178 -13.24 49.83 -68.67
CA ARG E 178 -13.05 48.91 -67.54
C ARG E 178 -13.15 49.65 -66.22
N ASN E 179 -13.69 48.98 -65.20
CA ASN E 179 -13.87 49.56 -63.85
C ASN E 179 -14.62 50.90 -63.93
N ASP E 180 -14.21 51.87 -63.10
CA ASP E 180 -14.80 53.20 -63.05
C ASP E 180 -13.81 54.09 -62.29
N PRO E 181 -12.54 54.14 -62.74
CA PRO E 181 -11.52 54.95 -62.06
C PRO E 181 -11.79 56.45 -62.07
N MET E 182 -11.20 57.14 -61.10
CA MET E 182 -11.33 58.58 -60.96
C MET E 182 -9.97 59.18 -61.26
N MET E 183 -8.94 58.35 -61.08
CA MET E 183 -7.57 58.73 -61.33
C MET E 183 -6.75 57.44 -61.46
N ILE E 184 -5.95 57.37 -62.51
CA ILE E 184 -5.10 56.20 -62.77
C ILE E 184 -3.65 56.71 -62.81
N TYR E 185 -2.87 56.26 -61.84
CA TYR E 185 -1.48 56.66 -61.74
C TYR E 185 -0.57 55.82 -62.63
N LEU E 186 0.13 56.50 -63.54
CA LEU E 186 1.01 55.85 -64.50
C LEU E 186 2.48 56.19 -64.41
N VAL E 187 3.29 55.38 -65.08
CA VAL E 187 4.75 55.54 -65.15
C VAL E 187 5.23 54.75 -66.37
N TRP E 188 5.64 55.48 -67.40
CA TRP E 188 6.10 54.86 -68.64
C TRP E 188 7.62 54.76 -68.77
N ARG E 189 8.05 53.70 -69.45
CA ARG E 189 9.47 53.44 -69.68
C ARG E 189 9.68 53.08 -71.14
N ARG E 190 10.93 53.20 -71.59
CA ARG E 190 11.30 52.87 -72.96
C ARG E 190 11.86 51.45 -72.97
N ILE E 191 11.22 50.55 -73.71
CA ILE E 191 11.71 49.17 -73.81
C ILE E 191 12.97 49.19 -74.68
N GLU E 192 14.10 49.49 -74.03
CA GLU E 192 15.41 49.59 -74.65
C GLU E 192 15.87 48.40 -75.49
N ASN E 193 15.34 47.22 -75.21
CA ASN E 193 15.70 46.02 -75.96
C ASN E 193 14.53 45.06 -76.06
N PHE E 194 13.89 45.05 -77.23
CA PHE E 194 12.75 44.18 -77.46
C PHE E 194 12.95 43.20 -78.60
N ALA E 195 12.08 42.21 -78.68
CA ALA E 195 12.13 41.19 -79.71
C ALA E 195 11.24 41.61 -80.89
N MET E 196 11.72 41.34 -82.11
CA MET E 196 10.94 41.66 -83.31
C MET E 196 10.03 40.49 -83.66
N ALA E 197 9.16 40.70 -84.65
CA ALA E 197 8.22 39.67 -85.09
C ALA E 197 8.94 38.36 -85.42
N GLN E 198 10.20 38.48 -85.82
CA GLN E 198 11.03 37.32 -86.16
C GLN E 198 11.86 36.78 -85.00
N GLY E 199 12.29 37.66 -84.10
CA GLY E 199 13.07 37.22 -82.96
C GLY E 199 14.34 37.99 -82.68
N ASN E 200 14.78 38.81 -83.63
CA ASN E 200 15.99 39.60 -83.47
C ASN E 200 15.81 40.78 -82.52
N SER E 201 16.90 41.16 -81.85
CA SER E 201 16.88 42.27 -80.89
C SER E 201 16.83 43.62 -81.60
N GLN E 202 15.99 44.51 -81.10
CA GLN E 202 15.84 45.85 -81.67
C GLN E 202 15.89 46.91 -80.57
N GLN E 203 16.60 48.00 -80.83
CA GLN E 203 16.73 49.08 -79.84
C GLN E 203 15.75 50.23 -80.06
N THR E 204 15.33 50.83 -78.95
CA THR E 204 14.41 51.97 -78.98
C THR E 204 15.27 53.20 -78.71
N GLN E 205 15.33 54.11 -79.66
CA GLN E 205 16.14 55.31 -79.51
C GLN E 205 15.50 56.38 -78.64
N ALA E 206 16.36 57.10 -77.92
CA ALA E 206 15.93 58.19 -77.03
C ALA E 206 15.35 59.31 -77.88
N GLY E 207 14.15 59.75 -77.52
CA GLY E 207 13.48 60.79 -78.27
C GLY E 207 11.99 60.54 -78.28
N VAL E 208 11.60 59.29 -78.04
CA VAL E 208 10.20 58.88 -78.00
C VAL E 208 9.55 59.64 -76.84
N THR E 209 8.44 60.34 -77.12
CA THR E 209 7.77 61.12 -76.08
C THR E 209 6.31 60.74 -75.85
N VAL E 210 5.84 60.96 -74.63
CA VAL E 210 4.45 60.68 -74.26
C VAL E 210 3.90 61.92 -73.58
N SER E 211 2.74 62.39 -74.05
CA SER E 211 2.10 63.58 -73.51
C SER E 211 0.65 63.32 -73.10
N VAL E 212 0.29 63.82 -71.93
CA VAL E 212 -1.06 63.65 -71.41
C VAL E 212 -1.85 64.94 -71.59
N GLY E 213 -3.01 64.83 -72.24
CA GLY E 213 -3.85 66.00 -72.46
C GLY E 213 -3.11 67.18 -73.06
N GLY E 214 -1.99 66.89 -73.73
CA GLY E 214 -1.20 67.96 -74.33
C GLY E 214 0.21 68.09 -73.78
N VAL E 215 0.32 68.27 -72.46
CA VAL E 215 1.61 68.43 -71.81
C VAL E 215 2.47 67.17 -71.88
N ASP E 216 3.76 67.35 -72.15
CA ASP E 216 4.71 66.25 -72.27
C ASP E 216 5.23 65.77 -70.92
N MET E 217 5.14 64.45 -70.69
CA MET E 217 5.59 63.84 -69.45
C MET E 217 6.90 63.07 -69.57
N ARG E 218 7.72 63.13 -68.52
CA ARG E 218 9.00 62.43 -68.47
C ARG E 218 8.82 60.93 -68.29
N ALA E 219 9.89 60.16 -68.53
CA ALA E 219 9.86 58.72 -68.38
C ALA E 219 10.34 58.31 -66.99
N GLY E 220 9.64 57.38 -66.37
CA GLY E 220 10.02 56.92 -65.06
C GLY E 220 9.49 57.73 -63.90
N ARG E 221 8.51 58.59 -64.18
CA ARG E 221 7.90 59.41 -63.13
C ARG E 221 6.42 59.08 -63.10
N ILE E 222 5.85 59.08 -61.89
CA ILE E 222 4.44 58.79 -61.72
C ILE E 222 3.60 59.92 -62.31
N ILE E 223 2.48 59.55 -62.95
CA ILE E 223 1.63 60.52 -63.62
C ILE E 223 0.16 60.38 -63.27
N ALA E 224 -0.37 61.41 -62.61
CA ALA E 224 -1.78 61.42 -62.22
C ALA E 224 -2.61 61.64 -63.48
N TRP E 225 -3.35 60.61 -63.89
CA TRP E 225 -4.19 60.69 -65.08
C TRP E 225 -5.67 60.55 -64.73
N ASP E 226 -6.49 61.47 -65.26
CA ASP E 226 -7.93 61.46 -65.00
C ASP E 226 -8.72 60.46 -65.87
N GLY E 227 -8.01 59.70 -66.70
CA GLY E 227 -8.65 58.71 -67.55
C GLY E 227 -9.45 59.23 -68.73
N GLN E 228 -9.61 60.55 -68.82
CA GLN E 228 -10.37 61.17 -69.90
C GLN E 228 -9.47 61.87 -70.92
N ALA E 229 -8.43 62.54 -70.43
CA ALA E 229 -7.49 63.28 -71.26
C ALA E 229 -6.85 62.44 -72.36
N ALA E 230 -6.18 63.13 -73.27
CA ALA E 230 -5.51 62.48 -74.40
C ALA E 230 -4.14 61.90 -74.09
N LEU E 231 -4.06 60.58 -73.99
CA LEU E 231 -2.80 59.90 -73.74
C LEU E 231 -2.16 59.65 -75.10
N HIS E 232 -1.32 60.59 -75.51
CA HIS E 232 -0.66 60.54 -76.81
C HIS E 232 0.80 60.11 -76.77
N VAL E 233 1.15 59.15 -77.63
CA VAL E 233 2.52 58.65 -77.73
C VAL E 233 3.08 58.97 -79.12
N ARG E 234 4.25 59.61 -79.15
CA ARG E 234 4.90 60.00 -80.40
C ARG E 234 6.25 59.31 -80.56
N ASN E 235 6.68 59.18 -81.81
CA ASN E 235 7.96 58.55 -82.12
C ASN E 235 8.66 59.26 -83.26
N PRO E 236 9.37 60.36 -82.96
CA PRO E 236 10.09 61.11 -84.01
C PRO E 236 11.38 60.39 -84.46
N THR E 237 11.67 59.26 -83.82
CA THR E 237 12.86 58.45 -84.14
C THR E 237 12.71 57.64 -85.43
N GLN E 238 13.82 57.51 -86.16
CA GLN E 238 13.87 56.78 -87.44
C GLN E 238 14.06 55.27 -87.30
N GLN E 239 13.43 54.69 -86.27
CA GLN E 239 13.50 53.26 -86.02
C GLN E 239 12.22 52.81 -85.31
N ASN E 240 12.11 51.49 -85.13
CA ASN E 240 10.96 50.91 -84.45
C ASN E 240 11.17 51.03 -82.94
N ALA E 241 10.16 51.55 -82.25
CA ALA E 241 10.23 51.73 -80.81
C ALA E 241 9.13 50.96 -80.06
N MET E 242 9.34 50.78 -78.77
CA MET E 242 8.40 50.10 -77.90
C MET E 242 8.53 50.65 -76.48
N VAL E 243 7.41 51.12 -75.93
CA VAL E 243 7.38 51.66 -74.58
C VAL E 243 6.35 50.96 -73.73
N GLN E 244 6.62 50.83 -72.44
CA GLN E 244 5.68 50.18 -71.53
C GLN E 244 5.08 51.21 -70.58
N ILE E 245 3.76 51.21 -70.47
CA ILE E 245 3.03 52.13 -69.59
C ILE E 245 2.48 51.29 -68.43
N GLN E 246 2.87 51.64 -67.21
CA GLN E 246 2.42 50.89 -66.03
C GLN E 246 1.37 51.58 -65.18
N VAL E 247 0.40 50.79 -64.75
CA VAL E 247 -0.66 51.26 -63.88
C VAL E 247 -0.23 50.80 -62.48
N VAL E 248 0.63 51.61 -61.85
CA VAL E 248 1.13 51.29 -60.51
C VAL E 248 -0.04 51.02 -59.55
N PHE E 249 -1.05 51.88 -59.62
CA PHE E 249 -2.26 51.75 -58.82
C PHE E 249 -3.29 52.77 -59.30
N TYR E 250 -4.54 52.56 -58.94
CA TYR E 250 -5.61 53.47 -59.33
C TYR E 250 -6.65 53.55 -58.24
N ILE E 251 -7.41 54.65 -58.23
CA ILE E 251 -8.45 54.84 -57.23
C ILE E 251 -9.85 54.82 -57.84
N SER E 252 -10.78 54.23 -57.09
CA SER E 252 -12.19 54.13 -57.50
C SER E 252 -13.07 54.15 -56.25
N MET E 253 -14.36 54.43 -56.43
CA MET E 253 -15.29 54.49 -55.30
C MET E 253 -15.79 53.14 -54.78
N ASP E 254 -15.04 52.08 -55.07
CA ASP E 254 -15.40 50.76 -54.61
C ASP E 254 -14.78 50.50 -53.25
N LYS E 255 -15.59 50.02 -52.31
CA LYS E 255 -15.13 49.74 -50.96
C LYS E 255 -14.01 48.71 -50.92
N THR E 256 -12.96 49.03 -50.17
CA THR E 256 -11.81 48.15 -50.02
C THR E 256 -11.73 47.69 -48.56
N LEU E 257 -10.68 46.97 -48.21
CA LEU E 257 -10.49 46.49 -46.85
C LEU E 257 -10.11 47.61 -45.89
N ASN E 258 -9.86 48.80 -46.42
CA ASN E 258 -9.48 49.95 -45.61
C ASN E 258 -10.63 50.95 -45.44
N GLN E 259 -11.86 50.45 -45.54
CA GLN E 259 -13.03 51.29 -45.38
C GLN E 259 -13.26 51.55 -43.89
N TYR E 260 -12.89 50.56 -43.08
CA TYR E 260 -13.01 50.62 -41.62
C TYR E 260 -11.68 50.19 -41.01
N PRO E 261 -11.15 50.96 -40.04
CA PRO E 261 -9.88 50.69 -39.35
C PRO E 261 -9.60 49.24 -39.00
N ALA E 262 -8.51 48.71 -39.55
CA ALA E 262 -8.05 47.33 -39.35
C ALA E 262 -9.19 46.31 -39.46
N LEU E 263 -10.04 46.49 -40.45
CA LEU E 263 -11.18 45.60 -40.70
C LEU E 263 -10.64 44.20 -40.99
N THR E 264 -9.46 44.15 -41.61
CA THR E 264 -8.80 42.90 -41.96
C THR E 264 -8.67 41.95 -40.76
N ALA E 265 -8.03 42.44 -39.70
CA ALA E 265 -7.84 41.65 -38.49
C ALA E 265 -9.16 41.24 -37.85
N GLU E 266 -10.14 42.14 -37.87
CA GLU E 266 -11.48 41.88 -37.31
C GLU E 266 -12.12 40.71 -38.02
N ILE E 267 -11.88 40.65 -39.33
CA ILE E 267 -12.41 39.58 -40.18
C ILE E 267 -11.67 38.28 -39.85
N PHE E 268 -10.34 38.32 -39.88
CA PHE E 268 -9.50 37.17 -39.58
C PHE E 268 -9.90 36.54 -38.26
N ASN E 269 -10.16 37.40 -37.26
CA ASN E 269 -10.58 36.97 -35.93
C ASN E 269 -11.85 36.12 -36.00
N VAL E 270 -12.84 36.58 -36.75
CA VAL E 270 -14.10 35.85 -36.88
C VAL E 270 -13.91 34.56 -37.67
N TYR E 271 -13.10 34.62 -38.72
CA TYR E 271 -12.83 33.45 -39.56
C TYR E 271 -11.86 32.44 -38.96
N SER E 272 -11.35 32.74 -37.77
CA SER E 272 -10.44 31.84 -37.08
C SER E 272 -11.22 30.69 -36.46
N PHE E 273 -10.51 29.58 -36.21
CA PHE E 273 -11.11 28.38 -35.68
C PHE E 273 -11.48 28.30 -34.18
N ARG E 274 -10.49 28.52 -33.32
CA ARG E 274 -10.65 28.42 -31.86
C ARG E 274 -10.91 26.96 -31.52
N ASP E 275 -12.17 26.52 -31.67
CA ASP E 275 -12.56 25.12 -31.45
C ASP E 275 -13.80 24.82 -32.28
N HIS E 276 -14.17 23.54 -32.36
CA HIS E 276 -15.33 23.11 -33.14
C HIS E 276 -16.62 23.81 -32.76
N THR E 277 -16.83 23.97 -31.45
CA THR E 277 -18.03 24.62 -30.92
C THR E 277 -18.12 26.06 -31.46
N TRP E 278 -16.96 26.71 -31.64
CA TRP E 278 -16.92 28.06 -32.16
C TRP E 278 -17.16 28.01 -33.67
N HIS E 279 -16.30 27.27 -34.35
CA HIS E 279 -16.37 27.07 -35.80
C HIS E 279 -17.81 26.94 -36.28
N GLY E 280 -18.52 25.99 -35.70
CA GLY E 280 -19.91 25.77 -36.07
C GLY E 280 -20.81 26.95 -35.75
N LEU E 281 -20.67 27.48 -34.54
CA LEU E 281 -21.48 28.62 -34.10
C LEU E 281 -21.35 29.80 -35.05
N ARG E 282 -20.11 30.14 -35.39
CA ARG E 282 -19.81 31.25 -36.30
C ARG E 282 -20.37 31.00 -37.70
N THR E 283 -20.24 29.76 -38.16
CA THR E 283 -20.72 29.34 -39.47
C THR E 283 -22.25 29.46 -39.53
N ALA E 284 -22.93 28.80 -38.59
CA ALA E 284 -24.38 28.79 -38.49
C ALA E 284 -24.98 30.20 -38.47
N ILE E 285 -24.23 31.14 -37.91
CA ILE E 285 -24.67 32.54 -37.84
C ILE E 285 -24.53 33.20 -39.21
N ARG E 286 -23.43 32.91 -39.90
CA ARG E 286 -23.16 33.47 -41.23
C ARG E 286 -24.07 32.93 -42.33
N ASN E 287 -24.73 31.82 -42.05
CA ASN E 287 -25.64 31.21 -43.01
C ASN E 287 -26.89 32.08 -43.15
N ARG E 288 -27.05 33.01 -42.23
CA ARG E 288 -28.18 33.93 -42.24
C ARG E 288 -27.79 35.22 -42.95
N THR E 289 -26.51 35.33 -43.30
CA THR E 289 -26.00 36.52 -43.99
C THR E 289 -25.48 36.22 -45.37
N THR E 290 -25.11 37.29 -46.07
CA THR E 290 -24.58 37.23 -47.42
C THR E 290 -23.08 36.89 -47.38
N LEU E 291 -22.52 36.81 -46.18
CA LEU E 291 -21.11 36.50 -46.01
C LEU E 291 -20.82 35.01 -46.03
N PRO E 292 -19.68 34.63 -46.65
CA PRO E 292 -19.25 33.23 -46.74
C PRO E 292 -19.03 32.70 -45.33
N ASN E 293 -19.73 31.61 -45.01
CA ASN E 293 -19.68 31.01 -43.69
C ASN E 293 -18.35 30.53 -43.09
N MET E 294 -17.32 30.33 -43.90
CA MET E 294 -16.03 29.88 -43.34
C MET E 294 -14.77 30.22 -44.13
N LEU E 295 -14.89 31.09 -45.12
CA LEU E 295 -13.74 31.53 -45.93
C LEU E 295 -13.89 33.02 -46.26
N PRO E 296 -12.83 33.81 -46.02
CA PRO E 296 -12.81 35.26 -46.28
C PRO E 296 -13.39 35.66 -47.63
N PRO E 297 -14.37 36.60 -47.64
CA PRO E 297 -14.96 37.01 -48.91
C PRO E 297 -13.89 37.63 -49.79
N ILE E 298 -13.79 37.13 -51.02
CA ILE E 298 -12.80 37.61 -51.99
C ILE E 298 -13.00 39.12 -52.14
N PHE E 299 -14.26 39.52 -52.13
CA PHE E 299 -14.61 40.93 -52.27
C PHE E 299 -15.18 41.51 -51.01
N PRO E 300 -14.52 42.56 -50.49
CA PRO E 300 -14.95 43.25 -49.27
C PRO E 300 -16.37 43.77 -49.40
N PRO E 301 -17.27 43.35 -48.48
CA PRO E 301 -18.67 43.77 -48.47
C PRO E 301 -18.77 45.28 -48.46
N ASN E 302 -19.99 45.81 -48.60
CA ASN E 302 -20.15 47.25 -48.63
C ASN E 302 -21.43 47.77 -48.00
N ASP E 303 -22.16 46.89 -47.32
CA ASP E 303 -23.41 47.29 -46.69
C ASP E 303 -23.30 47.31 -45.17
N ARG E 304 -24.07 48.21 -44.57
CA ARG E 304 -24.09 48.38 -43.12
C ARG E 304 -24.23 47.05 -42.40
N ASP E 305 -25.24 46.28 -42.76
CA ASP E 305 -25.51 44.98 -42.15
C ASP E 305 -24.32 44.01 -42.19
N SER E 306 -23.59 43.99 -43.30
CA SER E 306 -22.44 43.10 -43.44
C SER E 306 -21.32 43.44 -42.47
N ILE E 307 -20.80 44.66 -42.55
CA ILE E 307 -19.71 45.12 -41.68
C ILE E 307 -20.12 45.04 -40.21
N LEU E 308 -21.28 45.60 -39.89
CA LEU E 308 -21.82 45.61 -38.54
C LEU E 308 -21.71 44.22 -37.93
N THR E 309 -22.13 43.22 -38.71
CA THR E 309 -22.10 41.82 -38.31
C THR E 309 -20.70 41.33 -37.98
N LEU E 310 -19.76 41.60 -38.88
CA LEU E 310 -18.36 41.20 -38.71
C LEU E 310 -17.78 41.67 -37.38
N LEU E 311 -18.10 42.90 -37.00
CA LEU E 311 -17.62 43.48 -35.76
C LEU E 311 -18.28 42.85 -34.54
N LEU E 312 -19.59 42.66 -34.59
CA LEU E 312 -20.33 42.04 -33.50
C LEU E 312 -19.85 40.62 -33.27
N LEU E 313 -19.51 39.94 -34.36
CA LEU E 313 -19.01 38.57 -34.31
C LEU E 313 -17.55 38.51 -33.89
N SER E 314 -16.78 39.51 -34.30
CA SER E 314 -15.37 39.60 -33.94
C SER E 314 -15.31 39.75 -32.42
N THR E 315 -16.14 40.63 -31.89
CA THR E 315 -16.22 40.90 -30.46
C THR E 315 -16.76 39.70 -29.71
N LEU E 316 -17.85 39.13 -30.22
CA LEU E 316 -18.46 37.95 -29.61
C LEU E 316 -17.46 36.78 -29.60
N ALA E 317 -16.54 36.82 -30.55
CA ALA E 317 -15.50 35.80 -30.64
C ALA E 317 -14.57 35.96 -29.44
N ASP E 318 -14.24 37.21 -29.12
CA ASP E 318 -13.38 37.51 -27.98
C ASP E 318 -14.10 37.12 -26.68
N VAL E 319 -15.40 37.39 -26.62
CA VAL E 319 -16.22 37.04 -25.45
C VAL E 319 -16.17 35.53 -25.27
N TYR E 320 -16.12 34.82 -26.39
CA TYR E 320 -16.04 33.37 -26.38
C TYR E 320 -14.72 32.96 -25.71
N THR E 321 -13.63 33.53 -26.20
CA THR E 321 -12.30 33.25 -25.69
C THR E 321 -12.22 33.36 -24.16
N VAL E 322 -12.67 34.49 -23.62
CA VAL E 322 -12.64 34.75 -22.18
C VAL E 322 -13.57 33.92 -21.31
N LEU E 323 -14.81 33.71 -21.77
CA LEU E 323 -15.77 32.95 -20.99
C LEU E 323 -15.59 31.44 -21.07
N ARG E 324 -14.92 30.97 -22.12
CA ARG E 324 -14.66 29.55 -22.32
C ARG E 324 -15.94 28.70 -22.20
N PRO E 325 -17.05 29.12 -22.83
CA PRO E 325 -18.30 28.35 -22.73
C PRO E 325 -18.24 26.96 -23.33
N GLU E 326 -19.09 26.08 -22.82
CA GLU E 326 -19.17 24.70 -23.29
C GLU E 326 -20.61 24.28 -23.45
N PHE E 327 -21.01 24.02 -24.70
CA PHE E 327 -22.36 23.60 -25.01
C PHE E 327 -22.45 22.83 -26.32
N ALA E 328 -23.55 22.10 -26.49
CA ALA E 328 -23.80 21.30 -27.68
C ALA E 328 -24.34 22.13 -28.84
N MET E 329 -24.13 21.60 -30.04
CA MET E 329 -24.58 22.25 -31.25
C MET E 329 -24.94 21.15 -32.24
N HIS E 330 -26.09 21.31 -32.89
CA HIS E 330 -26.56 20.31 -33.85
C HIS E 330 -25.57 20.11 -35.00
N GLY E 331 -25.16 18.86 -35.19
CA GLY E 331 -24.23 18.53 -36.25
C GLY E 331 -22.76 18.68 -35.91
N VAL E 332 -22.48 19.22 -34.73
CA VAL E 332 -21.09 19.41 -34.31
C VAL E 332 -20.70 18.38 -33.26
N ASN E 333 -19.68 17.60 -33.57
CA ASN E 333 -19.19 16.57 -32.67
C ASN E 333 -17.80 16.98 -32.22
N PRO E 334 -17.70 17.71 -31.09
CA PRO E 334 -16.45 18.19 -30.51
C PRO E 334 -15.43 17.12 -30.12
N MET E 335 -14.20 17.32 -30.58
CA MET E 335 -13.09 16.44 -30.26
C MET E 335 -12.47 17.13 -29.04
N PRO E 336 -12.61 16.54 -27.84
CA PRO E 336 -12.11 17.07 -26.57
C PRO E 336 -10.59 17.19 -26.38
N GLY E 337 -9.81 16.93 -27.42
CA GLY E 337 -8.37 17.01 -27.31
C GLY E 337 -7.81 18.43 -27.22
N PRO E 338 -6.48 18.57 -27.24
CA PRO E 338 -5.77 19.85 -27.16
C PRO E 338 -5.89 20.72 -28.42
N LEU E 339 -6.15 20.10 -29.56
CA LEU E 339 -6.28 20.78 -30.86
C LEU E 339 -4.95 21.15 -31.52
N THR E 340 -4.79 20.79 -32.78
CA THR E 340 -3.57 21.08 -33.54
C THR E 340 -3.89 21.79 -34.86
N ALA E 341 -2.83 22.26 -35.52
CA ALA E 341 -2.96 22.96 -36.81
C ALA E 341 -3.69 22.07 -37.81
N ALA E 342 -3.45 20.76 -37.69
CA ALA E 342 -4.07 19.77 -38.56
C ALA E 342 -5.58 19.67 -38.38
N ILE E 343 -6.02 19.49 -37.14
CA ILE E 343 -7.44 19.36 -36.82
C ILE E 343 -8.28 20.56 -37.27
N ALA E 344 -7.68 21.75 -37.20
CA ALA E 344 -8.36 22.98 -37.61
C ALA E 344 -8.53 22.98 -39.12
N ARG E 345 -7.46 22.63 -39.83
CA ARG E 345 -7.46 22.56 -41.29
C ARG E 345 -8.64 21.71 -41.78
N ALA E 346 -8.77 20.53 -41.20
CA ALA E 346 -9.82 19.57 -41.54
C ALA E 346 -11.24 20.09 -41.28
N ALA E 347 -11.39 20.93 -40.27
CA ALA E 347 -12.70 21.47 -39.91
C ALA E 347 -13.33 22.36 -40.98
N TYR E 348 -12.49 22.99 -41.82
CA TYR E 348 -12.96 23.86 -42.88
C TYR E 348 -13.42 23.11 -44.13
N VAL E 349 -14.53 22.39 -44.00
CA VAL E 349 -15.15 21.58 -45.06
C VAL E 349 -14.11 20.85 -45.92
N MET F 1 9.32 2.82 3.56
CA MET F 1 10.60 2.12 3.25
C MET F 1 11.66 3.08 2.69
N ASP F 2 11.25 3.92 1.75
CA ASP F 2 12.15 4.91 1.16
C ASP F 2 12.49 5.89 2.29
N THR F 3 11.47 6.18 3.11
CA THR F 3 11.57 7.07 4.27
C THR F 3 12.75 6.66 5.14
N ILE F 4 12.89 5.35 5.34
CA ILE F 4 13.95 4.76 6.13
C ILE F 4 15.31 5.16 5.59
N ALA F 5 15.47 5.01 4.27
CA ALA F 5 16.70 5.38 3.60
C ALA F 5 16.95 6.90 3.72
N ALA F 6 15.90 7.69 3.53
CA ALA F 6 15.98 9.14 3.62
C ALA F 6 16.50 9.56 4.99
N ARG F 7 16.01 8.89 6.02
CA ARG F 7 16.45 9.17 7.38
C ARG F 7 17.92 8.87 7.51
N ALA F 8 18.28 7.60 7.30
CA ALA F 8 19.65 7.13 7.37
C ALA F 8 20.61 8.00 6.56
N LEU F 9 20.09 8.58 5.50
CA LEU F 9 20.88 9.46 4.64
C LEU F 9 21.11 10.77 5.39
N THR F 10 19.99 11.41 5.79
CA THR F 10 19.99 12.67 6.50
C THR F 10 20.97 12.62 7.66
N VAL F 11 20.88 11.56 8.45
CA VAL F 11 21.74 11.37 9.60
C VAL F 11 23.21 11.42 9.22
N MET F 12 23.59 10.62 8.23
CA MET F 12 24.98 10.59 7.76
C MET F 12 25.43 11.96 7.26
N ARG F 13 24.64 12.54 6.36
CA ARG F 13 24.92 13.85 5.79
C ARG F 13 25.08 14.88 6.90
N ALA F 14 24.33 14.69 7.97
CA ALA F 14 24.37 15.58 9.11
C ALA F 14 25.69 15.40 9.86
N CYS F 15 26.07 14.15 10.08
CA CYS F 15 27.31 13.84 10.77
C CYS F 15 28.52 14.43 10.04
N ALA F 16 28.41 14.53 8.72
CA ALA F 16 29.47 15.08 7.88
C ALA F 16 29.71 16.56 8.18
N THR F 17 28.66 17.22 8.69
CA THR F 17 28.70 18.63 9.05
C THR F 17 29.67 18.84 10.20
N LEU F 18 29.80 17.80 11.04
CA LEU F 18 30.69 17.83 12.19
C LEU F 18 32.14 17.72 11.74
N GLN F 19 32.67 18.80 11.18
CA GLN F 19 34.06 18.81 10.72
C GLN F 19 34.92 18.79 11.98
N GLU F 20 35.82 19.75 12.17
CA GLU F 20 36.66 19.74 13.36
C GLU F 20 36.27 20.92 14.22
N ALA F 21 35.80 20.63 15.44
CA ALA F 21 35.35 21.63 16.43
C ALA F 21 35.94 23.03 16.28
N ARG F 22 35.03 23.99 16.15
CA ARG F 22 35.26 25.42 15.92
C ARG F 22 33.94 25.79 15.27
N ILE F 23 33.02 24.83 15.31
CA ILE F 23 31.74 24.91 14.69
C ILE F 23 30.57 25.26 15.58
N VAL F 24 29.65 26.02 14.99
CA VAL F 24 28.42 26.40 15.65
C VAL F 24 27.41 25.68 14.78
N LEU F 25 26.82 24.62 15.32
CA LEU F 25 25.88 23.80 14.59
C LEU F 25 24.69 24.54 14.02
N GLU F 26 24.29 24.14 12.82
CA GLU F 26 23.13 24.71 12.17
C GLU F 26 22.00 24.22 13.07
N ALA F 27 21.31 25.16 13.72
CA ALA F 27 20.21 24.86 14.64
C ALA F 27 19.42 23.63 14.20
N ASN F 28 18.96 23.66 12.94
CA ASN F 28 18.20 22.57 12.34
C ASN F 28 18.86 21.21 12.58
N VAL F 29 20.14 21.10 12.21
CA VAL F 29 20.94 19.88 12.36
C VAL F 29 20.89 19.31 13.77
N MET F 30 21.21 20.17 14.74
CA MET F 30 21.21 19.79 16.15
C MET F 30 19.98 18.98 16.45
N GLU F 31 18.83 19.61 16.21
CA GLU F 31 17.53 19.01 16.45
C GLU F 31 17.47 17.58 15.94
N ILE F 32 17.75 17.41 14.64
CA ILE F 32 17.72 16.11 13.99
C ILE F 32 18.60 15.07 14.65
N LEU F 33 19.91 15.33 14.64
CA LEU F 33 20.87 14.43 15.26
C LEU F 33 20.44 14.03 16.64
N GLY F 34 20.13 15.02 17.47
CA GLY F 34 19.68 14.78 18.83
C GLY F 34 18.62 13.71 18.92
N ILE F 35 17.54 13.88 18.14
CA ILE F 35 16.42 12.94 18.09
C ILE F 35 16.90 11.56 17.70
N ALA F 36 17.67 11.51 16.63
CA ALA F 36 18.22 10.27 16.11
C ALA F 36 19.13 9.63 17.15
N ILE F 37 20.29 10.25 17.38
CA ILE F 37 21.29 9.78 18.34
C ILE F 37 20.60 9.29 19.62
N ASN F 38 19.65 10.07 20.10
CA ASN F 38 18.89 9.75 21.30
C ASN F 38 18.27 8.36 21.12
N ARG F 39 17.36 8.26 20.15
CA ARG F 39 16.67 7.03 19.84
C ARG F 39 17.62 5.86 19.57
N TYR F 40 18.72 6.16 18.89
CA TYR F 40 19.73 5.16 18.55
C TYR F 40 20.33 4.61 19.83
N ASN F 41 20.76 5.51 20.71
CA ASN F 41 21.36 5.12 21.97
C ASN F 41 20.38 4.33 22.82
N GLY F 42 19.09 4.67 22.67
CA GLY F 42 18.05 3.98 23.41
C GLY F 42 17.82 2.56 22.92
N LEU F 43 18.37 2.25 21.76
CA LEU F 43 18.22 0.92 21.17
C LEU F 43 19.54 0.20 21.05
N THR F 44 20.62 0.97 21.01
CA THR F 44 21.96 0.43 20.86
C THR F 44 22.59 0.28 22.23
N LEU F 45 22.19 1.19 23.13
CA LEU F 45 22.72 1.22 24.48
C LEU F 45 24.19 1.65 24.42
N ARG F 46 24.61 2.12 23.24
CA ARG F 46 25.97 2.61 23.03
C ARG F 46 26.01 4.09 23.38
N GLY F 47 27.19 4.62 23.65
CA GLY F 47 27.30 6.02 24.02
C GLY F 47 27.67 7.00 22.93
N VAL F 48 26.70 7.37 22.10
CA VAL F 48 26.96 8.32 21.01
C VAL F 48 26.76 9.76 21.45
N THR F 49 27.78 10.58 21.23
CA THR F 49 27.76 12.00 21.58
C THR F 49 27.22 12.74 20.39
N MET F 50 26.68 13.94 20.60
CA MET F 50 26.20 14.71 19.46
C MET F 50 27.39 15.48 18.89
N ARG F 51 28.39 15.74 19.74
CA ARG F 51 29.60 16.43 19.31
C ARG F 51 30.79 15.62 19.78
N PRO F 52 31.24 14.65 18.98
CA PRO F 52 32.38 13.79 19.32
C PRO F 52 33.71 14.54 19.18
N THR F 53 34.74 14.02 19.85
CA THR F 53 36.07 14.65 19.81
C THR F 53 37.20 13.67 20.07
N SER F 54 37.05 12.85 21.09
CA SER F 54 38.09 11.89 21.48
C SER F 54 38.64 11.04 20.35
N LEU F 55 37.81 10.14 19.86
CA LEU F 55 38.12 9.21 18.80
C LEU F 55 37.10 8.15 19.05
N ALA F 56 37.18 7.54 20.23
CA ALA F 56 36.24 6.51 20.63
C ALA F 56 34.82 7.08 20.52
N GLN F 57 34.72 8.41 20.63
CA GLN F 57 33.45 9.12 20.52
C GLN F 57 33.08 9.15 19.05
N ARG F 58 34.10 9.39 18.23
CA ARG F 58 33.96 9.46 16.78
C ARG F 58 33.61 8.09 16.19
N ASN F 59 34.31 7.06 16.64
CA ASN F 59 34.10 5.69 16.20
C ASN F 59 32.65 5.32 16.42
N GLU F 60 32.18 5.58 17.64
CA GLU F 60 30.81 5.29 18.01
C GLU F 60 29.83 5.92 17.03
N MET F 61 30.05 7.19 16.69
CA MET F 61 29.19 7.89 15.77
C MET F 61 29.24 7.25 14.38
N PHE F 62 30.45 6.96 13.93
CA PHE F 62 30.63 6.33 12.62
C PHE F 62 29.85 5.02 12.62
N PHE F 63 30.13 4.19 13.61
CA PHE F 63 29.48 2.91 13.78
C PHE F 63 27.98 3.04 13.67
N MET F 64 27.45 4.13 14.21
CA MET F 64 26.02 4.40 14.15
C MET F 64 25.62 4.52 12.69
N CYS F 65 26.28 5.44 11.99
CA CYS F 65 26.02 5.70 10.58
C CYS F 65 26.09 4.41 9.80
N LEU F 66 27.10 3.61 10.13
CA LEU F 66 27.34 2.33 9.50
C LEU F 66 26.11 1.44 9.70
N ASP F 67 25.74 1.25 10.95
CA ASP F 67 24.59 0.44 11.32
C ASP F 67 23.36 0.86 10.56
N MET F 68 23.15 2.16 10.45
CA MET F 68 22.00 2.74 9.76
C MET F 68 22.08 2.54 8.26
N MET F 69 23.25 2.80 7.71
CA MET F 69 23.51 2.67 6.29
C MET F 69 23.22 1.23 5.84
N LEU F 70 23.75 0.27 6.59
CA LEU F 70 23.56 -1.13 6.28
C LEU F 70 22.08 -1.48 6.37
N SER F 71 21.44 -1.07 7.46
CA SER F 71 20.02 -1.34 7.67
C SER F 71 19.14 -0.74 6.56
N ALA F 72 19.51 0.44 6.09
CA ALA F 72 18.78 1.11 5.03
C ALA F 72 18.96 0.38 3.70
N ALA F 73 20.10 -0.28 3.56
CA ALA F 73 20.40 -1.04 2.34
C ALA F 73 19.93 -2.48 2.46
N GLY F 74 19.61 -2.90 3.68
CA GLY F 74 19.16 -4.25 3.91
C GLY F 74 20.30 -5.24 3.77
N ILE F 75 21.42 -4.91 4.40
CA ILE F 75 22.61 -5.72 4.33
C ILE F 75 22.98 -6.27 5.70
N ASN F 76 23.49 -7.50 5.71
CA ASN F 76 23.95 -8.12 6.93
C ASN F 76 25.39 -8.57 6.71
N VAL F 77 26.31 -7.69 7.08
CA VAL F 77 27.73 -7.93 6.91
C VAL F 77 28.33 -9.04 7.78
N GLY F 78 27.68 -9.32 8.90
CA GLY F 78 28.18 -10.37 9.79
C GLY F 78 29.48 -10.00 10.47
N PRO F 79 30.14 -10.98 11.14
CA PRO F 79 31.40 -10.82 11.86
C PRO F 79 32.57 -10.42 10.96
N ILE F 80 32.77 -9.11 10.83
CA ILE F 80 33.85 -8.61 9.99
C ILE F 80 34.88 -7.84 10.80
N SER F 81 34.50 -7.45 12.01
CA SER F 81 35.39 -6.70 12.89
C SER F 81 35.18 -7.04 14.35
N PRO F 82 36.24 -6.97 15.15
CA PRO F 82 36.20 -7.24 16.58
C PRO F 82 35.74 -6.00 17.32
N ASP F 83 36.05 -4.83 16.74
CA ASP F 83 35.72 -3.55 17.31
C ASP F 83 34.26 -3.15 17.05
N TYR F 84 33.73 -3.56 15.89
CA TYR F 84 32.35 -3.25 15.54
C TYR F 84 31.47 -4.48 15.47
N THR F 85 30.20 -4.28 15.78
CA THR F 85 29.21 -5.34 15.75
C THR F 85 27.94 -4.66 15.24
N GLN F 86 27.29 -5.29 14.26
CA GLN F 86 26.08 -4.71 13.69
C GLN F 86 24.82 -5.04 14.49
N HIS F 87 24.07 -4.01 14.84
CA HIS F 87 22.82 -4.18 15.58
C HIS F 87 21.70 -4.13 14.54
N MET F 88 21.00 -5.24 14.42
CA MET F 88 19.92 -5.37 13.45
C MET F 88 18.74 -4.46 13.79
N ALA F 89 18.60 -4.16 15.07
CA ALA F 89 17.53 -3.31 15.57
C ALA F 89 17.56 -1.90 14.97
N THR F 90 18.68 -1.53 14.40
CA THR F 90 18.89 -0.21 13.78
C THR F 90 17.73 0.16 12.83
N ILE F 91 17.12 -0.87 12.26
CA ILE F 91 15.99 -0.72 11.35
C ILE F 91 14.76 -0.11 12.06
N GLY F 92 14.51 -0.57 13.28
CA GLY F 92 13.39 -0.09 14.06
C GLY F 92 13.48 1.38 14.43
N VAL F 93 14.71 1.89 14.53
CA VAL F 93 14.93 3.30 14.86
C VAL F 93 14.55 4.09 13.61
N LEU F 94 15.02 3.59 12.47
CA LEU F 94 14.77 4.21 11.18
C LEU F 94 13.33 4.12 10.69
N ALA F 95 12.55 3.20 11.24
CA ALA F 95 11.15 3.03 10.86
C ALA F 95 10.21 3.93 11.66
N THR F 96 10.72 4.43 12.78
CA THR F 96 9.97 5.31 13.68
C THR F 96 9.81 6.69 13.03
N PRO F 97 8.56 7.11 12.78
CA PRO F 97 8.22 8.40 12.18
C PRO F 97 8.69 9.61 12.99
N GLU F 98 9.22 9.34 14.17
CA GLU F 98 9.71 10.38 15.07
C GLU F 98 11.00 11.05 14.61
N ILE F 99 11.70 10.43 13.67
CA ILE F 99 12.93 11.02 13.15
C ILE F 99 12.63 11.66 11.81
N PRO F 100 12.99 12.95 11.66
CA PRO F 100 12.74 13.66 10.41
C PRO F 100 13.86 13.42 9.39
N PHE F 101 13.69 14.02 8.22
CA PHE F 101 14.67 13.93 7.13
C PHE F 101 14.59 15.19 6.30
N THR F 102 15.72 15.56 5.70
CA THR F 102 15.82 16.76 4.87
C THR F 102 15.07 16.66 3.55
N THR F 103 14.74 17.81 2.98
CA THR F 103 14.05 17.87 1.68
C THR F 103 15.04 17.28 0.69
N GLU F 104 16.32 17.60 0.92
CA GLU F 104 17.44 17.14 0.11
C GLU F 104 17.44 15.62 0.00
N ALA F 105 17.40 14.96 1.15
CA ALA F 105 17.40 13.50 1.21
C ALA F 105 16.14 12.91 0.58
N ALA F 106 14.99 13.50 0.89
CA ALA F 106 13.70 13.05 0.36
C ALA F 106 13.70 12.97 -1.17
N ASN F 107 14.10 14.07 -1.81
CA ASN F 107 14.16 14.13 -3.27
C ASN F 107 15.21 13.17 -3.82
N GLU F 108 16.34 13.13 -3.14
CA GLU F 108 17.46 12.27 -3.51
C GLU F 108 16.97 10.82 -3.66
N ILE F 109 16.19 10.35 -2.68
CA ILE F 109 15.64 8.99 -2.71
C ILE F 109 14.56 8.88 -3.77
N ALA F 110 13.60 9.81 -3.71
CA ALA F 110 12.47 9.87 -4.65
C ALA F 110 12.90 9.74 -6.11
N ARG F 111 14.07 10.30 -6.41
CA ARG F 111 14.62 10.24 -7.74
C ARG F 111 15.05 8.80 -8.04
N VAL F 112 15.83 8.21 -7.14
CA VAL F 112 16.31 6.84 -7.28
C VAL F 112 15.16 5.86 -7.47
N THR F 113 14.21 5.88 -6.53
CA THR F 113 13.06 4.99 -6.59
C THR F 113 12.28 5.29 -7.86
N GLY F 114 12.01 6.58 -8.09
CA GLY F 114 11.27 7.02 -9.26
C GLY F 114 11.71 6.42 -10.59
N GLU F 115 12.97 6.66 -10.95
CA GLU F 115 13.51 6.16 -12.21
C GLU F 115 13.75 4.66 -12.22
N THR F 116 14.34 4.16 -11.13
CA THR F 116 14.66 2.74 -10.99
C THR F 116 13.46 1.81 -11.21
N SER F 117 12.27 2.28 -10.83
CA SER F 117 11.05 1.51 -10.97
C SER F 117 10.41 1.50 -12.35
N THR F 118 10.88 2.38 -13.24
CA THR F 118 10.35 2.43 -14.61
C THR F 118 11.52 2.52 -15.60
N TRP F 119 11.19 2.67 -16.89
CA TRP F 119 12.21 2.76 -17.92
C TRP F 119 12.18 4.11 -18.63
N GLY F 120 13.12 4.29 -19.55
CA GLY F 120 13.22 5.52 -20.30
C GLY F 120 14.25 5.47 -21.42
N PRO F 121 14.18 6.40 -22.38
CA PRO F 121 15.09 6.51 -23.52
C PRO F 121 16.41 7.13 -23.09
N ALA F 122 17.52 6.50 -23.47
CA ALA F 122 18.83 7.01 -23.09
C ALA F 122 19.94 6.70 -24.10
N ARG F 123 20.74 7.71 -24.42
CA ARG F 123 21.86 7.57 -25.34
C ARG F 123 22.75 6.46 -24.83
N GLN F 124 22.89 5.39 -25.61
CA GLN F 124 23.73 4.27 -25.20
C GLN F 124 25.21 4.65 -25.20
N PRO F 125 26.01 3.96 -24.37
CA PRO F 125 27.45 4.15 -24.19
C PRO F 125 28.44 3.76 -25.29
N TYR F 126 28.23 2.61 -25.93
CA TYR F 126 29.17 2.15 -26.95
C TYR F 126 28.63 2.10 -28.39
N GLY F 127 29.49 1.66 -29.32
CA GLY F 127 29.13 1.57 -30.71
C GLY F 127 28.08 0.50 -30.95
N PHE F 128 27.19 0.74 -31.90
CA PHE F 128 26.10 -0.19 -32.21
C PHE F 128 26.54 -1.64 -32.44
N PHE F 129 27.39 -1.85 -33.43
CA PHE F 129 27.89 -3.18 -33.77
C PHE F 129 29.13 -3.55 -32.96
N LEU F 130 29.05 -3.39 -31.63
CA LEU F 130 30.18 -3.74 -30.79
C LEU F 130 30.24 -5.23 -30.56
N GLU F 131 29.09 -5.84 -30.28
CA GLU F 131 29.02 -7.27 -30.02
C GLU F 131 28.93 -8.10 -31.30
N THR F 132 29.89 -7.87 -32.19
CA THR F 132 29.96 -8.58 -33.46
C THR F 132 31.21 -9.46 -33.51
N GLU F 133 31.06 -10.63 -34.11
CA GLU F 133 32.16 -11.59 -34.20
C GLU F 133 33.06 -11.40 -35.43
N GLU F 134 32.51 -10.81 -36.48
CA GLU F 134 33.26 -10.61 -37.72
C GLU F 134 33.26 -9.18 -38.20
N THR F 135 34.38 -8.77 -38.78
CA THR F 135 34.56 -7.41 -39.31
C THR F 135 35.39 -7.47 -40.59
N PHE F 136 35.13 -6.53 -41.51
CA PHE F 136 35.84 -6.48 -42.79
C PHE F 136 36.66 -5.20 -42.91
N GLN F 137 37.67 -5.21 -43.78
CA GLN F 137 38.50 -4.03 -43.97
C GLN F 137 37.66 -2.87 -44.50
N PRO F 138 37.82 -1.68 -43.90
CA PRO F 138 37.09 -0.48 -44.30
C PRO F 138 37.58 0.03 -45.65
N GLY F 139 36.63 0.38 -46.52
CA GLY F 139 36.99 0.87 -47.85
C GLY F 139 37.24 -0.22 -48.86
N ARG F 140 37.35 -1.47 -48.42
CA ARG F 140 37.60 -2.58 -49.33
C ARG F 140 36.31 -3.17 -49.90
N TRP F 141 36.28 -3.33 -51.21
CA TRP F 141 35.14 -3.88 -51.93
C TRP F 141 34.86 -5.32 -51.53
N PHE F 142 33.58 -5.64 -51.42
CA PHE F 142 33.14 -6.99 -51.09
C PHE F 142 31.69 -7.18 -51.47
N MET F 143 31.49 -8.10 -52.41
CA MET F 143 30.16 -8.44 -52.91
C MET F 143 29.93 -9.94 -52.72
N ARG F 144 28.97 -10.28 -51.87
CA ARG F 144 28.64 -11.67 -51.62
C ARG F 144 28.08 -12.25 -52.92
N ALA F 145 28.50 -13.48 -53.24
CA ALA F 145 28.08 -14.15 -54.46
C ALA F 145 26.57 -14.13 -54.70
N ALA F 146 26.18 -13.65 -55.89
CA ALA F 146 24.77 -13.54 -56.32
C ALA F 146 24.02 -12.29 -55.84
N GLN F 147 24.72 -11.38 -55.17
CA GLN F 147 24.09 -10.15 -54.69
C GLN F 147 24.53 -8.93 -55.49
N ALA F 148 23.60 -8.01 -55.70
CA ALA F 148 23.86 -6.77 -56.43
C ALA F 148 24.25 -5.64 -55.47
N ALA F 149 23.88 -5.82 -54.21
CA ALA F 149 24.18 -4.86 -53.15
C ALA F 149 24.57 -5.69 -51.92
N THR F 150 25.74 -5.40 -51.35
CA THR F 150 26.20 -6.15 -50.18
C THR F 150 26.70 -5.27 -49.03
N ALA F 151 25.84 -5.13 -48.02
CA ALA F 151 26.15 -4.33 -46.83
C ALA F 151 26.94 -5.20 -45.84
N VAL F 152 27.94 -4.60 -45.19
CA VAL F 152 28.75 -5.34 -44.24
C VAL F 152 29.36 -4.43 -43.15
N VAL F 153 29.78 -5.04 -42.05
CA VAL F 153 30.37 -4.31 -40.93
C VAL F 153 31.87 -4.11 -41.12
N CYS F 154 32.36 -2.95 -40.71
CA CYS F 154 33.79 -2.63 -40.83
C CYS F 154 34.34 -2.05 -39.53
N GLY F 155 33.45 -1.90 -38.55
CA GLY F 155 33.85 -1.36 -37.26
C GLY F 155 32.76 -1.47 -36.20
N PRO F 156 32.95 -0.79 -35.06
CA PRO F 156 31.99 -0.81 -33.95
C PRO F 156 30.70 -0.06 -34.27
N ASP F 157 30.82 1.03 -35.01
CA ASP F 157 29.67 1.86 -35.38
C ASP F 157 29.70 2.09 -36.87
N MET F 158 30.34 1.19 -37.60
CA MET F 158 30.51 1.34 -39.03
C MET F 158 30.11 0.17 -39.93
N ILE F 159 29.43 0.51 -41.01
CA ILE F 159 29.03 -0.46 -42.03
C ILE F 159 29.25 0.22 -43.36
N GLN F 160 29.48 -0.58 -44.39
CA GLN F 160 29.72 -0.09 -45.74
C GLN F 160 29.03 -1.04 -46.72
N VAL F 161 28.31 -0.46 -47.67
CA VAL F 161 27.58 -1.24 -48.67
C VAL F 161 28.31 -1.19 -50.03
N SER F 162 28.43 -2.35 -50.66
CA SER F 162 29.07 -2.47 -51.97
C SER F 162 27.98 -2.61 -53.04
N LEU F 163 27.79 -1.55 -53.84
CA LEU F 163 26.79 -1.55 -54.90
C LEU F 163 27.40 -1.66 -56.29
N ASN F 164 26.79 -2.49 -57.13
CA ASN F 164 27.25 -2.65 -58.50
C ASN F 164 26.58 -1.54 -59.29
N ALA F 165 27.12 -1.23 -60.46
CA ALA F 165 26.56 -0.18 -61.30
C ALA F 165 25.09 -0.47 -61.55
N GLY F 166 24.22 0.52 -61.33
CA GLY F 166 22.80 0.36 -61.54
C GLY F 166 22.04 -0.44 -60.49
N ALA F 167 22.77 -1.05 -59.55
CA ALA F 167 22.17 -1.87 -58.49
C ALA F 167 21.51 -1.08 -57.35
N ARG F 168 20.59 -1.73 -56.65
CA ARG F 168 19.86 -1.13 -55.53
C ARG F 168 19.43 -2.20 -54.54
N GLY F 169 18.87 -1.78 -53.41
CA GLY F 169 18.42 -2.74 -52.41
C GLY F 169 18.24 -2.23 -50.97
N ASP F 170 17.48 -2.99 -50.18
CA ASP F 170 17.23 -2.65 -48.78
C ASP F 170 18.41 -3.13 -47.93
N VAL F 171 18.69 -2.45 -46.82
CA VAL F 171 19.81 -2.79 -45.95
C VAL F 171 19.47 -3.02 -44.47
N GLN F 172 18.39 -2.40 -44.00
CA GLN F 172 17.95 -2.51 -42.60
C GLN F 172 18.23 -3.80 -41.82
N GLN F 173 18.14 -4.95 -42.49
CA GLN F 173 18.36 -6.25 -41.86
C GLN F 173 19.72 -6.47 -41.19
N ILE F 174 20.74 -5.72 -41.61
CA ILE F 174 22.07 -5.85 -41.02
C ILE F 174 22.04 -5.26 -39.60
N PHE F 175 21.20 -4.25 -39.41
CA PHE F 175 21.04 -3.56 -38.13
C PHE F 175 20.19 -4.34 -37.15
N GLN F 176 19.01 -4.76 -37.61
CA GLN F 176 18.07 -5.51 -36.79
C GLN F 176 18.71 -6.76 -36.20
N GLY F 177 18.11 -7.29 -35.14
CA GLY F 177 18.66 -8.47 -34.49
C GLY F 177 19.06 -8.15 -33.06
N ARG F 178 19.75 -7.04 -32.86
CA ARG F 178 20.17 -6.60 -31.52
C ARG F 178 19.00 -6.04 -30.75
N ASN F 179 18.36 -6.95 -30.01
CA ASN F 179 17.17 -6.70 -29.21
C ASN F 179 16.34 -5.42 -29.34
N ASP F 180 16.67 -4.35 -28.63
CA ASP F 180 15.82 -3.18 -28.75
C ASP F 180 16.35 -1.76 -28.76
N PRO F 181 16.48 -1.18 -29.97
CA PRO F 181 16.94 0.18 -30.20
C PRO F 181 15.64 0.96 -30.47
N MET F 182 15.53 2.16 -29.93
CA MET F 182 14.32 2.95 -30.11
C MET F 182 14.39 3.95 -31.24
N MET F 183 15.61 4.43 -31.52
CA MET F 183 15.85 5.40 -32.57
C MET F 183 17.34 5.45 -32.85
N ILE F 184 17.74 5.03 -34.04
CA ILE F 184 19.14 5.06 -34.41
C ILE F 184 19.42 6.29 -35.26
N TYR F 185 20.47 7.01 -34.88
CA TYR F 185 20.86 8.22 -35.56
C TYR F 185 21.98 7.92 -36.54
N LEU F 186 21.66 8.10 -37.82
CA LEU F 186 22.60 7.81 -38.88
C LEU F 186 23.16 8.98 -39.65
N VAL F 187 24.22 8.69 -40.40
CA VAL F 187 24.92 9.64 -41.24
C VAL F 187 25.74 8.80 -42.22
N TRP F 188 25.39 8.89 -43.51
CA TRP F 188 26.07 8.13 -44.54
C TRP F 188 26.93 9.01 -45.44
N ARG F 189 28.05 8.44 -45.89
CA ARG F 189 28.97 9.15 -46.75
C ARG F 189 29.36 8.26 -47.94
N ARG F 190 29.90 8.88 -48.99
CA ARG F 190 30.34 8.16 -50.18
C ARG F 190 31.81 7.86 -50.02
N ILE F 191 32.21 6.62 -50.30
CA ILE F 191 33.62 6.25 -50.22
C ILE F 191 34.26 6.59 -51.56
N GLU F 192 34.56 7.89 -51.73
CA GLU F 192 35.14 8.44 -52.95
C GLU F 192 36.32 7.66 -53.52
N ASN F 193 37.09 7.00 -52.65
CA ASN F 193 38.24 6.22 -53.08
C ASN F 193 38.32 4.92 -52.28
N PHE F 194 37.98 3.82 -52.93
CA PHE F 194 38.00 2.52 -52.28
C PHE F 194 38.81 1.48 -53.03
N ALA F 195 39.24 0.45 -52.30
CA ALA F 195 40.03 -0.64 -52.86
C ALA F 195 39.15 -1.66 -53.55
N MET F 196 39.61 -2.18 -54.69
CA MET F 196 38.89 -3.20 -55.44
C MET F 196 39.35 -4.57 -54.98
N ALA F 197 38.66 -5.62 -55.44
CA ALA F 197 39.00 -7.00 -55.08
C ALA F 197 40.48 -7.28 -55.30
N GLN F 198 41.06 -6.60 -56.29
CA GLN F 198 42.47 -6.76 -56.65
C GLN F 198 43.43 -5.80 -55.95
N GLY F 199 42.95 -4.60 -55.62
CA GLY F 199 43.81 -3.64 -54.94
C GLY F 199 43.85 -2.29 -55.60
N ASN F 200 43.38 -2.22 -56.84
CA ASN F 200 43.35 -0.97 -57.60
C ASN F 200 42.31 -0.02 -57.04
N SER F 201 42.61 1.28 -57.08
CA SER F 201 41.70 2.30 -56.59
C SER F 201 40.46 2.38 -57.48
N GLN F 202 39.35 2.84 -56.90
CA GLN F 202 38.09 2.95 -57.65
C GLN F 202 37.32 4.14 -57.10
N GLN F 203 36.62 4.85 -57.99
CA GLN F 203 35.83 6.01 -57.57
C GLN F 203 34.34 5.74 -57.53
N THR F 204 33.68 6.41 -56.59
CA THR F 204 32.24 6.30 -56.43
C THR F 204 31.70 7.60 -57.01
N GLN F 205 30.85 7.49 -58.02
CA GLN F 205 30.30 8.67 -58.67
C GLN F 205 29.12 9.31 -57.94
N ALA F 206 29.05 10.64 -58.05
CA ALA F 206 27.99 11.43 -57.44
C ALA F 206 26.67 11.05 -58.11
N GLY F 207 25.68 10.68 -57.30
CA GLY F 207 24.39 10.31 -57.84
C GLY F 207 23.75 9.19 -57.03
N VAL F 208 24.57 8.46 -56.28
CA VAL F 208 24.09 7.36 -55.44
C VAL F 208 23.17 7.96 -54.39
N THR F 209 21.98 7.38 -54.22
CA THR F 209 21.02 7.90 -53.25
C THR F 209 20.64 6.90 -52.16
N VAL F 210 20.29 7.44 -51.00
CA VAL F 210 19.87 6.62 -49.87
C VAL F 210 18.54 7.20 -49.38
N SER F 211 17.53 6.34 -49.32
CA SER F 211 16.20 6.74 -48.89
C SER F 211 15.70 5.88 -47.74
N VAL F 212 15.15 6.54 -46.73
CA VAL F 212 14.61 5.83 -45.58
C VAL F 212 13.10 5.90 -45.69
N GLY F 213 12.45 4.75 -45.54
CA GLY F 213 11.00 4.70 -45.65
C GLY F 213 10.51 5.37 -46.92
N GLY F 214 11.37 5.40 -47.93
CA GLY F 214 11.01 6.01 -49.19
C GLY F 214 11.63 7.37 -49.43
N VAL F 215 11.45 8.29 -48.48
CA VAL F 215 11.99 9.64 -48.63
C VAL F 215 13.51 9.63 -48.79
N ASP F 216 14.00 10.43 -49.73
CA ASP F 216 15.43 10.51 -50.02
C ASP F 216 16.17 11.40 -49.04
N MET F 217 17.28 10.88 -48.50
CA MET F 217 18.09 11.61 -47.54
C MET F 217 19.50 11.97 -48.02
N ARG F 218 19.94 13.17 -47.64
CA ARG F 218 21.26 13.68 -48.00
C ARG F 218 22.39 12.92 -47.33
N ALA F 219 23.62 13.17 -47.81
CA ALA F 219 24.80 12.52 -47.24
C ALA F 219 25.45 13.51 -46.28
N GLY F 220 25.96 12.99 -45.17
CA GLY F 220 26.61 13.85 -44.20
C GLY F 220 25.65 14.53 -43.24
N ARG F 221 24.40 14.11 -43.24
CA ARG F 221 23.38 14.66 -42.34
C ARG F 221 22.92 13.56 -41.41
N ILE F 222 22.54 13.94 -40.20
CA ILE F 222 22.07 12.98 -39.21
C ILE F 222 20.63 12.62 -39.52
N ILE F 223 20.28 11.35 -39.30
CA ILE F 223 18.94 10.87 -39.61
C ILE F 223 18.25 10.12 -38.49
N ALA F 224 17.02 10.55 -38.20
CA ALA F 224 16.19 9.94 -37.18
C ALA F 224 15.59 8.67 -37.75
N TRP F 225 16.35 7.58 -37.69
CA TRP F 225 15.88 6.30 -38.21
C TRP F 225 15.22 5.45 -37.13
N ASP F 226 13.98 5.07 -37.39
CA ASP F 226 13.20 4.26 -36.46
C ASP F 226 13.54 2.78 -36.46
N GLY F 227 14.60 2.40 -37.17
CA GLY F 227 15.04 1.02 -37.21
C GLY F 227 14.11 0.04 -37.91
N GLN F 228 12.89 0.49 -38.20
CA GLN F 228 11.89 -0.36 -38.85
C GLN F 228 11.69 0.03 -40.31
N ALA F 229 11.74 1.34 -40.60
CA ALA F 229 11.56 1.86 -41.95
C ALA F 229 12.56 1.27 -42.94
N ALA F 230 12.19 1.28 -44.22
CA ALA F 230 13.03 0.74 -45.27
C ALA F 230 14.29 1.55 -45.57
N LEU F 231 15.44 0.95 -45.29
CA LEU F 231 16.72 1.59 -45.55
C LEU F 231 17.13 1.18 -46.95
N HIS F 232 16.70 1.97 -47.94
CA HIS F 232 16.97 1.67 -49.35
C HIS F 232 18.11 2.48 -49.99
N VAL F 233 19.09 1.76 -50.55
CA VAL F 233 20.24 2.37 -51.22
C VAL F 233 20.17 2.08 -52.73
N ARG F 234 20.28 3.12 -53.55
CA ARG F 234 20.23 2.99 -55.01
C ARG F 234 21.54 3.44 -55.66
N ASN F 235 21.87 2.85 -56.80
CA ASN F 235 23.09 3.20 -57.52
C ASN F 235 22.80 3.44 -59.01
N PRO F 236 22.20 4.58 -59.34
CA PRO F 236 21.89 4.87 -60.74
C PRO F 236 23.14 5.12 -61.59
N THR F 237 24.30 5.23 -60.94
CA THR F 237 25.55 5.46 -61.66
C THR F 237 26.04 4.23 -62.42
N GLN F 238 26.78 4.47 -63.50
CA GLN F 238 27.31 3.41 -64.34
C GLN F 238 28.68 2.91 -63.89
N GLN F 239 28.87 2.85 -62.58
CA GLN F 239 30.12 2.40 -61.98
C GLN F 239 29.87 1.76 -60.62
N ASN F 240 30.88 1.09 -60.10
CA ASN F 240 30.80 0.46 -58.79
C ASN F 240 30.82 1.57 -57.74
N ALA F 241 30.10 1.34 -56.66
CA ALA F 241 30.03 2.32 -55.58
C ALA F 241 30.15 1.64 -54.22
N MET F 242 30.57 2.43 -53.24
CA MET F 242 30.69 1.97 -51.86
C MET F 242 30.37 3.12 -50.92
N VAL F 243 29.31 2.95 -50.13
CA VAL F 243 28.88 3.97 -49.18
C VAL F 243 29.01 3.46 -47.76
N GLN F 244 29.40 4.36 -46.85
CA GLN F 244 29.52 3.98 -45.44
C GLN F 244 28.39 4.63 -44.65
N ILE F 245 27.71 3.80 -43.86
CA ILE F 245 26.61 4.29 -43.03
C ILE F 245 27.11 4.22 -41.60
N GLN F 246 27.07 5.37 -40.92
CA GLN F 246 27.55 5.44 -39.55
C GLN F 246 26.48 5.63 -38.50
N VAL F 247 26.52 4.75 -37.50
CA VAL F 247 25.60 4.81 -36.37
C VAL F 247 26.30 5.76 -35.42
N VAL F 248 26.01 7.05 -35.56
CA VAL F 248 26.63 8.05 -34.70
C VAL F 248 26.33 7.70 -33.23
N PHE F 249 25.07 7.37 -32.94
CA PHE F 249 24.63 6.98 -31.60
C PHE F 249 23.18 6.53 -31.69
N TYR F 250 22.75 5.78 -30.68
CA TYR F 250 21.38 5.29 -30.64
C TYR F 250 20.86 5.31 -29.22
N ILE F 251 19.54 5.30 -29.08
CA ILE F 251 18.93 5.30 -27.76
C ILE F 251 18.14 4.03 -27.50
N SER F 252 18.17 3.57 -26.25
CA SER F 252 17.45 2.37 -25.84
C SER F 252 16.95 2.53 -24.42
N MET F 253 16.10 1.60 -23.98
CA MET F 253 15.55 1.65 -22.64
C MET F 253 16.41 0.93 -21.61
N ASP F 254 17.70 0.80 -21.90
CA ASP F 254 18.62 0.16 -20.98
C ASP F 254 19.19 1.24 -20.08
N LYS F 255 19.43 0.90 -18.82
CA LYS F 255 19.96 1.86 -17.88
C LYS F 255 21.42 2.19 -18.15
N THR F 256 21.68 3.50 -18.22
CA THR F 256 23.03 4.03 -18.47
C THR F 256 23.55 4.64 -17.17
N LEU F 257 24.68 5.33 -17.25
CA LEU F 257 25.25 5.97 -16.06
C LEU F 257 24.59 7.32 -15.79
N ASN F 258 23.62 7.68 -16.63
CA ASN F 258 22.92 8.95 -16.50
C ASN F 258 21.50 8.78 -15.99
N GLN F 259 21.24 7.64 -15.36
CA GLN F 259 19.92 7.37 -14.79
C GLN F 259 19.71 8.26 -13.57
N TYR F 260 20.79 8.45 -12.81
CA TYR F 260 20.78 9.28 -11.61
C TYR F 260 21.96 10.26 -11.63
N PRO F 261 21.66 11.57 -11.48
CA PRO F 261 22.63 12.69 -11.48
C PRO F 261 24.03 12.39 -10.92
N ALA F 262 25.02 12.55 -11.80
CA ALA F 262 26.45 12.34 -11.49
C ALA F 262 26.75 11.04 -10.72
N LEU F 263 25.94 10.02 -10.98
CA LEU F 263 26.08 8.69 -10.37
C LEU F 263 27.54 8.26 -10.45
N THR F 264 28.13 8.49 -11.62
CA THR F 264 29.52 8.16 -11.91
C THR F 264 30.47 8.55 -10.78
N ALA F 265 30.50 9.85 -10.48
CA ALA F 265 31.37 10.41 -9.44
C ALA F 265 31.16 9.70 -8.10
N GLU F 266 29.91 9.37 -7.80
CA GLU F 266 29.56 8.68 -6.57
C GLU F 266 30.28 7.35 -6.55
N ILE F 267 30.07 6.58 -7.61
CA ILE F 267 30.67 5.26 -7.78
C ILE F 267 32.17 5.35 -7.60
N PHE F 268 32.76 6.36 -8.24
CA PHE F 268 34.20 6.61 -8.16
C PHE F 268 34.58 6.71 -6.69
N ASN F 269 33.83 7.58 -5.99
CA ASN F 269 34.00 7.85 -4.56
C ASN F 269 33.89 6.57 -3.74
N VAL F 270 32.94 5.70 -4.11
CA VAL F 270 32.73 4.45 -3.40
C VAL F 270 33.91 3.51 -3.61
N TYR F 271 34.34 3.37 -4.85
CA TYR F 271 35.44 2.50 -5.21
C TYR F 271 36.83 3.03 -4.88
N SER F 272 36.92 4.31 -4.57
CA SER F 272 38.19 4.92 -4.20
C SER F 272 38.75 4.25 -2.95
N PHE F 273 40.08 4.23 -2.85
CA PHE F 273 40.80 3.59 -1.76
C PHE F 273 40.75 4.20 -0.36
N ARG F 274 41.19 5.46 -0.26
CA ARG F 274 41.27 6.18 1.02
C ARG F 274 42.37 5.52 1.85
N ASP F 275 42.04 4.42 2.52
CA ASP F 275 43.00 3.64 3.30
C ASP F 275 42.51 2.21 3.41
N HIS F 276 43.38 1.34 3.91
CA HIS F 276 43.08 -0.09 4.05
C HIS F 276 41.81 -0.40 4.81
N THR F 277 41.58 0.37 5.88
CA THR F 277 40.41 0.19 6.72
C THR F 277 39.16 0.45 5.85
N TRP F 278 39.11 1.62 5.21
CA TRP F 278 37.99 1.97 4.36
C TRP F 278 37.81 0.96 3.24
N HIS F 279 38.92 0.71 2.55
CA HIS F 279 38.96 -0.22 1.43
C HIS F 279 38.32 -1.53 1.86
N GLY F 280 38.99 -2.24 2.77
CA GLY F 280 38.51 -3.51 3.26
C GLY F 280 37.05 -3.47 3.68
N LEU F 281 36.65 -2.38 4.33
CA LEU F 281 35.28 -2.21 4.79
C LEU F 281 34.35 -2.26 3.59
N ARG F 282 34.48 -1.25 2.74
CA ARG F 282 33.71 -1.09 1.52
C ARG F 282 33.65 -2.39 0.71
N THR F 283 34.76 -3.12 0.70
CA THR F 283 34.85 -4.40 0.00
C THR F 283 33.86 -5.35 0.66
N ALA F 284 34.10 -5.65 1.94
CA ALA F 284 33.28 -6.55 2.74
C ALA F 284 31.78 -6.26 2.66
N ILE F 285 31.44 -4.98 2.49
CA ILE F 285 30.04 -4.57 2.39
C ILE F 285 29.43 -5.02 1.07
N ARG F 286 30.13 -4.77 -0.03
CA ARG F 286 29.64 -5.15 -1.34
C ARG F 286 29.65 -6.66 -1.58
N ASN F 287 30.38 -7.39 -0.74
CA ASN F 287 30.43 -8.84 -0.87
C ASN F 287 29.04 -9.42 -0.60
N ARG F 288 28.23 -8.64 0.10
CA ARG F 288 26.87 -9.04 0.42
C ARG F 288 25.97 -8.68 -0.77
N THR F 289 26.45 -7.78 -1.61
CA THR F 289 25.69 -7.34 -2.77
C THR F 289 26.09 -7.95 -4.10
N THR F 290 25.30 -7.58 -5.11
CA THR F 290 25.49 -8.01 -6.49
C THR F 290 26.57 -7.19 -7.18
N LEU F 291 27.07 -6.17 -6.48
CA LEU F 291 28.10 -5.29 -7.02
C LEU F 291 29.51 -5.83 -6.85
N PRO F 292 30.40 -5.48 -7.78
CA PRO F 292 31.80 -5.92 -7.73
C PRO F 292 32.44 -5.30 -6.50
N ASN F 293 32.96 -6.15 -5.63
CA ASN F 293 33.55 -5.72 -4.37
C ASN F 293 34.63 -4.63 -4.38
N MET F 294 35.29 -4.40 -5.51
CA MET F 294 36.32 -3.35 -5.57
C MET F 294 36.69 -2.79 -6.93
N LEU F 295 35.92 -3.14 -7.96
CA LEU F 295 36.16 -2.64 -9.32
C LEU F 295 34.87 -2.23 -10.00
N PRO F 296 34.78 -0.97 -10.42
CA PRO F 296 33.61 -0.37 -11.10
C PRO F 296 32.88 -1.32 -12.03
N PRO F 297 31.60 -1.59 -11.76
CA PRO F 297 30.83 -2.49 -12.62
C PRO F 297 30.85 -2.00 -14.06
N ILE F 298 31.05 -2.95 -14.97
CA ILE F 298 31.11 -2.65 -16.40
C ILE F 298 29.76 -2.09 -16.83
N PHE F 299 28.71 -2.81 -16.45
CA PHE F 299 27.36 -2.42 -16.79
C PHE F 299 26.65 -1.74 -15.66
N PRO F 300 26.20 -0.50 -15.90
CA PRO F 300 25.49 0.30 -14.92
C PRO F 300 24.26 -0.47 -14.40
N PRO F 301 24.18 -0.69 -13.08
CA PRO F 301 23.07 -1.41 -12.45
C PRO F 301 21.72 -0.80 -12.80
N ASN F 302 20.65 -1.53 -12.54
CA ASN F 302 19.32 -1.05 -12.90
C ASN F 302 18.26 -1.28 -11.83
N ASP F 303 18.68 -1.76 -10.67
CA ASP F 303 17.74 -2.04 -9.57
C ASP F 303 17.90 -1.05 -8.42
N ARG F 304 16.76 -0.73 -7.81
CA ARG F 304 16.71 0.21 -6.70
C ARG F 304 17.83 -0.02 -5.70
N ASP F 305 17.87 -1.24 -5.17
CA ASP F 305 18.85 -1.65 -4.18
C ASP F 305 20.28 -1.28 -4.52
N SER F 306 20.71 -1.62 -5.73
CA SER F 306 22.07 -1.32 -6.17
C SER F 306 22.39 0.17 -6.10
N ILE F 307 21.63 0.96 -6.83
CA ILE F 307 21.79 2.43 -6.89
C ILE F 307 21.80 3.00 -5.48
N LEU F 308 20.78 2.62 -4.72
CA LEU F 308 20.61 3.04 -3.34
C LEU F 308 21.91 2.78 -2.58
N THR F 309 22.25 1.51 -2.44
CA THR F 309 23.45 1.05 -1.74
C THR F 309 24.67 1.88 -2.04
N LEU F 310 24.85 2.21 -3.31
CA LEU F 310 25.97 3.00 -3.78
C LEU F 310 25.94 4.39 -3.15
N LEU F 311 24.79 5.04 -3.25
CA LEU F 311 24.60 6.37 -2.69
C LEU F 311 24.92 6.41 -1.21
N LEU F 312 24.35 5.46 -0.48
CA LEU F 312 24.56 5.32 0.96
C LEU F 312 26.04 5.14 1.26
N LEU F 313 26.63 4.15 0.59
CA LEU F 313 28.04 3.86 0.76
C LEU F 313 28.92 5.05 0.40
N SER F 314 28.49 5.79 -0.61
CA SER F 314 29.21 6.98 -1.08
C SER F 314 29.23 8.02 0.03
N THR F 315 28.06 8.25 0.62
CA THR F 315 27.93 9.23 1.69
C THR F 315 28.70 8.75 2.93
N LEU F 316 28.53 7.48 3.27
CA LEU F 316 29.21 6.88 4.41
C LEU F 316 30.72 6.97 4.22
N ALA F 317 31.14 7.11 2.97
CA ALA F 317 32.55 7.25 2.65
C ALA F 317 32.97 8.62 3.14
N ASP F 318 32.21 9.65 2.77
CA ASP F 318 32.51 11.02 3.18
C ASP F 318 32.50 11.14 4.71
N VAL F 319 31.59 10.41 5.34
CA VAL F 319 31.49 10.41 6.79
C VAL F 319 32.81 9.88 7.35
N TYR F 320 33.32 8.80 6.75
CA TYR F 320 34.59 8.20 7.13
C TYR F 320 35.69 9.26 7.01
N THR F 321 35.60 10.07 5.96
CA THR F 321 36.54 11.12 5.67
C THR F 321 36.57 12.17 6.79
N VAL F 322 35.40 12.72 7.12
CA VAL F 322 35.33 13.75 8.17
C VAL F 322 35.61 13.24 9.58
N LEU F 323 35.09 12.05 9.89
CA LEU F 323 35.26 11.47 11.20
C LEU F 323 36.62 10.91 11.54
N ARG F 324 37.34 10.42 10.53
CA ARG F 324 38.67 9.85 10.75
C ARG F 324 38.62 8.64 11.71
N PRO F 325 37.58 7.77 11.61
CA PRO F 325 37.52 6.63 12.53
C PRO F 325 38.68 5.65 12.39
N GLU F 326 39.09 5.06 13.50
CA GLU F 326 40.18 4.09 13.50
C GLU F 326 39.78 2.83 14.22
N PHE F 327 39.70 1.74 13.48
CA PHE F 327 39.35 0.45 14.07
C PHE F 327 39.91 -0.70 13.23
N ALA F 328 39.75 -1.92 13.75
CA ALA F 328 40.28 -3.09 13.08
C ALA F 328 39.25 -3.89 12.29
N MET F 329 39.76 -4.78 11.46
CA MET F 329 38.95 -5.67 10.63
C MET F 329 39.68 -6.97 10.40
N HIS F 330 38.94 -8.06 10.39
CA HIS F 330 39.52 -9.38 10.17
C HIS F 330 40.11 -9.45 8.78
N GLY F 331 41.41 -9.68 8.71
CA GLY F 331 42.10 -9.78 7.44
C GLY F 331 42.68 -8.47 6.90
N VAL F 332 42.52 -7.39 7.65
CA VAL F 332 43.05 -6.10 7.22
C VAL F 332 44.29 -5.74 8.03
N ASN F 333 45.36 -5.38 7.32
CA ASN F 333 46.59 -5.00 7.97
C ASN F 333 47.06 -3.64 7.48
N PRO F 334 46.78 -2.60 8.28
CA PRO F 334 47.12 -1.20 8.02
C PRO F 334 48.61 -0.88 7.93
N MET F 335 49.02 -0.35 6.78
CA MET F 335 50.39 0.05 6.55
C MET F 335 50.39 1.55 6.88
N PRO F 336 51.03 1.96 7.99
CA PRO F 336 51.11 3.35 8.46
C PRO F 336 51.84 4.38 7.59
N GLY F 337 52.70 3.90 6.68
CA GLY F 337 53.44 4.81 5.80
C GLY F 337 52.51 5.79 5.10
N PRO F 338 52.93 7.06 4.91
CA PRO F 338 52.20 8.16 4.27
C PRO F 338 51.12 7.83 3.22
N LEU F 339 51.26 6.70 2.54
CA LEU F 339 50.32 6.23 1.51
C LEU F 339 50.54 6.85 0.14
N THR F 340 50.90 6.00 -0.83
CA THR F 340 51.15 6.44 -2.20
C THR F 340 50.28 5.69 -3.19
N ALA F 341 50.19 6.22 -4.41
CA ALA F 341 49.40 5.60 -5.48
C ALA F 341 49.83 4.16 -5.61
N ALA F 342 51.10 3.90 -5.33
CA ALA F 342 51.68 2.57 -5.40
C ALA F 342 51.01 1.61 -4.41
N ILE F 343 51.00 2.00 -3.14
CA ILE F 343 50.40 1.19 -2.08
C ILE F 343 48.93 0.92 -2.39
N ALA F 344 48.26 1.92 -2.95
CA ALA F 344 46.85 1.81 -3.31
C ALA F 344 46.62 0.78 -4.41
N ARG F 345 47.39 0.92 -5.49
CA ARG F 345 47.33 0.01 -6.64
C ARG F 345 47.34 -1.44 -6.14
N ALA F 346 48.35 -1.76 -5.34
CA ALA F 346 48.55 -3.09 -4.78
C ALA F 346 47.36 -3.65 -4.02
N ALA F 347 46.64 -2.78 -3.32
CA ALA F 347 45.48 -3.19 -2.52
C ALA F 347 44.36 -3.86 -3.31
N TYR F 348 44.14 -3.42 -4.55
CA TYR F 348 43.09 -3.99 -5.39
C TYR F 348 43.41 -5.37 -5.96
N VAL F 349 43.36 -6.38 -5.10
CA VAL F 349 43.64 -7.78 -5.43
C VAL F 349 45.01 -7.96 -6.08
N MET G 1 10.99 37.42 -11.74
CA MET G 1 10.67 36.32 -12.69
C MET G 1 11.43 35.03 -12.34
N ASP G 2 12.73 35.13 -12.15
CA ASP G 2 13.57 34.00 -11.79
C ASP G 2 13.11 33.53 -10.40
N THR G 3 12.91 34.52 -9.52
CA THR G 3 12.46 34.31 -8.15
C THR G 3 11.21 33.45 -8.10
N ILE G 4 10.30 33.69 -9.04
CA ILE G 4 9.05 32.95 -9.14
C ILE G 4 9.32 31.48 -9.37
N ALA G 5 10.23 31.20 -10.30
CA ALA G 5 10.61 29.83 -10.64
C ALA G 5 11.27 29.15 -9.45
N ALA G 6 12.14 29.88 -8.76
CA ALA G 6 12.82 29.35 -7.59
C ALA G 6 11.78 28.94 -6.55
N ARG G 7 10.81 29.82 -6.31
CA ARG G 7 9.73 29.58 -5.35
C ARG G 7 8.95 28.33 -5.73
N ALA G 8 8.50 28.30 -6.99
CA ALA G 8 7.74 27.18 -7.52
C ALA G 8 8.52 25.89 -7.32
N LEU G 9 9.81 25.95 -7.63
CA LEU G 9 10.69 24.80 -7.50
C LEU G 9 10.74 24.34 -6.04
N THR G 10 10.98 25.29 -5.14
CA THR G 10 11.07 25.04 -3.71
C THR G 10 9.84 24.29 -3.20
N VAL G 11 8.67 24.84 -3.52
CA VAL G 11 7.39 24.26 -3.14
C VAL G 11 7.27 22.81 -3.59
N MET G 12 7.58 22.55 -4.87
CA MET G 12 7.51 21.20 -5.42
C MET G 12 8.45 20.29 -4.65
N ARG G 13 9.72 20.68 -4.60
CA ARG G 13 10.76 19.92 -3.91
C ARG G 13 10.33 19.64 -2.47
N ALA G 14 9.53 20.54 -1.92
CA ALA G 14 9.02 20.42 -0.56
C ALA G 14 7.91 19.38 -0.46
N CYS G 15 6.98 19.42 -1.41
CA CYS G 15 5.87 18.47 -1.44
C CYS G 15 6.45 17.09 -1.69
N ALA G 16 7.60 17.07 -2.35
CA ALA G 16 8.30 15.84 -2.67
C ALA G 16 8.69 15.10 -1.40
N THR G 17 8.78 15.85 -0.31
CA THR G 17 9.15 15.32 0.99
C THR G 17 8.06 14.45 1.61
N LEU G 18 6.83 14.58 1.13
CA LEU G 18 5.72 13.81 1.68
C LEU G 18 5.51 12.39 1.13
N GLN G 19 6.35 11.46 1.56
CA GLN G 19 6.21 10.06 1.15
C GLN G 19 5.06 9.53 1.99
N GLU G 20 5.23 9.62 3.30
CA GLU G 20 4.21 9.18 4.24
C GLU G 20 3.52 10.43 4.80
N ALA G 21 2.48 10.24 5.60
CA ALA G 21 1.74 11.35 6.18
C ALA G 21 1.89 11.44 7.69
N ARG G 22 2.18 10.30 8.32
CA ARG G 22 2.32 10.25 9.77
C ARG G 22 3.57 10.99 10.26
N ILE G 23 4.69 10.76 9.57
CA ILE G 23 5.98 11.38 9.88
C ILE G 23 6.03 12.80 10.43
N VAL G 24 7.12 13.09 11.13
CA VAL G 24 7.37 14.42 11.70
C VAL G 24 8.19 15.15 10.64
N LEU G 25 8.01 16.45 10.55
CA LEU G 25 8.72 17.22 9.53
C LEU G 25 9.87 18.08 9.98
N GLU G 26 10.77 18.36 9.04
CA GLU G 26 11.89 19.24 9.30
C GLU G 26 11.19 20.58 9.36
N ALA G 27 11.18 21.20 10.54
CA ALA G 27 10.52 22.48 10.76
C ALA G 27 10.61 23.42 9.58
N ASN G 28 11.78 23.43 8.95
CA ASN G 28 12.03 24.27 7.78
C ASN G 28 10.94 24.03 6.71
N VAL G 29 10.67 22.76 6.44
CA VAL G 29 9.65 22.36 5.47
C VAL G 29 8.27 22.91 5.82
N MET G 30 7.82 22.57 7.02
CA MET G 30 6.52 23.01 7.52
C MET G 30 6.29 24.48 7.26
N GLU G 31 7.28 25.29 7.58
CA GLU G 31 7.18 26.73 7.39
C GLU G 31 6.83 27.07 5.95
N ILE G 32 7.51 26.40 5.02
CA ILE G 32 7.28 26.61 3.59
C ILE G 32 5.84 26.28 3.24
N LEU G 33 5.51 24.99 3.25
CA LEU G 33 4.19 24.50 2.93
C LEU G 33 3.07 25.27 3.61
N GLY G 34 3.31 25.66 4.86
CA GLY G 34 2.34 26.42 5.61
C GLY G 34 1.95 27.71 4.93
N ILE G 35 2.97 28.52 4.62
CA ILE G 35 2.77 29.80 3.94
C ILE G 35 2.23 29.55 2.53
N ALA G 36 2.87 28.60 1.86
CA ALA G 36 2.52 28.21 0.50
C ALA G 36 1.05 27.84 0.38
N ILE G 37 0.71 26.63 0.83
CA ILE G 37 -0.66 26.13 0.77
C ILE G 37 -1.69 27.13 1.27
N ASN G 38 -1.34 27.90 2.29
CA ASN G 38 -2.23 28.92 2.81
C ASN G 38 -2.61 29.88 1.70
N ARG G 39 -1.61 30.60 1.17
CA ARG G 39 -1.82 31.56 0.09
C ARG G 39 -2.43 30.90 -1.14
N TYR G 40 -2.04 29.66 -1.40
CA TYR G 40 -2.54 28.92 -2.55
C TYR G 40 -4.05 28.70 -2.46
N ASN G 41 -4.52 28.07 -1.39
CA ASN G 41 -5.95 27.83 -1.22
C ASN G 41 -6.67 29.16 -1.14
N GLY G 42 -5.98 30.18 -0.63
CA GLY G 42 -6.56 31.50 -0.50
C GLY G 42 -7.03 32.08 -1.83
N LEU G 43 -6.21 31.94 -2.86
CA LEU G 43 -6.54 32.45 -4.18
C LEU G 43 -7.13 31.39 -5.09
N THR G 44 -6.77 30.14 -4.86
CA THR G 44 -7.22 29.01 -5.68
C THR G 44 -8.54 28.39 -5.21
N LEU G 45 -8.86 28.60 -3.94
CA LEU G 45 -10.07 28.09 -3.33
C LEU G 45 -10.18 26.57 -3.32
N ARG G 46 -9.09 25.89 -3.63
CA ARG G 46 -9.07 24.43 -3.60
C ARG G 46 -8.76 24.00 -2.17
N GLY G 47 -8.84 22.70 -1.90
CA GLY G 47 -8.60 22.23 -0.55
C GLY G 47 -7.35 21.39 -0.40
N VAL G 48 -6.18 22.02 -0.47
CA VAL G 48 -4.92 21.28 -0.32
C VAL G 48 -4.51 21.23 1.15
N THR G 49 -4.19 20.02 1.62
CA THR G 49 -3.79 19.84 3.01
C THR G 49 -2.30 19.62 3.08
N MET G 50 -1.69 20.17 4.12
CA MET G 50 -0.25 20.00 4.33
C MET G 50 -0.03 18.55 4.67
N ARG G 51 -1.03 17.95 5.30
CA ARG G 51 -0.98 16.56 5.70
C ARG G 51 -2.04 15.73 4.96
N PRO G 52 -1.67 15.17 3.78
CA PRO G 52 -2.54 14.35 2.93
C PRO G 52 -2.68 12.92 3.45
N THR G 53 -3.74 12.24 3.04
CA THR G 53 -3.98 10.86 3.48
C THR G 53 -4.84 10.05 2.51
N SER G 54 -5.91 10.68 2.03
CA SER G 54 -6.87 10.04 1.12
C SER G 54 -6.29 9.64 -0.24
N LEU G 55 -6.37 10.56 -1.18
CA LEU G 55 -5.90 10.36 -2.53
C LEU G 55 -6.26 11.66 -3.17
N ALA G 56 -7.55 12.00 -3.09
CA ALA G 56 -8.02 13.27 -3.63
C ALA G 56 -7.21 14.39 -3.00
N GLN G 57 -6.73 14.15 -1.77
CA GLN G 57 -5.92 15.14 -1.06
C GLN G 57 -4.54 15.18 -1.68
N ARG G 58 -4.08 14.02 -2.13
CA ARG G 58 -2.79 13.89 -2.79
C ARG G 58 -2.83 14.52 -4.18
N ASN G 59 -3.88 14.19 -4.94
CA ASN G 59 -4.08 14.71 -6.28
C ASN G 59 -4.13 16.23 -6.18
N GLU G 60 -4.97 16.71 -5.26
CA GLU G 60 -5.16 18.13 -5.02
C GLU G 60 -3.84 18.85 -4.89
N MET G 61 -2.91 18.23 -4.14
CA MET G 61 -1.59 18.79 -3.95
C MET G 61 -0.79 18.75 -5.25
N PHE G 62 -0.85 17.61 -5.93
CA PHE G 62 -0.13 17.45 -7.18
C PHE G 62 -0.59 18.49 -8.19
N PHE G 63 -1.89 18.75 -8.19
CA PHE G 63 -2.50 19.74 -9.07
C PHE G 63 -1.93 21.11 -8.77
N MET G 64 -1.65 21.35 -7.49
CA MET G 64 -1.06 22.60 -7.06
C MET G 64 0.34 22.71 -7.66
N CYS G 65 1.14 21.65 -7.47
CA CYS G 65 2.51 21.58 -8.00
C CYS G 65 2.50 21.74 -9.51
N LEU G 66 1.49 21.18 -10.14
CA LEU G 66 1.34 21.25 -11.58
C LEU G 66 1.08 22.71 -11.94
N ASP G 67 0.07 23.30 -11.30
CA ASP G 67 -0.32 24.68 -11.51
C ASP G 67 0.88 25.61 -11.46
N MET G 68 1.69 25.43 -10.41
CA MET G 68 2.89 26.23 -10.19
C MET G 68 3.94 25.92 -11.24
N MET G 69 4.26 24.64 -11.41
CA MET G 69 5.25 24.19 -12.39
C MET G 69 4.98 24.87 -13.73
N LEU G 70 3.71 24.94 -14.09
CA LEU G 70 3.30 25.56 -15.34
C LEU G 70 3.44 27.07 -15.32
N SER G 71 2.88 27.71 -14.29
CA SER G 71 2.95 29.17 -14.17
C SER G 71 4.40 29.63 -14.22
N ALA G 72 5.28 28.83 -13.63
CA ALA G 72 6.71 29.11 -13.58
C ALA G 72 7.31 29.04 -14.98
N ALA G 73 6.99 27.97 -15.72
CA ALA G 73 7.49 27.79 -17.07
C ALA G 73 6.77 28.70 -18.07
N GLY G 74 5.75 29.42 -17.60
CA GLY G 74 4.99 30.33 -18.44
C GLY G 74 4.22 29.55 -19.50
N ILE G 75 3.64 28.44 -19.08
CA ILE G 75 2.88 27.57 -19.98
C ILE G 75 1.39 27.54 -19.68
N ASN G 76 0.61 27.30 -20.73
CA ASN G 76 -0.83 27.19 -20.64
C ASN G 76 -1.19 25.99 -21.52
N VAL G 77 -1.32 24.83 -20.88
CA VAL G 77 -1.65 23.58 -21.58
C VAL G 77 -3.09 23.45 -22.05
N GLY G 78 -3.98 24.25 -21.46
CA GLY G 78 -5.39 24.22 -21.84
C GLY G 78 -6.14 23.01 -21.32
N PRO G 79 -7.26 22.63 -21.98
CA PRO G 79 -8.09 21.49 -21.58
C PRO G 79 -7.44 20.17 -21.94
N ILE G 80 -6.71 19.60 -20.98
CA ILE G 80 -6.06 18.32 -21.22
C ILE G 80 -6.57 17.23 -20.29
N SER G 81 -7.45 17.62 -19.37
CA SER G 81 -8.04 16.68 -18.42
C SER G 81 -9.36 17.19 -17.89
N PRO G 82 -10.31 16.27 -17.65
CA PRO G 82 -11.65 16.60 -17.13
C PRO G 82 -11.56 16.82 -15.62
N ASP G 83 -10.51 16.25 -15.02
CA ASP G 83 -10.25 16.32 -13.59
C ASP G 83 -9.49 17.61 -13.22
N TYR G 84 -8.47 17.93 -14.00
CA TYR G 84 -7.65 19.11 -13.74
C TYR G 84 -8.02 20.35 -14.55
N THR G 85 -7.89 21.49 -13.89
CA THR G 85 -8.16 22.79 -14.48
C THR G 85 -7.08 23.71 -13.95
N GLN G 86 -6.31 24.28 -14.87
CA GLN G 86 -5.21 25.18 -14.53
C GLN G 86 -5.72 26.56 -14.12
N HIS G 87 -5.33 27.02 -12.93
CA HIS G 87 -5.74 28.34 -12.45
C HIS G 87 -4.61 29.31 -12.71
N MET G 88 -4.87 30.27 -13.60
CA MET G 88 -3.88 31.28 -13.95
C MET G 88 -3.50 32.08 -12.71
N ALA G 89 -4.39 32.07 -11.71
CA ALA G 89 -4.19 32.78 -10.46
C ALA G 89 -2.93 32.32 -9.73
N THR G 90 -2.49 31.10 -10.03
CA THR G 90 -1.30 30.50 -9.42
C THR G 90 -0.08 31.42 -9.49
N ILE G 91 0.04 32.15 -10.59
CA ILE G 91 1.14 33.08 -10.78
C ILE G 91 1.12 34.15 -9.67
N GLY G 92 -0.08 34.65 -9.36
CA GLY G 92 -0.24 35.66 -8.33
C GLY G 92 0.25 35.18 -6.97
N VAL G 93 0.23 33.86 -6.79
CA VAL G 93 0.67 33.25 -5.55
C VAL G 93 2.19 33.29 -5.50
N LEU G 94 2.82 32.78 -6.56
CA LEU G 94 4.28 32.73 -6.65
C LEU G 94 4.96 34.10 -6.69
N ALA G 95 4.18 35.15 -6.96
CA ALA G 95 4.69 36.52 -7.01
C ALA G 95 4.66 37.17 -5.63
N THR G 96 4.02 36.48 -4.68
CA THR G 96 3.91 36.95 -3.30
C THR G 96 5.26 36.81 -2.62
N PRO G 97 5.90 37.95 -2.28
CA PRO G 97 7.21 38.00 -1.63
C PRO G 97 7.29 37.24 -0.30
N GLU G 98 6.13 37.03 0.32
CA GLU G 98 6.04 36.31 1.59
C GLU G 98 6.51 34.86 1.45
N ILE G 99 6.27 34.27 0.28
CA ILE G 99 6.67 32.90 0.01
C ILE G 99 8.18 32.78 -0.18
N PRO G 100 8.81 31.90 0.60
CA PRO G 100 10.25 31.68 0.54
C PRO G 100 10.66 30.71 -0.57
N PHE G 101 11.97 30.61 -0.78
CA PHE G 101 12.55 29.72 -1.78
C PHE G 101 13.96 29.38 -1.30
N THR G 102 14.25 28.09 -1.16
CA THR G 102 15.56 27.65 -0.68
C THR G 102 16.76 28.35 -1.31
N THR G 103 17.85 28.42 -0.55
CA THR G 103 19.10 29.03 -1.02
C THR G 103 19.47 28.23 -2.26
N GLU G 104 19.36 26.91 -2.16
CA GLU G 104 19.66 25.99 -3.24
C GLU G 104 18.94 26.37 -4.53
N ALA G 105 17.62 26.53 -4.44
CA ALA G 105 16.81 26.90 -5.60
C ALA G 105 17.25 28.19 -6.26
N ALA G 106 17.59 29.19 -5.44
CA ALA G 106 18.02 30.49 -5.94
C ALA G 106 19.27 30.34 -6.80
N ASN G 107 20.26 29.62 -6.26
CA ASN G 107 21.52 29.36 -6.96
C ASN G 107 21.28 28.51 -8.21
N GLU G 108 20.29 27.62 -8.14
CA GLU G 108 19.94 26.76 -9.25
C GLU G 108 19.49 27.64 -10.43
N ILE G 109 18.59 28.56 -10.15
CA ILE G 109 18.07 29.48 -11.17
C ILE G 109 19.18 30.39 -11.68
N ALA G 110 19.86 31.04 -10.74
CA ALA G 110 20.96 31.96 -11.05
C ALA G 110 21.96 31.35 -12.03
N ARG G 111 22.26 30.07 -11.85
CA ARG G 111 23.19 29.36 -12.72
C ARG G 111 22.60 29.27 -14.13
N VAL G 112 21.35 28.82 -14.24
CA VAL G 112 20.67 28.69 -15.51
C VAL G 112 20.67 30.01 -16.27
N THR G 113 20.06 31.03 -15.66
CA THR G 113 20.00 32.37 -16.26
C THR G 113 21.40 32.85 -16.56
N GLY G 114 22.35 32.43 -15.74
CA GLY G 114 23.75 32.80 -15.92
C GLY G 114 24.36 32.37 -17.24
N GLU G 115 24.59 31.07 -17.41
CA GLU G 115 25.18 30.52 -18.64
C GLU G 115 24.30 30.74 -19.86
N THR G 116 22.99 30.65 -19.65
CA THR G 116 22.01 30.83 -20.71
C THR G 116 22.14 32.18 -21.41
N SER G 117 22.54 33.20 -20.67
CA SER G 117 22.68 34.54 -21.21
C SER G 117 24.05 34.85 -21.85
N THR G 118 24.99 33.92 -21.74
CA THR G 118 26.32 34.12 -22.33
C THR G 118 26.85 32.81 -22.94
N TRP G 119 28.08 32.84 -23.44
CA TRP G 119 28.70 31.68 -24.07
C TRP G 119 29.94 31.24 -23.31
N GLY G 120 30.47 30.08 -23.71
CA GLY G 120 31.66 29.55 -23.07
C GLY G 120 32.22 28.35 -23.83
N PRO G 121 33.55 28.14 -23.77
CA PRO G 121 34.24 27.03 -24.44
C PRO G 121 33.86 25.67 -23.89
N ALA G 122 33.34 24.80 -24.76
CA ALA G 122 32.92 23.47 -24.36
C ALA G 122 33.40 22.37 -25.30
N ARG G 123 33.87 21.26 -24.71
CA ARG G 123 34.34 20.10 -25.47
C ARG G 123 33.17 19.59 -26.30
N GLN G 124 33.26 19.73 -27.61
CA GLN G 124 32.18 19.26 -28.47
C GLN G 124 31.99 17.75 -28.41
N PRO G 125 30.74 17.29 -28.54
CA PRO G 125 30.28 15.90 -28.49
C PRO G 125 30.76 14.90 -29.54
N TYR G 126 30.56 15.22 -30.81
CA TYR G 126 30.93 14.30 -31.89
C TYR G 126 32.21 14.69 -32.63
N GLY G 127 32.73 13.76 -33.43
CA GLY G 127 33.94 13.99 -34.20
C GLY G 127 33.89 15.27 -35.02
N PHE G 128 35.06 15.77 -35.40
CA PHE G 128 35.14 17.01 -36.19
C PHE G 128 34.50 16.88 -37.57
N PHE G 129 35.00 15.92 -38.35
CA PHE G 129 34.52 15.66 -39.69
C PHE G 129 33.30 14.76 -39.69
N LEU G 130 32.24 15.22 -39.01
CA LEU G 130 31.02 14.44 -38.94
C LEU G 130 30.09 14.79 -40.09
N GLU G 131 29.86 16.08 -40.30
CA GLU G 131 28.96 16.55 -41.35
C GLU G 131 29.60 16.57 -42.74
N THR G 132 30.32 15.50 -43.07
CA THR G 132 30.97 15.36 -44.38
C THR G 132 30.24 14.39 -45.30
N GLU G 133 30.20 14.73 -46.59
CA GLU G 133 29.55 13.90 -47.60
C GLU G 133 30.48 12.85 -48.17
N GLU G 134 31.72 13.24 -48.44
CA GLU G 134 32.71 12.34 -49.02
C GLU G 134 33.79 11.92 -48.04
N THR G 135 34.07 10.61 -48.02
CA THR G 135 35.09 10.03 -47.14
C THR G 135 35.94 9.03 -47.95
N PHE G 136 37.21 8.93 -47.61
CA PHE G 136 38.12 8.04 -48.32
C PHE G 136 38.56 6.84 -47.48
N GLN G 137 39.14 5.84 -48.14
CA GLN G 137 39.63 4.65 -47.44
C GLN G 137 40.87 4.98 -46.64
N PRO G 138 40.93 4.51 -45.39
CA PRO G 138 42.04 4.71 -44.45
C PRO G 138 43.27 3.89 -44.79
N GLY G 139 44.39 4.58 -44.99
CA GLY G 139 45.64 3.92 -45.31
C GLY G 139 45.89 3.75 -46.80
N ARG G 140 45.07 4.37 -47.64
CA ARG G 140 45.24 4.26 -49.08
C ARG G 140 45.75 5.55 -49.73
N TRP G 141 46.66 5.39 -50.68
CA TRP G 141 47.24 6.51 -51.40
C TRP G 141 46.22 7.16 -52.33
N PHE G 142 46.31 8.48 -52.44
CA PHE G 142 45.46 9.25 -53.31
C PHE G 142 46.12 10.61 -53.50
N MET G 143 46.34 10.97 -54.76
CA MET G 143 46.98 12.23 -55.09
C MET G 143 46.16 12.99 -56.13
N ARG G 144 45.53 14.07 -55.71
CA ARG G 144 44.71 14.88 -56.60
C ARG G 144 45.66 15.43 -57.67
N ALA G 145 45.28 15.29 -58.93
CA ALA G 145 46.08 15.73 -60.08
C ALA G 145 46.71 17.11 -59.93
N ALA G 146 48.01 17.18 -60.24
CA ALA G 146 48.83 18.40 -60.18
C ALA G 146 49.39 18.78 -58.81
N GLN G 147 48.93 18.11 -57.76
CA GLN G 147 49.41 18.40 -56.41
C GLN G 147 50.48 17.41 -55.94
N ALA G 148 51.30 17.85 -54.99
CA ALA G 148 52.37 17.03 -54.43
C ALA G 148 52.00 16.49 -53.05
N ALA G 149 51.08 17.20 -52.39
CA ALA G 149 50.59 16.83 -51.07
C ALA G 149 49.06 16.92 -51.14
N THR G 150 48.38 15.81 -50.82
CA THR G 150 46.92 15.77 -50.86
C THR G 150 46.26 15.32 -49.56
N ALA G 151 45.77 16.29 -48.80
CA ALA G 151 45.10 16.04 -47.53
C ALA G 151 43.68 15.61 -47.85
N VAL G 152 43.19 14.60 -47.13
CA VAL G 152 41.85 14.11 -47.35
C VAL G 152 41.24 13.41 -46.15
N VAL G 153 39.94 13.60 -45.95
CA VAL G 153 39.21 13.00 -44.82
C VAL G 153 39.07 11.48 -45.02
N CYS G 154 39.13 10.74 -43.92
CA CYS G 154 39.00 9.28 -43.99
C CYS G 154 38.34 8.76 -42.71
N GLY G 155 37.63 9.66 -42.03
CA GLY G 155 36.96 9.33 -40.79
C GLY G 155 36.19 10.52 -40.24
N PRO G 156 35.39 10.32 -39.18
CA PRO G 156 34.62 11.40 -38.55
C PRO G 156 35.50 12.34 -37.73
N ASP G 157 36.70 11.88 -37.43
CA ASP G 157 37.66 12.63 -36.63
C ASP G 157 39.05 12.32 -37.19
N MET G 158 39.09 11.95 -38.46
CA MET G 158 40.35 11.57 -39.08
C MET G 158 40.59 12.10 -40.48
N ILE G 159 41.86 12.39 -40.76
CA ILE G 159 42.31 12.83 -42.07
C ILE G 159 43.65 12.17 -42.31
N GLN G 160 44.07 12.14 -43.57
CA GLN G 160 45.33 11.54 -43.97
C GLN G 160 45.89 12.29 -45.17
N VAL G 161 47.15 12.66 -45.07
CA VAL G 161 47.80 13.41 -46.13
C VAL G 161 48.73 12.51 -46.96
N SER G 162 48.65 12.68 -48.28
CA SER G 162 49.47 11.92 -49.21
C SER G 162 50.59 12.81 -49.75
N LEU G 163 51.83 12.51 -49.33
CA LEU G 163 53.01 13.26 -49.75
C LEU G 163 53.91 12.49 -50.71
N ASN G 164 54.45 13.20 -51.68
CA ASN G 164 55.38 12.60 -52.65
C ASN G 164 56.76 12.75 -52.04
N ALA G 165 57.72 11.94 -52.48
CA ALA G 165 59.08 12.01 -51.95
C ALA G 165 59.65 13.43 -52.10
N GLY G 166 59.82 14.12 -50.97
CA GLY G 166 60.35 15.48 -51.01
C GLY G 166 59.32 16.60 -51.11
N ALA G 167 58.05 16.27 -50.93
CA ALA G 167 56.98 17.26 -50.99
C ALA G 167 56.65 17.90 -49.64
N ARG G 168 56.05 19.08 -49.69
CA ARG G 168 55.67 19.82 -48.49
C ARG G 168 54.46 20.69 -48.79
N GLY G 169 53.76 21.15 -47.74
CA GLY G 169 52.60 21.99 -47.95
C GLY G 169 51.68 22.17 -46.76
N ASP G 170 50.98 23.30 -46.74
CA ASP G 170 50.03 23.63 -45.70
C ASP G 170 48.82 22.70 -45.85
N VAL G 171 48.06 22.51 -44.78
CA VAL G 171 46.90 21.62 -44.80
C VAL G 171 45.63 22.24 -44.20
N GLN G 172 45.81 23.25 -43.35
CA GLN G 172 44.71 23.94 -42.67
C GLN G 172 43.35 24.08 -43.36
N GLN G 173 43.35 24.34 -44.66
CA GLN G 173 42.10 24.51 -45.40
C GLN G 173 41.11 23.33 -45.35
N ILE G 174 41.61 22.13 -45.08
CA ILE G 174 40.75 20.94 -45.00
C ILE G 174 39.85 21.02 -43.76
N PHE G 175 40.31 21.74 -42.75
CA PHE G 175 39.57 21.92 -41.49
C PHE G 175 38.65 23.14 -41.53
N GLN G 176 39.18 24.26 -42.02
CA GLN G 176 38.47 25.52 -42.08
C GLN G 176 37.13 25.50 -42.82
N GLY G 177 36.28 26.47 -42.49
CA GLY G 177 34.96 26.57 -43.11
C GLY G 177 33.89 25.81 -42.35
N ARG G 178 34.32 24.78 -41.61
CA ARG G 178 33.41 23.96 -40.83
C ARG G 178 33.36 24.44 -39.38
N ASN G 179 32.17 24.39 -38.79
CA ASN G 179 31.95 24.81 -37.40
C ASN G 179 32.49 26.23 -37.13
N ASP G 180 33.02 26.43 -35.92
CA ASP G 180 33.61 27.69 -35.48
C ASP G 180 34.45 27.36 -34.26
N PRO G 181 35.41 26.42 -34.40
CA PRO G 181 36.27 26.04 -33.28
C PRO G 181 37.15 27.18 -32.76
N MET G 182 37.61 27.02 -31.52
CA MET G 182 38.45 28.00 -30.88
C MET G 182 39.82 27.36 -30.67
N MET G 183 39.80 26.04 -30.59
CA MET G 183 41.01 25.25 -30.38
C MET G 183 40.71 23.81 -30.79
N ILE G 184 41.64 23.23 -31.55
CA ILE G 184 41.51 21.87 -32.02
C ILE G 184 42.74 21.09 -31.58
N TYR G 185 42.49 20.07 -30.77
CA TYR G 185 43.53 19.23 -30.23
C TYR G 185 43.86 18.11 -31.20
N LEU G 186 45.07 18.16 -31.73
CA LEU G 186 45.55 17.20 -32.71
C LEU G 186 46.63 16.25 -32.22
N VAL G 187 46.79 15.16 -32.95
CA VAL G 187 47.80 14.14 -32.67
C VAL G 187 48.04 13.35 -33.95
N TRP G 188 49.21 13.57 -34.56
CA TRP G 188 49.54 12.89 -35.81
C TRP G 188 50.45 11.68 -35.64
N ARG G 189 50.24 10.70 -36.52
CA ARG G 189 51.01 9.47 -36.52
C ARG G 189 51.40 9.14 -37.96
N ARG G 190 52.51 8.43 -38.11
CA ARG G 190 53.01 8.03 -39.42
C ARG G 190 52.35 6.74 -39.87
N ILE G 191 51.68 6.76 -41.02
CA ILE G 191 51.05 5.55 -41.55
C ILE G 191 52.19 4.69 -42.09
N GLU G 192 52.76 3.90 -41.18
CA GLU G 192 53.90 3.02 -41.47
C GLU G 192 53.70 1.96 -42.56
N ASN G 193 52.45 1.64 -42.88
CA ASN G 193 52.16 0.62 -43.89
C ASN G 193 50.85 0.89 -44.62
N PHE G 194 50.93 1.63 -45.72
CA PHE G 194 49.74 1.96 -46.49
C PHE G 194 49.70 1.31 -47.87
N ALA G 195 48.52 1.32 -48.48
CA ALA G 195 48.32 0.74 -49.81
C ALA G 195 48.54 1.80 -50.88
N MET G 196 49.15 1.38 -51.99
CA MET G 196 49.39 2.29 -53.12
C MET G 196 48.21 2.20 -54.07
N ALA G 197 48.06 3.21 -54.92
CA ALA G 197 46.96 3.27 -55.89
C ALA G 197 46.67 1.94 -56.57
N GLN G 198 47.72 1.13 -56.74
CA GLN G 198 47.59 -0.18 -57.38
C GLN G 198 47.22 -1.32 -56.43
N GLY G 199 47.64 -1.21 -55.17
CA GLY G 199 47.30 -2.25 -54.20
C GLY G 199 48.48 -2.76 -53.40
N ASN G 200 49.68 -2.43 -53.86
CA ASN G 200 50.91 -2.85 -53.20
C ASN G 200 51.16 -2.13 -51.88
N SER G 201 51.91 -2.77 -50.98
CA SER G 201 52.24 -2.19 -49.68
C SER G 201 53.41 -1.21 -49.75
N GLN G 202 53.29 -0.10 -49.04
CA GLN G 202 54.33 0.94 -49.03
C GLN G 202 54.62 1.44 -47.61
N GLN G 203 55.90 1.67 -47.34
CA GLN G 203 56.34 2.16 -46.03
C GLN G 203 56.61 3.66 -46.01
N THR G 204 56.31 4.29 -44.88
CA THR G 204 56.58 5.71 -44.71
C THR G 204 57.85 5.73 -43.86
N GLN G 205 58.83 6.52 -44.30
CA GLN G 205 60.10 6.58 -43.59
C GLN G 205 60.16 7.61 -42.46
N ALA G 206 60.95 7.28 -41.44
CA ALA G 206 61.15 8.14 -40.28
C ALA G 206 61.91 9.40 -40.68
N GLY G 207 61.26 10.54 -40.52
CA GLY G 207 61.90 11.80 -40.88
C GLY G 207 60.85 12.82 -41.31
N VAL G 208 59.66 12.34 -41.64
CA VAL G 208 58.56 13.20 -42.05
C VAL G 208 58.24 14.09 -40.85
N THR G 209 57.94 15.36 -41.10
CA THR G 209 57.62 16.28 -40.01
C THR G 209 56.35 17.08 -40.21
N VAL G 210 55.84 17.59 -39.09
CA VAL G 210 54.64 18.41 -39.09
C VAL G 210 54.96 19.58 -38.17
N SER G 211 54.72 20.79 -38.67
CA SER G 211 54.98 21.99 -37.90
C SER G 211 53.75 22.88 -37.90
N VAL G 212 53.48 23.47 -36.74
CA VAL G 212 52.35 24.36 -36.59
C VAL G 212 52.89 25.78 -36.47
N GLY G 213 52.33 26.70 -37.26
CA GLY G 213 52.78 28.08 -37.22
C GLY G 213 54.29 28.24 -37.33
N GLY G 214 54.95 27.25 -37.89
CA GLY G 214 56.40 27.30 -38.02
C GLY G 214 57.15 26.36 -37.10
N VAL G 215 56.65 26.18 -35.88
CA VAL G 215 57.31 25.30 -34.92
C VAL G 215 57.05 23.84 -35.21
N ASP G 216 58.10 23.03 -35.11
CA ASP G 216 58.00 21.61 -35.39
C ASP G 216 57.46 20.81 -34.21
N MET G 217 56.44 20.00 -34.47
CA MET G 217 55.79 19.17 -33.46
C MET G 217 56.14 17.69 -33.56
N ARG G 218 56.04 16.99 -32.43
CA ARG G 218 56.31 15.56 -32.36
C ARG G 218 55.12 14.75 -32.83
N ALA G 219 55.34 13.45 -33.05
CA ALA G 219 54.28 12.54 -33.47
C ALA G 219 53.77 11.76 -32.29
N GLY G 220 52.44 11.66 -32.18
CA GLY G 220 51.85 10.93 -31.08
C GLY G 220 51.62 11.76 -29.82
N ARG G 221 51.72 13.08 -29.96
CA ARG G 221 51.50 13.99 -28.83
C ARG G 221 50.35 14.93 -29.17
N ILE G 222 49.56 15.27 -28.18
CA ILE G 222 48.43 16.16 -28.37
C ILE G 222 48.96 17.55 -28.67
N ILE G 223 48.26 18.27 -29.52
CA ILE G 223 48.70 19.59 -29.92
C ILE G 223 47.55 20.59 -29.99
N ALA G 224 47.69 21.67 -29.21
CA ALA G 224 46.69 22.71 -29.18
C ALA G 224 46.85 23.52 -30.45
N TRP G 225 45.89 23.43 -31.34
CA TRP G 225 45.95 24.17 -32.58
C TRP G 225 44.80 25.16 -32.70
N ASP G 226 45.15 26.43 -32.79
CA ASP G 226 44.18 27.51 -32.89
C ASP G 226 43.34 27.51 -34.17
N GLY G 227 43.66 26.60 -35.09
CA GLY G 227 42.91 26.52 -36.34
C GLY G 227 43.26 27.58 -37.36
N GLN G 228 43.99 28.61 -36.94
CA GLN G 228 44.38 29.71 -37.83
C GLN G 228 45.83 29.56 -38.28
N ALA G 229 46.68 29.07 -37.38
CA ALA G 229 48.10 28.90 -37.64
C ALA G 229 48.40 27.99 -38.83
N ALA G 230 49.63 28.10 -39.32
CA ALA G 230 50.08 27.32 -40.46
C ALA G 230 50.33 25.85 -40.13
N LEU G 231 49.42 24.99 -40.58
CA LEU G 231 49.55 23.56 -40.36
C LEU G 231 50.34 23.01 -41.54
N HIS G 232 51.66 23.07 -41.40
CA HIS G 232 52.58 22.65 -42.46
C HIS G 232 53.17 21.26 -42.26
N VAL G 233 53.09 20.45 -43.31
CA VAL G 233 53.63 19.09 -43.28
C VAL G 233 54.76 19.04 -44.31
N ARG G 234 55.91 18.49 -43.90
CA ARG G 234 57.06 18.38 -44.79
C ARG G 234 57.51 16.95 -44.92
N ASN G 235 57.93 16.58 -46.11
CA ASN G 235 58.42 15.23 -46.39
C ASN G 235 59.79 15.33 -47.00
N PRO G 236 60.84 15.29 -46.16
CA PRO G 236 62.21 15.36 -46.67
C PRO G 236 62.75 13.99 -47.09
N THR G 237 61.96 12.93 -46.88
CA THR G 237 62.39 11.59 -47.23
C THR G 237 62.28 11.30 -48.72
N GLN G 238 63.12 10.38 -49.19
CA GLN G 238 63.16 9.98 -50.59
C GLN G 238 62.26 8.78 -50.86
N GLN G 239 60.97 8.98 -50.60
CA GLN G 239 59.94 7.97 -50.80
C GLN G 239 58.58 8.58 -50.55
N ASN G 240 57.53 7.90 -51.02
CA ASN G 240 56.18 8.39 -50.82
C ASN G 240 55.84 8.24 -49.34
N ALA G 241 55.09 9.20 -48.82
CA ALA G 241 54.71 9.19 -47.42
C ALA G 241 53.23 9.48 -47.23
N MET G 242 52.68 8.90 -46.17
CA MET G 242 51.29 9.08 -45.81
C MET G 242 51.18 9.12 -44.30
N VAL G 243 50.55 10.18 -43.79
CA VAL G 243 50.38 10.34 -42.35
C VAL G 243 48.92 10.56 -42.02
N GLN G 244 48.60 10.47 -40.73
CA GLN G 244 47.25 10.67 -40.26
C GLN G 244 47.25 11.67 -39.11
N ILE G 245 46.42 12.69 -39.24
CA ILE G 245 46.29 13.72 -38.22
C ILE G 245 44.94 13.45 -37.57
N GLN G 246 44.91 13.44 -36.23
CA GLN G 246 43.67 13.18 -35.54
C GLN G 246 43.12 14.28 -34.66
N VAL G 247 41.88 14.65 -34.92
CA VAL G 247 41.17 15.64 -34.14
C VAL G 247 40.58 14.80 -33.02
N VAL G 248 41.36 14.63 -31.96
CA VAL G 248 40.90 13.85 -30.81
C VAL G 248 39.63 14.50 -30.24
N PHE G 249 39.59 15.83 -30.28
CA PHE G 249 38.44 16.64 -29.85
C PHE G 249 38.75 18.11 -30.07
N TYR G 250 37.72 18.94 -29.94
CA TYR G 250 37.88 20.37 -30.10
C TYR G 250 36.90 21.09 -29.19
N ILE G 251 36.95 22.43 -29.20
CA ILE G 251 36.06 23.22 -28.36
C ILE G 251 35.47 24.39 -29.12
N SER G 252 34.16 24.60 -28.96
CA SER G 252 33.47 25.70 -29.60
C SER G 252 32.50 26.31 -28.61
N MET G 253 31.96 27.48 -28.95
CA MET G 253 31.03 28.14 -28.06
C MET G 253 29.59 27.68 -28.24
N ASP G 254 29.42 26.44 -28.66
CA ASP G 254 28.09 25.86 -28.84
C ASP G 254 27.73 25.12 -27.56
N LYS G 255 26.52 25.36 -27.08
CA LYS G 255 26.04 24.73 -25.86
C LYS G 255 26.00 23.20 -25.92
N THR G 256 26.56 22.57 -24.90
CA THR G 256 26.60 21.11 -24.82
C THR G 256 25.72 20.65 -23.66
N LEU G 257 25.79 19.36 -23.35
CA LEU G 257 24.99 18.80 -22.26
C LEU G 257 25.56 19.12 -20.87
N ASN G 258 26.79 19.66 -20.83
CA ASN G 258 27.44 20.02 -19.58
C ASN G 258 27.36 21.51 -19.32
N GLN G 259 26.38 22.15 -19.94
CA GLN G 259 26.18 23.58 -19.77
C GLN G 259 25.63 23.83 -18.37
N TYR G 260 24.88 22.86 -17.86
CA TYR G 260 24.28 22.91 -16.53
C TYR G 260 24.45 21.53 -15.90
N PRO G 261 24.90 21.48 -14.63
CA PRO G 261 25.13 20.25 -13.86
C PRO G 261 24.14 19.09 -14.07
N ALA G 262 24.70 17.95 -14.48
CA ALA G 262 23.95 16.71 -14.75
C ALA G 262 22.60 16.89 -15.48
N LEU G 263 22.58 17.83 -16.43
CA LEU G 263 21.38 18.12 -17.22
C LEU G 263 20.89 16.82 -17.84
N THR G 264 21.85 15.99 -18.22
CA THR G 264 21.60 14.69 -18.83
C THR G 264 20.56 13.89 -18.04
N ALA G 265 20.94 13.46 -16.84
CA ALA G 265 20.07 12.67 -15.97
C ALA G 265 18.71 13.33 -15.75
N GLU G 266 18.71 14.66 -15.67
CA GLU G 266 17.47 15.42 -15.47
C GLU G 266 16.55 15.15 -16.64
N ILE G 267 17.09 15.31 -17.83
CA ILE G 267 16.38 15.09 -19.07
C ILE G 267 15.84 13.67 -19.09
N PHE G 268 16.70 12.70 -18.76
CA PHE G 268 16.33 11.29 -18.72
C PHE G 268 15.07 11.13 -17.87
N ASN G 269 15.09 11.77 -16.70
CA ASN G 269 13.97 11.74 -15.76
C ASN G 269 12.69 12.26 -16.39
N VAL G 270 12.80 13.34 -17.16
CA VAL G 270 11.64 13.93 -17.81
C VAL G 270 11.11 13.00 -18.90
N TYR G 271 12.02 12.50 -19.72
CA TYR G 271 11.67 11.59 -20.82
C TYR G 271 11.36 10.17 -20.42
N SER G 272 11.51 9.85 -19.14
CA SER G 272 11.22 8.50 -18.67
C SER G 272 9.70 8.29 -18.62
N PHE G 273 9.30 7.03 -18.78
CA PHE G 273 7.88 6.65 -18.81
C PHE G 273 7.02 6.80 -17.56
N ARG G 274 7.38 6.05 -16.51
CA ARG G 274 6.63 6.01 -15.25
C ARG G 274 5.32 5.26 -15.54
N ASP G 275 4.34 5.95 -16.12
CA ASP G 275 3.08 5.33 -16.51
C ASP G 275 2.39 6.16 -17.57
N HIS G 276 1.31 5.63 -18.13
CA HIS G 276 0.56 6.31 -19.18
C HIS G 276 0.12 7.71 -18.79
N THR G 277 -0.42 7.84 -17.58
CA THR G 277 -0.90 9.12 -17.09
C THR G 277 0.23 10.16 -17.12
N TRP G 278 1.41 9.76 -16.63
CA TRP G 278 2.56 10.65 -16.63
C TRP G 278 3.00 10.96 -18.04
N HIS G 279 3.32 9.89 -18.77
CA HIS G 279 3.76 9.96 -20.15
C HIS G 279 2.92 10.97 -20.93
N GLY G 280 1.61 10.73 -20.97
CA GLY G 280 0.70 11.61 -21.68
C GLY G 280 0.79 13.03 -21.18
N LEU G 281 0.90 13.19 -19.86
CA LEU G 281 0.99 14.51 -19.24
C LEU G 281 2.23 15.23 -19.72
N ARG G 282 3.40 14.64 -19.43
CA ARG G 282 4.69 15.18 -19.81
C ARG G 282 4.72 15.57 -21.28
N THR G 283 4.09 14.73 -22.10
CA THR G 283 3.99 14.94 -23.54
C THR G 283 3.13 16.19 -23.78
N ALA G 284 1.92 16.18 -23.24
CA ALA G 284 0.96 17.28 -23.36
C ALA G 284 1.54 18.64 -22.97
N ILE G 285 2.48 18.61 -22.02
CA ILE G 285 3.14 19.81 -21.54
C ILE G 285 4.18 20.28 -22.57
N ARG G 286 5.08 19.38 -22.94
CA ARG G 286 6.14 19.67 -23.91
C ARG G 286 5.62 20.14 -25.28
N ASN G 287 4.34 19.94 -25.53
CA ASN G 287 3.73 20.35 -26.78
C ASN G 287 3.58 21.86 -26.87
N ARG G 288 3.72 22.53 -25.74
CA ARG G 288 3.63 23.98 -25.68
C ARG G 288 5.03 24.56 -25.86
N THR G 289 6.03 23.69 -25.86
CA THR G 289 7.42 24.09 -25.98
C THR G 289 8.09 23.71 -27.29
N THR G 290 9.33 24.15 -27.42
CA THR G 290 10.16 23.89 -28.59
C THR G 290 10.85 22.54 -28.44
N LEU G 291 10.56 21.84 -27.34
CA LEU G 291 11.15 20.55 -27.07
C LEU G 291 10.35 19.36 -27.58
N PRO G 292 11.06 18.30 -28.00
CA PRO G 292 10.47 17.06 -28.53
C PRO G 292 9.64 16.37 -27.45
N ASN G 293 8.33 16.36 -27.64
CA ASN G 293 7.37 15.80 -26.70
C ASN G 293 7.61 14.43 -26.06
N MET G 294 8.41 13.57 -26.69
CA MET G 294 8.67 12.25 -26.09
C MET G 294 9.99 11.58 -26.44
N LEU G 295 10.92 12.34 -27.04
CA LEU G 295 12.24 11.81 -27.39
C LEU G 295 13.36 12.85 -27.22
N PRO G 296 14.39 12.52 -26.40
CA PRO G 296 15.55 13.37 -26.10
C PRO G 296 16.07 14.11 -27.31
N PRO G 297 15.99 15.46 -27.31
CA PRO G 297 16.47 16.25 -28.44
C PRO G 297 17.90 15.87 -28.77
N ILE G 298 18.17 15.73 -30.06
CA ILE G 298 19.50 15.38 -30.54
C ILE G 298 20.43 16.52 -30.14
N PHE G 299 19.89 17.72 -30.22
CA PHE G 299 20.65 18.91 -29.89
C PHE G 299 20.18 19.60 -28.63
N PRO G 300 21.06 19.66 -27.62
CA PRO G 300 20.79 20.29 -26.33
C PRO G 300 20.35 21.74 -26.55
N PRO G 301 19.26 22.16 -25.88
CA PRO G 301 18.73 23.52 -25.98
C PRO G 301 19.77 24.57 -25.62
N ASN G 302 19.37 25.83 -25.65
CA ASN G 302 20.31 26.90 -25.33
C ASN G 302 19.61 28.13 -24.80
N ASP G 303 18.29 28.06 -24.68
CA ASP G 303 17.52 29.19 -24.17
C ASP G 303 17.05 28.90 -22.76
N ARG G 304 16.97 29.97 -21.97
CA ARG G 304 16.53 29.90 -20.58
C ARG G 304 15.31 29.01 -20.43
N ASP G 305 14.23 29.44 -21.06
CA ASP G 305 12.94 28.75 -21.04
C ASP G 305 13.00 27.24 -21.18
N SER G 306 13.79 26.75 -22.11
CA SER G 306 13.92 25.30 -22.34
C SER G 306 14.50 24.62 -21.11
N ILE G 307 15.72 25.01 -20.77
CA ILE G 307 16.44 24.46 -19.62
C ILE G 307 15.56 24.53 -18.37
N LEU G 308 15.13 25.75 -18.06
CA LEU G 308 14.27 26.03 -16.92
C LEU G 308 13.13 25.00 -16.88
N THR G 309 12.34 24.98 -17.94
CA THR G 309 11.20 24.08 -18.08
C THR G 309 11.53 22.63 -17.76
N LEU G 310 12.60 22.15 -18.37
CA LEU G 310 13.08 20.78 -18.16
C LEU G 310 13.22 20.46 -16.68
N LEU G 311 13.84 21.38 -15.95
CA LEU G 311 14.08 21.24 -14.53
C LEU G 311 12.77 21.14 -13.76
N LEU G 312 11.88 22.10 -14.01
CA LEU G 312 10.57 22.14 -13.37
C LEU G 312 9.85 20.81 -13.58
N LEU G 313 9.91 20.31 -14.81
CA LEU G 313 9.27 19.06 -15.17
C LEU G 313 9.95 17.89 -14.49
N SER G 314 11.28 17.88 -14.55
CA SER G 314 12.09 16.83 -13.93
C SER G 314 11.73 16.68 -12.45
N THR G 315 11.49 17.82 -11.80
CA THR G 315 11.13 17.86 -10.39
C THR G 315 9.70 17.38 -10.22
N LEU G 316 8.80 17.96 -11.01
CA LEU G 316 7.39 17.62 -11.01
C LEU G 316 7.23 16.12 -11.22
N ALA G 317 8.22 15.54 -11.89
CA ALA G 317 8.22 14.12 -12.17
C ALA G 317 8.36 13.37 -10.87
N ASP G 318 9.37 13.72 -10.08
CA ASP G 318 9.60 13.08 -8.78
C ASP G 318 8.36 13.28 -7.90
N VAL G 319 7.80 14.50 -7.95
CA VAL G 319 6.60 14.86 -7.18
C VAL G 319 5.50 13.88 -7.55
N TYR G 320 5.43 13.57 -8.84
CA TYR G 320 4.45 12.62 -9.35
C TYR G 320 4.65 11.27 -8.68
N THR G 321 5.89 10.81 -8.66
CA THR G 321 6.23 9.53 -8.05
C THR G 321 5.75 9.46 -6.60
N VAL G 322 6.27 10.33 -5.75
CA VAL G 322 5.91 10.35 -4.33
C VAL G 322 4.42 10.44 -4.01
N LEU G 323 3.70 11.32 -4.71
CA LEU G 323 2.27 11.50 -4.47
C LEU G 323 1.38 10.41 -5.07
N ARG G 324 1.88 9.75 -6.11
CA ARG G 324 1.16 8.66 -6.79
C ARG G 324 -0.25 9.09 -7.25
N PRO G 325 -0.40 10.27 -7.85
CA PRO G 325 -1.72 10.71 -8.30
C PRO G 325 -2.41 9.80 -9.33
N GLU G 326 -3.74 9.82 -9.31
CA GLU G 326 -4.54 9.02 -10.23
C GLU G 326 -5.63 9.87 -10.83
N PHE G 327 -5.50 10.17 -12.12
CA PHE G 327 -6.50 10.99 -12.80
C PHE G 327 -6.59 10.76 -14.31
N ALA G 328 -7.69 11.25 -14.88
CA ALA G 328 -7.98 11.10 -16.30
C ALA G 328 -7.34 12.18 -17.17
N MET G 329 -7.06 11.81 -18.41
CA MET G 329 -6.45 12.70 -19.37
C MET G 329 -7.02 12.36 -20.75
N HIS G 330 -7.53 13.37 -21.44
CA HIS G 330 -8.12 13.18 -22.76
C HIS G 330 -7.18 12.46 -23.71
N GLY G 331 -7.70 11.39 -24.32
CA GLY G 331 -6.91 10.62 -25.26
C GLY G 331 -5.94 9.63 -24.63
N VAL G 332 -5.98 9.52 -23.30
CA VAL G 332 -5.11 8.60 -22.59
C VAL G 332 -5.92 7.46 -22.03
N ASN G 333 -5.42 6.23 -22.21
CA ASN G 333 -6.12 5.06 -21.70
C ASN G 333 -5.19 4.16 -20.89
N PRO G 334 -5.28 4.25 -19.56
CA PRO G 334 -4.50 3.50 -18.58
C PRO G 334 -4.74 1.99 -18.57
N MET G 335 -3.71 1.25 -18.95
CA MET G 335 -3.77 -0.21 -18.95
C MET G 335 -3.33 -0.58 -17.52
N PRO G 336 -4.26 -1.07 -16.68
CA PRO G 336 -4.10 -1.48 -15.29
C PRO G 336 -2.82 -1.11 -14.53
N GLY G 337 -2.31 -2.03 -13.72
CA GLY G 337 -1.10 -1.73 -12.95
C GLY G 337 0.11 -2.65 -13.01
N PRO G 338 0.23 -3.57 -13.99
CA PRO G 338 1.42 -4.43 -14.01
C PRO G 338 2.65 -3.65 -14.52
N LEU G 339 2.57 -3.17 -15.75
CA LEU G 339 3.63 -2.41 -16.42
C LEU G 339 4.95 -3.14 -16.65
N THR G 340 5.23 -3.42 -17.92
CA THR G 340 6.45 -4.12 -18.33
C THR G 340 7.25 -3.27 -19.31
N ALA G 341 8.55 -3.53 -19.42
CA ALA G 341 9.44 -2.81 -20.33
C ALA G 341 8.81 -2.71 -21.71
N ALA G 342 8.09 -3.77 -22.08
CA ALA G 342 7.40 -3.84 -23.37
C ALA G 342 6.30 -2.80 -23.52
N ILE G 343 5.39 -2.75 -22.55
CA ILE G 343 4.28 -1.79 -22.57
C ILE G 343 4.81 -0.36 -22.63
N ALA G 344 5.95 -0.12 -21.99
CA ALA G 344 6.57 1.19 -21.97
C ALA G 344 7.08 1.54 -23.38
N ARG G 345 7.62 0.52 -24.05
CA ARG G 345 8.13 0.66 -25.40
C ARG G 345 7.00 1.14 -26.33
N ALA G 346 5.87 0.44 -26.26
CA ALA G 346 4.69 0.73 -27.06
C ALA G 346 4.12 2.13 -26.86
N ALA G 347 4.38 2.72 -25.70
CA ALA G 347 3.88 4.05 -25.38
C ALA G 347 4.52 5.15 -26.23
N TYR G 348 5.78 4.95 -26.60
CA TYR G 348 6.52 5.93 -27.39
C TYR G 348 6.19 5.92 -28.89
N VAL G 349 4.91 6.11 -29.21
CA VAL G 349 4.39 6.13 -30.58
C VAL G 349 5.09 5.15 -31.53
N MET H 1 40.41 24.03 8.22
CA MET H 1 40.74 24.66 6.90
C MET H 1 39.64 24.42 5.88
N ASP H 2 39.14 23.19 5.83
CA ASP H 2 38.05 22.82 4.93
C ASP H 2 36.84 23.65 5.32
N THR H 3 36.67 23.81 6.64
CA THR H 3 35.59 24.58 7.24
C THR H 3 35.57 26.01 6.73
N ILE H 4 36.76 26.62 6.70
CA ILE H 4 36.95 27.98 6.23
C ILE H 4 36.36 28.11 4.84
N ALA H 5 36.66 27.11 4.02
CA ALA H 5 36.17 27.04 2.65
C ALA H 5 34.66 26.88 2.62
N ALA H 6 34.16 25.90 3.39
CA ALA H 6 32.73 25.64 3.45
C ALA H 6 31.96 26.88 3.89
N ARG H 7 32.56 27.65 4.79
CA ARG H 7 31.95 28.88 5.28
C ARG H 7 31.89 29.87 4.15
N ALA H 8 33.05 30.14 3.57
CA ALA H 8 33.19 31.07 2.45
C ALA H 8 32.16 30.74 1.39
N LEU H 9 32.07 29.46 1.05
CA LEU H 9 31.13 28.98 0.06
C LEU H 9 29.71 29.42 0.43
N THR H 10 29.28 29.02 1.62
CA THR H 10 27.96 29.34 2.16
C THR H 10 27.60 30.80 2.03
N VAL H 11 28.53 31.65 2.44
CA VAL H 11 28.37 33.10 2.39
C VAL H 11 28.04 33.58 0.98
N MET H 12 28.85 33.14 0.01
CA MET H 12 28.66 33.52 -1.38
C MET H 12 27.33 33.05 -1.92
N ARG H 13 27.04 31.77 -1.67
CA ARG H 13 25.79 31.14 -2.10
C ARG H 13 24.60 31.90 -1.50
N ALA H 14 24.84 32.53 -0.36
CA ALA H 14 23.83 33.31 0.33
C ALA H 14 23.67 34.67 -0.36
N CYS H 15 24.80 35.25 -0.77
CA CYS H 15 24.78 36.53 -1.47
C CYS H 15 24.06 36.34 -2.79
N ALA H 16 24.13 35.13 -3.31
CA ALA H 16 23.48 34.77 -4.57
C ALA H 16 21.95 34.78 -4.45
N THR H 17 21.46 34.74 -3.21
CA THR H 17 20.03 34.75 -2.93
C THR H 17 19.41 36.14 -3.12
N LEU H 18 20.25 37.15 -3.34
CA LEU H 18 19.75 38.51 -3.55
C LEU H 18 19.42 38.80 -5.02
N GLN H 19 18.20 38.47 -5.40
CA GLN H 19 17.71 38.71 -6.76
C GLN H 19 16.76 39.91 -6.73
N GLU H 20 16.30 40.26 -5.54
CA GLU H 20 15.37 41.37 -5.37
C GLU H 20 15.71 42.29 -4.21
N ALA H 21 15.04 43.45 -4.18
CA ALA H 21 15.17 44.44 -3.10
C ALA H 21 14.54 43.70 -1.93
N ARG H 22 13.34 43.19 -2.20
CA ARG H 22 12.52 42.36 -1.31
C ARG H 22 12.45 42.54 0.21
N ILE H 23 13.61 42.52 0.87
CA ILE H 23 13.75 42.56 2.32
C ILE H 23 12.97 41.42 2.95
N VAL H 24 12.92 41.35 4.27
CA VAL H 24 12.25 40.26 4.98
C VAL H 24 12.84 38.91 4.53
N LEU H 25 14.15 38.91 4.35
CA LEU H 25 14.91 37.73 3.91
C LEU H 25 14.57 36.54 4.77
N GLU H 26 14.64 35.35 4.18
CA GLU H 26 14.35 34.13 4.90
C GLU H 26 15.24 34.05 6.12
N ALA H 27 14.69 33.54 7.22
CA ALA H 27 15.41 33.44 8.47
C ALA H 27 16.85 33.00 8.25
N ASN H 28 17.01 31.79 7.72
CA ASN H 28 18.31 31.21 7.48
C ASN H 28 19.32 32.13 6.80
N VAL H 29 18.92 32.75 5.68
CA VAL H 29 19.80 33.64 4.93
C VAL H 29 20.18 34.88 5.72
N MET H 30 19.16 35.59 6.21
CA MET H 30 19.38 36.78 6.99
C MET H 30 20.38 36.50 8.09
N GLU H 31 20.10 35.45 8.87
CA GLU H 31 20.96 35.05 9.98
C GLU H 31 22.41 34.94 9.55
N ILE H 32 22.64 34.32 8.40
CA ILE H 32 23.98 34.14 7.86
C ILE H 32 24.60 35.47 7.47
N LEU H 33 24.00 36.14 6.50
CA LEU H 33 24.51 37.42 6.02
C LEU H 33 24.76 38.38 7.17
N GLY H 34 23.88 38.34 8.16
CA GLY H 34 24.02 39.19 9.32
C GLY H 34 25.34 38.93 10.02
N ILE H 35 25.45 37.76 10.64
CA ILE H 35 26.64 37.34 11.36
C ILE H 35 27.90 37.65 10.54
N ALA H 36 27.91 37.14 9.32
CA ALA H 36 29.01 37.30 8.39
C ALA H 36 29.46 38.75 8.23
N ILE H 37 28.63 39.55 7.55
CA ILE H 37 28.92 40.96 7.30
C ILE H 37 29.46 41.69 8.52
N ASN H 38 28.82 41.49 9.67
CA ASN H 38 29.28 42.14 10.90
C ASN H 38 30.75 41.85 11.18
N ARG H 39 31.13 40.58 11.21
CA ARG H 39 32.52 40.21 11.46
C ARG H 39 33.45 40.67 10.35
N TYR H 40 32.92 40.78 9.14
CA TYR H 40 33.72 41.23 8.00
C TYR H 40 34.01 42.71 8.16
N ASN H 41 32.96 43.53 8.12
CA ASN H 41 33.08 44.97 8.27
C ASN H 41 33.88 45.32 9.53
N GLY H 42 33.80 44.46 10.54
CA GLY H 42 34.53 44.68 11.77
C GLY H 42 36.04 44.59 11.59
N LEU H 43 36.47 43.65 10.75
CA LEU H 43 37.89 43.46 10.49
C LEU H 43 38.35 44.06 9.18
N THR H 44 37.42 44.56 8.38
CA THR H 44 37.75 45.12 7.08
C THR H 44 37.54 46.62 7.01
N LEU H 45 36.68 47.11 7.89
CA LEU H 45 36.37 48.53 7.95
C LEU H 45 35.61 48.96 6.69
N ARG H 46 35.12 47.99 5.92
CA ARG H 46 34.33 48.30 4.74
C ARG H 46 32.87 48.37 5.15
N GLY H 47 32.02 48.89 4.26
CA GLY H 47 30.61 49.00 4.62
C GLY H 47 29.65 48.23 3.74
N VAL H 48 29.52 46.94 4.01
CA VAL H 48 28.62 46.10 3.24
C VAL H 48 27.26 46.13 3.93
N THR H 49 26.18 46.12 3.15
CA THR H 49 24.83 46.12 3.72
C THR H 49 24.16 44.80 3.42
N MET H 50 23.28 44.37 4.33
CA MET H 50 22.56 43.12 4.15
C MET H 50 21.82 43.14 2.82
N ARG H 51 21.25 44.30 2.48
CA ARG H 51 20.53 44.43 1.23
C ARG H 51 21.01 45.63 0.41
N PRO H 52 21.95 45.37 -0.52
CA PRO H 52 22.53 46.40 -1.40
C PRO H 52 21.52 46.86 -2.45
N THR H 53 21.25 48.16 -2.48
CA THR H 53 20.31 48.74 -3.44
C THR H 53 21.00 49.52 -4.54
N SER H 54 21.98 50.34 -4.16
CA SER H 54 22.72 51.18 -5.10
C SER H 54 23.50 50.38 -6.14
N LEU H 55 24.81 50.47 -6.08
CA LEU H 55 25.71 49.79 -6.99
C LEU H 55 26.96 49.70 -6.18
N ALA H 56 27.33 50.86 -5.63
CA ALA H 56 28.50 50.96 -4.78
C ALA H 56 28.42 49.87 -3.72
N GLN H 57 27.20 49.65 -3.23
CA GLN H 57 26.95 48.63 -2.20
C GLN H 57 27.10 47.24 -2.79
N ARG H 58 26.56 47.07 -3.99
CA ARG H 58 26.63 45.79 -4.68
C ARG H 58 28.07 45.35 -4.91
N ASN H 59 28.89 46.30 -5.37
CA ASN H 59 30.31 46.05 -5.61
C ASN H 59 30.97 45.68 -4.29
N GLU H 60 30.67 46.47 -3.27
CA GLU H 60 31.21 46.27 -1.93
C GLU H 60 31.00 44.81 -1.53
N MET H 61 29.76 44.36 -1.63
CA MET H 61 29.39 42.99 -1.28
C MET H 61 30.14 41.99 -2.17
N PHE H 62 30.19 42.27 -3.46
CA PHE H 62 30.89 41.38 -4.38
C PHE H 62 32.34 41.23 -3.93
N PHE H 63 33.03 42.36 -3.80
CA PHE H 63 34.42 42.40 -3.36
C PHE H 63 34.62 41.49 -2.17
N MET H 64 33.65 41.50 -1.27
CA MET H 64 33.67 40.68 -0.08
C MET H 64 33.75 39.21 -0.46
N CYS H 65 32.78 38.76 -1.26
CA CYS H 65 32.72 37.39 -1.72
C CYS H 65 34.03 37.01 -2.40
N LEU H 66 34.55 37.97 -3.17
CA LEU H 66 35.81 37.80 -3.87
C LEU H 66 36.95 37.60 -2.88
N ASP H 67 37.02 38.48 -1.89
CA ASP H 67 38.03 38.45 -0.84
C ASP H 67 38.04 37.07 -0.22
N MET H 68 36.86 36.62 0.20
CA MET H 68 36.68 35.32 0.83
C MET H 68 37.05 34.20 -0.11
N MET H 69 36.59 34.32 -1.35
CA MET H 69 36.84 33.32 -2.38
C MET H 69 38.34 33.09 -2.55
N LEU H 70 39.10 34.18 -2.60
CA LEU H 70 40.55 34.11 -2.76
C LEU H 70 41.17 33.53 -1.51
N SER H 71 40.77 34.08 -0.35
CA SER H 71 41.29 33.64 0.95
C SER H 71 41.04 32.15 1.17
N ALA H 72 39.84 31.70 0.81
CA ALA H 72 39.44 30.31 0.95
C ALA H 72 40.25 29.42 0.01
N ALA H 73 40.76 30.02 -1.08
CA ALA H 73 41.56 29.30 -2.05
C ALA H 73 43.05 29.45 -1.75
N GLY H 74 43.40 30.49 -0.99
CA GLY H 74 44.79 30.75 -0.65
C GLY H 74 45.46 31.43 -1.83
N ILE H 75 44.82 32.48 -2.34
CA ILE H 75 45.31 33.21 -3.51
C ILE H 75 45.49 34.71 -3.25
N ASN H 76 46.65 35.21 -3.65
CA ASN H 76 46.94 36.64 -3.52
C ASN H 76 47.10 37.16 -4.94
N VAL H 77 46.03 37.70 -5.50
CA VAL H 77 46.01 38.22 -6.87
C VAL H 77 46.88 39.43 -7.13
N GLY H 78 47.14 40.20 -6.09
CA GLY H 78 47.95 41.40 -6.25
C GLY H 78 47.15 42.57 -6.80
N PRO H 79 47.83 43.66 -7.19
CA PRO H 79 47.22 44.87 -7.73
C PRO H 79 46.59 44.63 -9.09
N ILE H 80 45.29 44.39 -9.11
CA ILE H 80 44.61 44.13 -10.38
C ILE H 80 43.45 45.07 -10.63
N SER H 81 43.21 45.97 -9.68
CA SER H 81 42.12 46.92 -9.81
C SER H 81 42.32 48.17 -8.98
N PRO H 82 41.87 49.31 -9.50
CA PRO H 82 41.98 50.60 -8.83
C PRO H 82 40.81 50.77 -7.86
N ASP H 83 39.74 50.02 -8.13
CA ASP H 83 38.53 50.06 -7.30
C ASP H 83 38.53 49.02 -6.20
N TYR H 84 39.14 47.87 -6.48
CA TYR H 84 39.21 46.81 -5.49
C TYR H 84 40.62 46.54 -4.99
N THR H 85 40.72 46.29 -3.70
CA THR H 85 41.98 45.99 -3.05
C THR H 85 41.68 44.82 -2.13
N GLN H 86 42.39 43.73 -2.36
CA GLN H 86 42.19 42.51 -1.58
C GLN H 86 42.61 42.72 -0.14
N HIS H 87 41.66 42.56 0.78
CA HIS H 87 41.95 42.71 2.20
C HIS H 87 42.38 41.35 2.75
N MET H 88 43.60 41.30 3.26
CA MET H 88 44.17 40.06 3.79
C MET H 88 43.54 39.43 5.01
N ALA H 89 43.10 40.26 5.95
CA ALA H 89 42.48 39.78 7.16
C ALA H 89 41.20 38.98 6.92
N THR H 90 40.74 38.96 5.67
CA THR H 90 39.55 38.21 5.26
C THR H 90 39.59 36.77 5.77
N ILE H 91 40.77 36.14 5.68
CA ILE H 91 40.94 34.77 6.16
C ILE H 91 40.52 34.69 7.64
N GLY H 92 40.92 35.68 8.43
CA GLY H 92 40.58 35.73 9.83
C GLY H 92 39.08 35.73 10.07
N VAL H 93 38.35 36.38 9.19
CA VAL H 93 36.89 36.44 9.31
C VAL H 93 36.30 35.05 9.15
N LEU H 94 36.71 34.36 8.07
CA LEU H 94 36.22 33.02 7.78
C LEU H 94 36.61 31.99 8.84
N ALA H 95 37.64 32.31 9.62
CA ALA H 95 38.13 31.44 10.67
C ALA H 95 37.24 31.56 11.91
N THR H 96 36.47 32.65 11.97
CA THR H 96 35.57 32.91 13.10
C THR H 96 34.50 31.84 13.17
N PRO H 97 34.48 31.08 14.27
CA PRO H 97 33.56 29.99 14.57
C PRO H 97 32.08 30.38 14.45
N GLU H 98 31.77 31.59 14.93
CA GLU H 98 30.40 32.13 14.91
C GLU H 98 29.80 32.05 13.51
N ILE H 99 30.64 32.21 12.49
CA ILE H 99 30.18 32.16 11.11
C ILE H 99 29.76 30.75 10.75
N PRO H 100 28.50 30.60 10.35
CA PRO H 100 27.94 29.31 9.98
C PRO H 100 28.16 28.90 8.53
N PHE H 101 27.83 27.64 8.25
CA PHE H 101 27.92 27.07 6.92
C PHE H 101 26.84 26.00 6.81
N THR H 102 26.34 25.76 5.59
CA THR H 102 25.28 24.77 5.38
C THR H 102 25.75 23.32 5.43
N THR H 103 24.80 22.42 5.64
CA THR H 103 25.08 20.98 5.67
C THR H 103 25.68 20.64 4.30
N GLU H 104 25.05 21.18 3.26
CA GLU H 104 25.46 20.98 1.86
C GLU H 104 26.92 21.34 1.67
N ALA H 105 27.25 22.59 2.01
CA ALA H 105 28.62 23.10 1.90
C ALA H 105 29.63 22.16 2.51
N ALA H 106 29.36 21.70 3.73
CA ALA H 106 30.24 20.77 4.44
C ALA H 106 30.46 19.50 3.63
N ASN H 107 29.36 18.91 3.18
CA ASN H 107 29.40 17.67 2.38
C ASN H 107 30.16 17.86 1.07
N GLU H 108 30.05 19.05 0.49
CA GLU H 108 30.73 19.37 -0.75
C GLU H 108 32.24 19.34 -0.55
N ILE H 109 32.73 20.08 0.44
CA ILE H 109 34.16 20.11 0.73
C ILE H 109 34.65 18.71 1.10
N ALA H 110 33.91 18.04 1.97
CA ALA H 110 34.26 16.69 2.42
C ALA H 110 34.57 15.75 1.28
N ARG H 111 33.84 15.93 0.17
CA ARG H 111 34.03 15.11 -1.01
C ARG H 111 35.36 15.50 -1.66
N VAL H 112 35.53 16.80 -1.93
CA VAL H 112 36.75 17.32 -2.53
C VAL H 112 37.97 16.80 -1.81
N THR H 113 38.08 17.13 -0.52
CA THR H 113 39.20 16.72 0.30
C THR H 113 39.31 15.20 0.30
N GLY H 114 38.16 14.53 0.38
CA GLY H 114 38.12 13.09 0.40
C GLY H 114 38.82 12.42 -0.78
N GLU H 115 38.27 12.61 -1.98
CA GLU H 115 38.83 12.02 -3.20
C GLU H 115 40.17 12.60 -3.60
N THR H 116 40.29 13.91 -3.49
CA THR H 116 41.50 14.62 -3.87
C THR H 116 42.73 14.09 -3.14
N SER H 117 42.54 13.69 -1.88
CA SER H 117 43.63 13.17 -1.07
C SER H 117 44.00 11.72 -1.36
N THR H 118 43.08 10.96 -1.96
CA THR H 118 43.36 9.57 -2.28
C THR H 118 43.18 9.29 -3.78
N TRP H 119 43.30 8.02 -4.15
CA TRP H 119 43.16 7.60 -5.53
C TRP H 119 41.99 6.64 -5.69
N GLY H 120 41.67 6.32 -6.94
CA GLY H 120 40.57 5.41 -7.21
C GLY H 120 40.46 5.07 -8.68
N PRO H 121 39.95 3.87 -9.00
CA PRO H 121 39.77 3.38 -10.37
C PRO H 121 38.76 4.22 -11.16
N ALA H 122 39.09 4.50 -12.42
CA ALA H 122 38.21 5.31 -13.28
C ALA H 122 38.35 5.05 -14.77
N ARG H 123 37.21 5.10 -15.47
CA ARG H 123 37.15 4.90 -16.92
C ARG H 123 37.92 6.05 -17.55
N GLN H 124 39.02 5.72 -18.23
CA GLN H 124 39.79 6.78 -18.88
C GLN H 124 39.03 7.33 -20.08
N PRO H 125 39.24 8.62 -20.38
CA PRO H 125 38.62 9.38 -21.48
C PRO H 125 39.02 9.11 -22.93
N TYR H 126 40.31 8.83 -23.16
CA TYR H 126 40.77 8.63 -24.53
C TYR H 126 41.17 7.20 -24.90
N GLY H 127 41.33 6.94 -26.19
CA GLY H 127 41.70 5.62 -26.66
C GLY H 127 43.00 5.15 -26.04
N PHE H 128 43.13 3.85 -25.84
CA PHE H 128 44.33 3.28 -25.22
C PHE H 128 45.63 3.66 -25.96
N PHE H 129 45.67 3.38 -27.25
CA PHE H 129 46.83 3.68 -28.10
C PHE H 129 46.76 5.07 -28.70
N LEU H 130 46.48 6.09 -27.89
CA LEU H 130 46.40 7.44 -28.40
C LEU H 130 47.77 8.08 -28.52
N GLU H 131 48.68 7.72 -27.62
CA GLU H 131 50.02 8.27 -27.64
C GLU H 131 51.02 7.42 -28.41
N THR H 132 50.62 7.01 -29.61
CA THR H 132 51.46 6.20 -30.49
C THR H 132 51.96 7.03 -31.67
N GLU H 133 53.20 6.79 -32.06
CA GLU H 133 53.83 7.51 -33.17
C GLU H 133 53.55 6.89 -34.53
N GLU H 134 53.57 5.56 -34.58
CA GLU H 134 53.34 4.83 -35.81
C GLU H 134 52.04 4.04 -35.81
N THR H 135 51.29 4.16 -36.91
CA THR H 135 50.02 3.46 -37.06
C THR H 135 49.99 2.73 -38.41
N PHE H 136 49.31 1.59 -38.46
CA PHE H 136 49.23 0.79 -39.70
C PHE H 136 47.84 0.80 -40.32
N GLN H 137 47.76 0.48 -41.62
CA GLN H 137 46.47 0.47 -42.30
C GLN H 137 45.56 -0.63 -41.78
N PRO H 138 44.32 -0.28 -41.45
CA PRO H 138 43.29 -1.17 -40.92
C PRO H 138 42.82 -2.21 -41.94
N GLY H 139 43.03 -3.48 -41.61
CA GLY H 139 42.62 -4.56 -42.51
C GLY H 139 43.68 -5.01 -43.50
N ARG H 140 44.88 -4.45 -43.42
CA ARG H 140 45.95 -4.85 -44.32
C ARG H 140 46.92 -5.80 -43.64
N TRP H 141 47.27 -6.86 -44.35
CA TRP H 141 48.21 -7.86 -43.84
C TRP H 141 49.59 -7.25 -43.64
N PHE H 142 50.29 -7.79 -42.65
CA PHE H 142 51.65 -7.38 -42.34
C PHE H 142 52.31 -8.41 -41.44
N MET H 143 53.44 -8.90 -41.89
CA MET H 143 54.19 -9.90 -41.16
C MET H 143 55.65 -9.46 -41.01
N ARG H 144 56.05 -9.16 -39.78
CA ARG H 144 57.41 -8.74 -39.50
C ARG H 144 58.29 -9.96 -39.78
N ALA H 145 59.44 -9.71 -40.42
CA ALA H 145 60.38 -10.78 -40.77
C ALA H 145 60.71 -11.73 -39.62
N ALA H 146 60.65 -13.03 -39.92
CA ALA H 146 60.94 -14.10 -38.97
C ALA H 146 59.82 -14.44 -37.96
N GLN H 147 58.69 -13.76 -38.07
CA GLN H 147 57.56 -13.99 -37.18
C GLN H 147 56.38 -14.67 -37.89
N ALA H 148 55.65 -15.49 -37.12
CA ALA H 148 54.48 -16.22 -37.63
C ALA H 148 53.19 -15.56 -37.15
N ALA H 149 53.32 -14.71 -36.13
CA ALA H 149 52.21 -13.98 -35.54
C ALA H 149 52.72 -12.56 -35.32
N THR H 150 52.17 -11.59 -36.05
CA THR H 150 52.59 -10.21 -35.91
C THR H 150 51.45 -9.26 -35.58
N ALA H 151 51.45 -8.79 -34.34
CA ALA H 151 50.44 -7.86 -33.85
C ALA H 151 50.94 -6.44 -34.07
N VAL H 152 50.02 -5.53 -34.39
CA VAL H 152 50.39 -4.15 -34.63
C VAL H 152 49.18 -3.22 -34.45
N VAL H 153 49.45 -1.94 -34.20
CA VAL H 153 48.41 -0.95 -34.00
C VAL H 153 47.77 -0.54 -35.34
N CYS H 154 46.56 -0.01 -35.29
CA CYS H 154 45.86 0.43 -36.50
C CYS H 154 44.83 1.51 -36.17
N GLY H 155 44.83 1.94 -34.91
CA GLY H 155 43.90 2.96 -34.46
C GLY H 155 44.19 3.39 -33.04
N PRO H 156 43.48 4.41 -32.54
CA PRO H 156 43.68 4.92 -31.18
C PRO H 156 43.22 3.89 -30.14
N ASP H 157 42.29 3.04 -30.55
CA ASP H 157 41.72 2.01 -29.69
C ASP H 157 41.71 0.69 -30.46
N MET H 158 42.67 0.51 -31.36
CA MET H 158 42.66 -0.67 -32.19
C MET H 158 44.00 -1.29 -32.57
N ILE H 159 44.02 -2.61 -32.58
CA ILE H 159 45.20 -3.38 -33.01
C ILE H 159 44.67 -4.50 -33.90
N GLN H 160 45.58 -5.13 -34.64
CA GLN H 160 45.24 -6.22 -35.54
C GLN H 160 46.44 -7.16 -35.65
N VAL H 161 46.17 -8.45 -35.49
CA VAL H 161 47.22 -9.46 -35.52
C VAL H 161 47.21 -10.27 -36.83
N SER H 162 48.39 -10.45 -37.41
CA SER H 162 48.55 -11.20 -38.64
C SER H 162 49.10 -12.59 -38.31
N LEU H 163 48.30 -13.61 -38.57
CA LEU H 163 48.67 -15.00 -38.32
C LEU H 163 48.80 -15.81 -39.60
N ASN H 164 49.84 -16.63 -39.67
CA ASN H 164 50.04 -17.50 -40.83
C ASN H 164 49.24 -18.76 -40.55
N ALA H 165 48.97 -19.54 -41.60
CA ALA H 165 48.23 -20.78 -41.43
C ALA H 165 48.93 -21.66 -40.39
N GLY H 166 48.18 -22.10 -39.38
CA GLY H 166 48.76 -22.94 -38.34
C GLY H 166 49.64 -22.26 -37.30
N ALA H 167 49.62 -20.93 -37.25
CA ALA H 167 50.45 -20.17 -36.30
C ALA H 167 49.74 -19.81 -34.98
N ARG H 168 50.53 -19.44 -33.98
CA ARG H 168 50.02 -19.07 -32.65
C ARG H 168 51.03 -18.20 -31.89
N GLY H 169 50.54 -17.39 -30.95
CA GLY H 169 51.43 -16.55 -30.17
C GLY H 169 50.84 -15.59 -29.15
N ASP H 170 51.69 -15.17 -28.21
CA ASP H 170 51.32 -14.23 -27.15
C ASP H 170 51.37 -12.81 -27.72
N VAL H 171 50.36 -12.00 -27.41
CA VAL H 171 50.26 -10.62 -27.93
C VAL H 171 50.41 -9.51 -26.88
N GLN H 172 50.11 -9.83 -25.63
CA GLN H 172 50.18 -8.87 -24.51
C GLN H 172 51.21 -7.74 -24.52
N GLN H 173 52.46 -8.05 -24.86
CA GLN H 173 53.53 -7.05 -24.87
C GLN H 173 53.32 -5.79 -25.72
N ILE H 174 52.31 -5.80 -26.59
CA ILE H 174 52.02 -4.63 -27.42
C ILE H 174 51.26 -3.58 -26.58
N PHE H 175 50.58 -4.08 -25.55
CA PHE H 175 49.80 -3.25 -24.64
C PHE H 175 50.65 -2.69 -23.51
N GLN H 176 51.50 -3.55 -22.94
CA GLN H 176 52.37 -3.20 -21.82
C GLN H 176 53.36 -2.06 -22.05
N GLY H 177 53.73 -1.40 -20.96
CA GLY H 177 54.66 -0.28 -21.04
C GLY H 177 53.95 1.06 -21.21
N ARG H 178 52.69 1.01 -21.64
CA ARG H 178 51.89 2.22 -21.84
C ARG H 178 50.96 2.43 -20.65
N ASN H 179 50.88 3.67 -20.18
CA ASN H 179 50.02 4.05 -19.04
C ASN H 179 50.32 3.16 -17.82
N ASP H 180 49.28 2.83 -17.06
CA ASP H 180 49.36 1.96 -15.90
C ASP H 180 47.93 1.52 -15.59
N PRO H 181 47.34 0.73 -16.50
CA PRO H 181 45.97 0.25 -16.30
C PRO H 181 45.88 -0.79 -15.20
N MET H 182 44.65 -1.08 -14.80
CA MET H 182 44.35 -2.06 -13.76
C MET H 182 43.46 -3.10 -14.42
N MET H 183 42.66 -2.64 -15.38
CA MET H 183 41.76 -3.51 -16.11
C MET H 183 41.51 -2.94 -17.50
N ILE H 184 41.78 -3.75 -18.50
CA ILE H 184 41.61 -3.38 -19.90
C ILE H 184 40.46 -4.22 -20.44
N TYR H 185 39.46 -3.53 -20.99
CA TYR H 185 38.29 -4.19 -21.53
C TYR H 185 38.37 -4.43 -23.02
N LEU H 186 38.59 -5.69 -23.36
CA LEU H 186 38.76 -6.14 -24.73
C LEU H 186 37.54 -6.76 -25.40
N VAL H 187 37.58 -6.77 -26.73
CA VAL H 187 36.54 -7.35 -27.58
C VAL H 187 37.21 -7.63 -28.93
N TRP H 188 37.49 -8.91 -29.19
CA TRP H 188 38.15 -9.33 -30.42
C TRP H 188 37.17 -9.85 -31.47
N ARG H 189 37.49 -9.59 -32.72
CA ARG H 189 36.68 -10.03 -33.85
C ARG H 189 37.59 -10.63 -34.89
N ARG H 190 37.00 -11.16 -35.95
CA ARG H 190 37.76 -11.77 -37.05
C ARG H 190 37.66 -10.85 -38.26
N ILE H 191 38.81 -10.52 -38.84
CA ILE H 191 38.83 -9.68 -40.04
C ILE H 191 38.59 -10.63 -41.21
N GLU H 192 37.31 -10.87 -41.51
CA GLU H 192 36.88 -11.77 -42.58
C GLU H 192 37.46 -11.48 -43.96
N ASN H 193 37.49 -10.22 -44.36
CA ASN H 193 38.01 -9.82 -45.67
C ASN H 193 39.08 -8.74 -45.54
N PHE H 194 40.33 -9.15 -45.65
CA PHE H 194 41.45 -8.23 -45.55
C PHE H 194 42.30 -8.18 -46.81
N ALA H 195 43.22 -7.23 -46.87
CA ALA H 195 44.12 -7.06 -48.01
C ALA H 195 45.42 -7.82 -47.78
N MET H 196 46.00 -8.35 -48.85
CA MET H 196 47.27 -9.07 -48.79
C MET H 196 48.41 -8.14 -49.16
N ALA H 197 49.65 -8.59 -48.95
CA ALA H 197 50.84 -7.79 -49.26
C ALA H 197 50.79 -7.13 -50.64
N GLN H 198 50.12 -7.80 -51.57
CA GLN H 198 49.99 -7.30 -52.94
C GLN H 198 48.76 -6.45 -53.21
N GLY H 199 47.67 -6.71 -52.49
CA GLY H 199 46.45 -5.94 -52.69
C GLY H 199 45.22 -6.79 -52.91
N ASN H 200 45.45 -8.09 -53.11
CA ASN H 200 44.37 -9.04 -53.34
C ASN H 200 43.63 -9.35 -52.05
N SER H 201 42.33 -9.62 -52.16
CA SER H 201 41.51 -9.95 -51.00
C SER H 201 41.85 -11.34 -50.43
N GLN H 202 41.56 -11.53 -49.14
CA GLN H 202 41.84 -12.79 -48.47
C GLN H 202 40.80 -13.04 -47.39
N GLN H 203 40.47 -14.31 -47.17
CA GLN H 203 39.48 -14.70 -46.16
C GLN H 203 40.07 -15.34 -44.90
N THR H 204 39.52 -14.96 -43.75
CA THR H 204 39.93 -15.50 -42.47
C THR H 204 38.89 -16.56 -42.15
N GLN H 205 39.34 -17.82 -42.11
CA GLN H 205 38.44 -18.93 -41.84
C GLN H 205 38.02 -19.07 -40.38
N ALA H 206 36.76 -19.40 -40.16
CA ALA H 206 36.21 -19.60 -38.82
C ALA H 206 36.92 -20.77 -38.16
N GLY H 207 37.52 -20.51 -36.99
CA GLY H 207 38.24 -21.55 -36.27
C GLY H 207 39.36 -20.97 -35.43
N VAL H 208 39.68 -19.69 -35.69
CA VAL H 208 40.73 -18.99 -34.95
C VAL H 208 40.28 -18.84 -33.49
N THR H 209 41.23 -18.92 -32.56
CA THR H 209 40.90 -18.82 -31.14
C THR H 209 41.76 -17.88 -30.32
N VAL H 210 41.12 -17.01 -29.54
CA VAL H 210 41.82 -16.06 -28.68
C VAL H 210 41.49 -16.44 -27.23
N SER H 211 42.52 -16.85 -26.50
CA SER H 211 42.37 -17.27 -25.11
C SER H 211 43.22 -16.41 -24.18
N VAL H 212 42.60 -15.95 -23.09
CA VAL H 212 43.28 -15.13 -22.11
C VAL H 212 43.73 -16.00 -20.95
N GLY H 213 44.99 -15.83 -20.55
CA GLY H 213 45.57 -16.59 -19.45
C GLY H 213 45.26 -18.08 -19.45
N GLY H 214 44.93 -18.63 -20.62
CA GLY H 214 44.61 -20.05 -20.70
C GLY H 214 43.18 -20.36 -21.11
N VAL H 215 42.23 -19.56 -20.63
CA VAL H 215 40.83 -19.80 -20.98
C VAL H 215 40.47 -19.18 -22.32
N ASP H 216 39.75 -19.95 -23.14
CA ASP H 216 39.35 -19.50 -24.46
C ASP H 216 38.17 -18.53 -24.37
N MET H 217 38.27 -17.42 -25.10
CA MET H 217 37.22 -16.40 -25.09
C MET H 217 36.50 -16.22 -26.42
N ARG H 218 35.21 -15.91 -26.34
CA ARG H 218 34.38 -15.70 -27.52
C ARG H 218 34.71 -14.37 -28.19
N ALA H 219 34.38 -14.26 -29.47
CA ALA H 219 34.61 -13.04 -30.23
C ALA H 219 33.33 -12.22 -30.15
N GLY H 220 33.48 -10.91 -30.07
CA GLY H 220 32.32 -10.05 -30.00
C GLY H 220 31.80 -9.87 -28.59
N ARG H 221 32.42 -10.56 -27.63
CA ARG H 221 32.03 -10.46 -26.23
C ARG H 221 33.15 -9.71 -25.50
N ILE H 222 32.77 -8.86 -24.56
CA ILE H 222 33.73 -8.08 -23.80
C ILE H 222 34.48 -8.94 -22.80
N ILE H 223 35.77 -8.66 -22.64
CA ILE H 223 36.62 -9.43 -21.74
C ILE H 223 37.39 -8.55 -20.77
N ALA H 224 37.27 -8.88 -19.49
CA ALA H 224 37.97 -8.15 -18.44
C ALA H 224 39.39 -8.72 -18.38
N TRP H 225 40.33 -7.95 -18.91
CA TRP H 225 41.72 -8.38 -18.90
C TRP H 225 42.55 -7.58 -17.93
N ASP H 226 43.27 -8.30 -17.07
CA ASP H 226 44.13 -7.69 -16.07
C ASP H 226 45.43 -7.12 -16.62
N GLY H 227 45.62 -7.25 -17.94
CA GLY H 227 46.83 -6.74 -18.57
C GLY H 227 48.08 -7.54 -18.30
N GLN H 228 48.01 -8.50 -17.38
CA GLN H 228 49.16 -9.32 -17.01
C GLN H 228 49.08 -10.75 -17.55
N ALA H 229 47.87 -11.29 -17.61
CA ALA H 229 47.65 -12.66 -18.09
C ALA H 229 48.09 -12.84 -19.54
N ALA H 230 48.21 -14.09 -19.96
CA ALA H 230 48.65 -14.42 -21.32
C ALA H 230 47.57 -14.26 -22.39
N LEU H 231 47.70 -13.21 -23.21
CA LEU H 231 46.78 -12.96 -24.31
C LEU H 231 47.28 -13.79 -25.48
N HIS H 232 46.78 -15.02 -25.57
CA HIS H 232 47.20 -15.96 -26.60
C HIS H 232 46.22 -16.14 -27.74
N VAL H 233 46.72 -16.00 -28.97
CA VAL H 233 45.90 -16.18 -30.17
C VAL H 233 46.42 -17.40 -30.93
N ARG H 234 45.51 -18.21 -31.47
CA ARG H 234 45.88 -19.42 -32.22
C ARG H 234 45.17 -19.46 -33.56
N ASN H 235 45.88 -19.98 -34.57
CA ASN H 235 45.34 -20.09 -35.92
C ASN H 235 45.44 -21.53 -36.42
N PRO H 236 44.49 -22.39 -36.01
CA PRO H 236 44.53 -23.79 -36.45
C PRO H 236 44.11 -23.95 -37.92
N THR H 237 43.58 -22.86 -38.50
CA THR H 237 43.12 -22.86 -39.89
C THR H 237 44.27 -22.94 -40.89
N GLN H 238 44.00 -23.54 -42.05
CA GLN H 238 45.01 -23.72 -43.09
C GLN H 238 45.14 -22.54 -44.06
N GLN H 239 44.90 -21.35 -43.55
CA GLN H 239 44.99 -20.13 -44.34
C GLN H 239 45.52 -19.00 -43.46
N ASN H 240 45.80 -17.87 -44.10
CA ASN H 240 46.26 -16.70 -43.39
C ASN H 240 45.01 -16.12 -42.73
N ALA H 241 45.19 -15.60 -41.52
CA ALA H 241 44.09 -15.01 -40.79
C ALA H 241 44.52 -13.74 -40.08
N MET H 242 43.59 -12.80 -39.99
CA MET H 242 43.83 -11.53 -39.32
C MET H 242 42.66 -11.23 -38.39
N VAL H 243 42.98 -10.95 -37.12
CA VAL H 243 41.97 -10.64 -36.12
C VAL H 243 42.24 -9.27 -35.49
N GLN H 244 41.17 -8.51 -35.26
CA GLN H 244 41.29 -7.20 -34.66
C GLN H 244 40.83 -7.25 -33.20
N ILE H 245 41.67 -6.73 -32.31
CA ILE H 245 41.36 -6.69 -30.88
C ILE H 245 41.13 -5.23 -30.50
N GLN H 246 40.00 -4.98 -29.85
CA GLN H 246 39.65 -3.62 -29.48
C GLN H 246 39.58 -3.35 -27.98
N VAL H 247 40.15 -2.20 -27.59
CA VAL H 247 40.14 -1.74 -26.22
C VAL H 247 38.98 -0.75 -26.19
N VAL H 248 37.79 -1.27 -25.88
CA VAL H 248 36.60 -0.44 -25.82
C VAL H 248 36.78 0.66 -24.76
N PHE H 249 37.45 0.31 -23.66
CA PHE H 249 37.77 1.23 -22.57
C PHE H 249 38.59 0.50 -21.50
N TYR H 250 39.32 1.28 -20.71
CA TYR H 250 40.13 0.71 -19.65
C TYR H 250 40.03 1.58 -18.41
N ILE H 251 40.62 1.11 -17.31
CA ILE H 251 40.58 1.85 -16.06
C ILE H 251 41.94 1.94 -15.37
N SER H 252 42.25 3.14 -14.90
CA SER H 252 43.51 3.41 -14.21
C SER H 252 43.22 4.37 -13.05
N MET H 253 44.21 4.56 -12.19
CA MET H 253 44.07 5.44 -11.04
C MET H 253 44.41 6.90 -11.34
N ASP H 254 44.05 7.36 -12.53
CA ASP H 254 44.30 8.74 -12.91
C ASP H 254 42.98 9.50 -12.79
N LYS H 255 43.06 10.69 -12.22
CA LYS H 255 41.88 11.52 -12.04
C LYS H 255 41.23 11.88 -13.38
N THR H 256 39.92 11.71 -13.43
CA THR H 256 39.14 12.02 -14.63
C THR H 256 38.26 13.23 -14.30
N LEU H 257 37.37 13.60 -15.22
CA LEU H 257 36.47 14.72 -14.97
C LEU H 257 35.28 14.31 -14.10
N ASN H 258 35.23 13.03 -13.74
CA ASN H 258 34.17 12.48 -12.90
C ASN H 258 34.68 12.14 -11.50
N GLN H 259 35.71 12.86 -11.06
CA GLN H 259 36.26 12.65 -9.73
C GLN H 259 35.33 13.29 -8.69
N TYR H 260 34.68 14.38 -9.10
CA TYR H 260 33.75 15.12 -8.27
C TYR H 260 32.56 15.49 -9.15
N PRO H 261 31.33 15.20 -8.67
CA PRO H 261 30.06 15.46 -9.36
C PRO H 261 29.87 16.78 -10.13
N ALA H 262 29.51 16.63 -11.41
CA ALA H 262 29.28 17.75 -12.33
C ALA H 262 30.45 18.73 -12.46
N LEU H 263 31.67 18.25 -12.16
CA LEU H 263 32.89 19.05 -12.24
C LEU H 263 32.91 19.83 -13.55
N THR H 264 32.61 19.12 -14.63
CA THR H 264 32.56 19.66 -15.98
C THR H 264 31.70 20.91 -16.09
N ALA H 265 30.43 20.77 -15.73
CA ALA H 265 29.46 21.87 -15.77
C ALA H 265 29.98 23.12 -15.05
N GLU H 266 30.69 22.90 -13.95
CA GLU H 266 31.26 23.97 -13.15
C GLU H 266 32.33 24.65 -13.97
N ILE H 267 33.28 23.85 -14.42
CA ILE H 267 34.40 24.31 -15.24
C ILE H 267 33.88 25.17 -16.37
N PHE H 268 32.83 24.68 -17.05
CA PHE H 268 32.22 25.41 -18.14
C PHE H 268 31.82 26.79 -17.64
N ASN H 269 31.12 26.81 -16.51
CA ASN H 269 30.63 28.03 -15.87
C ASN H 269 31.75 29.02 -15.52
N VAL H 270 32.93 28.48 -15.17
CA VAL H 270 34.07 29.32 -14.81
C VAL H 270 34.71 29.92 -16.07
N TYR H 271 35.02 29.05 -17.02
CA TYR H 271 35.62 29.45 -18.28
C TYR H 271 34.68 30.23 -19.19
N SER H 272 33.41 30.35 -18.81
CA SER H 272 32.44 31.10 -19.59
C SER H 272 32.80 32.58 -19.59
N PHE H 273 32.28 33.30 -20.57
CA PHE H 273 32.59 34.71 -20.73
C PHE H 273 31.84 35.76 -19.88
N ARG H 274 30.51 35.79 -20.00
CA ARG H 274 29.66 36.77 -19.31
C ARG H 274 29.97 38.14 -19.91
N ASP H 275 31.01 38.80 -19.41
CA ASP H 275 31.46 40.09 -19.95
C ASP H 275 32.94 40.24 -19.64
N HIS H 276 33.60 41.20 -20.31
CA HIS H 276 35.02 41.44 -20.14
C HIS H 276 35.48 41.53 -18.69
N THR H 277 34.72 42.30 -17.91
CA THR H 277 35.01 42.51 -16.50
C THR H 277 35.22 41.14 -15.84
N TRP H 278 34.21 40.28 -15.95
CA TRP H 278 34.30 38.92 -15.39
C TRP H 278 35.47 38.14 -15.97
N HIS H 279 35.51 38.12 -17.30
CA HIS H 279 36.55 37.42 -18.04
C HIS H 279 37.92 37.71 -17.45
N GLY H 280 38.37 38.95 -17.65
CA GLY H 280 39.67 39.37 -17.16
C GLY H 280 39.90 39.08 -15.70
N LEU H 281 38.85 39.25 -14.90
CA LEU H 281 38.92 39.01 -13.45
C LEU H 281 39.30 37.55 -13.24
N ARG H 282 38.44 36.68 -13.76
CA ARG H 282 38.60 35.24 -13.67
C ARG H 282 39.98 34.80 -14.19
N THR H 283 40.43 35.46 -15.26
CA THR H 283 41.73 35.17 -15.86
C THR H 283 42.79 35.51 -14.81
N ALA H 284 42.81 36.78 -14.39
CA ALA H 284 43.75 37.29 -13.41
C ALA H 284 43.85 36.41 -12.17
N ILE H 285 42.71 35.85 -11.78
CA ILE H 285 42.64 34.97 -10.62
C ILE H 285 43.38 33.67 -10.91
N ARG H 286 43.09 33.08 -12.06
CA ARG H 286 43.74 31.83 -12.45
C ARG H 286 45.22 32.02 -12.77
N ASN H 287 45.64 33.26 -13.00
CA ASN H 287 47.03 33.55 -13.30
C ASN H 287 47.89 33.15 -12.12
N ARG H 288 47.29 33.15 -10.94
CA ARG H 288 47.98 32.77 -9.71
C ARG H 288 47.97 31.25 -9.55
N THR H 289 47.08 30.58 -10.28
CA THR H 289 46.94 29.13 -10.21
C THR H 289 47.62 28.34 -11.31
N THR H 290 47.68 27.03 -11.12
CA THR H 290 48.26 26.10 -12.09
C THR H 290 47.28 25.80 -13.21
N LEU H 291 46.06 26.34 -13.08
CA LEU H 291 45.02 26.15 -14.07
C LEU H 291 45.12 27.18 -15.21
N PRO H 292 44.82 26.74 -16.44
CA PRO H 292 44.86 27.63 -17.62
C PRO H 292 43.90 28.79 -17.41
N ASN H 293 44.40 30.00 -17.61
CA ASN H 293 43.63 31.22 -17.40
C ASN H 293 42.36 31.50 -18.23
N MET H 294 42.11 30.72 -19.28
CA MET H 294 40.91 30.92 -20.08
C MET H 294 40.51 29.78 -21.02
N LEU H 295 41.22 28.66 -20.91
CA LEU H 295 40.93 27.49 -21.72
C LEU H 295 40.91 26.19 -20.92
N PRO H 296 39.74 25.53 -20.83
CA PRO H 296 39.51 24.27 -20.10
C PRO H 296 40.69 23.33 -20.23
N PRO H 297 41.38 23.07 -19.12
CA PRO H 297 42.55 22.18 -19.13
C PRO H 297 42.29 20.89 -19.88
N ILE H 298 43.30 20.51 -20.64
CA ILE H 298 43.27 19.30 -21.45
C ILE H 298 43.08 18.12 -20.50
N PHE H 299 43.88 18.13 -19.45
CA PHE H 299 43.84 17.09 -18.44
C PHE H 299 43.20 17.58 -17.16
N PRO H 300 42.30 16.76 -16.59
CA PRO H 300 41.60 17.12 -15.35
C PRO H 300 42.62 17.26 -14.21
N PRO H 301 42.46 18.30 -13.37
CA PRO H 301 43.36 18.56 -12.24
C PRO H 301 43.35 17.37 -11.28
N ASN H 302 44.21 17.39 -10.27
CA ASN H 302 44.26 16.28 -9.35
C ASN H 302 44.61 16.69 -7.92
N ASP H 303 44.69 18.00 -7.69
CA ASP H 303 45.02 18.51 -6.37
C ASP H 303 43.87 19.30 -5.75
N ARG H 304 43.75 19.19 -4.43
CA ARG H 304 42.70 19.85 -3.66
C ARG H 304 42.54 21.29 -4.12
N ASP H 305 43.58 22.09 -3.90
CA ASP H 305 43.60 23.50 -4.25
C ASP H 305 43.01 23.79 -5.61
N SER H 306 43.34 22.96 -6.59
CA SER H 306 42.82 23.13 -7.95
C SER H 306 41.30 23.06 -7.97
N ILE H 307 40.79 21.85 -7.71
CA ILE H 307 39.35 21.58 -7.70
C ILE H 307 38.61 22.66 -6.93
N LEU H 308 39.04 22.84 -5.69
CA LEU H 308 38.50 23.82 -4.77
C LEU H 308 38.34 25.17 -5.46
N THR H 309 39.47 25.71 -5.93
CA THR H 309 39.55 26.99 -6.62
C THR H 309 38.44 27.12 -7.66
N LEU H 310 38.29 26.06 -8.43
CA LEU H 310 37.30 26.00 -9.49
C LEU H 310 35.90 26.21 -8.90
N LEU H 311 35.56 25.36 -7.93
CA LEU H 311 34.27 25.42 -7.26
C LEU H 311 33.94 26.80 -6.75
N LEU H 312 34.88 27.37 -5.99
CA LEU H 312 34.75 28.70 -5.40
C LEU H 312 34.59 29.75 -6.48
N LEU H 313 35.35 29.60 -7.54
CA LEU H 313 35.30 30.52 -8.65
C LEU H 313 33.96 30.40 -9.37
N SER H 314 33.53 29.16 -9.58
CA SER H 314 32.28 28.85 -10.23
C SER H 314 31.17 29.59 -9.51
N THR H 315 31.15 29.43 -8.18
CA THR H 315 30.17 30.07 -7.32
C THR H 315 30.30 31.58 -7.43
N LEU H 316 31.52 32.08 -7.27
CA LEU H 316 31.82 33.51 -7.35
C LEU H 316 31.32 34.05 -8.68
N ALA H 317 31.22 33.17 -9.66
CA ALA H 317 30.73 33.54 -10.98
C ALA H 317 29.25 33.85 -10.89
N ASP H 318 28.49 32.92 -10.29
CA ASP H 318 27.05 33.08 -10.13
C ASP H 318 26.76 34.32 -9.30
N VAL H 319 27.64 34.61 -8.34
CA VAL H 319 27.48 35.78 -7.48
C VAL H 319 27.62 37.00 -8.40
N TYR H 320 28.64 36.94 -9.27
CA TYR H 320 28.91 38.00 -10.23
C TYR H 320 27.63 38.29 -11.03
N THR H 321 26.98 37.23 -11.48
CA THR H 321 25.76 37.33 -12.27
C THR H 321 24.64 38.10 -11.58
N VAL H 322 24.24 37.61 -10.40
CA VAL H 322 23.16 38.22 -9.63
C VAL H 322 23.42 39.63 -9.14
N LEU H 323 24.65 39.88 -8.70
CA LEU H 323 25.02 41.20 -8.20
C LEU H 323 25.30 42.18 -9.31
N ARG H 324 25.70 41.65 -10.46
CA ARG H 324 26.04 42.43 -11.66
C ARG H 324 26.89 43.67 -11.30
N PRO H 325 28.11 43.44 -10.79
CA PRO H 325 29.01 44.52 -10.39
C PRO H 325 29.61 45.27 -11.59
N GLU H 326 30.02 46.51 -11.33
CA GLU H 326 30.62 47.35 -12.35
C GLU H 326 31.85 48.06 -11.82
N PHE H 327 33.02 47.55 -12.21
CA PHE H 327 34.28 48.15 -11.78
C PHE H 327 35.41 47.97 -12.80
N ALA H 328 36.45 48.76 -12.63
CA ALA H 328 37.62 48.74 -13.50
C ALA H 328 38.59 47.61 -13.20
N MET H 329 39.49 47.40 -14.14
CA MET H 329 40.50 46.37 -14.03
C MET H 329 41.69 46.77 -14.89
N HIS H 330 42.88 46.67 -14.32
CA HIS H 330 44.09 47.02 -15.04
C HIS H 330 44.28 46.17 -16.29
N GLY H 331 44.27 46.84 -17.44
CA GLY H 331 44.43 46.16 -18.71
C GLY H 331 43.15 45.74 -19.40
N VAL H 332 42.01 46.01 -18.77
CA VAL H 332 40.73 45.64 -19.36
C VAL H 332 39.95 46.85 -19.81
N ASN H 333 39.56 46.83 -21.08
CA ASN H 333 38.78 47.91 -21.66
C ASN H 333 37.45 47.33 -22.13
N PRO H 334 36.41 47.48 -21.31
CA PRO H 334 35.06 46.98 -21.58
C PRO H 334 34.35 47.63 -22.77
N MET H 335 33.81 46.79 -23.64
CA MET H 335 33.06 47.23 -24.81
C MET H 335 31.60 46.96 -24.42
N PRO H 336 30.89 47.99 -23.91
CA PRO H 336 29.49 47.91 -23.48
C PRO H 336 28.41 47.55 -24.50
N GLY H 337 28.70 47.70 -25.79
CA GLY H 337 27.72 47.37 -26.83
C GLY H 337 27.18 45.97 -26.67
N PRO H 338 25.84 45.78 -26.67
CA PRO H 338 25.03 44.56 -26.53
C PRO H 338 25.66 43.19 -26.24
N LEU H 339 26.81 42.90 -26.86
CA LEU H 339 27.54 41.63 -26.69
C LEU H 339 26.99 40.47 -27.51
N THR H 340 27.86 39.88 -28.32
CA THR H 340 27.51 38.78 -29.19
C THR H 340 28.53 37.65 -29.12
N ALA H 341 28.17 36.50 -29.69
CA ALA H 341 29.07 35.34 -29.72
C ALA H 341 30.39 35.76 -30.33
N ALA H 342 30.34 36.75 -31.21
CA ALA H 342 31.52 37.29 -31.88
C ALA H 342 32.48 37.97 -30.91
N ILE H 343 32.01 39.03 -30.27
CA ILE H 343 32.82 39.78 -29.31
C ILE H 343 33.43 38.85 -28.26
N ALA H 344 32.68 37.81 -27.91
CA ALA H 344 33.10 36.82 -26.93
C ALA H 344 34.29 36.03 -27.48
N ARG H 345 34.11 35.53 -28.70
CA ARG H 345 35.14 34.76 -29.40
C ARG H 345 36.47 35.53 -29.33
N ALA H 346 36.40 36.80 -29.71
CA ALA H 346 37.55 37.69 -29.72
C ALA H 346 38.32 37.74 -28.41
N ALA H 347 37.60 38.02 -27.34
CA ALA H 347 38.18 38.12 -26.00
C ALA H 347 39.11 37.00 -25.55
N TYR H 348 39.01 35.83 -26.17
CA TYR H 348 39.86 34.70 -25.79
C TYR H 348 41.23 34.68 -26.46
N VAL H 349 41.95 35.81 -26.33
CA VAL H 349 43.29 36.01 -26.87
C VAL H 349 43.42 35.57 -28.33
N MET I 1 14.72 -7.24 12.92
CA MET I 1 14.15 -7.56 11.58
C MET I 1 13.32 -8.87 11.56
N ASP I 2 13.89 -9.94 12.09
CA ASP I 2 13.19 -11.23 12.16
C ASP I 2 11.98 -11.00 13.06
N THR I 3 12.21 -10.27 14.14
CA THR I 3 11.20 -9.90 15.14
C THR I 3 9.95 -9.38 14.46
N ILE I 4 10.18 -8.54 13.45
CA ILE I 4 9.13 -7.92 12.64
C ILE I 4 8.30 -8.99 11.97
N ALA I 5 9.00 -9.99 11.42
CA ALA I 5 8.36 -11.11 10.75
C ALA I 5 7.52 -11.91 11.76
N ALA I 6 8.13 -12.25 12.89
CA ALA I 6 7.45 -12.99 13.95
C ALA I 6 6.15 -12.32 14.29
N ARG I 7 6.21 -11.01 14.49
CA ARG I 7 5.05 -10.21 14.81
C ARG I 7 3.96 -10.40 13.76
N ALA I 8 4.26 -10.02 12.53
CA ALA I 8 3.33 -10.14 11.41
C ALA I 8 2.71 -11.53 11.35
N LEU I 9 3.57 -12.54 11.46
CA LEU I 9 3.15 -13.94 11.44
C LEU I 9 2.12 -14.20 12.55
N THR I 10 2.50 -13.88 13.78
CA THR I 10 1.65 -14.05 14.96
C THR I 10 0.27 -13.51 14.69
N VAL I 11 0.22 -12.28 14.19
CA VAL I 11 -0.99 -11.57 13.86
C VAL I 11 -1.91 -12.38 12.96
N MET I 12 -1.36 -12.84 11.83
CA MET I 12 -2.12 -13.61 10.88
C MET I 12 -2.71 -14.90 11.46
N ARG I 13 -1.84 -15.72 12.05
CA ARG I 13 -2.25 -16.98 12.67
C ARG I 13 -3.34 -16.74 13.70
N ALA I 14 -3.32 -15.54 14.27
CA ALA I 14 -4.28 -15.11 15.27
C ALA I 14 -5.60 -14.72 14.61
N CYS I 15 -5.50 -14.02 13.47
CA CYS I 15 -6.69 -13.59 12.72
C CYS I 15 -7.42 -14.82 12.24
N ALA I 16 -6.65 -15.89 12.06
CA ALA I 16 -7.18 -17.16 11.60
C ALA I 16 -7.81 -17.96 12.76
N THR I 17 -8.27 -17.26 13.79
CA THR I 17 -8.89 -17.90 14.94
C THR I 17 -10.27 -17.26 15.18
N LEU I 18 -10.73 -16.45 14.23
CA LEU I 18 -12.03 -15.81 14.35
C LEU I 18 -13.05 -16.35 13.34
N GLN I 19 -13.10 -17.68 13.23
CA GLN I 19 -14.06 -18.41 12.37
C GLN I 19 -15.41 -18.22 13.05
N GLU I 20 -15.29 -17.84 14.33
CA GLU I 20 -16.35 -17.60 15.27
C GLU I 20 -15.51 -17.75 16.52
N ALA I 21 -15.35 -16.66 17.26
CA ALA I 21 -14.55 -16.74 18.47
C ALA I 21 -15.38 -17.01 19.71
N ARG I 22 -16.29 -16.08 20.02
CA ARG I 22 -17.16 -16.16 21.21
C ARG I 22 -16.25 -16.52 22.38
N ILE I 23 -15.69 -15.49 23.02
CA ILE I 23 -14.73 -15.63 24.13
C ILE I 23 -13.53 -16.51 23.78
N VAL I 24 -12.45 -15.87 23.34
CA VAL I 24 -11.22 -16.57 22.98
C VAL I 24 -10.62 -17.24 24.20
N LEU I 25 -9.80 -18.24 23.96
CA LEU I 25 -9.18 -18.97 25.05
C LEU I 25 -7.79 -18.44 25.30
N GLU I 26 -7.06 -18.26 24.21
CA GLU I 26 -5.69 -17.77 24.25
C GLU I 26 -5.66 -16.29 24.59
N ALA I 27 -5.49 -15.99 25.88
CA ALA I 27 -5.44 -14.61 26.34
C ALA I 27 -4.23 -13.92 25.74
N ASN I 28 -3.15 -14.69 25.58
CA ASN I 28 -1.92 -14.22 25.01
C ASN I 28 -2.20 -13.48 23.73
N VAL I 29 -2.76 -14.23 22.79
CA VAL I 29 -3.14 -13.74 21.48
C VAL I 29 -3.87 -12.41 21.57
N MET I 30 -5.03 -12.42 22.22
CA MET I 30 -5.83 -11.22 22.35
C MET I 30 -5.04 -9.98 22.71
N GLU I 31 -4.32 -10.06 23.82
CA GLU I 31 -3.49 -8.95 24.27
C GLU I 31 -2.73 -8.39 23.07
N ILE I 32 -2.08 -9.28 22.32
CA ILE I 32 -1.30 -8.90 21.16
C ILE I 32 -2.16 -8.35 20.04
N LEU I 33 -3.18 -9.11 19.63
CA LEU I 33 -4.07 -8.68 18.55
C LEU I 33 -4.63 -7.30 18.77
N GLY I 34 -5.14 -7.04 19.98
CA GLY I 34 -5.67 -5.73 20.30
C GLY I 34 -4.60 -4.69 20.02
N ILE I 35 -3.47 -4.86 20.71
CA ILE I 35 -2.32 -3.97 20.58
C ILE I 35 -2.02 -3.66 19.11
N ALA I 36 -1.74 -4.72 18.36
CA ALA I 36 -1.43 -4.63 16.96
C ALA I 36 -2.50 -3.85 16.18
N ILE I 37 -3.74 -4.34 16.22
CA ILE I 37 -4.83 -3.69 15.51
C ILE I 37 -4.96 -2.20 15.83
N ASN I 38 -4.76 -1.82 17.08
CA ASN I 38 -4.84 -0.42 17.46
C ASN I 38 -3.73 0.35 16.77
N ARG I 39 -2.49 -0.11 16.98
CA ARG I 39 -1.30 0.49 16.37
C ARG I 39 -1.49 0.63 14.87
N TYR I 40 -1.97 -0.45 14.26
CA TYR I 40 -2.22 -0.49 12.83
C TYR I 40 -3.25 0.57 12.49
N ASN I 41 -4.47 0.40 12.97
CA ASN I 41 -5.55 1.34 12.73
C ASN I 41 -5.16 2.78 12.99
N GLY I 42 -4.21 3.00 13.89
CA GLY I 42 -3.77 4.35 14.19
C GLY I 42 -2.95 4.95 13.05
N LEU I 43 -1.90 4.22 12.65
CA LEU I 43 -1.04 4.69 11.58
C LEU I 43 -1.66 4.50 10.19
N THR I 44 -2.64 3.60 10.11
CA THR I 44 -3.31 3.29 8.85
C THR I 44 -4.49 4.19 8.60
N LEU I 45 -5.22 4.43 9.69
CA LEU I 45 -6.43 5.24 9.67
C LEU I 45 -7.59 4.40 9.17
N ARG I 46 -7.36 3.09 9.04
CA ARG I 46 -8.41 2.17 8.60
C ARG I 46 -9.18 1.67 9.82
N GLY I 47 -10.30 1.00 9.58
CA GLY I 47 -11.10 0.51 10.68
C GLY I 47 -11.21 -1.00 10.77
N VAL I 48 -10.18 -1.64 11.31
CA VAL I 48 -10.18 -3.09 11.46
C VAL I 48 -10.91 -3.44 12.76
N THR I 49 -11.84 -4.37 12.67
CA THR I 49 -12.62 -4.79 13.84
C THR I 49 -12.05 -6.05 14.45
N MET I 50 -12.18 -6.16 15.77
CA MET I 50 -11.71 -7.31 16.51
C MET I 50 -12.51 -8.54 16.08
N ARG I 51 -13.81 -8.33 15.88
CA ARG I 51 -14.70 -9.39 15.45
C ARG I 51 -15.39 -9.00 14.15
N PRO I 52 -14.77 -9.29 13.00
CA PRO I 52 -15.32 -8.96 11.69
C PRO I 52 -16.57 -9.79 11.46
N THR I 53 -17.53 -9.23 10.71
CA THR I 53 -18.78 -9.93 10.46
C THR I 53 -19.37 -9.65 9.07
N SER I 54 -19.24 -8.41 8.62
CA SER I 54 -19.80 -7.98 7.34
C SER I 54 -19.21 -8.64 6.10
N LEU I 55 -18.05 -8.18 5.70
CA LEU I 55 -17.34 -8.65 4.53
C LEU I 55 -16.31 -7.57 4.38
N ALA I 56 -16.80 -6.33 4.30
CA ALA I 56 -15.92 -5.18 4.19
C ALA I 56 -14.97 -5.22 5.37
N GLN I 57 -15.48 -5.65 6.51
CA GLN I 57 -14.70 -5.78 7.73
C GLN I 57 -13.68 -6.89 7.59
N ARG I 58 -14.12 -7.98 6.97
CA ARG I 58 -13.26 -9.13 6.74
C ARG I 58 -12.15 -8.80 5.76
N ASN I 59 -12.51 -8.05 4.70
CA ASN I 59 -11.56 -7.64 3.67
C ASN I 59 -10.53 -6.76 4.35
N GLU I 60 -11.02 -5.81 5.14
CA GLU I 60 -10.18 -4.87 5.87
C GLU I 60 -9.08 -5.61 6.63
N MET I 61 -9.52 -6.55 7.46
CA MET I 61 -8.61 -7.35 8.27
C MET I 61 -7.63 -8.10 7.37
N PHE I 62 -8.15 -8.68 6.28
CA PHE I 62 -7.30 -9.40 5.36
C PHE I 62 -6.21 -8.48 4.84
N PHE I 63 -6.63 -7.36 4.26
CA PHE I 63 -5.74 -6.34 3.72
C PHE I 63 -4.64 -6.02 4.70
N MET I 64 -5.00 -5.98 5.98
CA MET I 64 -4.04 -5.71 7.03
C MET I 64 -2.98 -6.79 7.03
N CYS I 65 -3.41 -8.04 7.15
CA CYS I 65 -2.51 -9.20 7.16
C CYS I 65 -1.61 -9.14 5.94
N LEU I 66 -2.23 -8.79 4.82
CA LEU I 66 -1.54 -8.69 3.54
C LEU I 66 -0.45 -7.63 3.64
N ASP I 67 -0.84 -6.45 4.12
CA ASP I 67 0.07 -5.33 4.29
C ASP I 67 1.28 -5.76 5.11
N MET I 68 0.99 -6.35 6.27
CA MET I 68 2.02 -6.82 7.21
C MET I 68 2.88 -7.90 6.59
N MET I 69 2.22 -8.86 5.96
CA MET I 69 2.87 -9.99 5.30
C MET I 69 3.87 -9.47 4.27
N LEU I 70 3.43 -8.51 3.47
CA LEU I 70 4.26 -7.92 2.44
C LEU I 70 5.41 -7.15 3.06
N SER I 71 5.12 -6.32 4.05
CA SER I 71 6.14 -5.54 4.73
C SER I 71 7.18 -6.45 5.34
N ALA I 72 6.73 -7.58 5.88
CA ALA I 72 7.61 -8.56 6.50
C ALA I 72 8.49 -9.24 5.48
N ALA I 73 7.94 -9.45 4.28
CA ALA I 73 8.68 -10.09 3.19
C ALA I 73 9.58 -9.08 2.45
N GLY I 74 9.34 -7.79 2.69
CA GLY I 74 10.10 -6.74 2.05
C GLY I 74 9.68 -6.66 0.59
N ILE I 75 8.37 -6.74 0.38
CA ILE I 75 7.80 -6.73 -0.95
C ILE I 75 6.89 -5.54 -1.21
N ASN I 76 7.06 -4.94 -2.38
CA ASN I 76 6.22 -3.83 -2.80
C ASN I 76 5.57 -4.29 -4.09
N VAL I 77 4.34 -4.82 -3.97
CA VAL I 77 3.59 -5.34 -5.11
C VAL I 77 3.09 -4.30 -6.10
N GLY I 78 2.95 -3.06 -5.64
CA GLY I 78 2.46 -2.00 -6.51
C GLY I 78 0.97 -2.11 -6.75
N PRO I 79 0.41 -1.30 -7.68
CA PRO I 79 -1.02 -1.28 -8.01
C PRO I 79 -1.48 -2.58 -8.63
N ILE I 80 -2.05 -3.46 -7.82
CA ILE I 80 -2.52 -4.73 -8.33
C ILE I 80 -4.02 -4.91 -8.13
N SER I 81 -4.63 -3.90 -7.49
CA SER I 81 -6.07 -3.91 -7.25
C SER I 81 -6.62 -2.51 -7.05
N PRO I 82 -7.88 -2.31 -7.42
CA PRO I 82 -8.55 -1.01 -7.29
C PRO I 82 -9.11 -0.91 -5.86
N ASP I 83 -9.29 -2.06 -5.24
CA ASP I 83 -9.83 -2.16 -3.89
C ASP I 83 -8.75 -2.10 -2.81
N TYR I 84 -7.63 -2.78 -3.05
CA TYR I 84 -6.54 -2.78 -2.08
C TYR I 84 -5.39 -1.89 -2.51
N THR I 85 -4.80 -1.23 -1.52
CA THR I 85 -3.66 -0.36 -1.72
C THR I 85 -2.71 -0.70 -0.57
N GLN I 86 -1.45 -0.92 -0.90
CA GLN I 86 -0.47 -1.27 0.11
C GLN I 86 0.07 -0.03 0.84
N HIS I 87 0.06 -0.08 2.18
CA HIS I 87 0.56 1.02 2.99
C HIS I 87 1.93 0.62 3.46
N MET I 88 2.93 1.39 3.03
CA MET I 88 4.31 1.12 3.39
C MET I 88 4.48 1.33 4.88
N ALA I 89 3.65 2.23 5.43
CA ALA I 89 3.66 2.56 6.85
C ALA I 89 3.62 1.30 7.71
N THR I 90 3.04 0.23 7.16
CA THR I 90 2.91 -1.05 7.83
C THR I 90 4.20 -1.50 8.51
N ILE I 91 5.33 -1.23 7.86
CA ILE I 91 6.63 -1.58 8.42
C ILE I 91 6.84 -0.88 9.77
N GLY I 92 6.47 0.40 9.82
CA GLY I 92 6.58 1.18 11.03
C GLY I 92 5.69 0.65 12.15
N VAL I 93 4.69 -0.14 11.79
CA VAL I 93 3.79 -0.72 12.78
C VAL I 93 4.45 -1.94 13.41
N LEU I 94 5.10 -2.75 12.59
CA LEU I 94 5.76 -3.96 13.08
C LEU I 94 7.10 -3.69 13.76
N ALA I 95 7.65 -2.50 13.56
CA ALA I 95 8.92 -2.12 14.15
C ALA I 95 8.82 -1.82 15.66
N THR I 96 7.61 -1.48 16.11
CA THR I 96 7.30 -1.16 17.51
C THR I 96 7.49 -2.33 18.44
N PRO I 97 8.37 -2.19 19.44
CA PRO I 97 8.64 -3.25 20.42
C PRO I 97 7.45 -3.48 21.33
N GLU I 98 6.43 -2.65 21.15
CA GLU I 98 5.17 -2.70 21.90
C GLU I 98 4.46 -4.01 21.56
N ILE I 99 4.64 -4.45 20.33
CA ILE I 99 4.00 -5.67 19.86
C ILE I 99 4.80 -6.94 20.17
N PRO I 100 4.15 -7.87 20.88
CA PRO I 100 4.75 -9.15 21.26
C PRO I 100 4.48 -10.14 20.14
N PHE I 101 5.06 -11.32 20.28
CA PHE I 101 4.88 -12.38 19.29
C PHE I 101 4.85 -13.69 20.05
N THR I 102 4.16 -14.67 19.49
CA THR I 102 4.05 -15.97 20.12
C THR I 102 5.39 -16.70 20.17
N THR I 103 5.48 -17.68 21.07
CA THR I 103 6.69 -18.48 21.22
C THR I 103 6.81 -19.25 19.91
N GLU I 104 5.65 -19.66 19.39
CA GLU I 104 5.54 -20.40 18.14
C GLU I 104 6.20 -19.61 17.02
N ALA I 105 5.72 -18.39 16.80
CA ALA I 105 6.25 -17.50 15.77
C ALA I 105 7.74 -17.29 15.94
N ALA I 106 8.17 -17.06 17.19
CA ALA I 106 9.58 -16.85 17.50
C ALA I 106 10.44 -18.03 17.03
N ASN I 107 10.05 -19.24 17.44
CA ASN I 107 10.77 -20.45 17.06
C ASN I 107 10.72 -20.72 15.55
N GLU I 108 9.56 -20.46 14.96
CA GLU I 108 9.36 -20.66 13.54
C GLU I 108 10.43 -19.85 12.79
N ILE I 109 10.57 -18.58 13.14
CA ILE I 109 11.55 -17.70 12.52
C ILE I 109 12.98 -18.13 12.85
N ALA I 110 13.23 -18.37 14.14
CA ALA I 110 14.53 -18.79 14.63
C ALA I 110 15.11 -19.98 13.85
N ARG I 111 14.22 -20.84 13.40
CA ARG I 111 14.60 -22.01 12.63
C ARG I 111 15.03 -21.54 11.25
N VAL I 112 14.14 -20.82 10.57
CA VAL I 112 14.39 -20.28 9.24
C VAL I 112 15.72 -19.54 9.19
N THR I 113 15.83 -18.44 9.92
CA THR I 113 17.05 -17.64 9.93
C THR I 113 18.23 -18.50 10.34
N GLY I 114 17.98 -19.41 11.29
CA GLY I 114 19.01 -20.31 11.79
C GLY I 114 19.73 -21.12 10.72
N GLU I 115 19.00 -22.04 10.09
CA GLU I 115 19.56 -22.90 9.05
C GLU I 115 19.87 -22.15 7.77
N THR I 116 18.98 -21.23 7.39
CA THR I 116 19.13 -20.45 6.18
C THR I 116 20.46 -19.70 6.13
N SER I 117 21.01 -19.39 7.31
CA SER I 117 22.28 -18.67 7.41
C SER I 117 23.52 -19.56 7.45
N THR I 118 23.33 -20.86 7.66
CA THR I 118 24.46 -21.79 7.69
C THR I 118 24.17 -23.00 6.80
N TRP I 119 25.12 -23.92 6.72
CA TRP I 119 24.98 -25.11 5.89
C TRP I 119 24.87 -26.37 6.74
N GLY I 120 24.56 -27.48 6.09
CA GLY I 120 24.43 -28.75 6.79
C GLY I 120 24.28 -29.94 5.87
N PRO I 121 24.67 -31.14 6.34
CA PRO I 121 24.61 -32.40 5.59
C PRO I 121 23.16 -32.84 5.36
N ALA I 122 22.85 -33.21 4.12
CA ALA I 122 21.50 -33.64 3.75
C ALA I 122 21.44 -34.61 2.57
N ARG I 123 20.58 -35.62 2.68
CA ARG I 123 20.36 -36.61 1.64
C ARG I 123 19.85 -35.90 0.41
N GLN I 124 20.60 -35.99 -0.69
CA GLN I 124 20.15 -35.36 -1.92
C GLN I 124 18.98 -36.13 -2.52
N PRO I 125 18.10 -35.43 -3.25
CA PRO I 125 16.90 -35.96 -3.91
C PRO I 125 17.02 -36.86 -5.15
N TYR I 126 17.90 -36.50 -6.08
CA TYR I 126 18.03 -37.28 -7.31
C TYR I 126 19.29 -38.14 -7.41
N GLY I 127 19.33 -38.98 -8.45
CA GLY I 127 20.47 -39.86 -8.65
C GLY I 127 21.77 -39.08 -8.82
N PHE I 128 22.88 -39.70 -8.42
CA PHE I 128 24.19 -39.07 -8.51
C PHE I 128 24.53 -38.65 -9.94
N PHE I 129 24.47 -39.62 -10.86
CA PHE I 129 24.77 -39.40 -12.27
C PHE I 129 23.55 -38.95 -13.04
N LEU I 130 22.86 -37.92 -12.55
CA LEU I 130 21.68 -37.43 -13.24
C LEU I 130 22.05 -36.42 -14.31
N GLU I 131 23.04 -35.57 -14.01
CA GLU I 131 23.47 -34.56 -14.97
C GLU I 131 24.52 -35.06 -15.96
N THR I 132 24.33 -36.28 -16.45
CA THR I 132 25.24 -36.90 -17.41
C THR I 132 24.68 -36.83 -18.83
N GLU I 133 25.57 -36.59 -19.80
CA GLU I 133 25.18 -36.49 -21.20
C GLU I 133 25.15 -37.85 -21.89
N GLU I 134 26.02 -38.75 -21.46
CA GLU I 134 26.13 -40.07 -22.07
C GLU I 134 25.95 -41.22 -21.09
N THR I 135 25.20 -42.23 -21.52
CA THR I 135 24.91 -43.41 -20.71
C THR I 135 25.09 -44.67 -21.57
N PHE I 136 25.37 -45.80 -20.93
CA PHE I 136 25.60 -47.06 -21.63
C PHE I 136 24.56 -48.11 -21.29
N GLN I 137 24.45 -49.15 -22.12
CA GLN I 137 23.50 -50.21 -21.84
C GLN I 137 23.99 -50.99 -20.64
N PRO I 138 23.07 -51.31 -19.72
CA PRO I 138 23.35 -52.07 -18.49
C PRO I 138 23.58 -53.54 -18.78
N GLY I 139 24.64 -54.10 -18.17
CA GLY I 139 24.96 -55.49 -18.39
C GLY I 139 25.80 -55.75 -19.63
N ARG I 140 25.81 -54.79 -20.55
CA ARG I 140 26.60 -54.94 -21.78
C ARG I 140 28.07 -54.60 -21.58
N TRP I 141 28.93 -55.53 -21.98
CA TRP I 141 30.36 -55.38 -21.89
C TRP I 141 30.84 -54.20 -22.73
N PHE I 142 31.93 -53.59 -22.29
CA PHE I 142 32.55 -52.47 -22.98
C PHE I 142 33.90 -52.18 -22.35
N MET I 143 34.93 -52.28 -23.17
CA MET I 143 36.29 -52.05 -22.74
C MET I 143 36.92 -50.99 -23.64
N ARG I 144 37.20 -49.81 -23.09
CA ARG I 144 37.81 -48.75 -23.87
C ARG I 144 39.20 -49.21 -24.31
N ALA I 145 39.57 -48.84 -25.53
CA ALA I 145 40.86 -49.22 -26.10
C ALA I 145 42.06 -48.98 -25.18
N ALA I 146 42.88 -50.02 -25.04
CA ALA I 146 44.11 -50.00 -24.23
C ALA I 146 43.94 -50.14 -22.72
N GLN I 147 42.69 -50.18 -22.25
CA GLN I 147 42.42 -50.32 -20.82
C GLN I 147 42.05 -51.74 -20.45
N ALA I 148 42.47 -52.17 -19.25
CA ALA I 148 42.17 -53.51 -18.75
C ALA I 148 40.96 -53.50 -17.82
N ALA I 149 40.57 -52.30 -17.39
CA ALA I 149 39.44 -52.08 -16.50
C ALA I 149 38.74 -50.81 -16.98
N THR I 150 37.48 -50.93 -17.40
CA THR I 150 36.74 -49.78 -17.91
C THR I 150 35.41 -49.56 -17.19
N ALA I 151 35.38 -48.53 -16.34
CA ALA I 151 34.19 -48.17 -15.57
C ALA I 151 33.33 -47.23 -16.42
N VAL I 152 32.02 -47.39 -16.33
CA VAL I 152 31.12 -46.56 -17.10
C VAL I 152 29.72 -46.41 -16.50
N VAL I 153 29.10 -45.27 -16.77
CA VAL I 153 27.76 -44.96 -16.27
C VAL I 153 26.72 -45.71 -17.10
N CYS I 154 25.79 -46.37 -16.41
CA CYS I 154 24.73 -47.12 -17.08
C CYS I 154 23.34 -46.67 -16.62
N GLY I 155 23.31 -45.76 -15.66
CA GLY I 155 22.06 -45.24 -15.14
C GLY I 155 22.26 -43.98 -14.32
N PRO I 156 21.17 -43.36 -13.85
CA PRO I 156 21.24 -42.13 -13.06
C PRO I 156 21.97 -42.33 -11.72
N ASP I 157 22.01 -43.58 -11.26
CA ASP I 157 22.64 -43.93 -10.00
C ASP I 157 23.37 -45.26 -10.16
N MET I 158 23.75 -45.56 -11.39
CA MET I 158 24.38 -46.84 -11.68
C MET I 158 25.62 -46.79 -12.57
N ILE I 159 26.62 -47.55 -12.17
CA ILE I 159 27.84 -47.69 -12.96
C ILE I 159 28.16 -49.17 -13.02
N GLN I 160 28.95 -49.54 -14.02
CA GLN I 160 29.36 -50.92 -14.21
C GLN I 160 30.80 -50.90 -14.72
N VAL I 161 31.62 -51.80 -14.17
CA VAL I 161 33.02 -51.88 -14.56
C VAL I 161 33.33 -53.17 -15.31
N SER I 162 33.92 -53.03 -16.49
CA SER I 162 34.30 -54.17 -17.32
C SER I 162 35.76 -54.51 -17.02
N LEU I 163 35.98 -55.69 -16.46
CA LEU I 163 37.32 -56.17 -16.12
C LEU I 163 37.73 -57.37 -16.94
N ASN I 164 38.97 -57.35 -17.43
CA ASN I 164 39.49 -58.48 -18.20
C ASN I 164 40.02 -59.46 -17.17
N ALA I 165 40.07 -60.74 -17.53
CA ALA I 165 40.57 -61.76 -16.61
C ALA I 165 41.93 -61.33 -16.07
N GLY I 166 42.08 -61.38 -14.75
CA GLY I 166 43.34 -61.00 -14.11
C GLY I 166 43.61 -59.50 -14.02
N ALA I 167 42.68 -58.68 -14.51
CA ALA I 167 42.84 -57.22 -14.48
C ALA I 167 42.43 -56.57 -13.15
N ARG I 168 42.81 -55.31 -12.99
CA ARG I 168 42.50 -54.53 -11.78
C ARG I 168 42.62 -53.03 -12.08
N GLY I 169 42.19 -52.19 -11.12
CA GLY I 169 42.27 -50.76 -11.30
C GLY I 169 41.42 -49.88 -10.38
N ASP I 170 41.77 -48.60 -10.33
CA ASP I 170 41.06 -47.62 -9.53
C ASP I 170 39.89 -47.08 -10.34
N VAL I 171 38.76 -46.83 -9.69
CA VAL I 171 37.55 -46.38 -10.36
C VAL I 171 37.04 -44.99 -9.94
N GLN I 172 37.36 -44.59 -8.71
CA GLN I 172 36.93 -43.31 -8.16
C GLN I 172 36.76 -42.09 -9.07
N GLN I 173 37.69 -41.89 -10.00
CA GLN I 173 37.61 -40.73 -10.90
C GLN I 173 36.33 -40.57 -11.72
N ILE I 174 35.53 -41.62 -11.83
CA ILE I 174 34.27 -41.55 -12.57
C ILE I 174 33.25 -40.69 -11.79
N PHE I 175 33.35 -40.73 -10.47
CA PHE I 175 32.49 -39.98 -9.57
C PHE I 175 32.92 -38.53 -9.39
N GLN I 176 34.23 -38.34 -9.21
CA GLN I 176 34.82 -37.01 -8.99
C GLN I 176 34.54 -35.98 -10.06
N GLY I 177 34.53 -34.72 -9.66
CA GLY I 177 34.27 -33.63 -10.59
C GLY I 177 32.80 -33.28 -10.67
N ARG I 178 31.95 -34.23 -10.28
CA ARG I 178 30.51 -34.03 -10.31
C ARG I 178 30.02 -33.63 -8.91
N ASN I 179 29.20 -32.58 -8.86
CA ASN I 179 28.64 -32.07 -7.59
C ASN I 179 29.75 -31.72 -6.59
N ASP I 180 29.47 -31.99 -5.30
CA ASP I 180 30.41 -31.76 -4.20
C ASP I 180 29.92 -32.57 -3.00
N PRO I 181 29.94 -33.90 -3.11
CA PRO I 181 29.49 -34.79 -2.04
C PRO I 181 30.43 -34.80 -0.83
N MET I 182 29.87 -35.21 0.30
CA MET I 182 30.60 -35.29 1.56
C MET I 182 30.72 -36.76 1.90
N MET I 183 29.69 -37.52 1.54
CA MET I 183 29.65 -38.94 1.80
C MET I 183 28.73 -39.63 0.80
N ILE I 184 29.27 -40.63 0.11
CA ILE I 184 28.52 -41.40 -0.88
C ILE I 184 28.32 -42.80 -0.32
N TYR I 185 27.09 -43.28 -0.42
CA TYR I 185 26.74 -44.60 0.07
C TYR I 185 26.58 -45.59 -1.08
N LEU I 186 27.50 -46.55 -1.11
CA LEU I 186 27.54 -47.57 -2.14
C LEU I 186 27.06 -48.94 -1.75
N VAL I 187 26.99 -49.80 -2.76
CA VAL I 187 26.59 -51.20 -2.65
C VAL I 187 26.90 -51.82 -4.00
N TRP I 188 27.96 -52.63 -4.04
CA TRP I 188 28.37 -53.27 -5.29
C TRP I 188 27.90 -54.71 -5.39
N ARG I 189 27.63 -55.13 -6.62
CA ARG I 189 27.16 -56.47 -6.91
C ARG I 189 27.91 -57.01 -8.12
N ARG I 190 27.83 -58.33 -8.31
CA ARG I 190 28.46 -59.01 -9.44
C ARG I 190 27.40 -59.23 -10.51
N ILE I 191 27.66 -58.80 -11.75
CA ILE I 191 26.70 -59.01 -12.82
C ILE I 191 26.92 -60.44 -13.34
N GLU I 192 26.27 -61.39 -12.69
CA GLU I 192 26.35 -62.83 -12.98
C GLU I 192 26.19 -63.22 -14.45
N ASN I 193 25.30 -62.53 -15.15
CA ASN I 193 25.05 -62.82 -16.57
C ASN I 193 25.02 -61.51 -17.35
N PHE I 194 25.96 -61.36 -18.28
CA PHE I 194 26.04 -60.15 -19.09
C PHE I 194 26.28 -60.39 -20.57
N ALA I 195 25.98 -59.39 -21.38
CA ALA I 195 26.16 -59.47 -22.83
C ALA I 195 27.59 -59.13 -23.22
N MET I 196 28.13 -59.87 -24.18
CA MET I 196 29.49 -59.65 -24.68
C MET I 196 29.44 -58.70 -25.88
N ALA I 197 30.62 -58.27 -26.33
CA ALA I 197 30.72 -57.36 -27.48
C ALA I 197 29.89 -57.85 -28.67
N GLN I 198 29.81 -59.17 -28.81
CA GLN I 198 29.05 -59.78 -29.90
C GLN I 198 27.61 -60.13 -29.57
N GLY I 199 27.30 -60.32 -28.30
CA GLY I 199 25.94 -60.62 -27.92
C GLY I 199 25.78 -61.90 -27.12
N ASN I 200 26.83 -62.70 -27.06
CA ASN I 200 26.80 -63.96 -26.33
C ASN I 200 26.85 -63.75 -24.81
N SER I 201 26.12 -64.59 -24.09
CA SER I 201 26.08 -64.50 -22.63
C SER I 201 27.44 -64.86 -22.02
N GLN I 202 27.75 -64.25 -20.89
CA GLN I 202 29.01 -64.48 -20.21
C GLN I 202 28.78 -64.47 -18.70
N GLN I 203 29.55 -65.29 -17.99
CA GLN I 203 29.43 -65.37 -16.53
C GLN I 203 30.55 -64.65 -15.79
N THR I 204 30.21 -64.03 -14.66
CA THR I 204 31.17 -63.34 -13.82
C THR I 204 31.41 -64.28 -12.65
N GLN I 205 32.59 -64.87 -12.61
CA GLN I 205 32.95 -65.82 -11.55
C GLN I 205 33.09 -65.19 -10.18
N ALA I 206 32.73 -65.97 -9.16
CA ALA I 206 32.81 -65.54 -7.77
C ALA I 206 34.26 -65.44 -7.30
N GLY I 207 34.65 -64.26 -6.83
CA GLY I 207 36.01 -64.05 -6.37
C GLY I 207 36.49 -62.63 -6.62
N VAL I 208 35.70 -61.87 -7.39
CA VAL I 208 36.01 -60.48 -7.70
C VAL I 208 36.00 -59.70 -6.38
N THR I 209 36.98 -58.82 -6.19
CA THR I 209 37.07 -58.05 -4.94
C THR I 209 37.11 -56.54 -5.10
N VAL I 210 36.26 -55.84 -4.35
CA VAL I 210 36.24 -54.38 -4.37
C VAL I 210 36.71 -53.90 -3.00
N SER I 211 37.78 -53.10 -3.00
CA SER I 211 38.36 -52.58 -1.78
C SER I 211 38.40 -51.05 -1.77
N VAL I 212 37.99 -50.47 -0.65
CA VAL I 212 37.98 -49.02 -0.50
C VAL I 212 39.17 -48.62 0.37
N GLY I 213 39.94 -47.65 -0.11
CA GLY I 213 41.11 -47.16 0.61
C GLY I 213 42.00 -48.26 1.18
N GLY I 214 42.02 -49.41 0.53
CA GLY I 214 42.84 -50.51 0.99
C GLY I 214 42.08 -51.66 1.60
N VAL I 215 41.04 -51.38 2.37
CA VAL I 215 40.26 -52.44 3.00
C VAL I 215 39.27 -53.06 2.03
N ASP I 216 39.14 -54.39 2.08
CA ASP I 216 38.24 -55.11 1.20
C ASP I 216 36.81 -55.09 1.71
N MET I 217 35.87 -54.80 0.80
CA MET I 217 34.45 -54.73 1.13
C MET I 217 33.62 -55.85 0.50
N ARG I 218 32.50 -56.14 1.15
CA ARG I 218 31.56 -57.16 0.70
C ARG I 218 30.57 -56.63 -0.33
N ALA I 219 29.97 -57.54 -1.09
CA ALA I 219 28.98 -57.16 -2.09
C ALA I 219 27.61 -57.18 -1.43
N GLY I 220 26.71 -56.32 -1.90
CA GLY I 220 25.37 -56.27 -1.35
C GLY I 220 25.24 -55.55 -0.03
N ARG I 221 26.35 -54.97 0.44
CA ARG I 221 26.36 -54.21 1.70
C ARG I 221 26.54 -52.74 1.40
N ILE I 222 26.02 -51.89 2.27
CA ILE I 222 26.15 -50.46 2.08
C ILE I 222 27.52 -50.01 2.55
N ILE I 223 28.09 -49.06 1.82
CA ILE I 223 29.43 -48.59 2.11
C ILE I 223 29.55 -47.08 2.22
N ALA I 224 30.16 -46.64 3.32
CA ALA I 224 30.36 -45.22 3.56
C ALA I 224 31.65 -44.80 2.89
N TRP I 225 31.52 -44.24 1.69
CA TRP I 225 32.69 -43.80 0.94
C TRP I 225 32.82 -42.29 0.95
N ASP I 226 33.98 -41.83 1.40
CA ASP I 226 34.27 -40.40 1.49
C ASP I 226 34.57 -39.71 0.17
N GLY I 227 34.51 -40.45 -0.93
CA GLY I 227 34.76 -39.87 -2.24
C GLY I 227 36.22 -39.63 -2.58
N GLN I 228 37.09 -39.74 -1.59
CA GLN I 228 38.52 -39.51 -1.79
C GLN I 228 39.33 -40.78 -1.64
N ALA I 229 38.79 -41.76 -0.92
CA ALA I 229 39.48 -43.04 -0.70
C ALA I 229 39.58 -43.85 -1.99
N ALA I 230 40.57 -44.74 -2.04
CA ALA I 230 40.82 -45.58 -3.22
C ALA I 230 39.76 -46.64 -3.51
N LEU I 231 39.01 -46.44 -4.58
CA LEU I 231 37.98 -47.38 -4.99
C LEU I 231 38.65 -48.33 -6.01
N HIS I 232 39.14 -49.45 -5.51
CA HIS I 232 39.86 -50.43 -6.34
C HIS I 232 39.12 -51.74 -6.56
N VAL I 233 39.04 -52.16 -7.82
CA VAL I 233 38.38 -53.41 -8.18
C VAL I 233 39.42 -54.38 -8.77
N ARG I 234 39.40 -55.64 -8.31
CA ARG I 234 40.34 -56.66 -8.78
C ARG I 234 39.62 -57.86 -9.35
N ASN I 235 40.18 -58.41 -10.42
CA ASN I 235 39.61 -59.57 -11.07
C ASN I 235 40.63 -60.70 -11.07
N PRO I 236 40.72 -61.44 -9.95
CA PRO I 236 41.67 -62.56 -9.85
C PRO I 236 41.18 -63.80 -10.62
N THR I 237 39.98 -63.68 -11.20
CA THR I 237 39.38 -64.79 -11.95
C THR I 237 39.89 -64.89 -13.38
N GLN I 238 39.90 -66.12 -13.91
CA GLN I 238 40.37 -66.40 -15.27
C GLN I 238 39.32 -66.19 -16.36
N GLN I 239 38.47 -65.19 -16.16
CA GLN I 239 37.43 -64.86 -17.12
C GLN I 239 37.12 -63.38 -17.00
N ASN I 240 36.39 -62.86 -17.98
CA ASN I 240 36.00 -61.46 -17.96
C ASN I 240 34.99 -61.31 -16.82
N ALA I 241 34.85 -60.08 -16.32
CA ALA I 241 33.93 -59.82 -15.23
C ALA I 241 33.32 -58.42 -15.31
N MET I 242 32.07 -58.32 -14.89
CA MET I 242 31.37 -57.06 -14.88
C MET I 242 30.66 -56.90 -13.55
N VAL I 243 31.04 -55.84 -12.82
CA VAL I 243 30.45 -55.54 -11.52
C VAL I 243 29.74 -54.21 -11.57
N GLN I 244 28.55 -54.16 -10.96
CA GLN I 244 27.80 -52.92 -10.92
C GLN I 244 27.89 -52.31 -9.52
N ILE I 245 28.19 -51.01 -9.48
CA ILE I 245 28.31 -50.29 -8.23
C ILE I 245 27.19 -49.26 -8.19
N GLN I 246 26.48 -49.21 -7.08
CA GLN I 246 25.35 -48.30 -6.93
C GLN I 246 25.41 -47.24 -5.85
N VAL I 247 25.13 -46.00 -6.26
CA VAL I 247 25.06 -44.86 -5.35
C VAL I 247 23.62 -44.92 -4.89
N VAL I 248 23.40 -45.58 -3.75
CA VAL I 248 22.04 -45.71 -3.21
C VAL I 248 21.51 -44.33 -2.78
N PHE I 249 22.43 -43.48 -2.31
CA PHE I 249 22.15 -42.10 -1.91
C PHE I 249 23.43 -41.42 -1.43
N TYR I 250 23.49 -40.10 -1.60
CA TYR I 250 24.65 -39.35 -1.16
C TYR I 250 24.19 -38.13 -0.40
N ILE I 251 25.13 -37.49 0.31
CA ILE I 251 24.82 -36.30 1.09
C ILE I 251 25.78 -35.17 0.77
N SER I 252 25.23 -33.97 0.66
CA SER I 252 26.01 -32.77 0.38
C SER I 252 25.43 -31.62 1.18
N MET I 253 26.09 -30.47 1.13
CA MET I 253 25.63 -29.31 1.89
C MET I 253 24.67 -28.42 1.10
N ASP I 254 24.06 -28.98 0.06
CA ASP I 254 23.09 -28.23 -0.75
C ASP I 254 21.74 -28.36 -0.06
N LYS I 255 21.04 -27.24 0.06
CA LYS I 255 19.74 -27.25 0.72
C LYS I 255 18.74 -28.12 -0.02
N THR I 256 18.04 -28.96 0.75
CA THR I 256 17.03 -29.87 0.21
C THR I 256 15.67 -29.34 0.65
N LEU I 257 14.62 -30.12 0.44
CA LEU I 257 13.28 -29.70 0.84
C LEU I 257 13.02 -29.92 2.34
N ASN I 258 14.00 -30.52 3.03
CA ASN I 258 13.90 -30.80 4.46
C ASN I 258 14.74 -29.85 5.30
N GLN I 259 15.03 -28.68 4.75
CA GLN I 259 15.81 -27.68 5.47
C GLN I 259 14.97 -27.10 6.62
N TYR I 260 13.65 -27.15 6.43
CA TYR I 260 12.69 -26.64 7.41
C TYR I 260 11.48 -27.57 7.44
N PRO I 261 11.00 -27.94 8.65
CA PRO I 261 9.87 -28.83 8.88
C PRO I 261 8.63 -28.64 7.98
N ALA I 262 8.29 -29.71 7.26
CA ALA I 262 7.14 -29.77 6.35
C ALA I 262 7.08 -28.63 5.31
N LEU I 263 8.25 -28.08 4.98
CA LEU I 263 8.37 -26.99 3.99
C LEU I 263 7.53 -27.35 2.77
N THR I 264 7.63 -28.61 2.36
CA THR I 264 6.92 -29.18 1.21
C THR I 264 5.44 -28.83 1.23
N ALA I 265 4.76 -29.31 2.28
CA ALA I 265 3.33 -29.09 2.46
C ALA I 265 2.94 -27.62 2.36
N GLU I 266 3.79 -26.76 2.93
CA GLU I 266 3.57 -25.32 2.91
C GLU I 266 3.58 -24.81 1.49
N ILE I 267 4.63 -25.19 0.76
CA ILE I 267 4.80 -24.80 -0.64
C ILE I 267 3.57 -25.19 -1.42
N PHE I 268 3.09 -26.42 -1.22
CA PHE I 268 1.89 -26.92 -1.89
C PHE I 268 0.75 -25.95 -1.61
N ASN I 269 0.56 -25.65 -0.32
CA ASN I 269 -0.47 -24.75 0.16
C ASN I 269 -0.41 -23.38 -0.52
N VAL I 270 0.81 -22.90 -0.77
CA VAL I 270 0.98 -21.60 -1.41
C VAL I 270 0.57 -21.68 -2.88
N TYR I 271 1.18 -22.64 -3.59
CA TYR I 271 0.94 -22.88 -4.99
C TYR I 271 -0.43 -23.46 -5.33
N SER I 272 -1.23 -23.73 -4.31
CA SER I 272 -2.56 -24.27 -4.52
C SER I 272 -3.48 -23.16 -5.04
N PHE I 273 -4.51 -23.57 -5.78
CA PHE I 273 -5.43 -22.64 -6.40
C PHE I 273 -6.40 -21.85 -5.53
N ARG I 274 -7.31 -22.56 -4.87
CA ARG I 274 -8.37 -21.96 -4.03
C ARG I 274 -9.41 -21.35 -4.97
N ASP I 275 -9.10 -20.17 -5.50
CA ASP I 275 -9.97 -19.49 -6.46
C ASP I 275 -9.12 -18.51 -7.26
N HIS I 276 -9.76 -17.87 -8.23
CA HIS I 276 -9.08 -16.91 -9.10
C HIS I 276 -8.46 -15.72 -8.39
N THR I 277 -9.22 -15.13 -7.46
CA THR I 277 -8.75 -13.98 -6.70
C THR I 277 -7.43 -14.37 -6.02
N TRP I 278 -7.47 -15.42 -5.19
CA TRP I 278 -6.26 -15.90 -4.51
C TRP I 278 -5.13 -16.18 -5.49
N HIS I 279 -5.45 -16.98 -6.49
CA HIS I 279 -4.49 -17.37 -7.50
C HIS I 279 -3.70 -16.17 -8.01
N GLY I 280 -4.40 -15.25 -8.66
CA GLY I 280 -3.76 -14.06 -9.21
C GLY I 280 -2.99 -13.27 -8.16
N LEU I 281 -3.50 -13.26 -6.94
CA LEU I 281 -2.84 -12.54 -5.84
C LEU I 281 -1.50 -13.19 -5.56
N ARG I 282 -1.54 -14.46 -5.19
CA ARG I 282 -0.36 -15.25 -4.89
C ARG I 282 0.69 -15.12 -6.00
N THR I 283 0.21 -15.05 -7.25
CA THR I 283 1.06 -14.89 -8.41
C THR I 283 1.68 -13.49 -8.33
N ALA I 284 0.84 -12.48 -8.43
CA ALA I 284 1.24 -11.07 -8.38
C ALA I 284 2.28 -10.78 -7.31
N ILE I 285 2.17 -11.49 -6.18
CA ILE I 285 3.09 -11.33 -5.08
C ILE I 285 4.46 -11.90 -5.48
N ARG I 286 4.48 -13.19 -5.81
CA ARG I 286 5.71 -13.86 -6.20
C ARG I 286 6.42 -13.24 -7.40
N ASN I 287 5.70 -12.40 -8.14
CA ASN I 287 6.27 -11.72 -9.30
C ASN I 287 7.34 -10.74 -8.84
N ARG I 288 7.29 -10.39 -7.57
CA ARG I 288 8.26 -9.48 -6.98
C ARG I 288 9.42 -10.27 -6.40
N THR I 289 9.31 -11.59 -6.42
CA THR I 289 10.34 -12.47 -5.86
C THR I 289 11.16 -13.21 -6.91
N THR I 290 12.05 -14.07 -6.43
CA THR I 290 12.91 -14.89 -7.27
C THR I 290 12.25 -16.25 -7.46
N LEU I 291 11.12 -16.44 -6.80
CA LEU I 291 10.38 -17.70 -6.87
C LEU I 291 9.37 -17.71 -8.02
N PRO I 292 9.15 -18.90 -8.62
CA PRO I 292 8.22 -19.10 -9.73
C PRO I 292 6.81 -18.72 -9.31
N ASN I 293 6.19 -17.85 -10.08
CA ASN I 293 4.86 -17.33 -9.78
C ASN I 293 3.66 -18.29 -9.68
N MET I 294 3.75 -19.47 -10.28
CA MET I 294 2.63 -20.42 -10.17
C MET I 294 2.97 -21.90 -10.30
N LEU I 295 4.26 -22.21 -10.36
CA LEU I 295 4.70 -23.60 -10.43
C LEU I 295 5.87 -23.87 -9.51
N PRO I 296 5.72 -24.80 -8.56
CA PRO I 296 6.72 -25.20 -7.56
C PRO I 296 8.13 -25.23 -8.12
N PRO I 297 9.07 -24.50 -7.50
CA PRO I 297 10.44 -24.47 -7.99
C PRO I 297 11.05 -25.87 -8.05
N ILE I 298 11.82 -26.10 -9.11
CA ILE I 298 12.46 -27.39 -9.31
C ILE I 298 13.46 -27.57 -8.18
N PHE I 299 14.17 -26.49 -7.88
CA PHE I 299 15.15 -26.51 -6.83
C PHE I 299 14.73 -25.77 -5.59
N PRO I 300 14.86 -26.42 -4.44
CA PRO I 300 14.50 -25.84 -3.14
C PRO I 300 15.37 -24.61 -2.89
N PRO I 301 14.74 -23.45 -2.60
CA PRO I 301 15.46 -22.20 -2.34
C PRO I 301 16.48 -22.37 -1.22
N ASN I 302 17.38 -21.40 -1.07
CA ASN I 302 18.41 -21.51 -0.05
C ASN I 302 18.61 -20.23 0.74
N ASP I 303 17.84 -19.19 0.42
CA ASP I 303 17.97 -17.91 1.11
C ASP I 303 16.78 -17.64 2.02
N ARG I 304 17.07 -16.94 3.12
CA ARG I 304 16.09 -16.58 4.12
C ARG I 304 14.80 -16.08 3.48
N ASP I 305 14.92 -14.93 2.82
CA ASP I 305 13.80 -14.27 2.15
C ASP I 305 12.90 -15.22 1.38
N SER I 306 13.50 -16.20 0.71
CA SER I 306 12.74 -17.18 -0.05
C SER I 306 11.81 -17.94 0.89
N ILE I 307 12.42 -18.76 1.73
CA ILE I 307 11.73 -19.60 2.71
C ILE I 307 10.66 -18.78 3.44
N LEU I 308 11.11 -17.71 4.08
CA LEU I 308 10.26 -16.81 4.82
C LEU I 308 9.00 -16.47 4.02
N THR I 309 9.21 -15.84 2.87
CA THR I 309 8.13 -15.42 1.98
C THR I 309 7.09 -16.50 1.77
N LEU I 310 7.56 -17.72 1.55
CA LEU I 310 6.70 -18.86 1.34
C LEU I 310 5.82 -19.08 2.56
N LEU I 311 6.46 -19.11 3.73
CA LEU I 311 5.78 -19.30 5.00
C LEU I 311 4.69 -18.27 5.22
N LEU I 312 5.04 -17.00 5.05
CA LEU I 312 4.11 -15.89 5.20
C LEU I 312 2.92 -16.07 4.25
N LEU I 313 3.22 -16.44 3.02
CA LEU I 313 2.19 -16.64 2.01
C LEU I 313 1.32 -17.83 2.36
N SER I 314 1.95 -18.90 2.79
CA SER I 314 1.25 -20.12 3.17
C SER I 314 0.25 -19.80 4.27
N THR I 315 0.67 -18.98 5.22
CA THR I 315 -0.16 -18.57 6.34
C THR I 315 -1.25 -17.61 5.86
N LEU I 316 -0.83 -16.59 5.12
CA LEU I 316 -1.74 -15.59 4.57
C LEU I 316 -2.78 -16.33 3.74
N ALA I 317 -2.39 -17.49 3.21
CA ALA I 317 -3.27 -18.32 2.40
C ALA I 317 -4.41 -18.80 3.26
N ASP I 318 -4.07 -19.39 4.41
CA ASP I 318 -5.06 -19.88 5.35
C ASP I 318 -5.97 -18.74 5.81
N VAL I 319 -5.35 -17.58 6.08
CA VAL I 319 -6.09 -16.39 6.52
C VAL I 319 -7.12 -16.06 5.45
N TYR I 320 -6.71 -16.21 4.20
CA TYR I 320 -7.57 -15.97 3.05
C TYR I 320 -8.75 -16.93 3.14
N THR I 321 -8.45 -18.21 3.38
CA THR I 321 -9.46 -19.26 3.47
C THR I 321 -10.52 -18.88 4.50
N VAL I 322 -10.11 -18.79 5.77
CA VAL I 322 -11.03 -18.47 6.85
C VAL I 322 -11.83 -17.17 6.71
N LEU I 323 -11.21 -16.14 6.15
CA LEU I 323 -11.87 -14.86 5.99
C LEU I 323 -12.83 -14.73 4.82
N ARG I 324 -12.61 -15.52 3.77
CA ARG I 324 -13.44 -15.51 2.57
C ARG I 324 -13.49 -14.08 1.98
N PRO I 325 -12.32 -13.43 1.80
CA PRO I 325 -12.28 -12.07 1.25
C PRO I 325 -12.82 -12.01 -0.16
N GLU I 326 -13.46 -10.89 -0.49
CA GLU I 326 -14.02 -10.71 -1.83
C GLU I 326 -13.65 -9.34 -2.34
N PHE I 327 -12.86 -9.31 -3.40
CA PHE I 327 -12.44 -8.06 -4.00
C PHE I 327 -11.88 -8.21 -5.42
N ALA I 328 -11.74 -7.08 -6.10
CA ALA I 328 -11.24 -7.05 -7.47
C ALA I 328 -9.73 -7.14 -7.52
N MET I 329 -9.22 -7.36 -8.72
CA MET I 329 -7.79 -7.49 -8.94
C MET I 329 -7.50 -7.33 -10.42
N HIS I 330 -6.71 -6.31 -10.76
CA HIS I 330 -6.35 -6.01 -12.14
C HIS I 330 -5.90 -7.22 -12.97
N GLY I 331 -6.66 -7.50 -14.02
CA GLY I 331 -6.34 -8.62 -14.90
C GLY I 331 -6.93 -9.96 -14.49
N VAL I 332 -7.79 -9.96 -13.48
CA VAL I 332 -8.42 -11.19 -13.02
C VAL I 332 -9.92 -11.16 -13.23
N ASN I 333 -10.45 -12.22 -13.82
CA ASN I 333 -11.88 -12.30 -14.07
C ASN I 333 -12.49 -13.54 -13.43
N PRO I 334 -13.20 -13.38 -12.30
CA PRO I 334 -13.86 -14.43 -11.54
C PRO I 334 -15.01 -15.15 -12.24
N MET I 335 -14.99 -16.47 -12.14
CA MET I 335 -16.01 -17.34 -12.70
C MET I 335 -16.62 -17.99 -11.45
N PRO I 336 -17.74 -17.46 -10.95
CA PRO I 336 -18.46 -17.93 -9.76
C PRO I 336 -19.04 -19.35 -9.74
N GLY I 337 -19.16 -19.98 -10.91
CA GLY I 337 -19.69 -21.35 -10.98
C GLY I 337 -18.85 -22.31 -10.18
N PRO I 338 -19.41 -22.92 -9.10
CA PRO I 338 -18.88 -23.88 -8.14
C PRO I 338 -17.38 -24.25 -8.08
N LEU I 339 -16.72 -24.36 -9.24
CA LEU I 339 -15.29 -24.68 -9.38
C LEU I 339 -14.96 -26.15 -9.45
N THR I 340 -14.20 -26.52 -10.49
CA THR I 340 -13.79 -27.90 -10.73
C THR I 340 -12.31 -27.99 -11.08
N ALA I 341 -11.75 -29.20 -10.97
CA ALA I 341 -10.35 -29.46 -11.30
C ALA I 341 -10.06 -28.94 -12.70
N ALA I 342 -11.08 -28.95 -13.54
CA ALA I 342 -10.98 -28.47 -14.92
C ALA I 342 -10.71 -26.96 -14.94
N ILE I 343 -11.61 -26.21 -14.31
CA ILE I 343 -11.50 -24.75 -14.25
C ILE I 343 -10.15 -24.31 -13.68
N ALA I 344 -9.64 -25.09 -12.72
CA ALA I 344 -8.36 -24.80 -12.08
C ALA I 344 -7.17 -25.04 -13.00
N ARG I 345 -7.17 -26.21 -13.66
CA ARG I 345 -6.11 -26.58 -14.59
C ARG I 345 -5.88 -25.40 -15.56
N ALA I 346 -6.98 -24.82 -16.02
CA ALA I 346 -6.98 -23.70 -16.95
C ALA I 346 -6.24 -22.48 -16.43
N ALA I 347 -6.48 -22.14 -15.16
CA ALA I 347 -5.88 -20.97 -14.54
C ALA I 347 -4.35 -20.93 -14.55
N TYR I 348 -3.71 -22.09 -14.60
CA TYR I 348 -2.24 -22.15 -14.60
C TYR I 348 -1.61 -21.96 -15.97
N VAL I 349 -1.91 -20.81 -16.58
CA VAL I 349 -1.42 -20.41 -17.90
C VAL I 349 -1.42 -21.60 -18.88
N MET J 1 8.78 -38.60 33.69
CA MET J 1 9.99 -38.45 32.82
C MET J 1 9.60 -37.75 31.53
N ASP J 2 8.42 -38.09 31.03
CA ASP J 2 7.89 -37.47 29.83
C ASP J 2 7.71 -36.01 30.21
N THR J 3 7.07 -35.82 31.38
CA THR J 3 6.81 -34.51 31.97
C THR J 3 8.09 -33.66 32.04
N ILE J 4 9.16 -34.28 32.53
CA ILE J 4 10.46 -33.63 32.67
C ILE J 4 10.91 -33.08 31.32
N ALA J 5 10.88 -33.93 30.31
CA ALA J 5 11.26 -33.56 28.96
C ALA J 5 10.38 -32.43 28.42
N ALA J 6 9.07 -32.58 28.58
CA ALA J 6 8.10 -31.59 28.14
C ALA J 6 8.42 -30.23 28.74
N ARG J 7 8.81 -30.22 30.01
CA ARG J 7 9.17 -28.98 30.69
C ARG J 7 10.41 -28.37 30.05
N ALA J 8 11.51 -29.12 30.11
CA ALA J 8 12.80 -28.70 29.54
C ALA J 8 12.60 -28.14 28.14
N LEU J 9 11.72 -28.79 27.38
CA LEU J 9 11.41 -28.38 26.04
C LEU J 9 10.76 -27.00 26.09
N THR J 10 9.63 -26.92 26.80
CA THR J 10 8.85 -25.68 26.96
C THR J 10 9.69 -24.48 27.33
N VAL J 11 10.62 -24.68 28.27
CA VAL J 11 11.52 -23.63 28.73
C VAL J 11 12.41 -23.14 27.62
N MET J 12 13.13 -24.06 26.98
CA MET J 12 14.03 -23.71 25.89
C MET J 12 13.26 -22.97 24.80
N ARG J 13 12.12 -23.54 24.42
CA ARG J 13 11.27 -22.97 23.39
C ARG J 13 10.93 -21.52 23.74
N ALA J 14 10.74 -21.27 25.03
CA ALA J 14 10.42 -19.93 25.51
C ALA J 14 11.65 -19.01 25.50
N CYS J 15 12.83 -19.58 25.78
CA CYS J 15 14.05 -18.80 25.77
C CYS J 15 14.33 -18.33 24.36
N ALA J 16 13.87 -19.12 23.40
CA ALA J 16 14.04 -18.80 21.99
C ALA J 16 13.32 -17.52 21.60
N THR J 17 12.45 -17.05 22.50
CA THR J 17 11.68 -15.83 22.28
C THR J 17 12.49 -14.56 22.50
N LEU J 18 13.62 -14.69 23.20
CA LEU J 18 14.46 -13.52 23.47
C LEU J 18 15.38 -13.15 22.31
N GLN J 19 14.80 -12.55 21.27
CA GLN J 19 15.57 -12.13 20.10
C GLN J 19 16.19 -10.75 20.35
N GLU J 20 15.55 -9.95 21.18
CA GLU J 20 16.03 -8.60 21.48
C GLU J 20 16.12 -8.30 22.97
N ALA J 21 16.47 -7.05 23.28
CA ALA J 21 16.61 -6.60 24.66
C ALA J 21 15.32 -6.06 25.25
N ARG J 22 14.88 -4.92 24.71
CA ARG J 22 13.69 -4.25 25.21
C ARG J 22 12.31 -4.86 24.93
N ILE J 23 12.16 -5.55 23.81
CA ILE J 23 10.87 -6.14 23.44
C ILE J 23 10.00 -6.73 24.54
N VAL J 24 8.70 -6.54 24.40
CA VAL J 24 7.73 -7.07 25.34
C VAL J 24 7.45 -8.51 24.95
N LEU J 25 7.29 -9.36 25.96
CA LEU J 25 7.05 -10.78 25.72
C LEU J 25 5.60 -11.14 25.90
N GLU J 26 5.19 -12.29 25.38
CA GLU J 26 3.80 -12.70 25.56
C GLU J 26 3.73 -13.15 27.03
N ALA J 27 2.64 -12.79 27.70
CA ALA J 27 2.44 -13.15 29.11
C ALA J 27 2.80 -14.58 29.45
N ASN J 28 2.47 -15.49 28.53
CA ASN J 28 2.73 -16.89 28.71
C ASN J 28 4.21 -17.11 28.97
N VAL J 29 5.05 -16.50 28.14
CA VAL J 29 6.51 -16.60 28.26
C VAL J 29 6.97 -16.14 29.63
N MET J 30 6.54 -14.93 30.00
CA MET J 30 6.89 -14.35 31.28
C MET J 30 6.59 -15.30 32.43
N GLU J 31 5.37 -15.85 32.42
CA GLU J 31 4.93 -16.78 33.45
C GLU J 31 5.86 -17.98 33.54
N ILE J 32 6.16 -18.56 32.38
CA ILE J 32 7.04 -19.72 32.29
C ILE J 32 8.43 -19.45 32.81
N LEU J 33 9.14 -18.55 32.14
CA LEU J 33 10.49 -18.20 32.54
C LEU J 33 10.54 -17.66 33.97
N GLY J 34 9.49 -16.94 34.36
CA GLY J 34 9.43 -16.39 35.70
C GLY J 34 9.62 -17.46 36.75
N ILE J 35 8.73 -18.44 36.75
CA ILE J 35 8.77 -19.55 37.70
C ILE J 35 10.05 -20.36 37.51
N ALA J 36 10.30 -20.75 36.27
CA ALA J 36 11.47 -21.54 35.92
C ALA J 36 12.76 -20.94 36.48
N ILE J 37 13.13 -19.77 35.97
CA ILE J 37 14.33 -19.06 36.40
C ILE J 37 14.42 -18.95 37.93
N ASN J 38 13.28 -18.78 38.59
CA ASN J 38 13.27 -18.68 40.04
C ASN J 38 13.80 -19.95 40.68
N ARG J 39 13.06 -21.04 40.51
CA ARG J 39 13.44 -22.34 41.04
C ARG J 39 14.80 -22.76 40.50
N TYR J 40 15.11 -22.40 39.25
CA TYR J 40 16.40 -22.76 38.66
C TYR J 40 17.49 -22.05 39.44
N ASN J 41 17.50 -20.72 39.39
CA ASN J 41 18.48 -19.93 40.12
C ASN J 41 18.50 -20.33 41.59
N GLY J 42 17.36 -20.82 42.08
CA GLY J 42 17.24 -21.25 43.46
C GLY J 42 18.19 -22.39 43.74
N LEU J 43 17.93 -23.54 43.14
CA LEU J 43 18.77 -24.71 43.34
C LEU J 43 20.11 -24.66 42.59
N THR J 44 20.22 -23.79 41.58
CA THR J 44 21.43 -23.66 40.77
C THR J 44 22.47 -22.76 41.39
N LEU J 45 21.99 -21.67 41.98
CA LEU J 45 22.84 -20.68 42.63
C LEU J 45 23.55 -19.82 41.57
N ARG J 46 23.15 -19.98 40.30
CA ARG J 46 23.72 -19.19 39.20
C ARG J 46 22.84 -17.96 38.99
N GLY J 47 23.32 -17.00 38.22
CA GLY J 47 22.53 -15.80 38.01
C GLY J 47 21.91 -15.56 36.65
N VAL J 48 20.85 -16.29 36.35
CA VAL J 48 20.17 -16.14 35.06
C VAL J 48 19.18 -14.98 35.11
N THR J 49 19.07 -14.25 34.01
CA THR J 49 18.15 -13.11 33.94
C THR J 49 17.08 -13.38 32.91
N MET J 50 15.87 -12.90 33.16
CA MET J 50 14.76 -13.04 32.23
C MET J 50 15.19 -12.32 30.97
N ARG J 51 15.72 -11.11 31.17
CA ARG J 51 16.17 -10.28 30.06
C ARG J 51 17.70 -10.19 30.03
N PRO J 52 18.36 -11.08 29.27
CA PRO J 52 19.83 -11.03 29.21
C PRO J 52 20.17 -9.93 28.21
N THR J 53 21.37 -9.35 28.33
CA THR J 53 21.79 -8.28 27.44
C THR J 53 23.29 -8.32 27.17
N SER J 54 24.06 -8.44 28.25
CA SER J 54 25.51 -8.45 28.20
C SER J 54 26.16 -9.43 27.23
N LEU J 55 26.03 -10.71 27.55
CA LEU J 55 26.59 -11.82 26.80
C LEU J 55 26.76 -12.83 27.89
N ALA J 56 27.54 -12.44 28.90
CA ALA J 56 27.80 -13.29 30.06
C ALA J 56 26.46 -13.78 30.59
N GLN J 57 25.44 -12.95 30.44
CA GLN J 57 24.08 -13.26 30.86
C GLN J 57 23.45 -14.22 29.88
N ARG J 58 23.70 -13.98 28.59
CA ARG J 58 23.18 -14.81 27.52
C ARG J 58 23.77 -16.21 27.62
N ASN J 59 25.07 -16.27 27.94
CA ASN J 59 25.78 -17.53 28.07
C ASN J 59 25.09 -18.31 29.17
N GLU J 60 24.99 -17.65 30.32
CA GLU J 60 24.36 -18.20 31.51
C GLU J 60 23.01 -18.84 31.20
N MET J 61 22.20 -18.12 30.42
CA MET J 61 20.89 -18.63 30.05
C MET J 61 21.04 -19.86 29.16
N PHE J 62 21.86 -19.76 28.12
CA PHE J 62 22.08 -20.89 27.23
C PHE J 62 22.52 -22.12 28.01
N PHE J 63 23.38 -21.91 29.00
CA PHE J 63 23.88 -22.99 29.85
C PHE J 63 22.72 -23.61 30.58
N MET J 64 21.77 -22.77 30.98
CA MET J 64 20.60 -23.24 31.69
C MET J 64 19.86 -24.24 30.80
N CYS J 65 19.51 -23.79 29.60
CA CYS J 65 18.82 -24.64 28.64
C CYS J 65 19.61 -25.91 28.41
N LEU J 66 20.91 -25.74 28.22
CA LEU J 66 21.84 -26.84 28.00
C LEU J 66 21.77 -27.83 29.16
N ASP J 67 21.75 -27.28 30.38
CA ASP J 67 21.68 -28.06 31.61
C ASP J 67 20.42 -28.92 31.57
N MET J 68 19.29 -28.26 31.31
CA MET J 68 17.99 -28.92 31.25
C MET J 68 17.91 -29.94 30.13
N MET J 69 18.40 -29.53 28.95
CA MET J 69 18.42 -30.37 27.75
C MET J 69 19.15 -31.67 28.02
N LEU J 70 20.32 -31.56 28.65
CA LEU J 70 21.13 -32.72 28.99
C LEU J 70 20.43 -33.54 30.06
N SER J 71 19.92 -32.87 31.07
CA SER J 71 19.23 -33.53 32.17
C SER J 71 17.96 -34.25 31.72
N ALA J 72 17.24 -33.63 30.77
CA ALA J 72 16.01 -34.20 30.22
C ALA J 72 16.35 -35.41 29.37
N ALA J 73 17.48 -35.33 28.68
CA ALA J 73 17.96 -36.41 27.81
C ALA J 73 18.66 -37.51 28.63
N GLY J 74 19.11 -37.14 29.83
CA GLY J 74 19.81 -38.09 30.68
C GLY J 74 21.26 -38.26 30.25
N ILE J 75 21.91 -37.14 29.95
CA ILE J 75 23.28 -37.14 29.48
C ILE J 75 24.22 -36.52 30.49
N ASN J 76 25.41 -37.10 30.60
CA ASN J 76 26.44 -36.60 31.49
C ASN J 76 27.66 -36.35 30.61
N VAL J 77 27.74 -35.13 30.08
CA VAL J 77 28.83 -34.74 29.18
C VAL J 77 30.24 -34.75 29.75
N GLY J 78 30.38 -34.39 31.02
CA GLY J 78 31.70 -34.36 31.63
C GLY J 78 32.45 -33.09 31.28
N PRO J 79 33.73 -32.97 31.68
CA PRO J 79 34.56 -31.80 31.41
C PRO J 79 34.82 -31.55 29.93
N ILE J 80 33.95 -30.75 29.33
CA ILE J 80 34.06 -30.45 27.91
C ILE J 80 34.35 -28.98 27.67
N SER J 81 34.22 -28.17 28.73
CA SER J 81 34.45 -26.74 28.66
C SER J 81 34.92 -26.16 29.99
N PRO J 82 35.80 -25.16 29.95
CA PRO J 82 36.34 -24.49 31.13
C PRO J 82 35.34 -23.42 31.60
N ASP J 83 34.46 -23.03 30.69
CA ASP J 83 33.46 -22.01 30.97
C ASP J 83 32.15 -22.63 31.47
N TYR J 84 31.75 -23.75 30.88
CA TYR J 84 30.53 -24.41 31.30
C TYR J 84 30.76 -25.65 32.15
N THR J 85 29.93 -25.78 33.17
CA THR J 85 29.98 -26.90 34.09
C THR J 85 28.54 -27.33 34.28
N GLN J 86 28.26 -28.60 34.02
CA GLN J 86 26.93 -29.16 34.15
C GLN J 86 26.50 -29.31 35.61
N HIS J 87 25.24 -28.99 35.91
CA HIS J 87 24.69 -29.11 37.26
C HIS J 87 23.68 -30.23 37.29
N MET J 88 23.98 -31.26 38.07
CA MET J 88 23.10 -32.42 38.19
C MET J 88 21.80 -32.01 38.88
N ALA J 89 21.88 -30.96 39.69
CA ALA J 89 20.74 -30.44 40.42
C ALA J 89 19.58 -30.02 39.51
N THR J 90 19.89 -29.72 38.24
CA THR J 90 18.90 -29.30 37.25
C THR J 90 17.72 -30.27 37.18
N ILE J 91 18.01 -31.56 37.19
CA ILE J 91 16.99 -32.61 37.13
C ILE J 91 15.97 -32.44 38.25
N GLY J 92 16.46 -32.06 39.43
CA GLY J 92 15.59 -31.87 40.57
C GLY J 92 14.57 -30.77 40.33
N VAL J 93 14.96 -29.78 39.53
CA VAL J 93 14.08 -28.66 39.23
C VAL J 93 13.03 -29.06 38.19
N LEU J 94 13.38 -29.96 37.29
CA LEU J 94 12.45 -30.42 36.25
C LEU J 94 11.40 -31.39 36.79
N ALA J 95 11.79 -32.23 37.75
CA ALA J 95 10.91 -33.21 38.39
C ALA J 95 9.85 -32.50 39.24
N THR J 96 10.16 -31.25 39.59
CA THR J 96 9.31 -30.37 40.38
C THR J 96 8.10 -29.98 39.54
N PRO J 97 6.89 -30.44 39.90
CA PRO J 97 5.65 -30.14 39.18
C PRO J 97 5.33 -28.64 39.14
N GLU J 98 6.22 -27.85 39.75
CA GLU J 98 6.13 -26.40 39.82
C GLU J 98 6.18 -25.79 38.44
N ILE J 99 7.21 -26.16 37.68
CA ILE J 99 7.38 -25.64 36.33
C ILE J 99 6.38 -26.28 35.38
N PRO J 100 5.65 -25.45 34.62
CA PRO J 100 4.66 -25.95 33.68
C PRO J 100 5.25 -26.39 32.35
N PHE J 101 4.38 -26.86 31.46
CA PHE J 101 4.76 -27.30 30.12
C PHE J 101 3.55 -27.13 29.20
N THR J 102 3.79 -26.55 28.03
CA THR J 102 2.75 -26.31 27.05
C THR J 102 2.01 -27.57 26.62
N THR J 103 0.79 -27.39 26.13
CA THR J 103 -0.02 -28.51 25.66
C THR J 103 0.72 -29.14 24.47
N GLU J 104 1.28 -28.31 23.59
CA GLU J 104 2.02 -28.79 22.41
C GLU J 104 3.14 -29.71 22.89
N ALA J 105 3.92 -29.21 23.85
CA ALA J 105 5.02 -29.97 24.42
C ALA J 105 4.55 -31.30 24.97
N ALA J 106 3.36 -31.28 25.58
CA ALA J 106 2.78 -32.48 26.16
C ALA J 106 2.49 -33.52 25.09
N ASN J 107 1.83 -33.10 24.02
CA ASN J 107 1.49 -33.99 22.92
C ASN J 107 2.72 -34.42 22.13
N GLU J 108 3.71 -33.54 22.05
CA GLU J 108 4.94 -33.85 21.34
C GLU J 108 5.60 -35.07 22.01
N ILE J 109 5.76 -35.02 23.32
CA ILE J 109 6.34 -36.14 24.06
C ILE J 109 5.43 -37.35 24.01
N ALA J 110 4.13 -37.12 24.15
CA ALA J 110 3.14 -38.20 24.12
C ALA J 110 3.20 -39.02 22.83
N ARG J 111 3.57 -38.35 21.74
CA ARG J 111 3.69 -38.99 20.45
C ARG J 111 4.98 -39.81 20.43
N VAL J 112 6.08 -39.17 20.81
CA VAL J 112 7.39 -39.82 20.86
C VAL J 112 7.30 -41.10 21.65
N THR J 113 6.87 -41.01 22.90
CA THR J 113 6.74 -42.17 23.77
C THR J 113 5.74 -43.14 23.15
N GLY J 114 4.68 -42.59 22.56
CA GLY J 114 3.65 -43.42 21.94
C GLY J 114 4.12 -44.41 20.88
N GLU J 115 4.68 -43.89 19.79
CA GLU J 115 5.16 -44.73 18.69
C GLU J 115 6.44 -45.47 19.02
N THR J 116 7.34 -44.78 19.71
CA THR J 116 8.63 -45.35 20.09
C THR J 116 8.46 -46.65 20.87
N SER J 117 7.34 -46.76 21.58
CA SER J 117 7.05 -47.93 22.39
C SER J 117 6.42 -49.10 21.63
N THR J 118 5.76 -48.82 20.51
CA THR J 118 5.13 -49.89 19.73
C THR J 118 5.65 -49.85 18.28
N TRP J 119 5.05 -50.66 17.42
CA TRP J 119 5.44 -50.74 16.02
C TRP J 119 4.27 -50.45 15.11
N GLY J 120 4.55 -50.41 13.81
CA GLY J 120 3.53 -50.15 12.82
C GLY J 120 4.06 -50.24 11.40
N PRO J 121 3.16 -50.43 10.42
CA PRO J 121 3.48 -50.55 9.00
C PRO J 121 4.01 -49.24 8.41
N ALA J 122 5.09 -49.33 7.64
CA ALA J 122 5.69 -48.15 7.03
C ALA J 122 6.40 -48.41 5.70
N ARG J 123 6.13 -47.54 4.72
CA ARG J 123 6.74 -47.63 3.40
C ARG J 123 8.25 -47.62 3.58
N GLN J 124 8.92 -48.69 3.17
CA GLN J 124 10.37 -48.73 3.30
C GLN J 124 11.05 -47.81 2.28
N PRO J 125 12.21 -47.25 2.65
CA PRO J 125 13.04 -46.34 1.86
C PRO J 125 13.75 -46.80 0.60
N TYR J 126 14.39 -47.96 0.66
CA TYR J 126 15.15 -48.46 -0.48
C TYR J 126 14.51 -49.63 -1.23
N GLY J 127 15.11 -50.01 -2.36
CA GLY J 127 14.59 -51.12 -3.15
C GLY J 127 14.56 -52.40 -2.34
N PHE J 128 13.64 -53.31 -2.70
CA PHE J 128 13.50 -54.57 -1.98
C PHE J 128 14.77 -55.42 -2.01
N PHE J 129 15.30 -55.65 -3.20
CA PHE J 129 16.51 -56.44 -3.42
C PHE J 129 17.78 -55.59 -3.38
N LEU J 130 17.92 -54.75 -2.37
CA LEU J 130 19.09 -53.91 -2.26
C LEU J 130 20.27 -54.69 -1.71
N GLU J 131 19.99 -55.56 -0.73
CA GLU J 131 21.04 -56.35 -0.11
C GLU J 131 21.35 -57.65 -0.86
N THR J 132 21.47 -57.52 -2.18
CA THR J 132 21.78 -58.65 -3.06
C THR J 132 23.23 -58.61 -3.53
N GLU J 133 23.86 -59.78 -3.59
CA GLU J 133 25.25 -59.89 -4.02
C GLU J 133 25.41 -60.09 -5.52
N GLU J 134 24.43 -60.75 -6.13
CA GLU J 134 24.46 -61.05 -7.56
C GLU J 134 23.28 -60.47 -8.32
N THR J 135 23.56 -59.80 -9.44
CA THR J 135 22.52 -59.21 -10.27
C THR J 135 22.72 -59.61 -11.74
N PHE J 136 21.62 -59.78 -12.47
CA PHE J 136 21.68 -60.19 -13.88
C PHE J 136 21.29 -59.04 -14.81
N GLN J 137 21.80 -59.08 -16.04
CA GLN J 137 21.49 -58.05 -17.02
C GLN J 137 19.99 -58.09 -17.35
N PRO J 138 19.34 -56.92 -17.30
CA PRO J 138 17.91 -56.74 -17.59
C PRO J 138 17.59 -56.91 -19.06
N GLY J 139 16.67 -57.82 -19.36
CA GLY J 139 16.27 -58.09 -20.74
C GLY J 139 17.00 -59.29 -21.33
N ARG J 140 18.05 -59.75 -20.66
CA ARG J 140 18.82 -60.90 -21.15
C ARG J 140 18.26 -62.22 -20.64
N TRP J 141 18.02 -63.12 -21.59
CA TRP J 141 17.51 -64.44 -21.27
C TRP J 141 18.50 -65.20 -20.39
N PHE J 142 17.95 -66.01 -19.49
CA PHE J 142 18.76 -66.84 -18.61
C PHE J 142 17.90 -67.96 -18.05
N MET J 143 18.24 -69.17 -18.46
CA MET J 143 17.53 -70.36 -18.03
C MET J 143 18.50 -71.25 -17.27
N ARG J 144 18.23 -71.45 -15.98
CA ARG J 144 19.08 -72.30 -15.16
C ARG J 144 18.87 -73.74 -15.62
N ALA J 145 19.91 -74.55 -15.50
CA ALA J 145 19.87 -75.95 -15.92
C ALA J 145 18.73 -76.76 -15.30
N ALA J 146 17.96 -77.42 -16.17
CA ALA J 146 16.82 -78.27 -15.80
C ALA J 146 15.51 -77.57 -15.45
N GLN J 147 15.50 -76.25 -15.52
CA GLN J 147 14.27 -75.49 -15.22
C GLN J 147 13.59 -74.97 -16.47
N ALA J 148 12.25 -74.94 -16.42
CA ALA J 148 11.42 -74.45 -17.53
C ALA J 148 11.10 -72.97 -17.33
N ALA J 149 11.17 -72.54 -16.07
CA ALA J 149 10.90 -71.15 -15.68
C ALA J 149 12.02 -70.76 -14.72
N THR J 150 12.72 -69.66 -15.02
CA THR J 150 13.81 -69.20 -14.18
C THR J 150 13.76 -67.71 -13.90
N ALA J 151 13.35 -67.39 -12.67
CA ALA J 151 13.25 -66.01 -12.22
C ALA J 151 14.58 -65.59 -11.62
N VAL J 152 14.93 -64.32 -11.84
CA VAL J 152 16.19 -63.82 -11.32
C VAL J 152 16.19 -62.29 -11.19
N VAL J 153 16.99 -61.78 -10.25
CA VAL J 153 17.09 -60.35 -10.00
C VAL J 153 17.84 -59.63 -11.13
N CYS J 154 17.45 -58.38 -11.38
CA CYS J 154 18.09 -57.58 -12.43
C CYS J 154 18.27 -56.14 -11.97
N GLY J 155 17.91 -55.88 -10.72
CA GLY J 155 18.01 -54.55 -10.15
C GLY J 155 17.75 -54.56 -8.65
N PRO J 156 17.69 -53.38 -8.00
CA PRO J 156 17.43 -53.31 -6.56
C PRO J 156 15.96 -53.59 -6.25
N ASP J 157 15.10 -53.35 -7.24
CA ASP J 157 13.66 -53.52 -7.09
C ASP J 157 13.14 -54.23 -8.33
N MET J 158 14.02 -54.97 -8.99
CA MET J 158 13.65 -55.63 -10.23
C MET J 158 14.00 -57.10 -10.36
N ILE J 159 13.06 -57.86 -10.90
CA ILE J 159 13.25 -59.28 -11.17
C ILE J 159 12.64 -59.54 -12.54
N GLN J 160 13.14 -60.58 -13.20
CA GLN J 160 12.67 -60.98 -14.51
C GLN J 160 12.68 -62.51 -14.59
N VAL J 161 11.59 -63.06 -15.10
CA VAL J 161 11.44 -64.49 -15.22
C VAL J 161 11.58 -64.94 -16.67
N SER J 162 12.39 -65.97 -16.88
CA SER J 162 12.61 -66.54 -18.20
C SER J 162 11.76 -67.80 -18.31
N LEU J 163 10.81 -67.78 -19.23
CA LEU J 163 9.89 -68.91 -19.44
C LEU J 163 10.06 -69.56 -20.82
N ASN J 164 10.07 -70.88 -20.84
CA ASN J 164 10.17 -71.63 -22.09
C ASN J 164 8.75 -71.71 -22.62
N ALA J 165 8.60 -71.84 -23.93
CA ALA J 165 7.27 -71.94 -24.54
C ALA J 165 6.46 -73.02 -23.83
N GLY J 166 5.22 -72.68 -23.47
CA GLY J 166 4.34 -73.62 -22.80
C GLY J 166 4.65 -73.93 -21.34
N ALA J 167 5.64 -73.24 -20.76
CA ALA J 167 6.04 -73.45 -19.37
C ALA J 167 5.26 -72.62 -18.34
N ARG J 168 5.33 -73.04 -17.08
CA ARG J 168 4.65 -72.36 -15.97
C ARG J 168 5.35 -72.69 -14.65
N GLY J 169 5.13 -71.87 -13.64
CA GLY J 169 5.74 -72.10 -12.34
C GLY J 169 5.61 -71.01 -11.29
N ASP J 170 5.89 -71.39 -10.04
CA ASP J 170 5.84 -70.47 -8.90
C ASP J 170 7.14 -69.69 -8.81
N VAL J 171 7.06 -68.43 -8.39
CA VAL J 171 8.22 -67.54 -8.29
C VAL J 171 8.51 -67.02 -6.88
N GLN J 172 7.45 -66.85 -6.09
CA GLN J 172 7.55 -66.33 -4.71
C GLN J 172 8.85 -66.50 -3.93
N GLN J 173 9.40 -67.71 -3.91
CA GLN J 173 10.62 -68.01 -3.17
C GLN J 173 11.84 -67.12 -3.44
N ILE J 174 11.79 -66.30 -4.50
CA ILE J 174 12.89 -65.39 -4.82
C ILE J 174 12.85 -64.20 -3.84
N PHE J 175 11.64 -63.80 -3.47
CA PHE J 175 11.42 -62.69 -2.55
C PHE J 175 11.63 -63.08 -1.09
N GLN J 176 11.13 -64.25 -0.72
CA GLN J 176 11.20 -64.76 0.65
C GLN J 176 12.60 -64.90 1.25
N GLY J 177 12.67 -64.80 2.57
CA GLY J 177 13.93 -64.90 3.29
C GLY J 177 14.59 -63.56 3.52
N ARG J 178 14.16 -62.54 2.77
CA ARG J 178 14.72 -61.20 2.87
C ARG J 178 13.79 -60.30 3.67
N ASN J 179 14.36 -59.56 4.63
CA ASN J 179 13.62 -58.63 5.50
C ASN J 179 12.48 -59.36 6.23
N ASP J 180 11.33 -58.69 6.32
CA ASP J 180 10.12 -59.23 6.95
C ASP J 180 8.96 -58.35 6.52
N PRO J 181 8.68 -58.32 5.20
CA PRO J 181 7.59 -57.49 4.69
C PRO J 181 6.22 -58.00 5.13
N MET J 182 5.23 -57.10 5.05
CA MET J 182 3.87 -57.41 5.44
C MET J 182 3.00 -57.36 4.18
N MET J 183 3.41 -56.48 3.26
CA MET J 183 2.72 -56.30 2.01
C MET J 183 3.72 -55.78 0.99
N ILE J 184 3.73 -56.43 -0.17
CA ILE J 184 4.62 -56.05 -1.25
C ILE J 184 3.74 -55.66 -2.42
N TYR J 185 3.98 -54.45 -2.92
CA TYR J 185 3.20 -53.93 -4.02
C TYR J 185 3.92 -54.13 -5.34
N LEU J 186 3.31 -54.98 -6.16
CA LEU J 186 3.87 -55.35 -7.45
C LEU J 186 3.18 -54.74 -8.66
N VAL J 187 3.84 -54.93 -9.80
CA VAL J 187 3.38 -54.47 -11.11
C VAL J 187 4.28 -55.20 -12.12
N TRP J 188 3.68 -56.13 -12.87
CA TRP J 188 4.41 -56.91 -13.84
C TRP J 188 4.20 -56.42 -15.27
N ARG J 189 5.24 -56.55 -16.08
CA ARG J 189 5.20 -56.14 -17.48
C ARG J 189 5.81 -57.24 -18.33
N ARG J 190 5.51 -57.20 -19.62
CA ARG J 190 6.03 -58.17 -20.58
C ARG J 190 7.29 -57.58 -21.20
N ILE J 191 8.38 -58.34 -21.18
CA ILE J 191 9.62 -57.88 -21.81
C ILE J 191 9.45 -58.16 -23.30
N GLU J 192 8.78 -57.24 -23.99
CA GLU J 192 8.47 -57.32 -25.41
C GLU J 192 9.62 -57.57 -26.38
N ASN J 193 10.81 -57.06 -26.06
CA ASN J 193 11.98 -57.25 -26.93
C ASN J 193 13.20 -57.48 -26.04
N PHE J 194 13.59 -58.74 -25.91
CA PHE J 194 14.73 -59.09 -25.08
C PHE J 194 15.84 -59.81 -25.83
N ALA J 195 17.01 -59.88 -25.19
CA ALA J 195 18.18 -60.53 -25.78
C ALA J 195 18.15 -62.04 -25.51
N MET J 196 18.61 -62.81 -26.49
CA MET J 196 18.68 -64.27 -26.37
C MET J 196 20.10 -64.64 -25.96
N ALA J 197 20.28 -65.88 -25.50
CA ALA J 197 21.58 -66.37 -25.05
C ALA J 197 22.72 -65.98 -26.01
N GLN J 198 22.41 -65.96 -27.30
CA GLN J 198 23.39 -65.62 -28.33
C GLN J 198 23.51 -64.13 -28.69
N GLY J 199 22.45 -63.36 -28.46
CA GLY J 199 22.50 -61.94 -28.77
C GLY J 199 21.42 -61.47 -29.72
N ASN J 200 20.63 -62.42 -30.19
CA ASN J 200 19.54 -62.13 -31.13
C ASN J 200 18.28 -61.64 -30.42
N SER J 201 17.60 -60.66 -31.03
CA SER J 201 16.38 -60.10 -30.46
C SER J 201 15.21 -61.08 -30.52
N GLN J 202 14.47 -61.19 -29.43
CA GLN J 202 13.34 -62.11 -29.34
C GLN J 202 12.09 -61.40 -28.80
N GLN J 203 10.92 -61.78 -29.31
CA GLN J 203 9.65 -61.19 -28.86
C GLN J 203 8.90 -62.06 -27.86
N THR J 204 8.20 -61.41 -26.94
CA THR J 204 7.39 -62.09 -25.94
C THR J 204 5.96 -61.90 -26.40
N GLN J 205 5.34 -62.99 -26.87
CA GLN J 205 3.97 -62.93 -27.37
C GLN J 205 2.92 -62.60 -26.33
N ALA J 206 1.94 -61.80 -26.74
CA ALA J 206 0.84 -61.40 -25.88
C ALA J 206 -0.05 -62.61 -25.58
N GLY J 207 -0.11 -62.98 -24.31
CA GLY J 207 -0.91 -64.13 -23.89
C GLY J 207 -0.43 -64.72 -22.58
N VAL J 208 0.77 -64.34 -22.17
CA VAL J 208 1.37 -64.81 -20.92
C VAL J 208 0.56 -64.24 -19.75
N THR J 209 0.44 -65.02 -18.68
CA THR J 209 -0.33 -64.58 -17.52
C THR J 209 0.36 -64.78 -16.17
N VAL J 210 0.02 -63.91 -15.22
CA VAL J 210 0.55 -63.97 -13.87
C VAL J 210 -0.63 -63.92 -12.91
N SER J 211 -0.76 -64.97 -12.10
CA SER J 211 -1.84 -65.08 -11.14
C SER J 211 -1.29 -65.22 -9.73
N VAL J 212 -1.87 -64.47 -8.79
CA VAL J 212 -1.43 -64.51 -7.40
C VAL J 212 -2.45 -65.31 -6.60
N GLY J 213 -1.95 -66.27 -5.82
CA GLY J 213 -2.83 -67.11 -5.02
C GLY J 213 -3.97 -67.76 -5.78
N GLY J 214 -3.86 -67.79 -7.11
CA GLY J 214 -4.91 -68.40 -7.91
C GLY J 214 -5.66 -67.45 -8.83
N VAL J 215 -5.77 -66.18 -8.44
CA VAL J 215 -6.47 -65.20 -9.28
C VAL J 215 -5.54 -64.56 -10.28
N ASP J 216 -6.03 -64.37 -11.50
CA ASP J 216 -5.23 -63.77 -12.56
C ASP J 216 -5.18 -62.25 -12.47
N MET J 217 -3.97 -61.69 -12.62
CA MET J 217 -3.75 -60.25 -12.52
C MET J 217 -3.27 -59.59 -13.82
N ARG J 218 -3.75 -58.37 -14.06
CA ARG J 218 -3.39 -57.59 -15.23
C ARG J 218 -1.94 -57.08 -15.16
N ALA J 219 -1.36 -56.79 -16.31
CA ALA J 219 0.01 -56.26 -16.36
C ALA J 219 -0.09 -54.75 -16.32
N GLY J 220 0.84 -54.11 -15.62
CA GLY J 220 0.84 -52.67 -15.53
C GLY J 220 -0.07 -52.11 -14.46
N ARG J 221 -0.61 -52.98 -13.61
CA ARG J 221 -1.47 -52.57 -12.52
C ARG J 221 -0.83 -52.97 -11.20
N ILE J 222 -1.03 -52.17 -10.17
CA ILE J 222 -0.44 -52.43 -8.86
C ILE J 222 -1.12 -53.62 -8.19
N ILE J 223 -0.32 -54.42 -7.49
CA ILE J 223 -0.82 -55.61 -6.85
C ILE J 223 -0.42 -55.75 -5.38
N ALA J 224 -1.43 -55.89 -4.53
CA ALA J 224 -1.20 -56.05 -3.11
C ALA J 224 -0.91 -57.52 -2.84
N TRP J 225 0.38 -57.86 -2.84
CA TRP J 225 0.78 -59.23 -2.58
C TRP J 225 1.23 -59.41 -1.14
N ASP J 226 0.61 -60.37 -0.47
CA ASP J 226 0.92 -60.67 0.93
C ASP J 226 2.24 -61.39 1.17
N GLY J 227 3.06 -61.51 0.12
CA GLY J 227 4.34 -62.18 0.24
C GLY J 227 4.30 -63.66 0.56
N GLN J 228 3.10 -64.21 0.73
CA GLN J 228 2.93 -65.62 1.06
C GLN J 228 2.18 -66.38 -0.01
N ALA J 229 1.22 -65.71 -0.63
CA ALA J 229 0.39 -66.31 -1.68
C ALA J 229 1.16 -66.91 -2.84
N ALA J 230 0.45 -67.64 -3.68
CA ALA J 230 1.03 -68.31 -4.84
C ALA J 230 1.31 -67.38 -6.02
N LEU J 231 2.56 -66.95 -6.13
CA LEU J 231 2.97 -66.09 -7.23
C LEU J 231 3.25 -67.04 -8.39
N HIS J 232 2.27 -67.17 -9.29
CA HIS J 232 2.37 -68.09 -10.41
C HIS J 232 2.38 -67.43 -11.79
N VAL J 233 3.36 -67.81 -12.61
CA VAL J 233 3.49 -67.27 -13.97
C VAL J 233 3.28 -68.41 -14.97
N ARG J 234 2.47 -68.16 -16.00
CA ARG J 234 2.20 -69.15 -17.03
C ARG J 234 2.57 -68.63 -18.41
N ASN J 235 3.07 -69.53 -19.24
CA ASN J 235 3.46 -69.19 -20.60
C ASN J 235 2.72 -70.11 -21.57
N PRO J 236 1.46 -69.79 -21.88
CA PRO J 236 0.70 -70.62 -22.81
C PRO J 236 1.14 -70.37 -24.27
N THR J 237 2.03 -69.39 -24.46
CA THR J 237 2.53 -69.03 -25.78
C THR J 237 3.56 -70.02 -26.33
N GLN J 238 3.58 -70.16 -27.66
CA GLN J 238 4.48 -71.07 -28.36
C GLN J 238 5.87 -70.50 -28.62
N GLN J 239 6.29 -69.58 -27.75
CA GLN J 239 7.60 -68.95 -27.86
C GLN J 239 8.16 -68.69 -26.49
N ASN J 240 9.45 -68.38 -26.45
CA ASN J 240 10.11 -68.07 -25.19
C ASN J 240 9.53 -66.73 -24.74
N ALA J 241 9.40 -66.56 -23.43
CA ALA J 241 8.85 -65.33 -22.89
C ALA J 241 9.57 -64.90 -21.63
N MET J 242 9.78 -63.60 -21.50
CA MET J 242 10.42 -63.03 -20.34
C MET J 242 9.57 -61.88 -19.81
N VAL J 243 9.29 -61.91 -18.52
CA VAL J 243 8.49 -60.88 -17.87
C VAL J 243 9.20 -60.31 -16.66
N GLN J 244 9.06 -59.01 -16.46
CA GLN J 244 9.68 -58.35 -15.31
C GLN J 244 8.60 -58.02 -14.28
N ILE J 245 8.90 -58.31 -13.03
CA ILE J 245 7.98 -58.04 -11.93
C ILE J 245 8.64 -56.98 -11.06
N GLN J 246 7.92 -55.89 -10.81
CA GLN J 246 8.48 -54.79 -10.03
C GLN J 246 7.91 -54.54 -8.65
N VAL J 247 8.82 -54.39 -7.69
CA VAL J 247 8.48 -54.11 -6.29
C VAL J 247 8.50 -52.58 -6.25
N VAL J 248 7.39 -51.98 -6.62
CA VAL J 248 7.27 -50.51 -6.62
C VAL J 248 7.62 -49.99 -5.23
N PHE J 249 7.08 -50.66 -4.21
CA PHE J 249 7.35 -50.34 -2.80
C PHE J 249 6.72 -51.41 -1.91
N TYR J 250 7.30 -51.60 -0.74
CA TYR J 250 6.78 -52.57 0.20
C TYR J 250 6.71 -51.92 1.58
N ILE J 251 6.11 -52.61 2.54
CA ILE J 251 5.97 -52.09 3.89
C ILE J 251 6.34 -53.12 4.95
N SER J 252 7.03 -52.65 5.99
CA SER J 252 7.45 -53.50 7.10
C SER J 252 7.30 -52.72 8.40
N MET J 253 7.54 -53.41 9.52
CA MET J 253 7.41 -52.77 10.82
C MET J 253 8.67 -52.07 11.30
N ASP J 254 9.62 -51.88 10.39
CA ASP J 254 10.86 -51.19 10.74
C ASP J 254 10.59 -49.69 10.75
N LYS J 255 11.24 -49.00 11.68
CA LYS J 255 11.06 -47.56 11.83
C LYS J 255 11.70 -46.77 10.70
N THR J 256 10.89 -45.94 10.05
CA THR J 256 11.36 -45.07 8.97
C THR J 256 11.59 -43.68 9.52
N LEU J 257 11.81 -42.70 8.63
CA LEU J 257 12.02 -41.34 9.06
C LEU J 257 10.69 -40.59 9.25
N ASN J 258 9.59 -41.27 8.92
CA ASN J 258 8.24 -40.72 9.04
C ASN J 258 7.53 -41.28 10.27
N GLN J 259 8.32 -41.69 11.25
CA GLN J 259 7.78 -42.24 12.48
C GLN J 259 7.23 -41.10 13.34
N TYR J 260 7.89 -39.95 13.27
CA TYR J 260 7.49 -38.76 14.02
C TYR J 260 7.59 -37.56 13.08
N PRO J 261 6.55 -36.71 13.05
CA PRO J 261 6.44 -35.51 12.22
C PRO J 261 7.72 -34.68 12.00
N ALA J 262 8.05 -34.51 10.71
CA ALA J 262 9.23 -33.76 10.25
C ALA J 262 10.52 -34.05 11.01
N LEU J 263 10.68 -35.32 11.42
CA LEU J 263 11.85 -35.77 12.14
C LEU J 263 13.10 -35.40 11.35
N THR J 264 13.00 -35.57 10.03
CA THR J 264 14.07 -35.27 9.10
C THR J 264 14.66 -33.87 9.30
N ALA J 265 13.80 -32.86 9.12
CA ALA J 265 14.17 -31.46 9.26
C ALA J 265 14.90 -31.17 10.56
N GLU J 266 14.47 -31.83 11.63
CA GLU J 266 15.06 -31.69 12.95
C GLU J 266 16.49 -32.18 12.90
N ILE J 267 16.64 -33.42 12.45
CA ILE J 267 17.93 -34.07 12.33
C ILE J 267 18.88 -33.19 11.51
N PHE J 268 18.35 -32.60 10.45
CA PHE J 268 19.15 -31.72 9.59
C PHE J 268 19.66 -30.56 10.44
N ASN J 269 18.74 -29.95 11.19
CA ASN J 269 19.01 -28.83 12.08
C ASN J 269 20.10 -29.15 13.10
N VAL J 270 19.99 -30.32 13.71
CA VAL J 270 20.95 -30.75 14.72
C VAL J 270 22.32 -30.93 14.09
N TYR J 271 22.33 -31.68 12.99
CA TYR J 271 23.56 -31.97 12.26
C TYR J 271 24.17 -30.80 11.51
N SER J 272 23.41 -29.72 11.34
CA SER J 272 23.91 -28.55 10.65
C SER J 272 25.09 -27.95 11.41
N PHE J 273 25.90 -27.17 10.71
CA PHE J 273 27.09 -26.58 11.30
C PHE J 273 26.95 -25.39 12.26
N ARG J 274 26.43 -24.27 11.74
CA ARG J 274 26.28 -23.02 12.50
C ARG J 274 27.68 -22.42 12.69
N ASP J 275 28.41 -22.92 13.68
CA ASP J 275 29.79 -22.50 13.91
C ASP J 275 30.50 -23.55 14.74
N HIS J 276 31.83 -23.47 14.78
CA HIS J 276 32.68 -24.42 15.50
C HIS J 276 32.21 -24.77 16.89
N THR J 277 31.94 -23.74 17.68
CA THR J 277 31.47 -23.90 19.05
C THR J 277 30.24 -24.82 19.05
N TRP J 278 29.24 -24.47 18.24
CA TRP J 278 28.03 -25.28 18.15
C TRP J 278 28.39 -26.69 17.75
N HIS J 279 29.03 -26.79 16.58
CA HIS J 279 29.47 -28.03 15.99
C HIS J 279 30.05 -29.00 17.01
N GLY J 280 31.20 -28.63 17.57
CA GLY J 280 31.86 -29.47 18.55
C GLY J 280 31.00 -29.75 19.76
N LEU J 281 30.12 -28.80 20.11
CA LEU J 281 29.23 -28.97 21.25
C LEU J 281 28.30 -30.13 20.94
N ARG J 282 27.55 -29.96 19.85
CA ARG J 282 26.61 -30.95 19.36
C ARG J 282 27.29 -32.33 19.23
N THR J 283 28.52 -32.30 18.73
CA THR J 283 29.33 -33.50 18.55
C THR J 283 29.57 -34.12 19.93
N ALA J 284 30.29 -33.39 20.77
CA ALA J 284 30.64 -33.80 22.12
C ALA J 284 29.45 -34.32 22.91
N ILE J 285 28.26 -33.79 22.62
CA ILE J 285 27.03 -34.20 23.29
C ILE J 285 26.66 -35.62 22.81
N ARG J 286 26.57 -35.78 21.51
CA ARG J 286 26.23 -37.07 20.93
C ARG J 286 27.28 -38.15 21.15
N ASN J 287 28.45 -37.76 21.63
CA ASN J 287 29.50 -38.72 21.91
C ASN J 287 29.10 -39.59 23.07
N ARG J 288 28.10 -39.13 23.81
CA ARG J 288 27.56 -39.84 24.96
C ARG J 288 26.40 -40.73 24.49
N THR J 289 25.96 -40.52 23.26
CA THR J 289 24.84 -41.26 22.69
C THR J 289 25.20 -42.31 21.65
N THR J 290 24.18 -43.02 21.20
CA THR J 290 24.29 -44.06 20.19
C THR J 290 24.27 -43.43 18.78
N LEU J 291 24.12 -42.12 18.72
CA LEU J 291 24.05 -41.40 17.45
C LEU J 291 25.40 -40.97 16.88
N PRO J 292 25.49 -40.92 15.54
CA PRO J 292 26.72 -40.51 14.86
C PRO J 292 26.98 -39.05 15.21
N ASN J 293 28.09 -38.83 15.90
CA ASN J 293 28.48 -37.50 16.37
C ASN J 293 28.43 -36.30 15.42
N MET J 294 28.40 -36.53 14.11
CA MET J 294 28.34 -35.41 13.16
C MET J 294 27.84 -35.69 11.75
N LEU J 295 27.34 -36.90 11.52
CA LEU J 295 26.81 -37.28 10.21
C LEU J 295 25.51 -38.08 10.34
N PRO J 296 24.42 -37.57 9.74
CA PRO J 296 23.08 -38.19 9.78
C PRO J 296 23.14 -39.70 9.77
N PRO J 297 22.42 -40.36 10.69
CA PRO J 297 22.48 -41.82 10.69
C PRO J 297 21.95 -42.35 9.36
N ILE J 298 22.51 -43.47 8.94
CA ILE J 298 22.12 -44.10 7.69
C ILE J 298 20.73 -44.64 7.95
N PHE J 299 20.60 -45.26 9.11
CA PHE J 299 19.35 -45.84 9.52
C PHE J 299 18.71 -45.06 10.63
N PRO J 300 17.42 -44.72 10.47
CA PRO J 300 16.64 -43.97 11.44
C PRO J 300 16.57 -44.75 12.77
N PRO J 301 16.80 -44.06 13.91
CA PRO J 301 16.77 -44.67 15.24
C PRO J 301 15.38 -45.19 15.57
N ASN J 302 15.27 -45.99 16.62
CA ASN J 302 13.99 -46.56 16.98
C ASN J 302 13.69 -46.57 18.48
N ASP J 303 14.53 -45.90 19.26
CA ASP J 303 14.32 -45.84 20.71
C ASP J 303 13.98 -44.44 21.19
N ARG J 304 13.15 -44.40 22.24
CA ARG J 304 12.68 -43.17 22.84
C ARG J 304 13.84 -42.18 22.98
N ASP J 305 14.80 -42.55 23.80
CA ASP J 305 15.99 -41.76 24.10
C ASP J 305 16.61 -41.05 22.89
N SER J 306 16.84 -41.81 21.83
CA SER J 306 17.44 -41.25 20.62
C SER J 306 16.60 -40.10 20.04
N ILE J 307 15.36 -40.42 19.67
CA ILE J 307 14.43 -39.45 19.08
C ILE J 307 14.37 -38.19 19.95
N LEU J 308 14.07 -38.41 21.23
CA LEU J 308 13.98 -37.37 22.23
C LEU J 308 15.19 -36.45 22.15
N THR J 309 16.36 -37.02 22.42
CA THR J 309 17.66 -36.34 22.40
C THR J 309 17.82 -35.40 21.21
N LEU J 310 17.43 -35.90 20.05
CA LEU J 310 17.51 -35.16 18.81
C LEU J 310 16.61 -33.94 18.89
N LEU J 311 15.37 -34.16 19.29
CA LEU J 311 14.38 -33.10 19.44
C LEU J 311 14.88 -32.00 20.36
N LEU J 312 15.31 -32.38 21.56
CA LEU J 312 15.85 -31.46 22.55
C LEU J 312 17.02 -30.68 21.98
N LEU J 313 17.96 -31.43 21.40
CA LEU J 313 19.14 -30.83 20.80
C LEU J 313 18.78 -29.87 19.69
N SER J 314 17.85 -30.27 18.85
CA SER J 314 17.39 -29.44 17.73
C SER J 314 16.87 -28.10 18.26
N THR J 315 16.08 -28.17 19.33
CA THR J 315 15.51 -26.98 19.95
C THR J 315 16.66 -26.16 20.53
N LEU J 316 17.51 -26.84 21.30
CA LEU J 316 18.69 -26.23 21.93
C LEU J 316 19.57 -25.57 20.86
N ALA J 317 19.44 -26.06 19.63
CA ALA J 317 20.20 -25.53 18.52
C ALA J 317 19.65 -24.15 18.23
N ASP J 318 18.33 -24.07 18.07
CA ASP J 318 17.67 -22.79 17.78
C ASP J 318 17.93 -21.78 18.89
N VAL J 319 17.91 -22.26 20.14
CA VAL J 319 18.18 -21.43 21.30
C VAL J 319 19.56 -20.82 21.11
N TYR J 320 20.52 -21.66 20.74
CA TYR J 320 21.88 -21.24 20.49
C TYR J 320 21.88 -20.09 19.46
N THR J 321 21.11 -20.26 18.39
CA THR J 321 21.02 -19.26 17.33
C THR J 321 20.56 -17.89 17.83
N VAL J 322 19.43 -17.86 18.51
CA VAL J 322 18.88 -16.59 19.02
C VAL J 322 19.76 -15.93 20.09
N LEU J 323 20.37 -16.76 20.93
CA LEU J 323 21.22 -16.28 22.01
C LEU J 323 22.61 -15.82 21.62
N ARG J 324 23.14 -16.37 20.53
CA ARG J 324 24.47 -16.01 20.05
C ARG J 324 25.52 -16.19 21.17
N PRO J 325 25.45 -17.31 21.94
CA PRO J 325 26.46 -17.45 23.01
C PRO J 325 27.89 -17.54 22.49
N GLU J 326 28.84 -17.28 23.37
CA GLU J 326 30.24 -17.33 23.02
C GLU J 326 31.04 -17.85 24.19
N PHE J 327 31.68 -18.99 23.99
CA PHE J 327 32.49 -19.59 25.04
C PHE J 327 33.46 -20.65 24.52
N ALA J 328 34.41 -20.98 25.39
CA ALA J 328 35.45 -21.96 25.10
C ALA J 328 34.96 -23.39 25.17
N MET J 329 35.70 -24.27 24.51
CA MET J 329 35.38 -25.68 24.46
C MET J 329 36.66 -26.43 24.19
N HIS J 330 37.00 -27.35 25.09
CA HIS J 330 38.22 -28.13 24.97
C HIS J 330 38.39 -28.78 23.60
N GLY J 331 39.50 -28.41 22.95
CA GLY J 331 39.80 -28.95 21.63
C GLY J 331 39.21 -28.20 20.45
N VAL J 332 38.46 -27.14 20.71
CA VAL J 332 37.85 -26.37 19.63
C VAL J 332 38.53 -25.03 19.44
N ASN J 333 38.94 -24.76 18.20
CA ASN J 333 39.60 -23.50 17.87
C ASN J 333 38.79 -22.74 16.83
N PRO J 334 38.12 -21.65 17.24
CA PRO J 334 37.29 -20.81 16.39
C PRO J 334 38.05 -19.87 15.46
N MET J 335 37.64 -19.88 14.19
CA MET J 335 38.21 -19.00 13.18
C MET J 335 37.27 -17.81 13.09
N PRO J 336 37.77 -16.60 13.41
CA PRO J 336 37.01 -15.35 13.38
C PRO J 336 36.41 -14.93 12.04
N GLY J 337 36.93 -15.48 10.94
CA GLY J 337 36.44 -15.16 9.61
C GLY J 337 34.93 -15.29 9.47
N PRO J 338 34.30 -14.57 8.53
CA PRO J 338 32.86 -14.58 8.27
C PRO J 338 32.18 -15.92 7.98
N LEU J 339 32.96 -17.00 7.85
CA LEU J 339 32.43 -18.35 7.57
C LEU J 339 31.88 -18.59 6.17
N THR J 340 32.43 -19.60 5.49
CA THR J 340 32.02 -19.97 4.14
C THR J 340 31.69 -21.45 4.05
N ALA J 341 30.97 -21.82 2.99
CA ALA J 341 30.58 -23.22 2.75
C ALA J 341 31.81 -24.09 2.92
N ALA J 342 32.94 -23.58 2.42
CA ALA J 342 34.22 -24.27 2.48
C ALA J 342 34.66 -24.57 3.92
N ILE J 343 34.74 -23.52 4.75
CA ILE J 343 35.17 -23.68 6.13
C ILE J 343 34.32 -24.73 6.87
N ALA J 344 33.03 -24.76 6.53
CA ALA J 344 32.09 -25.70 7.13
C ALA J 344 32.43 -27.13 6.74
N ARG J 345 32.62 -27.32 5.44
CA ARG J 345 32.98 -28.61 4.86
C ARG J 345 34.12 -29.23 5.68
N ALA J 346 35.20 -28.46 5.81
CA ALA J 346 36.39 -28.86 6.54
C ALA J 346 36.13 -29.36 7.95
N ALA J 347 35.21 -28.70 8.65
CA ALA J 347 34.87 -29.05 10.03
C ALA J 347 34.42 -30.48 10.28
N TYR J 348 33.79 -31.11 9.28
CA TYR J 348 33.31 -32.48 9.42
C TYR J 348 34.37 -33.57 9.26
N VAL J 349 35.33 -33.58 10.18
CA VAL J 349 36.45 -34.52 10.20
C VAL J 349 37.33 -34.41 8.95
N MET K 1 -18.81 -26.04 11.37
CA MET K 1 -18.43 -27.47 11.20
C MET K 1 -16.93 -27.66 11.44
N ASP K 2 -16.16 -26.63 11.07
CA ASP K 2 -14.72 -26.65 11.29
C ASP K 2 -14.59 -26.52 12.79
N THR K 3 -15.27 -25.52 13.32
CA THR K 3 -15.30 -25.20 14.76
C THR K 3 -15.54 -26.45 15.60
N ILE K 4 -16.53 -27.23 15.19
CA ILE K 4 -16.91 -28.47 15.86
C ILE K 4 -15.73 -29.42 15.97
N ALA K 5 -15.07 -29.65 14.84
CA ALA K 5 -13.91 -30.52 14.78
C ALA K 5 -12.80 -29.97 15.67
N ALA K 6 -12.51 -28.68 15.53
CA ALA K 6 -11.49 -28.00 16.29
C ALA K 6 -11.71 -28.15 17.78
N ARG K 7 -12.96 -28.05 18.20
CA ARG K 7 -13.33 -28.20 19.61
C ARG K 7 -12.94 -29.58 20.08
N ALA K 8 -13.52 -30.61 19.44
CA ALA K 8 -13.26 -32.00 19.76
C ALA K 8 -11.76 -32.27 19.80
N LEU K 9 -11.05 -31.64 18.88
CA LEU K 9 -9.60 -31.78 18.80
C LEU K 9 -8.96 -31.22 20.06
N THR K 10 -9.25 -29.95 20.35
CA THR K 10 -8.73 -29.24 21.52
C THR K 10 -8.90 -30.03 22.79
N VAL K 11 -10.10 -30.61 22.95
CA VAL K 11 -10.43 -31.41 24.12
C VAL K 11 -9.48 -32.58 24.26
N MET K 12 -9.33 -33.36 23.19
CA MET K 12 -8.42 -34.51 23.20
C MET K 12 -7.01 -34.08 23.54
N ARG K 13 -6.50 -33.09 22.81
CA ARG K 13 -5.16 -32.55 23.01
C ARG K 13 -5.00 -32.14 24.47
N ALA K 14 -6.09 -31.67 25.06
CA ALA K 14 -6.12 -31.24 26.45
C ALA K 14 -6.06 -32.44 27.39
N CYS K 15 -6.88 -33.45 27.14
CA CYS K 15 -6.89 -34.66 27.96
C CYS K 15 -5.52 -35.29 27.93
N ALA K 16 -4.81 -35.06 26.83
CA ALA K 16 -3.47 -35.59 26.62
C ALA K 16 -2.43 -35.05 27.60
N THR K 17 -2.78 -33.93 28.25
CA THR K 17 -1.89 -33.28 29.22
C THR K 17 -1.77 -34.02 30.55
N LEU K 18 -2.67 -34.97 30.79
CA LEU K 18 -2.67 -35.72 32.04
C LEU K 18 -1.65 -36.86 32.10
N GLN K 19 -0.37 -36.54 32.31
CA GLN K 19 0.68 -37.55 32.40
C GLN K 19 0.86 -37.99 33.85
N GLU K 20 1.54 -37.16 34.64
CA GLU K 20 1.79 -37.44 36.06
C GLU K 20 0.49 -37.25 36.83
N ALA K 21 0.46 -37.67 38.09
CA ALA K 21 -0.76 -37.56 38.90
C ALA K 21 -0.97 -36.19 39.55
N ARG K 22 0.05 -35.73 40.27
CA ARG K 22 -0.01 -34.47 40.99
C ARG K 22 0.22 -33.16 40.23
N ILE K 23 0.67 -33.26 38.98
CA ILE K 23 0.92 -32.06 38.19
C ILE K 23 -0.26 -31.08 38.18
N VAL K 24 0.06 -29.80 38.30
CA VAL K 24 -0.94 -28.74 38.28
C VAL K 24 -1.30 -28.46 36.83
N LEU K 25 -2.57 -28.63 36.49
CA LEU K 25 -3.02 -28.43 35.12
C LEU K 25 -2.75 -27.04 34.60
N GLU K 26 -2.46 -26.97 33.30
CA GLU K 26 -2.21 -25.68 32.66
C GLU K 26 -3.51 -24.91 32.83
N ALA K 27 -3.39 -23.69 33.35
CA ALA K 27 -4.54 -22.84 33.58
C ALA K 27 -5.52 -22.94 32.43
N ASN K 28 -4.98 -22.65 31.25
CA ASN K 28 -5.69 -22.68 30.00
C ASN K 28 -6.52 -23.96 29.80
N VAL K 29 -5.93 -25.10 30.12
CA VAL K 29 -6.55 -26.42 30.00
C VAL K 29 -7.80 -26.58 30.84
N MET K 30 -7.68 -26.25 32.11
CA MET K 30 -8.80 -26.37 33.04
C MET K 30 -10.02 -25.62 32.58
N GLU K 31 -9.81 -24.47 31.95
CA GLU K 31 -10.91 -23.67 31.44
C GLU K 31 -11.66 -24.52 30.43
N ILE K 32 -10.92 -25.37 29.71
CA ILE K 32 -11.49 -26.25 28.69
C ILE K 32 -12.18 -27.46 29.28
N LEU K 33 -11.43 -28.31 29.98
CA LEU K 33 -11.98 -29.50 30.59
C LEU K 33 -13.19 -29.18 31.46
N GLY K 34 -13.09 -28.06 32.19
CA GLY K 34 -14.17 -27.63 33.05
C GLY K 34 -15.46 -27.51 32.28
N ILE K 35 -15.45 -26.66 31.25
CA ILE K 35 -16.63 -26.44 30.41
C ILE K 35 -17.09 -27.73 29.76
N ALA K 36 -16.13 -28.44 29.17
CA ALA K 36 -16.41 -29.69 28.48
C ALA K 36 -17.12 -30.69 29.38
N ILE K 37 -16.36 -31.28 30.30
CA ILE K 37 -16.89 -32.28 31.22
C ILE K 37 -18.26 -31.90 31.80
N ASN K 38 -18.43 -30.64 32.18
CA ASN K 38 -19.69 -30.17 32.72
C ASN K 38 -20.80 -30.41 31.71
N ARG K 39 -20.62 -29.89 30.49
CA ARG K 39 -21.58 -30.03 29.40
C ARG K 39 -21.82 -31.49 29.02
N TYR K 40 -20.72 -32.23 28.83
CA TYR K 40 -20.76 -33.64 28.47
C TYR K 40 -21.52 -34.43 29.52
N ASN K 41 -21.00 -34.46 30.74
CA ASN K 41 -21.65 -35.17 31.84
C ASN K 41 -23.10 -34.75 31.97
N GLY K 42 -23.39 -33.52 31.56
CA GLY K 42 -24.75 -33.01 31.60
C GLY K 42 -25.64 -33.82 30.68
N LEU K 43 -25.18 -34.02 29.44
CA LEU K 43 -25.92 -34.79 28.46
C LEU K 43 -25.84 -36.29 28.71
N THR K 44 -24.62 -36.76 28.96
CA THR K 44 -24.32 -38.17 29.19
C THR K 44 -24.85 -38.71 30.51
N LEU K 45 -24.75 -37.88 31.53
CA LEU K 45 -25.15 -38.22 32.90
C LEU K 45 -24.04 -39.00 33.58
N ARG K 46 -23.00 -39.34 32.83
CA ARG K 46 -21.85 -40.06 33.39
C ARG K 46 -21.02 -39.14 34.29
N GLY K 47 -20.07 -39.73 35.02
CA GLY K 47 -19.24 -38.93 35.91
C GLY K 47 -17.77 -38.87 35.54
N VAL K 48 -17.44 -38.01 34.59
CA VAL K 48 -16.06 -37.84 34.16
C VAL K 48 -15.41 -36.80 35.08
N THR K 49 -14.11 -36.97 35.36
CA THR K 49 -13.42 -36.00 36.22
C THR K 49 -12.30 -35.30 35.49
N MET K 50 -11.92 -34.14 35.99
CA MET K 50 -10.83 -33.37 35.40
C MET K 50 -9.49 -34.00 35.75
N ARG K 51 -9.46 -34.78 36.82
CA ARG K 51 -8.23 -35.44 37.22
C ARG K 51 -8.50 -36.92 37.49
N PRO K 52 -8.56 -37.73 36.42
CA PRO K 52 -8.81 -39.17 36.59
C PRO K 52 -7.57 -39.79 37.23
N THR K 53 -7.78 -40.82 38.04
CA THR K 53 -6.69 -41.50 38.74
C THR K 53 -6.95 -42.99 38.92
N SER K 54 -8.22 -43.37 38.93
CA SER K 54 -8.60 -44.77 39.14
C SER K 54 -8.26 -45.70 38.00
N LEU K 55 -8.97 -45.52 36.89
CA LEU K 55 -8.85 -46.31 35.68
C LEU K 55 -10.21 -46.11 35.10
N ALA K 56 -11.22 -46.53 35.86
CA ALA K 56 -12.60 -46.39 35.45
C ALA K 56 -12.88 -44.94 35.02
N GLN K 57 -12.23 -44.00 35.73
CA GLN K 57 -12.38 -42.57 35.44
C GLN K 57 -11.64 -42.27 34.14
N ARG K 58 -10.49 -42.91 33.98
CA ARG K 58 -9.68 -42.74 32.80
C ARG K 58 -10.45 -43.25 31.58
N ASN K 59 -11.08 -44.42 31.72
CA ASN K 59 -11.87 -45.04 30.67
C ASN K 59 -12.98 -44.07 30.30
N GLU K 60 -13.70 -43.63 31.34
CA GLU K 60 -14.81 -42.70 31.19
C GLU K 60 -14.42 -41.48 30.36
N MET K 61 -13.26 -40.92 30.68
CA MET K 61 -12.74 -39.77 29.98
C MET K 61 -12.43 -40.15 28.55
N PHE K 62 -11.76 -41.27 28.36
CA PHE K 62 -11.43 -41.73 27.03
C PHE K 62 -12.71 -41.83 26.20
N PHE K 63 -13.70 -42.53 26.75
CA PHE K 63 -15.00 -42.70 26.09
C PHE K 63 -15.52 -41.38 25.62
N MET K 64 -15.30 -40.35 26.43
CA MET K 64 -15.75 -39.01 26.09
C MET K 64 -15.04 -38.56 24.82
N CYS K 65 -13.71 -38.55 24.87
CA CYS K 65 -12.88 -38.15 23.74
C CYS K 65 -13.33 -38.92 22.51
N LEU K 66 -13.54 -40.22 22.70
CA LEU K 66 -13.97 -41.11 21.65
C LEU K 66 -15.29 -40.62 21.07
N ASP K 67 -16.26 -40.41 21.95
CA ASP K 67 -17.58 -39.94 21.58
C ASP K 67 -17.52 -38.69 20.74
N MET K 68 -16.68 -37.76 21.17
CA MET K 68 -16.52 -36.49 20.48
C MET K 68 -15.74 -36.65 19.19
N MET K 69 -14.68 -37.42 19.24
CA MET K 69 -13.83 -37.67 18.09
C MET K 69 -14.67 -38.27 16.96
N LEU K 70 -15.51 -39.23 17.31
CA LEU K 70 -16.38 -39.87 16.36
C LEU K 70 -17.38 -38.86 15.84
N SER K 71 -18.06 -38.17 16.76
CA SER K 71 -19.06 -37.16 16.42
C SER K 71 -18.51 -36.08 15.51
N ALA K 72 -17.23 -35.74 15.69
CA ALA K 72 -16.58 -34.73 14.88
C ALA K 72 -16.41 -35.26 13.45
N ALA K 73 -16.11 -36.55 13.36
CA ALA K 73 -15.91 -37.21 12.07
C ALA K 73 -17.22 -37.73 11.46
N GLY K 74 -18.29 -37.74 12.25
CA GLY K 74 -19.59 -38.21 11.77
C GLY K 74 -19.65 -39.72 11.58
N ILE K 75 -19.04 -40.44 12.50
CA ILE K 75 -18.99 -41.90 12.42
C ILE K 75 -19.78 -42.51 13.56
N ASN K 76 -20.50 -43.59 13.27
CA ASN K 76 -21.28 -44.31 14.28
C ASN K 76 -20.89 -45.78 14.19
N VAL K 77 -19.86 -46.14 14.93
CA VAL K 77 -19.33 -47.49 14.94
C VAL K 77 -20.33 -48.57 15.35
N GLY K 78 -21.44 -48.17 15.96
CA GLY K 78 -22.44 -49.12 16.40
C GLY K 78 -21.95 -50.00 17.53
N PRO K 79 -22.58 -51.16 17.75
CA PRO K 79 -22.23 -52.11 18.82
C PRO K 79 -20.85 -52.73 18.65
N ILE K 80 -19.85 -52.15 19.30
CA ILE K 80 -18.49 -52.66 19.18
C ILE K 80 -17.89 -53.06 20.52
N SER K 81 -18.51 -52.58 21.59
CA SER K 81 -18.03 -52.89 22.93
C SER K 81 -19.18 -53.01 23.91
N PRO K 82 -19.05 -53.90 24.89
CA PRO K 82 -20.08 -54.12 25.92
C PRO K 82 -19.94 -53.03 26.98
N ASP K 83 -18.72 -52.50 27.10
CA ASP K 83 -18.40 -51.45 28.06
C ASP K 83 -18.77 -50.07 27.54
N TYR K 84 -18.36 -49.77 26.32
CA TYR K 84 -18.66 -48.48 25.72
C TYR K 84 -19.85 -48.52 24.78
N THR K 85 -20.63 -47.44 24.83
CA THR K 85 -21.78 -47.28 23.97
C THR K 85 -21.72 -45.84 23.51
N GLN K 86 -21.59 -45.66 22.21
CA GLN K 86 -21.48 -44.32 21.64
C GLN K 86 -22.72 -43.45 21.81
N HIS K 87 -22.50 -42.25 22.32
CA HIS K 87 -23.57 -41.27 22.49
C HIS K 87 -23.67 -40.44 21.24
N MET K 88 -24.86 -40.41 20.67
CA MET K 88 -25.09 -39.70 19.44
C MET K 88 -25.07 -38.18 19.50
N ALA K 89 -25.85 -37.62 20.41
CA ALA K 89 -25.94 -36.17 20.57
C ALA K 89 -24.66 -35.47 21.06
N THR K 90 -23.58 -36.22 21.18
CA THR K 90 -22.30 -35.67 21.61
C THR K 90 -21.92 -34.52 20.66
N ILE K 91 -22.50 -34.56 19.47
CA ILE K 91 -22.31 -33.55 18.44
C ILE K 91 -22.99 -32.22 18.82
N GLY K 92 -24.16 -32.32 19.43
CA GLY K 92 -24.88 -31.13 19.85
C GLY K 92 -24.10 -30.31 20.88
N VAL K 93 -23.25 -30.97 21.65
CA VAL K 93 -22.42 -30.29 22.64
C VAL K 93 -21.24 -29.61 21.95
N LEU K 94 -20.90 -30.12 20.79
CA LEU K 94 -19.80 -29.56 20.01
C LEU K 94 -20.21 -28.32 19.20
N ALA K 95 -21.50 -28.21 18.87
CA ALA K 95 -22.01 -27.06 18.11
C ALA K 95 -22.31 -25.89 19.05
N THR K 96 -22.37 -26.22 20.34
CA THR K 96 -22.61 -25.29 21.43
C THR K 96 -21.31 -24.49 21.61
N PRO K 97 -21.32 -23.21 21.21
CA PRO K 97 -20.19 -22.26 21.29
C PRO K 97 -19.59 -22.08 22.68
N GLU K 98 -20.14 -22.84 23.64
CA GLU K 98 -19.70 -22.85 25.02
C GLU K 98 -18.25 -23.27 25.14
N ILE K 99 -17.94 -24.44 24.58
CA ILE K 99 -16.59 -24.98 24.61
C ILE K 99 -15.64 -24.23 23.69
N PRO K 100 -14.46 -23.89 24.22
CA PRO K 100 -13.43 -23.15 23.47
C PRO K 100 -12.57 -24.07 22.59
N PHE K 101 -11.66 -23.46 21.84
CA PHE K 101 -10.72 -24.18 20.98
C PHE K 101 -9.45 -23.37 20.80
N THR K 102 -8.32 -24.07 20.77
CA THR K 102 -7.01 -23.44 20.62
C THR K 102 -6.71 -22.97 19.20
N THR K 103 -5.80 -22.02 19.07
CA THR K 103 -5.37 -21.49 17.77
C THR K 103 -4.76 -22.65 17.00
N GLU K 104 -4.06 -23.53 17.71
CA GLU K 104 -3.42 -24.70 17.14
C GLU K 104 -4.45 -25.53 16.39
N ALA K 105 -5.57 -25.81 17.08
CA ALA K 105 -6.67 -26.59 16.52
C ALA K 105 -7.34 -25.84 15.38
N ALA K 106 -7.48 -24.53 15.54
CA ALA K 106 -8.10 -23.69 14.53
C ALA K 106 -7.33 -23.81 13.22
N ASN K 107 -6.04 -23.52 13.27
CA ASN K 107 -5.15 -23.58 12.10
C ASN K 107 -5.13 -24.97 11.49
N GLU K 108 -5.04 -25.98 12.35
CA GLU K 108 -5.03 -27.37 11.95
C GLU K 108 -6.20 -27.60 10.98
N ILE K 109 -7.42 -27.37 11.47
CA ILE K 109 -8.64 -27.54 10.68
C ILE K 109 -8.67 -26.61 9.46
N ALA K 110 -8.37 -25.33 9.68
CA ALA K 110 -8.35 -24.32 8.61
C ALA K 110 -7.52 -24.77 7.40
N ARG K 111 -6.42 -25.43 7.68
CA ARG K 111 -5.54 -25.94 6.64
C ARG K 111 -6.24 -27.06 5.90
N VAL K 112 -6.71 -28.06 6.66
CA VAL K 112 -7.42 -29.20 6.10
C VAL K 112 -8.57 -28.77 5.20
N THR K 113 -9.46 -27.94 5.74
CA THR K 113 -10.61 -27.44 4.98
C THR K 113 -10.11 -26.67 3.77
N GLY K 114 -9.08 -25.86 3.98
CA GLY K 114 -8.50 -25.05 2.91
C GLY K 114 -8.05 -25.83 1.69
N GLU K 115 -7.02 -26.66 1.87
CA GLU K 115 -6.46 -27.46 0.78
C GLU K 115 -7.41 -28.51 0.24
N THR K 116 -8.15 -29.15 1.13
CA THR K 116 -9.08 -30.20 0.76
C THR K 116 -10.17 -29.71 -0.20
N SER K 117 -10.62 -28.47 -0.01
CA SER K 117 -11.67 -27.89 -0.84
C SER K 117 -11.21 -27.42 -2.23
N THR K 118 -9.91 -27.44 -2.49
CA THR K 118 -9.40 -27.03 -3.79
C THR K 118 -8.27 -27.96 -4.25
N TRP K 119 -7.64 -27.63 -5.36
CA TRP K 119 -6.55 -28.43 -5.91
C TRP K 119 -5.24 -27.66 -5.95
N GLY K 120 -4.20 -28.34 -6.43
CA GLY K 120 -2.88 -27.72 -6.53
C GLY K 120 -1.83 -28.66 -7.09
N PRO K 121 -0.77 -28.11 -7.71
CA PRO K 121 0.34 -28.86 -8.32
C PRO K 121 1.25 -29.53 -7.29
N ALA K 122 1.63 -30.78 -7.57
CA ALA K 122 2.48 -31.52 -6.64
C ALA K 122 3.32 -32.62 -7.30
N ARG K 123 4.55 -32.79 -6.82
CA ARG K 123 5.46 -33.82 -7.31
C ARG K 123 4.81 -35.18 -7.10
N GLN K 124 4.42 -35.83 -8.18
CA GLN K 124 3.80 -37.14 -8.06
C GLN K 124 4.78 -38.16 -7.50
N PRO K 125 4.26 -39.18 -6.80
CA PRO K 125 4.95 -40.28 -6.14
C PRO K 125 5.77 -41.28 -6.94
N TYR K 126 5.18 -41.84 -7.99
CA TYR K 126 5.85 -42.86 -8.79
C TYR K 126 6.33 -42.44 -10.17
N GLY K 127 7.04 -43.35 -10.84
CA GLY K 127 7.55 -43.08 -12.17
C GLY K 127 6.41 -42.85 -13.14
N PHE K 128 6.64 -42.01 -14.15
CA PHE K 128 5.62 -41.70 -15.14
C PHE K 128 5.03 -42.95 -15.77
N PHE K 129 5.88 -43.72 -16.44
CA PHE K 129 5.48 -44.95 -17.12
C PHE K 129 5.42 -46.14 -16.17
N LEU K 130 4.62 -46.02 -15.11
CA LEU K 130 4.50 -47.11 -14.16
C LEU K 130 3.37 -48.02 -14.56
N GLU K 131 2.26 -47.43 -15.03
CA GLU K 131 1.11 -48.20 -15.44
C GLU K 131 1.19 -48.67 -16.89
N THR K 132 2.34 -49.26 -17.25
CA THR K 132 2.59 -49.77 -18.59
C THR K 132 2.59 -51.30 -18.61
N GLU K 133 2.04 -51.89 -19.68
CA GLU K 133 1.95 -53.33 -19.84
C GLU K 133 3.18 -53.98 -20.46
N GLU K 134 3.82 -53.27 -21.40
CA GLU K 134 4.99 -53.79 -22.10
C GLU K 134 6.23 -52.92 -21.92
N THR K 135 7.37 -53.57 -21.74
CA THR K 135 8.65 -52.89 -21.58
C THR K 135 9.70 -53.57 -22.44
N PHE K 136 10.61 -52.78 -23.01
CA PHE K 136 11.67 -53.29 -23.88
C PHE K 136 13.03 -53.20 -23.20
N GLN K 137 13.93 -54.14 -23.51
CA GLN K 137 15.26 -54.13 -22.91
C GLN K 137 15.95 -52.80 -23.16
N PRO K 138 16.52 -52.22 -22.11
CA PRO K 138 17.24 -50.94 -22.12
C PRO K 138 18.56 -51.02 -22.87
N GLY K 139 18.76 -50.10 -23.82
CA GLY K 139 19.99 -50.09 -24.60
C GLY K 139 19.95 -51.00 -25.82
N ARG K 140 18.81 -51.63 -26.08
CA ARG K 140 18.70 -52.51 -27.23
C ARG K 140 18.03 -51.82 -28.40
N TRP K 141 18.60 -52.02 -29.58
CA TRP K 141 18.08 -51.41 -30.80
C TRP K 141 16.71 -52.00 -31.13
N PHE K 142 15.80 -51.13 -31.51
CA PHE K 142 14.48 -51.54 -31.92
C PHE K 142 13.87 -50.50 -32.83
N MET K 143 13.65 -50.92 -34.06
CA MET K 143 13.07 -50.07 -35.09
C MET K 143 11.78 -50.72 -35.59
N ARG K 144 10.66 -50.06 -35.33
CA ARG K 144 9.36 -50.56 -35.77
C ARG K 144 9.28 -50.36 -37.29
N ALA K 145 8.72 -51.34 -37.98
CA ALA K 145 8.59 -51.31 -39.44
C ALA K 145 7.99 -50.00 -39.99
N ALA K 146 8.68 -49.44 -40.98
CA ALA K 146 8.29 -48.20 -41.67
C ALA K 146 8.64 -46.90 -40.95
N GLN K 147 9.41 -47.01 -39.87
CA GLN K 147 9.82 -45.83 -39.10
C GLN K 147 11.34 -45.68 -39.06
N ALA K 148 11.79 -44.42 -39.10
CA ALA K 148 13.22 -44.09 -39.05
C ALA K 148 13.62 -43.67 -37.64
N ALA K 149 12.61 -43.32 -36.84
CA ALA K 149 12.78 -42.91 -35.44
C ALA K 149 11.72 -43.67 -34.65
N THR K 150 12.14 -44.58 -33.78
CA THR K 150 11.21 -45.39 -33.00
C THR K 150 11.45 -45.30 -31.49
N ALA K 151 10.57 -44.57 -30.82
CA ALA K 151 10.62 -44.38 -29.37
C ALA K 151 9.84 -45.48 -28.68
N VAL K 152 10.38 -45.95 -27.56
CA VAL K 152 9.73 -47.01 -26.82
C VAL K 152 10.12 -47.02 -25.33
N VAL K 153 9.22 -47.50 -24.49
CA VAL K 153 9.44 -47.56 -23.04
C VAL K 153 10.45 -48.66 -22.69
N CYS K 154 11.23 -48.43 -21.63
CA CYS K 154 12.23 -49.39 -21.20
C CYS K 154 12.37 -49.36 -19.68
N GLY K 155 11.39 -48.74 -19.02
CA GLY K 155 11.39 -48.64 -17.59
C GLY K 155 10.18 -47.90 -17.05
N PRO K 156 10.10 -47.71 -15.72
CA PRO K 156 8.99 -47.01 -15.08
C PRO K 156 9.04 -45.51 -15.37
N ASP K 157 10.25 -45.01 -15.58
CA ASP K 157 10.50 -43.59 -15.84
C ASP K 157 11.50 -43.48 -16.97
N MET K 158 11.43 -44.43 -17.89
CA MET K 158 12.40 -44.47 -18.98
C MET K 158 11.88 -44.84 -20.36
N ILE K 159 12.34 -44.10 -21.36
CA ILE K 159 12.03 -44.36 -22.75
C ILE K 159 13.32 -44.19 -23.51
N GLN K 160 13.43 -44.85 -24.65
CA GLN K 160 14.62 -44.79 -25.50
C GLN K 160 14.19 -44.73 -26.95
N VAL K 161 14.83 -43.83 -27.70
CA VAL K 161 14.51 -43.65 -29.10
C VAL K 161 15.60 -44.23 -30.02
N SER K 162 15.16 -44.95 -31.04
CA SER K 162 16.05 -45.58 -32.01
C SER K 162 16.03 -44.75 -33.29
N LEU K 163 17.15 -44.12 -33.60
CA LEU K 163 17.28 -43.30 -34.81
C LEU K 163 18.21 -43.91 -35.85
N ASN K 164 17.87 -43.70 -37.12
CA ASN K 164 18.69 -44.18 -38.24
C ASN K 164 19.52 -42.99 -38.68
N ALA K 165 20.62 -43.26 -39.38
CA ALA K 165 21.48 -42.20 -39.87
C ALA K 165 20.64 -41.19 -40.67
N GLY K 166 20.71 -39.91 -40.29
CA GLY K 166 19.96 -38.88 -40.99
C GLY K 166 18.46 -38.84 -40.71
N ALA K 167 18.01 -39.53 -39.66
CA ALA K 167 16.59 -39.57 -39.31
C ALA K 167 16.19 -38.61 -38.20
N ARG K 168 14.96 -38.10 -38.28
CA ARG K 168 14.43 -37.16 -37.29
C ARG K 168 12.92 -37.41 -37.07
N GLY K 169 12.35 -36.77 -36.04
CA GLY K 169 10.94 -36.94 -35.76
C GLY K 169 10.42 -36.53 -34.39
N ASP K 170 9.11 -36.29 -34.31
CA ASP K 170 8.43 -35.91 -33.07
C ASP K 170 8.16 -37.18 -32.26
N VAL K 171 8.30 -37.08 -30.94
CA VAL K 171 8.11 -38.23 -30.05
C VAL K 171 7.00 -38.07 -28.99
N GLN K 172 6.66 -36.83 -28.67
CA GLN K 172 5.64 -36.50 -27.65
C GLN K 172 4.46 -37.45 -27.42
N GLN K 173 3.89 -37.99 -28.49
CA GLN K 173 2.75 -38.89 -28.39
C GLN K 173 2.94 -40.16 -27.54
N ILE K 174 4.19 -40.51 -27.23
CA ILE K 174 4.46 -41.68 -26.40
C ILE K 174 4.08 -41.39 -24.93
N PHE K 175 4.22 -40.13 -24.55
CA PHE K 175 3.90 -39.67 -23.21
C PHE K 175 2.42 -39.38 -23.03
N GLN K 176 1.85 -38.68 -24.02
CA GLN K 176 0.44 -38.28 -24.02
C GLN K 176 -0.58 -39.39 -23.79
N GLY K 177 -1.74 -39.01 -23.27
CA GLY K 177 -2.82 -39.95 -22.99
C GLY K 177 -2.82 -40.48 -21.57
N ARG K 178 -1.63 -40.67 -21.01
CA ARG K 178 -1.48 -41.19 -19.66
C ARG K 178 -1.53 -40.05 -18.64
N ASN K 179 -2.14 -40.31 -17.49
CA ASN K 179 -2.27 -39.32 -16.40
C ASN K 179 -2.91 -38.02 -16.93
N ASP K 180 -2.38 -36.90 -16.46
CA ASP K 180 -2.80 -35.55 -16.85
C ASP K 180 -1.79 -34.59 -16.23
N PRO K 181 -0.50 -34.76 -16.57
CA PRO K 181 0.53 -33.87 -16.01
C PRO K 181 0.38 -32.42 -16.46
N MET K 182 1.05 -31.52 -15.75
CA MET K 182 0.99 -30.09 -16.04
C MET K 182 2.38 -29.68 -16.49
N MET K 183 3.37 -30.46 -16.06
CA MET K 183 4.76 -30.21 -16.38
C MET K 183 5.53 -31.49 -16.12
N ILE K 184 6.31 -31.91 -17.10
CA ILE K 184 7.12 -33.11 -17.00
C ILE K 184 8.56 -32.67 -17.09
N TYR K 185 9.33 -33.05 -16.07
CA TYR K 185 10.73 -32.70 -16.01
C TYR K 185 11.57 -33.81 -16.62
N LEU K 186 12.22 -33.46 -17.72
CA LEU K 186 13.04 -34.39 -18.49
C LEU K 186 14.54 -34.15 -18.44
N VAL K 187 15.28 -35.14 -18.94
CA VAL K 187 16.73 -35.11 -19.03
C VAL K 187 17.15 -36.25 -19.95
N TRP K 188 17.48 -35.89 -21.20
CA TRP K 188 17.88 -36.88 -22.20
C TRP K 188 19.39 -37.09 -22.25
N ARG K 189 19.79 -38.29 -22.65
CA ARG K 189 21.20 -38.65 -22.74
C ARG K 189 21.42 -39.48 -23.99
N ARG K 190 22.67 -39.53 -24.43
CA ARG K 190 23.05 -40.32 -25.60
C ARG K 190 23.44 -41.68 -25.07
N ILE K 191 22.96 -42.73 -25.72
CA ILE K 191 23.30 -44.09 -25.31
C ILE K 191 24.59 -44.43 -26.07
N GLU K 192 25.72 -44.02 -25.50
CA GLU K 192 27.05 -44.19 -26.08
C GLU K 192 27.43 -45.62 -26.50
N ASN K 193 26.70 -46.61 -26.03
CA ASN K 193 26.99 -48.00 -26.39
C ASN K 193 25.73 -48.86 -26.26
N PHE K 194 25.13 -49.20 -27.38
CA PHE K 194 23.94 -50.03 -27.37
C PHE K 194 24.07 -51.32 -28.17
N ALA K 195 23.09 -52.20 -28.03
CA ALA K 195 23.07 -53.48 -28.72
C ALA K 195 22.28 -53.38 -30.01
N MET K 196 22.81 -53.97 -31.08
CA MET K 196 22.14 -53.99 -32.39
C MET K 196 21.27 -55.23 -32.44
N ALA K 197 20.29 -55.23 -33.35
CA ALA K 197 19.36 -56.36 -33.52
C ALA K 197 20.01 -57.73 -33.36
N GLN K 198 21.26 -57.85 -33.81
CA GLN K 198 22.02 -59.10 -33.74
C GLN K 198 22.77 -59.33 -32.42
N GLY K 199 23.21 -58.25 -31.79
CA GLY K 199 23.92 -58.39 -30.53
C GLY K 199 25.25 -57.67 -30.50
N ASN K 200 25.62 -57.03 -31.60
CA ASN K 200 26.88 -56.31 -31.71
C ASN K 200 26.80 -54.92 -31.08
N SER K 201 27.92 -54.45 -30.54
CA SER K 201 28.01 -53.14 -29.91
C SER K 201 28.05 -52.04 -30.96
N GLN K 202 27.28 -50.97 -30.73
CA GLN K 202 27.21 -49.84 -31.66
C GLN K 202 27.33 -48.53 -30.90
N GLN K 203 28.04 -47.57 -31.48
CA GLN K 203 28.23 -46.26 -30.85
C GLN K 203 27.27 -45.21 -31.39
N THR K 204 27.01 -44.19 -30.57
CA THR K 204 26.15 -43.08 -30.95
C THR K 204 27.09 -41.88 -31.04
N GLN K 205 27.14 -41.25 -32.21
CA GLN K 205 28.02 -40.12 -32.41
C GLN K 205 27.47 -38.78 -31.91
N ALA K 206 28.40 -37.96 -31.39
CA ALA K 206 28.07 -36.64 -30.88
C ALA K 206 27.58 -35.79 -32.06
N GLY K 207 26.33 -35.35 -31.97
CA GLY K 207 25.74 -34.55 -33.03
C GLY K 207 24.24 -34.68 -33.02
N VAL K 208 23.74 -35.71 -32.35
CA VAL K 208 22.31 -35.95 -32.24
C VAL K 208 21.72 -34.83 -31.38
N THR K 209 20.54 -34.34 -31.75
CA THR K 209 19.91 -33.25 -31.00
C THR K 209 18.45 -33.53 -30.63
N VAL K 210 17.99 -32.86 -29.57
CA VAL K 210 16.61 -32.98 -29.11
C VAL K 210 16.13 -31.56 -28.81
N SER K 211 15.17 -31.09 -29.59
CA SER K 211 14.63 -29.75 -29.41
C SER K 211 13.17 -29.80 -29.02
N VAL K 212 12.78 -28.94 -28.08
CA VAL K 212 11.40 -28.88 -27.64
C VAL K 212 10.80 -27.60 -28.20
N GLY K 213 9.60 -27.71 -28.76
CA GLY K 213 8.93 -26.56 -29.33
C GLY K 213 9.79 -25.77 -30.30
N GLY K 214 10.86 -26.39 -30.80
CA GLY K 214 11.74 -25.71 -31.72
C GLY K 214 13.11 -25.40 -31.16
N VAL K 215 13.18 -25.03 -29.88
CA VAL K 215 14.46 -24.70 -29.26
C VAL K 215 15.25 -25.96 -28.94
N ASP K 216 16.53 -25.93 -29.29
CA ASP K 216 17.44 -27.05 -29.07
C ASP K 216 17.83 -27.17 -27.60
N MET K 217 17.75 -28.39 -27.07
CA MET K 217 18.09 -28.65 -25.67
C MET K 217 19.32 -29.52 -25.46
N ARG K 218 20.15 -29.13 -24.49
CA ARG K 218 21.37 -29.85 -24.14
C ARG K 218 21.05 -31.21 -23.51
N ALA K 219 22.05 -32.09 -23.51
CA ALA K 219 21.89 -33.42 -22.93
C ALA K 219 22.38 -33.41 -21.49
N GLY K 220 21.63 -34.04 -20.60
CA GLY K 220 22.03 -34.10 -19.21
C GLY K 220 21.55 -32.95 -18.34
N ARG K 221 20.75 -32.04 -18.91
CA ARG K 221 20.21 -30.92 -18.16
C ARG K 221 18.71 -31.17 -18.02
N ILE K 222 18.12 -30.64 -16.96
CA ILE K 222 16.70 -30.83 -16.74
C ILE K 222 15.89 -29.92 -17.66
N ILE K 223 14.76 -30.45 -18.14
CA ILE K 223 13.92 -29.72 -19.07
C ILE K 223 12.46 -29.62 -18.64
N ALA K 224 12.00 -28.39 -18.46
CA ALA K 224 10.63 -28.12 -18.09
C ALA K 224 9.78 -28.26 -19.34
N TRP K 225 9.13 -29.40 -19.48
CA TRP K 225 8.29 -29.64 -20.65
C TRP K 225 6.80 -29.63 -20.31
N ASP K 226 6.05 -28.81 -21.03
CA ASP K 226 4.61 -28.69 -20.81
C ASP K 226 3.76 -29.87 -21.28
N GLY K 227 4.39 -30.89 -21.86
CA GLY K 227 3.65 -32.05 -22.33
C GLY K 227 2.90 -31.86 -23.62
N GLN K 228 2.82 -30.62 -24.10
CA GLN K 228 2.12 -30.29 -25.34
C GLN K 228 3.08 -29.92 -26.46
N ALA K 229 4.17 -29.26 -26.09
CA ALA K 229 5.18 -28.81 -27.06
C ALA K 229 5.76 -29.94 -27.88
N ALA K 230 6.34 -29.57 -29.02
CA ALA K 230 6.94 -30.54 -29.93
C ALA K 230 8.25 -31.12 -29.44
N LEU K 231 8.19 -32.38 -29.01
CA LEU K 231 9.38 -33.08 -28.54
C LEU K 231 10.04 -33.65 -29.79
N HIS K 232 10.96 -32.88 -30.36
CA HIS K 232 11.64 -33.28 -31.59
C HIS K 232 13.06 -33.81 -31.43
N VAL K 233 13.33 -34.94 -32.08
CA VAL K 233 14.66 -35.58 -32.05
C VAL K 233 15.21 -35.59 -33.47
N ARG K 234 16.48 -35.22 -33.63
CA ARG K 234 17.12 -35.19 -34.94
C ARG K 234 18.44 -35.96 -34.92
N ASN K 235 18.73 -36.66 -36.02
CA ASN K 235 19.97 -37.40 -36.13
C ASN K 235 20.71 -37.06 -37.42
N PRO K 236 21.52 -36.00 -37.40
CA PRO K 236 22.28 -35.60 -38.59
C PRO K 236 23.51 -36.51 -38.79
N THR K 237 23.79 -37.37 -37.80
CA THR K 237 24.92 -38.30 -37.85
C THR K 237 24.73 -39.40 -38.88
N GLN K 238 25.83 -39.77 -39.55
CA GLN K 238 25.83 -40.81 -40.57
C GLN K 238 25.97 -42.22 -40.00
N GLN K 239 25.25 -42.48 -38.91
CA GLN K 239 25.24 -43.77 -38.24
C GLN K 239 23.95 -43.93 -37.47
N ASN K 240 23.77 -45.10 -36.88
CA ASN K 240 22.59 -45.35 -36.07
C ASN K 240 22.84 -44.75 -34.70
N ALA K 241 21.81 -44.15 -34.14
CA ALA K 241 21.91 -43.52 -32.82
C ALA K 241 20.75 -43.94 -31.94
N MET K 242 20.99 -43.92 -30.63
CA MET K 242 19.97 -44.26 -29.65
C MET K 242 20.12 -43.34 -28.44
N VAL K 243 19.03 -42.67 -28.09
CA VAL K 243 19.02 -41.75 -26.95
C VAL K 243 18.00 -42.19 -25.93
N GLN K 244 18.26 -41.86 -24.66
CA GLN K 244 17.34 -42.20 -23.59
C GLN K 244 16.78 -40.91 -22.98
N ILE K 245 15.46 -40.82 -22.92
CA ILE K 245 14.79 -39.66 -22.35
C ILE K 245 14.24 -40.08 -21.00
N GLN K 246 14.59 -39.34 -19.95
CA GLN K 246 14.14 -39.67 -18.61
C GLN K 246 13.20 -38.69 -17.94
N VAL K 247 12.14 -39.24 -17.35
CA VAL K 247 11.15 -38.46 -16.60
C VAL K 247 11.66 -38.54 -15.17
N VAL K 248 12.46 -37.55 -14.78
CA VAL K 248 13.01 -37.52 -13.44
C VAL K 248 11.85 -37.44 -12.42
N PHE K 249 10.85 -36.63 -12.77
CA PHE K 249 9.63 -36.45 -11.98
C PHE K 249 8.69 -35.52 -12.72
N TYR K 250 7.42 -35.54 -12.33
CA TYR K 250 6.43 -34.69 -12.95
C TYR K 250 5.49 -34.15 -11.90
N ILE K 251 4.61 -33.25 -12.32
CA ILE K 251 3.64 -32.67 -11.41
C ILE K 251 2.25 -32.73 -12.01
N SER K 252 1.27 -32.98 -11.16
CA SER K 252 -0.13 -33.07 -11.58
C SER K 252 -1.00 -32.52 -10.46
N MET K 253 -2.29 -32.43 -10.72
CA MET K 253 -3.21 -31.92 -9.71
C MET K 253 -3.89 -33.02 -8.91
N ASP K 254 -3.11 -34.03 -8.57
CA ASP K 254 -3.57 -35.15 -7.76
C ASP K 254 -2.98 -35.00 -6.36
N LYS K 255 -3.80 -35.24 -5.35
CA LYS K 255 -3.35 -35.11 -3.96
C LYS K 255 -2.26 -36.12 -3.60
N THR K 256 -1.21 -35.63 -2.96
CA THR K 256 -0.09 -36.47 -2.53
C THR K 256 -0.08 -36.51 -1.01
N LEU K 257 0.95 -37.14 -0.42
CA LEU K 257 1.07 -37.22 1.04
C LEU K 257 1.58 -35.91 1.66
N ASN K 258 1.89 -34.94 0.80
CA ASN K 258 2.39 -33.64 1.24
C ASN K 258 1.32 -32.57 1.11
N GLN K 259 0.07 -33.01 1.00
CA GLN K 259 -1.04 -32.08 0.90
C GLN K 259 -1.22 -31.37 2.24
N TYR K 260 -1.00 -32.10 3.33
CA TYR K 260 -1.11 -31.57 4.68
C TYR K 260 0.13 -32.00 5.47
N PRO K 261 0.83 -31.03 6.08
CA PRO K 261 2.05 -31.21 6.88
C PRO K 261 2.20 -32.53 7.64
N ALA K 262 3.26 -33.26 7.30
CA ALA K 262 3.61 -34.57 7.88
C ALA K 262 2.41 -35.50 8.08
N LEU K 263 1.50 -35.46 7.11
CA LEU K 263 0.30 -36.29 7.11
C LEU K 263 0.75 -37.73 7.28
N THR K 264 1.87 -38.04 6.65
CA THR K 264 2.51 -39.35 6.67
C THR K 264 2.73 -39.86 8.10
N ALA K 265 3.45 -39.05 8.88
CA ALA K 265 3.77 -39.39 10.27
C ALA K 265 2.50 -39.63 11.10
N GLU K 266 1.44 -38.93 10.74
CA GLU K 266 0.15 -39.07 11.41
C GLU K 266 -0.45 -40.42 11.07
N ILE K 267 -0.51 -40.70 9.77
CA ILE K 267 -1.06 -41.95 9.26
C ILE K 267 -0.33 -43.12 9.88
N PHE K 268 0.99 -42.98 10.03
CA PHE K 268 1.80 -44.03 10.64
C PHE K 268 1.26 -44.26 12.05
N ASN K 269 1.10 -43.16 12.78
CA ASN K 269 0.59 -43.16 14.15
C ASN K 269 -0.75 -43.88 14.26
N VAL K 270 -1.67 -43.56 13.33
CA VAL K 270 -3.00 -44.15 13.34
C VAL K 270 -2.92 -45.66 13.13
N TYR K 271 -2.21 -46.05 12.08
CA TYR K 271 -2.04 -47.45 11.70
C TYR K 271 -1.12 -48.27 12.60
N SER K 272 -0.46 -47.63 13.56
CA SER K 272 0.43 -48.36 14.45
C SER K 272 -0.41 -49.27 15.37
N PHE K 273 0.23 -50.29 15.92
CA PHE K 273 -0.42 -51.27 16.77
C PHE K 273 -0.82 -50.88 18.20
N ARG K 274 0.17 -50.58 19.02
CA ARG K 274 -0.02 -50.24 20.45
C ARG K 274 -0.40 -51.52 21.19
N ASP K 275 -1.68 -51.89 21.12
CA ASP K 275 -2.18 -53.14 21.72
C ASP K 275 -3.47 -53.54 21.04
N HIS K 276 -3.82 -54.83 21.19
CA HIS K 276 -5.02 -55.40 20.58
C HIS K 276 -6.26 -54.54 20.75
N THR K 277 -6.35 -53.91 21.92
CA THR K 277 -7.46 -53.05 22.28
C THR K 277 -7.51 -51.87 21.31
N TRP K 278 -6.41 -51.12 21.22
CA TRP K 278 -6.29 -49.97 20.32
C TRP K 278 -6.50 -50.41 18.89
N HIS K 279 -5.68 -51.39 18.50
CA HIS K 279 -5.70 -51.97 17.19
C HIS K 279 -7.13 -52.24 16.76
N GLY K 280 -7.75 -53.21 17.43
CA GLY K 280 -9.13 -53.59 17.13
C GLY K 280 -10.06 -52.39 17.03
N LEU K 281 -9.85 -51.42 17.91
CA LEU K 281 -10.68 -50.21 17.93
C LEU K 281 -10.49 -49.48 16.61
N ARG K 282 -9.30 -48.91 16.46
CA ARG K 282 -8.89 -48.16 15.27
C ARG K 282 -9.41 -48.83 13.98
N THR K 283 -9.32 -50.15 13.97
CA THR K 283 -9.78 -50.98 12.87
C THR K 283 -11.28 -50.78 12.73
N ALA K 284 -12.01 -51.22 13.75
CA ALA K 284 -13.47 -51.13 13.83
C ALA K 284 -14.04 -49.75 13.53
N ILE K 285 -13.24 -48.72 13.78
CA ILE K 285 -13.66 -47.35 13.53
C ILE K 285 -13.64 -47.11 12.02
N ARG K 286 -12.48 -47.33 11.42
CA ARG K 286 -12.31 -47.15 9.98
C ARG K 286 -13.22 -48.02 9.11
N ASN K 287 -13.79 -49.07 9.69
CA ASN K 287 -14.67 -49.94 8.95
C ASN K 287 -15.91 -49.21 8.50
N ARG K 288 -16.13 -48.03 9.08
CA ARG K 288 -17.26 -47.19 8.74
C ARG K 288 -16.81 -46.18 7.68
N THR K 289 -15.50 -46.12 7.46
CA THR K 289 -14.92 -45.18 6.49
C THR K 289 -14.50 -45.82 5.17
N THR K 290 -13.95 -44.98 4.31
CA THR K 290 -13.46 -45.37 2.99
C THR K 290 -11.99 -45.79 3.08
N LEU K 291 -11.41 -45.64 4.28
CA LEU K 291 -10.02 -45.98 4.51
C LEU K 291 -9.79 -47.45 4.86
N PRO K 292 -8.62 -47.98 4.49
CA PRO K 292 -8.26 -49.37 4.78
C PRO K 292 -8.17 -49.55 6.29
N ASN K 293 -9.00 -50.44 6.83
CA ASN K 293 -9.07 -50.70 8.26
C ASN K 293 -7.77 -50.92 9.05
N MET K 294 -6.73 -51.45 8.42
CA MET K 294 -5.48 -51.65 9.15
C MET K 294 -4.17 -51.60 8.36
N LEU K 295 -4.24 -51.10 7.13
CA LEU K 295 -3.06 -50.98 6.29
C LEU K 295 -3.06 -49.70 5.46
N PRO K 296 -2.01 -48.87 5.63
CA PRO K 296 -1.81 -47.58 4.94
C PRO K 296 -2.31 -47.60 3.51
N PRO K 297 -3.22 -46.67 3.16
CA PRO K 297 -3.72 -46.68 1.78
C PRO K 297 -2.58 -46.44 0.80
N ILE K 298 -2.65 -47.19 -0.30
CA ILE K 298 -1.65 -47.13 -1.36
C ILE K 298 -1.71 -45.71 -1.89
N PHE K 299 -2.95 -45.27 -2.12
CA PHE K 299 -3.21 -43.96 -2.63
C PHE K 299 -3.67 -42.95 -1.62
N PRO K 300 -2.97 -41.81 -1.55
CA PRO K 300 -3.28 -40.72 -0.63
C PRO K 300 -4.71 -40.24 -0.87
N PRO K 301 -5.51 -40.12 0.20
CA PRO K 301 -6.92 -39.67 0.16
C PRO K 301 -7.04 -38.29 -0.47
N ASN K 302 -8.26 -37.79 -0.62
CA ASN K 302 -8.43 -36.50 -1.24
C ASN K 302 -9.69 -35.76 -0.82
N ASP K 303 -10.37 -36.30 0.19
CA ASP K 303 -11.59 -35.68 0.69
C ASP K 303 -11.42 -35.25 2.13
N ARG K 304 -12.05 -34.12 2.46
CA ARG K 304 -12.01 -33.55 3.80
C ARG K 304 -12.14 -34.64 4.84
N ASP K 305 -13.29 -35.31 4.80
CA ASP K 305 -13.63 -36.39 5.72
C ASP K 305 -12.50 -37.35 6.00
N SER K 306 -11.87 -37.87 4.95
CA SER K 306 -10.76 -38.81 5.12
C SER K 306 -9.63 -38.21 5.96
N ILE K 307 -9.07 -37.11 5.47
CA ILE K 307 -7.97 -36.42 6.14
C ILE K 307 -8.33 -36.11 7.59
N LEU K 308 -9.47 -35.43 7.74
CA LEU K 308 -10.02 -35.05 9.03
C LEU K 308 -9.97 -36.25 9.98
N THR K 309 -10.73 -37.29 9.62
CA THR K 309 -10.82 -38.53 10.37
C THR K 309 -9.48 -39.06 10.82
N LEU K 310 -8.53 -39.04 9.90
CA LEU K 310 -7.18 -39.50 10.17
C LEU K 310 -6.57 -38.70 11.31
N LEU K 311 -6.65 -37.38 11.20
CA LEU K 311 -6.12 -36.48 12.21
C LEU K 311 -6.72 -36.71 13.58
N LEU K 312 -8.05 -36.73 13.63
CA LEU K 312 -8.78 -36.96 14.87
C LEU K 312 -8.36 -38.27 15.49
N LEU K 313 -8.24 -39.29 14.65
CA LEU K 313 -7.85 -40.60 15.12
C LEU K 313 -6.41 -40.62 15.60
N SER K 314 -5.53 -39.96 14.86
CA SER K 314 -4.11 -39.88 15.22
C SER K 314 -3.98 -39.29 16.61
N THR K 315 -4.75 -38.24 16.88
CA THR K 315 -4.74 -37.56 18.17
C THR K 315 -5.35 -38.47 19.23
N LEU K 316 -6.52 -39.03 18.92
CA LEU K 316 -7.22 -39.93 19.83
C LEU K 316 -6.33 -41.12 20.18
N ALA K 317 -5.40 -41.41 19.27
CA ALA K 317 -4.46 -42.50 19.47
C ALA K 317 -3.57 -42.08 20.63
N ASP K 318 -3.03 -40.86 20.55
CA ASP K 318 -2.17 -40.33 21.59
C ASP K 318 -2.90 -40.28 22.93
N VAL K 319 -4.16 -39.84 22.89
CA VAL K 319 -4.98 -39.77 24.09
C VAL K 319 -5.01 -41.15 24.71
N TYR K 320 -5.23 -42.15 23.86
CA TYR K 320 -5.26 -43.55 24.29
C TYR K 320 -3.98 -43.90 25.03
N THR K 321 -2.84 -43.50 24.46
CA THR K 321 -1.54 -43.78 25.04
C THR K 321 -1.42 -43.25 26.47
N VAL K 322 -1.64 -41.95 26.64
CA VAL K 322 -1.53 -41.33 27.96
C VAL K 322 -2.55 -41.80 29.01
N LEU K 323 -3.77 -42.08 28.57
CA LEU K 323 -4.82 -42.53 29.48
C LEU K 323 -4.76 -44.01 29.86
N ARG K 324 -4.16 -44.82 29.00
CA ARG K 324 -4.02 -46.27 29.22
C ARG K 324 -5.36 -46.97 29.49
N PRO K 325 -6.46 -46.59 28.79
CA PRO K 325 -7.76 -47.23 29.02
C PRO K 325 -7.78 -48.73 28.77
N GLU K 326 -8.55 -49.45 29.58
CA GLU K 326 -8.66 -50.89 29.45
C GLU K 326 -10.11 -51.32 29.47
N PHE K 327 -10.56 -51.88 28.36
CA PHE K 327 -11.94 -52.35 28.24
C PHE K 327 -12.08 -53.36 27.10
N ALA K 328 -13.23 -54.03 27.08
CA ALA K 328 -13.51 -55.06 26.07
C ALA K 328 -13.99 -54.52 24.74
N MET K 329 -13.85 -55.37 23.72
CA MET K 329 -14.26 -55.06 22.37
C MET K 329 -14.61 -56.38 21.72
N HIS K 330 -15.82 -56.47 21.18
CA HIS K 330 -16.30 -57.68 20.54
C HIS K 330 -15.28 -58.31 19.59
N GLY K 331 -14.92 -59.56 19.89
CA GLY K 331 -13.97 -60.29 19.08
C GLY K 331 -12.50 -59.96 19.33
N VAL K 332 -12.20 -59.32 20.45
CA VAL K 332 -10.83 -58.98 20.77
C VAL K 332 -10.38 -59.67 22.04
N ASN K 333 -9.28 -60.41 21.91
CA ASN K 333 -8.73 -61.14 23.05
C ASN K 333 -7.32 -60.65 23.30
N PRO K 334 -7.18 -59.69 24.22
CA PRO K 334 -5.89 -59.07 24.58
C PRO K 334 -5.12 -59.82 25.64
N MET K 335 -3.80 -59.68 25.59
CA MET K 335 -2.91 -60.29 26.57
C MET K 335 -2.05 -59.16 27.16
N PRO K 336 -1.73 -59.24 28.45
CA PRO K 336 -0.94 -58.25 29.20
C PRO K 336 0.55 -58.23 28.90
N GLY K 337 1.13 -59.41 28.65
CA GLY K 337 2.55 -59.53 28.35
C GLY K 337 3.13 -58.34 27.61
N PRO K 338 4.33 -57.87 27.98
CA PRO K 338 5.06 -56.73 27.40
C PRO K 338 4.89 -56.43 25.90
N LEU K 339 4.52 -57.44 25.10
CA LEU K 339 4.31 -57.31 23.65
C LEU K 339 5.60 -57.28 22.82
N THR K 340 5.65 -58.10 21.76
CA THR K 340 6.81 -58.18 20.88
C THR K 340 6.44 -57.84 19.45
N ALA K 341 7.44 -57.46 18.65
CA ALA K 341 7.22 -57.13 17.24
C ALA K 341 6.47 -58.28 16.60
N ALA K 342 6.79 -59.49 17.04
CA ALA K 342 6.17 -60.72 16.56
C ALA K 342 4.65 -60.74 16.79
N ILE K 343 4.25 -60.48 18.03
CA ILE K 343 2.84 -60.47 18.40
C ILE K 343 2.10 -59.40 17.60
N ALA K 344 2.79 -58.30 17.32
CA ALA K 344 2.24 -57.19 16.56
C ALA K 344 1.96 -57.62 15.12
N ARG K 345 2.95 -58.26 14.51
CA ARG K 345 2.86 -58.76 13.15
C ARG K 345 1.59 -59.62 13.02
N ALA K 346 1.47 -60.56 13.95
CA ALA K 346 0.35 -61.50 14.01
C ALA K 346 -1.02 -60.86 14.05
N ALA K 347 -1.10 -59.66 14.62
CA ALA K 347 -2.36 -58.95 14.73
C ALA K 347 -2.96 -58.46 13.41
N TYR K 348 -2.11 -58.16 12.43
CA TYR K 348 -2.59 -57.67 11.15
C TYR K 348 -3.11 -58.76 10.21
N VAL K 349 -4.31 -59.24 10.52
CA VAL K 349 -5.00 -60.30 9.77
C VAL K 349 -4.04 -61.43 9.39
N MET L 1 -67.41 -49.36 24.62
CA MET L 1 -66.51 -50.50 24.29
C MET L 1 -65.37 -50.06 23.36
N ASP L 2 -65.73 -49.31 22.32
CA ASP L 2 -64.76 -48.78 21.38
C ASP L 2 -64.00 -47.72 22.16
N THR L 3 -64.75 -46.97 22.97
CA THR L 3 -64.25 -45.91 23.83
C THR L 3 -63.06 -46.44 24.63
N ILE L 4 -63.25 -47.63 25.19
CA ILE L 4 -62.25 -48.33 26.00
C ILE L 4 -60.99 -48.52 25.19
N ALA L 5 -61.15 -49.10 24.00
CA ALA L 5 -60.04 -49.33 23.10
C ALA L 5 -59.32 -48.02 22.79
N ALA L 6 -60.10 -46.97 22.50
CA ALA L 6 -59.57 -45.65 22.17
C ALA L 6 -58.70 -45.12 23.30
N ARG L 7 -59.19 -45.25 24.53
CA ARG L 7 -58.45 -44.80 25.70
C ARG L 7 -57.13 -45.54 25.75
N ALA L 8 -57.22 -46.86 25.84
CA ALA L 8 -56.06 -47.75 25.89
C ALA L 8 -55.03 -47.36 24.84
N LEU L 9 -55.52 -47.02 23.65
CA LEU L 9 -54.67 -46.60 22.56
C LEU L 9 -53.94 -45.32 22.97
N THR L 10 -54.72 -44.30 23.31
CA THR L 10 -54.22 -42.99 23.73
C THR L 10 -53.10 -43.10 24.74
N VAL L 11 -53.38 -43.83 25.81
CA VAL L 11 -52.43 -44.06 26.90
C VAL L 11 -51.10 -44.60 26.41
N MET L 12 -51.14 -45.64 25.59
CA MET L 12 -49.91 -46.24 25.06
C MET L 12 -49.16 -45.19 24.25
N ARG L 13 -49.89 -44.57 23.31
CA ARG L 13 -49.34 -43.54 22.43
C ARG L 13 -48.72 -42.42 23.26
N ALA L 14 -49.28 -42.21 24.45
CA ALA L 14 -48.81 -41.19 25.37
C ALA L 14 -47.47 -41.59 25.98
N CYS L 15 -47.40 -42.81 26.50
CA CYS L 15 -46.18 -43.34 27.10
C CYS L 15 -45.06 -43.30 26.09
N ALA L 16 -45.42 -43.43 24.81
CA ALA L 16 -44.46 -43.40 23.73
C ALA L 16 -43.66 -42.11 23.73
N THR L 17 -44.29 -41.04 24.18
CA THR L 17 -43.67 -39.71 24.27
C THR L 17 -42.49 -39.63 25.24
N LEU L 18 -42.44 -40.56 26.20
CA LEU L 18 -41.37 -40.58 27.18
C LEU L 18 -40.10 -41.18 26.60
N GLN L 19 -39.55 -40.51 25.58
CA GLN L 19 -38.36 -40.94 24.87
C GLN L 19 -37.08 -41.05 25.72
N GLU L 20 -36.44 -39.91 25.95
CA GLU L 20 -35.19 -39.82 26.71
C GLU L 20 -35.43 -39.32 28.13
N ALA L 21 -34.35 -38.88 28.78
CA ALA L 21 -34.41 -38.38 30.16
C ALA L 21 -34.83 -36.90 30.23
N ARG L 22 -33.93 -36.02 29.78
CA ARG L 22 -34.20 -34.59 29.76
C ARG L 22 -35.17 -34.23 28.64
N ILE L 23 -36.39 -33.91 29.02
CA ILE L 23 -37.46 -33.55 28.10
C ILE L 23 -38.64 -32.90 28.83
N VAL L 24 -39.39 -32.07 28.12
CA VAL L 24 -40.56 -31.40 28.69
C VAL L 24 -41.84 -32.00 28.12
N LEU L 25 -42.76 -32.38 29.00
CA LEU L 25 -44.02 -33.01 28.58
C LEU L 25 -45.04 -32.11 27.91
N GLU L 26 -45.73 -32.68 26.94
CA GLU L 26 -46.78 -31.97 26.22
C GLU L 26 -47.94 -31.91 27.21
N ALA L 27 -48.63 -30.78 27.23
CA ALA L 27 -49.75 -30.56 28.14
C ALA L 27 -50.64 -31.78 28.29
N ASN L 28 -51.33 -32.12 27.21
CA ASN L 28 -52.23 -33.27 27.16
C ASN L 28 -51.67 -34.52 27.79
N VAL L 29 -50.47 -34.91 27.37
CA VAL L 29 -49.80 -36.11 27.88
C VAL L 29 -49.95 -36.21 29.39
N MET L 30 -49.71 -35.10 30.07
CA MET L 30 -49.85 -35.04 31.50
C MET L 30 -51.26 -35.29 31.99
N GLU L 31 -52.23 -34.54 31.44
CA GLU L 31 -53.63 -34.72 31.84
C GLU L 31 -54.01 -36.18 31.73
N ILE L 32 -53.55 -36.81 30.65
CA ILE L 32 -53.85 -38.22 30.40
C ILE L 32 -53.11 -39.15 31.35
N LEU L 33 -51.80 -39.25 31.21
CA LEU L 33 -51.02 -40.12 32.06
C LEU L 33 -51.35 -39.88 33.52
N GLY L 34 -51.39 -38.60 33.89
CA GLY L 34 -51.71 -38.21 35.25
C GLY L 34 -52.93 -38.94 35.77
N ILE L 35 -54.06 -38.71 35.12
CA ILE L 35 -55.33 -39.33 35.48
C ILE L 35 -55.28 -40.86 35.36
N ALA L 36 -54.86 -41.32 34.19
CA ALA L 36 -54.75 -42.74 33.90
C ALA L 36 -53.93 -43.51 34.94
N ILE L 37 -52.63 -43.23 34.99
CA ILE L 37 -51.73 -43.88 35.94
C ILE L 37 -52.34 -43.95 37.34
N ASN L 38 -53.10 -42.93 37.70
CA ASN L 38 -53.76 -42.90 39.00
C ASN L 38 -54.82 -43.97 39.15
N ARG L 39 -55.85 -43.95 38.28
CA ARG L 39 -56.91 -44.97 38.32
C ARG L 39 -56.27 -46.35 38.28
N TYR L 40 -55.29 -46.50 37.39
CA TYR L 40 -54.57 -47.74 37.21
C TYR L 40 -53.95 -48.17 38.53
N ASN L 41 -52.98 -47.41 39.03
CA ASN L 41 -52.32 -47.69 40.30
C ASN L 41 -53.32 -47.82 41.42
N GLY L 42 -54.50 -47.26 41.18
CA GLY L 42 -55.58 -47.30 42.15
C GLY L 42 -56.23 -48.67 42.29
N LEU L 43 -56.47 -49.33 41.15
CA LEU L 43 -57.10 -50.64 41.15
C LEU L 43 -56.10 -51.76 40.90
N THR L 44 -54.93 -51.38 40.40
CA THR L 44 -53.86 -52.31 40.08
C THR L 44 -52.98 -52.54 41.28
N LEU L 45 -52.75 -51.46 42.02
CA LEU L 45 -51.91 -51.50 43.21
C LEU L 45 -50.45 -51.64 42.82
N ARG L 46 -50.16 -51.42 41.53
CA ARG L 46 -48.78 -51.48 41.07
C ARG L 46 -48.16 -50.10 41.16
N GLY L 47 -46.85 -50.05 41.35
CA GLY L 47 -46.16 -48.77 41.49
C GLY L 47 -45.72 -48.08 40.22
N VAL L 48 -46.66 -47.76 39.34
CA VAL L 48 -46.32 -47.07 38.09
C VAL L 48 -45.95 -45.63 38.38
N THR L 49 -45.01 -45.10 37.61
CA THR L 49 -44.54 -43.73 37.78
C THR L 49 -45.01 -42.87 36.63
N MET L 50 -45.04 -41.56 36.85
CA MET L 50 -45.45 -40.63 35.79
C MET L 50 -44.27 -40.49 34.83
N ARG L 51 -43.07 -40.38 35.38
CA ARG L 51 -41.87 -40.26 34.59
C ARG L 51 -40.88 -41.33 35.06
N PRO L 52 -40.81 -42.45 34.34
CA PRO L 52 -39.89 -43.52 34.74
C PRO L 52 -38.45 -43.16 34.34
N THR L 53 -37.49 -43.82 35.00
CA THR L 53 -36.04 -43.63 34.77
C THR L 53 -35.20 -44.79 35.24
N SER L 54 -35.79 -45.73 35.95
CA SER L 54 -35.04 -46.85 36.50
C SER L 54 -34.84 -48.00 35.53
N LEU L 55 -35.94 -48.68 35.25
CA LEU L 55 -35.96 -49.85 34.38
C LEU L 55 -37.19 -50.53 34.90
N ALA L 56 -37.19 -50.75 36.21
CA ALA L 56 -38.31 -51.38 36.88
C ALA L 56 -39.53 -50.47 36.70
N GLN L 57 -39.27 -49.16 36.70
CA GLN L 57 -40.32 -48.15 36.51
C GLN L 57 -40.79 -48.23 35.07
N ARG L 58 -39.83 -48.42 34.17
CA ARG L 58 -40.10 -48.53 32.75
C ARG L 58 -40.90 -49.80 32.46
N ASN L 59 -40.51 -50.88 33.14
CA ASN L 59 -41.15 -52.18 32.98
C ASN L 59 -42.58 -52.02 33.49
N GLU L 60 -42.67 -51.50 34.70
CA GLU L 60 -43.93 -51.26 35.38
C GLU L 60 -44.91 -50.57 34.43
N MET L 61 -44.43 -49.49 33.81
CA MET L 61 -45.24 -48.74 32.86
C MET L 61 -45.57 -49.59 31.65
N PHE L 62 -44.59 -50.35 31.16
CA PHE L 62 -44.83 -51.21 30.02
C PHE L 62 -45.95 -52.18 30.34
N PHE L 63 -45.81 -52.88 31.46
CA PHE L 63 -46.79 -53.84 31.94
C PHE L 63 -48.16 -53.21 31.97
N MET L 64 -48.20 -51.94 32.33
CA MET L 64 -49.44 -51.19 32.40
C MET L 64 -50.07 -51.15 31.01
N CYS L 65 -49.27 -50.72 30.02
CA CYS L 65 -49.74 -50.65 28.65
C CYS L 65 -50.16 -52.03 28.19
N LEU L 66 -49.35 -53.02 28.54
CA LEU L 66 -49.60 -54.40 28.17
C LEU L 66 -50.95 -54.84 28.70
N ASP L 67 -51.19 -54.52 29.97
CA ASP L 67 -52.44 -54.85 30.62
C ASP L 67 -53.60 -54.20 29.88
N MET L 68 -53.44 -52.93 29.56
CA MET L 68 -54.46 -52.19 28.86
C MET L 68 -54.65 -52.68 27.44
N MET L 69 -53.55 -53.02 26.78
CA MET L 69 -53.57 -53.51 25.40
C MET L 69 -54.40 -54.80 25.36
N LEU L 70 -54.09 -55.71 26.28
CA LEU L 70 -54.79 -56.97 26.36
C LEU L 70 -56.24 -56.72 26.68
N SER L 71 -56.50 -55.94 27.73
CA SER L 71 -57.86 -55.62 28.14
C SER L 71 -58.70 -55.08 27.00
N ALA L 72 -58.11 -54.21 26.18
CA ALA L 72 -58.81 -53.62 25.05
C ALA L 72 -59.20 -54.68 24.03
N ALA L 73 -58.33 -55.67 23.86
CA ALA L 73 -58.56 -56.76 22.92
C ALA L 73 -59.34 -57.91 23.55
N GLY L 74 -59.50 -57.85 24.88
CA GLY L 74 -60.22 -58.88 25.61
C GLY L 74 -59.47 -60.20 25.67
N ILE L 75 -58.16 -60.10 25.63
CA ILE L 75 -57.27 -61.26 25.64
C ILE L 75 -56.76 -61.62 27.02
N ASN L 76 -56.92 -62.88 27.40
CA ASN L 76 -56.40 -63.36 28.67
C ASN L 76 -55.25 -64.31 28.34
N VAL L 77 -54.05 -63.76 28.28
CA VAL L 77 -52.84 -64.52 27.96
C VAL L 77 -52.53 -65.68 28.88
N GLY L 78 -52.84 -65.50 30.16
CA GLY L 78 -52.58 -66.55 31.12
C GLY L 78 -51.15 -66.48 31.64
N PRO L 79 -50.66 -67.53 32.33
CA PRO L 79 -49.32 -67.61 32.91
C PRO L 79 -48.23 -67.66 31.83
N ILE L 80 -47.69 -66.50 31.47
CA ILE L 80 -46.68 -66.46 30.43
C ILE L 80 -45.35 -65.91 30.91
N SER L 81 -45.34 -65.30 32.09
CA SER L 81 -44.12 -64.74 32.64
C SER L 81 -44.08 -64.76 34.16
N PRO L 82 -42.87 -64.90 34.72
CA PRO L 82 -42.65 -64.94 36.18
C PRO L 82 -42.56 -63.51 36.70
N ASP L 83 -42.29 -62.58 35.80
CA ASP L 83 -42.16 -61.16 36.13
C ASP L 83 -43.48 -60.40 35.96
N TYR L 84 -44.20 -60.71 34.88
CA TYR L 84 -45.47 -60.06 34.62
C TYR L 84 -46.64 -61.00 34.92
N THR L 85 -47.72 -60.41 35.38
CA THR L 85 -48.94 -61.14 35.71
C THR L 85 -50.06 -60.18 35.35
N GLN L 86 -50.83 -60.54 34.33
CA GLN L 86 -51.93 -59.70 33.87
C GLN L 86 -52.93 -59.39 34.97
N HIS L 87 -53.14 -58.09 35.21
CA HIS L 87 -54.12 -57.69 36.22
C HIS L 87 -55.45 -57.51 35.51
N MET L 88 -56.45 -58.25 35.97
CA MET L 88 -57.76 -58.22 35.35
C MET L 88 -58.55 -56.93 35.49
N ALA L 89 -58.44 -56.29 36.65
CA ALA L 89 -59.17 -55.04 36.92
C ALA L 89 -58.88 -53.93 35.92
N THR L 90 -57.79 -54.08 35.16
CA THR L 90 -57.35 -53.12 34.14
C THR L 90 -58.54 -52.68 33.27
N ILE L 91 -59.41 -53.63 32.95
CA ILE L 91 -60.62 -53.40 32.16
C ILE L 91 -61.46 -52.28 32.80
N GLY L 92 -61.58 -52.33 34.13
CA GLY L 92 -62.32 -51.33 34.85
C GLY L 92 -61.66 -49.96 34.76
N VAL L 93 -60.33 -49.95 34.78
CA VAL L 93 -59.59 -48.70 34.69
C VAL L 93 -59.93 -47.99 33.37
N LEU L 94 -60.21 -48.76 32.32
CA LEU L 94 -60.53 -48.20 31.02
C LEU L 94 -61.99 -47.82 30.78
N ALA L 95 -62.92 -48.59 31.36
CA ALA L 95 -64.36 -48.36 31.22
C ALA L 95 -64.87 -47.08 31.92
N THR L 96 -63.98 -46.46 32.71
CA THR L 96 -64.28 -45.23 33.43
C THR L 96 -64.24 -44.09 32.43
N PRO L 97 -65.33 -43.32 32.32
CA PRO L 97 -65.41 -42.20 31.38
C PRO L 97 -64.36 -41.12 31.72
N GLU L 98 -63.81 -41.23 32.95
CA GLU L 98 -62.82 -40.32 33.49
C GLU L 98 -61.47 -40.25 32.79
N ILE L 99 -61.08 -41.29 32.05
CA ILE L 99 -59.82 -41.19 31.32
C ILE L 99 -60.15 -40.64 29.94
N PRO L 100 -59.49 -39.55 29.55
CA PRO L 100 -59.74 -38.94 28.24
C PRO L 100 -59.02 -39.70 27.12
N PHE L 101 -59.39 -39.38 25.89
CA PHE L 101 -58.77 -39.99 24.71
C PHE L 101 -58.64 -38.95 23.60
N THR L 102 -57.60 -39.10 22.79
CA THR L 102 -57.33 -38.18 21.69
C THR L 102 -58.36 -38.25 20.56
N THR L 103 -58.38 -37.21 19.74
CA THR L 103 -59.27 -37.13 18.59
C THR L 103 -58.89 -38.31 17.70
N GLU L 104 -57.60 -38.37 17.38
CA GLU L 104 -57.02 -39.42 16.54
C GLU L 104 -57.49 -40.80 16.98
N ALA L 105 -57.37 -41.07 18.27
CA ALA L 105 -57.78 -42.35 18.84
C ALA L 105 -59.19 -42.72 18.44
N ALA L 106 -60.13 -41.83 18.72
CA ALA L 106 -61.54 -42.03 18.39
C ALA L 106 -61.78 -42.23 16.90
N ASN L 107 -61.15 -41.39 16.08
CA ASN L 107 -61.30 -41.48 14.63
C ASN L 107 -60.74 -42.78 14.08
N GLU L 108 -59.68 -43.28 14.71
CA GLU L 108 -59.06 -44.53 14.29
C GLU L 108 -60.00 -45.68 14.62
N ILE L 109 -60.54 -45.68 15.84
CA ILE L 109 -61.46 -46.72 16.27
C ILE L 109 -62.75 -46.66 15.49
N ALA L 110 -63.24 -45.44 15.25
CA ALA L 110 -64.48 -45.24 14.51
C ALA L 110 -64.34 -45.77 13.09
N ARG L 111 -63.11 -45.71 12.58
CA ARG L 111 -62.80 -46.19 11.24
C ARG L 111 -62.90 -47.71 11.26
N VAL L 112 -62.16 -48.32 12.19
CA VAL L 112 -62.15 -49.78 12.34
C VAL L 112 -63.57 -50.32 12.50
N THR L 113 -64.23 -49.94 13.59
CA THR L 113 -65.59 -50.40 13.86
C THR L 113 -66.48 -50.06 12.67
N GLY L 114 -66.19 -48.94 12.02
CA GLY L 114 -66.97 -48.50 10.86
C GLY L 114 -67.06 -49.50 9.72
N GLU L 115 -65.93 -49.78 9.08
CA GLU L 115 -65.86 -50.73 7.96
C GLU L 115 -65.99 -52.19 8.39
N THR L 116 -65.43 -52.48 9.55
CA THR L 116 -65.43 -53.83 10.09
C THR L 116 -66.84 -54.38 10.31
N SER L 117 -67.82 -53.48 10.34
CA SER L 117 -69.21 -53.87 10.56
C SER L 117 -70.04 -53.93 9.27
N THR L 118 -69.54 -53.31 8.20
CA THR L 118 -70.24 -53.33 6.92
C THR L 118 -69.29 -53.79 5.80
N TRP L 119 -69.74 -53.70 4.55
CA TRP L 119 -68.94 -54.12 3.41
C TRP L 119 -68.76 -52.99 2.40
N GLY L 120 -68.05 -53.31 1.32
CA GLY L 120 -67.80 -52.35 0.27
C GLY L 120 -66.96 -52.91 -0.85
N PRO L 121 -66.98 -52.25 -2.03
CA PRO L 121 -66.25 -52.63 -3.23
C PRO L 121 -64.73 -52.46 -3.06
N ALA L 122 -63.98 -53.50 -3.39
CA ALA L 122 -62.53 -53.47 -3.25
C ALA L 122 -61.75 -54.25 -4.32
N ARG L 123 -60.78 -53.57 -4.93
CA ARG L 123 -59.90 -54.14 -5.94
C ARG L 123 -59.25 -55.37 -5.33
N GLN L 124 -59.63 -56.55 -5.79
CA GLN L 124 -59.04 -57.76 -5.25
C GLN L 124 -57.55 -57.90 -5.59
N PRO L 125 -56.79 -58.61 -4.74
CA PRO L 125 -55.35 -58.86 -4.83
C PRO L 125 -54.74 -59.70 -5.95
N TYR L 126 -55.28 -60.90 -6.15
CA TYR L 126 -54.71 -61.80 -7.15
C TYR L 126 -55.52 -61.95 -8.44
N GLY L 127 -55.02 -62.77 -9.35
CA GLY L 127 -55.70 -62.99 -10.62
C GLY L 127 -57.05 -63.64 -10.43
N PHE L 128 -57.98 -63.34 -11.34
CA PHE L 128 -59.33 -63.89 -11.26
C PHE L 128 -59.35 -65.41 -11.19
N PHE L 129 -58.72 -66.05 -12.18
CA PHE L 129 -58.64 -67.50 -12.29
C PHE L 129 -57.43 -68.08 -11.55
N LEU L 130 -57.26 -67.72 -10.28
CA LEU L 130 -56.14 -68.24 -9.53
C LEU L 130 -56.45 -69.62 -8.96
N GLU L 131 -57.70 -69.82 -8.55
CA GLU L 131 -58.11 -71.09 -7.98
C GLU L 131 -58.58 -72.09 -9.04
N THR L 132 -57.78 -72.22 -10.10
CA THR L 132 -58.07 -73.13 -11.20
C THR L 132 -57.17 -74.35 -11.16
N GLU L 133 -57.75 -75.53 -11.42
CA GLU L 133 -57.02 -76.79 -11.41
C GLU L 133 -56.33 -77.09 -12.74
N GLU L 134 -56.93 -76.63 -13.82
CA GLU L 134 -56.41 -76.86 -15.16
C GLU L 134 -56.11 -75.57 -15.93
N THR L 135 -55.03 -75.59 -16.68
CA THR L 135 -54.60 -74.45 -17.49
C THR L 135 -54.09 -74.96 -18.83
N PHE L 136 -54.18 -74.14 -19.86
CA PHE L 136 -53.75 -74.53 -21.21
C PHE L 136 -52.61 -73.66 -21.73
N GLN L 137 -51.86 -74.20 -22.69
CA GLN L 137 -50.76 -73.44 -23.27
C GLN L 137 -51.33 -72.22 -23.98
N PRO L 138 -50.81 -71.03 -23.65
CA PRO L 138 -51.23 -69.76 -24.23
C PRO L 138 -50.80 -69.65 -25.70
N GLY L 139 -51.76 -69.32 -26.56
CA GLY L 139 -51.48 -69.19 -27.97
C GLY L 139 -51.74 -70.48 -28.74
N ARG L 140 -51.85 -71.60 -28.04
CA ARG L 140 -52.11 -72.88 -28.69
C ARG L 140 -53.59 -73.13 -28.90
N TRP L 141 -53.95 -73.45 -30.14
CA TRP L 141 -55.33 -73.73 -30.52
C TRP L 141 -55.87 -74.93 -29.75
N PHE L 142 -57.18 -74.91 -29.53
CA PHE L 142 -57.86 -75.98 -28.84
C PHE L 142 -59.36 -75.81 -29.04
N MET L 143 -59.94 -76.75 -29.77
CA MET L 143 -61.37 -76.75 -30.05
C MET L 143 -61.98 -78.00 -29.45
N ARG L 144 -62.81 -77.83 -28.43
CA ARG L 144 -63.48 -78.95 -27.79
C ARG L 144 -64.47 -79.56 -28.78
N ALA L 145 -64.64 -80.87 -28.72
CA ALA L 145 -65.54 -81.60 -29.61
C ALA L 145 -66.96 -81.03 -29.65
N ALA L 146 -67.43 -80.78 -30.87
CA ALA L 146 -68.78 -80.25 -31.15
C ALA L 146 -68.97 -78.75 -30.96
N GLN L 147 -67.87 -78.03 -30.76
CA GLN L 147 -67.96 -76.58 -30.58
C GLN L 147 -67.29 -75.80 -31.69
N ALA L 148 -67.90 -74.66 -32.05
CA ALA L 148 -67.39 -73.77 -33.09
C ALA L 148 -66.52 -72.68 -32.45
N ALA L 149 -66.80 -72.43 -31.17
CA ALA L 149 -66.07 -71.44 -30.38
C ALA L 149 -65.79 -72.11 -29.04
N THR L 150 -64.51 -72.24 -28.70
CA THR L 150 -64.11 -72.87 -27.45
C THR L 150 -63.21 -71.98 -26.61
N ALA L 151 -63.78 -71.45 -25.52
CA ALA L 151 -63.05 -70.59 -24.61
C ALA L 151 -62.49 -71.41 -23.45
N VAL L 152 -61.27 -71.09 -23.05
CA VAL L 152 -60.61 -71.81 -21.96
C VAL L 152 -59.56 -70.94 -21.26
N VAL L 153 -59.15 -71.35 -20.07
CA VAL L 153 -58.16 -70.62 -19.28
C VAL L 153 -56.71 -70.93 -19.69
N CYS L 154 -55.88 -69.89 -19.75
CA CYS L 154 -54.48 -70.05 -20.13
C CYS L 154 -53.54 -69.42 -19.08
N GLY L 155 -54.12 -69.01 -17.97
CA GLY L 155 -53.34 -68.39 -16.89
C GLY L 155 -54.17 -68.05 -15.66
N PRO L 156 -53.62 -67.24 -14.75
CA PRO L 156 -54.32 -66.84 -13.52
C PRO L 156 -55.33 -65.72 -13.79
N ASP L 157 -55.08 -64.94 -14.84
CA ASP L 157 -55.91 -63.81 -15.21
C ASP L 157 -56.10 -63.83 -16.71
N MET L 158 -56.00 -65.02 -17.30
CA MET L 158 -56.07 -65.13 -18.75
C MET L 158 -56.94 -66.24 -19.31
N ILE L 159 -57.65 -65.91 -20.38
CA ILE L 159 -58.47 -66.88 -21.10
C ILE L 159 -58.27 -66.60 -22.59
N GLN L 160 -58.41 -67.65 -23.38
CA GLN L 160 -58.26 -67.57 -24.83
C GLN L 160 -59.41 -68.33 -25.48
N VAL L 161 -59.95 -67.74 -26.55
CA VAL L 161 -61.07 -68.34 -27.28
C VAL L 161 -60.66 -68.77 -28.69
N SER L 162 -60.99 -70.01 -29.03
CA SER L 162 -60.68 -70.57 -30.34
C SER L 162 -61.94 -70.53 -31.21
N LEU L 163 -61.86 -69.77 -32.31
CA LEU L 163 -62.98 -69.61 -33.25
C LEU L 163 -62.70 -70.21 -34.62
N ASN L 164 -63.69 -70.92 -35.16
CA ASN L 164 -63.58 -71.49 -36.49
C ASN L 164 -63.98 -70.36 -37.42
N ALA L 165 -63.54 -70.43 -38.68
CA ALA L 165 -63.88 -69.40 -39.65
C ALA L 165 -65.41 -69.25 -39.69
N GLY L 166 -65.89 -68.03 -39.47
CA GLY L 166 -67.33 -67.79 -39.48
C GLY L 166 -68.11 -68.17 -38.22
N ALA L 167 -67.40 -68.60 -37.18
CA ALA L 167 -68.04 -69.00 -35.91
C ALA L 167 -68.27 -67.86 -34.92
N ARG L 168 -69.24 -68.06 -34.03
CA ARG L 168 -69.60 -67.07 -33.01
C ARG L 168 -70.22 -67.71 -31.77
N GLY L 169 -70.19 -67.01 -30.64
CA GLY L 169 -70.77 -67.53 -29.41
C GLY L 169 -70.55 -66.74 -28.12
N ASP L 170 -71.36 -67.09 -27.11
CA ASP L 170 -71.31 -66.49 -25.78
C ASP L 170 -70.22 -67.18 -24.96
N VAL L 171 -69.44 -66.39 -24.22
CA VAL L 171 -68.33 -66.92 -23.42
C VAL L 171 -68.49 -66.80 -21.90
N GLN L 172 -69.24 -65.80 -21.45
CA GLN L 172 -69.46 -65.53 -20.02
C GLN L 172 -69.35 -66.65 -18.99
N GLN L 173 -69.99 -67.79 -19.27
CA GLN L 173 -70.00 -68.92 -18.34
C GLN L 173 -68.64 -69.44 -17.82
N ILE L 174 -67.54 -69.03 -18.48
CA ILE L 174 -66.21 -69.44 -18.04
C ILE L 174 -65.85 -68.66 -16.77
N PHE L 175 -66.26 -67.40 -16.73
CA PHE L 175 -66.02 -66.51 -15.60
C PHE L 175 -66.91 -66.79 -14.40
N GLN L 176 -68.21 -66.92 -14.68
CA GLN L 176 -69.22 -67.17 -13.66
C GLN L 176 -68.97 -68.39 -12.78
N GLY L 177 -69.56 -68.38 -11.59
CA GLY L 177 -69.38 -69.48 -10.66
C GLY L 177 -68.15 -69.33 -9.77
N ARG L 178 -67.20 -68.51 -10.21
CA ARG L 178 -65.98 -68.28 -9.46
C ARG L 178 -66.10 -66.96 -8.69
N ASN L 179 -65.76 -66.99 -7.40
CA ASN L 179 -65.83 -65.81 -6.53
C ASN L 179 -67.28 -65.26 -6.47
N ASP L 180 -67.40 -63.94 -6.49
CA ASP L 180 -68.67 -63.22 -6.47
C ASP L 180 -68.33 -61.78 -6.82
N PRO L 181 -67.83 -61.55 -8.04
CA PRO L 181 -67.47 -60.18 -8.47
C PRO L 181 -68.67 -59.26 -8.60
N MET L 182 -68.38 -57.99 -8.74
CA MET L 182 -69.39 -56.95 -8.90
C MET L 182 -69.09 -56.26 -10.21
N MET L 183 -67.81 -56.27 -10.57
CA MET L 183 -67.36 -55.64 -11.79
C MET L 183 -66.01 -56.24 -12.18
N ILE L 184 -65.92 -56.75 -13.40
CA ILE L 184 -64.71 -57.34 -13.91
C ILE L 184 -64.23 -56.45 -15.04
N TYR L 185 -62.97 -56.08 -14.96
CA TYR L 185 -62.37 -55.21 -15.95
C TYR L 185 -61.59 -56.00 -16.97
N LEU L 186 -62.07 -55.96 -18.21
CA LEU L 186 -61.46 -56.70 -19.30
C LEU L 186 -60.70 -55.86 -20.31
N VAL L 187 -60.04 -56.59 -21.21
CA VAL L 187 -59.25 -56.04 -22.30
C VAL L 187 -58.89 -57.24 -23.18
N TRP L 188 -59.42 -57.26 -24.40
CA TRP L 188 -59.17 -58.36 -25.33
C TRP L 188 -58.25 -57.97 -26.48
N ARG L 189 -57.41 -58.93 -26.87
CA ARG L 189 -56.48 -58.73 -27.96
C ARG L 189 -56.56 -59.90 -28.94
N ARG L 190 -56.24 -59.63 -30.19
CA ARG L 190 -56.24 -60.66 -31.23
C ARG L 190 -54.92 -61.38 -31.20
N ILE L 191 -54.95 -62.71 -31.16
CA ILE L 191 -53.72 -63.51 -31.15
C ILE L 191 -53.28 -63.66 -32.63
N GLU L 192 -52.54 -62.66 -33.10
CA GLU L 192 -52.04 -62.56 -34.47
C GLU L 192 -51.20 -63.73 -35.00
N ASN L 193 -50.57 -64.50 -34.11
CA ASN L 193 -49.73 -65.63 -34.52
C ASN L 193 -49.81 -66.73 -33.48
N PHE L 194 -50.73 -67.65 -33.67
CA PHE L 194 -50.92 -68.75 -32.72
C PHE L 194 -50.55 -70.12 -33.29
N ALA L 195 -50.40 -71.09 -32.39
CA ALA L 195 -50.05 -72.46 -32.77
C ALA L 195 -51.32 -73.25 -33.07
N MET L 196 -51.25 -74.13 -34.07
CA MET L 196 -52.39 -74.98 -34.44
C MET L 196 -52.24 -76.35 -33.78
N ALA L 197 -53.26 -77.19 -33.90
CA ALA L 197 -53.26 -78.52 -33.31
C ALA L 197 -52.01 -79.33 -33.68
N GLN L 198 -51.45 -79.02 -34.85
CA GLN L 198 -50.25 -79.70 -35.35
C GLN L 198 -48.93 -78.99 -35.01
N GLY L 199 -48.99 -77.68 -34.83
CA GLY L 199 -47.79 -76.94 -34.50
C GLY L 199 -47.46 -75.83 -35.48
N ASN L 200 -48.22 -75.79 -36.56
CA ASN L 200 -48.02 -74.78 -37.61
C ASN L 200 -48.52 -73.40 -37.20
N SER L 201 -47.79 -72.37 -37.60
CA SER L 201 -48.16 -70.98 -37.31
C SER L 201 -49.43 -70.60 -38.08
N GLN L 202 -50.32 -69.87 -37.42
CA GLN L 202 -51.58 -69.45 -38.03
C GLN L 202 -51.87 -67.99 -37.68
N GLN L 203 -52.43 -67.25 -38.63
CA GLN L 203 -52.77 -65.85 -38.41
C GLN L 203 -54.27 -65.64 -38.17
N THR L 204 -54.59 -64.69 -37.28
CA THR L 204 -55.98 -64.35 -36.99
C THR L 204 -56.20 -63.04 -37.73
N GLN L 205 -57.12 -63.07 -38.69
CA GLN L 205 -57.39 -61.88 -39.49
C GLN L 205 -58.19 -60.80 -38.75
N ALA L 206 -57.87 -59.55 -39.08
CA ALA L 206 -58.54 -58.39 -38.49
C ALA L 206 -60.01 -58.37 -38.89
N GLY L 207 -60.88 -57.97 -37.96
CA GLY L 207 -62.30 -57.94 -38.25
C GLY L 207 -63.11 -58.70 -37.22
N VAL L 208 -62.44 -59.57 -36.46
CA VAL L 208 -63.10 -60.36 -35.41
C VAL L 208 -63.68 -59.36 -34.40
N THR L 209 -64.85 -59.67 -33.86
CA THR L 209 -65.49 -58.75 -32.92
C THR L 209 -65.99 -59.32 -31.60
N VAL L 210 -65.75 -58.57 -30.53
CA VAL L 210 -66.20 -58.95 -29.20
C VAL L 210 -67.14 -57.84 -28.72
N SER L 211 -68.34 -58.24 -28.33
CA SER L 211 -69.36 -57.32 -27.86
C SER L 211 -69.91 -57.75 -26.51
N VAL L 212 -70.13 -56.77 -25.64
CA VAL L 212 -70.68 -57.04 -24.32
C VAL L 212 -72.15 -56.66 -24.34
N GLY L 213 -72.99 -57.53 -23.78
CA GLY L 213 -74.42 -57.29 -23.74
C GLY L 213 -75.03 -56.63 -24.96
N GLY L 214 -74.41 -56.84 -26.12
CA GLY L 214 -74.92 -56.23 -27.34
C GLY L 214 -73.98 -55.23 -27.98
N VAL L 215 -73.42 -54.32 -27.19
CA VAL L 215 -72.52 -53.31 -27.74
C VAL L 215 -71.16 -53.87 -28.13
N ASP L 216 -70.65 -53.44 -29.28
CA ASP L 216 -69.36 -53.89 -29.78
C ASP L 216 -68.22 -53.12 -29.12
N MET L 217 -67.26 -53.86 -28.57
CA MET L 217 -66.11 -53.28 -27.90
C MET L 217 -64.79 -53.39 -28.68
N ARG L 218 -63.98 -52.34 -28.60
CA ARG L 218 -62.68 -52.29 -29.26
C ARG L 218 -61.68 -53.22 -28.58
N ALA L 219 -60.60 -53.52 -29.27
CA ALA L 219 -59.56 -54.38 -28.71
C ALA L 219 -58.48 -53.51 -28.09
N GLY L 220 -57.99 -53.92 -26.93
CA GLY L 220 -56.94 -53.17 -26.26
C GLY L 220 -57.39 -52.01 -25.40
N ARG L 221 -58.69 -51.95 -25.11
CA ARG L 221 -59.25 -50.90 -24.26
C ARG L 221 -59.85 -51.61 -23.06
N ILE L 222 -59.96 -50.93 -21.93
CA ILE L 222 -60.53 -51.56 -20.75
C ILE L 222 -62.06 -51.58 -20.80
N ILE L 223 -62.63 -52.67 -20.30
CA ILE L 223 -64.06 -52.84 -20.32
C ILE L 223 -64.68 -53.09 -18.95
N ALA L 224 -65.69 -52.28 -18.64
CA ALA L 224 -66.42 -52.40 -17.40
C ALA L 224 -67.51 -53.44 -17.58
N TRP L 225 -67.17 -54.70 -17.33
CA TRP L 225 -68.14 -55.78 -17.48
C TRP L 225 -68.77 -56.15 -16.15
N ASP L 226 -70.11 -56.17 -16.14
CA ASP L 226 -70.87 -56.49 -14.94
C ASP L 226 -70.97 -57.99 -14.62
N GLY L 227 -70.28 -58.82 -15.40
CA GLY L 227 -70.31 -60.26 -15.17
C GLY L 227 -71.59 -60.97 -15.56
N GLN L 228 -72.65 -60.21 -15.80
CA GLN L 228 -73.95 -60.79 -16.16
C GLN L 228 -74.32 -60.59 -17.62
N ALA L 229 -73.79 -59.52 -18.22
CA ALA L 229 -74.07 -59.20 -19.63
C ALA L 229 -73.50 -60.25 -20.58
N ALA L 230 -74.08 -60.30 -21.77
CA ALA L 230 -73.65 -61.26 -22.79
C ALA L 230 -72.26 -60.99 -23.33
N LEU L 231 -71.34 -61.91 -23.07
CA LEU L 231 -69.98 -61.80 -23.57
C LEU L 231 -69.93 -62.54 -24.91
N HIS L 232 -70.21 -61.80 -25.98
CA HIS L 232 -70.27 -62.38 -27.32
C HIS L 232 -69.07 -62.13 -28.24
N VAL L 233 -68.56 -63.20 -28.83
CA VAL L 233 -67.42 -63.13 -29.75
C VAL L 233 -67.88 -63.63 -31.13
N ARG L 234 -67.50 -62.93 -32.18
CA ARG L 234 -67.86 -63.29 -33.55
C ARG L 234 -66.66 -63.34 -34.48
N ASN L 235 -66.66 -64.32 -35.39
CA ASN L 235 -65.58 -64.47 -36.35
C ASN L 235 -66.12 -64.39 -37.77
N PRO L 236 -66.20 -63.19 -38.34
CA PRO L 236 -66.69 -63.05 -39.71
C PRO L 236 -65.61 -63.44 -40.72
N THR L 237 -64.37 -63.56 -40.23
CA THR L 237 -63.21 -63.91 -41.05
C THR L 237 -63.24 -65.35 -41.58
N GLN L 238 -62.73 -65.51 -42.79
CA GLN L 238 -62.68 -66.81 -43.47
C GLN L 238 -61.44 -67.63 -43.11
N GLN L 239 -61.09 -67.60 -41.84
CA GLN L 239 -59.94 -68.33 -41.30
C GLN L 239 -60.18 -68.57 -39.82
N ASN L 240 -59.34 -69.43 -39.23
CA ASN L 240 -59.44 -69.72 -37.82
C ASN L 240 -58.95 -68.49 -37.07
N ALA L 241 -59.50 -68.27 -35.88
CA ALA L 241 -59.12 -67.11 -35.08
C ALA L 241 -58.98 -67.48 -33.61
N MET L 242 -58.14 -66.74 -32.91
CA MET L 242 -57.91 -66.95 -31.49
C MET L 242 -57.71 -65.59 -30.83
N VAL L 243 -58.50 -65.31 -29.81
CA VAL L 243 -58.44 -64.05 -29.09
C VAL L 243 -58.28 -64.27 -27.59
N GLN L 244 -57.52 -63.40 -26.95
CA GLN L 244 -57.31 -63.48 -25.51
C GLN L 244 -58.08 -62.38 -24.80
N ILE L 245 -58.75 -62.77 -23.71
CA ILE L 245 -59.52 -61.84 -22.90
C ILE L 245 -58.83 -61.82 -21.54
N GLN L 246 -58.43 -60.62 -21.11
CA GLN L 246 -57.72 -60.46 -19.86
C GLN L 246 -58.47 -59.73 -18.76
N VAL L 247 -58.41 -60.32 -17.56
CA VAL L 247 -59.02 -59.72 -16.38
C VAL L 247 -57.88 -58.92 -15.77
N VAL L 248 -57.82 -57.64 -16.13
CA VAL L 248 -56.78 -56.76 -15.60
C VAL L 248 -56.93 -56.68 -14.07
N PHE L 249 -58.17 -56.66 -13.61
CA PHE L 249 -58.51 -56.64 -12.19
C PHE L 249 -60.03 -56.66 -12.02
N TYR L 250 -60.47 -57.05 -10.83
CA TYR L 250 -61.90 -57.08 -10.55
C TYR L 250 -62.14 -56.57 -9.15
N ILE L 251 -63.40 -56.30 -8.83
CA ILE L 251 -63.76 -55.79 -7.51
C ILE L 251 -64.86 -56.63 -6.88
N SER L 252 -64.77 -56.83 -5.57
CA SER L 252 -65.76 -57.61 -4.84
C SER L 252 -65.91 -57.07 -3.43
N MET L 253 -66.90 -57.57 -2.71
CA MET L 253 -67.16 -57.14 -1.35
C MET L 253 -66.39 -57.94 -0.29
N ASP L 254 -65.18 -58.34 -0.65
CA ASP L 254 -64.33 -59.09 0.28
C ASP L 254 -63.24 -58.14 0.75
N LYS L 255 -62.95 -58.19 2.05
CA LYS L 255 -61.95 -57.33 2.65
C LYS L 255 -60.54 -57.56 2.13
N THR L 256 -59.87 -56.46 1.80
CA THR L 256 -58.50 -56.48 1.31
C THR L 256 -57.61 -55.84 2.38
N LEU L 257 -56.33 -55.65 2.07
CA LEU L 257 -55.41 -55.03 3.01
C LEU L 257 -55.59 -53.52 3.06
N ASN L 258 -56.35 -52.98 2.12
CA ASN L 258 -56.61 -51.54 2.04
C ASN L 258 -57.92 -51.17 2.72
N GLN L 259 -58.41 -52.07 3.58
CA GLN L 259 -59.65 -51.81 4.30
C GLN L 259 -59.42 -50.68 5.31
N TYR L 260 -58.24 -50.66 5.91
CA TYR L 260 -57.87 -49.65 6.90
C TYR L 260 -56.47 -49.11 6.56
N PRO L 261 -56.33 -47.78 6.49
CA PRO L 261 -55.09 -47.05 6.18
C PRO L 261 -53.77 -47.68 6.64
N ALA L 262 -52.96 -48.04 5.64
CA ALA L 262 -51.64 -48.67 5.82
C ALA L 262 -51.58 -49.83 6.83
N LEU L 263 -52.67 -50.59 6.89
CA LEU L 263 -52.81 -51.75 7.77
C LEU L 263 -51.57 -52.64 7.63
N THR L 264 -51.12 -52.77 6.39
CA THR L 264 -49.95 -53.55 6.02
C THR L 264 -48.75 -53.23 6.92
N ALA L 265 -48.37 -51.96 6.90
CA ALA L 265 -47.24 -51.45 7.68
C ALA L 265 -47.33 -51.85 9.15
N GLU L 266 -48.55 -51.78 9.67
CA GLU L 266 -48.84 -52.13 11.06
C GLU L 266 -48.54 -53.61 11.26
N ILE L 267 -49.19 -54.44 10.44
CA ILE L 267 -49.03 -55.89 10.50
C ILE L 267 -47.56 -56.23 10.41
N PHE L 268 -46.84 -55.55 9.53
CA PHE L 268 -45.40 -55.78 9.38
C PHE L 268 -44.76 -55.52 10.74
N ASN L 269 -45.06 -54.36 11.30
CA ASN L 269 -44.55 -53.91 12.59
C ASN L 269 -44.84 -54.90 13.70
N VAL L 270 -46.04 -55.47 13.69
CA VAL L 270 -46.45 -56.44 14.71
C VAL L 270 -45.66 -57.74 14.58
N TYR L 271 -45.58 -58.25 13.35
CA TYR L 271 -44.88 -59.49 13.07
C TYR L 271 -43.37 -59.37 13.09
N SER L 272 -42.88 -58.14 13.04
CA SER L 272 -41.44 -57.89 13.08
C SER L 272 -40.87 -58.45 14.37
N PHE L 273 -39.61 -58.88 14.29
CA PHE L 273 -38.91 -59.50 15.41
C PHE L 273 -38.51 -58.69 16.65
N ARG L 274 -37.66 -57.68 16.45
CA ARG L 274 -37.13 -56.83 17.52
C ARG L 274 -36.14 -57.66 18.34
N ASP L 275 -36.67 -58.49 19.24
CA ASP L 275 -35.85 -59.39 20.05
C ASP L 275 -36.69 -60.55 20.56
N HIS L 276 -36.02 -61.56 21.11
CA HIS L 276 -36.68 -62.76 21.63
C HIS L 276 -37.82 -62.45 22.58
N THR L 277 -37.54 -61.51 23.48
CA THR L 277 -38.51 -61.09 24.48
C THR L 277 -39.78 -60.64 23.73
N TRP L 278 -39.67 -59.57 22.95
CA TRP L 278 -40.79 -59.06 22.15
C TRP L 278 -41.46 -60.15 21.33
N HIS L 279 -40.64 -60.82 20.52
CA HIS L 279 -41.08 -61.90 19.65
C HIS L 279 -41.99 -62.86 20.40
N GLY L 280 -41.39 -63.64 21.30
CA GLY L 280 -42.12 -64.62 22.08
C GLY L 280 -43.36 -64.06 22.75
N LEU L 281 -43.28 -62.79 23.13
CA LEU L 281 -44.39 -62.12 23.79
C LEU L 281 -45.51 -62.00 22.78
N ARG L 282 -45.24 -61.27 21.70
CA ARG L 282 -46.19 -61.03 20.62
C ARG L 282 -46.82 -62.34 20.14
N THR L 283 -46.00 -63.37 20.08
CA THR L 283 -46.43 -64.71 19.69
C THR L 283 -47.48 -65.21 20.69
N ALA L 284 -47.04 -65.37 21.94
CA ALA L 284 -47.88 -65.84 23.04
C ALA L 284 -49.22 -65.10 23.17
N ILE L 285 -49.23 -63.84 22.73
CA ILE L 285 -50.44 -63.04 22.78
C ILE L 285 -51.41 -63.53 21.69
N ARG L 286 -50.91 -63.55 20.45
CA ARG L 286 -51.71 -63.99 19.31
C ARG L 286 -52.23 -65.41 19.39
N ASN L 287 -51.66 -66.21 20.29
CA ASN L 287 -52.10 -67.59 20.44
C ASN L 287 -53.44 -67.70 21.12
N ARG L 288 -53.98 -66.54 21.51
CA ARG L 288 -55.28 -66.44 22.13
C ARG L 288 -56.25 -65.97 21.03
N THR L 289 -55.68 -65.61 19.89
CA THR L 289 -56.46 -65.11 18.76
C THR L 289 -56.47 -66.04 17.55
N THR L 290 -57.20 -65.60 16.53
CA THR L 290 -57.33 -66.32 15.28
C THR L 290 -56.19 -65.95 14.32
N LEU L 291 -55.38 -64.99 14.72
CA LEU L 291 -54.26 -64.54 13.91
C LEU L 291 -53.03 -65.45 14.04
N PRO L 292 -52.30 -65.62 12.94
CA PRO L 292 -51.10 -66.46 12.94
C PRO L 292 -50.08 -65.85 13.89
N ASN L 293 -49.68 -66.64 14.88
CA ASN L 293 -48.75 -66.19 15.91
C ASN L 293 -47.41 -65.57 15.49
N MET L 294 -46.94 -65.85 14.28
CA MET L 294 -45.68 -65.26 13.84
C MET L 294 -45.47 -65.08 12.34
N LEU L 295 -46.54 -65.23 11.55
CA LEU L 295 -46.45 -65.06 10.11
C LEU L 295 -47.66 -64.38 9.48
N PRO L 296 -47.44 -63.23 8.83
CA PRO L 296 -48.45 -62.40 8.16
C PRO L 296 -49.52 -63.24 7.48
N PRO L 297 -50.75 -63.23 8.03
CA PRO L 297 -51.87 -64.00 7.49
C PRO L 297 -51.99 -63.83 5.98
N ILE L 298 -52.13 -64.98 5.32
CA ILE L 298 -52.25 -65.05 3.87
C ILE L 298 -53.42 -64.17 3.47
N PHE L 299 -54.53 -64.40 4.14
CA PHE L 299 -55.75 -63.67 3.88
C PHE L 299 -56.05 -62.59 4.89
N PRO L 300 -56.25 -61.36 4.40
CA PRO L 300 -56.56 -60.22 5.26
C PRO L 300 -57.80 -60.52 6.11
N PRO L 301 -57.74 -60.22 7.41
CA PRO L 301 -58.84 -60.44 8.36
C PRO L 301 -60.06 -59.64 7.97
N ASN L 302 -61.17 -59.85 8.67
CA ASN L 302 -62.40 -59.14 8.34
C ASN L 302 -63.27 -58.83 9.54
N ASP L 303 -62.79 -59.14 10.74
CA ASP L 303 -63.55 -58.86 11.96
C ASP L 303 -62.88 -57.81 12.82
N ARG L 304 -63.71 -57.04 13.53
CA ARG L 304 -63.25 -55.96 14.40
C ARG L 304 -62.08 -56.41 15.23
N ASP L 305 -62.33 -57.39 16.10
CA ASP L 305 -61.36 -57.96 17.01
C ASP L 305 -59.99 -58.15 16.39
N SER L 306 -59.94 -58.77 15.22
CA SER L 306 -58.68 -59.03 14.53
C SER L 306 -57.95 -57.73 14.21
N ILE L 307 -58.57 -56.87 13.41
CA ILE L 307 -57.99 -55.59 13.01
C ILE L 307 -57.52 -54.83 14.25
N LEU L 308 -58.44 -54.65 15.19
CA LEU L 308 -58.21 -53.96 16.44
C LEU L 308 -56.91 -54.45 17.06
N THR L 309 -56.90 -55.73 17.44
CA THR L 309 -55.75 -56.38 18.07
C THR L 309 -54.43 -56.04 17.41
N LEU L 310 -54.43 -56.11 16.08
CA LEU L 310 -53.25 -55.80 15.29
C LEU L 310 -52.80 -54.37 15.57
N LEU L 311 -53.75 -53.46 15.53
CA LEU L 311 -53.48 -52.05 15.78
C LEU L 311 -52.90 -51.82 17.16
N LEU L 312 -53.55 -52.38 18.17
CA LEU L 312 -53.11 -52.25 19.56
C LEU L 312 -51.70 -52.79 19.68
N LEU L 313 -51.51 -54.03 19.26
CA LEU L 313 -50.21 -54.69 19.31
C LEU L 313 -49.14 -53.89 18.61
N SER L 314 -49.48 -53.34 17.46
CA SER L 314 -48.57 -52.54 16.66
C SER L 314 -48.06 -51.35 17.45
N THR L 315 -48.97 -50.71 18.19
CA THR L 315 -48.64 -49.54 19.00
C THR L 315 -47.84 -49.99 20.22
N LEU L 316 -48.32 -51.04 20.89
CA LEU L 316 -47.65 -51.60 22.04
C LEU L 316 -46.23 -51.95 21.66
N ALA L 317 -46.04 -52.29 20.38
CA ALA L 317 -44.73 -52.64 19.87
C ALA L 317 -43.81 -51.42 19.95
N ASP L 318 -44.30 -50.28 19.46
CA ASP L 318 -43.53 -49.05 19.49
C ASP L 318 -43.22 -48.66 20.93
N VAL L 319 -44.19 -48.87 21.82
CA VAL L 319 -44.03 -48.58 23.24
C VAL L 319 -42.85 -49.38 23.74
N TYR L 320 -42.85 -50.67 23.40
CA TYR L 320 -41.80 -51.59 23.78
C TYR L 320 -40.45 -51.03 23.31
N THR L 321 -40.45 -50.42 22.13
CA THR L 321 -39.24 -49.85 21.54
C THR L 321 -38.66 -48.74 22.40
N VAL L 322 -39.50 -47.76 22.78
CA VAL L 322 -39.04 -46.64 23.60
C VAL L 322 -38.73 -46.98 25.06
N LEU L 323 -39.53 -47.86 25.64
CA LEU L 323 -39.34 -48.25 27.03
C LEU L 323 -38.20 -49.22 27.30
N ARG L 324 -37.77 -49.96 26.26
CA ARG L 324 -36.67 -50.92 26.38
C ARG L 324 -36.87 -51.84 27.59
N PRO L 325 -38.11 -52.34 27.83
CA PRO L 325 -38.28 -53.22 28.99
C PRO L 325 -37.45 -54.49 28.96
N GLU L 326 -37.15 -55.01 30.15
CA GLU L 326 -36.34 -56.21 30.27
C GLU L 326 -36.96 -57.17 31.28
N PHE L 327 -37.45 -58.30 30.80
CA PHE L 327 -38.05 -59.31 31.66
C PHE L 327 -38.04 -60.66 30.98
N ALA L 328 -38.46 -61.69 31.73
CA ALA L 328 -38.49 -63.04 31.20
C ALA L 328 -39.88 -63.56 30.88
N MET L 329 -39.90 -64.64 30.10
CA MET L 329 -41.12 -65.32 29.71
C MET L 329 -40.80 -66.80 29.69
N HIS L 330 -41.80 -67.61 29.96
CA HIS L 330 -41.63 -69.04 29.96
C HIS L 330 -41.25 -69.52 28.57
N GLY L 331 -40.10 -70.19 28.49
CA GLY L 331 -39.63 -70.72 27.23
C GLY L 331 -38.75 -69.79 26.41
N VAL L 332 -38.57 -68.55 26.85
CA VAL L 332 -37.73 -67.64 26.10
C VAL L 332 -36.34 -67.50 26.69
N ASN L 333 -35.35 -67.85 25.89
CA ASN L 333 -33.95 -67.78 26.29
C ASN L 333 -33.28 -66.83 25.30
N PRO L 334 -32.94 -65.62 25.76
CA PRO L 334 -32.29 -64.59 24.93
C PRO L 334 -30.77 -64.56 24.90
N MET L 335 -30.21 -64.40 23.70
CA MET L 335 -28.76 -64.28 23.52
C MET L 335 -28.48 -62.78 23.58
N PRO L 336 -27.42 -62.38 24.29
CA PRO L 336 -27.02 -60.98 24.44
C PRO L 336 -26.58 -60.23 23.18
N GLY L 337 -25.26 -60.16 22.97
CA GLY L 337 -24.62 -59.48 21.84
C GLY L 337 -25.41 -58.74 20.76
N PRO L 338 -24.88 -58.73 19.51
CA PRO L 338 -25.51 -58.07 18.36
C PRO L 338 -26.79 -58.81 17.92
N LEU L 339 -27.45 -58.29 16.89
CA LEU L 339 -28.68 -58.90 16.41
C LEU L 339 -28.55 -59.82 15.19
N THR L 340 -28.25 -59.24 14.02
CA THR L 340 -28.09 -59.97 12.75
C THR L 340 -29.36 -60.66 12.23
N ALA L 341 -29.67 -60.43 10.96
CA ALA L 341 -30.83 -61.03 10.33
C ALA L 341 -30.80 -62.53 10.56
N ALA L 342 -29.57 -63.06 10.61
CA ALA L 342 -29.32 -64.48 10.84
C ALA L 342 -30.09 -65.05 12.04
N ILE L 343 -29.82 -64.50 13.21
CA ILE L 343 -30.47 -64.96 14.43
C ILE L 343 -31.98 -64.76 14.38
N ALA L 344 -32.40 -63.68 13.70
CA ALA L 344 -33.81 -63.35 13.57
C ALA L 344 -34.56 -64.40 12.75
N ARG L 345 -33.96 -64.81 11.64
CA ARG L 345 -34.52 -65.81 10.75
C ARG L 345 -34.83 -67.07 11.57
N ALA L 346 -33.82 -67.49 12.33
CA ALA L 346 -33.88 -68.67 13.18
C ALA L 346 -34.97 -68.62 14.24
N ALA L 347 -35.42 -67.42 14.56
CA ALA L 347 -36.46 -67.24 15.57
C ALA L 347 -37.83 -67.75 15.14
N TYR L 348 -38.16 -67.57 13.86
CA TYR L 348 -39.46 -67.99 13.35
C TYR L 348 -39.56 -69.50 13.10
N VAL L 349 -39.81 -70.24 14.19
CA VAL L 349 -39.94 -71.70 14.20
C VAL L 349 -38.82 -72.37 13.38
N MET M 1 -58.82 -20.42 1.51
CA MET M 1 -59.79 -21.43 0.98
C MET M 1 -59.43 -22.85 1.46
N ASP M 2 -58.13 -23.13 1.50
CA ASP M 2 -57.66 -24.43 2.00
C ASP M 2 -58.03 -24.42 3.48
N THR M 3 -57.80 -23.25 4.11
CA THR M 3 -58.09 -23.00 5.51
C THR M 3 -59.50 -23.44 5.86
N ILE M 4 -60.44 -23.02 5.02
CA ILE M 4 -61.86 -23.32 5.15
C ILE M 4 -62.04 -24.82 5.20
N ALA M 5 -61.32 -25.52 4.33
CA ALA M 5 -61.37 -26.97 4.28
C ALA M 5 -60.81 -27.58 5.57
N ALA M 6 -59.61 -27.13 5.96
CA ALA M 6 -58.95 -27.61 7.16
C ALA M 6 -59.87 -27.48 8.36
N ARG M 7 -60.57 -26.36 8.45
CA ARG M 7 -61.50 -26.10 9.53
C ARG M 7 -62.60 -27.14 9.54
N ALA M 8 -63.35 -27.21 8.44
CA ALA M 8 -64.46 -28.17 8.30
C ALA M 8 -63.98 -29.56 8.71
N LEU M 9 -62.82 -29.93 8.21
CA LEU M 9 -62.22 -31.20 8.52
C LEU M 9 -62.10 -31.36 10.04
N THR M 10 -61.38 -30.43 10.67
CA THR M 10 -61.16 -30.41 12.12
C THR M 10 -62.43 -30.63 12.89
N VAL M 11 -63.44 -29.81 12.59
CA VAL M 11 -64.75 -29.86 13.23
C VAL M 11 -65.37 -31.24 13.19
N MET M 12 -65.45 -31.81 12.00
CA MET M 12 -66.03 -33.15 11.82
C MET M 12 -65.27 -34.17 12.65
N ARG M 13 -63.95 -34.20 12.45
CA ARG M 13 -63.07 -35.11 13.16
C ARG M 13 -63.30 -35.00 14.66
N ALA M 14 -63.62 -33.79 15.10
CA ALA M 14 -63.89 -33.52 16.50
C ALA M 14 -65.22 -34.14 16.93
N CYS M 15 -66.27 -33.91 16.14
CA CYS M 15 -67.59 -34.46 16.42
C CYS M 15 -67.53 -35.98 16.45
N ALA M 16 -66.60 -36.54 15.67
CA ALA M 16 -66.40 -37.98 15.58
C ALA M 16 -65.94 -38.57 16.91
N THR M 17 -65.34 -37.73 17.74
CA THR M 17 -64.85 -38.13 19.05
C THR M 17 -65.95 -38.32 20.08
N LEU M 18 -67.18 -37.93 19.74
CA LEU M 18 -68.31 -38.05 20.65
C LEU M 18 -68.94 -39.44 20.62
N GLN M 19 -68.16 -40.42 21.05
CA GLN M 19 -68.57 -41.83 21.08
C GLN M 19 -69.65 -42.14 22.11
N GLU M 20 -69.69 -41.37 23.20
CA GLU M 20 -70.65 -41.64 24.24
C GLU M 20 -71.24 -40.35 24.82
N ALA M 21 -72.11 -40.51 25.81
CA ALA M 21 -72.77 -39.39 26.46
C ALA M 21 -71.86 -38.62 27.41
N ARG M 22 -71.51 -39.24 28.52
CA ARG M 22 -70.70 -38.62 29.55
C ARG M 22 -69.17 -38.65 29.47
N ILE M 23 -68.61 -38.97 28.32
CA ILE M 23 -67.15 -39.02 28.18
C ILE M 23 -66.38 -37.71 28.24
N VAL M 24 -65.16 -37.79 28.77
CA VAL M 24 -64.28 -36.63 28.89
C VAL M 24 -63.39 -36.56 27.67
N LEU M 25 -63.31 -35.37 27.10
CA LEU M 25 -62.50 -35.18 25.90
C LEU M 25 -61.15 -34.54 26.13
N GLU M 26 -60.51 -34.26 25.01
CA GLU M 26 -59.21 -33.62 24.92
C GLU M 26 -59.49 -32.12 25.03
N ALA M 27 -58.67 -31.41 25.78
CA ALA M 27 -58.83 -29.97 25.97
C ALA M 27 -59.21 -29.18 24.72
N ASN M 28 -58.29 -29.14 23.76
CA ASN M 28 -58.43 -28.43 22.49
C ASN M 28 -59.80 -28.58 21.87
N VAL M 29 -60.19 -29.83 21.68
CA VAL M 29 -61.48 -30.21 21.10
C VAL M 29 -62.63 -29.38 21.66
N MET M 30 -62.81 -29.48 22.97
CA MET M 30 -63.86 -28.77 23.68
C MET M 30 -63.91 -27.30 23.27
N GLU M 31 -62.78 -26.61 23.40
CA GLU M 31 -62.73 -25.20 23.05
C GLU M 31 -63.05 -24.98 21.57
N ILE M 32 -62.63 -25.91 20.72
CA ILE M 32 -62.89 -25.79 19.29
C ILE M 32 -64.36 -25.92 19.00
N LEU M 33 -64.96 -27.03 19.43
CA LEU M 33 -66.38 -27.25 19.23
C LEU M 33 -67.14 -26.04 19.72
N GLY M 34 -66.81 -25.61 20.92
CA GLY M 34 -67.46 -24.46 21.51
C GLY M 34 -67.49 -23.26 20.58
N ILE M 35 -66.33 -22.97 19.99
CA ILE M 35 -66.18 -21.86 19.07
C ILE M 35 -67.00 -22.10 17.81
N ALA M 36 -66.71 -23.23 17.17
CA ALA M 36 -67.38 -23.63 15.96
C ALA M 36 -68.90 -23.64 16.16
N ILE M 37 -69.39 -24.62 16.91
CA ILE M 37 -70.80 -24.77 17.20
C ILE M 37 -71.50 -23.45 17.46
N ASN M 38 -70.84 -22.56 18.18
CA ASN M 38 -71.42 -21.26 18.47
C ASN M 38 -71.61 -20.49 17.17
N ARG M 39 -70.49 -20.18 16.50
CA ARG M 39 -70.51 -19.46 15.23
C ARG M 39 -71.43 -20.12 14.20
N TYR M 40 -71.47 -21.45 14.20
CA TYR M 40 -72.32 -22.21 13.29
C TYR M 40 -73.77 -21.86 13.62
N ASN M 41 -74.19 -22.16 14.85
CA ASN M 41 -75.55 -21.86 15.32
C ASN M 41 -75.89 -20.42 15.03
N GLY M 42 -74.86 -19.58 15.06
CA GLY M 42 -75.02 -18.16 14.81
C GLY M 42 -75.66 -17.81 13.48
N LEU M 43 -75.16 -18.42 12.41
CA LEU M 43 -75.69 -18.15 11.07
C LEU M 43 -76.68 -19.24 10.62
N THR M 44 -76.57 -20.41 11.25
CA THR M 44 -77.41 -21.55 10.95
C THR M 44 -78.78 -21.41 11.57
N LEU M 45 -78.77 -21.18 12.88
CA LEU M 45 -79.97 -21.06 13.70
C LEU M 45 -80.56 -22.43 14.03
N ARG M 46 -79.72 -23.46 13.89
CA ARG M 46 -80.12 -24.81 14.26
C ARG M 46 -79.57 -24.97 15.67
N GLY M 47 -80.22 -25.81 16.48
CA GLY M 47 -79.76 -25.98 17.85
C GLY M 47 -78.76 -27.09 18.07
N VAL M 48 -77.50 -26.86 17.70
CA VAL M 48 -76.48 -27.89 17.89
C VAL M 48 -75.93 -27.80 19.31
N THR M 49 -75.85 -28.95 19.98
CA THR M 49 -75.34 -29.01 21.35
C THR M 49 -73.97 -29.64 21.37
N MET M 50 -73.12 -29.19 22.30
CA MET M 50 -71.78 -29.75 22.42
C MET M 50 -71.81 -31.18 22.92
N ARG M 51 -72.94 -31.58 23.49
CA ARG M 51 -73.11 -32.93 24.01
C ARG M 51 -74.51 -33.44 23.66
N PRO M 52 -74.67 -34.00 22.46
CA PRO M 52 -75.94 -34.54 21.96
C PRO M 52 -76.23 -35.86 22.67
N THR M 53 -77.51 -36.15 22.86
CA THR M 53 -77.93 -37.37 23.54
C THR M 53 -79.18 -37.98 22.92
N SER M 54 -80.17 -37.12 22.65
CA SER M 54 -81.46 -37.52 22.10
C SER M 54 -81.40 -38.36 20.84
N LEU M 55 -81.22 -37.68 19.72
CA LEU M 55 -81.19 -38.29 18.41
C LEU M 55 -81.26 -37.06 17.55
N ALA M 56 -82.33 -36.30 17.77
CA ALA M 56 -82.55 -35.06 17.04
C ALA M 56 -81.32 -34.19 17.23
N GLN M 57 -80.73 -34.26 18.42
CA GLN M 57 -79.52 -33.50 18.73
C GLN M 57 -78.39 -34.03 17.89
N ARG M 58 -78.33 -35.36 17.80
CA ARG M 58 -77.30 -36.05 17.04
C ARG M 58 -77.44 -35.79 15.54
N ASN M 59 -78.69 -35.76 15.06
CA ASN M 59 -78.99 -35.51 13.66
C ASN M 59 -78.52 -34.11 13.32
N GLU M 60 -78.93 -33.15 14.14
CA GLU M 60 -78.60 -31.75 13.98
C GLU M 60 -77.10 -31.58 13.84
N MET M 61 -76.35 -32.27 14.69
CA MET M 61 -74.90 -32.21 14.67
C MET M 61 -74.37 -32.83 13.37
N PHE M 62 -74.94 -33.96 12.98
CA PHE M 62 -74.52 -34.60 11.76
C PHE M 62 -74.76 -33.64 10.59
N PHE M 63 -75.97 -33.09 10.55
CA PHE M 63 -76.38 -32.14 9.53
C PHE M 63 -75.37 -31.01 9.44
N MET M 64 -74.86 -30.60 10.59
CA MET M 64 -73.87 -29.55 10.67
C MET M 64 -72.63 -29.98 9.90
N CYS M 65 -72.10 -31.14 10.26
CA CYS M 65 -70.91 -31.69 9.62
C CYS M 65 -71.14 -31.82 8.12
N LEU M 66 -72.34 -32.25 7.76
CA LEU M 66 -72.73 -32.42 6.37
C LEU M 66 -72.67 -31.06 5.68
N ASP M 67 -73.32 -30.08 6.29
CA ASP M 67 -73.37 -28.71 5.79
C ASP M 67 -71.96 -28.21 5.54
N MET M 68 -71.07 -28.48 6.50
CA MET M 68 -69.68 -28.06 6.41
C MET M 68 -68.95 -28.80 5.31
N MET M 69 -69.02 -30.12 5.37
CA MET M 69 -68.38 -31.02 4.42
C MET M 69 -68.71 -30.59 2.99
N LEU M 70 -69.99 -30.27 2.76
CA LEU M 70 -70.45 -29.84 1.46
C LEU M 70 -69.88 -28.49 1.12
N SER M 71 -70.03 -27.53 2.04
CA SER M 71 -69.50 -26.18 1.83
C SER M 71 -68.02 -26.19 1.47
N ALA M 72 -67.25 -27.00 2.18
CA ALA M 72 -65.82 -27.13 1.96
C ALA M 72 -65.52 -27.71 0.58
N ALA M 73 -66.39 -28.61 0.13
CA ALA M 73 -66.23 -29.23 -1.18
C ALA M 73 -66.77 -28.38 -2.33
N GLY M 74 -67.58 -27.37 -1.98
CA GLY M 74 -68.17 -26.50 -2.98
C GLY M 74 -69.32 -27.20 -3.66
N ILE M 75 -70.05 -27.99 -2.88
CA ILE M 75 -71.18 -28.77 -3.37
C ILE M 75 -72.50 -28.20 -2.91
N ASN M 76 -73.50 -28.32 -3.79
CA ASN M 76 -74.85 -27.90 -3.50
C ASN M 76 -75.73 -29.05 -3.97
N VAL M 77 -76.14 -29.88 -3.02
CA VAL M 77 -76.95 -31.06 -3.32
C VAL M 77 -78.42 -30.84 -3.67
N GLY M 78 -78.98 -29.72 -3.19
CA GLY M 78 -80.38 -29.44 -3.47
C GLY M 78 -81.31 -30.32 -2.64
N PRO M 79 -82.64 -30.29 -2.92
CA PRO M 79 -83.66 -31.07 -2.20
C PRO M 79 -83.48 -32.58 -2.32
N ILE M 80 -82.76 -33.15 -1.38
CA ILE M 80 -82.49 -34.57 -1.38
C ILE M 80 -83.11 -35.27 -0.17
N SER M 81 -83.63 -34.46 0.76
CA SER M 81 -84.26 -34.99 1.96
C SER M 81 -85.28 -33.99 2.50
N PRO M 82 -86.34 -34.50 3.14
CA PRO M 82 -87.41 -33.68 3.72
C PRO M 82 -86.99 -33.27 5.14
N ASP M 83 -85.99 -33.98 5.66
CA ASP M 83 -85.47 -33.74 6.99
C ASP M 83 -84.29 -32.78 6.98
N TYR M 84 -83.40 -32.93 6.01
CA TYR M 84 -82.23 -32.05 5.91
C TYR M 84 -82.39 -30.98 4.84
N THR M 85 -81.76 -29.84 5.10
CA THR M 85 -81.77 -28.68 4.21
C THR M 85 -80.41 -28.04 4.37
N GLN M 86 -79.76 -27.76 3.25
CA GLN M 86 -78.43 -27.16 3.27
C GLN M 86 -78.44 -25.63 3.45
N HIS M 87 -77.68 -25.14 4.43
CA HIS M 87 -77.58 -23.71 4.68
C HIS M 87 -76.33 -23.22 4.00
N MET M 88 -76.52 -22.44 2.96
CA MET M 88 -75.41 -21.90 2.19
C MET M 88 -74.54 -21.02 3.07
N ALA M 89 -75.13 -20.53 4.15
CA ALA M 89 -74.44 -19.67 5.11
C ALA M 89 -73.25 -20.39 5.75
N THR M 90 -73.33 -21.72 5.81
CA THR M 90 -72.28 -22.57 6.38
C THR M 90 -70.86 -22.15 5.96
N ILE M 91 -70.70 -21.72 4.72
CA ILE M 91 -69.40 -21.28 4.23
C ILE M 91 -68.89 -20.05 4.99
N GLY M 92 -69.78 -19.12 5.29
CA GLY M 92 -69.41 -17.94 6.04
C GLY M 92 -68.90 -18.34 7.43
N VAL M 93 -69.39 -19.48 7.91
CA VAL M 93 -68.98 -19.99 9.21
C VAL M 93 -67.53 -20.44 9.10
N LEU M 94 -67.24 -21.27 8.10
CA LEU M 94 -65.88 -21.76 7.91
C LEU M 94 -64.89 -20.66 7.54
N ALA M 95 -65.40 -19.55 7.01
CA ALA M 95 -64.56 -18.41 6.64
C ALA M 95 -64.14 -17.58 7.87
N THR M 96 -64.81 -17.80 8.99
CA THR M 96 -64.54 -17.11 10.26
C THR M 96 -63.16 -17.57 10.76
N PRO M 97 -62.20 -16.62 10.88
CA PRO M 97 -60.83 -16.87 11.33
C PRO M 97 -60.74 -17.34 12.78
N GLU M 98 -61.73 -16.94 13.58
CA GLU M 98 -61.80 -17.30 14.99
C GLU M 98 -61.83 -18.81 15.18
N ILE M 99 -62.23 -19.52 14.14
CA ILE M 99 -62.27 -20.97 14.20
C ILE M 99 -60.91 -21.51 13.79
N PRO M 100 -60.22 -22.18 14.72
CA PRO M 100 -58.89 -22.75 14.46
C PRO M 100 -59.00 -24.13 13.79
N PHE M 101 -57.84 -24.71 13.49
CA PHE M 101 -57.77 -26.02 12.86
C PHE M 101 -56.50 -26.71 13.36
N THR M 102 -56.58 -28.02 13.55
CA THR M 102 -55.44 -28.80 14.04
C THR M 102 -54.22 -28.70 13.14
N THR M 103 -53.07 -29.06 13.70
CA THR M 103 -51.82 -29.06 12.94
C THR M 103 -52.02 -30.13 11.86
N GLU M 104 -52.64 -31.24 12.25
CA GLU M 104 -52.93 -32.35 11.35
C GLU M 104 -53.70 -31.86 10.14
N ALA M 105 -54.86 -31.25 10.38
CA ALA M 105 -55.72 -30.72 9.33
C ALA M 105 -54.94 -29.85 8.36
N ALA M 106 -54.18 -28.90 8.90
CA ALA M 106 -53.37 -27.99 8.10
C ALA M 106 -52.45 -28.75 7.15
N ASN M 107 -51.71 -29.71 7.70
CA ASN M 107 -50.78 -30.53 6.93
C ASN M 107 -51.48 -31.40 5.91
N GLU M 108 -52.64 -31.94 6.28
CA GLU M 108 -53.40 -32.80 5.38
C GLU M 108 -53.79 -32.04 4.12
N ILE M 109 -54.22 -30.80 4.30
CA ILE M 109 -54.61 -29.96 3.17
C ILE M 109 -53.39 -29.51 2.37
N ALA M 110 -52.34 -29.10 3.07
CA ALA M 110 -51.11 -28.67 2.41
C ALA M 110 -50.54 -29.75 1.50
N ARG M 111 -50.80 -31.00 1.87
CA ARG M 111 -50.34 -32.15 1.10
C ARG M 111 -51.16 -32.23 -0.18
N VAL M 112 -52.48 -32.24 -0.04
CA VAL M 112 -53.40 -32.29 -1.17
C VAL M 112 -53.15 -31.16 -2.15
N THR M 113 -53.25 -29.92 -1.67
CA THR M 113 -53.04 -28.74 -2.49
C THR M 113 -51.65 -28.82 -3.11
N GLY M 114 -50.67 -29.21 -2.30
CA GLY M 114 -49.30 -29.33 -2.75
C GLY M 114 -49.09 -30.19 -3.99
N GLU M 115 -49.43 -31.48 -3.88
CA GLU M 115 -49.25 -32.42 -4.98
C GLU M 115 -50.21 -32.21 -6.13
N THR M 116 -51.47 -31.90 -5.80
CA THR M 116 -52.51 -31.69 -6.78
C THR M 116 -52.16 -30.57 -7.77
N SER M 117 -51.37 -29.62 -7.31
CA SER M 117 -50.95 -28.50 -8.13
C SER M 117 -49.74 -28.79 -9.02
N THR M 118 -48.95 -29.80 -8.66
CA THR M 118 -47.79 -30.15 -9.47
C THR M 118 -47.78 -31.64 -9.83
N TRP M 119 -46.73 -32.09 -10.52
CA TRP M 119 -46.61 -33.48 -10.94
C TRP M 119 -45.39 -34.12 -10.30
N GLY M 120 -45.18 -35.40 -10.63
CA GLY M 120 -44.05 -36.13 -10.11
C GLY M 120 -44.02 -37.58 -10.56
N PRO M 121 -42.84 -38.22 -10.53
CA PRO M 121 -42.62 -39.62 -10.94
C PRO M 121 -43.38 -40.62 -10.07
N ALA M 122 -44.00 -41.60 -10.70
CA ALA M 122 -44.77 -42.60 -9.99
C ALA M 122 -44.81 -43.96 -10.67
N ARG M 123 -44.64 -45.01 -9.88
CA ARG M 123 -44.69 -46.38 -10.37
C ARG M 123 -46.09 -46.60 -10.90
N GLN M 124 -46.22 -46.83 -12.20
CA GLN M 124 -47.52 -47.05 -12.79
C GLN M 124 -48.06 -48.43 -12.39
N PRO M 125 -49.40 -48.53 -12.24
CA PRO M 125 -50.17 -49.71 -11.86
C PRO M 125 -50.26 -50.93 -12.77
N TYR M 126 -50.49 -50.71 -14.06
CA TYR M 126 -50.65 -51.81 -15.00
C TYR M 126 -49.46 -52.01 -15.93
N GLY M 127 -49.41 -53.19 -16.56
CA GLY M 127 -48.33 -53.51 -17.48
C GLY M 127 -48.17 -52.47 -18.57
N PHE M 128 -46.97 -52.37 -19.14
CA PHE M 128 -46.69 -51.39 -20.18
C PHE M 128 -47.57 -51.58 -21.42
N PHE M 129 -47.50 -52.77 -22.00
CA PHE M 129 -48.26 -53.10 -23.21
C PHE M 129 -49.66 -53.59 -22.89
N LEU M 130 -50.41 -52.80 -22.14
CA LEU M 130 -51.77 -53.19 -21.80
C LEU M 130 -52.74 -52.68 -22.85
N GLU M 131 -52.49 -51.47 -23.34
CA GLU M 131 -53.36 -50.88 -24.34
C GLU M 131 -53.06 -51.28 -25.78
N THR M 132 -52.76 -52.56 -25.98
CA THR M 132 -52.45 -53.10 -27.30
C THR M 132 -53.61 -53.93 -27.85
N GLU M 133 -53.82 -53.86 -29.15
CA GLU M 133 -54.90 -54.58 -29.82
C GLU M 133 -54.50 -55.98 -30.25
N GLU M 134 -53.24 -56.14 -30.66
CA GLU M 134 -52.73 -57.42 -31.13
C GLU M 134 -51.62 -58.00 -30.26
N THR M 135 -51.66 -59.31 -30.07
CA THR M 135 -50.66 -60.04 -29.26
C THR M 135 -50.29 -61.37 -29.94
N PHE M 136 -49.02 -61.76 -29.81
CA PHE M 136 -48.51 -63.00 -30.42
C PHE M 136 -48.20 -64.07 -29.37
N GLN M 137 -48.34 -65.34 -29.75
CA GLN M 137 -48.07 -66.45 -28.81
C GLN M 137 -46.65 -66.37 -28.27
N PRO M 138 -46.49 -66.58 -26.95
CA PRO M 138 -45.21 -66.54 -26.24
C PRO M 138 -44.31 -67.73 -26.55
N GLY M 139 -43.12 -67.43 -27.08
CA GLY M 139 -42.16 -68.47 -27.42
C GLY M 139 -42.24 -68.92 -28.86
N ARG M 140 -43.23 -68.44 -29.61
CA ARG M 140 -43.37 -68.83 -31.01
C ARG M 140 -42.59 -67.91 -31.94
N TRP M 141 -41.89 -68.54 -32.88
CA TRP M 141 -41.10 -67.82 -33.86
C TRP M 141 -42.00 -67.02 -34.80
N PHE M 142 -41.54 -65.84 -35.16
CA PHE M 142 -42.24 -64.98 -36.08
C PHE M 142 -41.25 -63.99 -36.66
N MET M 143 -41.17 -63.98 -37.99
CA MET M 143 -40.27 -63.10 -38.69
C MET M 143 -41.05 -62.38 -39.79
N ARG M 144 -41.21 -61.07 -39.63
CA ARG M 144 -41.92 -60.27 -40.62
C ARG M 144 -41.06 -60.29 -41.90
N ALA M 145 -41.73 -60.40 -43.04
CA ALA M 145 -41.05 -60.44 -44.33
C ALA M 145 -40.03 -59.32 -44.53
N ALA M 146 -38.87 -59.69 -45.07
CA ALA M 146 -37.76 -58.76 -45.34
C ALA M 146 -36.96 -58.32 -44.14
N GLN M 147 -37.36 -58.75 -42.94
CA GLN M 147 -36.66 -58.38 -41.71
C GLN M 147 -35.84 -59.53 -41.13
N ALA M 148 -34.69 -59.19 -40.56
CA ALA M 148 -33.77 -60.16 -39.95
C ALA M 148 -33.97 -60.27 -38.43
N ALA M 149 -34.48 -59.18 -37.84
CA ALA M 149 -34.74 -59.12 -36.41
C ALA M 149 -36.16 -58.58 -36.29
N THR M 150 -37.07 -59.39 -35.73
CA THR M 150 -38.46 -58.98 -35.60
C THR M 150 -38.98 -58.95 -34.17
N ALA M 151 -39.12 -57.75 -33.63
CA ALA M 151 -39.61 -57.53 -32.27
C ALA M 151 -41.13 -57.54 -32.27
N VAL M 152 -41.71 -58.30 -31.35
CA VAL M 152 -43.16 -58.40 -31.28
C VAL M 152 -43.68 -58.61 -29.86
N VAL M 153 -44.86 -58.04 -29.57
CA VAL M 153 -45.48 -58.14 -28.24
C VAL M 153 -46.05 -59.55 -28.00
N CYS M 154 -46.16 -59.94 -26.73
CA CYS M 154 -46.68 -61.25 -26.37
C CYS M 154 -47.38 -61.28 -25.02
N GLY M 155 -47.49 -60.10 -24.40
CA GLY M 155 -48.13 -59.98 -23.10
C GLY M 155 -48.35 -58.54 -22.68
N PRO M 156 -48.99 -58.31 -21.52
CA PRO M 156 -49.27 -56.96 -21.03
C PRO M 156 -47.99 -56.21 -20.66
N ASP M 157 -46.91 -56.97 -20.48
CA ASP M 157 -45.61 -56.42 -20.09
C ASP M 157 -44.53 -57.28 -20.72
N MET M 158 -44.83 -57.83 -21.90
CA MET M 158 -43.90 -58.75 -22.53
C MET M 158 -43.71 -58.61 -24.04
N ILE M 159 -42.46 -58.68 -24.47
CA ILE M 159 -42.11 -58.65 -25.88
C ILE M 159 -41.06 -59.73 -26.09
N GLN M 160 -41.00 -60.25 -27.31
CA GLN M 160 -40.04 -61.27 -27.68
C GLN M 160 -39.54 -60.97 -29.09
N VAL M 161 -38.22 -60.87 -29.19
CA VAL M 161 -37.56 -60.56 -30.46
C VAL M 161 -37.00 -61.83 -31.11
N SER M 162 -37.42 -62.06 -32.36
CA SER M 162 -36.97 -63.20 -33.15
C SER M 162 -35.78 -62.76 -34.01
N LEU M 163 -34.62 -63.34 -33.75
CA LEU M 163 -33.39 -63.02 -34.48
C LEU M 163 -32.91 -64.16 -35.38
N ASN M 164 -32.42 -63.81 -36.55
CA ASN M 164 -31.88 -64.80 -37.48
C ASN M 164 -30.41 -64.94 -37.12
N ALA M 165 -29.80 -66.06 -37.49
CA ALA M 165 -28.39 -66.29 -37.19
C ALA M 165 -27.57 -65.11 -37.75
N GLY M 166 -26.75 -64.50 -36.90
CA GLY M 166 -25.93 -63.37 -37.31
C GLY M 166 -26.68 -62.06 -37.48
N ALA M 167 -27.96 -62.04 -37.10
CA ALA M 167 -28.80 -60.84 -37.22
C ALA M 167 -28.75 -59.89 -36.02
N ARG M 168 -28.91 -58.61 -36.29
CA ARG M 168 -28.89 -57.56 -35.27
C ARG M 168 -29.87 -56.44 -35.63
N GLY M 169 -30.20 -55.60 -34.65
CA GLY M 169 -31.10 -54.50 -34.90
C GLY M 169 -31.65 -53.76 -33.68
N ASP M 170 -32.03 -52.51 -33.88
CA ASP M 170 -32.60 -51.68 -32.84
C ASP M 170 -34.05 -52.12 -32.61
N VAL M 171 -34.50 -52.09 -31.36
CA VAL M 171 -35.85 -52.53 -31.00
C VAL M 171 -36.73 -51.45 -30.34
N GLN M 172 -36.10 -50.37 -29.88
CA GLN M 172 -36.79 -49.27 -29.20
C GLN M 172 -38.17 -48.82 -29.68
N GLN M 173 -38.35 -48.73 -31.00
CA GLN M 173 -39.63 -48.27 -31.55
C GLN M 173 -40.90 -49.04 -31.15
N ILE M 174 -40.76 -50.29 -30.72
CA ILE M 174 -41.94 -51.08 -30.31
C ILE M 174 -42.53 -50.50 -29.02
N PHE M 175 -41.69 -49.78 -28.27
CA PHE M 175 -42.08 -49.15 -27.01
C PHE M 175 -42.61 -47.75 -27.21
N GLN M 176 -41.84 -46.93 -27.91
CA GLN M 176 -42.17 -45.52 -28.16
C GLN M 176 -43.58 -45.27 -28.71
N GLY M 177 -44.09 -44.07 -28.46
CA GLY M 177 -45.42 -43.68 -28.93
C GLY M 177 -46.52 -43.94 -27.92
N ARG M 178 -46.33 -44.94 -27.07
CA ARG M 178 -47.31 -45.30 -26.06
C ARG M 178 -46.99 -44.56 -24.75
N ASN M 179 -48.01 -44.03 -24.08
CA ASN M 179 -47.87 -43.30 -22.82
C ASN M 179 -46.85 -42.15 -22.98
N ASP M 180 -46.10 -41.90 -21.92
CA ASP M 180 -45.05 -40.87 -21.89
C ASP M 180 -44.13 -41.21 -20.72
N PRO M 181 -43.59 -42.44 -20.68
CA PRO M 181 -42.70 -42.83 -19.59
C PRO M 181 -41.45 -41.95 -19.46
N MET M 182 -40.85 -42.01 -18.29
CA MET M 182 -39.65 -41.25 -17.97
C MET M 182 -38.53 -42.25 -17.79
N MET M 183 -38.91 -43.44 -17.32
CA MET M 183 -37.97 -44.51 -17.09
C MET M 183 -38.70 -45.85 -17.13
N ILE M 184 -38.15 -46.77 -17.93
CA ILE M 184 -38.71 -48.11 -18.08
C ILE M 184 -37.71 -49.09 -17.52
N TYR M 185 -38.19 -49.97 -16.66
CA TYR M 185 -37.36 -50.96 -16.01
C TYR M 185 -37.51 -52.33 -16.66
N LEU M 186 -36.47 -52.71 -17.40
CA LEU M 186 -36.43 -53.97 -18.13
C LEU M 186 -35.59 -55.07 -17.50
N VAL M 187 -35.73 -56.25 -18.07
CA VAL M 187 -35.01 -57.46 -17.66
C VAL M 187 -35.20 -58.48 -18.77
N TRP M 188 -34.14 -58.70 -19.56
CA TRP M 188 -34.20 -59.64 -20.67
C TRP M 188 -33.65 -61.02 -20.36
N ARG M 189 -34.25 -62.02 -21.00
CA ARG M 189 -33.86 -63.41 -20.83
C ARG M 189 -33.81 -64.07 -22.20
N ARG M 190 -33.13 -65.19 -22.27
CA ARG M 190 -33.01 -65.95 -23.51
C ARG M 190 -34.08 -67.03 -23.49
N ILE M 191 -34.91 -67.08 -24.53
CA ILE M 191 -35.95 -68.11 -24.62
C ILE M 191 -35.23 -69.39 -25.08
N GLU M 192 -34.73 -70.13 -24.10
CA GLU M 192 -33.97 -71.37 -24.30
C GLU M 192 -34.63 -72.45 -25.16
N ASN M 193 -35.95 -72.52 -25.17
CA ASN M 193 -36.67 -73.53 -25.94
C ASN M 193 -37.95 -72.91 -26.51
N PHE M 194 -37.99 -72.74 -27.83
CA PHE M 194 -39.15 -72.15 -28.47
C PHE M 194 -39.71 -72.91 -29.67
N ALA M 195 -40.89 -72.48 -30.13
CA ALA M 195 -41.57 -73.09 -31.27
C ALA M 195 -41.15 -72.44 -32.59
N MET M 196 -40.91 -73.25 -33.61
CA MET M 196 -40.53 -72.76 -34.93
C MET M 196 -41.77 -72.61 -35.81
N ALA M 197 -41.61 -71.92 -36.94
CA ALA M 197 -42.71 -71.68 -37.89
C ALA M 197 -43.62 -72.89 -38.06
N GLN M 198 -43.03 -74.07 -38.12
CA GLN M 198 -43.76 -75.32 -38.30
C GLN M 198 -44.21 -76.00 -37.00
N GLY M 199 -43.49 -75.74 -35.91
CA GLY M 199 -43.87 -76.34 -34.64
C GLY M 199 -42.76 -77.09 -33.90
N ASN M 200 -41.62 -77.26 -34.56
CA ASN M 200 -40.48 -77.96 -33.98
C ASN M 200 -39.73 -77.15 -32.92
N SER M 201 -39.18 -77.83 -31.91
CA SER M 201 -38.43 -77.19 -30.84
C SER M 201 -37.05 -76.70 -31.27
N GLN M 202 -36.80 -75.40 -31.08
CA GLN M 202 -35.53 -74.79 -31.44
C GLN M 202 -34.85 -74.22 -30.20
N GLN M 203 -33.52 -74.33 -30.17
CA GLN M 203 -32.75 -73.82 -29.03
C GLN M 203 -32.09 -72.48 -29.33
N THR M 204 -31.99 -71.65 -28.30
CA THR M 204 -31.33 -70.35 -28.42
C THR M 204 -29.98 -70.56 -27.76
N GLN M 205 -28.91 -70.26 -28.50
CA GLN M 205 -27.56 -70.46 -27.99
C GLN M 205 -27.01 -69.32 -27.13
N ALA M 206 -26.12 -69.69 -26.20
CA ALA M 206 -25.47 -68.75 -25.31
C ALA M 206 -24.47 -67.88 -26.04
N GLY M 207 -24.72 -66.57 -26.05
CA GLY M 207 -23.83 -65.65 -26.74
C GLY M 207 -24.57 -64.42 -27.25
N VAL M 208 -25.90 -64.51 -27.29
CA VAL M 208 -26.74 -63.40 -27.76
C VAL M 208 -26.55 -62.22 -26.79
N THR M 209 -26.42 -61.02 -27.33
CA THR M 209 -26.22 -59.83 -26.51
C THR M 209 -27.28 -58.75 -26.70
N VAL M 210 -27.46 -57.93 -25.67
CA VAL M 210 -28.40 -56.81 -25.70
C VAL M 210 -27.68 -55.61 -25.09
N SER M 211 -27.50 -54.57 -25.89
CA SER M 211 -26.81 -53.38 -25.44
C SER M 211 -27.72 -52.14 -25.50
N VAL M 212 -27.63 -51.32 -24.47
CA VAL M 212 -28.42 -50.10 -24.39
C VAL M 212 -27.49 -48.94 -24.63
N GLY M 213 -27.91 -48.01 -25.49
CA GLY M 213 -27.11 -46.84 -25.80
C GLY M 213 -25.64 -47.15 -26.03
N GLY M 214 -25.36 -48.38 -26.47
CA GLY M 214 -23.99 -48.78 -26.71
C GLY M 214 -23.42 -49.77 -25.71
N VAL M 215 -23.68 -49.52 -24.42
CA VAL M 215 -23.18 -50.41 -23.38
C VAL M 215 -23.88 -51.75 -23.38
N ASP M 216 -23.11 -52.82 -23.19
CA ASP M 216 -23.67 -54.17 -23.17
C ASP M 216 -24.26 -54.49 -21.80
N MET M 217 -25.44 -55.10 -21.81
CA MET M 217 -26.15 -55.45 -20.58
C MET M 217 -26.32 -56.96 -20.37
N ARG M 218 -26.37 -57.36 -19.11
CA ARG M 218 -26.54 -58.74 -18.72
C ARG M 218 -28.01 -59.16 -18.78
N ALA M 219 -28.24 -60.47 -18.83
CA ALA M 219 -29.59 -61.02 -18.86
C ALA M 219 -30.00 -61.37 -17.43
N GLY M 220 -31.26 -61.12 -17.11
CA GLY M 220 -31.76 -61.42 -15.78
C GLY M 220 -31.52 -60.32 -14.76
N ARG M 221 -30.97 -59.20 -15.22
CA ARG M 221 -30.70 -58.06 -14.35
C ARG M 221 -31.61 -56.92 -14.77
N ILE M 222 -32.02 -56.09 -13.81
CA ILE M 222 -32.89 -54.98 -14.09
C ILE M 222 -32.14 -53.85 -14.79
N ILE M 223 -32.83 -53.17 -15.70
CA ILE M 223 -32.22 -52.10 -16.47
C ILE M 223 -33.01 -50.81 -16.54
N ALA M 224 -32.37 -49.74 -16.10
CA ALA M 224 -32.97 -48.41 -16.12
C ALA M 224 -32.81 -47.84 -17.51
N TRP M 225 -33.88 -47.94 -18.29
CA TRP M 225 -33.86 -47.45 -19.66
C TRP M 225 -34.68 -46.18 -19.83
N ASP M 226 -34.04 -45.15 -20.36
CA ASP M 226 -34.68 -43.86 -20.57
C ASP M 226 -35.62 -43.81 -21.77
N GLY M 227 -35.80 -44.95 -22.44
CA GLY M 227 -36.68 -45.01 -23.60
C GLY M 227 -36.17 -44.33 -24.85
N GLN M 228 -35.18 -43.46 -24.69
CA GLN M 228 -34.60 -42.71 -25.81
C GLN M 228 -33.32 -43.35 -26.33
N ALA M 229 -32.62 -44.07 -25.46
CA ALA M 229 -31.37 -44.74 -25.84
C ALA M 229 -31.63 -45.94 -26.74
N ALA M 230 -30.62 -46.29 -27.54
CA ALA M 230 -30.72 -47.41 -28.47
C ALA M 230 -30.77 -48.78 -27.81
N LEU M 231 -31.87 -49.50 -28.07
CA LEU M 231 -32.05 -50.84 -27.54
C LEU M 231 -31.64 -51.80 -28.65
N HIS M 232 -30.35 -52.14 -28.67
CA HIS M 232 -29.78 -52.99 -29.72
C HIS M 232 -29.49 -54.44 -29.33
N VAL M 233 -30.04 -55.37 -30.11
CA VAL M 233 -29.82 -56.80 -29.88
C VAL M 233 -28.95 -57.34 -31.02
N ARG M 234 -28.06 -58.28 -30.69
CA ARG M 234 -27.17 -58.91 -31.68
C ARG M 234 -27.18 -60.42 -31.50
N ASN M 235 -27.14 -61.13 -32.63
CA ASN M 235 -27.14 -62.58 -32.60
C ASN M 235 -25.91 -63.13 -33.29
N PRO M 236 -24.75 -63.07 -32.63
CA PRO M 236 -23.52 -63.59 -33.23
C PRO M 236 -23.50 -65.11 -33.29
N THR M 237 -24.60 -65.75 -32.87
CA THR M 237 -24.70 -67.20 -32.88
C THR M 237 -25.15 -67.71 -34.25
N GLN M 238 -24.68 -68.90 -34.61
CA GLN M 238 -25.03 -69.52 -35.87
C GLN M 238 -26.29 -70.36 -35.77
N GLN M 239 -27.39 -69.70 -35.42
CA GLN M 239 -28.70 -70.30 -35.28
C GLN M 239 -29.74 -69.23 -35.01
N ASN M 240 -31.02 -69.61 -35.13
CA ASN M 240 -32.10 -68.67 -34.86
C ASN M 240 -32.21 -68.52 -33.36
N ALA M 241 -32.34 -67.27 -32.90
CA ALA M 241 -32.46 -66.99 -31.48
C ALA M 241 -33.73 -66.19 -31.18
N MET M 242 -34.20 -66.33 -29.94
CA MET M 242 -35.38 -65.62 -29.48
C MET M 242 -35.18 -65.17 -28.04
N VAL M 243 -35.29 -63.86 -27.80
CA VAL M 243 -35.11 -63.29 -26.47
C VAL M 243 -36.37 -62.57 -26.03
N GLN M 244 -36.64 -62.64 -24.72
CA GLN M 244 -37.81 -61.97 -24.17
C GLN M 244 -37.38 -60.81 -23.27
N ILE M 245 -37.85 -59.62 -23.62
CA ILE M 245 -37.55 -58.42 -22.85
C ILE M 245 -38.81 -58.08 -22.06
N GLN M 246 -38.65 -57.90 -20.75
CA GLN M 246 -39.78 -57.62 -19.88
C GLN M 246 -39.78 -56.25 -19.20
N VAL M 247 -40.92 -55.58 -19.27
CA VAL M 247 -41.10 -54.29 -18.64
C VAL M 247 -41.69 -54.66 -17.28
N VAL M 248 -40.81 -54.81 -16.29
CA VAL M 248 -41.24 -55.18 -14.95
C VAL M 248 -42.13 -54.08 -14.34
N PHE M 249 -41.80 -52.83 -14.64
CA PHE M 249 -42.54 -51.65 -14.20
C PHE M 249 -41.94 -50.39 -14.78
N TYR M 250 -42.74 -49.34 -14.84
CA TYR M 250 -42.27 -48.07 -15.37
C TYR M 250 -42.82 -46.92 -14.56
N ILE M 251 -42.23 -45.74 -14.76
CA ILE M 251 -42.67 -44.56 -14.05
C ILE M 251 -42.99 -43.44 -15.03
N SER M 252 -44.11 -42.76 -14.78
CA SER M 252 -44.55 -41.66 -15.62
C SER M 252 -45.06 -40.57 -14.70
N MET M 253 -45.32 -39.39 -15.25
CA MET M 253 -45.81 -38.28 -14.45
C MET M 253 -47.32 -38.27 -14.29
N ASP M 254 -47.91 -39.46 -14.28
CA ASP M 254 -49.35 -39.62 -14.09
C ASP M 254 -49.64 -39.90 -12.63
N LYS M 255 -50.79 -39.45 -12.16
CA LYS M 255 -51.18 -39.65 -10.78
C LYS M 255 -51.65 -41.07 -10.54
N THR M 256 -51.16 -41.66 -9.46
CA THR M 256 -51.51 -43.02 -9.06
C THR M 256 -52.27 -42.92 -7.73
N LEU M 257 -52.60 -44.06 -7.14
CA LEU M 257 -53.31 -44.06 -5.86
C LEU M 257 -52.39 -43.71 -4.68
N ASN M 258 -51.09 -43.63 -4.96
CA ASN M 258 -50.08 -43.32 -3.96
C ASN M 258 -49.68 -41.85 -3.99
N GLN M 259 -50.54 -41.02 -4.57
CA GLN M 259 -50.27 -39.59 -4.65
C GLN M 259 -50.45 -38.96 -3.27
N TYR M 260 -51.39 -39.50 -2.50
CA TYR M 260 -51.69 -39.03 -1.15
C TYR M 260 -51.85 -40.26 -0.25
N PRO M 261 -51.18 -40.26 0.92
CA PRO M 261 -51.17 -41.33 1.92
C PRO M 261 -52.48 -42.09 2.13
N ALA M 262 -52.40 -43.41 1.99
CA ALA M 262 -53.53 -44.35 2.12
C ALA M 262 -54.84 -43.86 1.51
N LEU M 263 -54.72 -43.16 0.38
CA LEU M 263 -55.87 -42.63 -0.34
C LEU M 263 -56.84 -43.77 -0.60
N THR M 264 -56.26 -44.90 -0.98
CA THR M 264 -56.99 -46.13 -1.28
C THR M 264 -58.00 -46.48 -0.19
N ALA M 265 -57.50 -46.67 1.02
CA ALA M 265 -58.31 -47.02 2.18
C ALA M 265 -59.46 -46.04 2.40
N GLU M 266 -59.20 -44.76 2.16
CA GLU M 266 -60.20 -43.71 2.32
C GLU M 266 -61.33 -43.96 1.34
N ILE M 267 -60.95 -44.11 0.07
CA ILE M 267 -61.89 -44.36 -1.02
C ILE M 267 -62.78 -45.55 -0.68
N PHE M 268 -62.16 -46.63 -0.18
CA PHE M 268 -62.89 -47.83 0.21
C PHE M 268 -63.99 -47.45 1.20
N ASN M 269 -63.61 -46.60 2.16
CA ASN M 269 -64.50 -46.11 3.22
C ASN M 269 -65.66 -45.31 2.66
N VAL M 270 -65.36 -44.46 1.68
CA VAL M 270 -66.37 -43.61 1.07
C VAL M 270 -67.37 -44.47 0.30
N TYR M 271 -66.84 -45.39 -0.49
CA TYR M 271 -67.64 -46.29 -1.32
C TYR M 271 -68.31 -47.44 -0.57
N SER M 272 -67.95 -47.64 0.69
CA SER M 272 -68.54 -48.70 1.49
C SER M 272 -70.02 -48.40 1.75
N PHE M 273 -70.79 -49.46 1.95
CA PHE M 273 -72.23 -49.37 2.15
C PHE M 273 -72.79 -48.78 3.44
N ARG M 274 -72.48 -49.43 4.57
CA ARG M 274 -72.99 -49.05 5.90
C ARG M 274 -74.48 -49.39 5.92
N ASP M 275 -75.29 -48.51 5.33
CA ASP M 275 -76.73 -48.72 5.20
C ASP M 275 -77.27 -47.87 4.06
N HIS M 276 -78.52 -48.13 3.69
CA HIS M 276 -79.18 -47.43 2.59
C HIS M 276 -79.11 -45.93 2.72
N THR M 277 -79.38 -45.44 3.93
CA THR M 277 -79.36 -44.02 4.22
C THR M 277 -78.00 -43.44 3.79
N TRP M 278 -76.93 -43.97 4.36
CA TRP M 278 -75.57 -43.55 4.02
C TRP M 278 -75.30 -43.70 2.54
N HIS M 279 -75.59 -44.90 2.04
CA HIS M 279 -75.40 -45.26 0.66
C HIS M 279 -75.96 -44.18 -0.25
N GLY M 280 -77.29 -44.06 -0.28
CA GLY M 280 -77.95 -43.08 -1.10
C GLY M 280 -77.44 -41.67 -0.85
N LEU M 281 -77.05 -41.39 0.38
CA LEU M 281 -76.55 -40.05 0.72
C LEU M 281 -75.26 -39.80 -0.05
N ARG M 282 -74.25 -40.60 0.24
CA ARG M 282 -72.95 -40.52 -0.41
C ARG M 282 -73.11 -40.52 -1.94
N THR M 283 -74.07 -41.32 -2.40
CA THR M 283 -74.38 -41.43 -3.81
C THR M 283 -74.82 -40.05 -4.30
N ALA M 284 -75.95 -39.58 -3.77
CA ALA M 284 -76.55 -38.29 -4.10
C ALA M 284 -75.54 -37.15 -4.08
N ILE M 285 -74.60 -37.23 -3.13
CA ILE M 285 -73.56 -36.21 -2.99
C ILE M 285 -72.61 -36.27 -4.19
N ARG M 286 -72.15 -37.47 -4.51
CA ARG M 286 -71.23 -37.65 -5.63
C ARG M 286 -71.83 -37.30 -6.98
N ASN M 287 -73.16 -37.29 -7.07
CA ASN M 287 -73.84 -36.98 -8.31
C ASN M 287 -73.52 -35.56 -8.76
N ARG M 288 -73.10 -34.74 -7.81
CA ARG M 288 -72.75 -33.35 -8.07
C ARG M 288 -71.28 -33.28 -8.49
N THR M 289 -70.61 -34.42 -8.47
CA THR M 289 -69.19 -34.52 -8.80
C THR M 289 -68.84 -35.23 -10.10
N THR M 290 -67.54 -35.25 -10.39
CA THR M 290 -66.98 -35.90 -11.56
C THR M 290 -66.64 -37.35 -11.21
N LEU M 291 -66.99 -37.75 -10.00
CA LEU M 291 -66.71 -39.09 -9.50
C LEU M 291 -67.90 -40.04 -9.60
N PRO M 292 -67.62 -41.34 -9.78
CA PRO M 292 -68.64 -42.39 -9.89
C PRO M 292 -69.43 -42.45 -8.59
N ASN M 293 -70.73 -42.23 -8.70
CA ASN M 293 -71.63 -42.20 -7.55
C ASN M 293 -71.69 -43.40 -6.60
N MET M 294 -71.10 -44.54 -6.97
CA MET M 294 -71.10 -45.70 -6.09
C MET M 294 -70.08 -46.80 -6.37
N LEU M 295 -69.21 -46.57 -7.36
CA LEU M 295 -68.18 -47.57 -7.70
C LEU M 295 -66.82 -46.93 -7.95
N PRO M 296 -65.80 -47.35 -7.17
CA PRO M 296 -64.41 -46.88 -7.22
C PRO M 296 -63.96 -46.53 -8.64
N PRO M 297 -63.52 -45.29 -8.85
CA PRO M 297 -63.08 -44.89 -10.19
C PRO M 297 -61.93 -45.78 -10.65
N ILE M 298 -61.99 -46.17 -11.92
CA ILE M 298 -60.97 -47.02 -12.52
C ILE M 298 -59.65 -46.27 -12.42
N PHE M 299 -59.72 -45.00 -12.81
CA PHE M 299 -58.56 -44.15 -12.80
C PHE M 299 -58.53 -43.19 -11.64
N PRO M 300 -57.38 -43.13 -10.95
CA PRO M 300 -57.20 -42.24 -9.81
C PRO M 300 -57.33 -40.78 -10.27
N PRO M 301 -58.17 -39.98 -9.58
CA PRO M 301 -58.41 -38.57 -9.90
C PRO M 301 -57.11 -37.77 -9.85
N ASN M 302 -57.18 -36.50 -10.21
CA ASN M 302 -55.96 -35.69 -10.23
C ASN M 302 -56.18 -34.22 -9.89
N ASP M 303 -57.39 -33.88 -9.47
CA ASP M 303 -57.70 -32.49 -9.13
C ASP M 303 -58.02 -32.34 -7.66
N ARG M 304 -57.54 -31.23 -7.09
CA ARG M 304 -57.73 -30.90 -5.69
C ARG M 304 -59.13 -31.30 -5.23
N ASP M 305 -60.11 -30.66 -5.85
CA ASP M 305 -61.52 -30.86 -5.55
C ASP M 305 -61.93 -32.31 -5.36
N SER M 306 -61.54 -33.16 -6.30
CA SER M 306 -61.89 -34.58 -6.22
C SER M 306 -61.33 -35.23 -4.95
N ILE M 307 -60.01 -35.18 -4.81
CA ILE M 307 -59.31 -35.76 -3.66
C ILE M 307 -59.92 -35.24 -2.37
N LEU M 308 -60.00 -33.92 -2.28
CA LEU M 308 -60.57 -33.21 -1.15
C LEU M 308 -61.89 -33.88 -0.77
N THR M 309 -62.86 -33.76 -1.69
CA THR M 309 -64.20 -34.31 -1.54
C THR M 309 -64.21 -35.70 -0.93
N LEU M 310 -63.38 -36.57 -1.48
CA LEU M 310 -63.25 -37.94 -1.02
C LEU M 310 -62.91 -37.97 0.46
N LEU M 311 -61.87 -37.25 0.83
CA LEU M 311 -61.40 -37.16 2.20
C LEU M 311 -62.51 -36.69 3.13
N LEU M 312 -63.13 -35.56 2.76
CA LEU M 312 -64.21 -34.97 3.53
C LEU M 312 -65.34 -35.96 3.72
N LEU M 313 -65.67 -36.67 2.65
CA LEU M 313 -66.72 -37.67 2.68
C LEU M 313 -66.33 -38.86 3.53
N SER M 314 -65.08 -39.28 3.39
CA SER M 314 -64.55 -40.40 4.14
C SER M 314 -64.65 -40.11 5.63
N THR M 315 -64.38 -38.86 5.99
CA THR M 315 -64.43 -38.40 7.36
C THR M 315 -65.89 -38.35 7.80
N LEU M 316 -66.71 -37.69 6.97
CA LEU M 316 -68.14 -37.56 7.22
C LEU M 316 -68.76 -38.95 7.34
N ALA M 317 -68.08 -39.92 6.74
CA ALA M 317 -68.53 -41.30 6.79
C ALA M 317 -68.38 -41.78 8.22
N ASP M 318 -67.19 -41.62 8.77
CA ASP M 318 -66.90 -42.04 10.14
C ASP M 318 -67.84 -41.31 11.10
N VAL M 319 -68.05 -40.02 10.84
CA VAL M 319 -68.94 -39.20 11.67
C VAL M 319 -70.31 -39.84 11.66
N TYR M 320 -70.76 -40.24 10.47
CA TYR M 320 -72.05 -40.90 10.31
C TYR M 320 -72.10 -42.11 11.23
N THR M 321 -71.02 -42.90 11.22
CA THR M 321 -70.94 -44.10 12.04
C THR M 321 -71.20 -43.74 13.49
N VAL M 322 -70.27 -43.01 14.11
CA VAL M 322 -70.38 -42.61 15.51
C VAL M 322 -71.67 -41.96 15.97
N LEU M 323 -72.25 -41.11 15.11
CA LEU M 323 -73.48 -40.42 15.46
C LEU M 323 -74.79 -41.20 15.31
N ARG M 324 -74.79 -42.19 14.43
CA ARG M 324 -75.96 -43.03 14.15
C ARG M 324 -77.19 -42.19 13.75
N PRO M 325 -77.03 -41.24 12.80
CA PRO M 325 -78.13 -40.38 12.36
C PRO M 325 -79.30 -41.17 11.79
N GLU M 326 -80.50 -40.90 12.28
CA GLU M 326 -81.68 -41.58 11.80
C GLU M 326 -82.61 -40.58 11.14
N PHE M 327 -82.58 -40.55 9.81
CA PHE M 327 -83.43 -39.63 9.05
C PHE M 327 -83.72 -40.14 7.63
N ALA M 328 -84.78 -39.59 7.03
CA ALA M 328 -85.21 -39.98 5.70
C ALA M 328 -84.46 -39.29 4.58
N MET M 329 -84.58 -39.87 3.38
CA MET M 329 -83.93 -39.36 2.19
C MET M 329 -84.82 -39.72 1.00
N HIS M 330 -85.04 -38.75 0.11
CA HIS M 330 -85.89 -38.96 -1.05
C HIS M 330 -85.46 -40.12 -1.94
N GLY M 331 -86.38 -41.06 -2.14
CA GLY M 331 -86.09 -42.21 -2.98
C GLY M 331 -85.49 -43.40 -2.27
N VAL M 332 -85.07 -43.20 -1.03
CA VAL M 332 -84.47 -44.30 -0.27
C VAL M 332 -85.52 -44.95 0.61
N ASN M 333 -85.54 -46.28 0.60
CA ASN M 333 -86.50 -47.01 1.41
C ASN M 333 -85.79 -48.07 2.24
N PRO M 334 -85.53 -47.75 3.52
CA PRO M 334 -84.84 -48.60 4.50
C PRO M 334 -85.49 -49.94 4.80
N MET M 335 -84.66 -50.98 4.74
CA MET M 335 -85.06 -52.35 5.01
C MET M 335 -84.46 -52.59 6.41
N PRO M 336 -85.29 -52.54 7.48
CA PRO M 336 -84.85 -52.74 8.86
C PRO M 336 -84.24 -54.10 9.24
N GLY M 337 -84.50 -55.12 8.42
CA GLY M 337 -83.98 -56.45 8.67
C GLY M 337 -82.46 -56.47 8.69
N PRO M 338 -81.83 -56.89 9.80
CA PRO M 338 -80.41 -57.03 10.15
C PRO M 338 -79.28 -56.63 9.20
N LEU M 339 -79.52 -56.73 7.89
CA LEU M 339 -78.54 -56.37 6.86
C LEU M 339 -77.46 -57.42 6.70
N THR M 340 -77.30 -57.89 5.47
CA THR M 340 -76.33 -58.92 5.13
C THR M 340 -75.55 -58.54 3.88
N ALA M 341 -74.45 -59.24 3.65
CA ALA M 341 -73.61 -59.03 2.47
C ALA M 341 -74.49 -59.06 1.24
N ALA M 342 -75.57 -59.83 1.33
CA ALA M 342 -76.53 -59.96 0.25
C ALA M 342 -77.21 -58.63 -0.03
N ILE M 343 -77.97 -58.12 0.94
CA ILE M 343 -78.69 -56.87 0.81
C ILE M 343 -77.78 -55.75 0.33
N ALA M 344 -76.52 -55.79 0.77
CA ALA M 344 -75.52 -54.79 0.40
C ALA M 344 -75.25 -54.85 -1.10
N ARG M 345 -74.98 -56.06 -1.58
CA ARG M 345 -74.72 -56.31 -2.99
C ARG M 345 -75.83 -55.69 -3.83
N ALA M 346 -77.07 -55.94 -3.40
CA ALA M 346 -78.27 -55.46 -4.07
C ALA M 346 -78.35 -53.95 -4.24
N ALA M 347 -77.92 -53.22 -3.21
CA ALA M 347 -77.97 -51.77 -3.23
C ALA M 347 -77.15 -51.09 -4.32
N TYR M 348 -76.09 -51.76 -4.78
CA TYR M 348 -75.23 -51.20 -5.82
C TYR M 348 -75.78 -51.34 -7.24
N VAL M 349 -76.87 -50.63 -7.50
CA VAL M 349 -77.58 -50.62 -8.79
C VAL M 349 -77.75 -52.04 -9.34
N MET N 1 -31.56 -38.70 20.84
CA MET N 1 -31.15 -38.45 19.43
C MET N 1 -32.37 -38.47 18.50
N ASP N 2 -33.26 -39.43 18.70
CA ASP N 2 -34.50 -39.52 17.93
C ASP N 2 -35.28 -38.27 18.30
N THR N 3 -35.26 -37.96 19.61
CA THR N 3 -35.91 -36.81 20.21
C THR N 3 -35.71 -35.57 19.36
N ILE N 4 -34.45 -35.32 19.00
CA ILE N 4 -34.03 -34.19 18.17
C ILE N 4 -34.84 -34.19 16.89
N ALA N 5 -34.90 -35.34 16.25
CA ALA N 5 -35.65 -35.52 15.03
C ALA N 5 -37.14 -35.21 15.26
N ALA N 6 -37.71 -35.82 16.30
CA ALA N 6 -39.11 -35.62 16.67
C ALA N 6 -39.42 -34.14 16.82
N ARG N 7 -38.52 -33.42 17.47
CA ARG N 7 -38.67 -31.99 17.68
C ARG N 7 -38.66 -31.29 16.34
N ALA N 8 -37.57 -31.50 15.60
CA ALA N 8 -37.38 -30.91 14.27
C ALA N 8 -38.64 -31.08 13.45
N LEU N 9 -39.19 -32.28 13.50
CA LEU N 9 -40.40 -32.62 12.79
C LEU N 9 -41.53 -31.69 13.23
N THR N 10 -41.84 -31.75 14.53
CA THR N 10 -42.91 -30.97 15.17
C THR N 10 -42.90 -29.52 14.70
N VAL N 11 -41.73 -28.90 14.76
CA VAL N 11 -41.53 -27.52 14.37
C VAL N 11 -42.03 -27.25 12.96
N MET N 12 -41.51 -28.01 11.99
CA MET N 12 -41.88 -27.84 10.60
C MET N 12 -43.38 -28.02 10.44
N ARG N 13 -43.88 -29.13 10.97
CA ARG N 13 -45.29 -29.47 10.91
C ARG N 13 -46.12 -28.33 11.48
N ALA N 14 -45.52 -27.58 12.41
CA ALA N 14 -46.17 -26.45 13.05
C ALA N 14 -46.14 -25.19 12.17
N CYS N 15 -45.00 -24.95 11.52
CA CYS N 15 -44.86 -23.81 10.63
C CYS N 15 -45.82 -24.00 9.48
N ALA N 16 -46.08 -25.26 9.18
CA ALA N 16 -46.98 -25.65 8.11
C ALA N 16 -48.42 -25.19 8.37
N THR N 17 -48.69 -24.80 9.61
CA THR N 17 -50.02 -24.36 10.00
C THR N 17 -50.33 -22.93 9.55
N LEU N 18 -49.28 -22.18 9.24
CA LEU N 18 -49.43 -20.79 8.81
C LEU N 18 -49.88 -20.65 7.35
N GLN N 19 -51.20 -20.68 7.13
CA GLN N 19 -51.75 -20.56 5.79
C GLN N 19 -51.95 -19.08 5.44
N GLU N 20 -52.85 -18.41 6.16
CA GLU N 20 -53.09 -16.99 5.93
C GLU N 20 -52.42 -16.19 7.05
N ALA N 21 -52.79 -14.92 7.17
CA ALA N 21 -52.25 -14.05 8.20
C ALA N 21 -53.35 -13.69 9.18
N ARG N 22 -54.60 -13.83 8.72
CA ARG N 22 -55.77 -13.51 9.52
C ARG N 22 -56.05 -14.53 10.62
N ILE N 23 -55.91 -15.81 10.28
CA ILE N 23 -56.16 -16.94 11.17
C ILE N 23 -55.66 -16.89 12.61
N VAL N 24 -56.38 -17.58 13.48
CA VAL N 24 -56.01 -17.67 14.89
C VAL N 24 -55.41 -19.06 15.08
N LEU N 25 -54.26 -19.11 15.71
CA LEU N 25 -53.58 -20.38 15.93
C LEU N 25 -54.14 -21.19 17.06
N GLU N 26 -53.81 -22.47 17.02
CA GLU N 26 -54.21 -23.40 18.04
C GLU N 26 -53.24 -23.02 19.17
N ALA N 27 -53.77 -22.66 20.34
CA ALA N 27 -52.93 -22.24 21.48
C ALA N 27 -51.65 -23.07 21.56
N ASN N 28 -51.84 -24.39 21.61
CA ASN N 28 -50.75 -25.35 21.68
C ASN N 28 -49.60 -25.02 20.71
N VAL N 29 -49.96 -24.75 19.45
CA VAL N 29 -49.00 -24.43 18.40
C VAL N 29 -48.13 -23.23 18.75
N MET N 30 -48.79 -22.09 18.97
CA MET N 30 -48.12 -20.84 19.32
C MET N 30 -47.05 -21.10 20.34
N GLU N 31 -47.40 -21.90 21.35
CA GLU N 31 -46.50 -22.26 22.44
C GLU N 31 -45.20 -22.80 21.85
N ILE N 32 -45.33 -23.87 21.07
CA ILE N 32 -44.21 -24.53 20.42
C ILE N 32 -43.36 -23.57 19.61
N LEU N 33 -43.97 -22.90 18.65
CA LEU N 33 -43.28 -21.96 17.80
C LEU N 33 -42.49 -20.95 18.60
N GLY N 34 -43.17 -20.20 19.47
CA GLY N 34 -42.52 -19.19 20.29
C GLY N 34 -41.23 -19.66 20.92
N ILE N 35 -41.29 -20.80 21.61
CA ILE N 35 -40.15 -21.41 22.29
C ILE N 35 -39.04 -21.73 21.30
N ALA N 36 -39.42 -22.47 20.26
CA ALA N 36 -38.49 -22.89 19.22
C ALA N 36 -37.80 -21.68 18.62
N ILE N 37 -38.56 -20.83 17.93
CA ILE N 37 -38.07 -19.63 17.29
C ILE N 37 -37.17 -18.82 18.21
N ASN N 38 -37.53 -18.74 19.49
CA ASN N 38 -36.72 -18.02 20.46
C ASN N 38 -35.34 -18.65 20.51
N ARG N 39 -35.28 -19.85 21.09
CA ARG N 39 -34.04 -20.58 21.22
C ARG N 39 -33.28 -20.77 19.91
N TYR N 40 -33.99 -20.72 18.79
CA TYR N 40 -33.37 -20.85 17.49
C TYR N 40 -32.64 -19.54 17.21
N ASN N 41 -33.42 -18.46 17.10
CA ASN N 41 -32.88 -17.13 16.85
C ASN N 41 -31.81 -16.79 17.88
N GLY N 42 -31.92 -17.42 19.05
CA GLY N 42 -30.97 -17.19 20.11
C GLY N 42 -29.57 -17.68 19.82
N LEU N 43 -29.46 -18.82 19.14
CA LEU N 43 -28.16 -19.39 18.80
C LEU N 43 -27.81 -19.19 17.34
N THR N 44 -28.80 -18.84 16.52
CA THR N 44 -28.62 -18.64 15.09
C THR N 44 -28.41 -17.17 14.75
N LEU N 45 -29.10 -16.31 15.48
CA LEU N 45 -29.03 -14.88 15.28
C LEU N 45 -29.74 -14.46 14.00
N ARG N 46 -30.85 -15.13 13.71
CA ARG N 46 -31.66 -14.79 12.56
C ARG N 46 -32.93 -14.11 13.04
N GLY N 47 -33.63 -13.43 12.15
CA GLY N 47 -34.84 -12.74 12.56
C GLY N 47 -36.14 -13.42 12.18
N VAL N 48 -36.38 -14.61 12.73
CA VAL N 48 -37.61 -15.33 12.43
C VAL N 48 -38.72 -14.82 13.33
N THR N 49 -39.92 -14.69 12.77
CA THR N 49 -41.08 -14.21 13.53
C THR N 49 -42.04 -15.37 13.69
N MET N 50 -42.93 -15.30 14.68
CA MET N 50 -43.90 -16.38 14.85
C MET N 50 -44.96 -16.19 13.78
N ARG N 51 -45.24 -14.93 13.42
CA ARG N 51 -46.22 -14.64 12.38
C ARG N 51 -45.54 -13.87 11.24
N PRO N 52 -45.01 -14.59 10.24
CA PRO N 52 -44.34 -14.00 9.07
C PRO N 52 -45.35 -13.40 8.10
N THR N 53 -44.91 -12.45 7.29
CA THR N 53 -45.78 -11.79 6.33
C THR N 53 -45.06 -11.30 5.07
N SER N 54 -43.95 -10.57 5.25
CA SER N 54 -43.19 -9.99 4.15
C SER N 54 -42.88 -10.93 2.99
N LEU N 55 -41.97 -11.87 3.25
CA LEU N 55 -41.49 -12.84 2.28
C LEU N 55 -40.17 -13.19 2.89
N ALA N 56 -39.33 -12.17 3.06
CA ALA N 56 -38.02 -12.34 3.66
C ALA N 56 -38.19 -13.02 5.01
N GLN N 57 -39.31 -12.75 5.66
CA GLN N 57 -39.63 -13.35 6.95
C GLN N 57 -39.96 -14.81 6.73
N ARG N 58 -40.74 -15.06 5.68
CA ARG N 58 -41.15 -16.40 5.31
C ARG N 58 -39.94 -17.25 4.94
N ASN N 59 -39.02 -16.65 4.17
CA ASN N 59 -37.80 -17.30 3.73
C ASN N 59 -37.01 -17.67 4.97
N GLU N 60 -36.86 -16.69 5.84
CA GLU N 60 -36.13 -16.85 7.09
C GLU N 60 -36.63 -18.07 7.83
N MET N 61 -37.95 -18.18 7.96
CA MET N 61 -38.57 -19.31 8.64
C MET N 61 -38.29 -20.60 7.89
N PHE N 62 -38.45 -20.57 6.57
CA PHE N 62 -38.21 -21.76 5.77
C PHE N 62 -36.78 -22.24 5.98
N PHE N 63 -35.85 -21.29 5.99
CA PHE N 63 -34.44 -21.56 6.19
C PHE N 63 -34.24 -22.26 7.53
N MET N 64 -35.03 -21.85 8.51
CA MET N 64 -34.98 -22.43 9.84
C MET N 64 -35.35 -23.90 9.74
N CYS N 65 -36.54 -24.17 9.20
CA CYS N 65 -37.03 -25.54 9.02
C CYS N 65 -36.02 -26.36 8.26
N LEU N 66 -35.41 -25.72 7.26
CA LEU N 66 -34.41 -26.35 6.42
C LEU N 66 -33.25 -26.76 7.32
N ASP N 67 -32.68 -25.79 8.03
CA ASP N 67 -31.57 -25.99 8.94
C ASP N 67 -31.83 -27.17 9.85
N MET N 68 -33.01 -27.17 10.46
CA MET N 68 -33.43 -28.22 11.36
C MET N 68 -33.54 -29.56 10.66
N MET N 69 -34.25 -29.57 9.54
CA MET N 69 -34.44 -30.78 8.75
C MET N 69 -33.09 -31.42 8.43
N LEU N 70 -32.14 -30.60 8.00
CA LEU N 70 -30.80 -31.07 7.65
C LEU N 70 -30.07 -31.55 8.89
N SER N 71 -30.12 -30.76 9.95
CA SER N 71 -29.48 -31.10 11.22
C SER N 71 -30.01 -32.42 11.76
N ALA N 72 -31.32 -32.62 11.64
CA ALA N 72 -32.00 -33.82 12.11
C ALA N 72 -31.59 -35.04 11.28
N ALA N 73 -31.26 -34.80 10.02
CA ALA N 73 -30.85 -35.87 9.11
C ALA N 73 -29.33 -36.12 9.16
N GLY N 74 -28.60 -35.18 9.76
CA GLY N 74 -27.15 -35.29 9.84
C GLY N 74 -26.58 -35.02 8.47
N ILE N 75 -27.03 -33.91 7.89
CA ILE N 75 -26.61 -33.51 6.55
C ILE N 75 -25.98 -32.14 6.48
N ASN N 76 -24.83 -32.08 5.82
CA ASN N 76 -24.11 -30.84 5.60
C ASN N 76 -24.12 -30.61 4.09
N VAL N 77 -25.12 -29.86 3.63
CA VAL N 77 -25.29 -29.57 2.21
C VAL N 77 -24.19 -28.79 1.52
N GLY N 78 -23.55 -27.90 2.28
CA GLY N 78 -22.49 -27.09 1.70
C GLY N 78 -23.04 -25.84 1.03
N PRO N 79 -22.19 -25.05 0.35
CA PRO N 79 -22.57 -23.82 -0.34
C PRO N 79 -23.48 -24.08 -1.54
N ILE N 80 -24.79 -24.05 -1.30
CA ILE N 80 -25.73 -24.31 -2.38
C ILE N 80 -26.56 -23.10 -2.80
N SER N 81 -26.46 -22.02 -2.02
CA SER N 81 -27.18 -20.80 -2.32
C SER N 81 -26.49 -19.59 -1.71
N PRO N 82 -26.60 -18.43 -2.35
CA PRO N 82 -26.00 -17.19 -1.87
C PRO N 82 -26.89 -16.55 -0.80
N ASP N 83 -28.16 -16.94 -0.83
CA ASP N 83 -29.16 -16.43 0.10
C ASP N 83 -29.20 -17.25 1.39
N TYR N 84 -29.10 -18.57 1.26
CA TYR N 84 -29.10 -19.44 2.43
C TYR N 84 -27.74 -20.03 2.74
N THR N 85 -27.39 -19.95 4.02
CA THR N 85 -26.13 -20.49 4.52
C THR N 85 -26.57 -21.34 5.70
N GLN N 86 -26.27 -22.62 5.63
CA GLN N 86 -26.65 -23.55 6.69
C GLN N 86 -25.92 -23.25 7.99
N HIS N 87 -26.70 -22.99 9.04
CA HIS N 87 -26.13 -22.72 10.36
C HIS N 87 -26.05 -24.02 11.15
N MET N 88 -24.82 -24.45 11.40
CA MET N 88 -24.56 -25.70 12.12
C MET N 88 -25.17 -25.81 13.51
N ALA N 89 -25.08 -24.72 14.27
CA ALA N 89 -25.60 -24.69 15.62
C ALA N 89 -27.03 -25.21 15.75
N THR N 90 -27.78 -25.18 14.64
CA THR N 90 -29.17 -25.65 14.62
C THR N 90 -29.36 -27.00 15.30
N ILE N 91 -28.31 -27.82 15.27
CA ILE N 91 -28.33 -29.14 15.91
C ILE N 91 -28.50 -28.96 17.43
N GLY N 92 -27.70 -28.06 18.01
CA GLY N 92 -27.78 -27.79 19.44
C GLY N 92 -29.14 -27.25 19.84
N VAL N 93 -29.77 -26.50 18.94
CA VAL N 93 -31.08 -25.94 19.19
C VAL N 93 -32.05 -27.07 19.42
N LEU N 94 -32.04 -28.05 18.52
CA LEU N 94 -32.91 -29.22 18.61
C LEU N 94 -32.61 -30.10 19.82
N ALA N 95 -31.40 -29.97 20.35
CA ALA N 95 -30.98 -30.74 21.52
C ALA N 95 -31.54 -30.15 22.82
N THR N 96 -32.04 -28.92 22.76
CA THR N 96 -32.60 -28.22 23.91
C THR N 96 -33.91 -28.88 24.36
N PRO N 97 -33.90 -29.51 25.54
CA PRO N 97 -35.05 -30.21 26.15
C PRO N 97 -36.28 -29.33 26.36
N GLU N 98 -36.05 -28.03 26.50
CA GLU N 98 -37.12 -27.06 26.69
C GLU N 98 -38.06 -27.02 25.48
N ILE N 99 -37.55 -27.48 24.34
CA ILE N 99 -38.35 -27.52 23.13
C ILE N 99 -39.18 -28.80 23.15
N PRO N 100 -40.50 -28.63 23.01
CA PRO N 100 -41.46 -29.74 23.02
C PRO N 100 -41.52 -30.49 21.69
N PHE N 101 -42.37 -31.51 21.66
CA PHE N 101 -42.61 -32.30 20.45
C PHE N 101 -43.92 -33.05 20.61
N THR N 102 -44.72 -33.07 19.56
CA THR N 102 -46.02 -33.73 19.58
C THR N 102 -45.96 -35.23 19.82
N THR N 103 -47.08 -35.79 20.27
CA THR N 103 -47.18 -37.22 20.53
C THR N 103 -47.02 -37.91 19.17
N GLU N 104 -47.65 -37.33 18.15
CA GLU N 104 -47.60 -37.85 16.79
C GLU N 104 -46.15 -37.96 16.33
N ALA N 105 -45.42 -36.84 16.47
CA ALA N 105 -44.01 -36.78 16.09
C ALA N 105 -43.19 -37.83 16.81
N ALA N 106 -43.49 -38.03 18.09
CA ALA N 106 -42.79 -39.00 18.92
C ALA N 106 -42.99 -40.41 18.39
N ASN N 107 -44.25 -40.80 18.24
CA ASN N 107 -44.62 -42.12 17.74
C ASN N 107 -44.07 -42.36 16.34
N GLU N 108 -44.08 -41.31 15.53
CA GLU N 108 -43.57 -41.41 14.18
C GLU N 108 -42.12 -41.85 14.21
N ILE N 109 -41.27 -41.12 14.93
CA ILE N 109 -39.85 -41.48 15.03
C ILE N 109 -39.66 -42.88 15.62
N ALA N 110 -40.34 -43.14 16.73
CA ALA N 110 -40.25 -44.43 17.42
C ALA N 110 -40.56 -45.61 16.50
N ARG N 111 -41.44 -45.36 15.53
CA ARG N 111 -41.81 -46.37 14.57
C ARG N 111 -40.62 -46.55 13.62
N VAL N 112 -40.11 -45.43 13.10
CA VAL N 112 -38.97 -45.42 12.20
C VAL N 112 -37.82 -46.22 12.78
N THR N 113 -37.30 -45.73 13.90
CA THR N 113 -36.20 -46.38 14.60
C THR N 113 -36.58 -47.81 14.96
N GLY N 114 -37.83 -47.99 15.38
CA GLY N 114 -38.32 -49.30 15.77
C GLY N 114 -38.05 -50.40 14.76
N GLU N 115 -38.63 -50.27 13.58
CA GLU N 115 -38.48 -51.26 12.51
C GLU N 115 -37.10 -51.24 11.86
N THR N 116 -36.61 -50.04 11.56
CA THR N 116 -35.31 -49.86 10.94
C THR N 116 -34.22 -50.71 11.58
N SER N 117 -34.23 -50.76 12.91
CA SER N 117 -33.23 -51.50 13.67
C SER N 117 -33.41 -53.02 13.74
N THR N 118 -34.56 -53.51 13.34
CA THR N 118 -34.79 -54.95 13.34
C THR N 118 -35.36 -55.39 11.98
N TRP N 119 -35.71 -56.68 11.88
CA TRP N 119 -36.26 -57.22 10.64
C TRP N 119 -37.66 -57.78 10.85
N GLY N 120 -38.23 -58.29 9.75
CA GLY N 120 -39.56 -58.86 9.80
C GLY N 120 -40.02 -59.39 8.45
N PRO N 121 -40.93 -60.38 8.47
CA PRO N 121 -41.49 -61.02 7.28
C PRO N 121 -42.33 -60.03 6.44
N ALA N 122 -41.97 -59.92 5.16
CA ALA N 122 -42.67 -59.01 4.26
C ALA N 122 -42.93 -59.59 2.86
N ARG N 123 -44.15 -59.34 2.35
CA ARG N 123 -44.56 -59.78 1.03
C ARG N 123 -43.66 -59.12 0.01
N GLN N 124 -42.82 -59.91 -0.64
CA GLN N 124 -41.90 -59.35 -1.63
C GLN N 124 -42.63 -58.81 -2.86
N PRO N 125 -42.10 -57.72 -3.44
CA PRO N 125 -42.60 -57.00 -4.61
C PRO N 125 -42.69 -57.67 -5.97
N TYR N 126 -41.58 -58.28 -6.42
CA TYR N 126 -41.55 -58.88 -7.74
C TYR N 126 -41.64 -60.41 -7.78
N GLY N 127 -41.79 -60.95 -8.99
CA GLY N 127 -41.88 -62.38 -9.17
C GLY N 127 -40.67 -63.09 -8.61
N PHE N 128 -40.85 -64.32 -8.15
CA PHE N 128 -39.76 -65.11 -7.58
C PHE N 128 -38.55 -65.24 -8.50
N PHE N 129 -38.77 -65.84 -9.67
CA PHE N 129 -37.71 -66.05 -10.67
C PHE N 129 -37.55 -64.83 -11.57
N LEU N 130 -37.40 -63.66 -10.98
CA LEU N 130 -37.24 -62.46 -11.79
C LEU N 130 -35.80 -62.31 -12.28
N GLU N 131 -34.85 -62.65 -11.41
CA GLU N 131 -33.44 -62.53 -11.77
C GLU N 131 -32.88 -63.74 -12.50
N THR N 132 -33.67 -64.29 -13.42
CA THR N 132 -33.27 -65.46 -14.21
C THR N 132 -32.79 -65.06 -15.60
N GLU N 133 -31.75 -65.75 -16.08
CA GLU N 133 -31.17 -65.47 -17.39
C GLU N 133 -31.85 -66.23 -18.52
N GLU N 134 -32.22 -67.48 -18.26
CA GLU N 134 -32.85 -68.33 -19.27
C GLU N 134 -34.27 -68.76 -18.91
N THR N 135 -35.20 -68.53 -19.83
CA THR N 135 -36.60 -68.89 -19.65
C THR N 135 -37.07 -69.76 -20.82
N PHE N 136 -38.04 -70.65 -20.54
CA PHE N 136 -38.57 -71.56 -21.56
C PHE N 136 -40.00 -71.23 -21.97
N GLN N 137 -40.39 -71.62 -23.17
CA GLN N 137 -41.75 -71.36 -23.65
C GLN N 137 -42.74 -72.12 -22.77
N PRO N 138 -43.80 -71.44 -22.32
CA PRO N 138 -44.85 -71.99 -21.48
C PRO N 138 -45.75 -72.96 -22.23
N GLY N 139 -45.98 -74.12 -21.63
CA GLY N 139 -46.82 -75.12 -22.25
C GLY N 139 -46.10 -76.04 -23.23
N ARG N 140 -44.82 -75.77 -23.50
CA ARG N 140 -44.06 -76.61 -24.41
C ARG N 140 -43.25 -77.65 -23.66
N TRP N 141 -43.38 -78.90 -24.11
CA TRP N 141 -42.67 -80.01 -23.51
C TRP N 141 -41.16 -79.84 -23.61
N PHE N 142 -40.48 -80.34 -22.57
CA PHE N 142 -39.03 -80.31 -22.52
C PHE N 142 -38.53 -81.29 -21.48
N MET N 143 -37.71 -82.22 -21.95
CA MET N 143 -37.13 -83.25 -21.10
C MET N 143 -35.62 -83.25 -21.30
N ARG N 144 -34.89 -82.98 -20.24
CA ARG N 144 -33.44 -82.95 -20.30
C ARG N 144 -32.93 -84.38 -20.42
N ALA N 145 -31.79 -84.54 -21.08
CA ALA N 145 -31.18 -85.84 -21.30
C ALA N 145 -31.02 -86.68 -20.03
N ALA N 146 -31.45 -87.93 -20.11
CA ALA N 146 -31.36 -88.90 -19.01
C ALA N 146 -32.32 -88.68 -17.82
N GLN N 147 -33.24 -87.74 -17.96
CA GLN N 147 -34.19 -87.46 -16.89
C GLN N 147 -35.62 -87.87 -17.24
N ALA N 148 -36.35 -88.33 -16.22
CA ALA N 148 -37.73 -88.77 -16.37
C ALA N 148 -38.73 -87.69 -15.95
N ALA N 149 -38.23 -86.70 -15.20
CA ALA N 149 -39.02 -85.58 -14.74
C ALA N 149 -38.10 -84.37 -14.82
N THR N 150 -38.47 -83.38 -15.62
CA THR N 150 -37.64 -82.18 -15.80
C THR N 150 -38.40 -80.87 -15.59
N ALA N 151 -38.04 -80.16 -14.53
CA ALA N 151 -38.67 -78.89 -14.18
C ALA N 151 -37.88 -77.72 -14.78
N VAL N 152 -38.59 -76.66 -15.12
CA VAL N 152 -37.96 -75.49 -15.69
C VAL N 152 -38.82 -74.22 -15.58
N VAL N 153 -38.16 -73.06 -15.63
CA VAL N 153 -38.84 -71.78 -15.53
C VAL N 153 -39.52 -71.41 -16.85
N CYS N 154 -40.63 -70.69 -16.77
CA CYS N 154 -41.37 -70.27 -17.96
C CYS N 154 -41.89 -68.85 -17.80
N GLY N 155 -41.58 -68.26 -16.65
CA GLY N 155 -42.01 -66.90 -16.35
C GLY N 155 -41.33 -66.35 -15.11
N PRO N 156 -41.60 -65.09 -14.75
CA PRO N 156 -41.00 -64.48 -13.56
C PRO N 156 -41.45 -65.18 -12.28
N ASP N 157 -42.67 -65.72 -12.32
CA ASP N 157 -43.26 -66.39 -11.17
C ASP N 157 -43.79 -67.75 -11.60
N MET N 158 -43.18 -68.30 -12.65
CA MET N 158 -43.69 -69.55 -13.19
C MET N 158 -42.68 -70.65 -13.52
N ILE N 159 -43.11 -71.87 -13.27
CA ILE N 159 -42.32 -73.05 -13.60
C ILE N 159 -43.28 -74.11 -14.13
N GLN N 160 -42.72 -75.07 -14.85
CA GLN N 160 -43.49 -76.15 -15.43
C GLN N 160 -42.60 -77.40 -15.47
N VAL N 161 -43.16 -78.51 -15.01
CA VAL N 161 -42.43 -79.76 -14.96
C VAL N 161 -42.95 -80.75 -16.01
N SER N 162 -42.02 -81.31 -16.78
CA SER N 162 -42.34 -82.29 -17.81
C SER N 162 -42.15 -83.69 -17.22
N LEU N 163 -43.24 -84.45 -17.19
CA LEU N 163 -43.25 -85.81 -16.65
C LEU N 163 -43.51 -86.88 -17.70
N ASN N 164 -42.68 -87.91 -17.69
CA ASN N 164 -42.87 -89.03 -18.62
C ASN N 164 -43.91 -89.91 -17.95
N ALA N 165 -44.65 -90.67 -18.75
CA ALA N 165 -45.67 -91.56 -18.20
C ALA N 165 -45.07 -92.44 -17.10
N GLY N 166 -45.70 -92.46 -15.93
CA GLY N 166 -45.21 -93.27 -14.81
C GLY N 166 -44.06 -92.67 -14.01
N ALA N 167 -43.49 -91.57 -14.48
CA ALA N 167 -42.34 -90.91 -13.83
C ALA N 167 -42.68 -90.07 -12.60
N ARG N 168 -41.66 -89.83 -11.78
CA ARG N 168 -41.80 -89.03 -10.55
C ARG N 168 -40.46 -88.39 -10.19
N GLY N 169 -40.49 -87.44 -9.25
CA GLY N 169 -39.27 -86.76 -8.83
C GLY N 169 -39.42 -85.50 -7.99
N ASP N 170 -38.35 -85.17 -7.27
CA ASP N 170 -38.31 -83.98 -6.43
C ASP N 170 -37.96 -82.78 -7.31
N VAL N 171 -38.63 -81.65 -7.08
CA VAL N 171 -38.43 -80.44 -7.87
C VAL N 171 -37.82 -79.25 -7.14
N GLN N 172 -38.08 -79.16 -5.83
CA GLN N 172 -37.60 -78.08 -4.97
C GLN N 172 -36.29 -77.36 -5.31
N GLN N 173 -35.25 -78.12 -5.64
CA GLN N 173 -33.93 -77.54 -5.96
C GLN N 173 -33.92 -76.45 -7.04
N ILE N 174 -35.01 -76.32 -7.78
CA ILE N 174 -35.12 -75.30 -8.83
C ILE N 174 -35.32 -73.92 -8.17
N PHE N 175 -36.01 -73.93 -7.02
CA PHE N 175 -36.30 -72.73 -6.25
C PHE N 175 -35.10 -72.29 -5.41
N GLN N 176 -34.54 -73.24 -4.68
CA GLN N 176 -33.41 -73.01 -3.77
C GLN N 176 -32.20 -72.34 -4.42
N GLY N 177 -31.44 -71.63 -3.59
CA GLY N 177 -30.26 -70.91 -4.07
C GLY N 177 -30.53 -69.46 -4.42
N ARG N 178 -31.80 -69.14 -4.67
CA ARG N 178 -32.20 -67.79 -5.02
C ARG N 178 -32.85 -67.10 -3.81
N ASN N 179 -32.55 -65.82 -3.63
CA ASN N 179 -33.09 -65.02 -2.50
C ASN N 179 -32.82 -65.71 -1.15
N ASP N 180 -33.79 -65.59 -0.24
CA ASP N 180 -33.75 -66.21 1.09
C ASP N 180 -35.18 -66.16 1.62
N PRO N 181 -36.11 -66.84 0.93
CA PRO N 181 -37.50 -66.84 1.35
C PRO N 181 -37.69 -67.57 2.68
N MET N 182 -38.82 -67.27 3.32
CA MET N 182 -39.16 -67.88 4.59
C MET N 182 -40.42 -68.70 4.35
N MET N 183 -41.21 -68.25 3.38
CA MET N 183 -42.45 -68.93 3.04
C MET N 183 -42.83 -68.58 1.61
N ILE N 184 -42.92 -69.60 0.77
CA ILE N 184 -43.28 -69.44 -0.62
C ILE N 184 -44.68 -70.01 -0.75
N TYR N 185 -45.56 -69.21 -1.34
CA TYR N 185 -46.94 -69.62 -1.51
C TYR N 185 -47.17 -70.13 -2.91
N LEU N 186 -47.61 -71.38 -2.99
CA LEU N 186 -47.84 -72.07 -4.25
C LEU N 186 -49.28 -72.38 -4.63
N VAL N 187 -49.42 -72.78 -5.89
CA VAL N 187 -50.68 -73.17 -6.51
C VAL N 187 -50.30 -73.81 -7.85
N TRP N 188 -50.40 -75.14 -7.91
CA TRP N 188 -50.05 -75.89 -9.11
C TRP N 188 -51.29 -76.26 -9.92
N ARG N 189 -51.09 -76.37 -11.23
CA ARG N 189 -52.17 -76.71 -12.15
C ARG N 189 -51.68 -77.76 -13.15
N ARG N 190 -52.63 -78.37 -13.84
CA ARG N 190 -52.35 -79.37 -14.87
C ARG N 190 -52.43 -78.70 -16.22
N ILE N 191 -51.36 -78.79 -17.00
CA ILE N 191 -51.35 -78.20 -18.35
C ILE N 191 -52.07 -79.18 -19.27
N GLU N 192 -53.40 -79.07 -19.31
CA GLU N 192 -54.30 -79.91 -20.09
C GLU N 192 -53.94 -80.07 -21.57
N ASN N 193 -53.43 -79.00 -22.18
CA ASN N 193 -53.06 -79.02 -23.60
C ASN N 193 -51.69 -78.37 -23.74
N PHE N 194 -50.72 -79.16 -24.18
CA PHE N 194 -49.37 -78.64 -24.35
C PHE N 194 -48.70 -79.12 -25.63
N ALA N 195 -47.71 -78.36 -26.10
CA ALA N 195 -46.96 -78.68 -27.31
C ALA N 195 -45.92 -79.76 -27.05
N MET N 196 -45.77 -80.67 -28.01
CA MET N 196 -44.79 -81.73 -27.93
C MET N 196 -43.53 -81.26 -28.64
N ALA N 197 -42.41 -81.93 -28.41
CA ALA N 197 -41.13 -81.56 -29.03
C ALA N 197 -41.27 -81.19 -30.52
N GLN N 198 -42.18 -81.88 -31.20
CA GLN N 198 -42.44 -81.65 -32.61
C GLN N 198 -43.44 -80.54 -32.92
N GLY N 199 -44.41 -80.33 -32.04
CA GLY N 199 -45.39 -79.29 -32.26
C GLY N 199 -46.82 -79.74 -32.15
N ASN N 200 -47.02 -81.05 -32.03
CA ASN N 200 -48.36 -81.63 -31.93
C ASN N 200 -48.92 -81.52 -30.51
N SER N 201 -50.23 -81.29 -30.40
CA SER N 201 -50.91 -81.16 -29.11
C SER N 201 -50.95 -82.46 -28.32
N GLN N 202 -50.82 -82.34 -27.00
CA GLN N 202 -50.84 -83.49 -26.10
C GLN N 202 -51.68 -83.19 -24.86
N GLN N 203 -52.31 -84.22 -24.30
CA GLN N 203 -53.15 -84.07 -23.11
C GLN N 203 -52.53 -84.64 -21.83
N THR N 204 -52.75 -83.94 -20.71
CA THR N 204 -52.28 -84.39 -19.41
C THR N 204 -53.48 -85.00 -18.71
N GLN N 205 -53.44 -86.31 -18.54
CA GLN N 205 -54.55 -87.01 -17.91
C GLN N 205 -54.68 -86.76 -16.42
N ALA N 206 -55.93 -86.76 -15.95
CA ALA N 206 -56.25 -86.53 -14.55
C ALA N 206 -55.78 -87.69 -13.68
N GLY N 207 -54.95 -87.38 -12.69
CA GLY N 207 -54.42 -88.40 -11.81
C GLY N 207 -53.07 -88.02 -11.24
N VAL N 208 -52.43 -87.02 -11.86
CA VAL N 208 -51.12 -86.54 -11.42
C VAL N 208 -51.24 -86.03 -9.98
N THR N 209 -50.19 -86.22 -9.18
CA THR N 209 -50.21 -85.79 -7.79
C THR N 209 -48.99 -85.02 -7.31
N VAL N 210 -49.21 -83.82 -6.78
CA VAL N 210 -48.12 -83.01 -6.25
C VAL N 210 -48.24 -83.03 -4.73
N SER N 211 -47.20 -83.50 -4.08
CA SER N 211 -47.16 -83.61 -2.63
C SER N 211 -46.00 -82.80 -2.08
N VAL N 212 -46.18 -82.27 -0.88
CA VAL N 212 -45.16 -81.49 -0.21
C VAL N 212 -44.80 -82.19 1.09
N GLY N 213 -43.50 -82.39 1.30
CA GLY N 213 -43.03 -83.06 2.51
C GLY N 213 -43.77 -84.35 2.81
N GLY N 214 -44.30 -84.99 1.76
CA GLY N 214 -45.01 -86.24 1.95
C GLY N 214 -46.52 -86.19 1.84
N VAL N 215 -47.12 -85.05 2.17
CA VAL N 215 -48.57 -84.92 2.10
C VAL N 215 -49.05 -84.52 0.71
N ASP N 216 -50.15 -85.12 0.27
CA ASP N 216 -50.71 -84.84 -1.04
C ASP N 216 -51.51 -83.54 -1.06
N MET N 217 -51.18 -82.67 -2.01
CA MET N 217 -51.83 -81.37 -2.16
C MET N 217 -52.69 -81.25 -3.42
N ARG N 218 -53.78 -80.51 -3.30
CA ARG N 218 -54.71 -80.28 -4.40
C ARG N 218 -54.20 -79.24 -5.40
N ALA N 219 -54.73 -79.28 -6.61
CA ALA N 219 -54.36 -78.34 -7.66
C ALA N 219 -55.31 -77.16 -7.57
N GLY N 220 -54.79 -75.96 -7.76
CA GLY N 220 -55.63 -74.78 -7.71
C GLY N 220 -55.83 -74.23 -6.31
N ARG N 221 -55.21 -74.86 -5.32
CA ARG N 221 -55.32 -74.40 -3.93
C ARG N 221 -53.96 -73.82 -3.54
N ILE N 222 -53.99 -72.81 -2.68
CA ILE N 222 -52.76 -72.18 -2.24
C ILE N 222 -52.03 -73.08 -1.26
N ILE N 223 -50.71 -73.04 -1.30
CA ILE N 223 -49.88 -73.89 -0.46
C ILE N 223 -48.78 -73.16 0.29
N ALA N 224 -48.76 -73.38 1.59
CA ALA N 224 -47.77 -72.77 2.46
C ALA N 224 -46.51 -73.62 2.43
N TRP N 225 -45.58 -73.28 1.54
CA TRP N 225 -44.34 -74.04 1.43
C TRP N 225 -43.14 -73.32 2.03
N ASP N 226 -42.49 -74.00 2.96
CA ASP N 226 -41.32 -73.46 3.65
C ASP N 226 -40.05 -73.41 2.80
N GLY N 227 -40.11 -73.96 1.60
CA GLY N 227 -38.94 -73.96 0.72
C GLY N 227 -37.93 -75.04 1.02
N GLN N 228 -38.11 -75.72 2.15
CA GLN N 228 -37.19 -76.78 2.56
C GLN N 228 -37.78 -78.17 2.40
N ALA N 229 -39.11 -78.26 2.48
CA ALA N 229 -39.81 -79.53 2.36
C ALA N 229 -39.71 -80.15 0.97
N ALA N 230 -40.07 -81.43 0.88
CA ALA N 230 -40.02 -82.17 -0.37
C ALA N 230 -41.13 -81.81 -1.36
N LEU N 231 -40.73 -81.21 -2.47
CA LEU N 231 -41.68 -80.84 -3.51
C LEU N 231 -41.68 -81.97 -4.53
N HIS N 232 -42.45 -83.01 -4.23
CA HIS N 232 -42.52 -84.20 -5.07
C HIS N 232 -43.75 -84.28 -5.99
N VAL N 233 -43.49 -84.63 -7.25
CA VAL N 233 -44.55 -84.79 -8.25
C VAL N 233 -44.58 -86.24 -8.73
N ARG N 234 -45.78 -86.77 -8.98
CA ARG N 234 -45.93 -88.16 -9.45
C ARG N 234 -46.88 -88.26 -10.63
N ASN N 235 -46.47 -89.03 -11.64
CA ASN N 235 -47.26 -89.24 -12.84
C ASN N 235 -47.66 -90.71 -12.93
N PRO N 236 -48.80 -91.08 -12.33
CA PRO N 236 -49.26 -92.47 -12.38
C PRO N 236 -50.03 -92.75 -13.67
N THR N 237 -50.12 -91.73 -14.53
CA THR N 237 -50.85 -91.84 -15.79
C THR N 237 -49.98 -92.44 -16.91
N GLN N 238 -50.65 -93.14 -17.83
CA GLN N 238 -49.96 -93.78 -18.95
C GLN N 238 -49.82 -92.88 -20.17
N GLN N 239 -49.36 -91.66 -19.91
CA GLN N 239 -49.13 -90.65 -20.93
C GLN N 239 -48.22 -89.59 -20.35
N ASN N 240 -47.67 -88.75 -21.23
CA ASN N 240 -46.82 -87.68 -20.78
C ASN N 240 -47.71 -86.70 -20.03
N ALA N 241 -47.13 -85.96 -19.09
CA ALA N 241 -47.88 -85.00 -18.30
C ALA N 241 -47.02 -83.77 -18.04
N MET N 242 -47.67 -82.61 -18.05
CA MET N 242 -46.98 -81.35 -17.78
C MET N 242 -47.78 -80.56 -16.76
N VAL N 243 -47.10 -80.09 -15.72
CA VAL N 243 -47.74 -79.32 -14.65
C VAL N 243 -47.04 -77.99 -14.43
N GLN N 244 -47.83 -76.94 -14.22
CA GLN N 244 -47.28 -75.62 -13.95
C GLN N 244 -47.50 -75.26 -12.49
N ILE N 245 -46.40 -74.94 -11.81
CA ILE N 245 -46.47 -74.55 -10.41
C ILE N 245 -46.22 -73.06 -10.34
N GLN N 246 -47.08 -72.36 -9.61
CA GLN N 246 -46.99 -70.91 -9.50
C GLN N 246 -46.68 -70.36 -8.12
N VAL N 247 -45.64 -69.54 -8.07
CA VAL N 247 -45.24 -68.86 -6.84
C VAL N 247 -46.07 -67.58 -6.89
N VAL N 248 -47.23 -67.63 -6.26
CA VAL N 248 -48.12 -66.47 -6.24
C VAL N 248 -47.42 -65.29 -5.54
N PHE N 249 -46.77 -65.57 -4.40
CA PHE N 249 -46.01 -64.57 -3.64
C PHE N 249 -45.21 -65.25 -2.53
N TYR N 250 -44.10 -64.63 -2.17
CA TYR N 250 -43.24 -65.16 -1.12
C TYR N 250 -42.91 -64.05 -0.14
N ILE N 251 -42.44 -64.44 1.04
CA ILE N 251 -42.08 -63.48 2.08
C ILE N 251 -40.66 -63.72 2.58
N SER N 252 -39.90 -62.63 2.64
CA SER N 252 -38.52 -62.67 3.12
C SER N 252 -38.31 -61.51 4.07
N MET N 253 -37.17 -61.49 4.75
CA MET N 253 -36.88 -60.42 5.69
C MET N 253 -36.28 -59.17 5.06
N ASP N 254 -36.55 -58.97 3.78
CA ASP N 254 -36.06 -57.80 3.06
C ASP N 254 -37.10 -56.69 3.21
N LYS N 255 -36.62 -55.47 3.34
CA LYS N 255 -37.50 -54.32 3.51
C LYS N 255 -38.25 -53.97 2.22
N THR N 256 -39.56 -53.77 2.37
CA THR N 256 -40.42 -53.41 1.25
C THR N 256 -40.89 -51.97 1.47
N LEU N 257 -41.78 -51.46 0.62
CA LEU N 257 -42.27 -50.10 0.77
C LEU N 257 -43.32 -49.97 1.88
N ASN N 258 -43.64 -51.08 2.53
CA ASN N 258 -44.62 -51.11 3.62
C ASN N 258 -43.95 -51.26 4.97
N GLN N 259 -42.64 -50.96 5.03
CA GLN N 259 -41.91 -51.05 6.28
C GLN N 259 -42.43 -49.97 7.23
N TYR N 260 -42.86 -48.85 6.64
CA TYR N 260 -43.40 -47.72 7.38
C TYR N 260 -44.60 -47.18 6.61
N PRO N 261 -45.73 -46.96 7.31
CA PRO N 261 -47.02 -46.47 6.78
C PRO N 261 -46.95 -45.39 5.70
N ALA N 262 -47.58 -45.70 4.55
CA ALA N 262 -47.66 -44.83 3.38
C ALA N 262 -46.34 -44.17 2.96
N LEU N 263 -45.24 -44.89 3.22
CA LEU N 263 -43.90 -44.42 2.89
C LEU N 263 -43.89 -44.01 1.43
N THR N 264 -44.57 -44.82 0.63
CA THR N 264 -44.71 -44.62 -0.82
C THR N 264 -45.14 -43.20 -1.16
N ALA N 265 -46.33 -42.82 -0.69
CA ALA N 265 -46.91 -41.50 -0.92
C ALA N 265 -45.93 -40.39 -0.56
N GLU N 266 -45.20 -40.60 0.54
CA GLU N 266 -44.21 -39.65 1.02
C GLU N 266 -43.13 -39.49 -0.04
N ILE N 267 -42.56 -40.62 -0.45
CA ILE N 267 -41.51 -40.67 -1.45
C ILE N 267 -41.95 -39.89 -2.69
N PHE N 268 -43.20 -40.11 -3.09
CA PHE N 268 -43.77 -39.42 -4.25
C PHE N 268 -43.70 -37.91 -4.02
N ASN N 269 -44.20 -37.48 -2.86
CA ASN N 269 -44.21 -36.08 -2.45
C ASN N 269 -42.81 -35.46 -2.46
N VAL N 270 -41.81 -36.26 -2.10
CA VAL N 270 -40.43 -35.78 -2.08
C VAL N 270 -39.96 -35.61 -3.51
N TYR N 271 -40.09 -36.67 -4.29
CA TYR N 271 -39.68 -36.70 -5.68
C TYR N 271 -40.52 -35.85 -6.64
N SER N 272 -41.59 -35.25 -6.14
CA SER N 272 -42.43 -34.39 -6.97
C SER N 272 -41.69 -33.08 -7.27
N PHE N 273 -42.03 -32.48 -8.40
CA PHE N 273 -41.38 -31.27 -8.87
C PHE N 273 -41.65 -29.93 -8.19
N ARG N 274 -42.92 -29.51 -8.18
CA ARG N 274 -43.34 -28.22 -7.62
C ARG N 274 -42.80 -27.12 -8.53
N ASP N 275 -41.54 -26.76 -8.34
CA ASP N 275 -40.87 -25.77 -9.18
C ASP N 275 -39.37 -25.99 -9.13
N HIS N 276 -38.64 -25.34 -10.04
CA HIS N 276 -37.18 -25.47 -10.14
C HIS N 276 -36.45 -25.26 -8.83
N THR N 277 -36.89 -24.23 -8.11
CA THR N 277 -36.30 -23.88 -6.82
C THR N 277 -36.38 -25.10 -5.89
N TRP N 278 -37.59 -25.65 -5.73
CA TRP N 278 -37.79 -26.84 -4.90
C TRP N 278 -36.96 -28.00 -5.42
N HIS N 279 -37.20 -28.32 -6.69
CA HIS N 279 -36.52 -29.40 -7.39
C HIS N 279 -35.03 -29.42 -7.10
N GLY N 280 -34.34 -28.38 -7.55
CA GLY N 280 -32.90 -28.27 -7.36
C GLY N 280 -32.48 -28.39 -5.91
N LEU N 281 -33.33 -27.89 -5.01
CA LEU N 281 -33.07 -27.94 -3.58
C LEU N 281 -33.07 -29.41 -3.15
N ARG N 282 -34.24 -30.03 -3.33
CA ARG N 282 -34.45 -31.43 -2.99
C ARG N 282 -33.35 -32.32 -3.56
N THR N 283 -32.91 -31.98 -4.77
CA THR N 283 -31.84 -32.71 -5.45
C THR N 283 -30.54 -32.53 -4.66
N ALA N 284 -30.08 -31.28 -4.62
CA ALA N 284 -28.85 -30.89 -3.92
C ALA N 284 -28.72 -31.49 -2.53
N ILE N 285 -29.87 -31.74 -1.90
CA ILE N 285 -29.94 -32.31 -0.56
C ILE N 285 -29.62 -33.79 -0.61
N ARG N 286 -30.32 -34.54 -1.46
CA ARG N 286 -30.10 -35.97 -1.58
C ARG N 286 -28.73 -36.33 -2.12
N ASN N 287 -28.02 -35.34 -2.67
CA ASN N 287 -26.69 -35.58 -3.19
C ASN N 287 -25.79 -36.03 -2.07
N ARG N 288 -26.06 -35.53 -0.87
CA ARG N 288 -25.30 -35.88 0.32
C ARG N 288 -25.69 -37.27 0.84
N THR N 289 -26.77 -37.84 0.29
CA THR N 289 -27.25 -39.14 0.73
C THR N 289 -27.03 -40.27 -0.27
N THR N 290 -27.38 -41.48 0.17
CA THR N 290 -27.27 -42.69 -0.63
C THR N 290 -28.51 -42.82 -1.52
N LEU N 291 -29.37 -41.81 -1.45
CA LEU N 291 -30.60 -41.80 -2.23
C LEU N 291 -30.46 -41.10 -3.57
N PRO N 292 -31.21 -41.59 -4.57
CA PRO N 292 -31.22 -41.03 -5.93
C PRO N 292 -31.75 -39.60 -5.88
N ASN N 293 -30.91 -38.67 -6.29
CA ASN N 293 -31.22 -37.24 -6.28
C ASN N 293 -32.50 -36.75 -6.96
N MET N 294 -33.11 -37.55 -7.84
CA MET N 294 -34.36 -37.13 -8.49
C MET N 294 -35.27 -38.21 -9.08
N LEU N 295 -34.94 -39.47 -8.83
CA LEU N 295 -35.74 -40.60 -9.32
C LEU N 295 -35.90 -41.71 -8.27
N PRO N 296 -37.14 -42.00 -7.86
CA PRO N 296 -37.52 -43.01 -6.87
C PRO N 296 -36.65 -44.25 -6.89
N PRO N 297 -35.99 -44.59 -5.76
CA PRO N 297 -35.15 -45.78 -5.76
C PRO N 297 -35.94 -47.03 -6.09
N ILE N 298 -35.32 -47.85 -6.92
CA ILE N 298 -35.91 -49.12 -7.37
C ILE N 298 -36.12 -49.94 -6.11
N PHE N 299 -35.09 -49.95 -5.28
CA PHE N 299 -35.12 -50.69 -4.04
C PHE N 299 -35.33 -49.83 -2.82
N PRO N 300 -36.32 -50.21 -1.99
CA PRO N 300 -36.68 -49.49 -0.76
C PRO N 300 -35.48 -49.51 0.19
N PRO N 301 -35.10 -48.34 0.73
CA PRO N 301 -33.96 -48.25 1.66
C PRO N 301 -34.19 -49.16 2.87
N ASN N 302 -33.18 -49.30 3.71
CA ASN N 302 -33.31 -50.16 4.86
C ASN N 302 -32.65 -49.59 6.12
N ASP N 303 -32.06 -48.39 5.97
CA ASP N 303 -31.40 -47.75 7.11
C ASP N 303 -32.19 -46.55 7.62
N ARG N 304 -32.16 -46.38 8.94
CA ARG N 304 -32.86 -45.30 9.62
C ARG N 304 -32.69 -44.00 8.86
N ASP N 305 -31.44 -43.54 8.80
CA ASP N 305 -31.06 -42.31 8.13
C ASP N 305 -31.81 -42.03 6.83
N SER N 306 -31.90 -43.04 5.97
CA SER N 306 -32.61 -42.89 4.70
C SER N 306 -34.07 -42.54 4.96
N ILE N 307 -34.79 -43.50 5.53
CA ILE N 307 -36.21 -43.36 5.86
C ILE N 307 -36.47 -41.98 6.48
N LEU N 308 -35.77 -41.74 7.58
CA LEU N 308 -35.86 -40.49 8.32
C LEU N 308 -35.78 -39.31 7.35
N THR N 309 -34.62 -39.18 6.69
CA THR N 309 -34.34 -38.12 5.72
C THR N 309 -35.52 -37.85 4.79
N LEU N 310 -36.12 -38.92 4.31
CA LEU N 310 -37.26 -38.84 3.41
C LEU N 310 -38.44 -38.17 4.09
N LEU N 311 -38.81 -38.70 5.25
CA LEU N 311 -39.92 -38.18 6.05
C LEU N 311 -39.77 -36.68 6.30
N LEU N 312 -38.60 -36.29 6.77
CA LEU N 312 -38.28 -34.89 7.05
C LEU N 312 -38.41 -34.04 5.79
N LEU N 313 -37.86 -34.56 4.70
CA LEU N 313 -37.89 -33.88 3.42
C LEU N 313 -39.30 -33.70 2.92
N SER N 314 -40.07 -34.80 2.95
CA SER N 314 -41.46 -34.82 2.53
C SER N 314 -42.22 -33.70 3.25
N THR N 315 -41.95 -33.58 4.55
CA THR N 315 -42.60 -32.57 5.38
C THR N 315 -42.09 -31.18 5.00
N LEU N 316 -40.77 -31.07 4.88
CA LEU N 316 -40.12 -29.82 4.49
C LEU N 316 -40.66 -29.38 3.13
N ALA N 317 -41.15 -30.35 2.37
CA ALA N 317 -41.72 -30.10 1.07
C ALA N 317 -43.03 -29.36 1.28
N ASP N 318 -43.89 -29.90 2.14
CA ASP N 318 -45.16 -29.30 2.45
C ASP N 318 -44.97 -27.88 3.00
N VAL N 319 -43.93 -27.72 3.82
CA VAL N 319 -43.60 -26.42 4.40
C VAL N 319 -43.38 -25.46 3.24
N TYR N 320 -42.56 -25.91 2.28
CA TYR N 320 -42.26 -25.13 1.09
C TYR N 320 -43.56 -24.65 0.45
N THR N 321 -44.49 -25.57 0.26
CA THR N 321 -45.78 -25.28 -0.35
C THR N 321 -46.51 -24.13 0.34
N VAL N 322 -46.67 -24.22 1.65
CA VAL N 322 -47.38 -23.18 2.40
C VAL N 322 -46.65 -21.85 2.50
N LEU N 323 -45.33 -21.90 2.67
CA LEU N 323 -44.54 -20.68 2.80
C LEU N 323 -44.27 -19.93 1.51
N ARG N 324 -44.28 -20.63 0.38
CA ARG N 324 -44.02 -20.03 -0.92
C ARG N 324 -42.67 -19.28 -0.94
N PRO N 325 -41.60 -19.88 -0.37
CA PRO N 325 -40.30 -19.18 -0.37
C PRO N 325 -39.73 -18.90 -1.76
N GLU N 326 -39.00 -17.80 -1.86
CA GLU N 326 -38.38 -17.39 -3.12
C GLU N 326 -36.93 -16.99 -2.90
N PHE N 327 -36.02 -17.78 -3.46
CA PHE N 327 -34.59 -17.52 -3.35
C PHE N 327 -33.77 -18.26 -4.43
N ALA N 328 -32.52 -17.82 -4.58
CA ALA N 328 -31.60 -18.37 -5.56
C ALA N 328 -30.95 -19.69 -5.17
N MET N 329 -30.26 -20.29 -6.13
CA MET N 329 -29.58 -21.55 -5.96
C MET N 329 -28.56 -21.70 -7.06
N HIS N 330 -27.33 -22.06 -6.68
CA HIS N 330 -26.25 -22.23 -7.65
C HIS N 330 -26.58 -23.31 -8.68
N GLY N 331 -26.62 -22.90 -9.94
CA GLY N 331 -26.91 -23.82 -11.02
C GLY N 331 -28.41 -23.95 -11.33
N VAL N 332 -29.22 -23.09 -10.73
CA VAL N 332 -30.65 -23.13 -10.95
C VAL N 332 -31.15 -21.86 -11.61
N ASN N 333 -31.83 -22.01 -12.74
CA ASN N 333 -32.37 -20.88 -13.48
C ASN N 333 -33.88 -21.07 -13.67
N PRO N 334 -34.68 -20.32 -12.90
CA PRO N 334 -36.14 -20.34 -12.90
C PRO N 334 -36.80 -19.79 -14.17
N MET N 335 -37.81 -20.51 -14.65
CA MET N 335 -38.57 -20.11 -15.83
C MET N 335 -39.96 -19.69 -15.33
N PRO N 336 -40.23 -18.37 -15.32
CA PRO N 336 -41.48 -17.76 -14.87
C PRO N 336 -42.79 -18.26 -15.50
N GLY N 337 -42.71 -18.79 -16.72
CA GLY N 337 -43.88 -19.30 -17.40
C GLY N 337 -44.73 -20.17 -16.48
N PRO N 338 -46.07 -20.04 -16.52
CA PRO N 338 -47.08 -20.75 -15.72
C PRO N 338 -46.80 -22.18 -15.25
N LEU N 339 -45.84 -22.86 -15.88
CA LEU N 339 -45.46 -24.24 -15.55
C LEU N 339 -46.44 -25.28 -16.01
N THR N 340 -45.94 -26.23 -16.80
CA THR N 340 -46.76 -27.31 -17.35
C THR N 340 -46.05 -28.65 -17.15
N ALA N 341 -46.80 -29.73 -17.33
CA ALA N 341 -46.25 -31.09 -17.19
C ALA N 341 -45.02 -31.23 -18.07
N ALA N 342 -45.01 -30.46 -19.17
CA ALA N 342 -43.91 -30.47 -20.11
C ALA N 342 -42.63 -29.88 -19.49
N ILE N 343 -42.73 -28.66 -18.99
CA ILE N 343 -41.58 -27.98 -18.39
C ILE N 343 -41.01 -28.79 -17.23
N ALA N 344 -41.87 -29.55 -16.57
CA ALA N 344 -41.49 -30.39 -15.44
C ALA N 344 -40.69 -31.60 -15.92
N ARG N 345 -41.25 -32.31 -16.89
CA ARG N 345 -40.63 -33.49 -17.49
C ARG N 345 -39.17 -33.16 -17.81
N ALA N 346 -38.97 -32.01 -18.45
CA ALA N 346 -37.66 -31.52 -18.86
C ALA N 346 -36.67 -31.39 -17.71
N ALA N 347 -37.13 -30.84 -16.59
CA ALA N 347 -36.30 -30.64 -15.42
C ALA N 347 -35.59 -31.88 -14.87
N TYR N 348 -36.17 -33.06 -15.11
CA TYR N 348 -35.58 -34.31 -14.63
C TYR N 348 -34.43 -34.87 -15.47
N VAL N 349 -33.44 -34.02 -15.75
CA VAL N 349 -32.26 -34.37 -16.55
C VAL N 349 -32.66 -35.18 -17.80
N MET O 1 52.47 -47.19 63.37
CA MET O 1 52.65 -46.93 61.92
C MET O 1 51.39 -47.43 61.21
N ASP O 2 50.79 -48.46 61.79
CA ASP O 2 49.55 -49.01 61.25
C ASP O 2 48.54 -47.89 61.39
N THR O 3 48.46 -47.35 62.61
CA THR O 3 47.57 -46.24 62.94
C THR O 3 47.70 -45.07 61.98
N ILE O 4 48.95 -44.66 61.74
CA ILE O 4 49.28 -43.55 60.84
C ILE O 4 48.67 -43.75 59.47
N ALA O 5 48.98 -44.91 58.87
CA ALA O 5 48.48 -45.27 57.55
C ALA O 5 46.95 -45.29 57.53
N ALA O 6 46.37 -45.90 58.57
CA ALA O 6 44.93 -46.00 58.70
C ALA O 6 44.29 -44.62 58.64
N ARG O 7 44.85 -43.69 59.38
CA ARG O 7 44.36 -42.31 59.40
C ARG O 7 44.45 -41.68 58.03
N ALA O 8 45.65 -41.68 57.46
CA ALA O 8 45.92 -41.10 56.15
C ALA O 8 44.93 -41.62 55.11
N LEU O 9 44.60 -42.90 55.24
CA LEU O 9 43.65 -43.54 54.36
C LEU O 9 42.27 -42.90 54.59
N THR O 10 41.82 -42.98 55.84
CA THR O 10 40.52 -42.46 56.27
C THR O 10 40.25 -41.06 55.75
N VAL O 11 41.24 -40.19 55.93
CA VAL O 11 41.17 -38.80 55.49
C VAL O 11 40.91 -38.69 54.00
N MET O 12 41.75 -39.35 53.21
CA MET O 12 41.61 -39.32 51.76
C MET O 12 40.22 -39.77 51.33
N ARG O 13 39.78 -40.89 51.90
CA ARG O 13 38.46 -41.45 51.62
C ARG O 13 37.37 -40.44 51.91
N ALA O 14 37.55 -39.72 53.01
CA ALA O 14 36.61 -38.70 53.43
C ALA O 14 36.50 -37.57 52.41
N CYS O 15 37.65 -37.12 51.92
CA CYS O 15 37.69 -36.04 50.94
C CYS O 15 37.00 -36.50 49.65
N ALA O 16 37.02 -37.80 49.41
CA ALA O 16 36.41 -38.38 48.22
C ALA O 16 34.89 -38.24 48.25
N THR O 17 34.33 -38.00 49.43
CA THR O 17 32.89 -37.85 49.61
C THR O 17 32.40 -36.48 49.13
N LEU O 18 33.32 -35.55 48.92
CA LEU O 18 32.98 -34.22 48.46
C LEU O 18 32.77 -34.16 46.96
N GLN O 19 31.78 -34.92 46.49
CA GLN O 19 31.45 -34.99 45.06
C GLN O 19 30.90 -33.66 44.54
N GLU O 20 30.03 -33.04 45.35
CA GLU O 20 29.40 -31.78 44.97
C GLU O 20 29.67 -30.71 46.03
N ALA O 21 29.01 -29.58 45.91
CA ALA O 21 29.18 -28.47 46.85
C ALA O 21 28.15 -28.42 47.99
N ARG O 22 26.91 -28.12 47.65
CA ARG O 22 25.83 -28.00 48.63
C ARG O 22 25.26 -29.28 49.25
N ILE O 23 25.90 -30.42 49.03
CA ILE O 23 25.42 -31.68 49.60
C ILE O 23 25.66 -31.83 51.11
N VAL O 24 24.75 -32.54 51.76
CA VAL O 24 24.86 -32.78 53.20
C VAL O 24 25.84 -33.93 53.39
N LEU O 25 26.73 -33.78 54.36
CA LEU O 25 27.70 -34.81 54.63
C LEU O 25 27.26 -35.79 55.68
N GLU O 26 27.85 -36.98 55.64
CA GLU O 26 27.55 -38.00 56.62
C GLU O 26 28.21 -37.45 57.88
N ALA O 27 27.45 -37.39 58.98
CA ALA O 27 27.94 -36.86 60.25
C ALA O 27 29.38 -37.27 60.55
N ASN O 28 29.61 -38.57 60.47
CA ASN O 28 30.92 -39.17 60.72
C ASN O 28 32.05 -38.40 60.00
N VAL O 29 31.83 -38.07 58.73
CA VAL O 29 32.80 -37.35 57.91
C VAL O 29 33.23 -36.01 58.51
N MET O 30 32.29 -35.08 58.58
CA MET O 30 32.50 -33.73 59.11
C MET O 30 33.36 -33.79 60.36
N GLU O 31 32.97 -34.66 61.27
CA GLU O 31 33.66 -34.86 62.53
C GLU O 31 35.16 -35.08 62.31
N ILE O 32 35.49 -36.05 61.46
CA ILE O 32 36.88 -36.39 61.15
C ILE O 32 37.59 -35.25 60.45
N LEU O 33 37.12 -34.94 59.24
CA LEU O 33 37.70 -33.87 58.44
C LEU O 33 38.03 -32.64 59.26
N GLY O 34 37.08 -32.21 60.09
CA GLY O 34 37.28 -31.05 60.93
C GLY O 34 38.58 -31.11 61.71
N ILE O 35 38.65 -32.08 62.63
CA ILE O 35 39.83 -32.28 63.47
C ILE O 35 41.08 -32.39 62.60
N ALA O 36 40.99 -33.22 61.57
CA ALA O 36 42.09 -33.43 60.65
C ALA O 36 42.55 -32.13 60.02
N ILE O 37 41.74 -31.59 59.11
CA ILE O 37 42.04 -30.35 58.40
C ILE O 37 42.62 -29.25 59.27
N ASN O 38 41.97 -28.97 60.40
CA ASN O 38 42.47 -27.92 61.30
C ASN O 38 43.89 -28.25 61.76
N ARG O 39 44.05 -29.44 62.33
CA ARG O 39 45.34 -29.88 62.81
C ARG O 39 46.39 -29.84 61.70
N TYR O 40 45.98 -30.19 60.48
CA TYR O 40 46.86 -30.18 59.32
C TYR O 40 47.27 -28.72 59.09
N ASN O 41 46.29 -27.88 58.76
CA ASN O 41 46.50 -26.45 58.54
C ASN O 41 47.30 -25.85 59.67
N GLY O 42 47.18 -26.47 60.85
CA GLY O 42 47.90 -26.00 62.01
C GLY O 42 49.39 -26.18 61.85
N LEU O 43 49.83 -27.42 61.64
CA LEU O 43 51.24 -27.74 61.47
C LEU O 43 51.77 -27.52 60.06
N THR O 44 50.88 -27.31 59.10
CA THR O 44 51.25 -27.11 57.70
C THR O 44 51.36 -25.66 57.31
N LEU O 45 50.43 -24.87 57.83
CA LEU O 45 50.34 -23.44 57.55
C LEU O 45 49.60 -23.22 56.23
N ARG O 46 48.90 -24.26 55.76
CA ARG O 46 48.13 -24.14 54.54
C ARG O 46 46.68 -23.82 54.82
N GLY O 47 45.96 -23.42 53.78
CA GLY O 47 44.56 -23.05 53.96
C GLY O 47 43.55 -23.97 53.32
N VAL O 48 43.39 -25.15 53.91
CA VAL O 48 42.44 -26.14 53.39
C VAL O 48 41.05 -25.85 53.94
N THR O 49 40.03 -25.98 53.09
CA THR O 49 38.66 -25.75 53.48
C THR O 49 37.96 -27.10 53.53
N MET O 50 36.97 -27.25 54.41
CA MET O 50 36.25 -28.52 54.50
C MET O 50 35.29 -28.65 53.32
N ARG O 51 34.87 -27.52 52.77
CA ARG O 51 33.98 -27.52 51.62
C ARG O 51 34.60 -26.66 50.52
N PRO O 52 35.49 -27.27 49.70
CA PRO O 52 36.17 -26.57 48.60
C PRO O 52 35.20 -26.31 47.45
N THR O 53 35.50 -25.28 46.66
CA THR O 53 34.67 -24.88 45.53
C THR O 53 35.48 -24.28 44.39
N SER O 54 36.36 -23.33 44.73
CA SER O 54 37.18 -22.61 43.74
C SER O 54 37.93 -23.46 42.73
N LEU O 55 38.99 -24.10 43.20
CA LEU O 55 39.87 -24.93 42.39
C LEU O 55 41.10 -24.94 43.22
N ALA O 56 41.63 -23.74 43.46
CA ALA O 56 42.82 -23.56 44.28
C ALA O 56 42.55 -24.19 45.64
N GLN O 57 41.28 -24.22 46.02
CA GLN O 57 40.84 -24.82 47.28
C GLN O 57 40.95 -26.32 47.14
N ARG O 58 40.46 -26.81 46.01
CA ARG O 58 40.50 -28.24 45.71
C ARG O 58 41.95 -28.72 45.63
N ASN O 59 42.79 -27.92 44.98
CA ASN O 59 44.21 -28.24 44.83
C ASN O 59 44.80 -28.40 46.21
N GLU O 60 44.59 -27.39 47.05
CA GLU O 60 45.08 -27.39 48.42
C GLU O 60 44.72 -28.68 49.15
N MET O 61 43.45 -29.07 49.02
CA MET O 61 42.97 -30.28 49.65
C MET O 61 43.68 -31.51 49.08
N PHE O 62 43.75 -31.59 47.75
CA PHE O 62 44.42 -32.70 47.10
C PHE O 62 45.84 -32.78 47.62
N PHE O 63 46.51 -31.64 47.63
CA PHE O 63 47.88 -31.53 48.10
C PHE O 63 47.98 -32.09 49.51
N MET O 64 46.93 -31.89 50.28
CA MET O 64 46.88 -32.38 51.64
C MET O 64 46.88 -33.90 51.63
N CYS O 65 45.98 -34.49 50.84
CA CYS O 65 45.87 -35.93 50.72
C CYS O 65 47.19 -36.49 50.26
N LEU O 66 47.75 -35.82 49.25
CA LEU O 66 49.03 -36.19 48.66
C LEU O 66 50.12 -36.14 49.71
N ASP O 67 50.12 -35.07 50.50
CA ASP O 67 51.09 -34.88 51.55
C ASP O 67 51.05 -36.06 52.50
N MET O 68 49.83 -36.42 52.89
CA MET O 68 49.60 -37.54 53.80
C MET O 68 49.92 -38.88 53.18
N MET O 69 49.47 -39.07 51.94
CA MET O 69 49.69 -40.31 51.20
C MET O 69 51.18 -40.65 51.19
N LEU O 70 51.98 -39.65 50.82
CA LEU O 70 53.43 -39.80 50.77
C LEU O 70 53.97 -40.12 52.14
N SER O 71 53.61 -39.29 53.13
CA SER O 71 54.08 -39.48 54.50
C SER O 71 53.78 -40.87 55.04
N ALA O 72 52.54 -41.33 54.85
CA ALA O 72 52.12 -42.65 55.32
C ALA O 72 52.96 -43.76 54.68
N ALA O 73 53.34 -43.55 53.43
CA ALA O 73 54.17 -44.50 52.70
C ALA O 73 55.67 -44.26 52.91
N GLY O 74 56.00 -43.14 53.54
CA GLY O 74 57.39 -42.80 53.82
C GLY O 74 58.18 -42.41 52.58
N ILE O 75 57.50 -41.76 51.66
CA ILE O 75 58.10 -41.34 50.39
C ILE O 75 58.42 -39.86 50.34
N ASN O 76 59.60 -39.54 49.85
CA ASN O 76 60.03 -38.16 49.68
C ASN O 76 60.18 -37.98 48.17
N VAL O 77 59.19 -37.33 47.56
CA VAL O 77 59.19 -37.11 46.11
C VAL O 77 60.16 -36.05 45.59
N GLY O 78 60.46 -35.05 46.41
CA GLY O 78 61.37 -34.01 45.97
C GLY O 78 60.74 -32.99 45.03
N PRO O 79 61.54 -32.03 44.51
CA PRO O 79 61.14 -30.95 43.60
C PRO O 79 60.56 -31.44 42.29
N ILE O 80 59.28 -31.82 42.33
CA ILE O 80 58.63 -32.33 41.15
C ILE O 80 57.61 -31.36 40.60
N SER O 81 57.27 -30.35 41.39
CA SER O 81 56.29 -29.36 40.98
C SER O 81 56.59 -27.95 41.49
N PRO O 82 56.23 -26.94 40.68
CA PRO O 82 56.44 -25.52 41.01
C PRO O 82 55.24 -25.07 41.85
N ASP O 83 54.15 -25.83 41.74
CA ASP O 83 52.90 -25.56 42.45
C ASP O 83 52.85 -26.29 43.79
N TYR O 84 53.15 -27.58 43.78
CA TYR O 84 53.14 -28.38 44.99
C TYR O 84 54.51 -28.50 45.63
N THR O 85 54.50 -28.58 46.95
CA THR O 85 55.70 -28.73 47.75
C THR O 85 55.32 -29.68 48.90
N GLN O 86 56.13 -30.70 49.11
CA GLN O 86 55.84 -31.65 50.16
C GLN O 86 56.28 -31.16 51.53
N HIS O 87 55.38 -31.24 52.51
CA HIS O 87 55.67 -30.84 53.89
C HIS O 87 55.87 -32.10 54.69
N MET O 88 57.10 -32.32 55.13
CA MET O 88 57.46 -33.51 55.89
C MET O 88 56.71 -33.60 57.21
N ALA O 89 56.36 -32.43 57.74
CA ALA O 89 55.64 -32.33 59.01
C ALA O 89 54.30 -33.06 59.02
N THR O 90 53.74 -33.30 57.84
CA THR O 90 52.46 -33.99 57.70
C THR O 90 52.39 -35.26 58.55
N ILE O 91 53.55 -35.91 58.69
CA ILE O 91 53.67 -37.14 59.49
C ILE O 91 53.22 -36.93 60.93
N GLY O 92 53.60 -35.80 61.51
CA GLY O 92 53.22 -35.48 62.87
C GLY O 92 51.72 -35.38 63.01
N VAL O 93 51.06 -34.94 61.95
CA VAL O 93 49.60 -34.82 61.95
C VAL O 93 48.98 -36.21 61.97
N LEU O 94 49.56 -37.15 61.21
CA LEU O 94 49.03 -38.51 61.17
C LEU O 94 49.28 -39.26 62.48
N ALA O 95 50.20 -38.75 63.29
CA ALA O 95 50.55 -39.37 64.56
C ALA O 95 49.71 -38.86 65.74
N THR O 96 48.89 -37.83 65.53
CA THR O 96 48.06 -37.29 66.61
C THR O 96 46.83 -38.16 66.82
N PRO O 97 46.73 -38.76 68.01
CA PRO O 97 45.63 -39.65 68.44
C PRO O 97 44.24 -39.06 68.27
N GLU O 98 44.17 -37.73 68.35
CA GLU O 98 42.91 -36.99 68.22
C GLU O 98 42.19 -37.22 66.90
N ILE O 99 42.94 -37.53 65.84
CA ILE O 99 42.31 -37.80 64.55
C ILE O 99 41.99 -39.29 64.50
N PRO O 100 40.69 -39.63 64.47
CA PRO O 100 40.24 -41.02 64.43
C PRO O 100 40.39 -41.62 63.04
N PHE O 101 40.10 -42.92 62.95
CA PHE O 101 40.17 -43.63 61.67
C PHE O 101 39.04 -44.65 61.67
N THR O 102 38.42 -44.83 60.50
CA THR O 102 37.31 -45.76 60.36
C THR O 102 37.69 -47.19 60.72
N THR O 103 36.69 -48.00 61.03
CA THR O 103 36.90 -49.40 61.36
C THR O 103 37.39 -50.05 60.08
N GLU O 104 36.83 -49.60 58.96
CA GLU O 104 37.19 -50.08 57.62
C GLU O 104 38.69 -49.95 57.45
N ALA O 105 39.19 -48.75 57.67
CA ALA O 105 40.62 -48.44 57.54
C ALA O 105 41.48 -49.27 58.48
N ALA O 106 41.03 -49.43 59.72
CA ALA O 106 41.76 -50.21 60.72
C ALA O 106 41.96 -51.65 60.24
N ASN O 107 40.85 -52.32 59.94
CA ASN O 107 40.87 -53.70 59.44
C ASN O 107 41.70 -53.82 58.17
N GLU O 108 41.58 -52.81 57.31
CA GLU O 108 42.29 -52.75 56.05
C GLU O 108 43.80 -52.90 56.25
N ILE O 109 44.35 -52.05 57.12
CA ILE O 109 45.77 -52.06 57.41
C ILE O 109 46.14 -53.36 58.12
N ALA O 110 45.34 -53.76 59.10
CA ALA O 110 45.57 -54.98 59.86
C ALA O 110 45.69 -56.22 58.96
N ARG O 111 45.01 -56.15 57.82
CA ARG O 111 45.06 -57.23 56.86
C ARG O 111 46.42 -57.19 56.17
N VAL O 112 46.76 -56.02 55.63
CA VAL O 112 48.04 -55.81 54.94
C VAL O 112 49.18 -56.24 55.85
N THR O 113 49.31 -55.56 56.99
CA THR O 113 50.35 -55.85 57.96
C THR O 113 50.33 -57.32 58.33
N GLY O 114 49.14 -57.85 58.53
CA GLY O 114 48.98 -59.25 58.89
C GLY O 114 49.64 -60.26 57.97
N GLU O 115 49.17 -60.31 56.72
CA GLU O 115 49.69 -61.24 55.72
C GLU O 115 51.12 -60.95 55.27
N THR O 116 51.43 -59.67 55.15
CA THR O 116 52.75 -59.22 54.72
C THR O 116 53.86 -59.74 55.64
N SER O 117 53.59 -59.72 56.93
CA SER O 117 54.54 -60.16 57.94
C SER O 117 54.70 -61.69 58.06
N THR O 118 53.84 -62.45 57.39
CA THR O 118 53.95 -63.91 57.44
C THR O 118 53.71 -64.51 56.06
N TRP O 119 53.75 -65.84 55.98
CA TRP O 119 53.55 -66.53 54.71
C TRP O 119 52.34 -67.44 54.74
N GLY O 120 52.02 -67.99 53.57
CA GLY O 120 50.89 -68.88 53.44
C GLY O 120 50.81 -69.54 52.08
N PRO O 121 50.14 -70.70 52.01
CA PRO O 121 49.95 -71.50 50.79
C PRO O 121 49.05 -70.79 49.75
N ALA O 122 49.48 -70.79 48.50
CA ALA O 122 48.73 -70.12 47.44
C ALA O 122 48.89 -70.74 46.04
N ARG O 123 47.76 -70.85 45.33
CA ARG O 123 47.72 -71.38 43.97
C ARG O 123 48.63 -70.51 43.12
N GLN O 124 49.77 -71.05 42.71
CA GLN O 124 50.69 -70.28 41.89
C GLN O 124 50.11 -69.97 40.50
N PRO O 125 50.47 -68.80 39.95
CA PRO O 125 50.06 -68.23 38.66
C PRO O 125 50.40 -68.91 37.33
N TYR O 126 51.63 -69.39 37.18
CA TYR O 126 52.04 -69.99 35.92
C TYR O 126 52.26 -71.50 35.93
N GLY O 127 52.50 -72.06 34.75
CA GLY O 127 52.75 -73.50 34.64
C GLY O 127 53.99 -73.88 35.43
N PHE O 128 53.98 -75.07 36.00
CA PHE O 128 55.09 -75.55 36.81
C PHE O 128 56.45 -75.48 36.10
N PHE O 129 56.51 -76.05 34.90
CA PHE O 129 57.74 -76.08 34.11
C PHE O 129 57.80 -74.88 33.16
N LEU O 130 57.59 -73.68 33.68
CA LEU O 130 57.65 -72.51 32.83
C LEU O 130 59.09 -72.11 32.57
N GLU O 131 59.92 -72.22 33.59
CA GLU O 131 61.32 -71.85 33.48
C GLU O 131 62.23 -72.94 32.91
N THR O 132 61.73 -73.65 31.89
CA THR O 132 62.48 -74.70 31.22
C THR O 132 63.12 -74.21 29.92
N GLU O 133 64.33 -74.68 29.65
CA GLU O 133 65.06 -74.29 28.45
C GLU O 133 64.78 -75.24 27.28
N GLU O 134 64.71 -76.53 27.59
CA GLU O 134 64.46 -77.55 26.57
C GLU O 134 63.07 -78.16 26.71
N THR O 135 62.39 -78.32 25.58
CA THR O 135 61.04 -78.91 25.54
C THR O 135 60.98 -79.91 24.38
N PHE O 136 60.17 -80.96 24.54
CA PHE O 136 60.04 -82.01 23.52
C PHE O 136 58.69 -82.04 22.84
N GLN O 137 58.62 -82.66 21.66
CA GLN O 137 57.35 -82.74 20.95
C GLN O 137 56.42 -83.64 21.73
N PRO O 138 55.19 -83.18 21.97
CA PRO O 138 54.15 -83.90 22.70
C PRO O 138 53.61 -85.09 21.91
N GLY O 139 53.71 -86.28 22.50
CA GLY O 139 53.23 -87.47 21.84
C GLY O 139 54.31 -88.22 21.08
N ARG O 140 55.49 -87.62 20.96
CA ARG O 140 56.60 -88.26 20.25
C ARG O 140 57.45 -89.10 21.17
N TRP O 141 57.59 -90.37 20.82
CA TRP O 141 58.40 -91.30 21.60
C TRP O 141 59.81 -90.76 21.74
N PHE O 142 60.43 -91.08 22.88
CA PHE O 142 61.79 -90.68 23.14
C PHE O 142 62.35 -91.50 24.29
N MET O 143 63.42 -92.21 23.99
CA MET O 143 64.08 -93.05 24.97
C MET O 143 65.56 -92.66 25.06
N ARG O 144 65.97 -92.18 26.23
CA ARG O 144 67.35 -91.79 26.44
C ARG O 144 68.16 -93.08 26.47
N ALA O 145 69.35 -93.03 25.88
CA ALA O 145 70.24 -94.19 25.81
C ALA O 145 70.43 -94.91 27.15
N ALA O 146 70.22 -96.22 27.14
CA ALA O 146 70.37 -97.09 28.30
C ALA O 146 69.21 -97.10 29.30
N GLN O 147 68.16 -96.32 29.04
CA GLN O 147 67.02 -96.26 29.95
C GLN O 147 65.80 -97.00 29.40
N ALA O 148 65.01 -97.56 30.29
CA ALA O 148 63.78 -98.29 29.94
C ALA O 148 62.56 -97.40 30.11
N ALA O 149 62.72 -96.35 30.92
CA ALA O 149 61.68 -95.38 31.20
C ALA O 149 62.32 -94.01 31.07
N THR O 150 61.77 -93.15 30.22
CA THR O 150 62.33 -91.83 30.02
C THR O 150 61.29 -90.71 30.06
N ALA O 151 61.25 -90.03 31.20
CA ALA O 151 60.32 -88.92 31.42
C ALA O 151 60.94 -87.64 30.90
N VAL O 152 60.10 -86.79 30.32
CA VAL O 152 60.57 -85.53 29.77
C VAL O 152 59.45 -84.50 29.60
N VAL O 153 59.83 -83.22 29.66
CA VAL O 153 58.87 -82.11 29.54
C VAL O 153 58.42 -81.88 28.09
N CYS O 154 57.13 -81.64 27.90
CA CYS O 154 56.58 -81.40 26.58
C CYS O 154 55.70 -80.15 26.55
N GLY O 155 55.78 -79.36 27.62
CA GLY O 155 55.00 -78.15 27.73
C GLY O 155 55.30 -77.41 29.03
N PRO O 156 54.63 -76.28 29.30
CA PRO O 156 54.86 -75.52 30.53
C PRO O 156 54.35 -76.25 31.76
N ASP O 157 53.35 -77.12 31.55
CA ASP O 157 52.73 -77.87 32.63
C ASP O 157 52.58 -79.32 32.18
N MET O 158 53.48 -79.76 31.32
CA MET O 158 53.37 -81.09 30.76
C MET O 158 54.65 -81.92 30.70
N ILE O 159 54.51 -83.19 31.06
CA ILE O 159 55.61 -84.15 30.99
C ILE O 159 55.01 -85.44 30.47
N GLN O 160 55.82 -86.18 29.72
CA GLN O 160 55.42 -87.45 29.15
C GLN O 160 56.53 -88.45 29.44
N VAL O 161 56.13 -89.67 29.75
CA VAL O 161 57.09 -90.72 30.08
C VAL O 161 57.03 -91.84 29.03
N SER O 162 58.17 -92.12 28.41
CA SER O 162 58.30 -93.17 27.41
C SER O 162 58.70 -94.46 28.11
N LEU O 163 57.90 -95.50 27.94
CA LEU O 163 58.15 -96.80 28.57
C LEU O 163 58.28 -97.93 27.57
N ASN O 164 59.26 -98.79 27.78
CA ASN O 164 59.46 -99.97 26.94
C ASN O 164 58.54 -101.03 27.49
N ALA O 165 58.15 -101.99 26.64
CA ALA O 165 57.29 -103.08 27.10
C ALA O 165 57.92 -103.71 28.33
N GLY O 166 57.11 -103.97 29.36
CA GLY O 166 57.62 -104.57 30.59
C GLY O 166 58.47 -103.69 31.50
N ALA O 167 58.73 -102.45 31.08
CA ALA O 167 59.54 -101.51 31.87
C ALA O 167 58.80 -100.83 33.02
N ARG O 168 59.54 -100.16 33.90
CA ARG O 168 58.98 -99.46 35.06
C ARG O 168 60.04 -98.55 35.69
N GLY O 169 59.61 -97.62 36.54
CA GLY O 169 60.55 -96.72 37.20
C GLY O 169 59.98 -95.46 37.87
N ASP O 170 60.80 -94.87 38.72
CA ASP O 170 60.43 -93.64 39.44
C ASP O 170 60.68 -92.42 38.55
N VAL O 171 59.79 -91.43 38.63
CA VAL O 171 59.88 -90.23 37.80
C VAL O 171 60.12 -88.91 38.56
N GLN O 172 59.62 -88.84 39.78
CA GLN O 172 59.74 -87.64 40.64
C GLN O 172 60.85 -86.63 40.41
N GLN O 173 62.08 -87.10 40.23
CA GLN O 173 63.24 -86.22 40.02
C GLN O 173 63.13 -85.15 38.92
N ILE O 174 62.22 -85.34 37.97
CA ILE O 174 62.03 -84.38 36.89
C ILE O 174 61.39 -83.10 37.46
N PHE O 175 60.55 -83.28 38.48
CA PHE O 175 59.85 -82.20 39.15
C PHE O 175 60.74 -81.45 40.15
N GLN O 176 61.45 -82.22 40.98
CA GLN O 176 62.32 -81.68 42.02
C GLN O 176 63.40 -80.71 41.55
N GLY O 177 63.81 -79.82 42.45
CA GLY O 177 64.83 -78.84 42.15
C GLY O 177 64.26 -77.50 41.71
N ARG O 178 63.09 -77.54 41.07
CA ARG O 178 62.42 -76.35 40.58
C ARG O 178 61.48 -75.78 41.66
N ASN O 179 61.50 -74.47 41.84
CA ASN O 179 60.66 -73.77 42.83
C ASN O 179 60.83 -74.36 44.24
N ASP O 180 59.72 -74.47 44.97
CA ASP O 180 59.67 -75.05 46.31
C ASP O 180 58.19 -75.27 46.64
N PRO O 181 57.51 -76.11 45.85
CA PRO O 181 56.09 -76.39 46.10
C PRO O 181 55.84 -77.11 47.42
N MET O 182 54.58 -77.10 47.83
CA MET O 182 54.15 -77.74 49.06
C MET O 182 53.19 -78.86 48.69
N MET O 183 52.53 -78.69 47.55
CA MET O 183 51.58 -79.67 47.05
C MET O 183 51.38 -79.46 45.55
N ILE O 184 51.63 -80.52 44.78
CA ILE O 184 51.45 -80.47 43.34
C ILE O 184 50.26 -81.34 43.00
N TYR O 185 49.36 -80.77 42.21
CA TYR O 185 48.15 -81.45 41.82
C TYR O 185 48.28 -82.00 40.42
N LEU O 186 48.33 -83.33 40.38
CA LEU O 186 48.51 -84.08 39.15
C LEU O 186 47.27 -84.77 38.63
N VAL O 187 47.39 -85.22 37.38
CA VAL O 187 46.35 -85.94 36.67
C VAL O 187 47.06 -86.56 35.47
N TRP O 188 47.16 -87.89 35.46
CA TRP O 188 47.85 -88.58 34.38
C TRP O 188 46.91 -89.26 33.40
N ARG O 189 47.39 -89.40 32.17
CA ARG O 189 46.63 -90.01 31.10
C ARG O 189 47.54 -90.90 30.28
N ARG O 190 46.95 -91.78 29.49
CA ARG O 190 47.69 -92.67 28.62
C ARG O 190 47.65 -92.04 27.25
N ILE O 191 48.79 -92.01 26.56
CA ILE O 191 48.84 -91.45 25.22
C ILE O 191 48.49 -92.57 24.24
N GLU O 192 47.18 -92.76 24.04
CA GLU O 192 46.61 -93.79 23.18
C GLU O 192 47.20 -93.91 21.78
N ASN O 193 47.62 -92.79 21.21
CA ASN O 193 48.20 -92.79 19.87
C ASN O 193 49.38 -91.83 19.87
N PHE O 194 50.59 -92.36 19.66
CA PHE O 194 51.78 -91.54 19.66
C PHE O 194 52.75 -91.85 18.53
N ALA O 195 53.64 -90.91 18.25
CA ALA O 195 54.64 -91.06 17.20
C ALA O 195 55.84 -91.88 17.66
N MET O 196 56.34 -92.73 16.77
CA MET O 196 57.51 -93.56 17.06
C MET O 196 58.74 -92.89 16.46
N ALA O 197 59.91 -93.32 16.91
CA ALA O 197 61.19 -92.77 16.44
C ALA O 197 61.24 -92.55 14.93
N GLN O 198 60.54 -93.40 14.19
CA GLN O 198 60.50 -93.31 12.73
C GLN O 198 59.32 -92.49 12.19
N GLY O 199 58.24 -92.43 12.96
CA GLY O 199 57.09 -91.65 12.53
C GLY O 199 55.79 -92.44 12.47
N ASN O 200 55.89 -93.74 12.70
CA ASN O 200 54.73 -94.61 12.67
C ASN O 200 53.87 -94.47 13.93
N SER O 201 52.55 -94.53 13.75
CA SER O 201 51.61 -94.41 14.85
C SER O 201 51.66 -95.67 15.72
N GLN O 202 51.81 -95.47 17.03
CA GLN O 202 51.89 -96.57 17.98
C GLN O 202 50.83 -96.43 19.06
N GLN O 203 50.26 -97.55 19.49
CA GLN O 203 49.24 -97.55 20.54
C GLN O 203 49.82 -97.84 21.92
N THR O 204 49.13 -97.36 22.95
CA THR O 204 49.52 -97.59 24.34
C THR O 204 48.39 -98.43 24.90
N GLN O 205 48.70 -99.70 25.15
CA GLN O 205 47.69 -100.63 25.67
C GLN O 205 47.24 -100.36 27.10
N ALA O 206 45.94 -100.57 27.31
CA ALA O 206 45.32 -100.38 28.61
C ALA O 206 45.90 -101.37 29.61
N GLY O 207 46.33 -100.88 30.77
CA GLY O 207 46.91 -101.75 31.77
C GLY O 207 48.10 -101.11 32.47
N VAL O 208 48.59 -100.00 31.90
CA VAL O 208 49.72 -99.26 32.47
C VAL O 208 49.28 -98.69 33.81
N THR O 209 50.19 -98.58 34.77
CA THR O 209 49.83 -98.06 36.09
C THR O 209 50.80 -97.06 36.72
N VAL O 210 50.24 -96.03 37.34
CA VAL O 210 51.02 -95.01 38.02
C VAL O 210 50.65 -95.08 39.51
N SER O 211 51.67 -95.10 40.36
CA SER O 211 51.47 -95.19 41.81
C SER O 211 52.32 -94.16 42.55
N VAL O 212 51.70 -93.50 43.52
CA VAL O 212 52.37 -92.51 44.34
C VAL O 212 52.66 -93.14 45.69
N GLY O 213 53.91 -93.05 46.14
CA GLY O 213 54.30 -93.63 47.40
C GLY O 213 53.78 -95.05 47.60
N GLY O 214 53.71 -95.80 46.51
CA GLY O 214 53.23 -97.17 46.60
C GLY O 214 51.77 -97.39 46.23
N VAL O 215 50.90 -96.44 46.56
CA VAL O 215 49.49 -96.60 46.24
C VAL O 215 49.20 -96.32 44.77
N ASP O 216 48.41 -97.19 44.15
CA ASP O 216 48.06 -97.03 42.74
C ASP O 216 46.99 -95.98 42.53
N MET O 217 47.21 -95.11 41.55
CA MET O 217 46.28 -94.03 41.23
C MET O 217 45.64 -94.18 39.85
N ARG O 218 44.38 -93.75 39.76
CA ARG O 218 43.63 -93.80 38.50
C ARG O 218 44.05 -92.68 37.57
N ALA O 219 43.77 -92.86 36.28
CA ALA O 219 44.07 -91.86 35.28
C ALA O 219 42.90 -90.91 35.20
N GLY O 220 43.17 -89.66 34.85
CA GLY O 220 42.11 -88.68 34.73
C GLY O 220 41.55 -88.16 36.04
N ARG O 221 42.19 -88.52 37.15
CA ARG O 221 41.75 -88.05 38.46
C ARG O 221 42.84 -87.16 39.02
N ILE O 222 42.46 -86.21 39.87
CA ILE O 222 43.43 -85.30 40.47
C ILE O 222 44.09 -85.94 41.67
N ILE O 223 45.41 -85.80 41.74
CA ILE O 223 46.16 -86.40 42.82
C ILE O 223 46.96 -85.36 43.59
N ALA O 224 46.82 -85.41 44.90
CA ALA O 224 47.52 -84.49 45.79
C ALA O 224 48.90 -85.06 46.07
N TRP O 225 49.88 -84.60 45.32
CA TRP O 225 51.24 -85.07 45.50
C TRP O 225 52.05 -84.12 46.34
N ASP O 226 52.76 -84.68 47.32
CA ASP O 226 53.59 -83.90 48.22
C ASP O 226 54.97 -83.56 47.66
N GLY O 227 55.23 -84.02 46.42
CA GLY O 227 56.51 -83.75 45.78
C GLY O 227 57.66 -84.60 46.29
N GLN O 228 57.45 -85.32 47.39
CA GLN O 228 58.49 -86.15 47.99
C GLN O 228 58.23 -87.65 47.85
N ALA O 229 56.96 -88.02 47.69
CA ALA O 229 56.59 -89.42 47.54
C ALA O 229 57.04 -89.99 46.21
N ALA O 230 57.18 -91.31 46.16
CA ALA O 230 57.62 -92.00 44.96
C ALA O 230 56.59 -91.95 43.83
N LEU O 231 56.99 -91.36 42.71
CA LEU O 231 56.13 -91.28 41.55
C LEU O 231 56.55 -92.43 40.62
N HIS O 232 55.95 -93.60 40.86
CA HIS O 232 56.30 -94.81 40.12
C HIS O 232 55.33 -95.21 38.99
N VAL O 233 55.89 -95.41 37.80
CA VAL O 233 55.10 -95.81 36.62
C VAL O 233 55.51 -97.23 36.19
N ARG O 234 54.54 -98.05 35.80
CA ARG O 234 54.81 -99.42 35.37
C ARG O 234 54.15 -99.73 34.04
N ASN O 235 54.88 -100.44 33.19
CA ASN O 235 54.39 -100.83 31.88
C ASN O 235 54.40 -102.35 31.77
N PRO O 236 53.41 -103.02 32.38
CA PRO O 236 53.35 -104.48 32.32
C PRO O 236 52.90 -104.96 30.93
N THR O 237 52.49 -104.03 30.07
CA THR O 237 52.03 -104.36 28.73
C THR O 237 53.16 -104.82 27.80
N GLN O 238 52.79 -105.59 26.78
CA GLN O 238 53.76 -106.13 25.82
C GLN O 238 54.02 -105.21 24.62
N GLN O 239 53.90 -103.91 24.85
CA GLN O 239 54.14 -102.91 23.82
C GLN O 239 54.72 -101.69 24.49
N ASN O 240 55.19 -100.75 23.67
CA ASN O 240 55.73 -99.51 24.19
C ASN O 240 54.53 -98.73 24.70
N ALA O 241 54.77 -97.82 25.64
CA ALA O 241 53.70 -97.02 26.20
C ALA O 241 54.19 -95.64 26.61
N MET O 242 53.37 -94.64 26.35
CA MET O 242 53.70 -93.27 26.70
C MET O 242 52.56 -92.68 27.52
N VAL O 243 52.90 -92.07 28.65
CA VAL O 243 51.91 -91.46 29.52
C VAL O 243 52.21 -89.99 29.77
N GLN O 244 51.17 -89.18 29.81
CA GLN O 244 51.34 -87.76 30.08
C GLN O 244 50.84 -87.45 31.48
N ILE O 245 51.72 -86.88 32.29
CA ILE O 245 51.39 -86.49 33.64
C ILE O 245 51.32 -84.97 33.63
N GLN O 246 50.17 -84.46 34.08
CA GLN O 246 49.94 -83.02 34.08
C GLN O 246 49.85 -82.35 35.43
N VAL O 247 50.58 -81.24 35.56
CA VAL O 247 50.58 -80.44 36.77
C VAL O 247 49.47 -79.45 36.51
N VAL O 248 48.25 -79.81 36.94
CA VAL O 248 47.11 -78.94 36.73
C VAL O 248 47.35 -77.60 37.45
N PHE O 249 47.91 -77.67 38.65
CA PHE O 249 48.26 -76.48 39.46
C PHE O 249 49.00 -76.90 40.73
N TYR O 250 49.76 -75.97 41.30
CA TYR O 250 50.50 -76.25 42.51
C TYR O 250 50.42 -75.06 43.46
N ILE O 251 50.78 -75.31 44.71
CA ILE O 251 50.75 -74.27 45.74
C ILE O 251 52.09 -74.17 46.45
N SER O 252 52.54 -72.94 46.65
CA SER O 252 53.81 -72.68 47.31
C SER O 252 53.62 -71.54 48.30
N MET O 253 54.68 -71.21 49.03
CA MET O 253 54.60 -70.13 49.99
C MET O 253 55.05 -68.78 49.44
N ASP O 254 54.82 -68.58 48.14
CA ASP O 254 55.14 -67.34 47.47
C ASP O 254 53.90 -66.47 47.46
N LYS O 255 54.10 -65.16 47.35
CA LYS O 255 52.98 -64.22 47.34
C LYS O 255 52.36 -64.06 45.96
N THR O 256 51.06 -64.27 45.88
CA THR O 256 50.31 -64.12 44.64
C THR O 256 49.49 -62.84 44.73
N LEU O 257 48.76 -62.50 43.68
CA LEU O 257 47.93 -61.29 43.67
C LEU O 257 46.70 -61.43 44.57
N ASN O 258 46.49 -62.64 45.10
CA ASN O 258 45.36 -62.93 45.98
C ASN O 258 45.75 -62.90 47.45
N GLN O 259 46.87 -62.23 47.73
CA GLN O 259 47.35 -62.11 49.10
C GLN O 259 46.42 -61.15 49.86
N TYR O 260 45.93 -60.13 49.14
CA TYR O 260 45.05 -59.12 49.71
C TYR O 260 43.91 -58.84 48.70
N PRO O 261 42.66 -58.84 49.19
CA PRO O 261 41.42 -58.61 48.43
C PRO O 261 41.46 -57.61 47.27
N ALA O 262 41.13 -58.11 46.08
CA ALA O 262 41.10 -57.33 44.82
C ALA O 262 42.33 -56.43 44.58
N LEU O 263 43.48 -56.90 45.05
CA LEU O 263 44.74 -56.19 44.89
C LEU O 263 44.91 -55.82 43.43
N THR O 264 44.51 -56.76 42.57
CA THR O 264 44.57 -56.61 41.12
C THR O 264 43.87 -55.34 40.64
N ALA O 265 42.59 -55.21 40.98
CA ALA O 265 41.77 -54.07 40.60
C ALA O 265 42.38 -52.76 41.07
N GLU O 266 43.03 -52.81 42.23
CA GLU O 266 43.70 -51.66 42.82
C GLU O 266 44.90 -51.26 41.97
N ILE O 267 45.75 -52.24 41.69
CA ILE O 267 46.96 -52.04 40.88
C ILE O 267 46.57 -51.44 39.54
N PHE O 268 45.50 -51.98 38.93
CA PHE O 268 45.00 -51.49 37.66
C PHE O 268 44.71 -50.01 37.79
N ASN O 269 43.98 -49.66 38.85
CA ASN O 269 43.58 -48.30 39.17
C ASN O 269 44.77 -47.35 39.30
N VAL O 270 45.82 -47.82 39.96
CA VAL O 270 47.03 -47.01 40.16
C VAL O 270 47.72 -46.77 38.82
N TYR O 271 47.88 -47.85 38.05
CA TYR O 271 48.54 -47.81 36.76
C TYR O 271 47.71 -47.22 35.64
N SER O 272 46.42 -46.98 35.89
CA SER O 272 45.56 -46.39 34.87
C SER O 272 46.05 -44.99 34.55
N PHE O 273 45.68 -44.49 33.37
CA PHE O 273 46.13 -43.19 32.91
C PHE O 273 45.49 -41.92 33.48
N ARG O 274 44.19 -41.78 33.24
CA ARG O 274 43.40 -40.61 33.64
C ARG O 274 43.82 -39.43 32.76
N ASP O 275 44.96 -38.82 33.06
CA ASP O 275 45.49 -37.72 32.25
C ASP O 275 46.97 -37.52 32.55
N HIS O 276 47.65 -36.76 31.70
CA HIS O 276 49.08 -36.50 31.82
C HIS O 276 49.50 -36.06 33.21
N THR O 277 48.63 -35.29 33.84
CA THR O 277 48.87 -34.77 35.18
C THR O 277 48.95 -35.98 36.14
N TRP O 278 47.85 -36.74 36.24
CA TRP O 278 47.81 -37.92 37.10
C TRP O 278 48.95 -38.87 36.78
N HIS O 279 49.03 -39.21 35.50
CA HIS O 279 50.06 -40.12 35.00
C HIS O 279 51.43 -39.70 35.51
N GLY O 280 51.89 -38.53 35.09
CA GLY O 280 53.19 -38.04 35.50
C GLY O 280 53.41 -38.05 36.99
N LEU O 281 52.34 -37.75 37.74
CA LEU O 281 52.40 -37.73 39.19
C LEU O 281 52.67 -39.14 39.67
N ARG O 282 51.69 -40.01 39.46
CA ARG O 282 51.75 -41.41 39.83
C ARG O 282 53.10 -42.05 39.47
N THR O 283 53.63 -41.63 38.33
CA THR O 283 54.92 -42.11 37.84
C THR O 283 56.01 -41.62 38.80
N ALA O 284 56.22 -40.31 38.81
CA ALA O 284 57.23 -39.64 39.64
C ALA O 284 57.24 -40.11 41.09
N ILE O 285 56.07 -40.55 41.57
CA ILE O 285 55.93 -41.04 42.94
C ILE O 285 56.63 -42.40 43.04
N ARG O 286 56.18 -43.35 42.22
CA ARG O 286 56.75 -44.69 42.21
C ARG O 286 58.25 -44.74 41.90
N ASN O 287 58.78 -43.66 41.36
CA ASN O 287 60.20 -43.61 41.05
C ASN O 287 61.02 -43.66 42.33
N ARG O 288 60.33 -43.50 43.45
CA ARG O 288 60.95 -43.55 44.77
C ARG O 288 60.80 -44.96 45.34
N THR O 289 60.03 -45.79 44.65
CA THR O 289 59.77 -47.16 45.08
C THR O 289 60.41 -48.23 44.22
N THR O 290 60.26 -49.48 44.68
CA THR O 290 60.78 -50.65 44.01
C THR O 290 59.77 -51.11 42.94
N LEU O 291 58.65 -50.38 42.86
CA LEU O 291 57.60 -50.69 41.90
C LEU O 291 57.84 -50.01 40.57
N PRO O 292 57.46 -50.69 39.47
CA PRO O 292 57.63 -50.16 38.12
C PRO O 292 56.82 -48.88 38.00
N ASN O 293 57.48 -47.81 37.56
CA ASN O 293 56.84 -46.50 37.46
C ASN O 293 55.59 -46.36 36.60
N MET O 294 55.34 -47.29 35.68
CA MET O 294 54.14 -47.18 34.85
C MET O 294 53.61 -48.46 34.20
N LEU O 295 54.13 -49.61 34.63
CA LEU O 295 53.67 -50.90 34.09
C LEU O 295 53.58 -51.96 35.17
N PRO O 296 52.37 -52.52 35.39
CA PRO O 296 52.08 -53.55 36.39
C PRO O 296 53.21 -54.53 36.54
N PRO O 297 53.81 -54.62 37.74
CA PRO O 297 54.92 -55.55 37.95
C PRO O 297 54.54 -56.97 37.57
N ILE O 298 55.44 -57.60 36.84
CA ILE O 298 55.26 -58.96 36.37
C ILE O 298 54.94 -59.82 37.60
N PHE O 299 55.76 -59.63 38.63
CA PHE O 299 55.61 -60.36 39.86
C PHE O 299 55.01 -59.57 40.99
N PRO O 300 53.99 -60.15 41.65
CA PRO O 300 53.28 -59.55 42.79
C PRO O 300 54.27 -59.23 43.90
N PRO O 301 54.22 -58.00 44.44
CA PRO O 301 55.13 -57.57 45.53
C PRO O 301 54.92 -58.46 46.75
N ASN O 302 55.80 -58.35 47.72
CA ASN O 302 55.67 -59.20 48.90
C ASN O 302 55.99 -58.47 50.21
N ASP O 303 56.34 -57.19 50.11
CA ASP O 303 56.69 -56.39 51.29
C ASP O 303 55.59 -55.39 51.62
N ARG O 304 55.43 -55.15 52.91
CA ARG O 304 54.42 -54.23 53.42
C ARG O 304 54.38 -52.94 52.59
N ASP O 305 55.48 -52.21 52.63
CA ASP O 305 55.65 -50.94 51.92
C ASP O 305 55.04 -50.91 50.52
N SER O 306 55.36 -51.91 49.71
CA SER O 306 54.85 -51.98 48.35
C SER O 306 53.32 -52.05 48.34
N ILE O 307 52.78 -53.06 49.01
CA ILE O 307 51.34 -53.27 49.10
C ILE O 307 50.65 -51.98 49.56
N LEU O 308 51.14 -51.46 50.69
CA LEU O 308 50.64 -50.22 51.27
C LEU O 308 50.57 -49.13 50.23
N THR O 309 51.75 -48.73 49.75
CA THR O 309 51.93 -47.69 48.74
C THR O 309 50.90 -47.79 47.63
N LEU O 310 50.72 -48.99 47.12
CA LEU O 310 49.77 -49.26 46.06
C LEU O 310 48.38 -48.82 46.49
N LEU O 311 47.93 -49.35 47.63
CA LEU O 311 46.63 -49.04 48.18
C LEU O 311 46.42 -47.54 48.36
N LEU O 312 47.34 -46.89 49.07
CA LEU O 312 47.27 -45.46 49.32
C LEU O 312 47.14 -44.72 48.01
N LEU O 313 48.09 -44.97 47.11
CA LEU O 313 48.12 -44.35 45.79
C LEU O 313 46.83 -44.58 45.04
N SER O 314 46.32 -45.81 45.14
CA SER O 314 45.08 -46.20 44.47
C SER O 314 43.96 -45.28 44.95
N THR O 315 43.93 -45.04 46.24
CA THR O 315 42.92 -44.19 46.85
C THR O 315 43.14 -42.73 46.45
N LEU O 316 44.37 -42.27 46.54
CA LEU O 316 44.73 -40.91 46.17
C LEU O 316 44.33 -40.69 44.72
N ALA O 317 44.29 -41.78 43.96
CA ALA O 317 43.90 -41.74 42.56
C ALA O 317 42.45 -41.30 42.51
N ASP O 318 41.59 -42.02 43.24
CA ASP O 318 40.16 -41.70 43.29
C ASP O 318 39.91 -40.28 43.77
N VAL O 319 40.69 -39.85 44.76
CA VAL O 319 40.57 -38.50 45.30
C VAL O 319 40.79 -37.57 44.12
N TYR O 320 41.88 -37.80 43.39
CA TYR O 320 42.22 -37.01 42.21
C TYR O 320 41.01 -36.95 41.28
N THR O 321 40.34 -38.08 41.11
CA THR O 321 39.18 -38.18 40.24
C THR O 321 38.07 -37.22 40.63
N VAL O 322 37.69 -37.18 41.91
CA VAL O 322 36.62 -36.29 42.36
C VAL O 322 37.02 -34.83 42.47
N LEU O 323 38.24 -34.58 42.93
CA LEU O 323 38.73 -33.22 43.11
C LEU O 323 39.10 -32.47 41.84
N ARG O 324 39.36 -33.19 40.75
CA ARG O 324 39.73 -32.58 39.46
C ARG O 324 40.88 -31.57 39.63
N PRO O 325 41.95 -31.94 40.37
CA PRO O 325 43.07 -31.01 40.58
C PRO O 325 43.70 -30.52 39.28
N GLU O 326 44.25 -29.31 39.32
CA GLU O 326 44.89 -28.73 38.15
C GLU O 326 46.15 -28.00 38.54
N PHE O 327 47.28 -28.56 38.12
CA PHE O 327 48.59 -27.98 38.40
C PHE O 327 49.62 -28.69 37.53
N ALA O 328 50.86 -28.22 37.56
CA ALA O 328 51.89 -28.83 36.73
C ALA O 328 53.08 -29.38 37.49
N MET O 329 53.80 -30.28 36.81
CA MET O 329 55.01 -30.92 37.34
C MET O 329 56.07 -30.71 36.29
N HIS O 330 57.31 -30.59 36.73
CA HIS O 330 58.41 -30.39 35.82
C HIS O 330 58.49 -31.56 34.85
N GLY O 331 58.47 -31.24 33.56
CA GLY O 331 58.55 -32.27 32.53
C GLY O 331 57.20 -32.79 32.04
N VAL O 332 56.12 -32.21 32.54
CA VAL O 332 54.80 -32.66 32.11
C VAL O 332 54.13 -31.59 31.27
N ASN O 333 53.78 -31.96 30.04
CA ASN O 333 53.10 -31.04 29.15
C ASN O 333 51.74 -31.63 28.85
N PRO O 334 50.72 -31.20 29.62
CA PRO O 334 49.34 -31.67 29.48
C PRO O 334 48.54 -31.19 28.28
N MET O 335 47.73 -32.10 27.76
CA MET O 335 46.84 -31.85 26.64
C MET O 335 45.47 -31.92 27.34
N PRO O 336 44.76 -30.79 27.44
CA PRO O 336 43.45 -30.72 28.11
C PRO O 336 42.22 -31.13 27.31
N GLY O 337 41.18 -31.56 28.05
CA GLY O 337 39.92 -31.92 27.43
C GLY O 337 39.64 -33.33 26.93
N PRO O 338 39.45 -33.48 25.61
CA PRO O 338 39.17 -34.74 24.91
C PRO O 338 40.34 -35.72 24.80
N LEU O 339 40.43 -36.64 25.76
CA LEU O 339 41.48 -37.64 25.74
C LEU O 339 40.99 -38.91 25.05
N THR O 340 41.86 -39.53 24.26
CA THR O 340 41.52 -40.76 23.52
C THR O 340 42.47 -41.90 23.86
N ALA O 341 42.01 -43.14 23.66
CA ALA O 341 42.80 -44.34 23.92
C ALA O 341 44.18 -44.18 23.31
N ALA O 342 44.21 -43.59 22.11
CA ALA O 342 45.44 -43.34 21.36
C ALA O 342 46.42 -42.48 22.14
N ILE O 343 45.95 -41.32 22.60
CA ILE O 343 46.77 -40.39 23.35
C ILE O 343 47.32 -41.05 24.61
N ALA O 344 46.50 -41.92 25.21
CA ALA O 344 46.89 -42.64 26.42
C ALA O 344 48.03 -43.63 26.13
N ARG O 345 47.83 -44.43 25.09
CA ARG O 345 48.81 -45.42 24.66
C ARG O 345 50.18 -44.75 24.56
N ALA O 346 50.21 -43.65 23.83
CA ALA O 346 51.43 -42.87 23.60
C ALA O 346 52.13 -42.41 24.87
N ALA O 347 51.36 -42.08 25.89
CA ALA O 347 51.90 -41.60 27.16
C ALA O 347 52.81 -42.58 27.91
N TYR O 348 52.63 -43.87 27.69
CA TYR O 348 53.45 -44.88 28.37
C TYR O 348 54.81 -45.13 27.74
N VAL O 349 55.55 -44.05 27.50
CA VAL O 349 56.89 -44.07 26.90
C VAL O 349 56.93 -45.07 25.74
#